data_3RG2
#
_entry.id   3RG2
#
_cell.length_a   160.575
_cell.length_b   101.771
_cell.length_c   240.678
_cell.angle_alpha   90.00
_cell.angle_beta   107.06
_cell.angle_gamma   90.00
#
_symmetry.space_group_name_H-M   'P 1 21 1'
#
loop_
_entity.id
_entity.type
_entity.pdbx_description
1 polymer 'Enterobactin synthase component E (entE), 2,3-dihydro-2,3-dihydroxybenzoate synthetase, isochroismatase (Entb)'
2 non-polymer "5'-deoxy-5'-({[2-(2-hydroxyphenyl)ethyl]sulfonyl}amino)adenosine"
3 non-polymer "4'-PHOSPHOPANTETHEINE"
4 non-polymer 'IODIDE ION'
#
_entity_poly.entity_id   1
_entity_poly.type   'polypeptide(L)'
_entity_poly.pdbx_seq_one_letter_code
;GHMSIPFTRWPEEFARRYREKGYWQDLPLTDILTRHAASDSIAVIDGERQLSYRELNQAADNLACSLRRQGIKPGETALV
QLGNVAELYITFFALLKLGVAPVLALFSHQRSELNAYASQIEPALLIADRQHALFSGDDFLNTFVTEHSSIRVVQLLNDS
GEHNLQDAINHPAEDFTATPSPADEVAYFQLSGGTTGTPKLIPRTHNDYYYSVRRSVEICQFTQQTRYLCAIPAAHNYAM
SSPGSLGVFLAGGTVVLAADPSATLCFPLIEKHQVNVTALVPPAVSLWLQALIEGESRAQLASLKLLQVGGARLSATLAA
RIPAEIGCQLQQVFGMAEGLVNYTRLDDSAEKIIHTQGYPMCPDDEVWVADAEGNPLPQGEVGRLMTRGPYTFRGYYKSP
QHNASAFDANGFYCSGDLISIDPEGYITVQGREKDQINRGGEKIAAEEIENLLLRHPAVIYAALVSMEDELMGEKSCAYL
VVKEPLRAVQVRRFLREQGIAEFKLPDRVECVDSLPLTAVGKVDKKQLRQWLASRASAGRASIPASKAALREVILPLLDE
SDEPFDDDNLIDYGLDSVRMMALAARWRKVHGDIDFVMLAKNPTIDAWWKLLSREVK
;
_entity_poly.pdbx_strand_id   A,B,C,D,E,F,G,H,I,J
#
loop_
_chem_comp.id
_chem_comp.type
_chem_comp.name
_chem_comp.formula
IOD non-polymer 'IODIDE ION' 'I -1'
PNS non-polymer 4'-PHOSPHOPANTETHEINE 'C11 H23 N2 O7 P S'
SVS non-polymer 5'-deoxy-5'-({[2-(2-hydroxyphenyl)ethyl]sulfonyl}amino)adenosine 'C18 H22 N6 O6 S'
#
# COMPACT_ATOMS: atom_id res chain seq x y z
N SER A 4 -50.30 -72.59 -9.08
CA SER A 4 -49.61 -72.52 -7.79
C SER A 4 -48.09 -72.53 -7.93
N ILE A 5 -47.42 -71.83 -7.03
CA ILE A 5 -45.96 -71.69 -7.08
C ILE A 5 -45.25 -72.86 -6.39
N PRO A 6 -44.19 -73.36 -7.04
CA PRO A 6 -43.36 -74.54 -6.75
C PRO A 6 -42.35 -74.38 -5.60
N PHE A 7 -42.77 -74.65 -4.38
CA PHE A 7 -41.82 -74.72 -3.27
C PHE A 7 -41.83 -76.08 -2.61
N THR A 8 -40.73 -76.40 -1.89
CA THR A 8 -40.69 -77.66 -1.11
C THR A 8 -41.60 -77.57 0.10
N ARG A 9 -42.52 -78.52 0.21
CA ARG A 9 -43.48 -78.45 1.29
C ARG A 9 -42.95 -79.16 2.54
N TRP A 10 -43.70 -79.09 3.63
CA TRP A 10 -43.32 -79.74 4.86
C TRP A 10 -43.93 -81.12 4.81
N PRO A 11 -43.20 -82.11 5.35
CA PRO A 11 -43.77 -83.44 5.49
C PRO A 11 -45.15 -83.37 6.15
N GLU A 12 -46.12 -84.13 5.62
CA GLU A 12 -47.48 -84.07 6.12
C GLU A 12 -47.52 -84.12 7.68
N GLU A 13 -46.68 -84.95 8.29
CA GLU A 13 -46.65 -85.15 9.75
C GLU A 13 -46.34 -83.87 10.50
N PHE A 14 -45.50 -83.02 9.91
CA PHE A 14 -45.10 -81.78 10.55
C PHE A 14 -46.18 -80.69 10.37
N ALA A 15 -46.77 -80.62 9.19
CA ALA A 15 -47.85 -79.69 8.97
C ALA A 15 -48.99 -79.93 9.96
N ARG A 16 -49.13 -81.16 10.40
CA ARG A 16 -50.18 -81.46 11.37
C ARG A 16 -49.78 -81.00 12.75
N ARG A 17 -48.54 -81.30 13.17
CA ARG A 17 -48.07 -80.94 14.50
C ARG A 17 -48.01 -79.41 14.63
N TYR A 18 -47.70 -78.74 13.53
CA TYR A 18 -47.52 -77.29 13.57
C TYR A 18 -48.84 -76.57 13.58
N ARG A 19 -49.88 -77.17 13.04
CA ARG A 19 -51.21 -76.59 13.21
C ARG A 19 -51.75 -76.94 14.57
N GLU A 20 -51.55 -78.20 14.99
CA GLU A 20 -52.12 -78.67 16.23
C GLU A 20 -51.48 -77.94 17.39
N LYS A 21 -50.21 -77.57 17.22
CA LYS A 21 -49.51 -76.89 18.32
C LYS A 21 -49.74 -75.37 18.28
N GLY A 22 -50.51 -74.88 17.31
CA GLY A 22 -50.88 -73.47 17.32
C GLY A 22 -49.98 -72.54 16.52
N TYR A 23 -48.91 -73.11 15.97
CA TYR A 23 -47.91 -72.35 15.23
C TYR A 23 -48.45 -71.82 13.90
N TRP A 24 -49.03 -72.67 13.07
CA TRP A 24 -49.65 -72.16 11.85
C TRP A 24 -51.12 -71.84 12.08
N GLN A 25 -51.52 -70.58 11.97
CA GLN A 25 -52.92 -70.20 12.17
C GLN A 25 -53.74 -70.16 10.89
N ASP A 26 -53.11 -70.53 9.77
CA ASP A 26 -53.77 -70.50 8.47
C ASP A 26 -54.43 -69.16 8.15
N LEU A 27 -53.74 -68.08 8.48
CA LEU A 27 -54.23 -66.76 8.18
C LEU A 27 -53.26 -66.14 7.19
N PRO A 28 -53.75 -65.24 6.32
CA PRO A 28 -52.91 -64.50 5.38
C PRO A 28 -52.00 -63.50 6.10
N LEU A 29 -50.83 -63.21 5.54
CA LEU A 29 -49.99 -62.18 6.12
C LEU A 29 -50.70 -60.81 6.08
N THR A 30 -51.68 -60.66 5.20
CA THR A 30 -52.38 -59.38 5.11
C THR A 30 -53.10 -59.12 6.41
N ASP A 31 -53.47 -60.18 7.11
CA ASP A 31 -54.17 -60.04 8.38
C ASP A 31 -53.41 -59.10 9.31
N ILE A 32 -52.09 -58.99 9.16
CA ILE A 32 -51.29 -58.08 9.98
C ILE A 32 -51.74 -56.62 9.79
N LEU A 33 -51.94 -56.21 8.56
CA LEU A 33 -52.35 -54.85 8.29
C LEU A 33 -53.87 -54.68 8.43
N THR A 34 -54.59 -55.73 8.10
CA THR A 34 -56.05 -55.75 8.14
C THR A 34 -56.65 -55.50 9.53
N ARG A 35 -56.03 -56.05 10.58
CA ARG A 35 -56.45 -55.89 11.98
C ARG A 35 -56.63 -54.43 12.33
N HIS A 36 -55.73 -53.62 11.79
CA HIS A 36 -55.66 -52.21 12.08
C HIS A 36 -56.35 -51.32 11.05
N ALA A 37 -57.10 -51.93 10.12
CA ALA A 37 -57.65 -51.19 8.97
C ALA A 37 -58.49 -50.00 9.38
N ALA A 38 -59.06 -50.07 10.57
CA ALA A 38 -59.91 -49.00 11.05
C ALA A 38 -59.18 -48.03 11.99
N SER A 39 -57.93 -48.31 12.31
CA SER A 39 -57.21 -47.48 13.28
C SER A 39 -56.64 -46.22 12.66
N ASP A 40 -56.71 -45.11 13.38
CA ASP A 40 -56.15 -43.86 12.91
C ASP A 40 -54.79 -43.53 13.48
N SER A 41 -54.22 -44.42 14.27
CA SER A 41 -52.89 -44.19 14.83
C SER A 41 -51.79 -44.38 13.78
N ILE A 42 -50.62 -43.83 14.04
CA ILE A 42 -49.56 -43.77 13.03
C ILE A 42 -48.76 -45.07 12.85
N ALA A 43 -48.85 -45.65 11.66
CA ALA A 43 -48.08 -46.84 11.35
C ALA A 43 -46.65 -46.54 10.88
N VAL A 44 -46.50 -45.53 10.04
CA VAL A 44 -45.21 -45.29 9.42
C VAL A 44 -44.85 -43.82 9.40
N ILE A 45 -43.66 -43.47 9.85
CA ILE A 45 -43.19 -42.12 9.68
C ILE A 45 -41.99 -42.13 8.75
N ASP A 46 -42.16 -41.60 7.55
CA ASP A 46 -41.09 -41.53 6.57
C ASP A 46 -40.78 -40.06 6.31
N GLY A 47 -39.67 -39.58 6.85
CA GLY A 47 -39.32 -38.17 6.75
C GLY A 47 -40.41 -37.32 7.40
N GLU A 48 -40.95 -36.37 6.65
CA GLU A 48 -42.02 -35.51 7.14
C GLU A 48 -43.42 -36.14 7.05
N ARG A 49 -43.56 -37.21 6.27
CA ARG A 49 -44.86 -37.88 6.07
C ARG A 49 -45.22 -38.84 7.21
N GLN A 50 -46.49 -38.91 7.57
CA GLN A 50 -46.96 -39.87 8.57
C GLN A 50 -48.23 -40.56 8.08
N LEU A 51 -48.24 -41.88 8.12
CA LEU A 51 -49.39 -42.62 7.62
C LEU A 51 -50.04 -43.41 8.74
N SER A 52 -51.37 -43.33 8.80
CA SER A 52 -52.16 -44.08 9.74
C SER A 52 -52.27 -45.51 9.24
N TYR A 53 -52.62 -46.44 10.11
CA TYR A 53 -52.88 -47.82 9.67
C TYR A 53 -53.99 -47.82 8.65
N ARG A 54 -55.01 -46.99 8.85
CA ARG A 54 -56.10 -46.88 7.89
C ARG A 54 -55.56 -46.48 6.53
N GLU A 55 -54.72 -45.45 6.51
CA GLU A 55 -54.12 -44.94 5.27
C GLU A 55 -53.20 -45.95 4.62
N LEU A 56 -52.39 -46.61 5.44
CA LEU A 56 -51.44 -47.62 4.95
C LEU A 56 -52.15 -48.76 4.26
N ASN A 57 -53.10 -49.37 4.98
CA ASN A 57 -53.96 -50.38 4.42
C ASN A 57 -54.72 -49.90 3.18
N GLN A 58 -55.25 -48.68 3.24
CA GLN A 58 -55.93 -48.12 2.09
C GLN A 58 -54.99 -47.98 0.89
N ALA A 59 -53.79 -47.43 1.11
CA ALA A 59 -52.86 -47.27 0.01
C ALA A 59 -52.61 -48.62 -0.65
N ALA A 60 -52.52 -49.66 0.17
CA ALA A 60 -52.25 -51.00 -0.34
C ALA A 60 -53.39 -51.53 -1.18
N ASP A 61 -54.62 -51.32 -0.72
CA ASP A 61 -55.80 -51.70 -1.49
C ASP A 61 -55.82 -50.99 -2.83
N ASN A 62 -55.50 -49.69 -2.83
CA ASN A 62 -55.44 -48.91 -4.06
C ASN A 62 -54.40 -49.43 -5.05
N LEU A 63 -53.17 -49.63 -4.59
CA LEU A 63 -52.08 -50.05 -5.45
C LEU A 63 -52.33 -51.44 -6.02
N ALA A 64 -53.05 -52.25 -5.25
CA ALA A 64 -53.33 -53.61 -5.63
C ALA A 64 -54.43 -53.60 -6.65
N CYS A 65 -55.43 -52.76 -6.40
CA CYS A 65 -56.55 -52.63 -7.31
C CYS A 65 -56.08 -52.08 -8.65
N SER A 66 -55.24 -51.05 -8.57
CA SER A 66 -54.66 -50.43 -9.76
C SER A 66 -53.81 -51.41 -10.56
N LEU A 67 -53.20 -52.37 -9.87
CA LEU A 67 -52.37 -53.36 -10.53
C LEU A 67 -53.24 -54.43 -11.16
N ARG A 68 -54.35 -54.73 -10.52
CA ARG A 68 -55.25 -55.76 -11.04
C ARG A 68 -55.81 -55.23 -12.34
N ARG A 69 -56.13 -53.94 -12.35
CA ARG A 69 -56.64 -53.26 -13.54
C ARG A 69 -55.62 -53.31 -14.69
N GLN A 70 -54.34 -53.33 -14.36
CA GLN A 70 -53.31 -53.38 -15.39
C GLN A 70 -53.01 -54.84 -15.80
N GLY A 71 -53.81 -55.78 -15.28
CA GLY A 71 -53.78 -57.15 -15.75
C GLY A 71 -52.86 -58.12 -15.05
N ILE A 72 -52.57 -57.85 -13.78
CA ILE A 72 -51.72 -58.74 -13.02
C ILE A 72 -52.59 -59.79 -12.35
N LYS A 73 -52.43 -61.04 -12.75
CA LYS A 73 -53.21 -62.12 -12.17
C LYS A 73 -52.53 -62.75 -10.96
N PRO A 74 -53.33 -63.19 -9.98
CA PRO A 74 -52.84 -63.98 -8.84
C PRO A 74 -51.99 -65.16 -9.31
N GLY A 75 -50.94 -65.50 -8.57
CA GLY A 75 -50.11 -66.63 -8.89
C GLY A 75 -48.80 -66.17 -9.50
N GLU A 76 -48.79 -64.94 -10.00
CA GLU A 76 -47.61 -64.44 -10.70
C GLU A 76 -46.59 -63.92 -9.71
N THR A 77 -45.41 -63.57 -10.20
CA THR A 77 -44.35 -63.08 -9.31
C THR A 77 -43.96 -61.68 -9.67
N ALA A 78 -43.29 -61.00 -8.75
CA ALA A 78 -42.80 -59.66 -9.01
C ALA A 78 -41.35 -59.48 -8.59
N LEU A 79 -40.76 -58.38 -9.04
CA LEU A 79 -39.45 -57.96 -8.58
C LEU A 79 -39.58 -56.54 -8.05
N VAL A 80 -39.34 -56.36 -6.77
CA VAL A 80 -39.47 -55.04 -6.18
C VAL A 80 -38.12 -54.53 -5.72
N GLN A 81 -37.71 -53.37 -6.17
CA GLN A 81 -36.54 -52.77 -5.57
C GLN A 81 -36.89 -51.41 -4.97
N LEU A 82 -37.01 -51.34 -3.65
CA LEU A 82 -37.37 -50.10 -2.99
C LEU A 82 -36.55 -49.99 -1.71
N GLY A 83 -36.19 -48.77 -1.35
CA GLY A 83 -35.28 -48.57 -0.24
C GLY A 83 -36.05 -48.51 1.07
N ASN A 84 -35.55 -47.70 1.97
CA ASN A 84 -36.12 -47.51 3.30
C ASN A 84 -37.28 -46.58 3.35
N VAL A 85 -38.13 -46.62 2.33
CA VAL A 85 -39.24 -45.71 2.23
C VAL A 85 -40.60 -46.40 2.40
N ALA A 86 -41.62 -45.64 2.80
CA ALA A 86 -42.94 -46.22 3.09
C ALA A 86 -43.55 -47.01 1.93
N GLU A 87 -43.23 -46.62 0.70
CA GLU A 87 -43.80 -47.28 -0.47
C GLU A 87 -43.38 -48.75 -0.53
N LEU A 88 -42.31 -49.09 0.17
CA LEU A 88 -41.90 -50.47 0.29
C LEU A 88 -42.97 -51.23 1.04
N TYR A 89 -43.31 -50.76 2.23
CA TYR A 89 -44.34 -51.45 3.00
C TYR A 89 -45.70 -51.50 2.32
N ILE A 90 -46.07 -50.42 1.65
CA ILE A 90 -47.29 -50.42 0.86
C ILE A 90 -47.26 -51.47 -0.28
N THR A 91 -46.19 -51.48 -1.05
CA THR A 91 -46.06 -52.42 -2.17
C THR A 91 -46.12 -53.84 -1.69
N PHE A 92 -45.56 -54.07 -0.52
CA PHE A 92 -45.45 -55.40 0.01
C PHE A 92 -46.85 -55.89 0.27
N PHE A 93 -47.62 -55.13 1.02
CA PHE A 93 -48.98 -55.51 1.31
C PHE A 93 -49.91 -55.44 0.10
N ALA A 94 -49.64 -54.52 -0.80
CA ALA A 94 -50.41 -54.49 -2.03
C ALA A 94 -50.25 -55.82 -2.76
N LEU A 95 -49.01 -56.31 -2.87
CA LEU A 95 -48.76 -57.54 -3.58
C LEU A 95 -49.27 -58.77 -2.83
N LEU A 96 -49.36 -58.67 -1.51
CA LEU A 96 -49.89 -59.75 -0.70
C LEU A 96 -51.38 -59.85 -0.88
N LYS A 97 -52.03 -58.72 -1.01
CA LYS A 97 -53.47 -58.66 -1.21
C LYS A 97 -53.88 -59.19 -2.59
N LEU A 98 -52.99 -59.09 -3.58
CA LEU A 98 -53.28 -59.57 -4.94
C LEU A 98 -53.13 -61.08 -5.10
N GLY A 99 -52.24 -61.68 -4.32
CA GLY A 99 -51.88 -63.07 -4.51
C GLY A 99 -50.55 -63.25 -5.23
N VAL A 100 -49.81 -62.17 -5.39
CA VAL A 100 -48.53 -62.17 -6.08
C VAL A 100 -47.38 -62.35 -5.09
N ALA A 101 -46.31 -63.00 -5.52
CA ALA A 101 -45.15 -63.21 -4.65
C ALA A 101 -43.95 -62.44 -5.14
N PRO A 102 -43.57 -61.38 -4.44
CA PRO A 102 -42.44 -60.58 -4.90
C PRO A 102 -41.09 -61.03 -4.35
N VAL A 103 -40.02 -60.45 -4.86
CA VAL A 103 -38.71 -60.57 -4.27
C VAL A 103 -38.37 -59.16 -3.85
N LEU A 104 -38.04 -58.94 -2.57
CA LEU A 104 -37.67 -57.60 -2.20
C LEU A 104 -36.18 -57.48 -2.34
N ALA A 105 -35.77 -56.85 -3.43
CA ALA A 105 -34.38 -56.64 -3.74
C ALA A 105 -33.82 -55.47 -2.93
N LEU A 106 -32.54 -55.58 -2.58
CA LEU A 106 -31.86 -54.52 -1.86
C LEU A 106 -31.71 -53.36 -2.79
N PHE A 107 -31.69 -52.17 -2.24
CA PHE A 107 -31.58 -50.99 -3.07
C PHE A 107 -30.15 -50.87 -3.57
N SER A 108 -29.22 -51.49 -2.86
CA SER A 108 -27.82 -51.44 -3.22
C SER A 108 -27.50 -52.33 -4.40
N HIS A 109 -28.42 -53.23 -4.73
CA HIS A 109 -28.22 -54.17 -5.81
C HIS A 109 -28.16 -53.43 -7.12
N GLN A 110 -27.63 -54.11 -8.15
CA GLN A 110 -27.31 -53.47 -9.42
C GLN A 110 -27.68 -54.36 -10.58
N ARG A 111 -27.16 -54.02 -11.75
CA ARG A 111 -27.49 -54.73 -12.98
C ARG A 111 -27.46 -56.28 -12.85
N SER A 112 -26.37 -56.86 -12.34
CA SER A 112 -26.22 -58.32 -12.38
C SER A 112 -27.13 -59.03 -11.41
N GLU A 113 -27.33 -58.42 -10.26
CA GLU A 113 -28.19 -59.00 -9.24
C GLU A 113 -29.64 -59.01 -9.68
N LEU A 114 -30.09 -57.89 -10.26
CA LEU A 114 -31.49 -57.78 -10.69
C LEU A 114 -31.78 -58.74 -11.84
N ASN A 115 -30.85 -58.81 -12.79
CA ASN A 115 -30.96 -59.79 -13.87
C ASN A 115 -31.13 -61.22 -13.29
N ALA A 116 -30.20 -61.60 -12.42
CA ALA A 116 -30.27 -62.88 -11.73
C ALA A 116 -31.66 -63.18 -11.13
N TYR A 117 -32.21 -62.22 -10.42
CA TYR A 117 -33.48 -62.44 -9.76
C TYR A 117 -34.59 -62.64 -10.76
N ALA A 118 -34.65 -61.76 -11.76
CA ALA A 118 -35.73 -61.77 -12.74
C ALA A 118 -35.72 -63.05 -13.54
N SER A 119 -34.54 -63.59 -13.77
CA SER A 119 -34.38 -64.86 -14.48
C SER A 119 -35.01 -66.06 -13.78
N GLN A 120 -34.80 -66.21 -12.47
CA GLN A 120 -35.40 -67.30 -11.73
C GLN A 120 -36.91 -67.07 -11.46
N ILE A 121 -37.25 -65.81 -11.17
CA ILE A 121 -38.62 -65.47 -10.80
C ILE A 121 -39.59 -65.52 -11.98
N GLU A 122 -39.14 -65.01 -13.14
CA GLU A 122 -40.00 -64.74 -14.29
C GLU A 122 -41.15 -63.83 -13.89
N PRO A 123 -40.79 -62.61 -13.49
CA PRO A 123 -41.68 -61.61 -12.91
C PRO A 123 -42.64 -61.06 -13.95
N ALA A 124 -43.92 -60.96 -13.58
CA ALA A 124 -44.88 -60.25 -14.40
C ALA A 124 -44.84 -58.75 -14.09
N LEU A 125 -44.15 -58.36 -13.03
CA LEU A 125 -44.24 -57.01 -12.52
C LEU A 125 -42.89 -56.48 -12.04
N LEU A 126 -42.59 -55.24 -12.38
CA LEU A 126 -41.35 -54.63 -11.89
C LEU A 126 -41.68 -53.33 -11.22
N ILE A 127 -41.19 -53.16 -10.00
CA ILE A 127 -41.34 -51.92 -9.27
C ILE A 127 -39.98 -51.46 -8.76
N ALA A 128 -39.54 -50.28 -9.19
CA ALA A 128 -38.21 -49.76 -8.86
C ALA A 128 -38.30 -48.26 -8.58
N ASP A 129 -37.18 -47.59 -8.36
CA ASP A 129 -37.19 -46.17 -7.99
C ASP A 129 -36.29 -45.36 -8.94
N ARG A 130 -36.81 -44.23 -9.45
CA ARG A 130 -36.00 -43.45 -10.41
C ARG A 130 -34.79 -42.77 -9.78
N GLN A 131 -34.72 -42.80 -8.45
CA GLN A 131 -33.59 -42.20 -7.76
C GLN A 131 -32.46 -43.18 -7.70
N HIS A 132 -32.75 -44.42 -8.09
CA HIS A 132 -31.72 -45.45 -8.20
C HIS A 132 -30.99 -45.29 -9.54
N ALA A 133 -29.67 -45.40 -9.54
CA ALA A 133 -28.90 -45.11 -10.75
C ALA A 133 -29.38 -45.76 -12.07
N LEU A 134 -29.80 -47.02 -12.01
CA LEU A 134 -30.25 -47.76 -13.19
C LEU A 134 -31.54 -47.20 -13.77
N PHE A 135 -32.34 -46.62 -12.89
CA PHE A 135 -33.61 -46.05 -13.28
C PHE A 135 -33.72 -44.53 -13.42
N SER A 136 -32.60 -43.82 -13.21
CA SER A 136 -32.56 -42.39 -13.43
C SER A 136 -33.24 -42.16 -14.78
N GLY A 137 -32.64 -42.73 -15.82
CA GLY A 137 -33.23 -42.68 -17.14
C GLY A 137 -33.96 -43.94 -17.55
N ASP A 138 -34.31 -44.00 -18.83
CA ASP A 138 -35.01 -45.14 -19.38
C ASP A 138 -34.12 -46.14 -20.10
N ASP A 139 -32.81 -45.95 -20.00
CA ASP A 139 -31.93 -46.75 -20.84
C ASP A 139 -31.86 -48.20 -20.38
N PHE A 140 -31.28 -48.41 -19.20
CA PHE A 140 -31.34 -49.72 -18.62
C PHE A 140 -32.80 -50.23 -18.57
N LEU A 141 -33.76 -49.46 -18.06
CA LEU A 141 -35.12 -50.04 -18.01
C LEU A 141 -35.62 -50.73 -19.31
N ASN A 142 -35.38 -50.11 -20.48
CA ASN A 142 -35.83 -50.69 -21.75
C ASN A 142 -35.13 -52.00 -22.10
N THR A 143 -33.80 -51.98 -22.06
CA THR A 143 -32.97 -53.20 -22.21
C THR A 143 -33.44 -54.34 -21.30
N PHE A 144 -33.82 -53.97 -20.09
CA PHE A 144 -34.19 -54.93 -19.07
C PHE A 144 -35.50 -55.64 -19.41
N VAL A 145 -36.53 -54.89 -19.78
CA VAL A 145 -37.83 -55.49 -20.05
C VAL A 145 -37.83 -56.37 -21.28
N THR A 146 -37.03 -55.99 -22.28
CA THR A 146 -36.92 -56.82 -23.46
C THR A 146 -36.24 -58.13 -23.07
N GLU A 147 -35.16 -58.02 -22.29
CA GLU A 147 -34.38 -59.21 -21.90
C GLU A 147 -35.02 -60.18 -20.86
N HIS A 148 -35.99 -59.72 -20.06
CA HIS A 148 -36.91 -60.64 -19.40
C HIS A 148 -38.30 -60.32 -19.91
N SER A 149 -38.80 -61.19 -20.78
CA SER A 149 -39.98 -60.84 -21.56
C SER A 149 -41.24 -61.04 -20.73
N SER A 150 -41.15 -61.79 -19.62
CA SER A 150 -42.33 -62.09 -18.82
C SER A 150 -42.94 -60.82 -18.24
N ILE A 151 -42.10 -59.81 -18.01
CA ILE A 151 -42.52 -58.54 -17.43
C ILE A 151 -43.53 -57.79 -18.29
N ARG A 152 -44.67 -57.44 -17.70
CA ARG A 152 -45.76 -56.77 -18.42
C ARG A 152 -46.00 -55.33 -17.95
N VAL A 153 -46.32 -55.19 -16.66
CA VAL A 153 -46.48 -53.91 -16.01
C VAL A 153 -45.16 -53.37 -15.41
N VAL A 154 -44.98 -52.05 -15.44
CA VAL A 154 -43.86 -51.45 -14.70
C VAL A 154 -44.28 -50.15 -13.98
N GLN A 155 -44.01 -50.06 -12.69
CA GLN A 155 -44.31 -48.86 -11.90
C GLN A 155 -43.04 -48.33 -11.22
N LEU A 156 -42.82 -47.03 -11.26
CA LEU A 156 -41.61 -46.48 -10.66
C LEU A 156 -41.91 -45.42 -9.61
N LEU A 157 -41.12 -45.42 -8.56
CA LEU A 157 -41.23 -44.41 -7.53
C LEU A 157 -40.51 -43.18 -8.03
N ASN A 158 -41.14 -42.03 -7.82
CA ASN A 158 -40.59 -40.78 -8.30
C ASN A 158 -40.55 -40.74 -9.84
N ASP A 159 -41.57 -41.31 -10.48
CA ASP A 159 -41.78 -41.12 -11.93
C ASP A 159 -42.94 -40.18 -12.14
N SER A 160 -42.67 -39.04 -12.77
CA SER A 160 -43.71 -38.07 -13.03
C SER A 160 -44.58 -38.55 -14.20
N GLY A 161 -44.03 -39.49 -14.98
CA GLY A 161 -44.62 -39.95 -16.22
C GLY A 161 -45.70 -41.02 -16.12
N GLU A 162 -45.81 -41.83 -17.17
CA GLU A 162 -46.91 -42.79 -17.31
C GLU A 162 -46.77 -43.96 -16.34
N HIS A 163 -45.53 -44.28 -15.99
CA HIS A 163 -45.26 -45.39 -15.10
C HIS A 163 -45.30 -45.01 -13.62
N ASN A 164 -45.71 -43.78 -13.32
CA ASN A 164 -45.74 -43.28 -11.93
C ASN A 164 -46.43 -44.20 -10.91
N LEU A 165 -45.74 -44.52 -9.84
CA LEU A 165 -46.24 -45.46 -8.85
C LEU A 165 -47.25 -44.77 -7.95
N GLN A 166 -46.98 -43.50 -7.67
CA GLN A 166 -47.84 -42.73 -6.79
C GLN A 166 -49.22 -42.60 -7.39
N ASP A 167 -49.29 -42.54 -8.72
CA ASP A 167 -50.59 -42.43 -9.38
C ASP A 167 -51.47 -43.61 -9.03
N ALA A 168 -50.89 -44.81 -9.10
CA ALA A 168 -51.62 -46.04 -8.84
C ALA A 168 -51.90 -46.22 -7.38
N ILE A 169 -51.07 -45.65 -6.53
CA ILE A 169 -51.27 -45.71 -5.08
C ILE A 169 -52.41 -44.83 -4.62
N ASN A 170 -52.56 -43.67 -5.26
CA ASN A 170 -53.63 -42.74 -4.90
C ASN A 170 -54.96 -42.90 -5.62
N HIS A 171 -54.96 -43.66 -6.72
CA HIS A 171 -56.19 -43.97 -7.47
C HIS A 171 -56.98 -44.97 -6.64
N PRO A 172 -58.14 -44.55 -6.14
CA PRO A 172 -58.88 -45.32 -5.13
C PRO A 172 -59.33 -46.69 -5.61
N ALA A 173 -60.05 -47.42 -4.77
CA ALA A 173 -60.43 -48.80 -5.09
C ALA A 173 -61.78 -48.92 -5.83
N GLU A 174 -61.79 -49.75 -6.87
CA GLU A 174 -62.98 -50.09 -7.62
C GLU A 174 -63.67 -51.15 -6.79
N ASP A 175 -64.57 -51.92 -7.38
CA ASP A 175 -65.04 -53.04 -6.61
C ASP A 175 -63.74 -53.85 -6.48
N PHE A 176 -63.26 -54.02 -5.25
CA PHE A 176 -62.02 -54.75 -5.00
C PHE A 176 -62.04 -55.58 -3.72
N THR A 177 -61.73 -56.87 -3.85
CA THR A 177 -61.42 -57.67 -2.68
C THR A 177 -60.06 -58.35 -2.84
N ALA A 178 -59.33 -58.48 -1.72
CA ALA A 178 -58.07 -59.20 -1.70
C ALA A 178 -58.28 -60.70 -1.95
N THR A 179 -57.29 -61.29 -2.58
CA THR A 179 -57.32 -62.68 -2.97
C THR A 179 -55.92 -63.19 -2.64
N PRO A 180 -55.59 -63.14 -1.33
CA PRO A 180 -54.23 -63.54 -0.96
C PRO A 180 -54.10 -65.00 -1.33
N SER A 181 -52.89 -65.48 -1.55
CA SER A 181 -52.70 -66.91 -1.76
C SER A 181 -52.97 -67.68 -0.46
N PRO A 182 -53.32 -68.98 -0.57
CA PRO A 182 -53.70 -69.78 0.61
C PRO A 182 -52.57 -69.85 1.62
N ALA A 183 -52.92 -69.94 2.91
CA ALA A 183 -51.94 -69.85 3.98
C ALA A 183 -50.74 -70.77 3.79
N ASP A 184 -50.96 -71.96 3.25
CA ASP A 184 -49.88 -72.93 3.05
C ASP A 184 -49.23 -72.85 1.68
N GLU A 185 -49.58 -71.82 0.91
CA GLU A 185 -48.92 -71.58 -0.36
C GLU A 185 -47.91 -70.43 -0.20
N VAL A 186 -47.04 -70.22 -1.19
CA VAL A 186 -46.00 -69.22 -1.07
C VAL A 186 -46.53 -67.79 -0.93
N ALA A 187 -45.95 -67.03 0.01
CA ALA A 187 -46.33 -65.63 0.23
C ALA A 187 -45.38 -64.64 -0.47
N TYR A 188 -44.09 -64.73 -0.15
CA TYR A 188 -43.05 -64.11 -0.97
C TYR A 188 -41.72 -64.84 -0.89
N PHE A 189 -40.69 -64.25 -1.51
CA PHE A 189 -39.34 -64.81 -1.51
C PHE A 189 -38.38 -63.93 -0.72
N GLN A 190 -37.53 -64.55 0.08
CA GLN A 190 -36.49 -63.81 0.77
C GLN A 190 -35.16 -64.20 0.17
N LEU A 191 -34.17 -63.33 0.32
CA LEU A 191 -32.85 -63.60 -0.21
C LEU A 191 -31.91 -64.19 0.85
N SER A 192 -31.29 -65.31 0.57
CA SER A 192 -30.17 -65.71 1.41
C SER A 192 -29.01 -64.91 0.89
N GLY A 193 -28.08 -64.54 1.75
CA GLY A 193 -26.84 -63.94 1.26
C GLY A 193 -26.21 -64.83 0.19
N GLY A 194 -26.32 -66.12 0.44
CA GLY A 194 -25.95 -67.17 -0.48
C GLY A 194 -24.55 -67.64 -0.21
N THR A 195 -24.36 -68.95 -0.31
CA THR A 195 -23.05 -69.55 -0.22
C THR A 195 -22.53 -69.79 -1.64
N THR A 196 -23.42 -69.60 -2.63
CA THR A 196 -23.09 -69.92 -4.03
C THR A 196 -23.26 -68.72 -4.96
N GLY A 197 -22.71 -68.85 -6.18
CA GLY A 197 -22.51 -67.70 -7.07
C GLY A 197 -23.70 -67.29 -7.91
N THR A 198 -24.66 -68.19 -7.99
CA THR A 198 -25.99 -67.90 -8.51
C THR A 198 -26.89 -67.64 -7.28
N PRO A 199 -27.54 -66.45 -7.20
CA PRO A 199 -28.43 -66.13 -6.06
C PRO A 199 -29.61 -67.09 -5.84
N LYS A 200 -29.73 -67.56 -4.60
CA LYS A 200 -30.66 -68.63 -4.26
C LYS A 200 -31.80 -68.03 -3.46
N LEU A 201 -33.05 -68.28 -3.87
CA LEU A 201 -34.21 -67.61 -3.25
C LEU A 201 -34.94 -68.51 -2.25
N ILE A 202 -35.45 -67.90 -1.20
CA ILE A 202 -36.11 -68.63 -0.16
C ILE A 202 -37.60 -68.38 -0.16
N PRO A 203 -38.39 -69.40 -0.55
CA PRO A 203 -39.86 -69.25 -0.47
C PRO A 203 -40.36 -69.22 0.98
N ARG A 204 -41.27 -68.30 1.32
CA ARG A 204 -41.86 -68.31 2.67
C ARG A 204 -43.38 -68.34 2.56
N THR A 205 -44.03 -69.34 3.15
CA THR A 205 -45.49 -69.44 3.05
C THR A 205 -46.13 -68.53 4.06
N HIS A 206 -47.37 -68.11 3.86
CA HIS A 206 -48.04 -67.24 4.82
C HIS A 206 -47.93 -67.83 6.22
N ASN A 207 -48.16 -69.13 6.32
CA ASN A 207 -48.21 -69.80 7.61
C ASN A 207 -46.93 -69.67 8.38
N ASP A 208 -45.82 -70.11 7.77
CA ASP A 208 -44.55 -70.14 8.48
C ASP A 208 -44.04 -68.72 8.75
N TYR A 209 -44.24 -67.80 7.83
CA TYR A 209 -43.73 -66.46 8.01
C TYR A 209 -44.48 -65.67 9.09
N TYR A 210 -45.80 -65.77 9.07
CA TYR A 210 -46.64 -65.15 10.10
C TYR A 210 -46.23 -65.62 11.51
N TYR A 211 -45.98 -66.93 11.68
CA TYR A 211 -45.48 -67.43 12.97
C TYR A 211 -44.20 -66.69 13.39
N SER A 212 -43.23 -66.65 12.47
CA SER A 212 -41.97 -65.95 12.70
C SER A 212 -42.26 -64.59 13.33
N VAL A 213 -43.27 -63.89 12.82
CA VAL A 213 -43.52 -62.53 13.26
C VAL A 213 -44.23 -62.51 14.61
N ARG A 214 -45.26 -63.32 14.78
CA ARG A 214 -46.01 -63.34 16.03
C ARG A 214 -45.09 -63.62 17.20
N ARG A 215 -44.37 -64.72 17.10
CA ARG A 215 -43.56 -65.22 18.18
C ARG A 215 -42.43 -64.29 18.47
N SER A 216 -42.03 -63.52 17.47
CA SER A 216 -41.02 -62.50 17.68
C SER A 216 -41.57 -61.32 18.48
N VAL A 217 -42.78 -60.92 18.17
CA VAL A 217 -43.43 -59.91 18.96
C VAL A 217 -43.52 -60.32 20.42
N GLU A 218 -43.94 -61.56 20.66
CA GLU A 218 -44.11 -62.03 22.04
C GLU A 218 -42.79 -61.93 22.80
N ILE A 219 -41.74 -62.43 22.19
CA ILE A 219 -40.46 -62.48 22.85
C ILE A 219 -39.92 -61.12 23.12
N CYS A 220 -40.13 -60.20 22.18
CA CYS A 220 -39.55 -58.84 22.31
C CYS A 220 -40.54 -57.87 22.95
N GLN A 221 -41.72 -58.40 23.26
CA GLN A 221 -42.78 -57.59 23.86
C GLN A 221 -43.10 -56.30 23.10
N PHE A 222 -43.11 -56.34 21.79
CA PHE A 222 -43.68 -55.23 21.09
C PHE A 222 -45.16 -55.10 21.42
N THR A 223 -45.64 -53.86 21.44
CA THR A 223 -47.03 -53.52 21.69
C THR A 223 -47.30 -52.19 20.99
N GLN A 224 -48.50 -51.62 21.12
CA GLN A 224 -48.85 -50.36 20.43
C GLN A 224 -47.95 -49.22 20.86
N GLN A 225 -47.23 -49.45 21.97
CA GLN A 225 -46.31 -48.46 22.50
C GLN A 225 -44.97 -48.55 21.78
N THR A 226 -44.67 -49.69 21.18
CA THR A 226 -43.38 -49.89 20.54
C THR A 226 -43.21 -48.84 19.47
N ARG A 227 -42.15 -48.05 19.54
CA ARG A 227 -41.85 -47.11 18.45
C ARG A 227 -40.46 -47.41 17.88
N TYR A 228 -40.43 -47.90 16.66
CA TYR A 228 -39.28 -48.64 16.13
C TYR A 228 -38.59 -47.89 15.04
N LEU A 229 -37.28 -47.69 15.19
CA LEU A 229 -36.48 -47.05 14.14
C LEU A 229 -35.91 -48.12 13.25
N CYS A 230 -36.27 -48.09 11.97
CA CYS A 230 -35.73 -49.08 11.08
C CYS A 230 -34.73 -48.35 10.23
N ALA A 231 -33.45 -48.44 10.59
CA ALA A 231 -32.38 -47.78 9.84
C ALA A 231 -31.52 -48.69 8.95
N ILE A 232 -31.54 -49.99 9.21
CA ILE A 232 -30.75 -50.90 8.39
C ILE A 232 -31.63 -51.22 7.20
N PRO A 233 -31.09 -51.86 6.16
CA PRO A 233 -31.92 -52.09 4.97
C PRO A 233 -33.24 -52.77 5.30
N ALA A 234 -34.34 -52.15 4.86
CA ALA A 234 -35.67 -52.49 5.33
C ALA A 234 -36.11 -53.81 4.76
N ALA A 235 -35.49 -54.21 3.65
CA ALA A 235 -35.97 -55.36 2.93
C ALA A 235 -35.38 -56.66 3.45
N HIS A 236 -34.40 -56.59 4.35
CA HIS A 236 -33.74 -57.80 4.84
C HIS A 236 -34.61 -58.46 5.86
N ASN A 237 -34.44 -59.77 6.02
CA ASN A 237 -35.30 -60.52 6.94
C ASN A 237 -35.26 -60.00 8.39
N TYR A 238 -34.14 -59.43 8.79
CA TYR A 238 -33.96 -58.91 10.12
C TYR A 238 -34.86 -57.72 10.36
N ALA A 239 -34.77 -56.69 9.52
CA ALA A 239 -35.54 -55.47 9.73
C ALA A 239 -36.98 -55.62 9.24
N MET A 240 -37.28 -56.81 8.73
CA MET A 240 -38.60 -57.10 8.24
C MET A 240 -39.41 -57.92 9.26
N SER A 241 -38.92 -59.11 9.56
CA SER A 241 -39.62 -60.04 10.43
C SER A 241 -39.15 -60.24 11.87
N SER A 242 -38.07 -59.61 12.30
CA SER A 242 -37.43 -60.13 13.54
C SER A 242 -37.22 -59.25 14.80
N PRO A 243 -38.30 -58.73 15.38
CA PRO A 243 -39.64 -58.69 14.81
C PRO A 243 -39.67 -57.69 13.67
N GLY A 244 -38.79 -56.70 13.66
CA GLY A 244 -38.70 -55.80 12.53
C GLY A 244 -40.02 -55.09 12.25
N SER A 245 -40.13 -54.43 11.10
CA SER A 245 -41.28 -53.56 10.86
C SER A 245 -42.61 -54.28 10.86
N LEU A 246 -42.64 -55.51 10.36
CA LEU A 246 -43.89 -56.27 10.31
C LEU A 246 -44.36 -56.64 11.71
N GLY A 247 -43.40 -56.89 12.58
CA GLY A 247 -43.71 -57.19 13.97
C GLY A 247 -44.33 -55.97 14.63
N VAL A 248 -43.85 -54.79 14.24
CA VAL A 248 -44.39 -53.54 14.74
C VAL A 248 -45.81 -53.31 14.23
N PHE A 249 -46.04 -53.61 12.95
CA PHE A 249 -47.37 -53.48 12.37
C PHE A 249 -48.40 -54.42 13.01
N LEU A 250 -47.99 -55.64 13.32
CA LEU A 250 -48.90 -56.58 13.96
C LEU A 250 -49.36 -56.06 15.30
N ALA A 251 -48.45 -55.34 15.97
CA ALA A 251 -48.67 -54.89 17.35
C ALA A 251 -49.30 -53.51 17.47
N GLY A 252 -49.45 -52.81 16.35
CA GLY A 252 -50.03 -51.48 16.37
C GLY A 252 -49.06 -50.36 16.69
N GLY A 253 -47.78 -50.70 16.72
CA GLY A 253 -46.74 -49.74 16.99
C GLY A 253 -46.47 -48.77 15.86
N THR A 254 -45.38 -48.02 15.96
CA THR A 254 -45.03 -47.07 14.92
C THR A 254 -43.65 -47.37 14.39
N VAL A 255 -43.52 -47.42 13.06
CA VAL A 255 -42.23 -47.62 12.42
C VAL A 255 -41.70 -46.29 11.91
N VAL A 256 -40.47 -45.97 12.30
CA VAL A 256 -39.80 -44.76 11.86
C VAL A 256 -38.69 -45.11 10.85
N LEU A 257 -38.88 -44.77 9.57
CA LEU A 257 -37.89 -45.14 8.55
C LEU A 257 -36.77 -44.13 8.48
N ALA A 258 -35.56 -44.63 8.22
CA ALA A 258 -34.40 -43.77 8.05
C ALA A 258 -33.57 -44.37 6.94
N ALA A 259 -32.95 -43.51 6.13
CA ALA A 259 -32.25 -43.96 4.92
C ALA A 259 -31.02 -44.83 5.21
N ASP A 260 -30.29 -44.50 6.26
CA ASP A 260 -29.10 -45.25 6.63
C ASP A 260 -28.97 -45.22 8.14
N PRO A 261 -28.01 -46.00 8.68
CA PRO A 261 -27.94 -45.97 10.14
C PRO A 261 -26.86 -45.07 10.68
N SER A 262 -26.74 -43.84 10.21
CA SER A 262 -25.65 -42.97 10.65
C SER A 262 -26.10 -42.26 11.91
N ALA A 263 -25.17 -42.06 12.84
CA ALA A 263 -25.54 -41.41 14.09
C ALA A 263 -26.07 -40.01 13.81
N THR A 264 -25.61 -39.44 12.71
CA THR A 264 -26.00 -38.09 12.35
C THR A 264 -27.46 -38.00 11.94
N LEU A 265 -27.93 -39.00 11.23
CA LEU A 265 -29.32 -39.08 10.81
C LEU A 265 -30.25 -39.59 11.91
N CYS A 266 -29.78 -40.63 12.62
CA CYS A 266 -30.62 -41.38 13.54
C CYS A 266 -30.87 -40.71 14.88
N PHE A 267 -29.80 -40.18 15.47
CA PHE A 267 -29.92 -39.57 16.78
C PHE A 267 -31.08 -38.57 16.87
N PRO A 268 -31.11 -37.57 15.98
CA PRO A 268 -32.27 -36.68 15.88
C PRO A 268 -33.63 -37.40 15.79
N LEU A 269 -33.72 -38.48 15.01
CA LEU A 269 -34.99 -39.15 14.80
C LEU A 269 -35.45 -39.85 16.07
N ILE A 270 -34.51 -40.44 16.81
CA ILE A 270 -34.86 -41.20 18.02
C ILE A 270 -35.47 -40.27 19.07
N GLU A 271 -34.88 -39.09 19.21
CA GLU A 271 -35.38 -38.08 20.13
C GLU A 271 -36.69 -37.49 19.64
N LYS A 272 -36.68 -36.95 18.44
CA LYS A 272 -37.86 -36.34 17.87
C LYS A 272 -39.10 -37.25 17.90
N HIS A 273 -38.94 -38.52 17.56
CA HIS A 273 -40.07 -39.45 17.55
C HIS A 273 -40.17 -40.37 18.78
N GLN A 274 -39.28 -40.16 19.76
CA GLN A 274 -39.32 -40.86 21.04
C GLN A 274 -39.26 -42.36 20.82
N VAL A 275 -38.24 -42.79 20.11
CA VAL A 275 -38.08 -44.17 19.72
C VAL A 275 -37.63 -45.00 20.90
N ASN A 276 -38.35 -46.09 21.19
CA ASN A 276 -37.94 -46.98 22.25
C ASN A 276 -37.19 -48.26 21.84
N VAL A 277 -37.10 -48.54 20.56
CA VAL A 277 -36.41 -49.77 20.17
C VAL A 277 -35.85 -49.64 18.77
N THR A 278 -34.70 -50.27 18.49
CA THR A 278 -34.14 -50.22 17.14
C THR A 278 -33.19 -51.37 16.91
N ALA A 279 -32.97 -51.73 15.66
CA ALA A 279 -32.12 -52.85 15.39
C ALA A 279 -30.91 -52.38 14.60
N LEU A 280 -29.74 -52.89 14.99
CA LEU A 280 -28.48 -52.57 14.34
C LEU A 280 -27.58 -53.79 14.06
N VAL A 281 -26.52 -53.54 13.28
CA VAL A 281 -25.46 -54.52 13.07
C VAL A 281 -24.20 -53.97 13.72
N PRO A 282 -23.31 -54.86 14.16
CA PRO A 282 -22.19 -54.46 15.01
C PRO A 282 -21.43 -53.21 14.54
N PRO A 283 -21.17 -53.08 13.24
CA PRO A 283 -20.43 -51.88 12.80
C PRO A 283 -21.18 -50.57 13.10
N ALA A 284 -22.51 -50.58 13.10
CA ALA A 284 -23.21 -49.34 13.36
C ALA A 284 -23.18 -49.01 14.86
N VAL A 285 -23.21 -50.05 15.69
CA VAL A 285 -23.08 -49.86 17.13
C VAL A 285 -21.75 -49.20 17.48
N SER A 286 -20.67 -49.65 16.84
CA SER A 286 -19.37 -48.99 17.03
C SER A 286 -19.47 -47.52 16.64
N LEU A 287 -20.07 -47.26 15.48
CA LEU A 287 -20.21 -45.90 14.99
C LEU A 287 -20.99 -45.04 15.99
N TRP A 288 -22.05 -45.60 16.57
CA TRP A 288 -22.87 -44.85 17.52
C TRP A 288 -22.15 -44.57 18.82
N LEU A 289 -21.47 -45.58 19.36
CA LEU A 289 -20.80 -45.43 20.64
C LEU A 289 -19.75 -44.36 20.56
N GLN A 290 -19.08 -44.31 19.41
CA GLN A 290 -18.01 -43.34 19.18
C GLN A 290 -18.55 -41.95 18.94
N ALA A 291 -19.61 -41.85 18.16
CA ALA A 291 -20.29 -40.57 17.97
C ALA A 291 -20.69 -39.90 19.30
N LEU A 292 -20.97 -40.71 20.32
CA LEU A 292 -21.34 -40.21 21.65
C LEU A 292 -20.13 -39.63 22.34
N ILE A 293 -19.03 -40.39 22.30
CA ILE A 293 -17.76 -39.95 22.85
C ILE A 293 -17.27 -38.68 22.15
N GLU A 294 -17.57 -38.56 20.87
CA GLU A 294 -17.10 -37.44 20.07
C GLU A 294 -18.00 -36.22 20.26
N GLY A 295 -18.90 -36.31 21.24
CA GLY A 295 -19.66 -35.17 21.69
C GLY A 295 -21.15 -35.10 21.40
N GLU A 296 -21.73 -36.17 20.88
CA GLU A 296 -23.18 -36.23 20.78
C GLU A 296 -23.77 -36.44 22.18
N SER A 297 -24.94 -35.85 22.42
CA SER A 297 -25.53 -35.89 23.75
C SER A 297 -26.26 -37.19 24.01
N ARG A 298 -25.82 -37.94 25.03
CA ARG A 298 -26.36 -39.26 25.34
C ARG A 298 -27.85 -39.16 25.67
N ALA A 299 -28.34 -37.93 25.72
CA ALA A 299 -29.72 -37.63 26.09
C ALA A 299 -30.76 -37.72 24.97
N GLN A 300 -30.33 -37.63 23.71
CA GLN A 300 -31.30 -37.73 22.62
C GLN A 300 -31.76 -39.18 22.51
N LEU A 301 -30.90 -40.08 22.97
CA LEU A 301 -31.14 -41.51 22.95
C LEU A 301 -31.83 -42.02 24.20
N ALA A 302 -32.30 -41.10 25.03
CA ALA A 302 -32.81 -41.46 26.34
C ALA A 302 -34.11 -42.25 26.31
N SER A 303 -34.89 -42.10 25.24
CA SER A 303 -36.17 -42.81 25.14
C SER A 303 -36.00 -44.26 24.74
N LEU A 304 -34.80 -44.61 24.31
CA LEU A 304 -34.56 -45.91 23.71
C LEU A 304 -34.34 -46.92 24.81
N LYS A 305 -35.28 -47.86 24.94
CA LYS A 305 -35.23 -48.90 25.96
C LYS A 305 -34.67 -50.26 25.49
N LEU A 306 -34.55 -50.45 24.18
CA LEU A 306 -34.04 -51.71 23.65
C LEU A 306 -33.21 -51.55 22.38
N LEU A 307 -32.06 -52.20 22.32
CA LEU A 307 -31.22 -52.17 21.13
C LEU A 307 -30.93 -53.59 20.66
N GLN A 308 -31.44 -53.95 19.49
CA GLN A 308 -31.19 -55.26 18.91
C GLN A 308 -29.93 -55.20 18.11
N VAL A 309 -29.08 -56.20 18.28
CA VAL A 309 -27.86 -56.26 17.52
C VAL A 309 -27.68 -57.65 16.98
N GLY A 310 -27.48 -57.76 15.67
CA GLY A 310 -27.31 -59.05 15.03
C GLY A 310 -26.73 -59.00 13.62
N GLY A 311 -26.73 -60.14 12.93
CA GLY A 311 -26.28 -60.19 11.56
C GLY A 311 -24.81 -60.53 11.45
N ALA A 312 -24.08 -60.32 12.53
CA ALA A 312 -22.63 -60.53 12.55
C ALA A 312 -22.10 -60.72 13.96
N ARG A 313 -20.91 -61.30 14.07
CA ARG A 313 -20.29 -61.54 15.37
C ARG A 313 -20.25 -60.24 16.15
N LEU A 314 -20.81 -60.26 17.35
CA LEU A 314 -20.74 -59.11 18.23
C LEU A 314 -19.89 -59.42 19.47
N SER A 315 -18.73 -58.78 19.58
CA SER A 315 -17.77 -59.08 20.62
C SER A 315 -18.33 -58.73 22.00
N ALA A 316 -17.90 -59.49 23.01
CA ALA A 316 -18.38 -59.26 24.36
C ALA A 316 -17.94 -57.88 24.88
N THR A 317 -16.78 -57.42 24.44
CA THR A 317 -16.33 -56.07 24.73
C THR A 317 -17.31 -55.01 24.24
N LEU A 318 -17.82 -55.19 23.04
CA LEU A 318 -18.70 -54.21 22.41
C LEU A 318 -20.09 -54.32 23.02
N ALA A 319 -20.53 -55.56 23.22
CA ALA A 319 -21.83 -55.82 23.81
C ALA A 319 -21.99 -55.14 25.16
N ALA A 320 -20.96 -55.26 25.98
CA ALA A 320 -20.95 -54.69 27.32
C ALA A 320 -20.99 -53.15 27.30
N ARG A 321 -20.46 -52.53 26.26
CA ARG A 321 -20.43 -51.08 26.18
C ARG A 321 -21.81 -50.49 25.96
N ILE A 322 -22.76 -51.30 25.51
CA ILE A 322 -24.04 -50.77 25.13
C ILE A 322 -24.84 -50.20 26.30
N PRO A 323 -25.09 -51.01 27.34
CA PRO A 323 -25.84 -50.52 28.50
C PRO A 323 -25.00 -49.55 29.30
N ALA A 324 -23.69 -49.74 29.24
CA ALA A 324 -22.79 -48.83 29.92
C ALA A 324 -22.82 -47.40 29.36
N GLU A 325 -22.47 -47.26 28.09
CA GLU A 325 -22.42 -45.94 27.48
C GLU A 325 -23.77 -45.40 26.95
N ILE A 326 -24.57 -46.24 26.29
CA ILE A 326 -25.89 -45.83 25.75
C ILE A 326 -27.02 -45.90 26.78
N GLY A 327 -26.95 -46.88 27.67
CA GLY A 327 -27.91 -47.00 28.77
C GLY A 327 -29.28 -47.56 28.41
N CYS A 328 -29.28 -48.68 27.68
CA CYS A 328 -30.50 -49.40 27.41
C CYS A 328 -30.16 -50.86 27.31
N GLN A 329 -31.17 -51.70 27.14
CA GLN A 329 -30.94 -53.14 27.17
C GLN A 329 -30.50 -53.68 25.82
N LEU A 330 -29.64 -54.69 25.86
CA LEU A 330 -29.17 -55.32 24.65
C LEU A 330 -29.86 -56.66 24.44
N GLN A 331 -30.22 -56.93 23.19
CA GLN A 331 -30.69 -58.25 22.82
C GLN A 331 -29.92 -58.69 21.59
N GLN A 332 -29.19 -59.78 21.70
CA GLN A 332 -28.46 -60.29 20.56
C GLN A 332 -29.39 -61.07 19.65
N VAL A 333 -29.36 -60.84 18.35
CA VAL A 333 -30.22 -61.62 17.48
C VAL A 333 -29.40 -62.40 16.46
N PHE A 334 -29.53 -63.72 16.45
CA PHE A 334 -28.81 -64.52 15.48
C PHE A 334 -29.87 -65.32 14.73
N GLY A 335 -30.26 -64.80 13.56
CA GLY A 335 -31.13 -65.46 12.61
C GLY A 335 -30.53 -65.62 11.24
N MET A 336 -31.25 -66.33 10.39
CA MET A 336 -30.95 -66.44 8.98
C MET A 336 -32.24 -66.25 8.17
N ALA A 337 -32.10 -65.87 6.90
CA ALA A 337 -33.29 -65.57 6.08
C ALA A 337 -34.07 -66.83 5.81
N GLU A 338 -33.45 -67.96 6.12
CA GLU A 338 -34.04 -69.25 5.86
C GLU A 338 -34.97 -69.75 6.98
N GLY A 339 -34.91 -69.13 8.16
CA GLY A 339 -35.68 -69.62 9.29
C GLY A 339 -35.07 -69.23 10.61
N LEU A 340 -35.31 -70.03 11.65
CA LEU A 340 -34.44 -70.06 12.82
C LEU A 340 -33.89 -68.72 13.29
N VAL A 341 -34.66 -67.92 14.00
CA VAL A 341 -34.05 -66.80 14.72
C VAL A 341 -33.80 -67.15 16.20
N ASN A 342 -32.60 -66.86 16.70
CA ASN A 342 -32.29 -67.03 18.13
C ASN A 342 -32.26 -65.68 18.81
N TYR A 343 -32.91 -65.53 19.94
CA TYR A 343 -32.83 -64.27 20.65
C TYR A 343 -32.25 -64.57 21.99
N THR A 344 -31.66 -63.56 22.63
CA THR A 344 -31.46 -63.61 24.05
C THR A 344 -32.74 -63.01 24.53
N ARG A 345 -33.24 -63.46 25.68
CA ARG A 345 -34.51 -62.94 26.19
C ARG A 345 -34.28 -61.64 26.92
N LEU A 346 -35.37 -60.94 27.25
CA LEU A 346 -35.27 -59.64 27.89
C LEU A 346 -35.02 -59.78 29.38
N ASP A 347 -35.46 -60.88 29.93
CA ASP A 347 -35.29 -61.18 31.33
C ASP A 347 -34.07 -62.02 31.61
N ASP A 348 -33.26 -62.21 30.59
CA ASP A 348 -32.06 -63.01 30.70
C ASP A 348 -31.01 -62.31 31.53
N SER A 349 -30.05 -63.10 32.00
CA SER A 349 -28.98 -62.57 32.82
C SER A 349 -28.07 -61.76 31.96
N ALA A 350 -27.36 -60.83 32.58
CA ALA A 350 -26.36 -60.07 31.85
C ALA A 350 -25.21 -60.97 31.37
N GLU A 351 -24.99 -62.11 32.03
CA GLU A 351 -23.96 -63.03 31.58
C GLU A 351 -24.33 -63.59 30.23
N LYS A 352 -25.55 -64.07 30.07
CA LYS A 352 -25.99 -64.70 28.83
C LYS A 352 -26.16 -63.67 27.72
N ILE A 353 -26.56 -62.47 28.08
CA ILE A 353 -26.82 -61.44 27.09
C ILE A 353 -25.55 -60.88 26.45
N ILE A 354 -24.49 -60.77 27.23
CA ILE A 354 -23.22 -60.29 26.72
C ILE A 354 -22.44 -61.36 25.97
N HIS A 355 -22.34 -62.54 26.55
CA HIS A 355 -21.55 -63.64 25.96
C HIS A 355 -22.23 -64.58 24.93
N THR A 356 -23.53 -64.83 25.03
CA THR A 356 -24.11 -65.80 24.13
C THR A 356 -24.92 -65.10 23.06
N GLN A 357 -25.38 -65.87 22.08
CA GLN A 357 -26.30 -65.41 21.07
C GLN A 357 -27.77 -65.76 21.37
N GLY A 358 -28.04 -66.28 22.56
CA GLY A 358 -29.40 -66.55 22.93
C GLY A 358 -29.82 -67.91 22.44
N TYR A 359 -31.11 -68.20 22.44
CA TYR A 359 -31.62 -69.50 22.00
C TYR A 359 -32.89 -69.30 21.12
N PRO A 360 -33.30 -70.33 20.36
CA PRO A 360 -34.41 -70.20 19.39
C PRO A 360 -35.69 -69.64 19.97
N MET A 361 -36.43 -68.93 19.12
CA MET A 361 -37.65 -68.25 19.52
C MET A 361 -38.80 -69.24 19.69
N CYS A 362 -38.55 -70.48 19.26
CA CYS A 362 -39.57 -71.54 19.31
C CYS A 362 -39.11 -72.77 20.08
N PRO A 363 -40.00 -73.35 20.89
CA PRO A 363 -39.67 -74.53 21.69
C PRO A 363 -39.53 -75.71 20.77
N ASP A 364 -40.23 -75.63 19.66
CA ASP A 364 -40.18 -76.67 18.66
C ASP A 364 -39.13 -76.38 17.63
N ASP A 365 -38.30 -75.37 17.83
CA ASP A 365 -37.12 -75.26 16.99
C ASP A 365 -36.13 -76.30 17.43
N GLU A 366 -35.70 -77.12 16.49
CA GLU A 366 -34.74 -78.18 16.75
C GLU A 366 -33.32 -77.78 16.38
N VAL A 367 -32.39 -77.82 17.33
CA VAL A 367 -31.02 -77.53 16.96
C VAL A 367 -30.09 -78.59 17.45
N TRP A 368 -29.34 -79.12 16.50
CA TRP A 368 -28.17 -79.92 16.83
C TRP A 368 -26.77 -79.42 16.36
N VAL A 369 -25.75 -80.20 16.61
CA VAL A 369 -24.42 -79.86 16.14
C VAL A 369 -23.77 -81.09 15.57
N ALA A 370 -23.01 -80.90 14.50
CA ALA A 370 -22.57 -82.05 13.76
C ALA A 370 -21.10 -82.01 13.51
N ASP A 371 -20.45 -83.14 13.73
CA ASP A 371 -19.07 -83.31 13.30
C ASP A 371 -19.13 -83.48 11.79
N ALA A 372 -18.01 -83.84 11.17
CA ALA A 372 -17.91 -83.84 9.72
C ALA A 372 -18.76 -84.92 9.03
N GLU A 373 -18.96 -86.05 9.71
CA GLU A 373 -19.83 -87.13 9.21
C GLU A 373 -21.31 -86.74 9.17
N GLY A 374 -21.69 -85.71 9.94
CA GLY A 374 -23.09 -85.39 10.15
C GLY A 374 -23.62 -86.03 11.42
N ASN A 375 -22.71 -86.57 12.21
CA ASN A 375 -23.07 -87.17 13.48
C ASN A 375 -23.12 -86.07 14.52
N PRO A 376 -24.01 -86.21 15.50
CA PRO A 376 -24.22 -85.19 16.52
C PRO A 376 -23.08 -85.11 17.55
N LEU A 377 -22.63 -83.90 17.86
CA LEU A 377 -21.62 -83.69 18.91
C LEU A 377 -22.25 -83.51 20.28
N PRO A 378 -21.50 -83.85 21.33
CA PRO A 378 -22.04 -83.73 22.68
C PRO A 378 -22.33 -82.28 23.05
N GLN A 379 -23.09 -82.11 24.13
CA GLN A 379 -23.80 -80.88 24.46
C GLN A 379 -22.89 -79.76 25.03
N GLY A 380 -21.57 -79.89 24.80
CA GLY A 380 -20.70 -78.71 24.75
C GLY A 380 -19.84 -78.35 23.54
N GLU A 381 -19.78 -79.24 22.57
CA GLU A 381 -18.74 -79.23 21.54
C GLU A 381 -19.00 -78.31 20.34
N VAL A 382 -17.95 -77.93 19.62
CA VAL A 382 -18.14 -77.06 18.46
C VAL A 382 -18.28 -77.81 17.13
N GLY A 383 -19.28 -77.45 16.34
CA GLY A 383 -19.55 -78.14 15.08
C GLY A 383 -20.56 -77.40 14.26
N ARG A 384 -21.00 -78.00 13.17
CA ARG A 384 -21.90 -77.35 12.22
C ARG A 384 -23.35 -77.30 12.73
N LEU A 385 -24.00 -76.14 12.59
CA LEU A 385 -25.37 -75.92 13.05
C LEU A 385 -26.42 -76.57 12.18
N MET A 386 -27.27 -77.41 12.75
CA MET A 386 -28.35 -78.04 12.00
C MET A 386 -29.70 -77.69 12.62
N THR A 387 -30.70 -77.36 11.81
CA THR A 387 -32.01 -77.01 12.34
C THR A 387 -33.19 -77.28 11.39
N ARG A 388 -34.32 -77.72 11.91
CA ARG A 388 -35.56 -77.67 11.15
C ARG A 388 -36.56 -77.04 12.09
N GLY A 389 -37.77 -76.77 11.64
CA GLY A 389 -38.70 -76.08 12.53
C GLY A 389 -39.90 -75.53 11.81
N PRO A 390 -40.81 -74.91 12.55
CA PRO A 390 -42.09 -74.37 12.05
C PRO A 390 -41.91 -73.17 11.13
N TYR A 391 -40.94 -72.33 11.35
CA TYR A 391 -40.68 -71.26 10.42
C TYR A 391 -39.41 -71.45 9.57
N THR A 392 -38.72 -72.58 9.66
CA THR A 392 -37.53 -72.75 8.81
C THR A 392 -37.90 -73.55 7.56
N PHE A 393 -37.58 -73.01 6.39
CA PHE A 393 -38.02 -73.59 5.12
C PHE A 393 -37.46 -74.96 4.75
N ARG A 394 -38.15 -75.65 3.85
CA ARG A 394 -37.72 -76.98 3.46
C ARG A 394 -36.88 -77.08 2.20
N GLY A 395 -36.69 -75.98 1.50
CA GLY A 395 -35.73 -75.94 0.43
C GLY A 395 -35.82 -74.71 -0.46
N TYR A 396 -34.75 -74.43 -1.19
CA TYR A 396 -34.69 -73.27 -2.07
C TYR A 396 -35.60 -73.38 -3.28
N TYR A 397 -35.91 -72.25 -3.89
CA TYR A 397 -36.86 -72.19 -5.00
C TYR A 397 -36.12 -72.60 -6.23
N LYS A 398 -36.67 -73.63 -6.89
CA LYS A 398 -36.14 -74.14 -8.15
C LYS A 398 -34.64 -74.25 -8.14
N SER A 399 -34.10 -74.84 -7.07
CA SER A 399 -32.65 -75.04 -7.01
C SER A 399 -32.33 -76.43 -6.46
N PRO A 400 -32.78 -77.49 -7.17
CA PRO A 400 -32.61 -78.87 -6.74
C PRO A 400 -31.13 -79.22 -6.53
N GLN A 401 -30.26 -78.70 -7.37
CA GLN A 401 -28.84 -79.00 -7.27
C GLN A 401 -28.31 -78.61 -5.89
N HIS A 402 -28.58 -77.37 -5.46
CA HIS A 402 -28.07 -76.87 -4.18
C HIS A 402 -28.84 -77.47 -3.03
N ASN A 403 -30.15 -77.63 -3.18
CA ASN A 403 -30.97 -78.24 -2.14
C ASN A 403 -30.42 -79.56 -1.64
N ALA A 404 -29.85 -80.33 -2.55
CA ALA A 404 -29.28 -81.63 -2.20
C ALA A 404 -28.16 -81.50 -1.17
N SER A 405 -27.32 -80.48 -1.30
CA SER A 405 -26.21 -80.23 -0.39
C SER A 405 -26.57 -79.41 0.87
N ALA A 406 -27.71 -78.74 0.88
CA ALA A 406 -28.03 -77.86 2.01
C ALA A 406 -28.93 -78.51 3.04
N PHE A 407 -29.42 -79.71 2.74
CA PHE A 407 -30.27 -80.45 3.68
C PHE A 407 -29.78 -81.89 3.82
N ASP A 408 -29.69 -82.39 5.04
CA ASP A 408 -29.42 -83.81 5.21
C ASP A 408 -30.70 -84.59 4.90
N ALA A 409 -30.62 -85.90 4.97
CA ALA A 409 -31.75 -86.73 4.54
C ALA A 409 -33.02 -86.55 5.40
N ASN A 410 -32.85 -85.94 6.57
CA ASN A 410 -33.96 -85.78 7.51
C ASN A 410 -34.69 -84.44 7.46
N GLY A 411 -34.21 -83.54 6.62
CA GLY A 411 -34.86 -82.26 6.43
C GLY A 411 -34.26 -81.14 7.26
N PHE A 412 -33.12 -81.44 7.88
CA PHE A 412 -32.45 -80.48 8.73
C PHE A 412 -31.64 -79.58 7.84
N TYR A 413 -31.85 -78.28 7.92
CA TYR A 413 -31.06 -77.35 7.14
C TYR A 413 -29.73 -77.13 7.81
N CYS A 414 -28.72 -76.80 7.03
CA CYS A 414 -27.44 -76.48 7.60
C CYS A 414 -27.03 -75.07 7.20
N SER A 415 -26.78 -74.23 8.18
CA SER A 415 -26.56 -72.82 7.93
C SER A 415 -25.12 -72.53 7.54
N GLY A 416 -24.25 -73.50 7.81
CA GLY A 416 -22.84 -73.33 7.52
C GLY A 416 -22.15 -72.56 8.61
N ASP A 417 -22.83 -72.46 9.74
CA ASP A 417 -22.26 -71.79 10.90
C ASP A 417 -21.65 -72.81 11.85
N LEU A 418 -20.55 -72.43 12.48
CA LEU A 418 -20.00 -73.25 13.55
C LEU A 418 -20.46 -72.66 14.84
N ILE A 419 -21.17 -73.46 15.62
CA ILE A 419 -21.67 -73.00 16.92
C ILE A 419 -21.27 -73.96 18.01
N SER A 420 -21.61 -73.60 19.26
CA SER A 420 -21.46 -74.49 20.41
C SER A 420 -22.63 -74.23 21.34
N ILE A 421 -23.07 -75.23 22.09
CA ILE A 421 -24.20 -74.98 23.00
C ILE A 421 -23.88 -75.02 24.51
N ASP A 422 -24.41 -74.05 25.25
CA ASP A 422 -24.32 -73.98 26.70
C ASP A 422 -24.92 -75.18 27.34
N PRO A 423 -24.48 -75.48 28.56
CA PRO A 423 -25.25 -76.36 29.44
C PRO A 423 -26.65 -75.77 29.67
N GLU A 424 -26.80 -74.46 29.54
CA GLU A 424 -28.11 -73.82 29.70
C GLU A 424 -28.90 -73.87 28.40
N GLY A 425 -28.25 -74.30 27.33
CA GLY A 425 -28.94 -74.42 26.06
C GLY A 425 -28.85 -73.19 25.16
N TYR A 426 -27.96 -72.27 25.51
CA TYR A 426 -27.77 -71.04 24.73
C TYR A 426 -26.73 -71.24 23.65
N ILE A 427 -26.94 -70.61 22.50
CA ILE A 427 -26.03 -70.81 21.37
C ILE A 427 -24.97 -69.74 21.24
N THR A 428 -23.74 -70.12 20.93
CA THR A 428 -22.67 -69.16 20.73
C THR A 428 -22.01 -69.39 19.36
N VAL A 429 -21.84 -68.34 18.57
CA VAL A 429 -21.34 -68.52 17.23
C VAL A 429 -19.83 -68.57 17.31
N GLN A 430 -19.29 -69.75 17.03
CA GLN A 430 -17.87 -70.06 17.21
C GLN A 430 -17.01 -69.70 16.00
N GLY A 431 -17.60 -69.87 14.80
CA GLY A 431 -16.90 -69.62 13.56
C GLY A 431 -17.73 -70.00 12.34
N ARG A 432 -17.06 -70.19 11.20
CA ARG A 432 -17.76 -70.42 9.93
C ARG A 432 -17.11 -71.42 8.98
N GLU A 433 -17.94 -72.06 8.14
CA GLU A 433 -17.53 -73.06 7.13
C GLU A 433 -17.83 -72.50 5.76
N LYS A 434 -19.08 -72.09 5.60
CA LYS A 434 -19.58 -71.56 4.34
C LYS A 434 -18.53 -70.62 3.77
N ASP A 435 -18.33 -70.65 2.45
CA ASP A 435 -17.38 -69.73 1.89
C ASP A 435 -18.25 -68.57 1.45
N GLN A 436 -18.34 -67.64 2.39
CA GLN A 436 -19.26 -66.51 2.40
C GLN A 436 -18.53 -65.48 3.25
N ILE A 437 -18.61 -64.23 2.85
CA ILE A 437 -17.95 -63.19 3.62
C ILE A 437 -19.03 -62.31 4.24
N ASN A 438 -18.85 -61.94 5.49
CA ASN A 438 -19.88 -61.22 6.19
C ASN A 438 -19.36 -59.83 6.48
N ARG A 439 -19.85 -58.89 5.70
CA ARG A 439 -19.25 -57.58 5.68
C ARG A 439 -20.22 -56.54 6.20
N GLY A 440 -19.97 -56.04 7.39
CA GLY A 440 -20.91 -55.20 8.10
C GLY A 440 -22.26 -55.88 8.22
N GLY A 441 -22.25 -57.21 8.15
CA GLY A 441 -23.48 -57.99 8.18
C GLY A 441 -24.22 -58.07 6.86
N GLU A 442 -23.57 -57.70 5.77
CA GLU A 442 -24.11 -58.02 4.45
C GLU A 442 -23.38 -59.27 3.92
N LYS A 443 -24.11 -60.33 3.61
CA LYS A 443 -23.41 -61.52 3.14
C LYS A 443 -22.90 -61.33 1.69
N ILE A 444 -21.74 -61.90 1.38
CA ILE A 444 -21.14 -61.83 0.03
C ILE A 444 -20.68 -63.21 -0.38
N ALA A 445 -21.23 -63.75 -1.48
CA ALA A 445 -20.90 -65.11 -1.89
C ALA A 445 -19.55 -65.12 -2.55
N ALA A 446 -18.63 -65.94 -2.04
CA ALA A 446 -17.27 -65.88 -2.55
C ALA A 446 -17.20 -66.29 -4.01
N GLU A 447 -17.90 -67.38 -4.33
CA GLU A 447 -17.90 -67.90 -5.68
C GLU A 447 -18.53 -66.93 -6.69
N GLU A 448 -19.56 -66.21 -6.27
CA GLU A 448 -20.23 -65.25 -7.15
C GLU A 448 -19.24 -64.21 -7.65
N ILE A 449 -18.36 -63.78 -6.76
CA ILE A 449 -17.38 -62.77 -7.09
C ILE A 449 -16.15 -63.33 -7.82
N GLU A 450 -15.70 -64.50 -7.41
CA GLU A 450 -14.64 -65.17 -8.14
C GLU A 450 -15.02 -65.30 -9.62
N ASN A 451 -16.23 -65.76 -9.90
CA ASN A 451 -16.69 -65.96 -11.28
C ASN A 451 -16.73 -64.68 -12.11
N LEU A 452 -16.86 -63.55 -11.44
CA LEU A 452 -16.78 -62.26 -12.09
C LEU A 452 -15.33 -61.89 -12.37
N LEU A 453 -14.47 -62.14 -11.38
CA LEU A 453 -13.04 -61.89 -11.54
C LEU A 453 -12.44 -62.69 -12.71
N LEU A 454 -12.93 -63.91 -12.91
CA LEU A 454 -12.45 -64.75 -14.00
C LEU A 454 -12.94 -64.26 -15.34
N ARG A 455 -13.84 -63.28 -15.32
CA ARG A 455 -14.34 -62.68 -16.56
C ARG A 455 -13.28 -61.70 -17.10
N HIS A 456 -12.33 -61.35 -16.24
CA HIS A 456 -11.24 -60.47 -16.62
C HIS A 456 -10.15 -61.23 -17.37
N PRO A 457 -9.61 -60.63 -18.44
CA PRO A 457 -8.63 -61.26 -19.34
C PRO A 457 -7.32 -61.67 -18.66
N ALA A 458 -6.85 -60.87 -17.70
CA ALA A 458 -5.57 -61.12 -17.04
C ALA A 458 -5.65 -62.01 -15.80
N VAL A 459 -6.86 -62.44 -15.46
CA VAL A 459 -7.03 -63.23 -14.27
C VAL A 459 -7.10 -64.70 -14.65
N ILE A 460 -6.19 -65.48 -14.10
CA ILE A 460 -6.14 -66.93 -14.31
C ILE A 460 -6.89 -67.69 -13.22
N TYR A 461 -6.45 -67.52 -11.96
CA TYR A 461 -7.12 -68.13 -10.82
C TYR A 461 -7.55 -67.05 -9.84
N ALA A 462 -8.72 -67.23 -9.23
CA ALA A 462 -9.25 -66.24 -8.30
C ALA A 462 -9.77 -66.87 -7.01
N ALA A 463 -9.52 -66.18 -5.90
CA ALA A 463 -10.05 -66.62 -4.62
C ALA A 463 -10.48 -65.44 -3.77
N LEU A 464 -11.67 -65.50 -3.19
CA LEU A 464 -12.11 -64.45 -2.27
C LEU A 464 -12.21 -65.03 -0.88
N VAL A 465 -11.52 -64.39 0.05
CA VAL A 465 -11.57 -64.78 1.46
C VAL A 465 -11.92 -63.62 2.38
N SER A 466 -12.38 -63.90 3.59
CA SER A 466 -12.61 -62.78 4.47
C SER A 466 -11.29 -62.34 5.11
N MET A 467 -11.32 -61.21 5.81
CA MET A 467 -10.18 -60.74 6.59
C MET A 467 -10.67 -59.83 7.68
N GLU A 468 -9.93 -59.78 8.77
CA GLU A 468 -10.32 -59.01 9.96
C GLU A 468 -10.33 -57.52 9.68
N ASP A 469 -11.33 -56.82 10.21
CA ASP A 469 -11.32 -55.35 10.25
C ASP A 469 -11.95 -54.90 11.58
N GLU A 470 -11.29 -53.98 12.29
CA GLU A 470 -11.78 -53.56 13.61
C GLU A 470 -13.20 -53.01 13.50
N LEU A 471 -13.44 -52.26 12.43
CA LEU A 471 -14.72 -51.57 12.26
C LEU A 471 -15.80 -52.37 11.51
N MET A 472 -15.57 -52.71 10.26
CA MET A 472 -16.52 -53.53 9.49
C MET A 472 -16.72 -54.94 10.05
N GLY A 473 -15.70 -55.42 10.75
CA GLY A 473 -15.68 -56.70 11.42
C GLY A 473 -15.15 -57.76 10.52
N GLU A 474 -15.39 -57.59 9.22
CA GLU A 474 -14.80 -58.46 8.19
C GLU A 474 -14.71 -57.64 6.95
N LYS A 475 -13.69 -57.82 6.12
CA LYS A 475 -13.67 -57.22 4.78
C LYS A 475 -13.29 -58.26 3.76
N SER A 476 -13.62 -58.02 2.49
CA SER A 476 -13.27 -58.97 1.42
C SER A 476 -11.84 -58.71 0.93
N CYS A 477 -11.10 -59.78 0.75
CA CYS A 477 -9.78 -59.68 0.15
C CYS A 477 -9.68 -60.68 -1.01
N ALA A 478 -9.29 -60.20 -2.19
CA ALA A 478 -9.22 -61.09 -3.35
C ALA A 478 -7.78 -61.42 -3.72
N TYR A 479 -7.47 -62.70 -3.75
CA TYR A 479 -6.14 -63.16 -4.17
C TYR A 479 -6.22 -63.61 -5.63
N LEU A 480 -5.39 -63.00 -6.47
CA LEU A 480 -5.38 -63.34 -7.88
C LEU A 480 -4.05 -63.89 -8.38
N VAL A 481 -4.11 -64.78 -9.37
CA VAL A 481 -2.93 -65.16 -10.14
C VAL A 481 -3.09 -64.57 -11.56
N VAL A 482 -2.08 -63.82 -11.98
CA VAL A 482 -2.25 -62.91 -13.11
C VAL A 482 -1.25 -63.08 -14.27
N LYS A 483 -1.74 -62.96 -15.51
CA LYS A 483 -0.89 -62.75 -16.71
C LYS A 483 -0.07 -61.45 -16.63
N GLU A 484 -0.76 -60.31 -16.77
CA GLU A 484 -0.14 -58.99 -16.64
C GLU A 484 -0.60 -58.29 -15.37
N PRO A 485 0.36 -57.83 -14.52
CA PRO A 485 0.05 -57.37 -13.16
C PRO A 485 -1.09 -56.36 -13.06
N LEU A 486 -2.02 -56.59 -12.13
CA LEU A 486 -3.22 -55.76 -11.94
C LEU A 486 -3.18 -55.00 -10.59
N ARG A 487 -3.74 -53.79 -10.58
CA ARG A 487 -3.75 -52.95 -9.38
C ARG A 487 -5.17 -52.92 -8.77
N ALA A 488 -5.28 -52.86 -7.45
CA ALA A 488 -6.59 -53.02 -6.80
C ALA A 488 -7.68 -52.14 -7.44
N VAL A 489 -7.31 -50.89 -7.69
CA VAL A 489 -8.22 -49.94 -8.30
C VAL A 489 -8.85 -50.48 -9.58
N GLN A 490 -8.02 -51.11 -10.41
CA GLN A 490 -8.49 -51.60 -11.70
C GLN A 490 -9.46 -52.73 -11.50
N VAL A 491 -9.23 -53.53 -10.46
CA VAL A 491 -10.11 -54.66 -10.16
C VAL A 491 -11.44 -54.16 -9.70
N ARG A 492 -11.41 -53.30 -8.68
CA ARG A 492 -12.65 -52.73 -8.14
C ARG A 492 -13.43 -52.03 -9.25
N ARG A 493 -12.73 -51.28 -10.08
CA ARG A 493 -13.38 -50.63 -11.22
C ARG A 493 -13.93 -51.64 -12.23
N PHE A 494 -13.18 -52.71 -12.46
CA PHE A 494 -13.59 -53.70 -13.46
C PHE A 494 -14.86 -54.35 -13.00
N LEU A 495 -14.88 -54.70 -11.71
CA LEU A 495 -16.01 -55.37 -11.10
C LEU A 495 -17.19 -54.44 -11.05
N ARG A 496 -16.94 -53.17 -10.72
CA ARG A 496 -18.04 -52.19 -10.70
C ARG A 496 -18.79 -52.15 -12.04
N GLU A 497 -18.04 -52.04 -13.13
CA GLU A 497 -18.60 -52.09 -14.48
C GLU A 497 -19.43 -53.37 -14.75
N GLN A 498 -19.25 -54.42 -13.94
CA GLN A 498 -20.00 -55.66 -14.11
C GLN A 498 -21.42 -55.54 -13.59
N GLY A 499 -21.71 -54.39 -12.97
CA GLY A 499 -23.02 -54.10 -12.42
C GLY A 499 -23.36 -54.91 -11.18
N ILE A 500 -22.52 -54.79 -10.15
CA ILE A 500 -22.83 -55.44 -8.87
C ILE A 500 -22.88 -54.45 -7.72
N ALA A 501 -23.53 -54.87 -6.64
CA ALA A 501 -23.67 -54.04 -5.47
C ALA A 501 -22.31 -53.55 -4.98
N GLU A 502 -22.25 -52.27 -4.61
CA GLU A 502 -20.98 -51.62 -4.30
C GLU A 502 -20.14 -52.30 -3.18
N PHE A 503 -20.79 -52.99 -2.24
CA PHE A 503 -20.05 -53.56 -1.10
C PHE A 503 -19.43 -54.91 -1.47
N LYS A 504 -19.73 -55.37 -2.67
CA LYS A 504 -19.09 -56.57 -3.17
C LYS A 504 -17.68 -56.30 -3.71
N LEU A 505 -17.41 -55.06 -4.11
CA LEU A 505 -16.08 -54.64 -4.54
C LEU A 505 -15.09 -54.88 -3.42
N PRO A 506 -14.04 -55.66 -3.70
CA PRO A 506 -13.08 -56.15 -2.70
C PRO A 506 -12.32 -55.02 -2.04
N ASP A 507 -12.09 -55.11 -0.72
CA ASP A 507 -11.44 -54.00 -0.03
C ASP A 507 -9.94 -54.07 -0.17
N ARG A 508 -9.44 -55.26 -0.51
CA ARG A 508 -8.02 -55.42 -0.72
C ARG A 508 -7.81 -56.41 -1.86
N VAL A 509 -6.81 -56.15 -2.71
CA VAL A 509 -6.45 -57.11 -3.73
C VAL A 509 -4.98 -57.45 -3.66
N GLU A 510 -4.65 -58.75 -3.68
CA GLU A 510 -3.27 -59.19 -3.63
C GLU A 510 -2.99 -60.09 -4.80
N CYS A 511 -2.08 -59.69 -5.68
CA CYS A 511 -1.61 -60.57 -6.73
C CYS A 511 -0.49 -61.46 -6.20
N VAL A 512 -0.59 -62.75 -6.50
CA VAL A 512 0.35 -63.75 -5.97
C VAL A 512 0.88 -64.66 -7.10
N ASP A 513 2.00 -65.36 -6.85
CA ASP A 513 2.59 -66.20 -7.89
C ASP A 513 1.82 -67.50 -8.17
N SER A 514 1.10 -68.00 -7.16
CA SER A 514 0.35 -69.26 -7.26
C SER A 514 -0.81 -69.35 -6.25
N LEU A 515 -1.76 -70.25 -6.53
CA LEU A 515 -2.86 -70.58 -5.60
C LEU A 515 -3.14 -72.07 -5.64
N PRO A 516 -3.50 -72.65 -4.49
CA PRO A 516 -3.79 -74.08 -4.38
C PRO A 516 -4.97 -74.45 -5.26
N LEU A 517 -4.82 -75.43 -6.14
CA LEU A 517 -5.94 -75.86 -6.98
C LEU A 517 -6.31 -77.29 -6.68
N THR A 518 -7.59 -77.55 -6.50
CA THR A 518 -8.03 -78.88 -6.12
C THR A 518 -8.28 -79.74 -7.35
N ALA A 519 -8.52 -81.03 -7.15
CA ALA A 519 -8.57 -81.88 -8.34
C ALA A 519 -9.63 -81.32 -9.28
N VAL A 520 -10.53 -80.53 -8.72
CA VAL A 520 -11.64 -80.02 -9.51
C VAL A 520 -11.36 -78.71 -10.31
N GLY A 521 -10.30 -78.00 -9.97
CA GLY A 521 -9.95 -76.81 -10.71
C GLY A 521 -10.06 -75.44 -10.06
N LYS A 522 -10.60 -75.37 -8.85
CA LYS A 522 -10.69 -74.07 -8.19
C LYS A 522 -9.91 -74.04 -6.87
N VAL A 523 -9.62 -72.83 -6.43
CA VAL A 523 -8.76 -72.67 -5.28
C VAL A 523 -9.25 -73.45 -4.08
N ASP A 524 -8.37 -74.27 -3.50
CA ASP A 524 -8.71 -74.84 -2.23
C ASP A 524 -8.53 -73.68 -1.27
N LYS A 525 -9.62 -73.14 -0.76
CA LYS A 525 -9.50 -71.92 0.02
C LYS A 525 -9.04 -72.35 1.37
N LYS A 526 -9.05 -73.66 1.58
CA LYS A 526 -8.71 -74.22 2.88
C LYS A 526 -7.21 -74.12 3.17
N GLN A 527 -6.37 -74.41 2.16
CA GLN A 527 -4.92 -74.22 2.28
C GLN A 527 -4.67 -72.72 2.23
N LEU A 528 -5.28 -72.09 1.23
CA LEU A 528 -5.11 -70.66 1.12
C LEU A 528 -5.33 -70.08 2.51
N ARG A 529 -6.31 -70.59 3.22
CA ARG A 529 -6.68 -70.04 4.52
C ARG A 529 -5.61 -70.26 5.59
N GLN A 530 -4.91 -71.40 5.52
CA GLN A 530 -3.78 -71.71 6.42
C GLN A 530 -2.43 -71.07 6.02
N TRP A 531 -2.07 -71.08 4.73
CA TRP A 531 -0.81 -70.45 4.31
C TRP A 531 -0.78 -69.01 4.82
N LEU A 532 -1.96 -68.45 4.90
CA LEU A 532 -2.17 -67.10 5.38
C LEU A 532 -2.16 -67.04 6.88
N ALA A 533 -2.76 -68.06 7.48
CA ALA A 533 -2.88 -68.17 8.92
C ALA A 533 -1.51 -67.98 9.57
N SER A 534 -0.53 -68.74 9.08
CA SER A 534 0.85 -68.71 9.57
C SER A 534 1.68 -67.48 9.16
N ARG A 535 1.72 -67.16 7.86
CA ARG A 535 2.55 -66.06 7.40
C ARG A 535 2.29 -64.92 8.35
N ALA A 536 1.02 -64.79 8.73
CA ALA A 536 0.55 -63.65 9.48
C ALA A 536 0.82 -63.73 10.98
N SER A 537 0.80 -64.93 11.53
CA SER A 537 1.02 -65.11 12.96
C SER A 537 2.50 -65.36 13.28
N ALA A 538 3.31 -65.40 12.23
CA ALA A 538 4.76 -65.35 12.37
C ALA A 538 5.23 -63.88 12.53
N GLY A 539 4.50 -62.95 11.92
CA GLY A 539 4.86 -61.54 11.97
C GLY A 539 4.28 -60.75 13.13
N ARG A 540 3.41 -61.37 13.93
CA ARG A 540 2.82 -60.69 15.08
C ARG A 540 3.79 -60.60 16.26
N ALA A 541 4.56 -61.67 16.45
CA ALA A 541 5.63 -61.71 17.44
C ALA A 541 6.94 -61.32 16.78
N SER A 542 6.85 -60.98 15.50
CA SER A 542 8.00 -60.56 14.73
C SER A 542 8.67 -59.34 15.36
N ILE A 543 9.98 -59.28 15.25
CA ILE A 543 10.76 -58.18 15.80
C ILE A 543 11.63 -57.60 14.69
N PRO A 544 12.23 -56.42 14.93
CA PRO A 544 12.83 -55.75 13.77
C PRO A 544 13.73 -56.71 12.99
N ALA A 545 13.47 -56.75 11.67
CA ALA A 545 14.15 -57.62 10.74
C ALA A 545 15.62 -57.24 10.58
N SER A 546 15.83 -55.99 10.21
CA SER A 546 17.17 -55.46 10.02
C SER A 546 17.28 -54.08 10.60
N LYS A 547 18.48 -53.53 10.49
CA LYS A 547 18.81 -52.34 11.22
C LYS A 547 18.01 -51.13 10.76
N ALA A 548 17.69 -51.08 9.48
CA ALA A 548 16.87 -50.01 8.92
C ALA A 548 15.40 -50.18 9.32
N ALA A 549 15.00 -51.41 9.63
CA ALA A 549 13.64 -51.69 10.09
C ALA A 549 13.50 -51.30 11.56
N LEU A 550 14.63 -51.32 12.27
CA LEU A 550 14.68 -50.90 13.66
C LEU A 550 14.67 -49.38 13.78
N ARG A 551 15.36 -48.70 12.86
CA ARG A 551 15.27 -47.24 12.77
C ARG A 551 13.83 -46.82 12.59
N GLU A 552 13.10 -47.55 11.76
CA GLU A 552 11.71 -47.23 11.43
C GLU A 552 10.84 -47.30 12.67
N VAL A 553 11.19 -48.17 13.59
CA VAL A 553 10.43 -48.34 14.82
C VAL A 553 10.74 -47.29 15.91
N ILE A 554 12.00 -46.86 15.96
CA ILE A 554 12.50 -45.88 16.92
C ILE A 554 12.11 -44.42 16.59
N LEU A 555 12.25 -44.02 15.33
CA LEU A 555 12.02 -42.62 14.96
C LEU A 555 10.76 -41.96 15.51
N PRO A 556 9.61 -42.65 15.46
CA PRO A 556 8.36 -42.09 15.99
C PRO A 556 8.43 -41.84 17.49
N LEU A 557 9.42 -42.39 18.17
CA LEU A 557 9.55 -42.22 19.61
C LEU A 557 10.39 -41.04 20.02
N LEU A 558 11.06 -40.44 19.04
CA LEU A 558 11.94 -39.32 19.30
C LEU A 558 11.32 -37.99 18.87
N ASP A 559 12.06 -36.91 19.06
CA ASP A 559 11.65 -35.63 18.56
C ASP A 559 11.57 -35.77 17.04
N GLU A 560 10.44 -35.37 16.47
CA GLU A 560 10.26 -35.28 15.03
C GLU A 560 11.33 -34.38 14.41
N SER A 561 11.85 -33.46 15.23
CA SER A 561 12.76 -32.42 14.77
C SER A 561 14.06 -32.88 14.08
N ASP A 562 14.68 -33.95 14.57
CA ASP A 562 16.02 -34.35 14.09
C ASP A 562 16.08 -35.85 13.81
N GLU A 563 17.13 -36.29 13.11
CA GLU A 563 17.34 -37.73 12.97
C GLU A 563 18.74 -38.04 13.49
N PRO A 564 18.86 -39.12 14.25
CA PRO A 564 20.12 -39.55 14.87
C PRO A 564 21.01 -40.40 13.97
N PHE A 565 22.32 -40.31 14.18
CA PHE A 565 23.23 -41.21 13.52
C PHE A 565 23.17 -42.48 14.32
N ASP A 566 23.46 -43.60 13.67
CA ASP A 566 23.27 -44.90 14.30
C ASP A 566 23.95 -45.00 15.66
N ASP A 567 25.03 -44.26 15.86
CA ASP A 567 25.78 -44.33 17.12
C ASP A 567 25.47 -43.23 18.15
N ASP A 568 24.54 -42.33 17.82
CA ASP A 568 24.13 -41.25 18.72
C ASP A 568 23.38 -41.80 19.92
N ASN A 569 23.46 -41.11 21.06
CA ASN A 569 22.62 -41.47 22.21
C ASN A 569 21.16 -41.01 22.02
N LEU A 570 20.24 -41.96 21.97
CA LEU A 570 18.85 -41.66 21.63
C LEU A 570 18.08 -40.81 22.66
N ILE A 571 18.61 -40.69 23.87
CA ILE A 571 17.96 -39.86 24.87
C ILE A 571 18.12 -38.39 24.47
N ASP A 572 19.23 -38.08 23.81
CA ASP A 572 19.51 -36.72 23.35
C ASP A 572 18.51 -36.35 22.27
N TYR A 573 17.87 -37.38 21.72
CA TYR A 573 16.85 -37.19 20.70
C TYR A 573 15.43 -37.26 21.22
N GLY A 574 15.29 -37.35 22.54
CA GLY A 574 13.98 -37.23 23.14
C GLY A 574 13.23 -38.50 23.47
N LEU A 575 13.92 -39.64 23.41
CA LEU A 575 13.33 -40.92 23.74
C LEU A 575 13.29 -41.06 25.25
N ASP A 576 12.08 -41.24 25.80
CA ASP A 576 11.88 -41.24 27.25
C ASP A 576 11.92 -42.65 27.85
N SER A 577 12.41 -42.76 29.09
CA SER A 577 12.64 -44.07 29.72
C SER A 577 11.47 -45.02 29.70
N VAL A 578 10.23 -44.52 29.71
CA VAL A 578 9.07 -45.42 29.71
C VAL A 578 8.92 -46.16 28.39
N ARG A 579 8.89 -45.41 27.27
CA ARG A 579 8.83 -46.04 25.95
C ARG A 579 9.96 -47.03 25.78
N MET A 580 11.09 -46.76 26.41
CA MET A 580 12.23 -47.65 26.31
C MET A 580 11.94 -48.96 27.03
N MET A 581 11.43 -48.88 28.24
CA MET A 581 11.05 -50.06 28.99
C MET A 581 10.14 -50.97 28.16
N ALA A 582 9.17 -50.36 27.49
CA ALA A 582 8.23 -51.08 26.65
C ALA A 582 8.94 -51.78 25.50
N LEU A 583 9.83 -51.06 24.81
CA LEU A 583 10.61 -51.66 23.73
C LEU A 583 11.37 -52.87 24.27
N ALA A 584 11.97 -52.74 25.45
CA ALA A 584 12.68 -53.87 26.06
C ALA A 584 11.74 -55.07 26.26
N ALA A 585 10.54 -54.80 26.80
CA ALA A 585 9.55 -55.85 27.00
C ALA A 585 9.20 -56.60 25.70
N ARG A 586 8.91 -55.85 24.64
CA ARG A 586 8.57 -56.44 23.34
C ARG A 586 9.72 -57.27 22.76
N TRP A 587 10.96 -56.85 23.01
CA TRP A 587 12.13 -57.58 22.50
C TRP A 587 12.55 -58.76 23.37
N ARG A 588 12.13 -58.77 24.63
CA ARG A 588 12.52 -59.84 25.56
C ARG A 588 11.86 -61.16 25.14
N LYS A 589 10.69 -61.02 24.53
CA LYS A 589 9.90 -62.16 24.06
C LYS A 589 10.65 -62.92 22.93
N VAL A 590 11.79 -62.37 22.48
CA VAL A 590 12.64 -63.05 21.50
C VAL A 590 14.02 -63.35 22.06
N HIS A 591 14.77 -62.32 22.46
CA HIS A 591 15.96 -62.55 23.25
C HIS A 591 15.64 -62.25 24.70
N GLY A 592 15.55 -63.29 25.50
CA GLY A 592 15.03 -63.15 26.85
C GLY A 592 16.01 -62.64 27.88
N ASP A 593 17.19 -62.23 27.45
CA ASP A 593 18.16 -61.63 28.36
C ASP A 593 18.04 -60.11 28.39
N ILE A 594 17.24 -59.59 27.47
CA ILE A 594 17.03 -58.14 27.35
C ILE A 594 16.04 -57.64 28.37
N ASP A 595 16.47 -56.67 29.17
CA ASP A 595 15.59 -55.99 30.11
C ASP A 595 15.69 -54.48 29.88
N PHE A 596 15.04 -53.69 30.72
CA PHE A 596 15.17 -52.25 30.60
C PHE A 596 16.62 -51.80 30.79
N VAL A 597 17.23 -52.25 31.88
CA VAL A 597 18.58 -51.83 32.25
C VAL A 597 19.58 -51.99 31.14
N MET A 598 19.46 -53.08 30.40
CA MET A 598 20.46 -53.40 29.39
C MET A 598 20.34 -52.40 28.25
N LEU A 599 19.10 -52.13 27.85
CA LEU A 599 18.86 -51.19 26.77
C LEU A 599 19.45 -49.83 27.10
N ALA A 600 19.23 -49.39 28.33
CA ALA A 600 19.59 -48.04 28.74
C ALA A 600 21.07 -47.88 29.09
N LYS A 601 21.77 -48.98 29.37
CA LYS A 601 23.20 -48.90 29.64
C LYS A 601 23.93 -48.25 28.45
N ASN A 602 23.56 -48.65 27.23
CA ASN A 602 24.05 -48.02 26.00
C ASN A 602 22.96 -47.91 24.93
N PRO A 603 22.20 -46.80 24.96
CA PRO A 603 21.01 -46.58 24.13
C PRO A 603 21.30 -45.99 22.74
N THR A 604 21.95 -46.75 21.87
CA THR A 604 22.20 -46.29 20.51
C THR A 604 21.54 -47.30 19.59
N ILE A 605 21.27 -46.92 18.34
CA ILE A 605 20.68 -47.88 17.40
C ILE A 605 21.64 -49.01 17.07
N ASP A 606 22.92 -48.67 17.00
CA ASP A 606 23.99 -49.65 16.79
C ASP A 606 23.95 -50.70 17.88
N ALA A 607 23.99 -50.24 19.12
CA ALA A 607 24.00 -51.12 20.29
C ALA A 607 22.81 -52.08 20.30
N TRP A 608 21.65 -51.55 19.94
CA TRP A 608 20.43 -52.32 20.00
C TRP A 608 20.33 -53.27 18.81
N TRP A 609 21.04 -52.95 17.74
CA TRP A 609 21.06 -53.84 16.60
C TRP A 609 21.96 -55.03 16.87
N LYS A 610 23.13 -54.76 17.44
CA LYS A 610 24.01 -55.85 17.87
C LYS A 610 23.27 -56.85 18.79
N LEU A 611 22.30 -56.35 19.56
CA LEU A 611 21.53 -57.18 20.48
C LEU A 611 20.43 -57.98 19.82
N LEU A 612 19.87 -57.48 18.73
CA LEU A 612 18.81 -58.20 18.05
C LEU A 612 19.29 -59.09 16.90
N SER A 613 20.58 -59.05 16.56
CA SER A 613 21.08 -59.92 15.47
C SER A 613 21.57 -61.25 16.01
N ARG A 614 21.48 -61.39 17.34
CA ARG A 614 21.87 -62.60 18.10
C ARG A 614 20.77 -63.68 18.13
N SER B 4 20.07 -27.14 67.82
CA SER B 4 21.34 -27.29 67.09
C SER B 4 21.17 -27.03 65.58
N ILE B 5 20.84 -28.04 64.77
CA ILE B 5 20.59 -27.72 63.36
C ILE B 5 19.38 -26.81 63.23
N PRO B 6 19.53 -25.77 62.43
CA PRO B 6 18.68 -24.59 62.21
C PRO B 6 17.46 -24.79 61.34
N PHE B 7 16.35 -25.21 61.93
CA PHE B 7 15.08 -25.25 61.19
C PHE B 7 14.02 -24.36 61.82
N THR B 8 13.00 -24.04 61.04
CA THR B 8 11.90 -23.25 61.55
C THR B 8 11.03 -24.12 62.41
N ARG B 9 10.83 -23.69 63.65
CA ARG B 9 10.08 -24.49 64.59
C ARG B 9 8.60 -24.19 64.49
N TRP B 10 7.80 -24.94 65.24
CA TRP B 10 6.37 -24.72 65.28
C TRP B 10 6.10 -23.75 66.42
N PRO B 11 5.11 -22.88 66.23
CA PRO B 11 4.63 -22.01 67.31
C PRO B 11 4.38 -22.82 68.58
N GLU B 12 4.80 -22.28 69.72
CA GLU B 12 4.69 -23.00 70.99
C GLU B 12 3.30 -23.61 71.15
N GLU B 13 2.27 -22.85 70.77
CA GLU B 13 0.89 -23.29 70.97
C GLU B 13 0.55 -24.56 70.18
N PHE B 14 1.17 -24.73 69.02
CA PHE B 14 0.92 -25.89 68.18
C PHE B 14 1.67 -27.11 68.70
N ALA B 15 2.91 -26.91 69.12
CA ALA B 15 3.70 -28.00 69.72
C ALA B 15 3.01 -28.60 70.95
N ARG B 16 2.18 -27.82 71.62
CA ARG B 16 1.42 -28.31 72.75
C ARG B 16 0.20 -29.11 72.30
N ARG B 17 -0.58 -28.57 71.38
CA ARG B 17 -1.78 -29.25 70.88
C ARG B 17 -1.40 -30.54 70.15
N TYR B 18 -0.22 -30.55 69.50
CA TYR B 18 0.23 -31.72 68.78
C TYR B 18 0.75 -32.86 69.68
N ARG B 19 1.30 -32.52 70.83
CA ARG B 19 1.63 -33.53 71.82
C ARG B 19 0.39 -33.96 72.61
N GLU B 20 -0.43 -32.99 73.00
CA GLU B 20 -1.62 -33.31 73.76
C GLU B 20 -2.59 -34.12 72.93
N LYS B 21 -2.60 -33.92 71.63
CA LYS B 21 -3.51 -34.65 70.74
C LYS B 21 -2.93 -36.00 70.31
N GLY B 22 -1.72 -36.28 70.76
CA GLY B 22 -1.12 -37.58 70.57
C GLY B 22 -0.29 -37.76 69.32
N TYR B 23 -0.29 -36.73 68.49
CA TYR B 23 0.42 -36.76 67.21
C TYR B 23 1.95 -36.90 67.38
N TRP B 24 2.56 -36.07 68.22
CA TRP B 24 3.98 -36.21 68.43
C TRP B 24 4.31 -37.06 69.65
N GLN B 25 4.85 -38.25 69.45
CA GLN B 25 5.08 -39.13 70.59
C GLN B 25 6.44 -38.98 71.20
N ASP B 26 7.18 -37.98 70.74
CA ASP B 26 8.55 -37.71 71.21
C ASP B 26 9.45 -38.95 71.20
N LEU B 27 9.33 -39.78 70.18
CA LEU B 27 10.18 -40.96 70.04
C LEU B 27 11.03 -40.74 68.83
N PRO B 28 12.22 -41.33 68.82
CA PRO B 28 13.16 -41.27 67.68
C PRO B 28 12.62 -42.07 66.50
N LEU B 29 13.01 -41.72 65.29
CA LEU B 29 12.59 -42.50 64.15
C LEU B 29 13.22 -43.87 64.21
N THR B 30 14.30 -44.00 64.98
CA THR B 30 14.97 -45.29 65.07
C THR B 30 14.02 -46.30 65.68
N ASP B 31 13.13 -45.82 66.54
CA ASP B 31 12.18 -46.68 67.22
C ASP B 31 11.46 -47.59 66.23
N ILE B 32 11.33 -47.15 64.98
CA ILE B 32 10.69 -47.97 63.95
C ILE B 32 11.40 -49.29 63.73
N LEU B 33 12.73 -49.23 63.60
CA LEU B 33 13.54 -50.42 63.39
C LEU B 33 13.85 -51.14 64.71
N THR B 34 13.91 -50.37 65.80
CA THR B 34 14.22 -50.85 67.14
C THR B 34 13.19 -51.85 67.69
N ARG B 35 11.90 -51.56 67.47
CA ARG B 35 10.81 -52.43 67.90
C ARG B 35 11.04 -53.86 67.47
N HIS B 36 11.57 -54.01 66.26
CA HIS B 36 11.74 -55.32 65.64
C HIS B 36 13.14 -55.91 65.81
N ALA B 37 13.96 -55.27 66.64
CA ALA B 37 15.38 -55.62 66.77
C ALA B 37 15.60 -57.08 67.06
N ALA B 38 14.62 -57.69 67.74
CA ALA B 38 14.69 -59.10 68.08
C ALA B 38 13.97 -60.05 67.10
N SER B 39 13.30 -59.51 66.08
CA SER B 39 12.54 -60.34 65.13
C SER B 39 13.39 -60.96 64.03
N ASP B 40 13.12 -62.21 63.71
CA ASP B 40 13.86 -62.89 62.66
C ASP B 40 13.14 -62.94 61.33
N SER B 41 11.97 -62.28 61.27
CA SER B 41 11.24 -62.21 60.01
C SER B 41 11.89 -61.26 59.02
N ILE B 42 11.54 -61.42 57.74
CA ILE B 42 12.24 -60.70 56.67
C ILE B 42 11.78 -59.25 56.49
N ALA B 43 12.71 -58.31 56.71
CA ALA B 43 12.44 -56.88 56.46
C ALA B 43 12.65 -56.44 55.01
N VAL B 44 13.72 -56.93 54.39
CA VAL B 44 14.07 -56.44 53.08
C VAL B 44 14.49 -57.57 52.15
N ILE B 45 13.90 -57.62 50.96
CA ILE B 45 14.41 -58.51 49.94
C ILE B 45 14.97 -57.68 48.80
N ASP B 46 16.29 -57.73 48.65
CA ASP B 46 16.95 -57.03 47.56
C ASP B 46 17.60 -58.07 46.65
N GLY B 47 17.00 -58.29 45.48
CA GLY B 47 17.48 -59.34 44.58
C GLY B 47 17.41 -60.69 45.26
N GLU B 48 18.54 -61.40 45.31
CA GLU B 48 18.61 -62.71 45.96
C GLU B 48 18.75 -62.64 47.49
N ARG B 49 19.20 -61.50 48.00
CA ARG B 49 19.46 -61.32 49.43
C ARG B 49 18.19 -61.04 50.22
N GLN B 50 18.09 -61.63 51.41
CA GLN B 50 16.99 -61.32 52.34
C GLN B 50 17.51 -60.98 53.73
N LEU B 51 17.06 -59.86 54.29
CA LEU B 51 17.53 -59.45 55.61
C LEU B 51 16.42 -59.47 56.65
N SER B 52 16.69 -60.07 57.81
CA SER B 52 15.76 -60.07 58.92
C SER B 52 15.78 -58.69 59.56
N TYR B 53 14.73 -58.36 60.31
CA TYR B 53 14.76 -57.13 61.07
C TYR B 53 15.94 -57.11 62.02
N ARG B 54 16.27 -58.26 62.59
CA ARG B 54 17.43 -58.35 63.48
C ARG B 54 18.69 -57.94 62.73
N GLU B 55 18.87 -58.52 61.53
CA GLU B 55 20.01 -58.24 60.69
C GLU B 55 20.06 -56.80 60.23
N LEU B 56 18.90 -56.28 59.83
CA LEU B 56 18.81 -54.92 59.32
C LEU B 56 19.23 -53.94 60.39
N ASN B 57 18.61 -54.05 61.56
CA ASN B 57 18.94 -53.23 62.71
C ASN B 57 20.40 -53.43 63.12
N GLN B 58 20.89 -54.66 63.05
CA GLN B 58 22.30 -54.93 63.35
C GLN B 58 23.24 -54.23 62.38
N ALA B 59 22.99 -54.40 61.10
CA ALA B 59 23.81 -53.74 60.08
C ALA B 59 23.88 -52.24 60.35
N ALA B 60 22.78 -51.66 60.78
CA ALA B 60 22.70 -50.22 61.04
C ALA B 60 23.60 -49.83 62.19
N ASP B 61 23.55 -50.63 63.26
CA ASP B 61 24.38 -50.40 64.42
C ASP B 61 25.85 -50.45 64.02
N ASN B 62 26.22 -51.47 63.25
CA ASN B 62 27.59 -51.62 62.73
C ASN B 62 28.10 -50.43 61.93
N LEU B 63 27.34 -50.04 60.91
CA LEU B 63 27.70 -48.92 60.07
C LEU B 63 27.75 -47.61 60.84
N ALA B 64 26.90 -47.47 61.85
CA ALA B 64 26.88 -46.27 62.66
C ALA B 64 28.10 -46.26 63.58
N CYS B 65 28.39 -47.42 64.15
CA CYS B 65 29.53 -47.63 65.04
C CYS B 65 30.83 -47.35 64.28
N SER B 66 30.93 -47.98 63.12
CA SER B 66 32.08 -47.80 62.24
C SER B 66 32.27 -46.34 61.81
N LEU B 67 31.17 -45.60 61.70
CA LEU B 67 31.24 -44.21 61.31
C LEU B 67 31.65 -43.34 62.48
N ARG B 68 31.24 -43.74 63.68
CA ARG B 68 31.60 -43.01 64.90
C ARG B 68 33.11 -43.09 65.06
N ARG B 69 33.63 -44.31 64.82
CA ARG B 69 35.05 -44.59 64.88
C ARG B 69 35.84 -43.74 63.87
N GLN B 70 35.21 -43.36 62.77
CA GLN B 70 35.87 -42.55 61.77
C GLN B 70 35.74 -41.07 62.09
N GLY B 71 35.17 -40.79 63.27
CA GLY B 71 35.13 -39.43 63.82
C GLY B 71 33.97 -38.55 63.38
N ILE B 72 32.83 -39.17 63.11
CA ILE B 72 31.64 -38.43 62.76
C ILE B 72 30.88 -38.11 64.03
N LYS B 73 30.78 -36.83 64.35
CA LYS B 73 30.07 -36.40 65.56
C LYS B 73 28.58 -36.12 65.31
N PRO B 74 27.74 -36.43 66.30
CA PRO B 74 26.32 -36.05 66.26
C PRO B 74 26.15 -34.56 65.96
N GLY B 75 25.11 -34.20 65.20
CA GLY B 75 24.83 -32.81 64.85
C GLY B 75 25.24 -32.45 63.44
N GLU B 76 26.15 -33.26 62.91
CA GLU B 76 26.65 -33.11 61.55
C GLU B 76 25.66 -33.60 60.49
N THR B 77 25.91 -33.23 59.24
CA THR B 77 25.04 -33.61 58.14
C THR B 77 25.74 -34.53 57.17
N ALA B 78 24.97 -35.26 56.38
CA ALA B 78 25.56 -36.12 55.36
C ALA B 78 24.88 -35.95 54.01
N LEU B 79 25.51 -36.51 52.98
CA LEU B 79 24.94 -36.55 51.64
C LEU B 79 24.97 -37.99 51.20
N VAL B 80 23.80 -38.57 51.03
CA VAL B 80 23.72 -39.97 50.64
C VAL B 80 23.13 -40.09 49.25
N GLN B 81 23.84 -40.77 48.35
CA GLN B 81 23.23 -41.10 47.09
C GLN B 81 23.23 -42.61 46.90
N LEU B 82 22.07 -43.21 47.11
CA LEU B 82 21.94 -44.66 46.96
C LEU B 82 20.63 -44.93 46.26
N GLY B 83 20.62 -46.01 45.48
CA GLY B 83 19.47 -46.36 44.66
C GLY B 83 18.43 -47.21 45.37
N ASN B 84 17.76 -48.10 44.64
CA ASN B 84 16.79 -48.86 45.38
C ASN B 84 17.46 -50.15 45.79
N VAL B 85 18.26 -50.04 46.84
CA VAL B 85 19.05 -51.16 47.32
C VAL B 85 19.01 -51.12 48.82
N ALA B 86 19.21 -52.26 49.46
CA ALA B 86 19.00 -52.32 50.92
C ALA B 86 19.91 -51.36 51.67
N GLU B 87 21.11 -51.14 51.13
CA GLU B 87 22.09 -50.33 51.83
C GLU B 87 21.56 -48.92 52.05
N LEU B 88 20.54 -48.54 51.29
CA LEU B 88 19.91 -47.25 51.49
C LEU B 88 19.22 -47.24 52.82
N TYR B 89 18.41 -48.27 53.08
CA TYR B 89 17.65 -48.34 54.34
C TYR B 89 18.59 -48.52 55.52
N ILE B 90 19.61 -49.34 55.36
CA ILE B 90 20.66 -49.43 56.38
C ILE B 90 21.34 -48.09 56.70
N THR B 91 21.79 -47.37 55.67
CA THR B 91 22.48 -46.10 55.83
C THR B 91 21.57 -45.12 56.53
N PHE B 92 20.29 -45.23 56.23
CA PHE B 92 19.34 -44.26 56.71
C PHE B 92 19.28 -44.40 58.20
N PHE B 93 19.06 -45.64 58.65
CA PHE B 93 18.95 -45.89 60.07
C PHE B 93 20.28 -45.75 60.81
N ALA B 94 21.37 -46.10 60.13
CA ALA B 94 22.69 -45.90 60.71
C ALA B 94 22.89 -44.43 61.05
N LEU B 95 22.51 -43.56 60.12
CA LEU B 95 22.69 -42.14 60.32
C LEU B 95 21.71 -41.59 61.34
N LEU B 96 20.58 -42.26 61.50
CA LEU B 96 19.60 -41.83 62.49
C LEU B 96 20.09 -42.15 63.88
N LYS B 97 20.73 -43.31 63.98
CA LYS B 97 21.27 -43.79 65.23
C LYS B 97 22.45 -42.94 65.71
N LEU B 98 23.17 -42.33 64.78
CA LEU B 98 24.32 -41.49 65.13
C LEU B 98 23.99 -40.08 65.57
N GLY B 99 22.88 -39.55 65.07
CA GLY B 99 22.50 -38.18 65.37
C GLY B 99 22.74 -37.26 64.20
N VAL B 100 23.06 -37.86 63.06
CA VAL B 100 23.37 -37.15 61.83
C VAL B 100 22.14 -36.98 60.95
N ALA B 101 22.06 -35.86 60.23
CA ALA B 101 20.95 -35.62 59.30
C ALA B 101 21.36 -35.67 57.84
N PRO B 102 20.97 -36.73 57.10
CA PRO B 102 21.40 -36.81 55.71
C PRO B 102 20.43 -36.15 54.73
N VAL B 103 20.86 -36.09 53.48
CA VAL B 103 19.97 -35.76 52.39
C VAL B 103 19.98 -37.01 51.53
N LEU B 104 18.82 -37.56 51.24
CA LEU B 104 18.82 -38.72 50.37
C LEU B 104 18.62 -38.24 48.95
N ALA B 105 19.72 -38.28 48.22
CA ALA B 105 19.76 -37.79 46.87
C ALA B 105 19.26 -38.88 45.95
N LEU B 106 18.63 -38.47 44.87
CA LEU B 106 18.18 -39.42 43.89
C LEU B 106 19.40 -39.98 43.22
N PHE B 107 19.30 -41.23 42.80
CA PHE B 107 20.42 -41.83 42.08
C PHE B 107 20.56 -41.21 40.69
N SER B 108 19.49 -40.59 40.21
CA SER B 108 19.48 -40.03 38.88
C SER B 108 20.16 -38.69 38.83
N HIS B 109 20.40 -38.12 40.01
CA HIS B 109 21.06 -36.82 40.13
C HIS B 109 22.50 -36.91 39.67
N GLN B 110 23.06 -35.76 39.38
CA GLN B 110 24.35 -35.67 38.70
C GLN B 110 25.21 -34.56 39.30
N ARG B 111 26.26 -34.20 38.58
CA ARG B 111 27.23 -33.24 39.08
C ARG B 111 26.60 -31.97 39.70
N SER B 112 25.69 -31.31 39.00
CA SER B 112 25.25 -30.02 39.50
C SER B 112 24.32 -30.14 40.67
N GLU B 113 23.51 -31.20 40.71
CA GLU B 113 22.60 -31.43 41.81
C GLU B 113 23.35 -31.74 43.10
N LEU B 114 24.30 -32.66 43.01
CA LEU B 114 25.08 -33.05 44.19
C LEU B 114 25.87 -31.87 44.71
N ASN B 115 26.43 -31.05 43.82
CA ASN B 115 27.16 -29.86 44.24
C ASN B 115 26.23 -28.97 45.04
N ALA B 116 25.08 -28.67 44.47
CA ALA B 116 24.06 -27.86 45.12
C ALA B 116 23.73 -28.32 46.53
N TYR B 117 23.50 -29.61 46.69
CA TYR B 117 23.14 -30.13 48.01
C TYR B 117 24.26 -29.93 49.00
N ALA B 118 25.46 -30.39 48.65
CA ALA B 118 26.62 -30.34 49.53
C ALA B 118 26.95 -28.92 49.99
N SER B 119 26.70 -27.93 49.11
CA SER B 119 26.90 -26.53 49.47
C SER B 119 25.98 -26.01 50.58
N GLN B 120 24.69 -26.34 50.56
CA GLN B 120 23.78 -25.91 51.64
C GLN B 120 23.93 -26.77 52.91
N ILE B 121 24.23 -28.04 52.72
CA ILE B 121 24.32 -28.97 53.84
C ILE B 121 25.60 -28.78 54.64
N GLU B 122 26.71 -28.61 53.94
CA GLU B 122 28.06 -28.70 54.51
C GLU B 122 28.27 -30.05 55.20
N PRO B 123 28.24 -31.10 54.38
CA PRO B 123 28.26 -32.50 54.82
C PRO B 123 29.60 -32.87 55.41
N ALA B 124 29.58 -33.59 56.50
CA ALA B 124 30.77 -34.19 57.06
C ALA B 124 30.96 -35.61 56.50
N LEU B 125 29.96 -36.10 55.77
CA LEU B 125 29.98 -37.47 55.29
C LEU B 125 29.40 -37.64 53.88
N LEU B 126 30.07 -38.41 53.04
CA LEU B 126 29.55 -38.70 51.71
C LEU B 126 29.42 -40.18 51.51
N ILE B 127 28.24 -40.62 51.09
CA ILE B 127 28.01 -42.03 50.78
C ILE B 127 27.42 -42.12 49.38
N ALA B 128 28.12 -42.79 48.48
CA ALA B 128 27.68 -42.91 47.09
C ALA B 128 27.92 -44.31 46.57
N ASP B 129 27.60 -44.57 45.31
CA ASP B 129 27.74 -45.91 44.74
C ASP B 129 28.71 -45.87 43.54
N ARG B 130 29.66 -46.80 43.47
CA ARG B 130 30.62 -46.83 42.36
C ARG B 130 30.01 -47.28 41.03
N GLN B 131 28.79 -47.80 41.06
CA GLN B 131 28.09 -48.17 39.84
C GLN B 131 27.46 -46.92 39.22
N HIS B 132 27.48 -45.82 39.97
CA HIS B 132 26.99 -44.54 39.48
C HIS B 132 28.10 -43.90 38.66
N ALA B 133 27.75 -43.27 37.54
CA ALA B 133 28.76 -42.80 36.59
C ALA B 133 29.83 -41.87 37.20
N LEU B 134 29.42 -40.99 38.11
CA LEU B 134 30.38 -40.06 38.75
C LEU B 134 31.39 -40.77 39.62
N PHE B 135 30.99 -41.90 40.17
CA PHE B 135 31.86 -42.69 41.04
C PHE B 135 32.54 -43.93 40.47
N SER B 136 32.40 -44.21 39.17
CA SER B 136 33.22 -45.26 38.58
C SER B 136 34.70 -44.95 38.90
N GLY B 137 35.15 -43.76 38.54
CA GLY B 137 36.47 -43.31 38.90
C GLY B 137 36.54 -42.26 40.00
N ASP B 138 37.76 -42.05 40.52
CA ASP B 138 38.01 -41.22 41.70
C ASP B 138 38.27 -39.77 41.35
N ASP B 139 38.11 -39.44 40.07
CA ASP B 139 38.43 -38.10 39.62
C ASP B 139 37.40 -37.09 40.04
N PHE B 140 36.18 -37.23 39.57
CA PHE B 140 35.13 -36.35 40.05
C PHE B 140 35.03 -36.50 41.57
N LEU B 141 35.19 -37.73 42.05
CA LEU B 141 35.27 -37.94 43.48
C LEU B 141 36.25 -36.94 44.12
N ASN B 142 37.53 -37.03 43.78
CA ASN B 142 38.59 -36.14 44.31
C ASN B 142 38.30 -34.66 44.18
N THR B 143 37.89 -34.24 42.99
CA THR B 143 37.49 -32.86 42.73
C THR B 143 36.41 -32.41 43.67
N PHE B 144 35.52 -33.35 43.98
CA PHE B 144 34.33 -33.07 44.79
C PHE B 144 34.69 -32.81 46.25
N VAL B 145 35.53 -33.67 46.83
CA VAL B 145 35.89 -33.52 48.24
C VAL B 145 36.69 -32.26 48.50
N THR B 146 37.55 -31.89 47.55
CA THR B 146 38.31 -30.65 47.69
C THR B 146 37.36 -29.44 47.63
N GLU B 147 36.42 -29.43 46.68
CA GLU B 147 35.49 -28.28 46.48
C GLU B 147 34.52 -28.06 47.63
N HIS B 148 34.12 -29.13 48.30
CA HIS B 148 33.35 -28.99 49.54
C HIS B 148 34.23 -29.54 50.63
N SER B 149 34.81 -28.64 51.43
CA SER B 149 35.93 -29.03 52.28
C SER B 149 35.45 -29.70 53.59
N SER B 150 34.20 -29.42 53.96
CA SER B 150 33.61 -29.99 55.17
C SER B 150 33.66 -31.52 55.22
N ILE B 151 33.55 -32.15 54.04
CA ILE B 151 33.58 -33.60 53.95
C ILE B 151 34.87 -34.21 54.51
N ARG B 152 34.71 -35.16 55.44
CA ARG B 152 35.82 -35.85 56.12
C ARG B 152 35.90 -37.34 55.80
N VAL B 153 34.83 -38.06 56.08
CA VAL B 153 34.70 -39.48 55.72
C VAL B 153 34.00 -39.69 54.38
N VAL B 154 34.40 -40.74 53.66
CA VAL B 154 33.68 -41.17 52.44
C VAL B 154 33.56 -42.69 52.31
N GLN B 155 32.34 -43.18 52.18
CA GLN B 155 32.10 -44.61 52.01
C GLN B 155 31.37 -44.86 50.70
N LEU B 156 31.80 -45.86 49.95
CA LEU B 156 31.20 -46.15 48.64
C LEU B 156 30.64 -47.58 48.56
N LEU B 157 29.46 -47.73 47.96
CA LEU B 157 28.87 -49.02 47.71
C LEU B 157 29.51 -49.63 46.48
N ASN B 158 29.53 -50.95 46.42
CA ASN B 158 30.20 -51.62 45.31
C ASN B 158 31.63 -51.10 45.18
N ASP B 159 32.39 -51.15 46.27
CA ASP B 159 33.83 -50.88 46.21
C ASP B 159 34.65 -51.91 47.01
N SER B 160 35.44 -52.73 46.34
CA SER B 160 36.33 -53.66 47.05
C SER B 160 37.55 -52.87 47.56
N GLY B 161 37.61 -51.59 47.20
CA GLY B 161 38.72 -50.69 47.49
C GLY B 161 38.78 -50.19 48.93
N GLU B 162 39.41 -49.02 49.14
CA GLU B 162 39.68 -48.48 50.49
C GLU B 162 38.41 -48.19 51.26
N HIS B 163 37.61 -47.33 50.64
CA HIS B 163 36.44 -46.65 51.15
C HIS B 163 35.21 -47.56 51.20
N ASN B 164 35.43 -48.87 51.05
CA ASN B 164 34.34 -49.84 50.98
C ASN B 164 33.32 -49.69 52.09
N LEU B 165 32.05 -49.61 51.69
CA LEU B 165 30.93 -49.41 52.62
C LEU B 165 30.55 -50.73 53.29
N GLN B 166 30.62 -51.81 52.54
CA GLN B 166 30.28 -53.11 53.07
C GLN B 166 31.24 -53.49 54.22
N ASP B 167 32.49 -53.03 54.16
CA ASP B 167 33.45 -53.30 55.22
C ASP B 167 32.95 -52.72 56.55
N ALA B 168 32.48 -51.47 56.50
CA ALA B 168 32.00 -50.80 57.70
C ALA B 168 30.66 -51.37 58.16
N ILE B 169 29.92 -51.94 57.22
CA ILE B 169 28.60 -52.50 57.54
C ILE B 169 28.73 -53.85 58.24
N ASN B 170 29.75 -54.61 57.88
CA ASN B 170 29.97 -55.92 58.49
C ASN B 170 30.92 -55.92 59.69
N HIS B 171 31.63 -54.83 59.91
CA HIS B 171 32.48 -54.72 61.10
C HIS B 171 31.56 -54.48 62.30
N PRO B 172 31.48 -55.47 63.20
CA PRO B 172 30.49 -55.48 64.30
C PRO B 172 30.61 -54.30 65.26
N ALA B 173 29.79 -54.33 66.31
CA ALA B 173 29.75 -53.20 67.26
C ALA B 173 30.74 -53.21 68.47
N GLU B 174 31.18 -52.00 68.80
CA GLU B 174 31.99 -51.65 69.97
C GLU B 174 31.08 -51.34 71.19
N ASP B 175 31.60 -50.55 72.12
CA ASP B 175 30.82 -50.03 73.26
C ASP B 175 29.87 -48.90 72.78
N PHE B 176 29.78 -48.76 71.46
CA PHE B 176 28.75 -47.93 70.82
C PHE B 176 27.30 -48.24 71.24
N THR B 177 26.62 -47.15 71.63
CA THR B 177 25.19 -47.10 71.89
C THR B 177 24.64 -45.98 71.00
N ALA B 178 23.36 -46.06 70.66
CA ALA B 178 22.75 -45.06 69.77
C ALA B 178 22.67 -43.67 70.41
N THR B 179 22.67 -42.63 69.58
CA THR B 179 22.62 -41.26 70.05
C THR B 179 21.74 -40.41 69.14
N PRO B 180 20.45 -40.76 68.98
CA PRO B 180 19.61 -40.04 68.01
C PRO B 180 19.38 -38.62 68.45
N SER B 181 19.10 -37.71 67.54
CA SER B 181 18.84 -36.35 67.97
C SER B 181 17.50 -36.29 68.66
N PRO B 182 17.27 -35.27 69.48
CA PRO B 182 15.98 -35.16 70.18
C PRO B 182 14.76 -35.16 69.23
N ALA B 183 13.65 -35.73 69.68
CA ALA B 183 12.46 -35.85 68.85
C ALA B 183 12.04 -34.55 68.16
N ASP B 184 12.23 -33.39 68.79
CA ASP B 184 11.80 -32.11 68.21
C ASP B 184 12.92 -31.41 67.46
N GLU B 185 14.02 -32.12 67.29
CA GLU B 185 15.17 -31.62 66.56
C GLU B 185 15.21 -32.34 65.21
N VAL B 186 15.83 -31.73 64.20
CA VAL B 186 15.86 -32.29 62.84
C VAL B 186 16.36 -33.74 62.73
N ALA B 187 15.61 -34.55 62.00
CA ALA B 187 15.96 -35.96 61.78
C ALA B 187 16.72 -36.15 60.47
N TYR B 188 16.11 -35.74 59.35
CA TYR B 188 16.81 -35.62 58.08
C TYR B 188 16.17 -34.59 57.17
N PHE B 189 16.67 -34.50 55.92
CA PHE B 189 16.19 -33.52 54.96
C PHE B 189 15.53 -34.22 53.79
N GLN B 190 14.42 -33.68 53.32
CA GLN B 190 13.74 -34.24 52.17
C GLN B 190 13.88 -33.22 51.06
N LEU B 191 13.79 -33.68 49.82
CA LEU B 191 13.89 -32.81 48.67
C LEU B 191 12.53 -32.32 48.20
N SER B 192 12.43 -30.99 48.07
CA SER B 192 11.23 -30.33 47.61
C SER B 192 11.14 -30.54 46.13
N GLY B 193 9.92 -30.71 45.61
CA GLY B 193 9.64 -30.66 44.18
C GLY B 193 9.87 -29.22 43.75
N GLY B 194 10.80 -29.01 42.81
CA GLY B 194 11.28 -27.66 42.54
C GLY B 194 10.20 -26.68 42.11
N THR B 195 10.12 -25.53 42.78
CA THR B 195 9.63 -24.31 42.12
C THR B 195 10.74 -23.29 41.83
N THR B 196 11.93 -23.54 42.37
CA THR B 196 12.96 -22.50 42.40
C THR B 196 14.34 -22.96 41.95
N GLY B 197 15.06 -22.04 41.31
CA GLY B 197 16.32 -22.33 40.64
C GLY B 197 17.43 -22.89 41.51
N THR B 198 17.58 -22.31 42.69
CA THR B 198 18.44 -22.89 43.69
C THR B 198 17.61 -23.97 44.39
N PRO B 199 18.12 -25.21 44.39
CA PRO B 199 17.51 -26.31 45.14
C PRO B 199 17.23 -25.99 46.62
N LYS B 200 16.01 -26.33 47.06
CA LYS B 200 15.44 -25.93 48.37
C LYS B 200 15.06 -27.12 49.29
N LEU B 201 15.82 -27.34 50.38
CA LEU B 201 15.62 -28.51 51.27
C LEU B 201 14.52 -28.40 52.34
N ILE B 202 14.03 -29.56 52.74
CA ILE B 202 12.95 -29.66 53.73
C ILE B 202 13.38 -30.40 54.98
N PRO B 203 13.54 -29.67 56.11
CA PRO B 203 13.89 -30.36 57.35
C PRO B 203 12.66 -31.10 57.90
N ARG B 204 12.86 -32.32 58.38
CA ARG B 204 11.80 -33.07 59.01
C ARG B 204 12.29 -33.55 60.38
N THR B 205 11.59 -33.14 61.44
CA THR B 205 11.95 -33.54 62.79
C THR B 205 11.46 -34.95 63.07
N HIS B 206 12.11 -35.67 63.98
CA HIS B 206 11.66 -37.02 64.35
C HIS B 206 10.16 -37.02 64.62
N ASN B 207 9.68 -36.05 65.40
CA ASN B 207 8.28 -35.99 65.80
C ASN B 207 7.32 -35.95 64.64
N ASP B 208 7.46 -34.97 63.77
CA ASP B 208 6.50 -34.79 62.69
C ASP B 208 6.61 -35.94 61.69
N TYR B 209 7.82 -36.39 61.41
CA TYR B 209 7.98 -37.42 60.39
C TYR B 209 7.38 -38.74 60.83
N TYR B 210 7.62 -39.11 62.08
CA TYR B 210 7.11 -40.34 62.69
C TYR B 210 5.58 -40.38 62.62
N TYR B 211 4.93 -39.27 62.94
CA TYR B 211 3.45 -39.20 62.77
C TYR B 211 3.04 -39.51 61.33
N SER B 212 3.70 -38.86 60.39
CA SER B 212 3.45 -39.09 59.00
C SER B 212 3.37 -40.61 58.72
N VAL B 213 4.36 -41.35 59.21
CA VAL B 213 4.46 -42.78 58.96
C VAL B 213 3.39 -43.60 59.71
N ARG B 214 3.24 -43.38 61.02
CA ARG B 214 2.24 -44.08 61.81
C ARG B 214 0.84 -43.99 61.22
N ARG B 215 0.39 -42.76 61.03
CA ARG B 215 -0.95 -42.47 60.53
C ARG B 215 -1.17 -42.97 59.12
N SER B 216 -0.09 -43.09 58.37
CA SER B 216 -0.18 -43.65 57.04
C SER B 216 -0.40 -45.14 57.09
N VAL B 217 0.30 -45.81 58.00
CA VAL B 217 0.06 -47.21 58.26
C VAL B 217 -1.40 -47.47 58.67
N GLU B 218 -1.95 -46.65 59.57
CA GLU B 218 -3.32 -46.90 60.03
C GLU B 218 -4.27 -46.82 58.86
N ILE B 219 -4.13 -45.76 58.07
CA ILE B 219 -5.04 -45.55 56.96
C ILE B 219 -4.92 -46.63 55.87
N CYS B 220 -3.72 -47.08 55.59
CA CYS B 220 -3.56 -48.08 54.53
C CYS B 220 -3.57 -49.49 55.04
N GLN B 221 -3.72 -49.63 56.34
CA GLN B 221 -3.90 -50.95 56.90
C GLN B 221 -2.66 -51.84 56.77
N PHE B 222 -1.48 -51.26 56.90
CA PHE B 222 -0.30 -52.08 56.87
C PHE B 222 -0.22 -52.85 58.18
N THR B 223 0.26 -54.08 58.08
CA THR B 223 0.35 -54.97 59.23
C THR B 223 1.53 -55.86 59.01
N GLN B 224 1.77 -56.77 59.96
CA GLN B 224 2.85 -57.73 59.84
C GLN B 224 2.76 -58.47 58.49
N GLN B 225 1.54 -58.47 57.93
CA GLN B 225 1.24 -59.18 56.71
C GLN B 225 1.76 -58.47 55.46
N THR B 226 1.97 -57.15 55.53
CA THR B 226 2.21 -56.37 54.32
C THR B 226 3.50 -56.76 53.61
N ARG B 227 3.39 -57.20 52.35
CA ARG B 227 4.57 -57.43 51.51
C ARG B 227 4.53 -56.41 50.38
N TYR B 228 5.41 -55.40 50.45
CA TYR B 228 5.37 -54.17 49.64
C TYR B 228 6.49 -54.14 48.59
N LEU B 229 6.13 -53.93 47.32
CA LEU B 229 7.13 -53.76 46.25
C LEU B 229 7.47 -52.31 46.10
N CYS B 230 8.72 -51.96 46.32
CA CYS B 230 9.07 -50.59 46.16
C CYS B 230 9.86 -50.48 44.87
N ALA B 231 9.18 -50.09 43.79
CA ALA B 231 9.84 -49.97 42.50
C ALA B 231 10.13 -48.55 41.98
N ILE B 232 9.48 -47.56 42.57
CA ILE B 232 9.77 -46.18 42.21
C ILE B 232 10.97 -45.76 43.04
N PRO B 233 11.57 -44.61 42.74
CA PRO B 233 12.78 -44.26 43.49
C PRO B 233 12.56 -44.32 45.00
N ALA B 234 13.38 -45.08 45.67
CA ALA B 234 13.16 -45.37 47.07
C ALA B 234 13.35 -44.16 47.98
N ALA B 235 14.08 -43.17 47.51
CA ALA B 235 14.48 -42.05 48.33
C ALA B 235 13.45 -40.92 48.36
N HIS B 236 12.41 -41.00 47.53
CA HIS B 236 11.39 -39.96 47.50
C HIS B 236 10.46 -40.13 48.69
N ASN B 237 9.79 -39.05 49.04
CA ASN B 237 8.94 -39.06 50.21
C ASN B 237 7.82 -40.08 50.13
N TYR B 238 7.36 -40.33 48.90
CA TYR B 238 6.24 -41.23 48.62
C TYR B 238 6.61 -42.68 48.94
N ALA B 239 7.69 -43.17 48.37
CA ALA B 239 8.09 -44.55 48.57
C ALA B 239 8.86 -44.70 49.85
N MET B 240 8.95 -43.61 50.59
CA MET B 240 9.64 -43.63 51.87
C MET B 240 8.64 -43.66 53.01
N SER B 241 7.84 -42.60 53.12
CA SER B 241 6.91 -42.39 54.22
C SER B 241 5.42 -42.62 53.99
N SER B 242 4.99 -42.96 52.78
CA SER B 242 3.55 -42.77 52.50
C SER B 242 2.67 -43.94 52.03
N PRO B 243 2.53 -44.98 52.85
CA PRO B 243 3.35 -45.24 54.01
C PRO B 243 4.73 -45.66 53.56
N GLY B 244 4.85 -46.20 52.35
CA GLY B 244 6.16 -46.52 51.81
C GLY B 244 6.97 -47.46 52.70
N SER B 245 8.25 -47.61 52.39
CA SER B 245 9.02 -48.64 53.05
C SER B 245 9.14 -48.47 54.57
N LEU B 246 9.20 -47.24 55.04
CA LEU B 246 9.29 -47.01 56.47
C LEU B 246 8.01 -47.44 57.15
N GLY B 247 6.90 -47.24 56.45
CA GLY B 247 5.59 -47.64 56.95
C GLY B 247 5.48 -49.15 57.06
N VAL B 248 6.10 -49.84 56.12
CA VAL B 248 6.20 -51.28 56.16
C VAL B 248 7.08 -51.74 57.32
N PHE B 249 8.18 -51.03 57.58
CA PHE B 249 9.08 -51.38 58.67
C PHE B 249 8.42 -51.23 60.04
N LEU B 250 7.63 -50.19 60.20
CA LEU B 250 7.00 -49.96 61.48
C LEU B 250 6.04 -51.11 61.79
N ALA B 251 5.46 -51.66 60.74
CA ALA B 251 4.40 -52.65 60.87
C ALA B 251 4.88 -54.10 60.83
N GLY B 252 6.19 -54.30 60.65
CA GLY B 252 6.76 -55.63 60.59
C GLY B 252 6.60 -56.38 59.28
N GLY B 253 6.18 -55.65 58.25
CA GLY B 253 6.03 -56.20 56.91
C GLY B 253 7.32 -56.45 56.15
N THR B 254 7.21 -56.74 54.86
CA THR B 254 8.38 -57.05 54.09
C THR B 254 8.47 -56.08 52.92
N VAL B 255 9.64 -55.48 52.73
CA VAL B 255 9.87 -54.61 51.58
C VAL B 255 10.63 -55.34 50.48
N VAL B 256 10.07 -55.33 49.28
CA VAL B 256 10.74 -55.94 48.14
C VAL B 256 11.25 -54.83 47.23
N LEU B 257 12.57 -54.67 47.16
CA LEU B 257 13.15 -53.64 46.32
C LEU B 257 13.30 -54.08 44.87
N ALA B 258 13.07 -53.15 43.96
CA ALA B 258 13.31 -53.37 42.54
C ALA B 258 13.95 -52.13 41.93
N ALA B 259 14.82 -52.32 40.95
CA ALA B 259 15.60 -51.21 40.41
C ALA B 259 14.76 -50.17 39.66
N ASP B 260 13.75 -50.62 38.93
CA ASP B 260 12.87 -49.70 38.24
C ASP B 260 11.45 -50.26 38.24
N PRO B 261 10.47 -49.49 37.76
CA PRO B 261 9.12 -50.06 37.76
C PRO B 261 8.69 -50.66 36.42
N SER B 262 9.53 -51.48 35.79
CA SER B 262 9.16 -52.01 34.49
C SER B 262 8.34 -53.28 34.69
N ALA B 263 7.32 -53.48 33.87
CA ALA B 263 6.47 -54.67 34.03
C ALA B 263 7.33 -55.92 33.94
N THR B 264 8.40 -55.80 33.17
CA THR B 264 9.27 -56.93 32.92
C THR B 264 9.97 -57.36 34.20
N LEU B 265 10.40 -56.36 34.97
CA LEU B 265 11.10 -56.62 36.22
C LEU B 265 10.15 -56.94 37.38
N CYS B 266 9.07 -56.20 37.45
CA CYS B 266 8.18 -56.24 38.59
C CYS B 266 7.25 -57.44 38.63
N PHE B 267 6.62 -57.74 37.49
CA PHE B 267 5.65 -58.82 37.46
C PHE B 267 6.21 -60.08 38.12
N PRO B 268 7.35 -60.58 37.66
CA PRO B 268 8.01 -61.72 38.30
C PRO B 268 8.15 -61.57 39.82
N LEU B 269 8.52 -60.38 40.30
CA LEU B 269 8.76 -60.18 41.74
C LEU B 269 7.49 -60.23 42.56
N ILE B 270 6.41 -59.68 42.02
CA ILE B 270 5.12 -59.67 42.71
C ILE B 270 4.61 -61.09 42.92
N GLU B 271 4.71 -61.93 41.90
CA GLU B 271 4.31 -63.32 42.05
C GLU B 271 5.28 -64.10 42.95
N LYS B 272 6.56 -64.08 42.61
CA LYS B 272 7.58 -64.78 43.38
C LYS B 272 7.56 -64.46 44.88
N HIS B 273 7.42 -63.18 45.22
CA HIS B 273 7.37 -62.78 46.63
C HIS B 273 5.96 -62.55 47.21
N GLN B 274 4.94 -62.83 46.40
CA GLN B 274 3.55 -62.77 46.85
C GLN B 274 3.21 -61.38 47.40
N VAL B 275 3.47 -60.36 46.58
CA VAL B 275 3.34 -58.97 46.99
C VAL B 275 1.87 -58.58 47.01
N ASN B 276 1.42 -58.00 48.12
CA ASN B 276 0.05 -57.54 48.21
C ASN B 276 -0.18 -56.06 48.04
N VAL B 277 0.88 -55.26 47.94
CA VAL B 277 0.71 -53.81 47.80
C VAL B 277 1.88 -53.13 47.10
N THR B 278 1.64 -52.10 46.31
CA THR B 278 2.77 -51.41 45.69
C THR B 278 2.39 -50.00 45.33
N ALA B 279 3.36 -49.11 45.17
CA ALA B 279 3.04 -47.72 44.83
C ALA B 279 3.64 -47.33 43.49
N LEU B 280 2.84 -46.67 42.67
CA LEU B 280 3.26 -46.29 41.32
C LEU B 280 2.87 -44.87 40.96
N VAL B 281 3.40 -44.40 39.83
CA VAL B 281 3.04 -43.12 39.27
C VAL B 281 2.33 -43.39 37.96
N PRO B 282 1.43 -42.49 37.55
CA PRO B 282 0.51 -42.78 36.45
C PRO B 282 1.18 -43.41 35.24
N PRO B 283 2.34 -42.89 34.81
CA PRO B 283 3.00 -43.49 33.65
C PRO B 283 3.34 -44.98 33.80
N ALA B 284 3.64 -45.43 34.99
CA ALA B 284 3.98 -46.83 35.14
C ALA B 284 2.71 -47.67 35.12
N VAL B 285 1.61 -47.13 35.63
CA VAL B 285 0.34 -47.82 35.55
C VAL B 285 -0.02 -48.04 34.08
N SER B 286 0.13 -47.00 33.26
CA SER B 286 -0.13 -47.15 31.82
C SER B 286 0.71 -48.29 31.26
N LEU B 287 1.99 -48.28 31.59
CA LEU B 287 2.92 -49.31 31.15
C LEU B 287 2.47 -50.73 31.57
N TRP B 288 2.00 -50.87 32.80
CA TRP B 288 1.58 -52.17 33.31
C TRP B 288 0.31 -52.68 32.64
N LEU B 289 -0.68 -51.81 32.51
CA LEU B 289 -1.95 -52.19 31.94
C LEU B 289 -1.75 -52.68 30.50
N GLN B 290 -0.84 -52.04 29.78
CA GLN B 290 -0.57 -52.38 28.40
C GLN B 290 0.23 -53.66 28.31
N ALA B 291 1.17 -53.83 29.22
CA ALA B 291 1.97 -55.05 29.24
C ALA B 291 1.08 -56.28 29.43
N LEU B 292 -0.04 -56.12 30.12
CA LEU B 292 -0.97 -57.21 30.33
C LEU B 292 -1.68 -57.53 29.01
N ILE B 293 -2.17 -56.50 28.35
CA ILE B 293 -2.85 -56.63 27.08
C ILE B 293 -1.92 -57.24 26.05
N GLU B 294 -0.63 -56.99 26.20
CA GLU B 294 0.33 -57.44 25.22
C GLU B 294 0.79 -58.85 25.53
N GLY B 295 0.08 -59.48 26.46
CA GLY B 295 0.24 -60.89 26.73
C GLY B 295 0.88 -61.37 28.01
N GLU B 296 1.13 -60.45 28.94
CA GLU B 296 1.54 -60.88 30.26
C GLU B 296 0.34 -61.47 31.00
N SER B 297 0.58 -62.48 31.82
CA SER B 297 -0.51 -63.18 32.47
C SER B 297 -1.01 -62.44 33.71
N ARG B 298 -2.28 -62.03 33.67
CA ARG B 298 -2.88 -61.21 34.73
C ARG B 298 -2.77 -61.96 36.08
N ALA B 299 -2.30 -63.19 36.01
CA ALA B 299 -2.24 -64.09 37.16
C ALA B 299 -1.02 -63.93 38.06
N GLN B 300 0.07 -63.34 37.56
CA GLN B 300 1.26 -63.15 38.41
C GLN B 300 0.98 -62.05 39.42
N LEU B 301 0.06 -61.17 39.03
CA LEU B 301 -0.32 -60.04 39.84
C LEU B 301 -1.48 -60.37 40.79
N ALA B 302 -1.83 -61.64 40.88
CA ALA B 302 -3.03 -62.05 41.61
C ALA B 302 -2.95 -61.85 43.13
N SER B 303 -1.75 -61.81 43.67
CA SER B 303 -1.58 -61.59 45.10
C SER B 303 -1.69 -60.14 45.51
N LEU B 304 -1.73 -59.25 44.53
CA LEU B 304 -1.67 -57.85 44.81
C LEU B 304 -3.07 -57.35 45.12
N LYS B 305 -3.30 -56.97 46.37
CA LYS B 305 -4.61 -56.47 46.78
C LYS B 305 -4.77 -54.92 46.80
N LEU B 306 -3.66 -54.19 46.69
CA LEU B 306 -3.70 -52.73 46.75
C LEU B 306 -2.68 -52.05 45.83
N LEU B 307 -3.13 -51.07 45.05
CA LEU B 307 -2.24 -50.33 44.18
C LEU B 307 -2.34 -48.86 44.49
N GLN B 308 -1.27 -48.28 45.02
CA GLN B 308 -1.19 -46.85 45.27
C GLN B 308 -0.77 -46.13 44.02
N VAL B 309 -1.44 -45.03 43.70
CA VAL B 309 -1.06 -44.26 42.55
C VAL B 309 -1.05 -42.80 42.93
N GLY B 310 0.08 -42.12 42.71
CA GLY B 310 0.17 -40.71 43.02
C GLY B 310 1.37 -40.01 42.39
N GLY B 311 1.59 -38.75 42.76
CA GLY B 311 2.72 -38.02 42.24
C GLY B 311 2.38 -37.16 41.04
N ALA B 312 1.29 -37.49 40.36
CA ALA B 312 0.89 -36.79 39.15
C ALA B 312 -0.57 -37.00 38.89
N ARG B 313 -1.16 -36.16 38.05
CA ARG B 313 -2.58 -36.30 37.69
C ARG B 313 -2.87 -37.69 37.15
N LEU B 314 -3.87 -38.33 37.77
CA LEU B 314 -4.34 -39.63 37.33
C LEU B 314 -5.77 -39.54 36.80
N SER B 315 -5.93 -39.74 35.49
CA SER B 315 -7.21 -39.55 34.83
C SER B 315 -8.23 -40.57 35.30
N ALA B 316 -9.49 -40.19 35.27
CA ALA B 316 -10.53 -41.09 35.74
C ALA B 316 -10.60 -42.32 34.83
N THR B 317 -10.31 -42.12 33.57
CA THR B 317 -10.26 -43.21 32.61
C THR B 317 -9.26 -44.26 33.03
N LEU B 318 -8.09 -43.81 33.48
CA LEU B 318 -6.98 -44.69 33.81
C LEU B 318 -7.22 -45.34 35.17
N ALA B 319 -7.74 -44.55 36.10
CA ALA B 319 -8.03 -45.02 37.44
C ALA B 319 -8.98 -46.21 37.38
N ALA B 320 -10.03 -46.05 36.59
CA ALA B 320 -11.06 -47.06 36.43
C ALA B 320 -10.51 -48.38 35.85
N ARG B 321 -9.49 -48.27 35.02
CA ARG B 321 -8.93 -49.44 34.38
C ARG B 321 -8.22 -50.36 35.38
N ILE B 322 -7.86 -49.82 36.53
CA ILE B 322 -7.04 -50.59 37.47
C ILE B 322 -7.75 -51.82 38.04
N PRO B 323 -8.90 -51.62 38.71
CA PRO B 323 -9.65 -52.77 39.26
C PRO B 323 -10.24 -53.62 38.15
N ALA B 324 -10.56 -52.97 37.03
CA ALA B 324 -11.08 -53.64 35.86
C ALA B 324 -10.10 -54.63 35.25
N GLU B 325 -8.95 -54.14 34.80
CA GLU B 325 -7.94 -54.99 34.16
C GLU B 325 -6.97 -55.70 35.08
N ILE B 326 -6.49 -55.00 36.11
CA ILE B 326 -5.61 -55.60 37.12
C ILE B 326 -6.32 -56.37 38.23
N GLY B 327 -7.48 -55.86 38.65
CA GLY B 327 -8.29 -56.52 39.65
C GLY B 327 -7.82 -56.40 41.09
N CYS B 328 -7.52 -55.17 41.50
CA CYS B 328 -7.21 -54.90 42.87
C CYS B 328 -7.71 -53.51 43.18
N GLN B 329 -7.57 -53.08 44.43
CA GLN B 329 -8.12 -51.81 44.85
C GLN B 329 -7.16 -50.65 44.58
N LEU B 330 -7.71 -49.51 44.22
CA LEU B 330 -6.92 -48.35 43.91
C LEU B 330 -7.01 -47.38 45.07
N GLN B 331 -5.89 -46.78 45.43
CA GLN B 331 -5.90 -45.67 46.35
C GLN B 331 -5.11 -44.54 45.72
N GLN B 332 -5.74 -43.41 45.53
CA GLN B 332 -5.04 -42.25 45.00
C GLN B 332 -4.28 -41.58 46.12
N VAL B 333 -3.02 -41.24 45.90
CA VAL B 333 -2.27 -40.55 46.93
C VAL B 333 -1.84 -39.19 46.39
N PHE B 334 -2.26 -38.15 47.07
CA PHE B 334 -1.83 -36.80 46.70
C PHE B 334 -1.08 -36.17 47.88
N GLY B 335 0.24 -36.07 47.77
CA GLY B 335 1.05 -35.59 48.87
C GLY B 335 2.24 -34.81 48.35
N MET B 336 2.91 -34.08 49.25
CA MET B 336 4.10 -33.33 48.92
C MET B 336 5.19 -33.61 49.94
N ALA B 337 6.46 -33.45 49.54
CA ALA B 337 7.58 -33.76 50.43
C ALA B 337 7.58 -32.87 51.65
N GLU B 338 6.75 -31.83 51.60
CA GLU B 338 6.74 -30.80 52.60
C GLU B 338 5.78 -31.12 53.74
N GLY B 339 4.92 -32.11 53.54
CA GLY B 339 3.86 -32.41 54.51
C GLY B 339 2.64 -33.07 53.90
N LEU B 340 1.49 -32.87 54.51
CA LEU B 340 0.22 -33.01 53.82
C LEU B 340 0.08 -34.15 52.82
N VAL B 341 -0.15 -35.37 53.26
CA VAL B 341 -0.56 -36.39 52.31
C VAL B 341 -2.08 -36.59 52.33
N ASN B 342 -2.71 -36.64 51.16
CA ASN B 342 -4.14 -36.93 51.09
C ASN B 342 -4.31 -38.30 50.52
N TYR B 343 -5.14 -39.11 51.15
CA TYR B 343 -5.43 -40.42 50.62
C TYR B 343 -6.89 -40.52 50.32
N THR B 344 -7.26 -41.40 49.40
CA THR B 344 -8.61 -41.88 49.38
C THR B 344 -8.56 -43.07 50.31
N ARG B 345 -9.65 -43.29 51.05
CA ARG B 345 -9.71 -44.37 52.02
C ARG B 345 -10.00 -45.70 51.34
N LEU B 346 -9.70 -46.81 52.00
CA LEU B 346 -9.90 -48.13 51.42
C LEU B 346 -11.37 -48.53 51.43
N ASP B 347 -12.14 -48.00 52.38
CA ASP B 347 -13.57 -48.27 52.46
C ASP B 347 -14.40 -47.20 51.72
N ASP B 348 -13.72 -46.30 51.01
CA ASP B 348 -14.37 -45.25 50.25
C ASP B 348 -15.13 -45.83 49.08
N SER B 349 -16.09 -45.04 48.58
CA SER B 349 -16.91 -45.44 47.45
C SER B 349 -16.06 -45.45 46.20
N ALA B 350 -16.46 -46.24 45.20
CA ALA B 350 -15.77 -46.20 43.92
C ALA B 350 -15.93 -44.83 43.22
N GLU B 351 -16.96 -44.07 43.58
CA GLU B 351 -17.10 -42.75 42.97
C GLU B 351 -15.95 -41.86 43.43
N LYS B 352 -15.68 -41.83 44.73
CA LYS B 352 -14.64 -40.97 45.27
C LYS B 352 -13.23 -41.41 44.93
N ILE B 353 -13.06 -42.72 44.79
CA ILE B 353 -11.75 -43.30 44.52
C ILE B 353 -11.28 -43.10 43.09
N ILE B 354 -12.20 -43.13 42.13
CA ILE B 354 -11.86 -42.88 40.73
C ILE B 354 -11.74 -41.38 40.40
N HIS B 355 -12.70 -40.59 40.89
CA HIS B 355 -12.73 -39.15 40.60
C HIS B 355 -11.96 -38.18 41.49
N THR B 356 -11.84 -38.45 42.79
CA THR B 356 -11.16 -37.49 43.66
C THR B 356 -9.77 -37.94 44.03
N GLN B 357 -9.01 -37.07 44.69
CA GLN B 357 -7.68 -37.40 45.23
C GLN B 357 -7.75 -37.72 46.72
N GLY B 358 -8.96 -37.83 47.26
CA GLY B 358 -9.11 -38.20 48.65
C GLY B 358 -9.02 -36.99 49.56
N TYR B 359 -8.75 -37.21 50.84
CA TYR B 359 -8.67 -36.14 51.84
C TYR B 359 -7.53 -36.45 52.84
N PRO B 360 -7.09 -35.43 53.60
CA PRO B 360 -5.89 -35.51 54.44
C PRO B 360 -5.92 -36.65 55.43
N MET B 361 -4.73 -37.11 55.78
CA MET B 361 -4.58 -38.32 56.59
C MET B 361 -4.84 -37.95 58.02
N CYS B 362 -4.90 -36.66 58.27
CA CYS B 362 -5.04 -36.15 59.62
C CYS B 362 -6.25 -35.23 59.77
N PRO B 363 -6.98 -35.36 60.90
CA PRO B 363 -8.19 -34.56 61.16
C PRO B 363 -7.78 -33.15 61.48
N ASP B 364 -6.57 -33.01 61.99
CA ASP B 364 -5.99 -31.71 62.28
C ASP B 364 -5.17 -31.14 61.11
N ASP B 365 -5.22 -31.80 59.96
CA ASP B 365 -4.71 -31.17 58.76
C ASP B 365 -5.72 -30.13 58.35
N GLU B 366 -5.26 -28.89 58.23
CA GLU B 366 -6.11 -27.78 57.82
C GLU B 366 -5.90 -27.46 56.34
N VAL B 367 -6.99 -27.45 55.59
CA VAL B 367 -6.90 -27.11 54.18
C VAL B 367 -7.95 -26.09 53.83
N TRP B 368 -7.51 -24.96 53.32
CA TRP B 368 -8.46 -24.06 52.69
C TRP B 368 -8.12 -23.85 51.22
N VAL B 369 -9.15 -23.48 50.44
CA VAL B 369 -8.99 -23.08 49.05
C VAL B 369 -8.84 -21.56 48.95
N ALA B 370 -7.72 -21.11 48.37
CA ALA B 370 -7.41 -19.68 48.34
C ALA B 370 -7.52 -18.99 46.96
N ASP B 371 -8.21 -17.85 46.89
CA ASP B 371 -8.17 -17.01 45.69
C ASP B 371 -6.87 -16.17 45.59
N ALA B 372 -6.83 -15.30 44.61
CA ALA B 372 -5.55 -14.71 44.20
C ALA B 372 -4.97 -13.69 45.19
N GLU B 373 -5.83 -12.98 45.90
CA GLU B 373 -5.37 -12.02 46.89
C GLU B 373 -5.09 -12.74 48.21
N GLY B 374 -5.49 -14.01 48.29
CA GLY B 374 -5.39 -14.77 49.53
C GLY B 374 -6.67 -15.09 50.30
N ASN B 375 -7.82 -15.01 49.66
CA ASN B 375 -9.12 -15.18 50.35
C ASN B 375 -9.80 -16.57 50.28
N PRO B 376 -10.24 -17.11 51.43
CA PRO B 376 -11.02 -18.37 51.45
C PRO B 376 -12.23 -18.39 50.49
N LEU B 377 -12.26 -19.40 49.63
CA LEU B 377 -13.42 -19.70 48.80
C LEU B 377 -14.33 -20.76 49.43
N PRO B 378 -15.61 -20.80 48.99
CA PRO B 378 -16.65 -21.77 49.38
C PRO B 378 -16.26 -23.19 49.00
N GLN B 379 -17.06 -24.22 49.26
CA GLN B 379 -16.58 -25.50 48.74
C GLN B 379 -17.43 -26.07 47.60
N GLY B 380 -17.26 -25.43 46.43
CA GLY B 380 -17.07 -26.01 45.12
C GLY B 380 -15.92 -25.38 44.33
N GLU B 381 -15.37 -24.29 44.86
CA GLU B 381 -14.60 -23.31 44.07
C GLU B 381 -13.12 -23.62 43.86
N VAL B 382 -12.53 -23.20 42.74
CA VAL B 382 -11.12 -23.53 42.46
C VAL B 382 -10.11 -22.43 42.79
N GLY B 383 -9.03 -22.81 43.47
CA GLY B 383 -8.03 -21.85 43.90
C GLY B 383 -6.76 -22.50 44.45
N ARG B 384 -5.84 -21.70 44.96
CA ARG B 384 -4.56 -22.20 45.44
C ARG B 384 -4.70 -22.96 46.78
N LEU B 385 -4.04 -24.11 46.88
CA LEU B 385 -4.07 -24.96 48.08
C LEU B 385 -3.19 -24.44 49.22
N MET B 386 -3.80 -24.22 50.38
CA MET B 386 -3.09 -23.78 51.59
C MET B 386 -3.26 -24.81 52.70
N THR B 387 -2.18 -25.10 53.41
CA THR B 387 -2.25 -26.06 54.51
C THR B 387 -1.19 -25.87 55.58
N ARG B 388 -1.56 -26.08 56.83
CA ARG B 388 -0.57 -26.26 57.91
C ARG B 388 -1.01 -27.49 58.67
N GLY B 389 -0.14 -28.03 59.52
CA GLY B 389 -0.49 -29.24 60.23
C GLY B 389 0.63 -29.86 61.03
N PRO B 390 0.36 -31.02 61.64
CA PRO B 390 1.28 -31.72 62.55
C PRO B 390 2.48 -32.30 61.82
N TYR B 391 2.32 -32.81 60.61
CA TYR B 391 3.47 -33.25 59.84
C TYR B 391 3.90 -32.30 58.69
N THR B 392 3.21 -31.17 58.49
CA THR B 392 3.64 -30.20 57.46
C THR B 392 4.62 -29.14 58.01
N PHE B 393 5.79 -29.02 57.39
CA PHE B 393 6.90 -28.21 57.92
C PHE B 393 6.66 -26.70 57.95
N ARG B 394 7.42 -26.00 58.76
CA ARG B 394 7.19 -24.56 58.90
C ARG B 394 8.13 -23.68 58.08
N GLY B 395 9.09 -24.29 57.40
CA GLY B 395 9.89 -23.58 56.42
C GLY B 395 11.11 -24.33 55.94
N TYR B 396 11.64 -23.89 54.80
CA TYR B 396 12.82 -24.52 54.19
C TYR B 396 14.09 -24.22 54.95
N TYR B 397 15.09 -25.05 54.74
CA TYR B 397 16.34 -24.95 55.49
C TYR B 397 17.18 -23.85 54.94
N LYS B 398 17.56 -22.92 55.79
CA LYS B 398 18.46 -21.83 55.39
C LYS B 398 18.06 -21.20 54.04
N SER B 399 16.76 -20.91 53.90
CA SER B 399 16.29 -20.27 52.69
C SER B 399 15.25 -19.18 53.00
N PRO B 400 15.69 -18.13 53.70
CA PRO B 400 14.77 -17.11 54.24
C PRO B 400 14.08 -16.36 53.12
N GLN B 401 14.79 -16.22 52.00
CA GLN B 401 14.30 -15.48 50.84
C GLN B 401 13.06 -16.18 50.31
N HIS B 402 13.17 -17.49 50.07
CA HIS B 402 12.03 -18.24 49.55
C HIS B 402 10.90 -18.44 50.57
N ASN B 403 11.29 -18.73 51.81
CA ASN B 403 10.34 -18.94 52.91
C ASN B 403 9.34 -17.82 53.00
N ALA B 404 9.78 -16.60 52.66
CA ALA B 404 8.93 -15.42 52.71
C ALA B 404 7.74 -15.52 51.76
N SER B 405 8.00 -16.08 50.57
CA SER B 405 6.98 -16.26 49.54
C SER B 405 6.15 -17.55 49.64
N ALA B 406 6.69 -18.56 50.33
CA ALA B 406 6.02 -19.86 50.40
C ALA B 406 5.00 -20.00 51.53
N PHE B 407 5.02 -19.08 52.50
CA PHE B 407 4.12 -19.12 53.64
C PHE B 407 3.41 -17.80 53.83
N ASP B 408 2.10 -17.85 54.08
CA ASP B 408 1.40 -16.63 54.44
C ASP B 408 1.76 -16.26 55.89
N ALA B 409 1.22 -15.14 56.39
CA ALA B 409 1.61 -14.63 57.70
C ALA B 409 1.17 -15.57 58.83
N ASN B 410 0.26 -16.48 58.52
CA ASN B 410 -0.28 -17.41 59.51
C ASN B 410 0.38 -18.79 59.60
N GLY B 411 1.39 -19.02 58.77
CA GLY B 411 2.12 -20.28 58.81
C GLY B 411 1.55 -21.35 57.88
N PHE B 412 0.55 -20.98 57.09
CA PHE B 412 0.00 -21.85 56.06
C PHE B 412 0.94 -21.96 54.86
N TYR B 413 1.35 -23.17 54.52
CA TYR B 413 2.19 -23.38 53.35
C TYR B 413 1.34 -23.37 52.11
N CYS B 414 1.93 -22.98 51.00
CA CYS B 414 1.24 -23.02 49.74
C CYS B 414 1.99 -23.90 48.76
N SER B 415 1.31 -24.94 48.27
CA SER B 415 1.95 -25.97 47.46
C SER B 415 2.07 -25.58 46.00
N GLY B 416 1.31 -24.56 45.61
CA GLY B 416 1.31 -24.08 44.24
C GLY B 416 0.36 -24.91 43.40
N ASP B 417 -0.49 -25.66 44.07
CA ASP B 417 -1.48 -26.49 43.41
C ASP B 417 -2.82 -25.80 43.34
N LEU B 418 -3.53 -25.98 42.24
CA LEU B 418 -4.90 -25.52 42.15
C LEU B 418 -5.80 -26.69 42.43
N ILE B 419 -6.63 -26.56 43.45
CA ILE B 419 -7.53 -27.63 43.83
C ILE B 419 -8.94 -27.10 43.96
N SER B 420 -9.86 -28.02 44.21
CA SER B 420 -11.24 -27.70 44.54
C SER B 420 -11.72 -28.72 45.58
N ILE B 421 -12.68 -28.35 46.42
CA ILE B 421 -13.13 -29.30 47.44
C ILE B 421 -14.59 -29.72 47.31
N ASP B 422 -14.82 -31.02 47.42
CA ASP B 422 -16.15 -31.60 47.40
C ASP B 422 -16.99 -31.04 48.51
N PRO B 423 -18.31 -31.10 48.32
CA PRO B 423 -19.22 -31.00 49.46
C PRO B 423 -18.92 -32.07 50.51
N GLU B 424 -18.35 -33.20 50.10
CA GLU B 424 -17.98 -34.27 51.03
C GLU B 424 -16.63 -34.01 51.70
N GLY B 425 -15.92 -33.00 51.21
CA GLY B 425 -14.65 -32.64 51.81
C GLY B 425 -13.45 -33.30 51.16
N TYR B 426 -13.66 -33.88 49.97
CA TYR B 426 -12.61 -34.55 49.22
C TYR B 426 -11.91 -33.59 48.24
N ILE B 427 -10.60 -33.73 48.09
CA ILE B 427 -9.84 -32.82 47.24
C ILE B 427 -9.64 -33.34 45.82
N THR B 428 -9.77 -32.45 44.84
CA THR B 428 -9.48 -32.76 43.45
C THR B 428 -8.45 -31.79 42.85
N VAL B 429 -7.43 -32.32 42.18
CA VAL B 429 -6.37 -31.44 41.71
C VAL B 429 -6.80 -30.91 40.35
N GLN B 430 -7.10 -29.61 40.37
CA GLN B 430 -7.67 -28.92 39.21
C GLN B 430 -6.67 -28.40 38.21
N GLY B 431 -5.51 -27.97 38.71
CA GLY B 431 -4.50 -27.33 37.89
C GLY B 431 -3.33 -26.84 38.71
N ARG B 432 -2.56 -25.89 38.17
CA ARG B 432 -1.33 -25.44 38.84
C ARG B 432 -0.97 -23.93 38.76
N GLU B 433 -0.83 -23.26 39.91
CA GLU B 433 -0.38 -21.83 40.01
C GLU B 433 1.15 -21.66 40.16
N LYS B 434 1.90 -22.72 39.90
CA LYS B 434 3.35 -22.74 40.06
C LYS B 434 4.07 -22.86 38.68
N ASP B 435 5.34 -22.42 38.60
CA ASP B 435 6.11 -22.82 37.41
C ASP B 435 6.97 -24.01 37.82
N GLN B 436 6.41 -25.18 37.61
CA GLN B 436 7.03 -26.45 37.93
C GLN B 436 6.42 -27.44 36.94
N ILE B 437 7.25 -28.34 36.43
CA ILE B 437 6.77 -29.30 35.47
C ILE B 437 6.78 -30.66 36.13
N ASN B 438 5.74 -31.45 35.93
CA ASN B 438 5.64 -32.70 36.64
C ASN B 438 5.74 -33.81 35.63
N ARG B 439 6.91 -34.42 35.58
CA ARG B 439 7.22 -35.33 34.49
C ARG B 439 7.39 -36.74 34.98
N GLY B 440 6.37 -37.57 34.74
CA GLY B 440 6.31 -38.92 35.28
C GLY B 440 6.34 -38.88 36.79
N GLY B 441 5.94 -37.74 37.34
CA GLY B 441 5.96 -37.57 38.77
C GLY B 441 7.31 -37.16 39.34
N GLU B 442 8.23 -36.74 38.48
CA GLU B 442 9.48 -36.09 38.93
C GLU B 442 9.30 -34.59 38.75
N LYS B 443 9.47 -33.80 39.80
CA LYS B 443 9.26 -32.37 39.66
C LYS B 443 10.46 -31.74 38.96
N ILE B 444 10.23 -30.74 38.11
CA ILE B 444 11.30 -30.03 37.38
C ILE B 444 11.12 -28.52 37.50
N ALA B 445 12.09 -27.81 38.08
CA ALA B 445 11.90 -26.38 38.34
C ALA B 445 12.13 -25.59 37.07
N ALA B 446 11.13 -24.83 36.63
CA ALA B 446 11.27 -24.21 35.32
C ALA B 446 12.42 -23.21 35.31
N GLU B 447 12.55 -22.45 36.39
CA GLU B 447 13.52 -21.38 36.43
C GLU B 447 14.92 -21.95 36.49
N GLU B 448 15.06 -23.14 37.07
CA GLU B 448 16.37 -23.79 37.26
C GLU B 448 16.94 -24.09 35.90
N ILE B 449 16.06 -24.53 35.03
CA ILE B 449 16.42 -24.91 33.69
C ILE B 449 16.56 -23.72 32.74
N GLU B 450 15.68 -22.75 32.88
CA GLU B 450 15.81 -21.52 32.11
C GLU B 450 17.19 -20.89 32.34
N ASN B 451 17.63 -20.87 33.58
CA ASN B 451 18.90 -20.24 33.94
C ASN B 451 20.09 -20.95 33.34
N LEU B 452 19.93 -22.25 33.11
CA LEU B 452 20.96 -23.02 32.42
C LEU B 452 20.95 -22.71 30.92
N LEU B 453 19.75 -22.62 30.36
CA LEU B 453 19.61 -22.29 28.95
C LEU B 453 20.23 -20.93 28.65
N LEU B 454 20.11 -19.99 29.57
CA LEU B 454 20.66 -18.65 29.37
C LEU B 454 22.18 -18.65 29.46
N ARG B 455 22.75 -19.78 29.83
CA ARG B 455 24.19 -19.89 29.88
C ARG B 455 24.74 -20.14 28.48
N HIS B 456 23.85 -20.50 27.58
CA HIS B 456 24.22 -20.73 26.20
C HIS B 456 24.32 -19.39 25.46
N PRO B 457 25.33 -19.25 24.60
CA PRO B 457 25.66 -18.01 23.90
C PRO B 457 24.55 -17.50 22.97
N ALA B 458 23.85 -18.42 22.32
CA ALA B 458 22.85 -18.06 21.32
C ALA B 458 21.46 -17.87 21.91
N VAL B 459 21.33 -18.05 23.21
CA VAL B 459 20.02 -17.94 23.80
C VAL B 459 19.88 -16.58 24.43
N ILE B 460 18.83 -15.86 24.00
CA ILE B 460 18.50 -14.54 24.54
C ILE B 460 17.47 -14.65 25.66
N TYR B 461 16.30 -15.20 25.34
CA TYR B 461 15.24 -15.36 26.33
C TYR B 461 14.80 -16.82 26.35
N ALA B 462 14.52 -17.34 27.54
CA ALA B 462 14.16 -18.74 27.66
C ALA B 462 12.94 -18.92 28.54
N ALA B 463 12.12 -19.90 28.16
CA ALA B 463 10.95 -20.24 28.95
C ALA B 463 10.70 -21.73 28.91
N LEU B 464 10.48 -22.34 30.06
CA LEU B 464 10.14 -23.76 30.10
C LEU B 464 8.70 -23.95 30.58
N VAL B 465 7.88 -24.62 29.77
CA VAL B 465 6.48 -24.88 30.12
C VAL B 465 6.14 -26.37 30.00
N SER B 466 5.05 -26.79 30.65
CA SER B 466 4.76 -28.19 30.49
C SER B 466 4.02 -28.37 29.20
N MET B 467 3.81 -29.62 28.81
CA MET B 467 2.97 -29.95 27.66
C MET B 467 2.42 -31.35 27.87
N GLU B 468 1.22 -31.60 27.34
CA GLU B 468 0.55 -32.90 27.48
C GLU B 468 1.34 -34.04 26.82
N ASP B 469 1.31 -35.21 27.46
CA ASP B 469 1.80 -36.44 26.83
C ASP B 469 0.94 -37.59 27.34
N GLU B 470 0.50 -38.46 26.45
CA GLU B 470 -0.46 -39.51 26.84
C GLU B 470 0.21 -40.40 27.86
N LEU B 471 1.50 -40.65 27.68
CA LEU B 471 2.21 -41.61 28.53
C LEU B 471 2.87 -40.98 29.76
N MET B 472 3.84 -40.07 29.57
CA MET B 472 4.52 -39.39 30.66
C MET B 472 3.58 -38.54 31.53
N GLY B 473 2.48 -38.14 30.92
CA GLY B 473 1.44 -37.29 31.49
C GLY B 473 1.74 -35.82 31.33
N GLU B 474 3.02 -35.46 31.37
CA GLU B 474 3.50 -34.11 31.07
C GLU B 474 4.91 -34.22 30.53
N LYS B 475 5.29 -33.35 29.61
CA LYS B 475 6.67 -33.34 29.15
C LYS B 475 7.14 -31.91 29.14
N SER B 476 8.46 -31.70 29.21
CA SER B 476 9.02 -30.34 29.20
C SER B 476 9.19 -29.85 27.76
N CYS B 477 8.77 -28.62 27.51
CA CYS B 477 9.03 -28.00 26.24
C CYS B 477 9.66 -26.63 26.47
N ALA B 478 10.82 -26.40 25.85
CA ALA B 478 11.55 -25.13 26.01
C ALA B 478 11.34 -24.21 24.83
N TYR B 479 10.84 -23.01 25.08
CA TYR B 479 10.68 -22.02 24.02
C TYR B 479 11.82 -21.01 24.10
N LEU B 480 12.58 -20.85 23.01
CA LEU B 480 13.76 -20.00 23.02
C LEU B 480 13.67 -18.89 21.99
N VAL B 481 14.27 -17.73 22.31
CA VAL B 481 14.52 -16.68 21.32
C VAL B 481 16.03 -16.63 21.07
N VAL B 482 16.42 -16.75 19.80
CA VAL B 482 17.79 -17.09 19.47
C VAL B 482 18.51 -16.12 18.52
N LYS B 483 19.80 -15.87 18.80
CA LYS B 483 20.74 -15.25 17.86
C LYS B 483 20.91 -16.07 16.57
N GLU B 484 21.60 -17.22 16.69
CA GLU B 484 21.80 -18.14 15.58
C GLU B 484 21.03 -19.41 15.86
N PRO B 485 20.19 -19.83 14.94
CA PRO B 485 19.22 -20.91 15.20
C PRO B 485 19.84 -22.16 15.84
N LEU B 486 19.08 -22.76 16.75
CA LEU B 486 19.52 -23.92 17.54
C LEU B 486 18.56 -25.10 17.35
N ARG B 487 19.10 -26.30 17.31
CA ARG B 487 18.32 -27.51 17.04
C ARG B 487 18.16 -28.28 18.38
N ALA B 488 17.03 -28.96 18.59
CA ALA B 488 16.73 -29.56 19.91
C ALA B 488 17.89 -30.40 20.43
N VAL B 489 18.47 -31.22 19.57
CA VAL B 489 19.60 -32.07 19.93
C VAL B 489 20.71 -31.25 20.60
N GLN B 490 21.06 -30.11 20.01
CA GLN B 490 22.16 -29.29 20.52
C GLN B 490 21.81 -28.79 21.90
N VAL B 491 20.55 -28.45 22.11
CA VAL B 491 20.11 -27.94 23.41
C VAL B 491 20.21 -29.02 24.45
N ARG B 492 19.60 -30.17 24.17
CA ARG B 492 19.64 -31.31 25.07
C ARG B 492 21.08 -31.69 25.35
N ARG B 493 21.88 -31.72 24.31
CA ARG B 493 23.28 -32.00 24.49
C ARG B 493 23.97 -30.91 25.35
N PHE B 494 23.67 -29.63 25.09
CA PHE B 494 24.32 -28.55 25.83
C PHE B 494 24.00 -28.65 27.30
N LEU B 495 22.72 -28.88 27.57
CA LEU B 495 22.26 -28.96 28.93
C LEU B 495 22.87 -30.17 29.61
N ARG B 496 22.95 -31.30 28.91
CA ARG B 496 23.52 -32.48 29.56
C ARG B 496 24.92 -32.18 30.05
N GLU B 497 25.73 -31.50 29.22
CA GLU B 497 27.08 -31.12 29.57
C GLU B 497 27.13 -30.21 30.81
N GLN B 498 25.99 -29.68 31.19
CA GLN B 498 25.90 -28.80 32.36
C GLN B 498 25.81 -29.63 33.64
N GLY B 499 25.75 -30.95 33.46
CA GLY B 499 25.71 -31.86 34.58
C GLY B 499 24.44 -31.84 35.39
N ILE B 500 23.32 -32.09 34.72
CA ILE B 500 22.02 -32.17 35.39
C ILE B 500 21.39 -33.53 35.14
N ALA B 501 20.39 -33.84 35.95
CA ALA B 501 19.70 -35.11 35.85
C ALA B 501 19.08 -35.26 34.48
N GLU B 502 19.17 -36.47 33.93
CA GLU B 502 18.75 -36.72 32.56
C GLU B 502 17.31 -36.32 32.21
N PHE B 503 16.38 -36.33 33.17
CA PHE B 503 14.98 -36.06 32.89
C PHE B 503 14.67 -34.59 32.85
N LYS B 504 15.68 -33.80 33.17
CA LYS B 504 15.56 -32.36 33.02
C LYS B 504 15.73 -31.86 31.57
N LEU B 505 16.50 -32.61 30.79
CA LEU B 505 16.63 -32.33 29.36
C LEU B 505 15.27 -32.30 28.71
N PRO B 506 14.98 -31.17 28.02
CA PRO B 506 13.67 -30.85 27.46
C PRO B 506 13.27 -31.85 26.39
N ASP B 507 11.99 -32.25 26.33
CA ASP B 507 11.55 -33.23 25.35
C ASP B 507 11.30 -32.59 24.01
N ARG B 508 11.10 -31.28 24.01
CA ARG B 508 10.88 -30.57 22.78
C ARG B 508 11.46 -29.18 22.91
N VAL B 509 12.00 -28.67 21.82
CA VAL B 509 12.49 -27.31 21.79
C VAL B 509 11.97 -26.58 20.58
N GLU B 510 11.44 -25.38 20.81
CA GLU B 510 10.83 -24.60 19.73
C GLU B 510 11.43 -23.22 19.73
N CYS B 511 12.18 -22.86 18.69
CA CYS B 511 12.71 -21.53 18.57
C CYS B 511 11.64 -20.63 17.95
N VAL B 512 11.47 -19.45 18.54
CA VAL B 512 10.39 -18.53 18.17
C VAL B 512 10.90 -17.11 18.01
N ASP B 513 10.08 -16.31 17.31
CA ASP B 513 10.45 -14.94 16.91
C ASP B 513 10.56 -13.94 18.07
N SER B 514 9.77 -14.17 19.13
CA SER B 514 9.67 -13.32 20.33
C SER B 514 9.03 -14.06 21.54
N LEU B 515 9.26 -13.54 22.74
CA LEU B 515 8.59 -14.03 23.95
C LEU B 515 8.14 -12.87 24.86
N PRO B 516 7.00 -13.04 25.52
CA PRO B 516 6.50 -12.00 26.42
C PRO B 516 7.49 -11.72 27.53
N LEU B 517 7.88 -10.47 27.73
CA LEU B 517 8.79 -10.14 28.81
C LEU B 517 8.13 -9.23 29.80
N THR B 518 8.28 -9.60 31.07
CA THR B 518 7.68 -8.85 32.17
C THR B 518 8.65 -7.81 32.65
N ALA B 519 8.17 -6.95 33.54
CA ALA B 519 8.99 -5.80 33.91
C ALA B 519 10.34 -6.18 34.51
N VAL B 520 10.43 -7.42 34.95
CA VAL B 520 11.64 -7.82 35.64
C VAL B 520 12.68 -8.49 34.73
N GLY B 521 12.30 -8.84 33.51
CA GLY B 521 13.22 -9.45 32.57
C GLY B 521 12.99 -10.89 32.19
N LYS B 522 12.20 -11.61 32.98
CA LYS B 522 11.82 -13.00 32.70
C LYS B 522 10.61 -13.11 31.75
N VAL B 523 10.56 -14.17 30.95
CA VAL B 523 9.39 -14.42 30.09
C VAL B 523 8.14 -14.51 30.93
N ASP B 524 7.02 -14.04 30.43
CA ASP B 524 5.79 -14.20 31.19
C ASP B 524 5.12 -15.53 30.84
N LYS B 525 5.11 -16.42 31.81
CA LYS B 525 4.56 -17.73 31.60
C LYS B 525 3.03 -17.73 31.45
N LYS B 526 2.29 -16.89 32.18
CA LYS B 526 0.81 -16.91 32.11
C LYS B 526 0.39 -16.69 30.68
N GLN B 527 0.96 -15.63 30.12
CA GLN B 527 0.74 -15.14 28.77
C GLN B 527 0.99 -16.20 27.73
N LEU B 528 2.28 -16.51 27.60
CA LEU B 528 2.73 -17.54 26.71
C LEU B 528 1.86 -18.80 26.84
N ARG B 529 1.52 -19.21 28.06
CA ARG B 529 0.66 -20.37 28.26
C ARG B 529 -0.72 -20.16 27.58
N GLN B 530 -1.20 -18.93 27.59
CA GLN B 530 -2.47 -18.56 26.92
C GLN B 530 -2.39 -18.59 25.38
N TRP B 531 -1.38 -17.95 24.79
CA TRP B 531 -1.23 -17.88 23.34
C TRP B 531 -0.71 -19.20 22.82
N LEU B 532 -0.69 -20.21 23.68
CA LEU B 532 -0.46 -21.59 23.22
C LEU B 532 -1.76 -22.35 23.25
N ALA B 533 -2.33 -22.50 24.45
CA ALA B 533 -3.56 -23.26 24.62
C ALA B 533 -4.72 -22.75 23.76
N SER B 534 -4.63 -21.50 23.29
CA SER B 534 -5.58 -20.93 22.32
C SER B 534 -5.44 -21.50 20.89
N ARG B 535 -4.23 -21.40 20.34
CA ARG B 535 -3.96 -21.93 19.02
C ARG B 535 -4.41 -23.40 18.96
N ALA B 536 -4.17 -24.14 20.04
CA ALA B 536 -4.45 -25.58 20.12
C ALA B 536 -5.91 -26.00 19.93
N SER B 537 -6.82 -25.31 20.62
CA SER B 537 -8.25 -25.53 20.44
C SER B 537 -8.79 -24.49 19.47
N SER B 542 -11.21 -28.77 15.69
CA SER B 542 -10.18 -28.60 14.63
C SER B 542 -10.30 -29.60 13.44
N ILE B 543 -10.67 -29.08 12.27
CA ILE B 543 -10.80 -29.86 11.05
C ILE B 543 -9.86 -29.31 9.96
N PRO B 544 -9.50 -30.14 8.95
CA PRO B 544 -8.38 -29.89 8.02
C PRO B 544 -8.33 -28.54 7.32
N ALA B 545 -7.09 -28.10 7.09
CA ALA B 545 -6.79 -26.79 6.53
C ALA B 545 -6.61 -26.82 5.02
N SER B 546 -5.51 -27.43 4.57
CA SER B 546 -5.22 -27.51 3.13
C SER B 546 -5.91 -28.70 2.45
N LYS B 547 -6.35 -28.53 1.21
CA LYS B 547 -6.81 -29.64 0.41
C LYS B 547 -5.79 -30.78 0.55
N ALA B 548 -4.53 -30.40 0.72
CA ALA B 548 -3.47 -31.37 0.96
C ALA B 548 -3.50 -31.93 2.38
N ALA B 549 -4.12 -31.17 3.31
CA ALA B 549 -4.30 -31.63 4.68
C ALA B 549 -5.47 -32.61 4.76
N LEU B 550 -6.42 -32.45 3.82
CA LEU B 550 -7.56 -33.35 3.71
C LEU B 550 -7.14 -34.69 3.09
N ARG B 551 -6.21 -34.63 2.13
CA ARG B 551 -5.63 -35.84 1.56
C ARG B 551 -4.96 -36.64 2.65
N GLU B 552 -4.29 -35.94 3.56
CA GLU B 552 -3.53 -36.59 4.63
C GLU B 552 -4.46 -37.37 5.55
N VAL B 553 -5.69 -36.87 5.69
CA VAL B 553 -6.69 -37.50 6.55
C VAL B 553 -7.39 -38.71 5.88
N ILE B 554 -7.59 -38.62 4.57
CA ILE B 554 -8.25 -39.66 3.78
C ILE B 554 -7.35 -40.89 3.51
N LEU B 555 -6.11 -40.67 3.13
CA LEU B 555 -5.22 -41.75 2.70
C LEU B 555 -5.22 -43.00 3.60
N PRO B 556 -5.13 -42.82 4.93
CA PRO B 556 -5.14 -43.96 5.88
C PRO B 556 -6.43 -44.80 5.82
N LEU B 557 -7.48 -44.24 5.23
CA LEU B 557 -8.77 -44.91 5.16
C LEU B 557 -8.91 -45.78 3.92
N LEU B 558 -7.97 -45.64 2.99
CA LEU B 558 -8.05 -46.37 1.72
C LEU B 558 -7.08 -47.53 1.70
N ASP B 559 -7.06 -48.24 0.58
CA ASP B 559 -6.05 -49.24 0.34
C ASP B 559 -4.69 -48.56 0.33
N GLU B 560 -3.78 -49.09 1.14
CA GLU B 560 -2.42 -48.59 1.17
C GLU B 560 -1.81 -48.71 -0.23
N SER B 561 -2.33 -49.65 -1.02
CA SER B 561 -1.78 -50.02 -2.34
C SER B 561 -1.65 -48.86 -3.36
N ASP B 562 -2.64 -47.98 -3.45
CA ASP B 562 -2.64 -46.94 -4.49
C ASP B 562 -2.89 -45.54 -3.92
N GLU B 563 -2.64 -44.49 -4.72
CA GLU B 563 -3.06 -43.15 -4.34
C GLU B 563 -3.96 -42.60 -5.43
N PRO B 564 -5.06 -41.98 -5.03
CA PRO B 564 -6.09 -41.43 -5.93
C PRO B 564 -5.78 -40.02 -6.46
N PHE B 565 -6.28 -39.74 -7.65
CA PHE B 565 -6.23 -38.38 -8.16
C PHE B 565 -7.37 -37.66 -7.50
N ASP B 566 -7.21 -36.36 -7.29
CA ASP B 566 -8.18 -35.59 -6.53
C ASP B 566 -9.63 -35.82 -7.00
N ASP B 567 -9.81 -36.16 -8.28
CA ASP B 567 -11.15 -36.33 -8.83
C ASP B 567 -11.63 -37.76 -8.93
N ASP B 568 -10.78 -38.70 -8.51
CA ASP B 568 -11.14 -40.13 -8.49
C ASP B 568 -12.25 -40.43 -7.46
N ASN B 569 -13.06 -41.46 -7.74
CA ASN B 569 -14.04 -41.93 -6.77
C ASN B 569 -13.37 -42.75 -5.66
N LEU B 570 -13.43 -42.26 -4.44
CA LEU B 570 -12.70 -42.85 -3.33
C LEU B 570 -13.17 -44.26 -2.90
N ILE B 571 -14.35 -44.68 -3.33
CA ILE B 571 -14.81 -46.02 -3.04
C ILE B 571 -13.98 -47.06 -3.82
N ASP B 572 -13.57 -46.69 -5.04
CA ASP B 572 -12.74 -47.55 -5.88
C ASP B 572 -11.38 -47.75 -5.22
N TYR B 573 -11.06 -46.89 -4.26
CA TYR B 573 -9.81 -46.98 -3.52
C TYR B 573 -9.98 -47.65 -2.15
N GLY B 574 -11.18 -48.15 -1.89
CA GLY B 574 -11.45 -48.99 -0.72
C GLY B 574 -11.96 -48.32 0.54
N LEU B 575 -12.43 -47.08 0.40
CA LEU B 575 -13.01 -46.33 1.52
C LEU B 575 -14.43 -46.85 1.73
N ASP B 576 -14.70 -47.38 2.93
CA ASP B 576 -15.97 -48.03 3.23
C ASP B 576 -16.99 -47.08 3.86
N SER B 577 -18.25 -47.30 3.55
CA SER B 577 -19.31 -46.39 3.95
C SER B 577 -19.31 -46.01 5.44
N VAL B 578 -18.85 -46.89 6.32
CA VAL B 578 -18.89 -46.56 7.75
C VAL B 578 -17.89 -45.46 8.11
N ARG B 579 -16.63 -45.59 7.67
CA ARG B 579 -15.62 -44.55 7.89
C ARG B 579 -16.06 -43.23 7.29
N MET B 580 -16.81 -43.30 6.20
CA MET B 580 -17.33 -42.12 5.56
C MET B 580 -18.35 -41.43 6.46
N MET B 581 -19.30 -42.18 7.00
CA MET B 581 -20.32 -41.64 7.90
C MET B 581 -19.68 -40.85 9.03
N ALA B 582 -18.60 -41.41 9.55
CA ALA B 582 -17.87 -40.81 10.64
C ALA B 582 -17.24 -39.50 10.22
N LEU B 583 -16.56 -39.49 9.08
CA LEU B 583 -15.98 -38.27 8.54
C LEU B 583 -17.06 -37.21 8.40
N ALA B 584 -18.23 -37.59 7.90
CA ALA B 584 -19.35 -36.66 7.81
C ALA B 584 -19.72 -36.08 9.17
N ALA B 585 -19.82 -36.95 10.18
CA ALA B 585 -20.12 -36.51 11.53
C ALA B 585 -19.11 -35.48 12.05
N ARG B 586 -17.82 -35.77 11.89
CA ARG B 586 -16.75 -34.87 12.33
C ARG B 586 -16.77 -33.51 11.61
N TRP B 587 -17.15 -33.51 10.33
CA TRP B 587 -17.23 -32.27 9.57
C TRP B 587 -18.55 -31.51 9.74
N ARG B 588 -19.58 -32.17 10.23
CA ARG B 588 -20.88 -31.52 10.41
C ARG B 588 -20.77 -30.48 11.53
N LYS B 589 -19.88 -30.76 12.48
CA LYS B 589 -19.66 -29.87 13.61
C LYS B 589 -19.10 -28.50 13.16
N VAL B 590 -18.75 -28.37 11.89
CA VAL B 590 -18.29 -27.09 11.31
C VAL B 590 -19.25 -26.57 10.24
N HIS B 591 -19.44 -27.32 9.17
CA HIS B 591 -20.55 -27.05 8.25
C HIS B 591 -21.66 -28.03 8.56
N GLY B 592 -22.73 -27.53 9.17
CA GLY B 592 -23.80 -28.38 9.68
C GLY B 592 -24.82 -28.87 8.66
N ASP B 593 -24.57 -28.61 7.37
CA ASP B 593 -25.43 -29.13 6.31
C ASP B 593 -24.91 -30.46 5.76
N ILE B 594 -23.69 -30.81 6.17
CA ILE B 594 -23.02 -32.02 5.75
C ILE B 594 -23.53 -33.24 6.53
N ASP B 595 -24.05 -34.22 5.80
CA ASP B 595 -24.45 -35.51 6.37
C ASP B 595 -23.75 -36.63 5.62
N PHE B 596 -24.11 -37.88 5.94
CA PHE B 596 -23.55 -39.00 5.22
C PHE B 596 -23.92 -38.96 3.75
N VAL B 597 -25.21 -38.79 3.47
CA VAL B 597 -25.71 -38.81 2.10
C VAL B 597 -25.01 -37.84 1.17
N MET B 598 -24.68 -36.66 1.69
CA MET B 598 -24.09 -35.64 0.83
C MET B 598 -22.69 -36.03 0.42
N LEU B 599 -21.89 -36.51 1.38
CA LEU B 599 -20.54 -36.96 1.09
C LEU B 599 -20.53 -38.05 0.02
N ALA B 600 -21.44 -39.00 0.15
CA ALA B 600 -21.47 -40.16 -0.72
C ALA B 600 -22.05 -39.89 -2.11
N LYS B 601 -22.88 -38.85 -2.24
CA LYS B 601 -23.45 -38.50 -3.53
C LYS B 601 -22.35 -38.29 -4.56
N ASN B 602 -21.31 -37.55 -4.16
CA ASN B 602 -20.08 -37.43 -4.97
C ASN B 602 -18.79 -37.49 -4.13
N PRO B 603 -18.26 -38.69 -3.91
CA PRO B 603 -17.15 -38.95 -2.99
C PRO B 603 -15.76 -38.79 -3.61
N THR B 604 -15.39 -37.57 -3.96
CA THR B 604 -14.05 -37.32 -4.49
C THR B 604 -13.37 -36.35 -3.54
N ILE B 605 -12.04 -36.27 -3.56
CA ILE B 605 -11.37 -35.29 -2.71
C ILE B 605 -11.71 -33.87 -3.14
N ASP B 606 -11.86 -33.66 -4.45
CA ASP B 606 -12.25 -32.37 -5.00
C ASP B 606 -13.60 -31.93 -4.43
N ALA B 607 -14.57 -32.82 -4.54
CA ALA B 607 -15.92 -32.57 -4.07
C ALA B 607 -15.98 -32.20 -2.59
N TRP B 608 -15.21 -32.91 -1.79
CA TRP B 608 -15.19 -32.70 -0.36
C TRP B 608 -14.40 -31.46 0.06
N TRP B 609 -13.49 -31.03 -0.80
CA TRP B 609 -12.77 -29.80 -0.55
C TRP B 609 -13.65 -28.59 -0.85
N LYS B 610 -14.37 -28.66 -1.97
CA LYS B 610 -15.33 -27.61 -2.31
C LYS B 610 -16.32 -27.40 -1.16
N LEU B 611 -16.60 -28.47 -0.42
CA LEU B 611 -17.54 -28.45 0.70
C LEU B 611 -16.97 -27.87 1.99
N LEU B 612 -15.67 -28.06 2.23
CA LEU B 612 -15.03 -27.55 3.43
C LEU B 612 -14.41 -26.15 3.21
N SER B 613 -14.47 -25.66 1.95
CA SER B 613 -14.05 -24.30 1.55
C SER B 613 -14.08 -23.28 2.70
N MET C 3 34.54 -56.82 7.81
CA MET C 3 34.21 -55.76 6.87
C MET C 3 35.09 -54.50 7.01
N SER C 4 34.99 -53.81 8.16
CA SER C 4 35.56 -52.45 8.36
C SER C 4 37.02 -52.32 7.95
N ILE C 5 37.29 -51.28 7.17
CA ILE C 5 38.51 -51.11 6.38
C ILE C 5 39.77 -50.87 7.22
N PRO C 6 40.86 -51.54 6.83
CA PRO C 6 42.17 -51.64 7.48
C PRO C 6 43.10 -50.42 7.37
N PHE C 7 42.93 -49.45 8.26
CA PHE C 7 43.89 -48.35 8.34
C PHE C 7 44.58 -48.27 9.69
N THR C 8 45.74 -47.60 9.72
CA THR C 8 46.47 -47.42 10.96
C THR C 8 45.76 -46.39 11.79
N ARG C 9 45.41 -46.77 13.01
CA ARG C 9 44.63 -45.88 13.85
C ARG C 9 45.55 -44.95 14.63
N TRP C 10 44.97 -44.03 15.37
CA TRP C 10 45.73 -43.16 16.25
C TRP C 10 45.86 -43.84 17.62
N PRO C 11 47.01 -43.65 18.29
CA PRO C 11 47.18 -44.11 19.66
C PRO C 11 46.03 -43.65 20.53
N GLU C 12 45.53 -44.54 21.41
CA GLU C 12 44.33 -44.27 22.20
C GLU C 12 44.42 -42.90 22.87
N GLU C 13 45.62 -42.57 23.35
CA GLU C 13 45.85 -41.31 24.08
C GLU C 13 45.55 -40.07 23.24
N PHE C 14 45.84 -40.17 21.94
CA PHE C 14 45.64 -39.06 20.99
C PHE C 14 44.17 -38.90 20.60
N ALA C 15 43.53 -40.03 20.30
CA ALA C 15 42.10 -40.02 20.00
C ALA C 15 41.31 -39.35 21.14
N ARG C 16 41.79 -39.46 22.36
CA ARG C 16 41.16 -38.82 23.52
C ARG C 16 41.40 -37.31 23.54
N ARG C 17 42.65 -36.88 23.38
CA ARG C 17 42.99 -35.45 23.39
C ARG C 17 42.36 -34.71 22.20
N TYR C 18 42.20 -35.43 21.09
CA TYR C 18 41.65 -34.81 19.89
C TYR C 18 40.14 -34.66 19.97
N ARG C 19 39.47 -35.54 20.69
CA ARG C 19 38.04 -35.34 20.93
C ARG C 19 37.85 -34.34 22.04
N GLU C 20 38.65 -34.44 23.09
CA GLU C 20 38.52 -33.55 24.24
C GLU C 20 38.85 -32.11 23.86
N LYS C 21 39.73 -31.93 22.86
CA LYS C 21 40.10 -30.58 22.45
C LYS C 21 39.16 -30.02 21.38
N GLY C 22 38.18 -30.82 20.98
CA GLY C 22 37.14 -30.35 20.07
C GLY C 22 37.41 -30.58 18.60
N TYR C 23 38.58 -31.13 18.29
CA TYR C 23 39.02 -31.37 16.92
C TYR C 23 38.15 -32.43 16.19
N TRP C 24 38.02 -33.61 16.77
CA TRP C 24 37.14 -34.62 16.19
C TRP C 24 35.73 -34.48 16.74
N GLN C 25 34.78 -34.10 15.89
CA GLN C 25 33.40 -33.95 16.34
C GLN C 25 32.55 -35.21 16.13
N ASP C 26 33.19 -36.29 15.69
CA ASP C 26 32.49 -37.55 15.46
C ASP C 26 31.23 -37.36 14.60
N LEU C 27 31.33 -36.53 13.56
CA LEU C 27 30.26 -36.35 12.60
C LEU C 27 30.70 -36.86 11.25
N PRO C 28 29.76 -37.40 10.46
CA PRO C 28 30.07 -37.90 9.12
C PRO C 28 30.45 -36.73 8.21
N LEU C 29 31.21 -37.00 7.15
CA LEU C 29 31.53 -35.94 6.18
C LEU C 29 30.29 -35.53 5.41
N THR C 30 29.29 -36.40 5.41
CA THR C 30 28.03 -36.07 4.76
C THR C 30 27.39 -34.85 5.42
N ASP C 31 27.62 -34.67 6.71
CA ASP C 31 27.05 -33.55 7.45
C ASP C 31 27.33 -32.22 6.77
N ILE C 32 28.41 -32.15 5.98
CA ILE C 32 28.76 -30.96 5.18
C ILE C 32 27.69 -30.58 4.16
N LEU C 33 27.21 -31.57 3.41
CA LEU C 33 26.12 -31.35 2.45
C LEU C 33 24.74 -31.38 3.10
N THR C 34 24.61 -32.14 4.19
CA THR C 34 23.37 -32.31 4.94
C THR C 34 22.81 -31.03 5.60
N ARG C 35 23.72 -30.26 6.19
CA ARG C 35 23.38 -28.97 6.79
C ARG C 35 22.53 -28.11 5.87
N HIS C 36 22.89 -28.14 4.59
CA HIS C 36 22.28 -27.29 3.57
C HIS C 36 21.19 -27.98 2.76
N ALA C 37 20.80 -29.18 3.18
CA ALA C 37 19.85 -29.99 2.42
C ALA C 37 18.56 -29.24 2.04
N ALA C 38 18.19 -28.27 2.86
CA ALA C 38 16.97 -27.51 2.65
C ALA C 38 17.19 -26.15 1.96
N SER C 39 18.44 -25.79 1.70
CA SER C 39 18.75 -24.49 1.09
C SER C 39 18.60 -24.50 -0.43
N ASP C 40 18.07 -23.42 -0.98
CA ASP C 40 17.91 -23.28 -2.42
C ASP C 40 18.99 -22.44 -3.08
N SER C 41 19.97 -21.98 -2.30
CA SER C 41 21.10 -21.22 -2.87
C SER C 41 22.04 -22.11 -3.69
N ILE C 42 22.85 -21.50 -4.53
CA ILE C 42 23.67 -22.23 -5.50
C ILE C 42 24.97 -22.82 -4.92
N ALA C 43 25.06 -24.14 -4.91
CA ALA C 43 26.28 -24.81 -4.48
C ALA C 43 27.33 -24.92 -5.59
N VAL C 44 26.91 -25.29 -6.80
CA VAL C 44 27.84 -25.58 -7.86
C VAL C 44 27.43 -24.97 -9.19
N ILE C 45 28.35 -24.25 -9.82
CA ILE C 45 28.10 -23.82 -11.19
C ILE C 45 29.06 -24.53 -12.13
N ASP C 46 28.50 -25.43 -12.96
CA ASP C 46 29.32 -26.16 -13.93
C ASP C 46 28.89 -25.79 -15.34
N GLY C 47 29.70 -24.96 -16.02
CA GLY C 47 29.30 -24.41 -17.30
C GLY C 47 28.03 -23.59 -17.19
N GLU C 48 27.01 -23.96 -17.98
CA GLU C 48 25.69 -23.31 -17.93
C GLU C 48 24.79 -23.79 -16.77
N ARG C 49 25.05 -25.01 -16.26
CA ARG C 49 24.27 -25.64 -15.17
C ARG C 49 24.57 -25.01 -13.81
N GLN C 50 23.52 -24.82 -13.00
CA GLN C 50 23.68 -24.40 -11.61
C GLN C 50 22.85 -25.29 -10.70
N LEU C 51 23.46 -25.80 -9.64
CA LEU C 51 22.76 -26.69 -8.71
C LEU C 51 22.65 -26.08 -7.31
N SER C 52 21.44 -26.15 -6.75
CA SER C 52 21.20 -25.72 -5.39
C SER C 52 21.74 -26.77 -4.44
N TYR C 53 22.01 -26.39 -3.20
CA TYR C 53 22.40 -27.36 -2.19
C TYR C 53 21.34 -28.45 -2.07
N ARG C 54 20.06 -28.07 -2.12
CA ARG C 54 18.98 -29.04 -2.08
C ARG C 54 19.12 -30.04 -3.23
N GLU C 55 19.40 -29.53 -4.43
CA GLU C 55 19.56 -30.36 -5.63
C GLU C 55 20.78 -31.24 -5.55
N LEU C 56 21.87 -30.66 -5.08
CA LEU C 56 23.13 -31.38 -4.96
C LEU C 56 22.98 -32.55 -4.00
N ASN C 57 22.54 -32.24 -2.78
CA ASN C 57 22.24 -33.26 -1.80
C ASN C 57 21.24 -34.30 -2.33
N GLN C 58 20.20 -33.84 -3.00
CA GLN C 58 19.23 -34.76 -3.62
C GLN C 58 19.86 -35.70 -4.63
N ALA C 59 20.65 -35.16 -5.55
CA ALA C 59 21.33 -35.95 -6.57
C ALA C 59 22.16 -37.05 -5.93
N ALA C 60 22.80 -36.70 -4.81
CA ALA C 60 23.66 -37.64 -4.08
C ALA C 60 22.86 -38.80 -3.51
N ASP C 61 21.71 -38.47 -2.90
CA ASP C 61 20.80 -39.46 -2.35
C ASP C 61 20.35 -40.43 -3.46
N ASN C 62 19.97 -39.85 -4.60
CA ASN C 62 19.53 -40.63 -5.76
C ASN C 62 20.59 -41.61 -6.24
N LEU C 63 21.79 -41.08 -6.49
CA LEU C 63 22.89 -41.89 -7.01
C LEU C 63 23.30 -42.95 -6.02
N ALA C 64 23.20 -42.64 -4.73
CA ALA C 64 23.52 -43.60 -3.68
C ALA C 64 22.45 -44.67 -3.59
N CYS C 65 21.19 -44.24 -3.64
CA CYS C 65 20.04 -45.13 -3.62
C CYS C 65 20.07 -46.09 -4.81
N SER C 66 20.34 -45.53 -5.99
CA SER C 66 20.48 -46.29 -7.24
C SER C 66 21.63 -47.29 -7.19
N LEU C 67 22.67 -46.95 -6.46
CA LEU C 67 23.82 -47.82 -6.33
C LEU C 67 23.53 -48.93 -5.35
N ARG C 68 22.76 -48.62 -4.32
CA ARG C 68 22.38 -49.62 -3.32
C ARG C 68 21.53 -50.69 -3.98
N ARG C 69 20.62 -50.23 -4.84
CA ARG C 69 19.79 -51.13 -5.63
C ARG C 69 20.62 -52.05 -6.53
N GLN C 70 21.79 -51.58 -6.97
CA GLN C 70 22.65 -52.37 -7.85
C GLN C 70 23.52 -53.34 -7.03
N GLY C 71 23.29 -53.33 -5.72
CA GLY C 71 23.90 -54.31 -4.84
C GLY C 71 25.25 -53.94 -4.25
N ILE C 72 25.49 -52.65 -4.08
CA ILE C 72 26.73 -52.18 -3.48
C ILE C 72 26.55 -52.09 -1.98
N LYS C 73 27.28 -52.92 -1.25
CA LYS C 73 27.17 -52.96 0.21
C LYS C 73 28.17 -52.02 0.91
N PRO C 74 27.76 -51.40 2.03
CA PRO C 74 28.65 -50.61 2.88
C PRO C 74 29.91 -51.36 3.23
N GLY C 75 31.04 -50.66 3.35
CA GLY C 75 32.31 -51.30 3.63
C GLY C 75 33.15 -51.54 2.39
N GLU C 76 32.52 -51.52 1.21
CA GLU C 76 33.27 -51.77 -0.01
C GLU C 76 33.99 -50.52 -0.49
N THR C 77 34.83 -50.66 -1.52
CA THR C 77 35.59 -49.54 -2.05
C THR C 77 35.25 -49.27 -3.50
N ALA C 78 35.55 -48.04 -3.96
CA ALA C 78 35.31 -47.68 -5.34
C ALA C 78 36.51 -47.03 -5.98
N LEU C 79 36.48 -46.97 -7.31
CA LEU C 79 37.48 -46.22 -8.09
C LEU C 79 36.74 -45.19 -8.95
N VAL C 80 36.95 -43.92 -8.65
CA VAL C 80 36.22 -42.89 -9.38
C VAL C 80 37.19 -42.07 -10.20
N GLN C 81 36.93 -41.95 -11.49
CA GLN C 81 37.72 -41.05 -12.29
C GLN C 81 36.82 -39.99 -12.93
N LEU C 82 36.81 -38.80 -12.37
CA LEU C 82 35.97 -37.76 -12.91
C LEU C 82 36.78 -36.48 -12.89
N GLY C 83 36.51 -35.60 -13.85
CA GLY C 83 37.25 -34.37 -14.00
C GLY C 83 36.70 -33.26 -13.13
N ASN C 84 36.80 -32.06 -13.65
CA ASN C 84 36.36 -30.87 -12.95
C ASN C 84 34.89 -30.59 -13.09
N VAL C 85 34.08 -31.64 -13.11
CA VAL C 85 32.64 -31.51 -13.34
C VAL C 85 31.79 -31.81 -12.09
N ALA C 86 30.57 -31.29 -12.04
CA ALA C 86 29.73 -31.43 -10.83
C ALA C 86 29.49 -32.87 -10.38
N GLU C 87 29.37 -33.78 -11.34
CA GLU C 87 29.17 -35.21 -11.04
C GLU C 87 30.26 -35.79 -10.12
N LEU C 88 31.43 -35.17 -10.09
CA LEU C 88 32.45 -35.58 -9.15
C LEU C 88 31.94 -35.34 -7.73
N TYR C 89 31.51 -34.11 -7.46
CA TYR C 89 31.06 -33.78 -6.11
C TYR C 89 29.81 -34.61 -5.72
N ILE C 90 28.96 -34.89 -6.69
CA ILE C 90 27.78 -35.69 -6.44
C ILE C 90 28.21 -37.11 -6.09
N THR C 91 29.14 -37.65 -6.87
CA THR C 91 29.58 -39.03 -6.69
C THR C 91 30.25 -39.20 -5.36
N PHE C 92 31.00 -38.17 -4.98
CA PHE C 92 31.73 -38.19 -3.74
C PHE C 92 30.74 -38.36 -2.58
N PHE C 93 29.75 -37.48 -2.52
CA PHE C 93 28.77 -37.52 -1.44
C PHE C 93 27.85 -38.72 -1.54
N ALA C 94 27.56 -39.15 -2.75
CA ALA C 94 26.78 -40.36 -2.93
C ALA C 94 27.49 -41.52 -2.27
N LEU C 95 28.79 -41.65 -2.52
CA LEU C 95 29.58 -42.75 -1.95
C LEU C 95 29.79 -42.60 -0.44
N LEU C 96 29.75 -41.36 0.05
CA LEU C 96 29.89 -41.14 1.48
C LEU C 96 28.62 -41.56 2.20
N LYS C 97 27.48 -41.31 1.56
CA LYS C 97 26.17 -41.65 2.10
C LYS C 97 25.94 -43.15 2.13
N LEU C 98 26.59 -43.89 1.23
CA LEU C 98 26.44 -45.36 1.19
C LEU C 98 27.30 -46.09 2.20
N GLY C 99 28.44 -45.50 2.55
CA GLY C 99 29.40 -46.15 3.45
C GLY C 99 30.60 -46.71 2.69
N VAL C 100 30.71 -46.31 1.43
CA VAL C 100 31.79 -46.74 0.52
C VAL C 100 32.97 -45.77 0.53
N ALA C 101 34.18 -46.30 0.36
CA ALA C 101 35.36 -45.45 0.32
C ALA C 101 36.01 -45.46 -1.06
N PRO C 102 35.87 -44.36 -1.81
CA PRO C 102 36.42 -44.33 -3.16
C PRO C 102 37.86 -43.83 -3.18
N VAL C 103 38.48 -43.89 -4.35
CA VAL C 103 39.73 -43.23 -4.62
C VAL C 103 39.38 -42.26 -5.71
N LEU C 104 39.67 -40.96 -5.52
CA LEU C 104 39.37 -40.02 -6.59
C LEU C 104 40.61 -39.89 -7.45
N ALA C 105 40.52 -40.52 -8.61
CA ALA C 105 41.64 -40.60 -9.54
C ALA C 105 41.67 -39.36 -10.38
N LEU C 106 42.87 -38.92 -10.71
CA LEU C 106 43.01 -37.79 -11.59
C LEU C 106 42.46 -38.15 -12.95
N PHE C 107 41.87 -37.19 -13.63
CA PHE C 107 41.40 -37.44 -14.98
C PHE C 107 42.56 -37.64 -15.95
N SER C 108 43.74 -37.15 -15.59
CA SER C 108 44.91 -37.26 -16.44
C SER C 108 45.54 -38.62 -16.37
N HIS C 109 45.13 -39.40 -15.36
CA HIS C 109 45.65 -40.75 -15.19
C HIS C 109 45.24 -41.66 -16.34
N GLN C 110 45.96 -42.76 -16.49
CA GLN C 110 45.83 -43.62 -17.66
C GLN C 110 45.86 -45.09 -17.26
N ARG C 111 46.05 -45.95 -18.26
CA ARG C 111 46.00 -47.39 -18.04
C ARG C 111 46.79 -47.91 -16.82
N SER C 112 48.05 -47.54 -16.66
CA SER C 112 48.82 -48.14 -15.59
C SER C 112 48.46 -47.62 -14.22
N GLU C 113 48.11 -46.34 -14.12
CA GLU C 113 47.71 -45.77 -12.84
C GLU C 113 46.39 -46.35 -12.35
N LEU C 114 45.42 -46.47 -13.24
CA LEU C 114 44.13 -47.03 -12.87
C LEU C 114 44.26 -48.49 -12.46
N ASN C 115 45.04 -49.26 -13.22
CA ASN C 115 45.31 -50.63 -12.84
C ASN C 115 45.89 -50.70 -11.43
N ALA C 116 46.96 -49.94 -11.20
CA ALA C 116 47.59 -49.84 -9.89
C ALA C 116 46.60 -49.60 -8.76
N TYR C 117 45.71 -48.63 -8.93
CA TYR C 117 44.74 -48.29 -7.89
C TYR C 117 43.78 -49.44 -7.60
N ALA C 118 43.20 -50.00 -8.66
CA ALA C 118 42.17 -51.03 -8.56
C ALA C 118 42.72 -52.29 -7.90
N SER C 119 44.01 -52.56 -8.11
CA SER C 119 44.70 -53.66 -7.44
C SER C 119 44.78 -53.57 -5.93
N GLN C 120 45.13 -52.40 -5.39
CA GLN C 120 45.20 -52.24 -3.93
C GLN C 120 43.81 -52.10 -3.30
N ILE C 121 42.93 -51.41 -4.00
CA ILE C 121 41.60 -51.11 -3.49
C ILE C 121 40.69 -52.34 -3.49
N GLU C 122 40.76 -53.13 -4.56
CA GLU C 122 39.78 -54.17 -4.86
C GLU C 122 38.37 -53.61 -4.86
N PRO C 123 38.10 -52.71 -5.82
CA PRO C 123 36.89 -51.90 -5.93
C PRO C 123 35.70 -52.73 -6.30
N ALA C 124 34.57 -52.45 -5.69
CA ALA C 124 33.34 -53.11 -6.11
C ALA C 124 32.64 -52.25 -7.15
N LEU C 125 33.15 -51.04 -7.35
CA LEU C 125 32.47 -50.05 -8.18
C LEU C 125 33.45 -49.24 -9.02
N LEU C 126 33.10 -49.03 -10.29
CA LEU C 126 33.91 -48.19 -11.16
C LEU C 126 33.05 -47.08 -11.73
N ILE C 127 33.53 -45.84 -11.61
CA ILE C 127 32.84 -44.72 -12.20
C ILE C 127 33.85 -43.93 -13.01
N ALA C 128 33.62 -43.84 -14.32
CA ALA C 128 34.54 -43.14 -15.22
C ALA C 128 33.73 -42.30 -16.22
N ASP C 129 34.42 -41.66 -17.18
CA ASP C 129 33.78 -40.73 -18.12
C ASP C 129 34.10 -41.21 -19.51
N ARG C 130 33.11 -41.26 -20.39
CA ARG C 130 33.35 -41.71 -21.77
C ARG C 130 34.08 -40.69 -22.65
N GLN C 131 34.22 -39.46 -22.16
CA GLN C 131 35.02 -38.45 -22.85
C GLN C 131 36.50 -38.65 -22.57
N HIS C 132 36.80 -39.52 -21.61
CA HIS C 132 38.16 -39.93 -21.33
C HIS C 132 38.61 -41.00 -22.36
N ALA C 133 39.84 -40.88 -22.85
CA ALA C 133 40.29 -41.73 -23.97
C ALA C 133 40.08 -43.24 -23.77
N LEU C 134 40.34 -43.74 -22.56
CA LEU C 134 40.18 -45.17 -22.27
C LEU C 134 38.73 -45.62 -22.33
N PHE C 135 37.82 -44.70 -22.06
CA PHE C 135 36.39 -45.00 -22.06
C PHE C 135 35.60 -44.58 -23.31
N SER C 136 36.35 -44.14 -24.32
CA SER C 136 35.83 -43.94 -25.67
C SER C 136 35.00 -45.13 -26.12
N GLY C 137 35.68 -46.25 -26.37
CA GLY C 137 35.00 -47.48 -26.73
C GLY C 137 34.92 -48.35 -25.52
N ASP C 138 34.28 -49.52 -25.61
CA ASP C 138 34.26 -50.44 -24.47
C ASP C 138 35.46 -51.41 -24.54
N ASP C 139 36.34 -51.19 -25.51
CA ASP C 139 37.56 -51.98 -25.66
C ASP C 139 38.31 -52.13 -24.31
N PHE C 140 38.91 -51.03 -23.87
CA PHE C 140 39.74 -51.07 -22.67
C PHE C 140 38.97 -51.58 -21.48
N LEU C 141 37.73 -51.11 -21.35
CA LEU C 141 36.90 -51.38 -20.17
C LEU C 141 36.69 -52.85 -19.95
N ASN C 142 36.17 -53.51 -20.98
CA ASN C 142 35.94 -54.94 -20.86
C ASN C 142 37.19 -55.64 -20.31
N THR C 143 38.35 -55.34 -20.89
CA THR C 143 39.63 -55.88 -20.43
C THR C 143 39.85 -55.56 -18.95
N PHE C 144 39.46 -54.35 -18.57
CA PHE C 144 39.67 -53.86 -17.21
C PHE C 144 38.85 -54.63 -16.16
N VAL C 145 37.55 -54.77 -16.41
CA VAL C 145 36.67 -55.43 -15.44
C VAL C 145 36.98 -56.91 -15.27
N THR C 146 37.45 -57.56 -16.32
CA THR C 146 37.82 -58.96 -16.20
C THR C 146 39.08 -59.07 -15.30
N GLU C 147 39.96 -58.09 -15.40
CA GLU C 147 41.28 -58.21 -14.76
C GLU C 147 41.31 -57.98 -13.24
N HIS C 148 40.50 -57.04 -12.73
CA HIS C 148 40.31 -56.97 -11.30
C HIS C 148 38.85 -57.34 -11.13
N SER C 149 38.64 -58.58 -10.70
CA SER C 149 37.34 -59.24 -10.79
C SER C 149 36.35 -58.72 -9.75
N SER C 150 36.87 -58.05 -8.73
CA SER C 150 36.04 -57.53 -7.65
C SER C 150 34.95 -56.59 -8.15
N ILE C 151 35.24 -55.85 -9.23
CA ILE C 151 34.29 -54.90 -9.81
C ILE C 151 32.96 -55.54 -10.24
N ARG C 152 31.85 -55.00 -9.74
CA ARG C 152 30.52 -55.53 -10.04
C ARG C 152 29.64 -54.56 -10.83
N VAL C 153 29.41 -53.39 -10.24
CA VAL C 153 28.75 -52.28 -10.92
C VAL C 153 29.69 -51.33 -11.72
N VAL C 154 29.22 -50.81 -12.85
CA VAL C 154 29.94 -49.76 -13.58
C VAL C 154 29.02 -48.66 -14.09
N GLN C 155 29.32 -47.41 -13.74
CA GLN C 155 28.56 -46.26 -14.23
C GLN C 155 29.50 -45.30 -14.98
N LEU C 156 29.05 -44.78 -16.12
CA LEU C 156 29.85 -43.85 -16.90
C LEU C 156 29.18 -42.50 -17.15
N LEU C 157 29.96 -41.43 -17.08
CA LEU C 157 29.46 -40.10 -17.39
C LEU C 157 29.47 -40.00 -18.91
N ASN C 158 28.44 -39.39 -19.50
CA ASN C 158 28.36 -39.31 -20.96
C ASN C 158 28.26 -40.67 -21.67
N ASP C 159 27.33 -41.50 -21.20
CA ASP C 159 26.98 -42.75 -21.89
C ASP C 159 25.53 -42.71 -22.37
N SER C 160 25.29 -43.31 -23.54
CA SER C 160 23.93 -43.55 -24.05
C SER C 160 23.48 -44.99 -23.76
N GLY C 161 24.38 -45.79 -23.21
CA GLY C 161 24.16 -47.22 -23.09
C GLY C 161 23.51 -47.72 -21.81
N GLU C 162 23.90 -48.93 -21.40
CA GLU C 162 23.40 -49.59 -20.19
C GLU C 162 23.77 -48.83 -18.91
N HIS C 163 24.99 -48.32 -18.96
CA HIS C 163 25.77 -47.90 -17.81
C HIS C 163 25.65 -46.42 -17.46
N ASN C 164 24.73 -45.70 -18.10
CA ASN C 164 24.59 -44.26 -17.91
C ASN C 164 24.49 -43.81 -16.45
N LEU C 165 25.36 -42.89 -16.09
CA LEU C 165 25.46 -42.40 -14.72
C LEU C 165 24.33 -41.42 -14.42
N GLN C 166 23.95 -40.63 -15.43
CA GLN C 166 22.91 -39.63 -15.27
C GLN C 166 21.58 -40.31 -14.95
N ASP C 167 21.38 -41.50 -15.50
CA ASP C 167 20.15 -42.25 -15.26
C ASP C 167 19.97 -42.54 -13.78
N ALA C 168 21.06 -43.01 -13.17
CA ALA C 168 21.06 -43.34 -11.76
C ALA C 168 21.01 -42.07 -10.90
N ILE C 169 21.51 -40.96 -11.41
CA ILE C 169 21.52 -39.72 -10.66
C ILE C 169 20.13 -39.08 -10.61
N ASN C 170 19.37 -39.27 -11.69
CA ASN C 170 18.02 -38.70 -11.79
C ASN C 170 16.87 -39.62 -11.33
N HIS C 171 17.17 -40.90 -11.17
CA HIS C 171 16.21 -41.86 -10.65
C HIS C 171 16.06 -41.59 -9.15
N PRO C 172 14.88 -41.10 -8.74
CA PRO C 172 14.66 -40.62 -7.36
C PRO C 172 14.84 -41.68 -6.28
N ALA C 173 14.52 -41.28 -5.05
CA ALA C 173 14.82 -42.10 -3.90
C ALA C 173 13.65 -42.95 -3.41
N GLU C 174 13.98 -44.23 -3.20
CA GLU C 174 13.09 -45.29 -2.72
C GLU C 174 12.88 -44.99 -1.25
N ASP C 175 12.49 -45.98 -0.46
CA ASP C 175 12.73 -45.81 0.94
C ASP C 175 14.26 -45.97 0.99
N PHE C 176 14.95 -44.90 1.39
CA PHE C 176 16.42 -44.86 1.42
C PHE C 176 16.92 -44.04 2.61
N THR C 177 17.89 -44.60 3.33
CA THR C 177 18.55 -43.81 4.37
C THR C 177 20.06 -43.89 4.22
N ALA C 178 20.69 -42.72 4.24
CA ALA C 178 22.14 -42.60 4.26
C ALA C 178 22.70 -43.40 5.43
N THR C 179 23.70 -44.23 5.16
CA THR C 179 24.37 -45.02 6.19
C THR C 179 25.90 -44.93 6.12
N PRO C 180 26.45 -43.75 6.44
CA PRO C 180 27.88 -43.44 6.36
C PRO C 180 28.68 -44.33 7.32
N SER C 181 29.96 -44.54 7.06
CA SER C 181 30.78 -45.30 8.00
C SER C 181 31.01 -44.46 9.26
N PRO C 182 31.30 -45.13 10.39
CA PRO C 182 31.48 -44.40 11.65
C PRO C 182 32.57 -43.34 11.53
N ALA C 183 32.43 -42.26 12.28
CA ALA C 183 33.37 -41.14 12.20
C ALA C 183 34.86 -41.52 12.34
N ASP C 184 35.17 -42.50 13.17
CA ASP C 184 36.57 -42.93 13.31
C ASP C 184 36.97 -44.04 12.36
N GLU C 185 36.10 -44.34 11.40
CA GLU C 185 36.38 -45.35 10.37
C GLU C 185 36.67 -44.64 9.05
N VAL C 186 37.40 -45.29 8.15
CA VAL C 186 37.79 -44.67 6.88
C VAL C 186 36.66 -44.06 6.03
N ALA C 187 36.88 -42.85 5.57
CA ALA C 187 35.91 -42.13 4.76
C ALA C 187 36.21 -42.28 3.28
N TYR C 188 37.38 -41.83 2.86
CA TYR C 188 37.91 -42.20 1.55
C TYR C 188 39.43 -42.23 1.49
N PHE C 189 39.97 -42.47 0.30
CA PHE C 189 41.40 -42.48 0.09
C PHE C 189 41.88 -41.27 -0.73
N GLN C 190 43.02 -40.72 -0.31
CA GLN C 190 43.63 -39.63 -1.05
C GLN C 190 44.93 -40.16 -1.61
N LEU C 191 45.40 -39.53 -2.68
CA LEU C 191 46.63 -39.97 -3.35
C LEU C 191 47.87 -39.19 -2.93
N SER C 192 48.93 -39.95 -2.68
CA SER C 192 50.28 -39.42 -2.55
C SER C 192 50.86 -39.19 -3.92
N GLY C 193 51.32 -37.96 -4.14
CA GLY C 193 52.29 -37.72 -5.19
C GLY C 193 53.40 -38.64 -4.78
N GLY C 194 53.83 -39.51 -5.69
CA GLY C 194 54.68 -40.63 -5.28
C GLY C 194 56.05 -40.27 -4.71
N THR C 195 56.47 -40.97 -3.66
CA THR C 195 57.89 -41.13 -3.40
C THR C 195 58.37 -42.38 -4.15
N THR C 196 57.56 -43.43 -4.03
CA THR C 196 57.91 -44.78 -4.49
C THR C 196 57.60 -44.98 -5.96
N GLY C 197 57.72 -46.24 -6.39
CA GLY C 197 57.37 -46.63 -7.74
C GLY C 197 56.05 -47.38 -7.79
N THR C 198 55.43 -47.54 -6.63
CA THR C 198 54.06 -48.00 -6.55
C THR C 198 53.18 -46.96 -5.86
N PRO C 199 52.19 -46.40 -6.58
CA PRO C 199 51.28 -45.44 -5.93
C PRO C 199 50.76 -45.92 -4.59
N LYS C 200 50.83 -45.04 -3.58
CA LYS C 200 50.68 -45.39 -2.16
C LYS C 200 49.52 -44.58 -1.56
N LEU C 201 48.46 -45.25 -1.08
CA LEU C 201 47.20 -44.58 -0.80
C LEU C 201 47.04 -44.10 0.66
N ILE C 202 46.38 -42.95 0.81
CA ILE C 202 46.23 -42.36 2.12
C ILE C 202 44.80 -42.43 2.64
N PRO C 203 44.55 -43.27 3.66
CA PRO C 203 43.21 -43.36 4.23
C PRO C 203 42.89 -42.11 5.02
N ARG C 204 41.70 -41.54 4.88
CA ARG C 204 41.29 -40.40 5.69
C ARG C 204 39.96 -40.72 6.38
N THR C 205 39.94 -40.72 7.71
CA THR C 205 38.71 -41.01 8.45
C THR C 205 37.81 -39.78 8.45
N HIS C 206 36.51 -39.98 8.65
CA HIS C 206 35.59 -38.86 8.65
C HIS C 206 36.07 -37.81 9.63
N ASN C 207 36.47 -38.25 10.83
CA ASN C 207 36.89 -37.35 11.92
C ASN C 207 38.02 -36.43 11.52
N ASP C 208 39.13 -37.00 11.09
CA ASP C 208 40.32 -36.21 10.81
C ASP C 208 40.09 -35.32 9.59
N TYR C 209 39.39 -35.83 8.59
CA TYR C 209 39.22 -35.06 7.37
C TYR C 209 38.29 -33.87 7.57
N TYR C 210 37.23 -34.09 8.32
CA TYR C 210 36.26 -33.03 8.60
C TYR C 210 36.94 -31.88 9.32
N TYR C 211 37.80 -32.18 10.30
CA TYR C 211 38.58 -31.15 10.99
C TYR C 211 39.39 -30.31 10.00
N SER C 212 40.13 -31.00 9.13
CA SER C 212 40.90 -30.37 8.07
C SER C 212 40.05 -29.29 7.40
N VAL C 213 38.83 -29.64 7.02
CA VAL C 213 37.97 -28.73 6.31
C VAL C 213 37.47 -27.59 7.18
N ARG C 214 36.96 -27.89 8.38
CA ARG C 214 36.41 -26.85 9.27
C ARG C 214 37.45 -25.79 9.55
N ARG C 215 38.59 -26.22 10.08
CA ARG C 215 39.64 -25.34 10.52
C ARG C 215 40.21 -24.52 9.37
N SER C 216 40.10 -25.07 8.16
CA SER C 216 40.54 -24.37 6.98
C SER C 216 39.57 -23.25 6.64
N VAL C 217 38.28 -23.52 6.82
CA VAL C 217 37.28 -22.49 6.64
C VAL C 217 37.47 -21.33 7.61
N GLU C 218 37.72 -21.64 8.87
CA GLU C 218 37.94 -20.60 9.88
C GLU C 218 39.09 -19.70 9.47
N ILE C 219 40.23 -20.29 9.11
CA ILE C 219 41.44 -19.55 8.80
C ILE C 219 41.29 -18.70 7.54
N CYS C 220 40.58 -19.20 6.56
CA CYS C 220 40.42 -18.49 5.30
C CYS C 220 39.19 -17.61 5.26
N GLN C 221 38.50 -17.53 6.39
CA GLN C 221 37.33 -16.68 6.53
C GLN C 221 36.33 -16.93 5.40
N PHE C 222 36.01 -18.21 5.19
CA PHE C 222 35.03 -18.63 4.21
C PHE C 222 33.61 -18.44 4.73
N THR C 223 32.67 -18.19 3.83
CA THR C 223 31.25 -17.97 4.17
C THR C 223 30.28 -18.16 2.98
N GLN C 224 29.00 -17.88 3.19
CA GLN C 224 28.01 -17.90 2.10
C GLN C 224 28.37 -16.84 1.05
N GLN C 225 29.01 -15.76 1.51
CA GLN C 225 29.37 -14.64 0.65
C GLN C 225 30.74 -14.95 0.03
N THR C 226 31.19 -16.18 0.25
CA THR C 226 32.38 -16.71 -0.42
C THR C 226 32.05 -17.42 -1.74
N ARG C 227 32.69 -16.94 -2.81
CA ARG C 227 32.57 -17.52 -4.16
C ARG C 227 33.93 -18.06 -4.72
N TYR C 228 33.96 -19.34 -5.07
CA TYR C 228 35.23 -20.05 -5.27
C TYR C 228 35.36 -20.65 -6.66
N LEU C 229 36.37 -20.21 -7.39
CA LEU C 229 36.71 -20.81 -8.69
C LEU C 229 37.65 -22.02 -8.49
N CYS C 230 37.20 -23.21 -8.87
CA CYS C 230 38.07 -24.35 -8.76
C CYS C 230 38.54 -24.72 -10.15
N ALA C 231 39.74 -24.25 -10.53
CA ALA C 231 40.28 -24.54 -11.85
C ALA C 231 41.41 -25.57 -11.92
N ILE C 232 42.05 -25.84 -10.78
CA ILE C 232 43.07 -26.87 -10.77
C ILE C 232 42.35 -28.19 -10.59
N PRO C 233 43.03 -29.31 -10.81
CA PRO C 233 42.30 -30.58 -10.73
C PRO C 233 41.50 -30.74 -9.42
N ALA C 234 40.21 -31.04 -9.57
CA ALA C 234 39.28 -30.92 -8.47
C ALA C 234 39.48 -32.01 -7.43
N ALA C 235 40.10 -33.09 -7.87
CA ALA C 235 40.22 -34.28 -7.06
C ALA C 235 41.42 -34.26 -6.11
N HIS C 236 42.31 -33.27 -6.25
CA HIS C 236 43.49 -33.20 -5.39
C HIS C 236 43.14 -32.65 -4.05
N ASN C 237 43.91 -33.01 -3.03
CA ASN C 237 43.59 -32.59 -1.68
C ASN C 237 43.46 -31.07 -1.53
N TYR C 238 44.19 -30.33 -2.36
CA TYR C 238 44.26 -28.86 -2.29
C TYR C 238 42.94 -28.23 -2.70
N ALA C 239 42.46 -28.59 -3.89
CA ALA C 239 41.19 -28.06 -4.38
C ALA C 239 39.98 -28.79 -3.77
N MET C 240 40.25 -29.69 -2.86
CA MET C 240 39.19 -30.45 -2.24
C MET C 240 39.00 -29.96 -0.80
N SER C 241 40.02 -30.12 0.02
CA SER C 241 39.91 -29.78 1.44
C SER C 241 40.55 -28.51 1.96
N SER C 242 41.23 -27.71 1.15
CA SER C 242 42.13 -26.71 1.77
C SER C 242 41.99 -25.21 1.46
N PRO C 243 40.84 -24.61 1.79
CA PRO C 243 39.60 -25.30 2.18
C PRO C 243 38.98 -25.97 0.96
N GLY C 244 39.28 -25.46 -0.24
CA GLY C 244 38.85 -26.09 -1.47
C GLY C 244 37.35 -26.19 -1.50
N SER C 245 36.82 -26.91 -2.49
CA SER C 245 35.37 -27.00 -2.68
C SER C 245 34.54 -27.49 -1.49
N LEU C 246 35.04 -28.47 -0.74
CA LEU C 246 34.35 -28.99 0.44
C LEU C 246 34.27 -27.93 1.51
N GLY C 247 35.31 -27.09 1.61
CA GLY C 247 35.30 -25.99 2.56
C GLY C 247 34.23 -24.98 2.20
N VAL C 248 34.02 -24.81 0.89
CA VAL C 248 33.00 -23.93 0.36
C VAL C 248 31.61 -24.48 0.65
N PHE C 249 31.44 -25.79 0.47
CA PHE C 249 30.17 -26.45 0.77
C PHE C 249 29.77 -26.36 2.24
N LEU C 250 30.73 -26.53 3.13
CA LEU C 250 30.46 -26.45 4.55
C LEU C 250 29.92 -25.08 4.89
N ALA C 251 30.45 -24.05 4.24
CA ALA C 251 30.13 -22.68 4.57
C ALA C 251 28.90 -22.10 3.82
N GLY C 252 28.34 -22.86 2.88
CA GLY C 252 27.22 -22.42 2.07
C GLY C 252 27.55 -21.52 0.89
N GLY C 253 28.82 -21.44 0.54
CA GLY C 253 29.25 -20.63 -0.60
C GLY C 253 28.94 -21.26 -1.94
N THR C 254 29.57 -20.74 -2.98
CA THR C 254 29.33 -21.24 -4.33
C THR C 254 30.63 -21.68 -4.99
N VAL C 255 30.64 -22.90 -5.53
CA VAL C 255 31.81 -23.42 -6.25
C VAL C 255 31.59 -23.28 -7.75
N VAL C 256 32.56 -22.66 -8.41
CA VAL C 256 32.53 -22.47 -9.84
C VAL C 256 33.55 -23.36 -10.51
N LEU C 257 33.09 -24.39 -11.20
CA LEU C 257 33.99 -25.35 -11.81
C LEU C 257 34.51 -24.87 -13.17
N ALA C 258 35.78 -25.14 -13.44
CA ALA C 258 36.39 -24.81 -14.73
C ALA C 258 37.28 -25.97 -15.11
N ALA C 259 37.30 -26.33 -16.40
CA ALA C 259 38.07 -27.48 -16.88
C ALA C 259 39.62 -27.38 -16.68
N ASP C 260 40.18 -26.19 -16.84
CA ASP C 260 41.61 -26.02 -16.66
C ASP C 260 41.85 -24.61 -16.13
N PRO C 261 43.11 -24.30 -15.77
CA PRO C 261 43.28 -22.96 -15.22
C PRO C 261 43.83 -21.95 -16.23
N SER C 262 43.27 -21.88 -17.42
CA SER C 262 43.83 -21.00 -18.41
C SER C 262 43.21 -19.63 -18.24
N ALA C 263 44.01 -18.58 -18.38
CA ALA C 263 43.50 -17.22 -18.22
C ALA C 263 42.34 -16.98 -19.20
N THR C 264 42.36 -17.68 -20.34
CA THR C 264 41.36 -17.53 -21.38
C THR C 264 40.00 -18.03 -20.88
N LEU C 265 40.02 -19.15 -20.17
CA LEU C 265 38.80 -19.75 -19.63
C LEU C 265 38.34 -19.12 -18.33
N CYS C 266 39.29 -18.81 -17.46
CA CYS C 266 39.00 -18.40 -16.10
C CYS C 266 38.58 -16.95 -15.98
N PHE C 267 39.29 -16.05 -16.66
CA PHE C 267 39.01 -14.63 -16.53
C PHE C 267 37.52 -14.34 -16.73
N PRO C 268 36.93 -14.81 -17.88
CA PRO C 268 35.48 -14.70 -18.09
C PRO C 268 34.60 -15.21 -16.93
N LEU C 269 34.98 -16.33 -16.33
CA LEU C 269 34.18 -16.91 -15.25
C LEU C 269 34.25 -16.14 -13.94
N ILE C 270 35.42 -15.60 -13.63
CA ILE C 270 35.60 -14.81 -12.40
C ILE C 270 34.71 -13.56 -12.42
N GLU C 271 34.70 -12.83 -13.55
CA GLU C 271 33.86 -11.65 -13.71
C GLU C 271 32.38 -12.09 -13.75
N LYS C 272 32.05 -13.01 -14.66
CA LYS C 272 30.66 -13.45 -14.84
C LYS C 272 30.00 -13.91 -13.53
N HIS C 273 30.72 -14.71 -12.76
CA HIS C 273 30.16 -15.22 -11.51
C HIS C 273 30.61 -14.49 -10.24
N GLN C 274 31.36 -13.40 -10.42
CA GLN C 274 31.78 -12.53 -9.33
C GLN C 274 32.55 -13.30 -8.26
N VAL C 275 33.57 -14.02 -8.70
CA VAL C 275 34.37 -14.87 -7.84
C VAL C 275 35.29 -14.06 -6.95
N ASN C 276 35.21 -14.29 -5.64
CA ASN C 276 36.08 -13.61 -4.70
C ASN C 276 37.33 -14.39 -4.20
N VAL C 277 37.44 -15.65 -4.57
CA VAL C 277 38.58 -16.45 -4.13
C VAL C 277 38.88 -17.59 -5.11
N THR C 278 40.15 -17.95 -5.24
CA THR C 278 40.54 -19.08 -6.08
C THR C 278 41.89 -19.67 -5.64
N ALA C 279 42.17 -20.90 -6.03
CA ALA C 279 43.44 -21.49 -5.69
C ALA C 279 44.21 -21.89 -6.95
N LEU C 280 45.51 -21.62 -6.93
CA LEU C 280 46.37 -21.86 -8.07
C LEU C 280 47.72 -22.42 -7.67
N VAL C 281 48.46 -22.88 -8.68
CA VAL C 281 49.81 -23.33 -8.49
C VAL C 281 50.70 -22.34 -9.22
N PRO C 282 51.95 -22.18 -8.77
CA PRO C 282 52.81 -21.11 -9.28
C PRO C 282 52.82 -20.95 -10.81
N PRO C 283 52.88 -22.05 -11.59
CA PRO C 283 52.87 -21.88 -13.05
C PRO C 283 51.61 -21.21 -13.60
N ALA C 284 50.47 -21.35 -12.93
CA ALA C 284 49.25 -20.71 -13.43
C ALA C 284 49.28 -19.23 -13.11
N VAL C 285 49.82 -18.90 -11.95
CA VAL C 285 49.98 -17.50 -11.57
C VAL C 285 50.85 -16.77 -12.60
N SER C 286 51.97 -17.38 -13.01
CA SER C 286 52.80 -16.81 -14.06
C SER C 286 51.98 -16.57 -15.32
N LEU C 287 51.20 -17.58 -15.71
CA LEU C 287 50.37 -17.51 -16.92
C LEU C 287 49.37 -16.36 -16.84
N TRP C 288 48.75 -16.18 -15.68
CA TRP C 288 47.78 -15.12 -15.47
C TRP C 288 48.38 -13.71 -15.46
N LEU C 289 49.46 -13.51 -14.73
CA LEU C 289 50.11 -12.20 -14.67
C LEU C 289 50.57 -11.74 -16.05
N GLN C 290 51.03 -12.67 -16.88
CA GLN C 290 51.47 -12.36 -18.25
C GLN C 290 50.28 -12.13 -19.17
N ALA C 291 49.22 -12.90 -19.03
CA ALA C 291 48.01 -12.67 -19.80
C ALA C 291 47.46 -11.26 -19.60
N LEU C 292 47.66 -10.69 -18.41
CA LEU C 292 47.23 -9.32 -18.08
C LEU C 292 48.08 -8.32 -18.84
N ILE C 293 49.40 -8.51 -18.78
CA ILE C 293 50.34 -7.68 -19.50
C ILE C 293 50.12 -7.73 -21.02
N GLU C 294 49.62 -8.87 -21.50
CA GLU C 294 49.43 -9.10 -22.94
C GLU C 294 48.07 -8.61 -23.40
N GLY C 295 47.43 -7.89 -22.48
CA GLY C 295 46.26 -7.10 -22.82
C GLY C 295 44.92 -7.52 -22.30
N GLU C 296 44.88 -8.49 -21.39
CA GLU C 296 43.65 -8.80 -20.69
C GLU C 296 43.33 -7.70 -19.67
N SER C 297 42.05 -7.39 -19.52
CA SER C 297 41.67 -6.29 -18.65
C SER C 297 41.69 -6.64 -17.17
N ARG C 298 42.54 -5.96 -16.40
CA ARG C 298 42.74 -6.27 -14.98
C ARG C 298 41.42 -6.13 -14.22
N ALA C 299 40.40 -5.66 -14.94
CA ALA C 299 39.11 -5.38 -14.35
C ALA C 299 38.15 -6.56 -14.23
N GLN C 300 38.35 -7.63 -15.02
CA GLN C 300 37.45 -8.79 -14.92
C GLN C 300 37.73 -9.51 -13.61
N LEU C 301 38.96 -9.33 -13.14
CA LEU C 301 39.48 -9.97 -11.93
C LEU C 301 39.25 -9.11 -10.67
N ALA C 302 38.47 -8.04 -10.83
CA ALA C 302 38.26 -7.07 -9.76
C ALA C 302 37.45 -7.58 -8.54
N SER C 303 36.62 -8.58 -8.73
CA SER C 303 35.85 -9.14 -7.62
C SER C 303 36.68 -10.06 -6.74
N LEU C 304 37.84 -10.46 -7.24
CA LEU C 304 38.64 -11.46 -6.55
C LEU C 304 39.42 -10.80 -5.43
N LYS C 305 39.06 -11.17 -4.20
CA LYS C 305 39.72 -10.62 -3.03
C LYS C 305 40.82 -11.54 -2.45
N LEU C 306 40.89 -12.80 -2.87
CA LEU C 306 41.89 -13.74 -2.31
C LEU C 306 42.44 -14.73 -3.34
N LEU C 307 43.75 -14.88 -3.37
CA LEU C 307 44.38 -15.83 -4.28
C LEU C 307 45.28 -16.77 -3.49
N GLN C 308 44.88 -18.04 -3.44
CA GLN C 308 45.69 -19.07 -2.80
C GLN C 308 46.71 -19.61 -3.78
N VAL C 309 47.93 -19.76 -3.31
CA VAL C 309 48.97 -20.30 -4.17
C VAL C 309 49.75 -21.35 -3.39
N GLY C 310 49.85 -22.56 -3.95
CA GLY C 310 50.58 -23.63 -3.29
C GLY C 310 50.90 -24.82 -4.17
N GLY C 311 51.45 -25.86 -3.56
CA GLY C 311 51.74 -27.08 -4.27
C GLY C 311 53.18 -27.11 -4.74
N ALA C 312 53.78 -25.92 -4.84
CA ALA C 312 55.12 -25.82 -5.38
C ALA C 312 55.79 -24.55 -4.91
N ARG C 313 57.14 -24.52 -4.99
CA ARG C 313 57.92 -23.37 -4.53
C ARG C 313 57.39 -22.15 -5.26
N LEU C 314 57.00 -21.13 -4.50
CA LEU C 314 56.59 -19.85 -5.06
C LEU C 314 57.58 -18.74 -4.71
N SER C 315 58.29 -18.24 -5.72
CA SER C 315 59.37 -17.28 -5.51
C SER C 315 58.87 -15.93 -4.95
N ALA C 316 59.70 -15.27 -4.14
CA ALA C 316 59.29 -14.02 -3.53
C ALA C 316 58.99 -12.99 -4.60
N THR C 317 59.73 -13.08 -5.70
CA THR C 317 59.51 -12.19 -6.84
C THR C 317 58.10 -12.34 -7.41
N LEU C 318 57.64 -13.59 -7.51
CA LEU C 318 56.34 -13.87 -8.11
C LEU C 318 55.22 -13.56 -7.10
N ALA C 319 55.48 -13.87 -5.84
CA ALA C 319 54.51 -13.63 -4.75
C ALA C 319 54.16 -12.15 -4.66
N ALA C 320 55.20 -11.32 -4.73
CA ALA C 320 55.06 -9.86 -4.68
C ALA C 320 54.25 -9.27 -5.86
N ARG C 321 54.37 -9.87 -7.03
CA ARG C 321 53.67 -9.39 -8.21
C ARG C 321 52.16 -9.55 -8.12
N ILE C 322 51.69 -10.40 -7.21
CA ILE C 322 50.26 -10.73 -7.13
C ILE C 322 49.39 -9.53 -6.71
N PRO C 323 49.68 -8.95 -5.54
CA PRO C 323 48.88 -7.79 -5.10
C PRO C 323 49.19 -6.57 -5.94
N ALA C 324 50.43 -6.51 -6.43
CA ALA C 324 50.84 -5.41 -7.30
C ALA C 324 50.08 -5.38 -8.62
N GLU C 325 50.18 -6.46 -9.40
CA GLU C 325 49.56 -6.50 -10.72
C GLU C 325 48.08 -6.91 -10.74
N ILE C 326 47.74 -7.94 -9.95
CA ILE C 326 46.35 -8.43 -9.85
C ILE C 326 45.48 -7.66 -8.84
N GLY C 327 46.11 -7.21 -7.75
CA GLY C 327 45.43 -6.42 -6.75
C GLY C 327 44.48 -7.14 -5.82
N CYS C 328 44.93 -8.24 -5.26
CA CYS C 328 44.19 -8.95 -4.24
C CYS C 328 45.19 -9.54 -3.26
N GLN C 329 44.68 -10.19 -2.22
CA GLN C 329 45.57 -10.70 -1.18
C GLN C 329 46.09 -12.10 -1.51
N LEU C 330 47.35 -12.34 -1.17
CA LEU C 330 47.99 -13.63 -1.39
C LEU C 330 48.01 -14.45 -0.10
N GLN C 331 47.72 -15.73 -0.24
CA GLN C 331 47.90 -16.66 0.87
C GLN C 331 48.68 -17.84 0.33
N GLN C 332 49.87 -18.06 0.87
CA GLN C 332 50.66 -19.22 0.52
C GLN C 332 50.08 -20.46 1.24
N VAL C 333 49.90 -21.55 0.50
CA VAL C 333 49.43 -22.81 1.08
C VAL C 333 50.47 -23.90 0.89
N PHE C 334 50.99 -24.42 2.00
CA PHE C 334 51.95 -25.51 1.93
C PHE C 334 51.37 -26.67 2.70
N GLY C 335 50.92 -27.69 1.96
CA GLY C 335 50.25 -28.82 2.56
C GLY C 335 50.54 -30.09 1.78
N MET C 336 50.22 -31.23 2.37
CA MET C 336 50.41 -32.52 1.74
C MET C 336 49.14 -33.35 1.88
N ALA C 337 48.93 -34.30 0.98
CA ALA C 337 47.69 -35.06 0.96
C ALA C 337 47.60 -35.91 2.21
N GLU C 338 48.71 -35.99 2.92
CA GLU C 338 48.84 -36.84 4.09
C GLU C 338 48.37 -36.16 5.38
N GLY C 339 48.18 -34.84 5.35
CA GLY C 339 47.88 -34.10 6.58
C GLY C 339 48.35 -32.66 6.52
N LEU C 340 48.65 -32.10 7.67
CA LEU C 340 49.52 -30.93 7.74
C LEU C 340 49.37 -29.89 6.62
N VAL C 341 48.38 -29.02 6.68
CA VAL C 341 48.43 -27.85 5.82
C VAL C 341 48.95 -26.64 6.59
N ASN C 342 49.92 -25.92 6.02
CA ASN C 342 50.36 -24.65 6.57
C ASN C 342 49.80 -23.50 5.75
N TYR C 343 49.21 -22.52 6.43
CA TYR C 343 48.78 -21.31 5.76
C TYR C 343 49.59 -20.12 6.25
N THR C 344 49.67 -19.09 5.42
CA THR C 344 49.93 -17.77 5.95
C THR C 344 48.53 -17.25 6.25
N ARG C 345 48.40 -16.51 7.34
CA ARG C 345 47.13 -15.93 7.76
C ARG C 345 46.75 -14.72 6.92
N LEU C 346 45.46 -14.36 6.92
CA LEU C 346 44.99 -13.20 6.16
C LEU C 346 45.37 -11.84 6.81
N ASP C 347 45.54 -11.85 8.12
CA ASP C 347 45.97 -10.65 8.84
C ASP C 347 47.49 -10.59 9.04
N ASP C 348 48.21 -11.52 8.42
CA ASP C 348 49.66 -11.55 8.53
C ASP C 348 50.32 -10.33 7.85
N SER C 349 51.55 -10.07 8.23
CA SER C 349 52.33 -9.01 7.60
C SER C 349 52.70 -9.36 6.15
N ALA C 350 52.92 -8.35 5.33
CA ALA C 350 53.34 -8.59 3.97
C ALA C 350 54.71 -9.26 3.94
N GLU C 351 55.51 -9.04 4.97
CA GLU C 351 56.84 -9.69 5.04
C GLU C 351 56.70 -11.21 5.10
N LYS C 352 55.82 -11.68 5.98
CA LYS C 352 55.61 -13.12 6.16
C LYS C 352 54.87 -13.76 4.99
N ILE C 353 53.96 -13.02 4.38
CA ILE C 353 53.16 -13.53 3.28
C ILE C 353 53.96 -13.73 1.99
N ILE C 354 54.91 -12.85 1.73
CA ILE C 354 55.73 -12.95 0.55
C ILE C 354 56.86 -13.97 0.70
N HIS C 355 57.56 -13.90 1.83
CA HIS C 355 58.74 -14.74 2.09
C HIS C 355 58.56 -16.13 2.71
N THR C 356 57.58 -16.30 3.61
CA THR C 356 57.41 -17.62 4.23
C THR C 356 56.24 -18.42 3.65
N GLN C 357 56.15 -19.67 4.06
CA GLN C 357 55.03 -20.53 3.68
C GLN C 357 53.95 -20.60 4.75
N GLY C 358 54.07 -19.78 5.78
CA GLY C 358 53.05 -19.71 6.81
C GLY C 358 53.34 -20.72 7.90
N TYR C 359 52.32 -21.01 8.70
CA TYR C 359 52.44 -21.99 9.78
C TYR C 359 51.16 -22.85 9.83
N PRO C 360 51.20 -23.99 10.55
CA PRO C 360 50.11 -24.98 10.61
C PRO C 360 48.75 -24.44 10.95
N MET C 361 47.69 -25.03 10.42
CA MET C 361 46.35 -24.51 10.63
C MET C 361 45.89 -24.88 12.02
N CYS C 362 46.65 -25.73 12.68
CA CYS C 362 46.27 -26.23 14.00
C CYS C 362 47.34 -25.97 15.04
N PRO C 363 46.94 -25.58 16.26
CA PRO C 363 47.86 -25.30 17.36
C PRO C 363 48.45 -26.60 17.88
N ASP C 364 47.71 -27.69 17.66
CA ASP C 364 48.16 -29.02 18.04
C ASP C 364 48.87 -29.75 16.91
N ASP C 365 49.12 -29.04 15.80
CA ASP C 365 50.04 -29.56 14.79
C ASP C 365 51.43 -29.41 15.35
N GLU C 366 52.13 -30.53 15.44
CA GLU C 366 53.50 -30.54 15.93
C GLU C 366 54.51 -30.60 14.80
N VAL C 367 55.43 -29.64 14.77
CA VAL C 367 56.44 -29.64 13.72
C VAL C 367 57.83 -29.46 14.30
N TRP C 368 58.72 -30.33 13.89
CA TRP C 368 60.13 -30.17 14.14
C TRP C 368 60.98 -30.58 12.95
N VAL C 369 62.25 -30.24 13.00
CA VAL C 369 63.12 -30.35 11.86
C VAL C 369 64.33 -31.19 12.23
N ALA C 370 64.77 -32.02 11.30
CA ALA C 370 65.61 -33.16 11.64
C ALA C 370 66.86 -33.29 10.76
N ASP C 371 68.01 -33.52 11.37
CA ASP C 371 69.19 -33.82 10.58
C ASP C 371 69.02 -35.25 10.07
N ALA C 372 70.03 -35.79 9.40
CA ALA C 372 69.95 -37.11 8.73
C ALA C 372 69.89 -38.36 9.65
N GLU C 373 70.34 -38.20 10.90
CA GLU C 373 70.21 -39.27 11.90
C GLU C 373 68.76 -39.35 12.33
N GLY C 374 68.06 -38.24 12.18
CA GLY C 374 66.72 -38.13 12.72
C GLY C 374 66.70 -37.33 14.00
N ASN C 375 67.79 -36.62 14.28
CA ASN C 375 67.89 -35.85 15.53
C ASN C 375 67.37 -34.41 15.32
N PRO C 376 66.59 -33.89 16.29
CA PRO C 376 65.92 -32.60 16.08
C PRO C 376 66.97 -31.54 15.81
N LEU C 377 66.60 -30.41 15.20
CA LEU C 377 67.52 -29.32 14.86
C LEU C 377 66.84 -27.99 15.16
N PRO C 378 67.67 -26.98 15.50
CA PRO C 378 67.41 -25.63 16.02
C PRO C 378 66.51 -24.73 15.16
N GLN C 379 66.00 -23.62 15.71
CA GLN C 379 64.98 -22.82 15.02
C GLN C 379 65.57 -21.72 14.15
N GLY C 380 65.54 -21.98 12.84
CA GLY C 380 66.41 -21.35 11.84
C GLY C 380 67.41 -22.27 11.14
N GLU C 381 67.64 -23.46 11.68
CA GLU C 381 68.42 -24.47 10.94
C GLU C 381 67.59 -25.12 9.85
N VAL C 382 68.26 -25.77 8.90
CA VAL C 382 67.55 -26.48 7.85
C VAL C 382 67.69 -28.00 7.93
N GLY C 383 66.55 -28.68 7.85
CA GLY C 383 66.53 -30.12 7.96
C GLY C 383 65.19 -30.70 7.51
N ARG C 384 65.02 -32.00 7.70
CA ARG C 384 63.83 -32.71 7.25
C ARG C 384 62.62 -32.41 8.12
N LEU C 385 61.47 -32.18 7.48
CA LEU C 385 60.23 -31.81 8.18
C LEU C 385 59.54 -33.04 8.80
N MET C 386 59.24 -32.95 10.09
CA MET C 386 58.55 -34.03 10.78
C MET C 386 57.27 -33.50 11.40
N THR C 387 56.17 -34.24 11.27
CA THR C 387 54.91 -33.80 11.83
C THR C 387 53.95 -34.95 12.18
N ARG C 388 53.20 -34.77 13.27
CA ARG C 388 52.02 -35.60 13.57
C ARG C 388 50.95 -34.63 13.97
N GLY C 389 49.72 -35.11 14.06
CA GLY C 389 48.64 -34.19 14.33
C GLY C 389 47.24 -34.78 14.22
N PRO C 390 46.21 -33.96 14.46
CA PRO C 390 44.81 -34.37 14.44
C PRO C 390 44.31 -34.76 13.04
N TYR C 391 44.74 -34.04 12.01
CA TYR C 391 44.40 -34.41 10.64
C TYR C 391 45.53 -35.08 9.81
N THR C 392 46.68 -35.33 10.43
CA THR C 392 47.76 -36.05 9.73
C THR C 392 47.72 -37.54 10.02
N PHE C 393 47.62 -38.35 8.97
CA PHE C 393 47.40 -39.79 9.07
C PHE C 393 48.54 -40.58 9.71
N ARG C 394 48.21 -41.77 10.21
CA ARG C 394 49.20 -42.58 10.90
C ARG C 394 49.85 -43.65 10.06
N GLY C 395 49.41 -43.81 8.82
CA GLY C 395 50.12 -44.64 7.87
C GLY C 395 49.39 -44.92 6.59
N TYR C 396 50.12 -45.36 5.56
CA TYR C 396 49.51 -45.69 4.29
C TYR C 396 48.68 -46.95 4.35
N TYR C 397 47.79 -47.08 3.37
CA TYR C 397 46.88 -48.23 3.29
C TYR C 397 47.60 -49.48 2.76
N LYS C 398 47.58 -50.53 3.56
CA LYS C 398 48.16 -51.80 3.18
C LYS C 398 49.56 -51.65 2.58
N SER C 399 50.40 -50.87 3.21
CA SER C 399 51.76 -50.69 2.73
C SER C 399 52.75 -50.70 3.89
N PRO C 400 52.81 -51.83 4.61
CA PRO C 400 53.66 -51.96 5.79
C PRO C 400 55.13 -51.71 5.46
N GLN C 401 55.55 -52.12 4.27
CA GLN C 401 56.94 -51.96 3.88
C GLN C 401 57.34 -50.50 3.88
N HIS C 402 56.53 -49.66 3.22
CA HIS C 402 56.83 -48.24 3.12
C HIS C 402 56.57 -47.51 4.42
N ASN C 403 55.49 -47.87 5.09
CA ASN C 403 55.16 -47.28 6.37
C ASN C 403 56.32 -47.29 7.36
N ALA C 404 57.12 -48.36 7.33
CA ALA C 404 58.28 -48.50 8.20
C ALA C 404 59.29 -47.35 8.00
N SER C 405 59.46 -46.94 6.75
CA SER C 405 60.41 -45.88 6.43
C SER C 405 59.83 -44.46 6.48
N ALA C 406 58.50 -44.35 6.48
CA ALA C 406 57.89 -43.02 6.42
C ALA C 406 57.53 -42.43 7.78
N PHE C 407 57.63 -43.23 8.83
CA PHE C 407 57.32 -42.78 10.18
C PHE C 407 58.43 -43.16 11.14
N ASP C 408 58.84 -42.23 12.00
CA ASP C 408 59.78 -42.60 13.05
C ASP C 408 59.03 -43.40 14.12
N ALA C 409 59.74 -43.85 15.14
CA ALA C 409 59.16 -44.72 16.16
C ALA C 409 58.07 -44.01 16.99
N ASN C 410 58.01 -42.69 16.88
CA ASN C 410 57.04 -41.91 17.64
C ASN C 410 55.75 -41.54 16.90
N GLY C 411 55.64 -41.93 15.63
CA GLY C 411 54.44 -41.64 14.86
C GLY C 411 54.50 -40.33 14.09
N PHE C 412 55.68 -39.71 14.08
CA PHE C 412 55.91 -38.51 13.30
C PHE C 412 56.12 -38.87 11.83
N TYR C 413 55.30 -38.30 10.97
CA TYR C 413 55.43 -38.53 9.54
C TYR C 413 56.53 -37.64 9.02
N CYS C 414 57.23 -38.10 7.98
CA CYS C 414 58.25 -37.30 7.34
C CYS C 414 57.88 -37.04 5.91
N SER C 415 57.78 -35.78 5.53
CA SER C 415 57.25 -35.43 4.22
C SER C 415 58.33 -35.48 3.16
N GLY C 416 59.59 -35.49 3.59
CA GLY C 416 60.67 -35.52 2.63
C GLY C 416 61.03 -34.11 2.18
N ASP C 417 60.47 -33.13 2.87
CA ASP C 417 60.75 -31.74 2.58
C ASP C 417 61.85 -31.19 3.47
N LEU C 418 62.68 -30.33 2.94
CA LEU C 418 63.66 -29.62 3.75
C LEU C 418 63.06 -28.26 4.05
N ILE C 419 62.93 -27.96 5.34
CA ILE C 419 62.39 -26.67 5.71
C ILE C 419 63.31 -25.99 6.71
N SER C 420 62.93 -24.79 7.10
CA SER C 420 63.57 -24.05 8.18
C SER C 420 62.50 -23.25 8.91
N ILE C 421 62.67 -23.03 10.21
CA ILE C 421 61.66 -22.29 10.94
C ILE C 421 62.11 -20.90 11.44
N ASP C 422 61.25 -19.91 11.20
CA ASP C 422 61.42 -18.56 11.70
C ASP C 422 61.53 -18.55 13.23
N PRO C 423 62.20 -17.53 13.76
CA PRO C 423 61.99 -17.17 15.16
C PRO C 423 60.49 -16.92 15.46
N GLU C 424 59.70 -16.48 14.46
CA GLU C 424 58.27 -16.25 14.64
C GLU C 424 57.47 -17.55 14.57
N GLY C 425 58.13 -18.63 14.17
CA GLY C 425 57.48 -19.91 14.07
C GLY C 425 56.88 -20.22 12.71
N TYR C 426 57.28 -19.45 11.69
CA TYR C 426 56.81 -19.63 10.33
C TYR C 426 57.73 -20.55 9.53
N ILE C 427 57.14 -21.37 8.67
CA ILE C 427 57.89 -22.35 7.89
C ILE C 427 58.28 -21.88 6.49
N THR C 428 59.52 -22.15 6.10
CA THR C 428 59.98 -21.87 4.75
C THR C 428 60.55 -23.13 4.06
N VAL C 429 60.13 -23.37 2.82
CA VAL C 429 60.52 -24.60 2.15
C VAL C 429 61.85 -24.37 1.43
N GLN C 430 62.91 -25.02 1.91
CA GLN C 430 64.23 -24.79 1.33
C GLN C 430 64.64 -25.84 0.32
N GLY C 431 63.91 -26.94 0.24
CA GLY C 431 64.43 -28.08 -0.48
C GLY C 431 63.59 -29.35 -0.53
N ARG C 432 64.23 -30.42 -0.95
CA ARG C 432 63.55 -31.70 -1.08
C ARG C 432 64.52 -32.87 -0.91
N GLU C 433 64.02 -33.96 -0.34
CA GLU C 433 64.78 -35.20 -0.24
C GLU C 433 64.11 -36.26 -1.09
N LYS C 434 62.85 -36.55 -0.77
CA LYS C 434 62.12 -37.60 -1.45
C LYS C 434 62.39 -37.46 -2.94
N ASP C 435 62.61 -38.57 -3.65
CA ASP C 435 63.04 -38.45 -5.04
C ASP C 435 61.71 -38.34 -5.75
N GLN C 436 61.31 -37.08 -5.96
CA GLN C 436 59.98 -36.71 -6.43
C GLN C 436 60.15 -35.42 -7.22
N ILE C 437 59.47 -35.32 -8.35
CA ILE C 437 59.58 -34.12 -9.18
C ILE C 437 58.27 -33.37 -9.10
N ASN C 438 58.33 -32.04 -8.96
CA ASN C 438 57.11 -31.28 -8.77
C ASN C 438 56.90 -30.42 -10.00
N ARG C 439 55.98 -30.85 -10.85
CA ARG C 439 55.86 -30.30 -12.18
C ARG C 439 54.52 -29.61 -12.33
N GLY C 440 54.55 -28.28 -12.28
CA GLY C 440 53.33 -27.50 -12.27
C GLY C 440 52.49 -27.83 -11.06
N GLY C 441 53.17 -28.37 -10.04
CA GLY C 441 52.47 -28.84 -8.85
C GLY C 441 51.83 -30.23 -8.95
N GLU C 442 52.16 -31.00 -9.99
CA GLU C 442 51.76 -32.39 -10.05
C GLU C 442 52.96 -33.22 -9.65
N LYS C 443 52.85 -33.98 -8.56
CA LYS C 443 53.99 -34.79 -8.14
C LYS C 443 54.26 -35.96 -9.12
N ILE C 444 55.54 -36.25 -9.37
CA ILE C 444 55.97 -37.36 -10.24
C ILE C 444 56.99 -38.23 -9.51
N ALA C 445 56.71 -39.51 -9.30
CA ALA C 445 57.64 -40.35 -8.55
C ALA C 445 58.82 -40.80 -9.41
N ALA C 446 60.04 -40.45 -9.01
CA ALA C 446 61.18 -40.68 -9.91
C ALA C 446 61.38 -42.18 -10.18
N GLU C 447 61.23 -42.98 -9.14
CA GLU C 447 61.46 -44.40 -9.25
C GLU C 447 60.37 -45.07 -10.11
N GLU C 448 59.15 -44.53 -10.07
CA GLU C 448 58.05 -45.12 -10.83
C GLU C 448 58.39 -45.07 -12.31
N ILE C 449 59.01 -43.96 -12.71
CA ILE C 449 59.35 -43.69 -14.09
C ILE C 449 60.64 -44.35 -14.52
N GLU C 450 61.66 -44.32 -13.67
CA GLU C 450 62.87 -45.08 -13.90
C GLU C 450 62.52 -46.54 -14.20
N ASN C 451 61.68 -47.17 -13.36
CA ASN C 451 61.29 -48.56 -13.59
C ASN C 451 60.62 -48.81 -14.93
N LEU C 452 59.96 -47.79 -15.47
CA LEU C 452 59.34 -47.90 -16.79
C LEU C 452 60.41 -47.80 -17.88
N LEU C 453 61.33 -46.88 -17.66
CA LEU C 453 62.47 -46.71 -18.56
C LEU C 453 63.34 -47.98 -18.69
N LEU C 454 63.55 -48.68 -17.59
CA LEU C 454 64.31 -49.92 -17.63
C LEU C 454 63.54 -51.04 -18.37
N ARG C 455 62.27 -50.78 -18.70
CA ARG C 455 61.45 -51.76 -19.40
C ARG C 455 61.84 -51.72 -20.88
N HIS C 456 62.59 -50.68 -21.24
CA HIS C 456 63.11 -50.51 -22.59
C HIS C 456 64.40 -51.31 -22.80
N PRO C 457 64.53 -51.99 -23.96
CA PRO C 457 65.65 -52.89 -24.26
C PRO C 457 67.02 -52.21 -24.23
N ALA C 458 67.10 -50.97 -24.71
CA ALA C 458 68.39 -50.31 -24.86
C ALA C 458 68.79 -49.56 -23.60
N VAL C 459 67.93 -49.59 -22.59
CA VAL C 459 68.21 -48.80 -21.39
C VAL C 459 68.86 -49.68 -20.36
N ILE C 460 70.06 -49.29 -19.94
CA ILE C 460 70.79 -50.02 -18.92
C ILE C 460 70.57 -49.44 -17.53
N TYR C 461 70.95 -48.18 -17.35
CA TYR C 461 70.73 -47.46 -16.09
C TYR C 461 69.87 -46.22 -16.35
N ALA C 462 68.97 -45.91 -15.42
CA ALA C 462 68.05 -44.78 -15.59
C ALA C 462 67.94 -43.94 -14.34
N ALA C 463 67.87 -42.64 -14.54
CA ALA C 463 67.69 -41.74 -13.43
C ALA C 463 66.81 -40.57 -13.82
N LEU C 464 65.79 -40.27 -13.01
CA LEU C 464 64.99 -39.08 -13.26
C LEU C 464 65.25 -38.02 -12.20
N VAL C 465 65.58 -36.80 -12.63
CA VAL C 465 65.82 -35.69 -11.71
C VAL C 465 65.04 -34.47 -12.13
N SER C 466 64.79 -33.53 -11.22
CA SER C 466 64.06 -32.37 -11.66
C SER C 466 65.04 -31.43 -12.37
N MET C 467 64.51 -30.38 -12.99
CA MET C 467 65.34 -29.31 -13.54
C MET C 467 64.52 -28.03 -13.57
N GLU C 468 65.21 -26.90 -13.48
CA GLU C 468 64.55 -25.58 -13.43
C GLU C 468 63.78 -25.31 -14.72
N ASP C 469 62.61 -24.68 -14.59
CA ASP C 469 61.92 -24.08 -15.74
C ASP C 469 61.26 -22.79 -15.27
N GLU C 470 61.43 -21.70 -16.02
CA GLU C 470 60.85 -20.41 -15.61
C GLU C 470 59.34 -20.55 -15.42
N LEU C 471 58.69 -21.26 -16.35
CA LEU C 471 57.24 -21.37 -16.36
C LEU C 471 56.68 -22.51 -15.49
N MET C 472 57.00 -23.75 -15.85
CA MET C 472 56.52 -24.92 -15.11
C MET C 472 57.01 -24.95 -13.67
N GLY C 473 58.17 -24.34 -13.47
CA GLY C 473 58.84 -24.18 -12.20
C GLY C 473 59.79 -25.34 -11.96
N GLU C 474 59.43 -26.51 -12.49
CA GLU C 474 60.31 -27.68 -12.48
C GLU C 474 59.92 -28.51 -13.68
N LYS C 475 60.90 -29.15 -14.34
CA LYS C 475 60.55 -30.12 -15.36
C LYS C 475 61.31 -31.44 -15.11
N SER C 476 60.83 -32.54 -15.67
CA SER C 476 61.54 -33.82 -15.54
C SER C 476 62.62 -33.94 -16.60
N CYS C 477 63.78 -34.41 -16.19
CA CYS C 477 64.85 -34.73 -17.11
C CYS C 477 65.37 -36.14 -16.83
N ALA C 478 65.36 -36.99 -17.84
CA ALA C 478 65.81 -38.37 -17.65
C ALA C 478 67.22 -38.56 -18.19
N TYR C 479 68.12 -39.05 -17.35
CA TYR C 479 69.46 -39.37 -17.79
C TYR C 479 69.57 -40.88 -17.97
N LEU C 480 69.95 -41.29 -19.17
CA LEU C 480 70.05 -42.71 -19.47
C LEU C 480 71.47 -43.16 -19.87
N VAL C 481 71.78 -44.43 -19.57
CA VAL C 481 72.95 -45.07 -20.16
C VAL C 481 72.46 -46.17 -21.10
N VAL C 482 72.98 -46.15 -22.32
CA VAL C 482 72.32 -46.85 -23.39
C VAL C 482 73.22 -47.81 -24.18
N LYS C 483 72.61 -48.91 -24.63
CA LYS C 483 73.23 -49.83 -25.60
C LYS C 483 73.32 -49.14 -26.97
N GLU C 484 72.18 -48.94 -27.62
CA GLU C 484 72.11 -48.27 -28.91
C GLU C 484 71.45 -46.93 -28.65
N PRO C 485 72.11 -45.83 -29.02
CA PRO C 485 71.65 -44.51 -28.59
C PRO C 485 70.15 -44.28 -28.90
N LEU C 486 69.49 -43.48 -28.06
CA LEU C 486 68.05 -43.23 -28.12
C LEU C 486 67.79 -41.74 -28.19
N ARG C 487 66.70 -41.35 -28.85
CA ARG C 487 66.35 -39.93 -29.04
C ARG C 487 65.10 -39.58 -28.20
N ALA C 488 65.04 -38.36 -27.66
CA ALA C 488 64.01 -38.01 -26.67
C ALA C 488 62.63 -38.43 -27.15
N VAL C 489 62.36 -38.16 -28.41
CA VAL C 489 61.07 -38.50 -28.97
C VAL C 489 60.73 -39.96 -28.75
N GLN C 490 61.70 -40.85 -28.95
CA GLN C 490 61.44 -42.30 -28.88
C GLN C 490 61.15 -42.69 -27.45
N VAL C 491 61.84 -42.05 -26.51
CA VAL C 491 61.59 -42.32 -25.09
C VAL C 491 60.20 -41.87 -24.70
N ARG C 492 59.91 -40.59 -24.93
CA ARG C 492 58.58 -40.09 -24.64
C ARG C 492 57.52 -41.00 -25.25
N ARG C 493 57.70 -41.35 -26.52
CA ARG C 493 56.77 -42.23 -27.22
C ARG C 493 56.71 -43.63 -26.57
N PHE C 494 57.88 -44.15 -26.17
CA PHE C 494 57.93 -45.48 -25.60
C PHE C 494 57.14 -45.46 -24.30
N LEU C 495 57.42 -44.46 -23.48
CA LEU C 495 56.76 -44.32 -22.20
C LEU C 495 55.28 -44.11 -22.40
N ARG C 496 54.90 -43.29 -23.37
CA ARG C 496 53.48 -43.08 -23.59
C ARG C 496 52.75 -44.41 -23.81
N GLU C 497 53.34 -45.29 -24.63
CA GLU C 497 52.77 -46.60 -24.91
C GLU C 497 52.61 -47.46 -23.66
N GLN C 498 53.32 -47.10 -22.59
CA GLN C 498 53.25 -47.84 -21.33
C GLN C 498 51.99 -47.49 -20.55
N GLY C 499 51.21 -46.55 -21.08
CA GLY C 499 49.95 -46.14 -20.48
C GLY C 499 50.08 -45.38 -19.18
N ILE C 500 50.79 -44.26 -19.21
CA ILE C 500 50.91 -43.40 -18.04
C ILE C 500 50.45 -41.99 -18.35
N ALA C 501 50.19 -41.23 -17.30
CA ALA C 501 49.69 -39.88 -17.45
C ALA C 501 50.66 -39.07 -18.28
N GLU C 502 50.13 -38.18 -19.11
CA GLU C 502 50.93 -37.46 -20.10
C GLU C 502 52.02 -36.56 -19.53
N PHE C 503 51.84 -36.09 -18.29
CA PHE C 503 52.82 -35.16 -17.70
C PHE C 503 54.03 -35.88 -17.10
N LYS C 504 53.95 -37.20 -17.08
CA LYS C 504 55.06 -38.03 -16.64
C LYS C 504 56.13 -38.25 -17.72
N LEU C 505 55.73 -38.12 -18.99
CA LEU C 505 56.69 -38.11 -20.10
C LEU C 505 57.70 -36.99 -19.91
N PRO C 506 58.99 -37.35 -19.92
CA PRO C 506 60.10 -36.48 -19.52
C PRO C 506 60.26 -35.35 -20.50
N ASP C 507 60.58 -34.15 -20.01
CA ASP C 507 60.65 -33.01 -20.89
C ASP C 507 61.99 -32.96 -21.60
N ARG C 508 62.97 -33.62 -21.03
CA ARG C 508 64.27 -33.65 -21.66
C ARG C 508 64.91 -35.03 -21.43
N VAL C 509 65.60 -35.54 -22.43
CA VAL C 509 66.31 -36.79 -22.24
C VAL C 509 67.76 -36.62 -22.64
N GLU C 510 68.66 -37.10 -21.78
CA GLU C 510 70.09 -36.96 -22.03
C GLU C 510 70.75 -38.33 -21.92
N CYS C 511 71.30 -38.82 -23.04
CA CYS C 511 72.06 -40.04 -22.98
C CYS C 511 73.49 -39.71 -22.57
N VAL C 512 74.01 -40.47 -21.60
CA VAL C 512 75.34 -40.20 -21.05
C VAL C 512 76.17 -41.47 -20.99
N ASP C 513 77.48 -41.30 -20.78
CA ASP C 513 78.39 -42.45 -20.80
C ASP C 513 78.23 -43.40 -19.59
N SER C 514 77.96 -42.79 -18.45
CA SER C 514 77.93 -43.49 -17.19
C SER C 514 77.00 -42.78 -16.19
N LEU C 515 76.58 -43.52 -15.17
CA LEU C 515 75.84 -42.97 -14.03
C LEU C 515 76.32 -43.59 -12.73
N PRO C 516 76.32 -42.80 -11.65
CA PRO C 516 76.76 -43.30 -10.34
C PRO C 516 75.87 -44.44 -9.86
N LEU C 517 76.43 -45.59 -9.49
CA LEU C 517 75.64 -46.68 -8.96
C LEU C 517 76.07 -46.94 -7.52
N THR C 518 75.13 -46.92 -6.58
CA THR C 518 75.45 -47.12 -5.17
C THR C 518 75.47 -48.60 -4.89
N ALA C 519 75.84 -48.95 -3.66
CA ALA C 519 76.12 -50.35 -3.34
C ALA C 519 75.03 -51.32 -3.85
N VAL C 520 73.80 -50.83 -4.02
CA VAL C 520 72.69 -51.72 -4.39
C VAL C 520 72.27 -51.78 -5.88
N GLY C 521 72.84 -50.93 -6.72
CA GLY C 521 72.55 -51.02 -8.14
C GLY C 521 71.60 -49.98 -8.72
N LYS C 522 70.79 -49.36 -7.87
CA LYS C 522 70.03 -48.22 -8.36
C LYS C 522 71.07 -47.11 -8.50
N VAL C 523 70.76 -46.05 -9.24
CA VAL C 523 71.64 -44.86 -9.28
C VAL C 523 71.82 -44.27 -7.87
N ASP C 524 72.92 -43.58 -7.60
CA ASP C 524 72.94 -42.78 -6.39
C ASP C 524 72.47 -41.42 -6.89
N LYS C 525 71.24 -41.07 -6.57
CA LYS C 525 70.63 -39.89 -7.15
C LYS C 525 71.16 -38.64 -6.44
N LYS C 526 71.53 -38.79 -5.16
CA LYS C 526 72.17 -37.68 -4.40
C LYS C 526 73.43 -37.23 -5.12
N GLN C 527 74.16 -38.25 -5.58
CA GLN C 527 75.43 -38.13 -6.26
C GLN C 527 75.28 -37.35 -7.55
N LEU C 528 74.40 -37.86 -8.42
CA LEU C 528 74.08 -37.27 -9.74
C LEU C 528 73.63 -35.81 -9.68
N ARG C 529 72.79 -35.49 -8.68
CA ARG C 529 72.31 -34.13 -8.46
C ARG C 529 73.52 -33.26 -8.13
N GLN C 530 74.41 -33.80 -7.31
CA GLN C 530 75.63 -33.14 -6.91
C GLN C 530 76.59 -32.84 -8.07
N TRP C 531 76.59 -33.68 -9.11
CA TRP C 531 77.48 -33.45 -10.28
C TRP C 531 76.90 -32.38 -11.16
N LEU C 532 75.60 -32.49 -11.39
CA LEU C 532 74.85 -31.49 -12.15
C LEU C 532 74.96 -30.17 -11.38
N ALA C 533 75.15 -30.27 -10.06
CA ALA C 533 75.56 -29.15 -9.21
C ALA C 533 76.90 -28.54 -9.67
N SER C 534 77.97 -29.32 -9.56
CA SER C 534 79.30 -28.89 -10.02
C SER C 534 79.22 -28.21 -11.41
N ARG C 535 78.91 -28.97 -12.46
CA ARG C 535 78.88 -28.37 -13.81
C ARG C 535 78.05 -27.09 -13.80
N ALA C 536 76.95 -27.10 -13.05
CA ALA C 536 75.94 -26.02 -13.07
C ALA C 536 76.46 -24.62 -12.72
N SER C 537 77.18 -24.52 -11.62
CA SER C 537 77.73 -23.24 -11.17
C SER C 537 78.99 -22.84 -11.94
N ALA C 538 79.74 -23.82 -12.44
CA ALA C 538 80.93 -23.53 -13.23
C ALA C 538 80.48 -23.15 -14.62
N GLY C 539 79.21 -23.39 -14.90
CA GLY C 539 78.55 -22.77 -16.03
C GLY C 539 77.80 -21.50 -15.62
N ARG C 540 77.38 -21.42 -14.36
CA ARG C 540 76.63 -20.26 -13.89
C ARG C 540 77.56 -19.04 -13.93
N ALA C 541 78.69 -19.14 -13.24
CA ALA C 541 79.71 -18.12 -13.32
C ALA C 541 80.92 -18.63 -14.10
N SER C 542 81.02 -18.18 -15.34
CA SER C 542 82.08 -18.57 -16.26
C SER C 542 82.24 -17.39 -17.20
N ILE C 543 83.14 -17.50 -18.17
CA ILE C 543 83.44 -16.37 -19.05
C ILE C 543 83.57 -16.78 -20.52
N PRO C 544 83.53 -15.79 -21.45
CA PRO C 544 83.78 -16.09 -22.86
C PRO C 544 85.08 -16.88 -23.10
N ALA C 545 84.96 -17.96 -23.87
CA ALA C 545 86.06 -18.90 -24.09
C ALA C 545 87.05 -18.43 -25.18
N SER C 546 86.62 -18.47 -26.45
CA SER C 546 87.33 -17.86 -27.58
C SER C 546 87.06 -16.36 -27.71
N LYS C 547 87.96 -15.62 -28.39
CA LYS C 547 87.65 -14.25 -28.78
C LYS C 547 86.36 -14.22 -29.63
N ALA C 548 86.15 -15.28 -30.40
CA ALA C 548 84.93 -15.42 -31.20
C ALA C 548 83.72 -15.78 -30.34
N ALA C 549 83.98 -16.36 -29.16
CA ALA C 549 82.92 -16.68 -28.19
C ALA C 549 82.50 -15.43 -27.42
N LEU C 550 83.43 -14.49 -27.31
CA LEU C 550 83.18 -13.19 -26.68
C LEU C 550 82.37 -12.30 -27.62
N ARG C 551 82.68 -12.36 -28.91
CA ARG C 551 81.88 -11.66 -29.90
C ARG C 551 80.44 -12.13 -29.80
N GLU C 552 80.24 -13.44 -29.66
CA GLU C 552 78.90 -14.03 -29.62
C GLU C 552 78.09 -13.48 -28.44
N VAL C 553 78.80 -13.12 -27.38
CA VAL C 553 78.15 -12.60 -26.17
C VAL C 553 77.82 -11.10 -26.25
N ILE C 554 78.68 -10.38 -26.98
CA ILE C 554 78.54 -8.92 -27.15
C ILE C 554 77.49 -8.49 -28.17
N LEU C 555 77.46 -9.17 -29.31
CA LEU C 555 76.60 -8.79 -30.44
C LEU C 555 75.13 -8.48 -30.06
N PRO C 556 74.50 -9.35 -29.24
CA PRO C 556 73.10 -9.12 -28.79
C PRO C 556 72.91 -7.84 -27.98
N LEU C 557 74.01 -7.24 -27.51
CA LEU C 557 73.95 -6.04 -26.68
C LEU C 557 74.05 -4.76 -27.49
N LEU C 558 74.35 -4.89 -28.78
CA LEU C 558 74.53 -3.76 -29.66
C LEU C 558 73.34 -3.59 -30.60
N ASP C 559 73.43 -2.58 -31.48
CA ASP C 559 72.45 -2.41 -32.54
C ASP C 559 72.54 -3.61 -33.44
N GLU C 560 71.39 -4.26 -33.67
CA GLU C 560 71.30 -5.37 -34.61
C GLU C 560 71.81 -4.92 -35.99
N SER C 561 71.70 -3.61 -36.25
CA SER C 561 72.00 -3.01 -37.56
C SER C 561 73.40 -3.31 -38.15
N ASP C 562 74.45 -3.24 -37.33
CA ASP C 562 75.82 -3.34 -37.84
C ASP C 562 76.64 -4.35 -37.04
N GLU C 563 77.80 -4.73 -37.58
CA GLU C 563 78.74 -5.53 -36.81
C GLU C 563 80.07 -4.78 -36.74
N PRO C 564 80.68 -4.74 -35.54
CA PRO C 564 81.93 -4.02 -35.27
C PRO C 564 83.18 -4.80 -35.63
N PHE C 565 84.23 -4.08 -36.00
CA PHE C 565 85.53 -4.71 -36.15
C PHE C 565 86.09 -4.85 -34.76
N ASP C 566 86.95 -5.84 -34.55
CA ASP C 566 87.42 -6.15 -33.21
C ASP C 566 87.98 -4.92 -32.46
N ASP C 567 88.52 -3.95 -33.20
CA ASP C 567 89.10 -2.77 -32.56
C ASP C 567 88.19 -1.52 -32.49
N ASP C 568 86.96 -1.63 -33.01
CA ASP C 568 85.96 -0.55 -32.96
C ASP C 568 85.49 -0.24 -31.53
N ASN C 569 85.12 1.02 -31.27
CA ASN C 569 84.55 1.36 -29.96
C ASN C 569 83.10 0.90 -29.92
N LEU C 570 82.80 -0.01 -28.98
CA LEU C 570 81.48 -0.66 -28.92
C LEU C 570 80.31 0.26 -28.50
N ILE C 571 80.63 1.44 -27.95
CA ILE C 571 79.59 2.44 -27.66
C ILE C 571 78.98 2.99 -28.97
N ASP C 572 79.82 3.14 -29.98
CA ASP C 572 79.38 3.62 -31.28
C ASP C 572 78.42 2.62 -31.89
N TYR C 573 78.44 1.41 -31.35
CA TYR C 573 77.56 0.35 -31.82
C TYR C 573 76.34 0.15 -30.93
N GLY C 574 76.19 1.02 -29.93
CA GLY C 574 74.97 1.07 -29.13
C GLY C 574 74.95 0.32 -27.82
N LEU C 575 76.12 -0.10 -27.35
CA LEU C 575 76.24 -0.81 -26.09
C LEU C 575 76.17 0.21 -24.98
N ASP C 576 75.18 0.07 -24.12
CA ASP C 576 74.93 1.05 -23.06
C ASP C 576 75.67 0.76 -21.76
N SER C 577 76.05 1.80 -21.04
CA SER C 577 76.84 1.66 -19.81
C SER C 577 76.30 0.64 -18.79
N VAL C 578 74.99 0.47 -18.70
CA VAL C 578 74.43 -0.48 -17.72
C VAL C 578 74.75 -1.94 -18.05
N ARG C 579 74.49 -2.36 -19.30
CA ARG C 579 74.86 -3.72 -19.75
C ARG C 579 76.34 -3.95 -19.57
N MET C 580 77.12 -2.88 -19.69
CA MET C 580 78.56 -2.98 -19.54
C MET C 580 78.96 -3.29 -18.10
N MET C 581 78.37 -2.55 -17.17
CA MET C 581 78.61 -2.78 -15.75
C MET C 581 78.37 -4.23 -15.39
N ALA C 582 77.27 -4.76 -15.92
CA ALA C 582 76.88 -6.15 -15.69
C ALA C 582 77.91 -7.15 -16.26
N LEU C 583 78.38 -6.93 -17.50
CA LEU C 583 79.42 -7.76 -18.08
C LEU C 583 80.68 -7.69 -17.19
N ALA C 584 81.03 -6.50 -16.70
CA ALA C 584 82.14 -6.37 -15.78
C ALA C 584 81.96 -7.25 -14.55
N ALA C 585 80.78 -7.17 -13.92
CA ALA C 585 80.44 -7.98 -12.75
C ALA C 585 80.58 -9.50 -13.00
N ARG C 586 80.05 -9.98 -14.12
CA ARG C 586 80.13 -11.40 -14.47
C ARG C 586 81.59 -11.84 -14.72
N TRP C 587 82.42 -10.94 -15.25
CA TRP C 587 83.83 -11.26 -15.51
C TRP C 587 84.74 -11.08 -14.30
N ARG C 588 84.29 -10.32 -13.31
CA ARG C 588 85.10 -10.08 -12.11
C ARG C 588 85.21 -11.35 -11.30
N LYS C 589 84.20 -12.19 -11.41
CA LYS C 589 84.17 -13.47 -10.71
C LYS C 589 85.29 -14.43 -11.18
N VAL C 590 86.00 -14.06 -12.24
CA VAL C 590 87.15 -14.83 -12.74
C VAL C 590 88.48 -14.04 -12.62
N HIS C 591 88.57 -12.90 -13.30
CA HIS C 591 89.65 -11.95 -13.04
C HIS C 591 89.09 -10.84 -12.15
N GLY C 592 89.49 -10.84 -10.90
CA GLY C 592 88.89 -9.98 -9.90
C GLY C 592 89.37 -8.55 -9.89
N ASP C 593 90.22 -8.19 -10.86
CA ASP C 593 90.70 -6.81 -11.00
C ASP C 593 89.83 -6.00 -11.96
N ILE C 594 88.92 -6.70 -12.64
CA ILE C 594 88.01 -6.09 -13.60
C ILE C 594 86.82 -5.45 -12.90
N ASP C 595 86.64 -4.15 -13.14
CA ASP C 595 85.47 -3.41 -12.66
C ASP C 595 84.79 -2.73 -13.85
N PHE C 596 83.79 -1.90 -13.58
CA PHE C 596 83.16 -1.15 -14.66
C PHE C 596 84.14 -0.18 -15.35
N VAL C 597 84.84 0.60 -14.53
CA VAL C 597 85.75 1.63 -15.04
C VAL C 597 86.78 1.10 -16.01
N MET C 598 87.30 -0.09 -15.74
CA MET C 598 88.38 -0.64 -16.56
C MET C 598 87.86 -1.01 -17.95
N LEU C 599 86.73 -1.68 -17.99
CA LEU C 599 86.09 -2.04 -19.24
C LEU C 599 85.88 -0.82 -20.12
N ALA C 600 85.35 0.24 -19.52
CA ALA C 600 84.94 1.43 -20.26
C ALA C 600 86.11 2.33 -20.67
N LYS C 601 87.24 2.22 -19.97
CA LYS C 601 88.41 3.02 -20.30
C LYS C 601 88.78 2.78 -21.77
N ASN C 602 88.80 1.51 -22.17
CA ASN C 602 88.93 1.14 -23.58
C ASN C 602 88.01 -0.02 -24.01
N PRO C 603 86.79 0.32 -24.45
CA PRO C 603 85.72 -0.65 -24.74
C PRO C 603 85.74 -1.24 -26.16
N THR C 604 86.76 -2.04 -26.47
CA THR C 604 86.81 -2.71 -27.75
C THR C 604 86.81 -4.22 -27.48
N ILE C 605 86.45 -5.04 -28.46
CA ILE C 605 86.48 -6.49 -28.28
C ILE C 605 87.92 -6.97 -28.10
N ASP C 606 88.87 -6.34 -28.80
CA ASP C 606 90.30 -6.60 -28.65
C ASP C 606 90.77 -6.39 -27.20
N ALA C 607 90.46 -5.20 -26.67
CA ALA C 607 90.83 -4.80 -25.32
C ALA C 607 90.32 -5.77 -24.25
N TRP C 608 89.07 -6.19 -24.43
CA TRP C 608 88.41 -7.08 -23.47
C TRP C 608 88.89 -8.52 -23.60
N TRP C 609 89.40 -8.87 -24.78
CA TRP C 609 89.97 -10.20 -24.97
C TRP C 609 91.35 -10.27 -24.34
N LYS C 610 92.17 -9.25 -24.55
CA LYS C 610 93.45 -9.16 -23.87
C LYS C 610 93.28 -9.30 -22.33
N LEU C 611 92.13 -8.85 -21.81
CA LEU C 611 91.82 -8.92 -20.37
C LEU C 611 91.36 -10.29 -19.87
N LEU C 612 90.65 -11.03 -20.71
CA LEU C 612 90.16 -12.36 -20.36
C LEU C 612 91.13 -13.48 -20.77
N SER C 613 92.15 -13.10 -21.55
CA SER C 613 93.23 -14.00 -21.99
C SER C 613 94.25 -14.24 -20.85
N ARG C 614 94.28 -13.32 -19.90
CA ARG C 614 95.15 -13.32 -18.71
C ARG C 614 94.85 -14.48 -17.71
N GLU C 615 95.79 -14.76 -16.78
CA GLU C 615 95.65 -15.88 -15.83
C GLU C 615 94.37 -15.88 -15.00
N ILE D 5 21.66 28.38 1.20
CA ILE D 5 21.15 27.33 2.08
C ILE D 5 21.28 25.94 1.48
N PRO D 6 21.75 24.99 2.28
CA PRO D 6 22.15 23.60 2.00
C PRO D 6 21.02 22.59 1.80
N PHE D 7 20.50 22.48 0.58
CA PHE D 7 19.53 21.43 0.28
C PHE D 7 20.04 20.52 -0.80
N THR D 8 19.45 19.32 -0.89
CA THR D 8 19.79 18.36 -1.93
C THR D 8 19.21 18.81 -3.25
N ARG D 9 20.04 18.98 -4.27
CA ARG D 9 19.53 19.51 -5.52
C ARG D 9 19.08 18.36 -6.40
N TRP D 10 18.53 18.71 -7.56
CA TRP D 10 18.09 17.72 -8.49
C TRP D 10 19.24 17.46 -9.41
N PRO D 11 19.38 16.21 -9.85
CA PRO D 11 20.36 15.88 -10.88
C PRO D 11 20.26 16.84 -12.07
N GLU D 12 21.42 17.29 -12.57
CA GLU D 12 21.45 18.26 -13.65
C GLU D 12 20.48 17.89 -14.78
N GLU D 13 20.40 16.61 -15.13
CA GLU D 13 19.55 16.15 -16.23
C GLU D 13 18.06 16.41 -16.02
N PHE D 14 17.63 16.33 -14.76
CA PHE D 14 16.23 16.59 -14.41
C PHE D 14 15.89 18.10 -14.41
N ALA D 15 16.74 18.90 -13.80
CA ALA D 15 16.59 20.35 -13.83
C ALA D 15 16.45 20.88 -15.28
N ARG D 16 17.06 20.19 -16.23
CA ARG D 16 16.93 20.57 -17.63
C ARG D 16 15.57 20.15 -18.17
N ARG D 17 15.17 18.91 -17.94
CA ARG D 17 13.87 18.43 -18.46
C ARG D 17 12.71 19.18 -17.81
N TYR D 18 12.91 19.61 -16.57
CA TYR D 18 11.83 20.29 -15.86
C TYR D 18 11.67 21.73 -16.31
N ARG D 19 12.74 22.37 -16.73
CA ARG D 19 12.62 23.70 -17.32
C ARG D 19 12.15 23.59 -18.75
N GLU D 20 12.69 22.64 -19.50
CA GLU D 20 12.32 22.49 -20.90
C GLU D 20 10.87 22.08 -21.05
N LYS D 21 10.33 21.37 -20.07
CA LYS D 21 8.96 20.89 -20.17
C LYS D 21 7.97 21.92 -19.59
N GLY D 22 8.49 23.05 -19.13
CA GLY D 22 7.66 24.17 -18.67
C GLY D 22 7.26 24.18 -17.19
N TYR D 23 7.67 23.15 -16.47
CA TYR D 23 7.36 23.00 -15.06
C TYR D 23 8.02 24.09 -14.20
N TRP D 24 9.33 24.24 -14.27
CA TRP D 24 9.97 25.30 -13.51
C TRP D 24 10.02 26.57 -14.35
N GLN D 25 9.33 27.61 -13.92
CA GLN D 25 9.34 28.89 -14.63
C GLN D 25 10.38 29.90 -14.12
N ASP D 26 11.24 29.46 -13.20
CA ASP D 26 12.26 30.32 -12.62
C ASP D 26 11.72 31.67 -12.16
N LEU D 27 10.55 31.65 -11.53
CA LEU D 27 9.98 32.85 -10.96
C LEU D 27 9.92 32.69 -9.45
N PRO D 28 10.04 33.79 -8.71
CA PRO D 28 9.93 33.78 -7.25
C PRO D 28 8.52 33.43 -6.82
N LEU D 29 8.36 32.86 -5.64
CA LEU D 29 7.02 32.60 -5.11
C LEU D 29 6.27 33.90 -4.86
N THR D 30 7.02 34.99 -4.67
CA THR D 30 6.41 36.30 -4.46
C THR D 30 5.55 36.70 -5.66
N ASP D 31 5.93 36.24 -6.85
CA ASP D 31 5.19 36.55 -8.06
C ASP D 31 3.69 36.26 -7.89
N ILE D 32 3.35 35.32 -7.02
CA ILE D 32 1.97 34.98 -6.75
C ILE D 32 1.19 36.17 -6.26
N LEU D 33 1.76 36.88 -5.29
CA LEU D 33 1.14 38.05 -4.69
C LEU D 33 1.36 39.33 -5.50
N THR D 34 2.50 39.38 -6.18
CA THR D 34 2.93 40.49 -7.02
C THR D 34 2.00 40.75 -8.20
N ARG D 35 1.54 39.68 -8.86
CA ARG D 35 0.61 39.76 -9.98
C ARG D 35 -0.55 40.66 -9.67
N HIS D 36 -1.03 40.52 -8.45
CA HIS D 36 -2.20 41.21 -7.98
C HIS D 36 -1.95 42.50 -7.20
N ALA D 37 -0.70 42.96 -7.19
CA ALA D 37 -0.29 44.12 -6.37
C ALA D 37 -1.17 45.36 -6.56
N ALA D 38 -1.74 45.49 -7.76
CA ALA D 38 -2.57 46.64 -8.12
C ALA D 38 -4.07 46.39 -7.98
N SER D 39 -4.47 45.17 -7.62
CA SER D 39 -5.89 44.82 -7.54
C SER D 39 -6.52 45.20 -6.19
N ASP D 40 -7.74 45.70 -6.25
CA ASP D 40 -8.46 46.08 -5.04
C ASP D 40 -9.48 45.06 -4.58
N SER D 41 -9.54 43.91 -5.25
CA SER D 41 -10.42 42.83 -4.81
C SER D 41 -9.91 42.14 -3.54
N ILE D 42 -10.80 41.44 -2.86
CA ILE D 42 -10.49 40.89 -1.54
C ILE D 42 -9.69 39.60 -1.59
N ALA D 43 -8.49 39.65 -1.03
CA ALA D 43 -7.66 38.46 -0.93
C ALA D 43 -7.97 37.61 0.30
N VAL D 44 -8.17 38.26 1.44
CA VAL D 44 -8.29 37.55 2.71
C VAL D 44 -9.40 38.12 3.58
N ILE D 45 -10.29 37.25 4.06
CA ILE D 45 -11.25 37.66 5.06
C ILE D 45 -10.97 36.96 6.34
N ASP D 46 -10.49 37.70 7.34
CA ASP D 46 -10.20 37.16 8.66
C ASP D 46 -11.12 37.78 9.69
N GLY D 47 -12.11 37.02 10.15
CA GLY D 47 -13.13 37.56 11.02
C GLY D 47 -13.86 38.70 10.35
N GLU D 48 -13.86 39.87 10.99
CA GLU D 48 -14.50 41.08 10.42
C GLU D 48 -13.63 41.81 9.41
N ARG D 49 -12.32 41.58 9.47
CA ARG D 49 -11.36 42.26 8.61
C ARG D 49 -11.35 41.70 7.17
N GLN D 50 -11.18 42.58 6.18
CA GLN D 50 -11.01 42.14 4.78
C GLN D 50 -9.84 42.89 4.15
N LEU D 51 -8.93 42.14 3.52
CA LEU D 51 -7.75 42.74 2.90
C LEU D 51 -7.76 42.55 1.39
N SER D 52 -7.51 43.63 0.67
CA SER D 52 -7.37 43.61 -0.77
C SER D 52 -6.00 43.01 -1.08
N TYR D 53 -5.84 42.54 -2.32
CA TYR D 53 -4.51 42.10 -2.77
C TYR D 53 -3.48 43.22 -2.63
N ARG D 54 -3.90 44.44 -2.97
CA ARG D 54 -3.03 45.60 -2.85
C ARG D 54 -2.57 45.71 -1.40
N GLU D 55 -3.52 45.66 -0.47
CA GLU D 55 -3.24 45.78 0.96
C GLU D 55 -2.36 44.66 1.46
N LEU D 56 -2.68 43.43 1.04
CA LEU D 56 -1.95 42.25 1.47
C LEU D 56 -0.50 42.34 1.04
N ASN D 57 -0.30 42.59 -0.26
CA ASN D 57 1.04 42.76 -0.80
C ASN D 57 1.78 43.91 -0.11
N GLN D 58 1.05 45.02 0.14
CA GLN D 58 1.61 46.19 0.82
C GLN D 58 2.06 45.84 2.24
N ALA D 59 1.20 45.18 2.99
CA ALA D 59 1.53 44.76 4.36
C ALA D 59 2.82 43.95 4.36
N ALA D 60 2.98 43.13 3.35
CA ALA D 60 4.15 42.25 3.25
C ALA D 60 5.41 43.07 3.03
N ASP D 61 5.31 44.05 2.13
CA ASP D 61 6.42 44.95 1.84
C ASP D 61 6.84 45.68 3.12
N ASN D 62 5.85 46.17 3.85
CA ASN D 62 6.08 46.87 5.11
C ASN D 62 6.80 46.02 6.16
N LEU D 63 6.25 44.83 6.41
CA LEU D 63 6.81 43.92 7.40
C LEU D 63 8.19 43.44 6.99
N ALA D 64 8.43 43.33 5.69
CA ALA D 64 9.74 42.93 5.20
C ALA D 64 10.73 44.07 5.34
N CYS D 65 10.27 45.27 4.99
CA CYS D 65 11.07 46.48 5.10
C CYS D 65 11.46 46.73 6.54
N SER D 66 10.46 46.67 7.41
CA SER D 66 10.66 46.84 8.85
C SER D 66 11.63 45.81 9.44
N LEU D 67 11.64 44.60 8.86
CA LEU D 67 12.53 43.55 9.30
C LEU D 67 13.94 43.76 8.79
N ARG D 68 14.05 44.30 7.58
CA ARG D 68 15.35 44.61 7.01
C ARG D 68 16.02 45.66 7.89
N ARG D 69 15.22 46.63 8.31
CA ARG D 69 15.67 47.71 9.20
C ARG D 69 16.17 47.15 10.52
N GLN D 70 15.61 46.03 10.95
CA GLN D 70 16.02 45.43 12.21
C GLN D 70 17.25 44.53 12.05
N GLY D 71 17.78 44.49 10.82
CA GLY D 71 19.05 43.86 10.56
C GLY D 71 19.01 42.42 10.14
N ILE D 72 17.89 42.01 9.53
CA ILE D 72 17.76 40.64 9.02
C ILE D 72 18.28 40.57 7.60
N LYS D 73 19.36 39.82 7.41
CA LYS D 73 19.98 39.69 6.09
C LYS D 73 19.40 38.49 5.31
N PRO D 74 19.30 38.64 3.98
CA PRO D 74 18.95 37.54 3.08
C PRO D 74 19.83 36.32 3.32
N GLY D 75 19.24 35.13 3.18
CA GLY D 75 19.96 33.90 3.40
C GLY D 75 19.71 33.29 4.77
N GLU D 76 19.22 34.10 5.70
CA GLU D 76 18.96 33.60 7.05
C GLU D 76 17.62 32.86 7.14
N THR D 77 17.35 32.26 8.29
CA THR D 77 16.15 31.44 8.46
C THR D 77 15.31 32.00 9.58
N ALA D 78 14.02 31.65 9.57
CA ALA D 78 13.13 32.11 10.62
C ALA D 78 12.28 30.97 11.15
N LEU D 79 11.65 31.23 12.29
CA LEU D 79 10.72 30.30 12.89
C LEU D 79 9.44 31.08 13.07
N VAL D 80 8.39 30.69 12.37
CA VAL D 80 7.12 31.39 12.50
C VAL D 80 6.07 30.46 13.10
N GLN D 81 5.43 30.90 14.17
CA GLN D 81 4.28 30.16 14.67
C GLN D 81 3.06 31.07 14.69
N LEU D 82 2.17 30.87 13.74
CA LEU D 82 0.99 31.68 13.62
C LEU D 82 -0.16 30.77 13.22
N GLY D 83 -1.35 31.10 13.71
CA GLY D 83 -2.52 30.24 13.53
C GLY D 83 -3.21 30.51 12.21
N ASN D 84 -4.53 30.34 12.18
CA ASN D 84 -5.18 30.63 10.92
C ASN D 84 -5.67 32.06 10.98
N VAL D 85 -4.72 32.96 10.73
CA VAL D 85 -4.97 34.38 10.81
C VAL D 85 -4.20 35.02 9.67
N ALA D 86 -4.67 36.18 9.21
CA ALA D 86 -4.11 36.79 8.01
C ALA D 86 -2.63 37.14 8.14
N GLU D 87 -2.19 37.46 9.35
CA GLU D 87 -0.79 37.75 9.59
C GLU D 87 0.15 36.59 9.21
N LEU D 88 -0.38 35.37 9.14
CA LEU D 88 0.42 34.24 8.66
C LEU D 88 0.78 34.46 7.20
N TYR D 89 -0.23 34.68 6.36
CA TYR D 89 0.00 34.92 4.95
C TYR D 89 0.88 36.14 4.71
N ILE D 90 0.67 37.19 5.48
CA ILE D 90 1.52 38.38 5.38
C ILE D 90 2.97 38.01 5.70
N THR D 91 3.17 37.29 6.80
CA THR D 91 4.51 37.00 7.28
C THR D 91 5.22 36.14 6.27
N PHE D 92 4.44 35.26 5.67
CA PHE D 92 5.00 34.31 4.71
C PHE D 92 5.59 35.08 3.55
N PHE D 93 4.78 35.95 2.96
CA PHE D 93 5.24 36.72 1.82
C PHE D 93 6.28 37.76 2.20
N ALA D 94 6.17 38.30 3.41
CA ALA D 94 7.15 39.24 3.90
C ALA D 94 8.53 38.57 3.90
N LEU D 95 8.57 37.34 4.38
CA LEU D 95 9.84 36.65 4.51
C LEU D 95 10.32 36.15 3.16
N LEU D 96 9.40 36.01 2.21
CA LEU D 96 9.76 35.59 0.86
C LEU D 96 10.38 36.75 0.10
N LYS D 97 9.87 37.94 0.36
CA LYS D 97 10.40 39.16 -0.25
C LYS D 97 11.79 39.51 0.28
N LEU D 98 12.11 39.12 1.50
CA LEU D 98 13.43 39.42 2.09
C LEU D 98 14.56 38.49 1.64
N GLY D 99 14.21 37.26 1.28
CA GLY D 99 15.22 36.25 0.97
C GLY D 99 15.43 35.26 2.11
N VAL D 100 14.54 35.30 3.09
CA VAL D 100 14.57 34.45 4.27
C VAL D 100 13.71 33.21 4.11
N ALA D 101 14.14 32.08 4.70
CA ALA D 101 13.38 30.84 4.63
C ALA D 101 12.87 30.46 6.02
N PRO D 102 11.54 30.58 6.22
CA PRO D 102 11.00 30.28 7.53
C PRO D 102 10.59 28.83 7.65
N VAL D 103 10.21 28.44 8.86
CA VAL D 103 9.50 27.19 9.10
C VAL D 103 8.12 27.62 9.61
N LEU D 104 7.05 27.15 8.99
CA LEU D 104 5.76 27.51 9.53
C LEU D 104 5.35 26.41 10.46
N ALA D 105 5.45 26.73 11.74
CA ALA D 105 5.14 25.82 12.81
C ALA D 105 3.64 25.81 13.10
N LEU D 106 3.14 24.67 13.52
CA LEU D 106 1.74 24.55 13.84
C LEU D 106 1.49 25.33 15.08
N PHE D 107 0.30 25.87 15.20
CA PHE D 107 -0.02 26.63 16.39
C PHE D 107 -0.18 25.68 17.60
N SER D 108 -0.47 24.42 17.30
CA SER D 108 -0.67 23.41 18.33
C SER D 108 0.65 22.93 18.93
N HIS D 109 1.75 23.25 18.27
CA HIS D 109 3.08 22.85 18.74
C HIS D 109 3.42 23.55 20.04
N GLN D 110 4.39 22.99 20.75
CA GLN D 110 4.71 23.41 22.10
C GLN D 110 6.21 23.44 22.34
N ARG D 111 6.59 23.53 23.61
CA ARG D 111 7.99 23.71 23.96
C ARG D 111 9.00 22.80 23.20
N SER D 112 8.75 21.50 23.16
CA SER D 112 9.76 20.61 22.59
C SER D 112 9.83 20.71 21.08
N GLU D 113 8.69 20.89 20.44
CA GLU D 113 8.68 20.98 18.98
C GLU D 113 9.37 22.24 18.50
N LEU D 114 9.06 23.38 19.13
CA LEU D 114 9.71 24.64 18.77
C LEU D 114 11.20 24.59 19.01
N ASN D 115 11.61 24.02 20.16
CA ASN D 115 13.02 23.86 20.45
C ASN D 115 13.69 23.09 19.32
N ALA D 116 13.12 21.92 19.02
CA ALA D 116 13.58 21.07 17.93
C ALA D 116 13.80 21.83 16.61
N TYR D 117 12.82 22.60 16.19
CA TYR D 117 12.92 23.33 14.95
C TYR D 117 14.05 24.35 14.99
N ALA D 118 14.07 25.17 16.04
CA ALA D 118 15.05 26.25 16.16
C ALA D 118 16.48 25.72 16.16
N SER D 119 16.66 24.51 16.69
CA SER D 119 17.98 23.87 16.69
C SER D 119 18.54 23.51 15.31
N GLN D 120 17.71 22.96 14.44
CA GLN D 120 18.17 22.63 13.08
C GLN D 120 18.21 23.87 12.18
N ILE D 121 17.27 24.78 12.39
CA ILE D 121 17.18 25.97 11.55
C ILE D 121 18.28 26.99 11.86
N GLU D 122 18.54 27.20 13.15
CA GLU D 122 19.37 28.32 13.62
C GLU D 122 18.83 29.65 13.15
N PRO D 123 17.59 29.95 13.58
CA PRO D 123 16.78 31.08 13.13
C PRO D 123 17.37 32.39 13.56
N ALA D 124 17.35 33.36 12.68
CA ALA D 124 17.72 34.71 13.07
C ALA D 124 16.47 35.47 13.51
N LEU D 125 15.31 34.87 13.31
CA LEU D 125 14.07 35.59 13.55
C LEU D 125 13.02 34.69 14.17
N LEU D 126 12.28 35.22 15.14
CA LEU D 126 11.18 34.49 15.73
C LEU D 126 9.90 35.31 15.64
N ILE D 127 8.85 34.69 15.14
CA ILE D 127 7.55 35.34 15.09
C ILE D 127 6.51 34.41 15.69
N ALA D 128 5.88 34.83 16.79
CA ALA D 128 4.89 34.02 17.50
C ALA D 128 3.69 34.87 17.89
N ASP D 129 2.77 34.28 18.65
CA ASP D 129 1.51 34.94 19.03
C ASP D 129 1.35 34.93 20.56
N ARG D 130 1.08 36.08 21.17
CA ARG D 130 0.94 36.13 22.62
C ARG D 130 -0.33 35.45 23.14
N GLN D 131 -1.25 35.09 22.24
CA GLN D 131 -2.45 34.35 22.61
C GLN D 131 -2.11 32.86 22.72
N HIS D 132 -0.91 32.49 22.30
CA HIS D 132 -0.41 31.13 22.47
C HIS D 132 0.16 30.98 23.88
N ALA D 133 -0.11 29.85 24.53
CA ALA D 133 0.25 29.66 25.95
C ALA D 133 1.72 30.00 26.33
N LEU D 134 2.67 29.62 25.48
CA LEU D 134 4.08 29.86 25.75
C LEU D 134 4.42 31.35 25.73
N PHE D 135 3.68 32.10 24.94
CA PHE D 135 3.91 33.54 24.81
C PHE D 135 2.97 34.47 25.58
N SER D 136 2.04 33.88 26.34
CA SER D 136 1.12 34.69 27.16
C SER D 136 1.96 35.59 28.06
N GLY D 137 2.87 34.98 28.81
CA GLY D 137 3.93 35.72 29.48
C GLY D 137 5.21 35.73 28.66
N ASP D 138 6.07 36.72 28.92
CA ASP D 138 7.38 36.76 28.28
C ASP D 138 8.27 35.84 29.11
N ASP D 139 7.66 35.12 30.04
CA ASP D 139 8.38 34.10 30.81
C ASP D 139 9.14 33.10 29.94
N PHE D 140 8.41 32.23 29.26
CA PHE D 140 9.06 31.21 28.43
C PHE D 140 9.94 31.84 27.37
N LEU D 141 9.47 32.94 26.79
CA LEU D 141 10.19 33.52 25.68
C LEU D 141 11.68 33.88 25.94
N ASN D 142 11.97 34.44 27.12
CA ASN D 142 13.35 34.80 27.48
C ASN D 142 14.28 33.58 27.51
N THR D 143 13.80 32.50 28.14
CA THR D 143 14.55 31.24 28.20
C THR D 143 14.88 30.77 26.80
N PHE D 144 13.93 30.97 25.91
CA PHE D 144 14.03 30.46 24.56
C PHE D 144 15.14 31.16 23.76
N VAL D 145 15.16 32.49 23.81
CA VAL D 145 16.13 33.26 23.02
C VAL D 145 17.55 33.04 23.50
N THR D 146 17.71 32.84 24.80
CA THR D 146 19.05 32.59 25.32
C THR D 146 19.55 31.22 24.85
N GLU D 147 18.69 30.19 24.87
CA GLU D 147 19.11 28.80 24.52
C GLU D 147 19.40 28.55 23.02
N HIS D 148 18.72 29.26 22.12
CA HIS D 148 19.18 29.32 20.73
C HIS D 148 19.64 30.74 20.54
N SER D 149 20.94 30.91 20.45
CA SER D 149 21.51 32.25 20.50
C SER D 149 21.43 32.98 19.16
N SER D 150 21.23 32.21 18.08
CA SER D 150 21.16 32.78 16.73
C SER D 150 20.07 33.84 16.57
N ILE D 151 18.98 33.66 17.32
CA ILE D 151 17.86 34.59 17.28
C ILE D 151 18.24 36.02 17.68
N ARG D 152 17.93 36.98 16.81
CA ARG D 152 18.25 38.39 17.03
C ARG D 152 16.99 39.24 17.19
N VAL D 153 16.15 39.23 16.16
CA VAL D 153 14.85 39.92 16.18
C VAL D 153 13.69 39.03 16.66
N VAL D 154 12.74 39.63 17.36
CA VAL D 154 11.51 38.94 17.75
C VAL D 154 10.26 39.81 17.59
N GLN D 155 9.27 39.33 16.84
CA GLN D 155 8.02 40.05 16.69
C GLN D 155 6.86 39.15 17.16
N LEU D 156 5.90 39.73 17.88
CA LEU D 156 4.76 38.96 18.38
C LEU D 156 3.42 39.54 17.96
N LEU D 157 2.50 38.64 17.63
CA LEU D 157 1.14 39.02 17.29
C LEU D 157 0.38 39.27 18.59
N ASN D 158 -0.51 40.24 18.62
CA ASN D 158 -1.18 40.58 19.87
C ASN D 158 -0.19 40.96 20.99
N ASP D 159 0.69 41.93 20.71
CA ASP D 159 1.57 42.53 21.71
C ASP D 159 1.52 44.06 21.56
N SER D 160 1.20 44.77 22.63
CA SER D 160 1.22 46.23 22.63
C SER D 160 2.66 46.75 22.82
N GLY D 161 3.46 45.97 23.53
CA GLY D 161 4.79 46.38 23.94
C GLY D 161 5.85 46.43 22.85
N GLU D 162 7.11 46.33 23.29
CA GLU D 162 8.30 46.53 22.45
C GLU D 162 8.32 45.81 21.08
N HIS D 163 7.86 44.57 21.11
CA HIS D 163 7.98 43.57 20.04
C HIS D 163 6.78 43.47 19.10
N ASN D 164 5.84 44.39 19.23
CA ASN D 164 4.58 44.35 18.47
C ASN D 164 4.76 44.14 16.96
N LEU D 165 4.07 43.13 16.43
CA LEU D 165 4.20 42.77 15.04
C LEU D 165 3.40 43.73 14.16
N GLN D 166 2.24 44.15 14.65
CA GLN D 166 1.40 45.08 13.92
C GLN D 166 2.11 46.40 13.66
N ASP D 167 2.97 46.81 14.58
CA ASP D 167 3.73 48.05 14.42
C ASP D 167 4.60 47.99 13.18
N ALA D 168 5.29 46.87 13.00
CA ALA D 168 6.17 46.67 11.85
C ALA D 168 5.37 46.45 10.56
N ILE D 169 4.16 45.92 10.70
CA ILE D 169 3.29 45.67 9.55
C ILE D 169 2.70 46.96 8.99
N ASN D 170 2.41 47.90 9.89
CA ASN D 170 1.83 49.18 9.50
C ASN D 170 2.81 50.31 9.23
N HIS D 171 4.07 50.12 9.62
CA HIS D 171 5.11 51.08 9.32
C HIS D 171 5.49 50.95 7.85
N PRO D 172 5.19 51.99 7.05
CA PRO D 172 5.32 51.94 5.59
C PRO D 172 6.76 51.69 5.10
N ALA D 173 7.00 51.78 3.80
CA ALA D 173 8.25 51.27 3.27
C ALA D 173 9.12 52.27 2.49
N GLU D 174 10.37 52.36 2.92
CA GLU D 174 11.39 53.27 2.42
C GLU D 174 12.04 52.79 1.11
N ASP D 175 13.26 53.25 0.85
CA ASP D 175 13.97 53.08 -0.42
C ASP D 175 14.01 51.61 -0.85
N PHE D 176 13.32 50.78 -0.06
CA PHE D 176 13.28 49.32 -0.16
C PHE D 176 13.07 48.74 -1.58
N THR D 177 13.99 47.83 -1.91
CA THR D 177 13.98 47.03 -3.12
C THR D 177 13.76 45.61 -2.64
N ALA D 178 12.69 44.96 -3.08
CA ALA D 178 12.38 43.60 -2.62
C ALA D 178 13.29 42.49 -3.26
N THR D 179 13.80 41.57 -2.45
CA THR D 179 14.90 40.73 -2.93
C THR D 179 14.91 39.20 -2.56
N PRO D 180 14.09 38.40 -3.27
CA PRO D 180 13.84 36.97 -3.01
C PRO D 180 15.04 36.12 -3.37
N SER D 181 15.16 34.93 -2.80
CA SER D 181 16.25 34.03 -3.17
C SER D 181 16.01 33.51 -4.60
N PRO D 182 17.08 33.09 -5.28
CA PRO D 182 16.93 32.62 -6.67
C PRO D 182 15.93 31.47 -6.79
N ALA D 183 15.26 31.37 -7.92
CA ALA D 183 14.23 30.35 -8.12
C ALA D 183 14.66 28.93 -7.78
N ASP D 184 15.93 28.57 -8.04
CA ASP D 184 16.41 27.22 -7.72
C ASP D 184 17.09 27.09 -6.35
N GLU D 185 17.08 28.18 -5.60
CA GLU D 185 17.45 28.18 -4.19
C GLU D 185 16.26 27.99 -3.23
N VAL D 186 16.51 27.53 -2.00
CA VAL D 186 15.45 27.30 -1.02
C VAL D 186 14.52 28.48 -0.77
N ALA D 187 13.21 28.23 -0.81
CA ALA D 187 12.19 29.25 -0.52
C ALA D 187 11.74 29.18 0.92
N TYR D 188 11.22 28.03 1.34
CA TYR D 188 11.02 27.78 2.76
C TYR D 188 11.06 26.30 3.10
N PHE D 189 10.79 25.99 4.37
CA PHE D 189 10.76 24.61 4.87
C PHE D 189 9.34 24.16 5.20
N GLN D 190 9.01 22.94 4.81
CA GLN D 190 7.75 22.35 5.22
C GLN D 190 8.04 21.23 6.21
N LEU D 191 7.06 20.87 7.02
CA LEU D 191 7.23 19.82 7.99
C LEU D 191 6.60 18.47 7.53
N SER D 192 7.24 17.34 7.80
CA SER D 192 6.54 16.03 7.73
C SER D 192 6.87 15.21 8.98
N GLY D 193 5.86 14.87 9.80
CA GLY D 193 6.08 14.31 11.15
C GLY D 193 6.53 12.85 11.39
N THR D 196 9.60 10.17 13.61
CA THR D 196 10.81 9.55 14.20
C THR D 196 11.62 10.30 15.31
N GLY D 197 11.39 11.59 15.48
CA GLY D 197 12.04 12.38 16.53
C GLY D 197 13.13 13.41 16.27
N THR D 198 13.90 13.27 15.19
CA THR D 198 14.74 14.40 14.73
C THR D 198 13.87 15.17 13.76
N PRO D 199 13.88 16.51 13.82
CA PRO D 199 13.03 17.26 12.89
C PRO D 199 13.26 16.83 11.45
N LYS D 200 12.20 16.46 10.73
CA LYS D 200 12.40 16.14 9.34
C LYS D 200 11.92 17.37 8.59
N LEU D 201 12.85 18.19 8.12
CA LEU D 201 12.49 19.45 7.48
C LEU D 201 12.62 19.35 5.99
N ILE D 202 11.59 19.77 5.33
CA ILE D 202 11.56 19.60 3.90
C ILE D 202 11.82 20.92 3.21
N PRO D 203 13.01 21.07 2.60
CA PRO D 203 13.30 22.29 1.85
C PRO D 203 12.49 22.36 0.56
N ARG D 204 11.85 23.49 0.26
CA ARG D 204 11.14 23.60 -1.00
C ARG D 204 11.66 24.82 -1.72
N THR D 205 12.20 24.64 -2.93
CA THR D 205 12.75 25.74 -3.73
C THR D 205 11.61 26.50 -4.40
N HIS D 206 11.84 27.77 -4.74
CA HIS D 206 10.80 28.55 -5.42
C HIS D 206 10.25 27.80 -6.61
N ASN D 207 11.14 27.21 -7.40
CA ASN D 207 10.77 26.53 -8.64
C ASN D 207 9.78 25.38 -8.44
N ASP D 208 10.17 24.43 -7.59
CA ASP D 208 9.35 23.24 -7.42
C ASP D 208 8.03 23.59 -6.75
N TYR D 209 8.06 24.48 -5.76
CA TYR D 209 6.87 24.80 -5.00
C TYR D 209 5.83 25.54 -5.84
N TYR D 210 6.31 26.50 -6.61
CA TYR D 210 5.46 27.27 -7.50
C TYR D 210 4.71 26.34 -8.49
N TYR D 211 5.43 25.34 -9.03
CA TYR D 211 4.79 24.35 -9.92
C TYR D 211 3.63 23.64 -9.21
N SER D 212 3.91 23.16 -8.00
CA SER D 212 2.92 22.52 -7.15
C SER D 212 1.62 23.35 -7.10
N VAL D 213 1.75 24.65 -6.88
CA VAL D 213 0.59 25.52 -6.78
C VAL D 213 -0.10 25.79 -8.13
N ARG D 214 0.67 26.08 -9.17
CA ARG D 214 0.09 26.33 -10.50
C ARG D 214 -0.76 25.17 -10.97
N ARG D 215 -0.14 24.01 -11.00
CA ARG D 215 -0.74 22.81 -11.57
C ARG D 215 -1.91 22.34 -10.72
N SER D 216 -1.92 22.72 -9.45
CA SER D 216 -3.04 22.41 -8.59
C SER D 216 -4.22 23.33 -8.89
N VAL D 217 -3.95 24.60 -9.17
CA VAL D 217 -4.98 25.51 -9.67
C VAL D 217 -5.62 25.02 -10.98
N GLU D 218 -4.81 24.57 -11.93
CA GLU D 218 -5.32 24.06 -13.21
C GLU D 218 -6.30 22.92 -12.97
N ILE D 219 -5.85 21.95 -12.23
CA ILE D 219 -6.64 20.76 -11.97
C ILE D 219 -7.93 21.02 -11.20
N CYS D 220 -7.88 21.94 -10.24
CA CYS D 220 -9.06 22.22 -9.44
C CYS D 220 -9.84 23.39 -9.98
N GLN D 221 -9.30 23.96 -11.05
CA GLN D 221 -9.92 25.08 -11.73
C GLN D 221 -10.23 26.30 -10.82
N PHE D 222 -9.25 26.71 -10.04
CA PHE D 222 -9.35 27.94 -9.27
C PHE D 222 -9.21 29.15 -10.19
N THR D 223 -9.87 30.24 -9.80
CA THR D 223 -9.94 31.42 -10.65
C THR D 223 -10.16 32.63 -9.79
N GLN D 224 -10.36 33.79 -10.44
CA GLN D 224 -10.76 35.00 -9.75
C GLN D 224 -11.98 34.70 -8.89
N GLN D 225 -12.77 33.73 -9.33
CA GLN D 225 -14.07 33.42 -8.71
C GLN D 225 -13.96 32.62 -7.44
N THR D 226 -13.01 31.70 -7.43
CA THR D 226 -12.88 30.76 -6.35
C THR D 226 -12.88 31.50 -5.03
N ARG D 227 -13.76 31.07 -4.14
CA ARG D 227 -13.91 31.67 -2.83
C ARG D 227 -13.82 30.50 -1.84
N TYR D 228 -12.70 30.48 -1.07
CA TYR D 228 -12.13 29.29 -0.37
C TYR D 228 -12.12 29.45 1.13
N LEU D 229 -12.73 28.50 1.85
CA LEU D 229 -12.71 28.48 3.32
C LEU D 229 -11.54 27.64 3.80
N CYS D 230 -10.60 28.24 4.51
CA CYS D 230 -9.47 27.49 5.00
C CYS D 230 -9.65 27.31 6.49
N ALA D 231 -10.19 26.14 6.87
CA ALA D 231 -10.48 25.88 8.27
C ALA D 231 -9.56 24.91 8.96
N ILE D 232 -8.82 24.15 8.17
CA ILE D 232 -7.86 23.23 8.77
C ILE D 232 -6.57 24.03 8.98
N PRO D 233 -5.62 23.48 9.74
CA PRO D 233 -4.47 24.32 10.03
C PRO D 233 -3.87 24.89 8.76
N ALA D 234 -3.69 26.21 8.75
CA ALA D 234 -3.36 26.94 7.53
C ALA D 234 -1.93 26.71 7.11
N ALA D 235 -1.13 26.26 8.07
CA ALA D 235 0.29 26.15 7.85
C ALA D 235 0.69 24.83 7.16
N HIS D 236 -0.24 23.88 7.08
CA HIS D 236 0.08 22.59 6.53
C HIS D 236 0.15 22.68 5.01
N ASN D 237 0.88 21.77 4.41
CA ASN D 237 1.05 21.81 2.98
C ASN D 237 -0.28 21.75 2.22
N TYR D 238 -1.28 21.10 2.79
CA TYR D 238 -2.56 20.86 2.14
C TYR D 238 -3.33 22.17 2.04
N ALA D 239 -3.49 22.88 3.15
CA ALA D 239 -4.26 24.11 3.12
C ALA D 239 -3.39 25.24 2.65
N MET D 240 -2.17 24.93 2.26
CA MET D 240 -1.25 25.95 1.80
C MET D 240 -1.14 25.87 0.30
N SER D 241 -0.62 24.76 -0.20
CA SER D 241 -0.35 24.60 -1.64
C SER D 241 -1.29 23.74 -2.50
N SER D 242 -2.34 23.12 -1.96
CA SER D 242 -2.95 22.00 -2.70
C SER D 242 -4.45 22.03 -3.05
N PRO D 243 -4.90 23.03 -3.79
CA PRO D 243 -4.16 24.25 -4.11
C PRO D 243 -4.09 25.13 -2.88
N GLY D 244 -5.02 24.98 -1.96
CA GLY D 244 -4.97 25.70 -0.69
C GLY D 244 -4.94 27.20 -0.90
N SER D 245 -4.64 27.94 0.15
CA SER D 245 -4.68 29.40 0.09
C SER D 245 -3.76 30.03 -0.96
N LEU D 246 -2.55 29.50 -1.12
CA LEU D 246 -1.63 30.06 -2.11
C LEU D 246 -2.17 29.87 -3.52
N GLY D 247 -2.86 28.76 -3.75
CA GLY D 247 -3.46 28.51 -5.03
C GLY D 247 -4.57 29.50 -5.33
N VAL D 248 -5.29 29.91 -4.27
CA VAL D 248 -6.33 30.90 -4.37
C VAL D 248 -5.74 32.27 -4.62
N PHE D 249 -4.61 32.59 -4.00
CA PHE D 249 -3.94 33.86 -4.26
C PHE D 249 -3.43 33.99 -5.70
N LEU D 250 -2.88 32.91 -6.25
CA LEU D 250 -2.40 32.93 -7.62
C LEU D 250 -3.51 33.23 -8.59
N ALA D 251 -4.71 32.76 -8.26
CA ALA D 251 -5.88 32.88 -9.14
C ALA D 251 -6.74 34.13 -8.94
N GLY D 252 -6.42 34.93 -7.93
CA GLY D 252 -7.17 36.13 -7.62
C GLY D 252 -8.45 35.91 -6.81
N GLY D 253 -8.61 34.71 -6.27
CA GLY D 253 -9.78 34.37 -5.47
C GLY D 253 -9.77 34.95 -4.07
N THR D 254 -10.65 34.46 -3.23
CA THR D 254 -10.77 35.00 -1.88
C THR D 254 -10.62 33.90 -0.85
N VAL D 255 -9.74 34.10 0.11
CA VAL D 255 -9.52 33.13 1.17
C VAL D 255 -10.26 33.57 2.40
N VAL D 256 -11.09 32.68 2.92
CA VAL D 256 -11.82 32.94 4.15
C VAL D 256 -11.22 32.12 5.27
N LEU D 257 -10.55 32.77 6.22
CA LEU D 257 -9.92 32.08 7.36
C LEU D 257 -10.92 31.78 8.48
N ALA D 258 -10.78 30.58 9.06
CA ALA D 258 -11.55 30.19 10.23
C ALA D 258 -10.64 29.46 11.23
N ALA D 259 -10.87 29.67 12.52
CA ALA D 259 -9.93 29.19 13.53
C ALA D 259 -9.86 27.67 13.60
N ASP D 260 -11.00 27.00 13.37
CA ASP D 260 -11.05 25.54 13.44
C ASP D 260 -12.08 25.08 12.45
N PRO D 261 -12.19 23.77 12.21
CA PRO D 261 -13.21 23.36 11.26
C PRO D 261 -14.56 22.91 11.86
N SER D 262 -15.10 23.61 12.86
CA SER D 262 -16.31 23.12 13.51
C SER D 262 -17.52 23.56 12.70
N ALA D 263 -18.50 22.69 12.59
CA ALA D 263 -19.69 23.04 11.81
C ALA D 263 -20.33 24.33 12.33
N THR D 264 -20.18 24.55 13.63
CA THR D 264 -20.76 25.71 14.29
C THR D 264 -20.14 26.99 13.81
N LEU D 265 -18.82 26.98 13.62
CA LEU D 265 -18.08 28.14 13.14
C LEU D 265 -18.15 28.31 11.62
N CYS D 266 -18.01 27.21 10.91
CA CYS D 266 -17.88 27.23 9.47
C CYS D 266 -19.15 27.45 8.69
N PHE D 267 -20.21 26.73 9.07
CA PHE D 267 -21.49 26.84 8.37
C PHE D 267 -21.89 28.31 8.12
N PRO D 268 -21.99 29.14 9.20
CA PRO D 268 -22.18 30.59 9.06
C PRO D 268 -21.25 31.29 8.05
N LEU D 269 -19.97 30.95 8.07
CA LEU D 269 -19.02 31.62 7.20
C LEU D 269 -19.22 31.26 5.72
N ILE D 270 -19.60 30.01 5.46
CA ILE D 270 -19.78 29.55 4.07
C ILE D 270 -20.96 30.27 3.40
N GLU D 271 -22.04 30.43 4.15
CA GLU D 271 -23.20 31.16 3.66
C GLU D 271 -22.90 32.66 3.57
N LYS D 272 -22.44 33.25 4.68
CA LYS D 272 -22.15 34.68 4.73
C LYS D 272 -21.18 35.15 3.65
N HIS D 273 -20.12 34.39 3.39
CA HIS D 273 -19.17 34.78 2.36
C HIS D 273 -19.34 34.06 1.02
N GLN D 274 -20.38 33.23 0.92
CA GLN D 274 -20.71 32.53 -0.33
C GLN D 274 -19.59 31.67 -0.87
N VAL D 275 -19.11 30.79 0.01
CA VAL D 275 -17.92 29.99 -0.27
C VAL D 275 -18.24 28.84 -1.20
N ASN D 276 -17.48 28.73 -2.27
CA ASN D 276 -17.71 27.64 -3.22
C ASN D 276 -16.78 26.45 -3.11
N VAL D 277 -15.75 26.54 -2.27
CA VAL D 277 -14.81 25.43 -2.12
C VAL D 277 -14.13 25.41 -0.77
N THR D 278 -13.86 24.22 -0.24
CA THR D 278 -13.14 24.11 1.03
C THR D 278 -12.42 22.78 1.15
N ALA D 279 -11.42 22.71 2.01
CA ALA D 279 -10.71 21.44 2.19
C ALA D 279 -10.87 20.97 3.63
N LEU D 280 -11.10 19.66 3.76
CA LEU D 280 -11.31 19.00 5.05
C LEU D 280 -10.55 17.66 5.20
N VAL D 281 -10.50 17.18 6.43
CA VAL D 281 -10.01 15.85 6.72
C VAL D 281 -11.19 14.99 7.19
N PRO D 282 -11.09 13.68 6.97
CA PRO D 282 -12.25 12.81 7.16
C PRO D 282 -13.03 13.05 8.45
N PRO D 283 -12.34 13.26 9.58
CA PRO D 283 -13.07 13.47 10.83
C PRO D 283 -13.95 14.71 10.83
N ALA D 284 -13.57 15.76 10.10
CA ALA D 284 -14.40 16.96 10.05
C ALA D 284 -15.63 16.72 9.16
N VAL D 285 -15.44 16.02 8.05
CA VAL D 285 -16.55 15.63 7.22
C VAL D 285 -17.61 14.88 8.04
N SER D 286 -17.19 13.90 8.85
CA SER D 286 -18.11 13.18 9.73
C SER D 286 -18.85 14.16 10.62
N LEU D 287 -18.13 15.13 11.15
CA LEU D 287 -18.70 16.11 12.06
C LEU D 287 -19.74 16.95 11.35
N TRP D 288 -19.44 17.34 10.11
CA TRP D 288 -20.36 18.15 9.32
C TRP D 288 -21.64 17.42 8.89
N LEU D 289 -21.50 16.20 8.39
CA LEU D 289 -22.63 15.41 7.95
C LEU D 289 -23.62 15.15 9.09
N GLN D 290 -23.09 14.98 10.30
CA GLN D 290 -23.91 14.74 11.46
C GLN D 290 -24.55 16.02 11.97
N ALA D 291 -23.82 17.12 11.93
CA ALA D 291 -24.40 18.41 12.31
C ALA D 291 -25.61 18.77 11.46
N LEU D 292 -25.61 18.34 10.20
CA LEU D 292 -26.75 18.56 9.30
C LEU D 292 -27.94 17.75 9.78
N ILE D 293 -27.70 16.47 10.07
CA ILE D 293 -28.72 15.56 10.55
C ILE D 293 -29.32 16.07 11.85
N GLU D 294 -28.49 16.77 12.64
CA GLU D 294 -28.86 17.20 13.98
C GLU D 294 -29.54 18.53 13.91
N GLY D 295 -29.86 18.92 12.68
CA GLY D 295 -30.75 20.05 12.44
C GLY D 295 -30.19 21.32 11.87
N GLU D 296 -28.93 21.30 11.46
CA GLU D 296 -28.40 22.42 10.71
C GLU D 296 -29.03 22.44 9.31
N SER D 297 -29.25 23.63 8.77
CA SER D 297 -29.92 23.78 7.48
C SER D 297 -28.98 23.55 6.30
N ARG D 298 -29.29 22.52 5.51
CA ARG D 298 -28.41 22.10 4.44
C ARG D 298 -28.26 23.24 3.44
N ALA D 299 -29.01 24.31 3.69
CA ALA D 299 -29.06 25.45 2.78
C ALA D 299 -27.97 26.51 2.96
N GLN D 300 -27.30 26.55 4.12
CA GLN D 300 -26.22 27.55 4.31
C GLN D 300 -25.01 27.12 3.48
N LEU D 301 -24.94 25.82 3.23
CA LEU D 301 -23.87 25.20 2.46
C LEU D 301 -24.17 25.15 0.97
N ALA D 302 -25.23 25.82 0.56
CA ALA D 302 -25.69 25.71 -0.81
C ALA D 302 -24.75 26.34 -1.87
N SER D 303 -23.91 27.28 -1.45
CA SER D 303 -22.96 27.93 -2.37
C SER D 303 -21.75 27.06 -2.68
N LEU D 304 -21.56 26.02 -1.88
CA LEU D 304 -20.34 25.26 -1.93
C LEU D 304 -20.46 24.24 -3.03
N LYS D 305 -19.66 24.43 -4.08
CA LYS D 305 -19.68 23.51 -5.21
C LYS D 305 -18.58 22.41 -5.16
N LEU D 306 -17.59 22.55 -4.27
CA LEU D 306 -16.48 21.58 -4.19
C LEU D 306 -15.97 21.32 -2.77
N LEU D 307 -15.82 20.05 -2.42
CA LEU D 307 -15.29 19.67 -1.11
C LEU D 307 -14.08 18.78 -1.28
N GLN D 308 -12.91 19.28 -0.88
CA GLN D 308 -11.68 18.50 -0.92
C GLN D 308 -11.56 17.74 0.37
N VAL D 309 -11.22 16.47 0.26
CA VAL D 309 -11.03 15.65 1.45
C VAL D 309 -9.72 14.87 1.30
N GLY D 310 -8.87 14.94 2.31
CA GLY D 310 -7.63 14.20 2.28
C GLY D 310 -6.88 14.15 3.61
N GLY D 311 -5.62 13.70 3.56
CA GLY D 311 -4.79 13.62 4.74
C GLY D 311 -4.90 12.31 5.48
N ALA D 312 -5.97 11.57 5.21
CA ALA D 312 -6.26 10.34 5.93
C ALA D 312 -7.24 9.48 5.14
N ARG D 313 -7.30 8.20 5.48
CA ARG D 313 -8.17 7.26 4.78
C ARG D 313 -9.58 7.79 4.82
N LEU D 314 -10.20 7.89 3.65
CA LEU D 314 -11.60 8.25 3.56
C LEU D 314 -12.41 7.08 3.00
N SER D 315 -13.27 6.52 3.86
CA SER D 315 -14.04 5.33 3.49
C SER D 315 -15.02 5.61 2.36
N ALA D 316 -15.27 4.61 1.52
CA ALA D 316 -16.22 4.77 0.41
C ALA D 316 -17.61 5.10 0.93
N THR D 317 -17.96 4.55 2.08
CA THR D 317 -19.22 4.88 2.74
C THR D 317 -19.36 6.37 3.04
N LEU D 318 -18.27 6.97 3.50
CA LEU D 318 -18.29 8.37 3.89
C LEU D 318 -18.22 9.28 2.68
N ALA D 319 -17.41 8.88 1.72
CA ALA D 319 -17.23 9.63 0.47
C ALA D 319 -18.56 9.80 -0.25
N ALA D 320 -19.32 8.72 -0.31
CA ALA D 320 -20.61 8.70 -1.01
C ALA D 320 -21.63 9.62 -0.35
N ARG D 321 -21.52 9.79 0.96
CA ARG D 321 -22.47 10.59 1.71
C ARG D 321 -22.32 12.07 1.40
N ILE D 322 -21.19 12.45 0.81
CA ILE D 322 -20.94 13.88 0.59
C ILE D 322 -21.88 14.56 -0.42
N PRO D 323 -21.92 14.05 -1.67
CA PRO D 323 -22.82 14.60 -2.67
C PRO D 323 -24.28 14.29 -2.31
N ALA D 324 -24.50 13.15 -1.66
CA ALA D 324 -25.84 12.78 -1.22
C ALA D 324 -26.45 13.73 -0.17
N GLU D 325 -25.78 13.87 0.97
CA GLU D 325 -26.28 14.74 2.05
C GLU D 325 -25.93 16.23 1.95
N ILE D 326 -24.70 16.55 1.57
CA ILE D 326 -24.26 17.94 1.38
C ILE D 326 -24.59 18.53 0.01
N GLY D 327 -24.53 17.69 -1.01
CA GLY D 327 -24.86 18.11 -2.37
C GLY D 327 -23.84 18.96 -3.10
N CYS D 328 -22.58 18.52 -3.09
CA CYS D 328 -21.55 19.15 -3.90
C CYS D 328 -20.60 18.06 -4.32
N GLN D 329 -19.59 18.44 -5.09
CA GLN D 329 -18.68 17.47 -5.67
C GLN D 329 -17.53 17.18 -4.73
N LEU D 330 -17.14 15.91 -4.67
CA LEU D 330 -16.02 15.48 -3.84
C LEU D 330 -14.76 15.34 -4.67
N GLN D 331 -13.64 15.77 -4.10
CA GLN D 331 -12.36 15.48 -4.70
C GLN D 331 -11.46 14.93 -3.61
N GLN D 332 -11.01 13.69 -3.79
CA GLN D 332 -10.09 13.11 -2.83
C GLN D 332 -8.70 13.68 -3.10
N VAL D 333 -8.00 14.07 -2.04
CA VAL D 333 -6.64 14.53 -2.18
C VAL D 333 -5.66 13.66 -1.38
N PHE D 334 -4.73 13.02 -2.04
CA PHE D 334 -3.70 12.23 -1.37
C PHE D 334 -2.33 12.79 -1.78
N GLY D 335 -1.71 13.50 -0.84
CA GLY D 335 -0.45 14.17 -1.02
C GLY D 335 0.36 14.13 0.27
N MET D 336 1.63 14.47 0.14
CA MET D 336 2.56 14.51 1.24
C MET D 336 3.36 15.81 1.18
N ALA D 337 3.89 16.25 2.31
CA ALA D 337 4.51 17.56 2.39
C ALA D 337 5.78 17.53 1.58
N GLU D 338 6.18 16.33 1.20
CA GLU D 338 7.44 16.11 0.52
C GLU D 338 7.34 16.28 -0.99
N GLY D 339 6.11 16.31 -1.52
CA GLY D 339 5.90 16.34 -2.95
C GLY D 339 4.58 15.73 -3.39
N LEU D 340 4.52 15.21 -4.61
CA LEU D 340 3.52 14.23 -4.99
C LEU D 340 2.12 14.42 -4.45
N VAL D 341 1.32 15.31 -5.02
CA VAL D 341 -0.09 15.28 -4.69
C VAL D 341 -0.90 14.54 -5.74
N ASN D 342 -1.77 13.63 -5.31
CA ASN D 342 -2.69 12.93 -6.21
C ASN D 342 -4.09 13.46 -6.07
N TYR D 343 -4.73 13.84 -7.16
CA TYR D 343 -6.11 14.29 -7.09
C TYR D 343 -6.98 13.34 -7.85
N THR D 344 -8.25 13.24 -7.47
CA THR D 344 -9.23 12.76 -8.42
C THR D 344 -9.63 14.00 -9.19
N ARG D 345 -9.85 13.86 -10.48
CA ARG D 345 -10.22 14.98 -11.34
C ARG D 345 -11.67 15.36 -11.14
N LEU D 346 -12.04 16.57 -11.56
CA LEU D 346 -13.41 17.03 -11.38
C LEU D 346 -14.38 16.40 -12.39
N ASP D 347 -13.85 16.07 -13.55
CA ASP D 347 -14.64 15.41 -14.58
C ASP D 347 -14.61 13.87 -14.48
N ASP D 348 -14.01 13.36 -13.41
CA ASP D 348 -13.87 11.93 -13.20
C ASP D 348 -15.21 11.28 -12.91
N SER D 349 -15.29 9.97 -13.15
CA SER D 349 -16.51 9.23 -12.86
C SER D 349 -16.74 9.17 -11.37
N ALA D 350 -17.99 8.96 -10.99
CA ALA D 350 -18.32 8.77 -9.58
C ALA D 350 -17.73 7.48 -9.03
N GLU D 351 -17.44 6.50 -9.89
CA GLU D 351 -16.78 5.28 -9.45
C GLU D 351 -15.38 5.58 -8.93
N LYS D 352 -14.60 6.34 -9.70
CA LYS D 352 -13.22 6.65 -9.35
C LYS D 352 -13.13 7.64 -8.21
N ILE D 353 -14.12 8.52 -8.10
CA ILE D 353 -14.10 9.56 -7.07
C ILE D 353 -14.43 9.05 -5.67
N ILE D 354 -15.32 8.08 -5.60
CA ILE D 354 -15.66 7.47 -4.31
C ILE D 354 -14.62 6.41 -3.84
N HIS D 355 -14.24 5.52 -4.74
CA HIS D 355 -13.33 4.43 -4.41
C HIS D 355 -11.80 4.68 -4.46
N THR D 356 -11.32 5.52 -5.38
CA THR D 356 -9.88 5.69 -5.50
C THR D 356 -9.40 7.00 -4.87
N GLN D 357 -8.10 7.18 -4.79
CA GLN D 357 -7.48 8.43 -4.33
C GLN D 357 -6.99 9.29 -5.50
N GLY D 358 -7.33 8.89 -6.71
CA GLY D 358 -7.02 9.73 -7.84
C GLY D 358 -5.65 9.38 -8.34
N TYR D 359 -5.05 10.26 -9.13
CA TYR D 359 -3.72 10.05 -9.72
C TYR D 359 -2.92 11.36 -9.70
N PRO D 360 -1.61 11.29 -9.92
CA PRO D 360 -0.75 12.47 -9.74
C PRO D 360 -1.15 13.68 -10.57
N MET D 361 -0.84 14.88 -10.06
CA MET D 361 -1.23 16.12 -10.71
C MET D 361 -0.34 16.38 -11.90
N CYS D 362 0.74 15.62 -12.02
CA CYS D 362 1.72 15.86 -13.06
C CYS D 362 1.91 14.60 -13.88
N PRO D 363 2.06 14.75 -15.19
CA PRO D 363 2.28 13.65 -16.11
C PRO D 363 3.70 13.08 -15.92
N ASP D 364 4.57 13.96 -15.48
CA ASP D 364 5.95 13.60 -15.18
C ASP D 364 6.13 13.20 -13.73
N ASP D 365 5.03 13.03 -13.00
CA ASP D 365 5.14 12.36 -11.73
C ASP D 365 5.27 10.90 -12.01
N GLU D 366 6.35 10.30 -11.51
CA GLU D 366 6.62 8.88 -11.65
C GLU D 366 6.22 8.08 -10.41
N VAL D 367 5.38 7.09 -10.57
CA VAL D 367 4.98 6.29 -9.42
C VAL D 367 5.09 4.81 -9.70
N TRP D 368 5.74 4.14 -8.75
CA TRP D 368 5.73 2.70 -8.70
C TRP D 368 5.49 2.13 -7.31
N VAL D 369 4.78 1.01 -7.30
CA VAL D 369 4.62 0.19 -6.13
C VAL D 369 5.89 -0.64 -5.96
N ALA D 370 6.18 -1.06 -4.72
CA ALA D 370 7.43 -1.77 -4.47
C ALA D 370 7.30 -3.13 -3.76
N ASP D 371 8.23 -4.02 -4.10
CA ASP D 371 8.33 -5.34 -3.52
C ASP D 371 8.68 -5.19 -2.06
N ALA D 372 8.44 -6.25 -1.32
CA ALA D 372 8.86 -6.29 0.06
C ALA D 372 10.36 -5.91 0.13
N GLU D 373 11.10 -6.30 -0.90
CA GLU D 373 12.55 -6.13 -0.92
C GLU D 373 13.01 -4.89 -1.71
N GLY D 374 12.04 -4.14 -2.24
CA GLY D 374 12.35 -2.98 -3.07
C GLY D 374 12.22 -3.12 -4.59
N ASN D 375 11.57 -4.19 -5.04
CA ASN D 375 11.44 -4.53 -6.46
C ASN D 375 10.10 -4.18 -7.06
N PRO D 376 10.09 -3.55 -8.22
CA PRO D 376 8.77 -3.16 -8.75
C PRO D 376 7.77 -4.31 -8.83
N LEU D 377 6.61 -4.10 -8.20
CA LEU D 377 5.45 -4.96 -8.31
C LEU D 377 4.59 -4.58 -9.55
N PRO D 378 3.80 -5.53 -10.05
CA PRO D 378 2.95 -5.39 -11.25
C PRO D 378 1.63 -4.60 -11.04
N GLN D 379 1.20 -3.81 -12.02
CA GLN D 379 0.05 -2.96 -11.74
C GLN D 379 -1.07 -3.82 -11.14
N GLY D 380 -1.55 -3.40 -9.98
CA GLY D 380 -2.64 -4.06 -9.28
C GLY D 380 -2.21 -4.78 -8.02
N GLU D 381 -0.92 -5.04 -7.89
CA GLU D 381 -0.38 -5.57 -6.65
C GLU D 381 -0.29 -4.49 -5.56
N VAL D 382 -0.24 -4.90 -4.31
CA VAL D 382 -0.03 -3.94 -3.24
C VAL D 382 1.38 -3.93 -2.69
N GLY D 383 1.92 -2.74 -2.47
CA GLY D 383 3.30 -2.59 -2.11
C GLY D 383 3.64 -1.16 -1.77
N ARG D 384 4.91 -0.89 -1.48
CA ARG D 384 5.35 0.43 -1.02
C ARG D 384 5.39 1.44 -2.16
N LEU D 385 4.88 2.64 -1.90
CA LEU D 385 4.81 3.71 -2.88
C LEU D 385 6.14 4.41 -3.11
N MET D 386 6.61 4.44 -4.36
CA MET D 386 7.84 5.14 -4.69
C MET D 386 7.57 6.24 -5.70
N THR D 387 8.18 7.42 -5.51
CA THR D 387 7.97 8.54 -6.44
C THR D 387 9.11 9.56 -6.52
N ARG D 388 9.40 10.08 -7.70
CA ARG D 388 10.27 11.24 -7.82
C ARG D 388 9.51 12.13 -8.76
N GLY D 389 9.88 13.40 -8.87
CA GLY D 389 9.12 14.30 -9.74
C GLY D 389 9.57 15.74 -9.65
N PRO D 390 8.90 16.62 -10.40
CA PRO D 390 9.25 18.03 -10.52
C PRO D 390 8.99 18.80 -9.24
N TYR D 391 7.96 18.44 -8.51
CA TYR D 391 7.75 19.08 -7.21
C TYR D 391 8.07 18.18 -6.00
N THR D 392 8.59 16.98 -6.22
CA THR D 392 8.96 16.13 -5.07
C THR D 392 10.44 16.26 -4.73
N PHE D 393 10.74 16.58 -3.47
CA PHE D 393 12.10 16.95 -3.05
C PHE D 393 13.12 15.83 -3.07
N ARG D 394 14.40 16.20 -3.11
CA ARG D 394 15.43 15.18 -3.23
C ARG D 394 16.10 14.77 -1.93
N GLY D 395 15.77 15.46 -0.85
CA GLY D 395 16.23 15.03 0.47
C GLY D 395 15.90 16.01 1.60
N TYR D 396 15.90 15.50 2.84
CA TYR D 396 15.63 16.34 4.00
C TYR D 396 16.78 17.25 4.27
N TYR D 397 16.49 18.31 5.03
CA TYR D 397 17.48 19.35 5.35
C TYR D 397 18.41 18.89 6.46
N LYS D 398 19.70 18.87 6.16
CA LYS D 398 20.70 18.50 7.13
C LYS D 398 20.35 17.21 7.88
N SER D 399 19.94 16.17 7.16
CA SER D 399 19.61 14.90 7.80
C SER D 399 20.10 13.73 6.99
N PRO D 400 21.43 13.66 6.81
CA PRO D 400 22.05 12.67 5.93
C PRO D 400 21.68 11.27 6.40
N GLN D 401 21.58 11.09 7.71
CA GLN D 401 21.34 9.77 8.28
C GLN D 401 20.01 9.23 7.79
N HIS D 402 18.97 10.05 7.88
CA HIS D 402 17.65 9.62 7.47
C HIS D 402 17.50 9.57 5.96
N ASN D 403 18.06 10.57 5.29
CA ASN D 403 18.04 10.61 3.84
C ASN D 403 18.48 9.30 3.20
N ALA D 404 19.45 8.64 3.83
CA ALA D 404 19.98 7.37 3.32
C ALA D 404 18.89 6.30 3.26
N SER D 405 18.01 6.29 4.25
CA SER D 405 16.94 5.31 4.28
C SER D 405 15.63 5.73 3.57
N ALA D 406 15.46 7.02 3.31
CA ALA D 406 14.20 7.45 2.67
C ALA D 406 14.24 7.52 1.13
N PHE D 407 15.42 7.32 0.53
CA PHE D 407 15.58 7.36 -0.91
C PHE D 407 16.34 6.18 -1.44
N ASP D 408 15.87 5.56 -2.51
CA ASP D 408 16.64 4.49 -3.10
C ASP D 408 17.76 5.14 -3.89
N ALA D 409 18.61 4.32 -4.49
CA ALA D 409 19.81 4.80 -5.15
C ALA D 409 19.48 5.67 -6.36
N ASN D 410 18.23 5.59 -6.83
CA ASN D 410 17.82 6.31 -8.01
C ASN D 410 17.14 7.67 -7.75
N GLY D 411 16.98 8.04 -6.49
CA GLY D 411 16.33 9.31 -6.17
C GLY D 411 14.83 9.23 -5.94
N PHE D 412 14.29 8.01 -5.96
CA PHE D 412 12.88 7.81 -5.68
C PHE D 412 12.65 7.92 -4.19
N TYR D 413 11.74 8.79 -3.80
CA TYR D 413 11.37 8.90 -2.39
C TYR D 413 10.37 7.83 -2.06
N CYS D 414 10.38 7.38 -0.82
CA CYS D 414 9.43 6.39 -0.37
C CYS D 414 8.58 6.95 0.76
N SER D 415 7.28 7.01 0.57
CA SER D 415 6.42 7.68 1.51
C SER D 415 6.05 6.80 2.72
N GLY D 416 6.28 5.50 2.58
CA GLY D 416 5.93 4.60 3.66
C GLY D 416 4.48 4.21 3.57
N ASP D 417 3.88 4.53 2.44
CA ASP D 417 2.51 4.14 2.19
C ASP D 417 2.40 2.84 1.39
N LEU D 418 1.43 2.02 1.73
CA LEU D 418 1.12 0.88 0.90
C LEU D 418 -0.02 1.28 -0.01
N ILE D 419 0.19 1.16 -1.32
CA ILE D 419 -0.85 1.49 -2.28
C ILE D 419 -1.00 0.36 -3.28
N SER D 420 -1.97 0.53 -4.18
CA SER D 420 -2.15 -0.38 -5.32
C SER D 420 -2.63 0.45 -6.46
N ILE D 421 -2.32 0.06 -7.69
CA ILE D 421 -2.74 0.87 -8.84
C ILE D 421 -3.80 0.21 -9.75
N ASP D 422 -4.83 0.98 -10.08
CA ASP D 422 -5.86 0.56 -11.03
C ASP D 422 -5.27 0.22 -12.37
N PRO D 423 -6.00 -0.59 -13.14
CA PRO D 423 -5.74 -0.68 -14.58
C PRO D 423 -5.89 0.69 -15.25
N GLU D 424 -6.67 1.58 -14.64
CA GLU D 424 -6.84 2.94 -15.18
C GLU D 424 -5.72 3.87 -14.73
N GLY D 425 -4.88 3.39 -13.82
CA GLY D 425 -3.74 4.19 -13.39
C GLY D 425 -4.03 4.98 -12.14
N TYR D 426 -5.17 4.72 -11.50
CA TYR D 426 -5.58 5.44 -10.29
C TYR D 426 -5.03 4.79 -9.02
N ILE D 427 -4.64 5.60 -8.05
CA ILE D 427 -4.04 5.08 -6.83
C ILE D 427 -5.03 4.88 -5.68
N THR D 428 -4.91 3.77 -4.96
CA THR D 428 -5.72 3.52 -3.79
C THR D 428 -4.84 3.18 -2.60
N VAL D 429 -5.10 3.83 -1.46
CA VAL D 429 -4.25 3.68 -0.26
C VAL D 429 -4.67 2.46 0.55
N GLN D 430 -3.78 1.47 0.67
CA GLN D 430 -4.07 0.17 1.28
C GLN D 430 -3.65 -0.02 2.74
N GLY D 431 -2.99 1.00 3.28
CA GLY D 431 -2.45 0.92 4.62
C GLY D 431 -1.16 1.72 4.73
N ARG D 432 -0.52 1.58 5.88
CA ARG D 432 0.67 2.36 6.21
C ARG D 432 1.79 1.50 6.77
N GLU D 433 2.93 1.48 6.07
CA GLU D 433 4.03 0.57 6.39
C GLU D 433 4.80 0.99 7.63
N LYS D 434 5.16 2.27 7.67
CA LYS D 434 5.91 2.79 8.80
C LYS D 434 5.07 2.59 10.05
N ASP D 435 5.68 2.48 11.22
CA ASP D 435 4.83 2.45 12.38
C ASP D 435 4.68 3.90 12.74
N GLN D 436 3.55 4.41 12.29
CA GLN D 436 3.17 5.81 12.26
C GLN D 436 1.68 5.78 12.50
N ILE D 437 1.16 6.67 13.32
CA ILE D 437 -0.26 6.70 13.63
C ILE D 437 -0.84 7.93 12.96
N ASN D 438 -1.99 7.76 12.30
CA ASN D 438 -2.59 8.86 11.55
C ASN D 438 -3.86 9.36 12.22
N ARG D 439 -3.75 10.48 12.91
CA ARG D 439 -4.78 10.85 13.86
C ARG D 439 -5.40 12.13 13.42
N GLY D 440 -6.62 12.02 12.89
CA GLY D 440 -7.30 13.14 12.29
C GLY D 440 -6.49 13.68 11.13
N GLY D 441 -5.62 12.85 10.59
CA GLY D 441 -4.74 13.31 9.53
C GLY D 441 -3.50 14.07 9.99
N GLU D 442 -3.20 14.00 11.29
CA GLU D 442 -1.91 14.43 11.79
C GLU D 442 -1.02 13.22 12.05
N LYS D 443 0.15 13.13 11.42
CA LYS D 443 1.00 11.95 11.61
C LYS D 443 1.68 11.99 12.98
N ILE D 444 1.82 10.83 13.63
CA ILE D 444 2.45 10.70 14.95
C ILE D 444 3.48 9.56 14.92
N ALA D 445 4.77 9.86 15.15
CA ALA D 445 5.78 8.80 14.99
C ALA D 445 5.81 7.89 16.20
N ALA D 446 5.55 6.61 16.01
CA ALA D 446 5.44 5.75 17.21
C ALA D 446 6.68 5.78 18.07
N GLU D 447 7.84 5.72 17.42
CA GLU D 447 9.09 5.63 18.13
C GLU D 447 9.39 6.92 18.89
N GLU D 448 8.97 8.04 18.34
CA GLU D 448 9.23 9.32 18.98
C GLU D 448 8.58 9.37 20.35
N ILE D 449 7.39 8.80 20.41
CA ILE D 449 6.60 8.79 21.63
C ILE D 449 7.02 7.69 22.59
N GLU D 450 7.32 6.51 22.05
CA GLU D 450 7.88 5.47 22.88
C GLU D 450 9.13 5.97 23.63
N ASN D 451 10.02 6.67 22.94
CA ASN D 451 11.26 7.15 23.56
C ASN D 451 11.00 8.14 24.66
N LEU D 452 9.88 8.84 24.58
CA LEU D 452 9.49 9.74 25.66
C LEU D 452 8.95 8.95 26.82
N LEU D 453 8.11 7.97 26.53
CA LEU D 453 7.57 7.11 27.56
C LEU D 453 8.64 6.41 28.37
N LEU D 454 9.73 6.02 27.72
CA LEU D 454 10.85 5.36 28.40
C LEU D 454 11.64 6.31 29.29
N ARG D 455 11.33 7.59 29.21
CA ARG D 455 11.97 8.57 30.05
C ARG D 455 11.33 8.52 31.44
N HIS D 456 10.20 7.84 31.52
CA HIS D 456 9.49 7.70 32.78
C HIS D 456 10.10 6.57 33.60
N PRO D 457 10.23 6.80 34.92
CA PRO D 457 10.90 5.84 35.80
C PRO D 457 10.23 4.47 35.83
N ALA D 458 8.91 4.42 35.79
CA ALA D 458 8.21 3.17 36.04
C ALA D 458 8.03 2.40 34.75
N VAL D 459 8.46 2.99 33.65
CA VAL D 459 8.19 2.36 32.36
C VAL D 459 9.35 1.54 31.89
N ILE D 460 9.13 0.24 31.72
CA ILE D 460 10.18 -0.68 31.29
C ILE D 460 10.17 -0.84 29.78
N TYR D 461 9.05 -1.31 29.22
CA TYR D 461 8.92 -1.45 27.78
C TYR D 461 7.71 -0.66 27.31
N ALA D 462 7.80 -0.06 26.13
CA ALA D 462 6.70 0.78 25.62
C ALA D 462 6.42 0.51 24.17
N ALA D 463 5.15 0.53 23.83
CA ALA D 463 4.74 0.37 22.44
C ALA D 463 3.56 1.28 22.11
N LEU D 464 3.61 1.99 20.97
CA LEU D 464 2.47 2.80 20.56
C LEU D 464 1.90 2.24 19.29
N VAL D 465 0.61 1.91 19.30
CA VAL D 465 -0.04 1.38 18.10
C VAL D 465 -1.32 2.15 17.80
N SER D 466 -1.80 2.12 16.56
CA SER D 466 -3.02 2.87 16.28
C SER D 466 -4.20 2.02 16.74
N MET D 467 -5.39 2.63 16.73
CA MET D 467 -6.61 1.93 17.06
C MET D 467 -7.75 2.66 16.38
N GLU D 468 -8.76 1.90 16.02
CA GLU D 468 -9.94 2.44 15.34
C GLU D 468 -10.71 3.46 16.19
N ASP D 469 -11.20 4.52 15.56
CA ASP D 469 -12.17 5.40 16.18
C ASP D 469 -13.13 5.85 15.11
N GLU D 470 -14.43 5.79 15.37
CA GLU D 470 -15.40 6.16 14.34
C GLU D 470 -15.16 7.61 13.86
N LEU D 471 -14.87 8.50 14.81
CA LEU D 471 -14.73 9.92 14.51
C LEU D 471 -13.31 10.35 14.06
N MET D 472 -12.29 10.19 14.91
CA MET D 472 -10.90 10.55 14.57
C MET D 472 -10.34 9.74 13.40
N GLY D 473 -10.88 8.55 13.23
CA GLY D 473 -10.46 7.60 12.22
C GLY D 473 -9.35 6.69 12.69
N GLU D 474 -8.48 7.22 13.55
CA GLU D 474 -7.48 6.44 14.27
C GLU D 474 -7.15 7.16 15.54
N LYS D 475 -6.86 6.45 16.63
CA LYS D 475 -6.38 7.12 17.81
C LYS D 475 -5.13 6.40 18.28
N SER D 476 -4.30 7.07 19.08
CA SER D 476 -3.10 6.44 19.67
C SER D 476 -3.45 5.66 20.95
N CYS D 477 -2.95 4.44 21.03
CA CYS D 477 -3.02 3.65 22.27
C CYS D 477 -1.63 3.16 22.70
N ALA D 478 -1.21 3.52 23.92
CA ALA D 478 0.10 3.11 24.44
C ALA D 478 0.01 1.91 25.33
N TYR D 479 0.75 0.85 24.99
CA TYR D 479 0.85 -0.34 25.83
C TYR D 479 2.16 -0.32 26.61
N LEU D 480 2.07 -0.38 27.94
CA LEU D 480 3.24 -0.27 28.81
C LEU D 480 3.45 -1.48 29.70
N VAL D 481 4.71 -1.79 29.97
CA VAL D 481 5.04 -2.73 31.02
C VAL D 481 5.70 -1.99 32.16
N VAL D 482 5.16 -2.17 33.35
CA VAL D 482 5.44 -1.22 34.42
C VAL D 482 5.97 -1.82 35.71
N LYS D 483 6.91 -1.12 36.35
CA LYS D 483 7.29 -1.37 37.74
C LYS D 483 6.11 -1.16 38.73
N GLU D 484 5.70 0.10 38.91
CA GLU D 484 4.57 0.43 39.77
C GLU D 484 3.47 0.94 38.87
N PRO D 485 2.29 0.31 38.90
CA PRO D 485 1.16 0.61 38.03
C PRO D 485 0.89 2.11 37.83
N LEU D 486 0.57 2.45 36.57
CA LEU D 486 0.39 3.82 36.12
C LEU D 486 -1.00 4.01 35.52
N ARG D 487 -1.59 5.18 35.77
CA ARG D 487 -2.93 5.49 35.28
C ARG D 487 -2.84 6.41 34.04
N ALA D 488 -3.75 6.25 33.08
CA ALA D 488 -3.64 7.00 31.82
C ALA D 488 -3.39 8.50 32.03
N VAL D 489 -4.13 9.09 32.95
CA VAL D 489 -3.98 10.50 33.27
C VAL D 489 -2.54 10.89 33.56
N GLN D 490 -1.86 10.06 34.34
CA GLN D 490 -0.49 10.37 34.76
C GLN D 490 0.46 10.32 33.56
N VAL D 491 0.23 9.36 32.68
CA VAL D 491 1.01 9.26 31.44
C VAL D 491 0.81 10.48 30.59
N ARG D 492 -0.45 10.78 30.25
CA ARG D 492 -0.76 11.95 29.43
C ARG D 492 -0.15 13.20 30.06
N ARG D 493 -0.32 13.32 31.37
CA ARG D 493 0.26 14.44 32.08
C ARG D 493 1.78 14.42 32.02
N PHE D 494 2.37 13.23 32.17
CA PHE D 494 3.82 13.14 32.17
C PHE D 494 4.37 13.60 30.85
N LEU D 495 3.71 13.11 29.79
CA LEU D 495 4.11 13.37 28.41
C LEU D 495 3.91 14.84 28.09
N ARG D 496 2.83 15.40 28.60
CA ARG D 496 2.60 16.81 28.37
C ARG D 496 3.78 17.67 28.90
N GLU D 497 4.22 17.35 30.11
CA GLU D 497 5.36 18.03 30.73
C GLU D 497 6.65 17.89 29.91
N GLN D 498 6.66 16.96 28.97
CA GLN D 498 7.84 16.77 28.13
C GLN D 498 7.87 17.78 27.01
N GLY D 499 6.81 18.58 26.92
CA GLY D 499 6.71 19.64 25.92
C GLY D 499 6.47 19.18 24.50
N ILE D 500 5.41 18.40 24.28
CA ILE D 500 5.12 17.93 22.94
C ILE D 500 3.73 18.35 22.56
N ALA D 501 3.44 18.31 21.27
CA ALA D 501 2.15 18.73 20.73
C ALA D 501 1.03 17.96 21.39
N GLU D 502 -0.05 18.67 21.68
CA GLU D 502 -1.15 18.07 22.41
C GLU D 502 -1.80 16.81 21.85
N PHE D 503 -1.78 16.63 20.53
CA PHE D 503 -2.40 15.45 19.90
C PHE D 503 -1.50 14.19 19.94
N LYS D 504 -0.26 14.35 20.43
CA LYS D 504 0.63 13.22 20.63
C LYS D 504 0.31 12.45 21.90
N LEU D 505 -0.28 13.14 22.89
CA LEU D 505 -0.77 12.49 24.11
C LEU D 505 -1.73 11.36 23.77
N PRO D 506 -1.43 10.16 24.26
CA PRO D 506 -2.12 8.94 23.85
C PRO D 506 -3.57 8.98 24.31
N ASP D 507 -4.47 8.43 23.50
CA ASP D 507 -5.87 8.54 23.87
C ASP D 507 -6.25 7.46 24.84
N ARG D 508 -5.46 6.39 24.84
CA ARG D 508 -5.73 5.26 25.70
C ARG D 508 -4.40 4.70 26.18
N VAL D 509 -4.36 4.25 27.44
CA VAL D 509 -3.17 3.61 27.95
C VAL D 509 -3.54 2.30 28.61
N GLU D 510 -2.82 1.23 28.31
CA GLU D 510 -3.10 -0.08 28.89
C GLU D 510 -1.81 -0.60 29.46
N CYS D 511 -1.77 -0.83 30.76
CA CYS D 511 -0.65 -1.54 31.37
C CYS D 511 -0.84 -3.05 31.29
N VAL D 512 0.21 -3.73 30.86
CA VAL D 512 0.12 -5.16 30.57
C VAL D 512 1.28 -5.85 31.27
N ASP D 513 1.15 -7.15 31.51
CA ASP D 513 2.24 -7.88 32.17
C ASP D 513 3.54 -7.89 31.34
N SER D 514 3.40 -8.12 30.02
CA SER D 514 4.52 -8.39 29.12
C SER D 514 4.30 -7.81 27.71
N LEU D 515 5.42 -7.63 26.98
CA LEU D 515 5.37 -7.26 25.56
C LEU D 515 6.41 -8.07 24.78
N PRO D 516 6.10 -8.42 23.51
CA PRO D 516 7.07 -9.12 22.65
C PRO D 516 8.33 -8.29 22.45
N LEU D 517 9.50 -8.87 22.74
CA LEU D 517 10.76 -8.19 22.49
C LEU D 517 11.53 -9.05 21.49
N THR D 518 12.03 -8.55 20.37
CA THR D 518 12.66 -9.50 19.47
C THR D 518 14.02 -9.90 20.03
N ALA D 519 14.74 -10.77 19.34
CA ALA D 519 16.04 -11.13 19.90
C ALA D 519 17.01 -9.94 20.08
N VAL D 520 16.68 -8.77 19.52
CA VAL D 520 17.52 -7.60 19.78
C VAL D 520 16.97 -6.69 20.87
N GLY D 521 15.91 -7.14 21.52
CA GLY D 521 15.49 -6.53 22.76
C GLY D 521 14.56 -5.36 22.56
N LYS D 522 13.90 -5.35 21.42
CA LYS D 522 13.05 -4.24 21.05
C LYS D 522 11.68 -4.86 20.91
N VAL D 523 10.60 -4.09 21.05
CA VAL D 523 9.29 -4.73 20.93
C VAL D 523 8.94 -5.15 19.52
N ASP D 524 8.65 -6.44 19.35
CA ASP D 524 8.17 -6.91 18.08
C ASP D 524 6.73 -6.42 18.06
N LYS D 525 6.49 -5.37 17.28
CA LYS D 525 5.18 -4.72 17.32
C LYS D 525 4.21 -5.50 16.47
N LYS D 526 4.75 -6.38 15.60
CA LYS D 526 3.88 -7.25 14.80
C LYS D 526 3.14 -8.22 15.69
N GLN D 527 3.87 -8.97 16.51
CA GLN D 527 3.21 -9.97 17.34
C GLN D 527 2.20 -9.29 18.22
N LEU D 528 2.63 -8.16 18.79
CA LEU D 528 1.73 -7.33 19.55
C LEU D 528 0.39 -7.05 18.82
N ARG D 529 0.43 -6.57 17.56
CA ARG D 529 -0.83 -6.24 16.86
C ARG D 529 -1.69 -7.52 16.73
N GLN D 530 -1.07 -8.65 16.42
CA GLN D 530 -1.81 -9.90 16.33
C GLN D 530 -2.50 -10.40 17.60
N TRP D 531 -1.88 -10.19 18.76
CA TRP D 531 -2.48 -10.64 20.03
C TRP D 531 -3.76 -9.85 20.30
N LEU D 532 -3.81 -8.65 19.75
CA LEU D 532 -4.93 -7.78 20.03
C LEU D 532 -6.15 -8.07 19.17
N ALA D 533 -5.94 -8.32 17.88
CA ALA D 533 -7.03 -8.71 16.98
C ALA D 533 -7.63 -10.05 17.42
N SER D 534 -6.75 -10.85 18.03
CA SER D 534 -7.07 -12.20 18.48
C SER D 534 -7.87 -12.21 19.78
N ARG D 535 -7.45 -11.40 20.75
CA ARG D 535 -8.22 -11.24 22.00
C ARG D 535 -9.52 -10.47 21.75
N ALA D 536 -9.49 -9.66 20.70
CA ALA D 536 -10.61 -8.82 20.32
C ALA D 536 -11.73 -9.65 19.74
N SER D 537 -11.39 -10.40 18.70
CA SER D 537 -12.33 -11.33 18.09
C SER D 537 -12.86 -12.25 19.19
N ALA D 538 -11.95 -13.05 19.74
CA ALA D 538 -12.23 -14.05 20.78
C ALA D 538 -13.11 -13.60 21.94
N GLY D 539 -12.90 -12.39 22.44
CA GLY D 539 -13.72 -11.84 23.52
C GLY D 539 -15.07 -11.38 23.01
N ARG D 540 -15.04 -10.85 21.79
CA ARG D 540 -16.25 -10.46 21.05
C ARG D 540 -17.18 -11.66 20.80
N ALA D 541 -16.59 -12.81 20.53
CA ALA D 541 -17.32 -14.03 20.17
C ALA D 541 -17.74 -14.85 21.40
N SER D 542 -17.52 -14.30 22.61
CA SER D 542 -17.72 -15.07 23.86
C SER D 542 -19.19 -15.26 24.35
N ILE D 543 -19.62 -16.53 24.40
CA ILE D 543 -21.00 -16.97 24.64
C ILE D 543 -21.24 -17.52 26.08
N PRO D 544 -22.28 -17.04 26.81
CA PRO D 544 -22.32 -17.19 28.28
C PRO D 544 -22.09 -18.61 28.85
N ALA D 545 -21.14 -18.68 29.78
CA ALA D 545 -20.79 -19.94 30.46
C ALA D 545 -21.38 -20.09 31.86
N SER D 546 -22.22 -19.14 32.29
CA SER D 546 -22.85 -19.24 33.61
C SER D 546 -24.34 -18.88 33.55
N LYS D 547 -25.17 -19.52 34.40
CA LYS D 547 -26.60 -19.21 34.31
C LYS D 547 -26.83 -17.76 34.70
N ALA D 548 -26.07 -17.27 35.68
CA ALA D 548 -26.13 -15.87 36.08
C ALA D 548 -25.43 -14.95 35.06
N ALA D 549 -24.52 -15.54 34.27
CA ALA D 549 -23.84 -14.81 33.21
C ALA D 549 -24.72 -14.70 31.99
N LEU D 550 -25.62 -15.66 31.84
CA LEU D 550 -26.62 -15.66 30.78
C LEU D 550 -27.74 -14.67 31.07
N ARG D 551 -28.17 -14.58 32.33
CA ARG D 551 -29.11 -13.53 32.75
C ARG D 551 -28.54 -12.15 32.43
N GLU D 552 -27.25 -11.96 32.66
CA GLU D 552 -26.60 -10.66 32.41
C GLU D 552 -26.68 -10.27 30.93
N VAL D 553 -26.66 -11.27 30.05
CA VAL D 553 -26.72 -11.04 28.61
C VAL D 553 -28.15 -10.78 28.08
N ILE D 554 -29.12 -11.42 28.72
CA ILE D 554 -30.53 -11.32 28.34
C ILE D 554 -31.22 -10.02 28.79
N LEU D 555 -30.99 -9.62 30.04
CA LEU D 555 -31.67 -8.46 30.65
C LEU D 555 -31.74 -7.19 29.81
N PRO D 556 -30.62 -6.78 29.20
CA PRO D 556 -30.61 -5.60 28.31
C PRO D 556 -31.54 -5.74 27.09
N LEU D 557 -32.00 -6.95 26.80
CA LEU D 557 -32.85 -7.21 25.64
C LEU D 557 -34.34 -7.12 25.95
N LEU D 558 -34.65 -7.03 27.23
CA LEU D 558 -36.04 -7.00 27.68
C LEU D 558 -36.44 -5.61 28.12
N ASP D 559 -37.67 -5.49 28.58
CA ASP D 559 -38.15 -4.26 29.16
C ASP D 559 -37.31 -4.00 30.40
N GLU D 560 -36.73 -2.81 30.49
CA GLU D 560 -36.00 -2.40 31.68
C GLU D 560 -36.91 -2.48 32.91
N SER D 561 -38.22 -2.38 32.67
CA SER D 561 -39.24 -2.30 33.74
C SER D 561 -39.25 -3.45 34.79
N ASP D 562 -39.08 -4.70 34.34
CA ASP D 562 -39.24 -5.83 35.24
C ASP D 562 -38.08 -6.79 35.13
N GLU D 563 -37.97 -7.73 36.07
CA GLU D 563 -37.01 -8.82 35.91
C GLU D 563 -37.76 -10.14 35.99
N PRO D 564 -37.42 -11.07 35.07
CA PRO D 564 -38.08 -12.38 34.96
C PRO D 564 -37.54 -13.45 35.91
N PHE D 565 -38.40 -14.37 36.31
CA PHE D 565 -37.96 -15.53 37.05
C PHE D 565 -37.37 -16.46 35.99
N ASP D 566 -36.41 -17.30 36.41
CA ASP D 566 -35.67 -18.10 35.45
C ASP D 566 -36.60 -18.92 34.53
N ASP D 567 -37.78 -19.27 35.00
CA ASP D 567 -38.73 -20.08 34.24
C ASP D 567 -39.84 -19.30 33.49
N ASP D 568 -39.81 -17.97 33.61
CA ASP D 568 -40.77 -17.09 32.92
C ASP D 568 -40.55 -17.10 31.41
N ASN D 569 -41.62 -16.90 30.64
CA ASN D 569 -41.47 -16.78 29.20
C ASN D 569 -40.94 -15.39 28.84
N LEU D 570 -39.75 -15.33 28.25
CA LEU D 570 -39.06 -14.07 27.99
C LEU D 570 -39.74 -13.11 27.00
N ILE D 571 -40.70 -13.61 26.22
CA ILE D 571 -41.45 -12.76 25.29
C ILE D 571 -42.39 -11.83 26.07
N ASP D 572 -42.92 -12.33 27.18
CA ASP D 572 -43.78 -11.55 28.07
C ASP D 572 -42.99 -10.39 28.67
N TYR D 573 -41.66 -10.52 28.62
CA TYR D 573 -40.76 -9.48 29.12
C TYR D 573 -40.21 -8.57 28.03
N GLY D 574 -40.68 -8.76 26.80
CA GLY D 574 -40.41 -7.84 25.71
C GLY D 574 -39.25 -8.17 24.79
N LEU D 575 -38.77 -9.40 24.87
CA LEU D 575 -37.69 -9.87 24.01
C LEU D 575 -38.28 -10.20 22.66
N ASP D 576 -37.82 -9.49 21.62
CA ASP D 576 -38.35 -9.62 20.26
C ASP D 576 -37.65 -10.69 19.42
N SER D 577 -38.42 -11.33 18.55
CA SER D 577 -37.91 -12.44 17.74
C SER D 577 -36.58 -12.20 17.03
N VAL D 578 -36.31 -10.96 16.58
CA VAL D 578 -35.04 -10.68 15.87
C VAL D 578 -33.80 -10.80 16.78
N ARG D 579 -33.83 -10.13 17.93
CA ARG D 579 -32.76 -10.25 18.89
C ARG D 579 -32.54 -11.72 19.25
N MET D 580 -33.61 -12.50 19.25
CA MET D 580 -33.54 -13.92 19.60
C MET D 580 -32.80 -14.69 18.51
N MET D 581 -33.13 -14.43 17.25
CA MET D 581 -32.45 -15.05 16.13
C MET D 581 -30.95 -14.86 16.23
N ALA D 582 -30.57 -13.64 16.58
CA ALA D 582 -29.18 -13.27 16.73
C ALA D 582 -28.50 -14.03 17.85
N LEU D 583 -29.16 -14.11 19.01
CA LEU D 583 -28.64 -14.92 20.12
C LEU D 583 -28.41 -16.37 19.70
N ALA D 584 -29.38 -16.93 18.95
CA ALA D 584 -29.27 -18.28 18.41
C ALA D 584 -28.02 -18.42 17.53
N ALA D 585 -27.84 -17.47 16.61
CA ALA D 585 -26.65 -17.44 15.75
C ALA D 585 -25.31 -17.40 16.53
N ARG D 586 -25.23 -16.54 17.55
CA ARG D 586 -24.03 -16.46 18.39
C ARG D 586 -23.77 -17.75 19.18
N TRP D 587 -24.82 -18.43 19.61
CA TRP D 587 -24.68 -19.70 20.35
C TRP D 587 -24.47 -20.94 19.47
N ARG D 588 -24.83 -20.86 18.19
CA ARG D 588 -24.70 -22.01 17.29
C ARG D 588 -23.23 -22.31 17.05
N LYS D 589 -22.41 -21.25 17.09
CA LYS D 589 -20.98 -21.36 16.89
C LYS D 589 -20.30 -22.22 18.00
N VAL D 590 -21.08 -22.61 19.02
CA VAL D 590 -20.59 -23.50 20.07
C VAL D 590 -21.38 -24.83 20.09
N HIS D 591 -22.68 -24.76 20.31
CA HIS D 591 -23.52 -25.93 20.09
C HIS D 591 -24.22 -25.72 18.76
N GLY D 592 -23.81 -26.48 17.75
CA GLY D 592 -24.26 -26.24 16.39
C GLY D 592 -25.64 -26.77 16.03
N ASP D 593 -26.34 -27.33 17.02
CA ASP D 593 -27.73 -27.81 16.83
C ASP D 593 -28.76 -26.72 17.14
N ILE D 594 -28.28 -25.63 17.72
CA ILE D 594 -29.12 -24.52 18.12
C ILE D 594 -29.42 -23.64 16.92
N ASP D 595 -30.71 -23.46 16.65
CA ASP D 595 -31.19 -22.51 15.63
C ASP D 595 -32.21 -21.55 16.24
N PHE D 596 -32.84 -20.73 15.41
CA PHE D 596 -33.87 -19.85 15.94
C PHE D 596 -35.05 -20.62 16.53
N VAL D 597 -35.57 -21.55 15.74
CA VAL D 597 -36.74 -22.30 16.12
C VAL D 597 -36.62 -22.96 17.48
N MET D 598 -35.44 -23.48 17.79
CA MET D 598 -35.26 -24.24 19.02
C MET D 598 -35.36 -23.30 20.21
N LEU D 599 -34.71 -22.15 20.10
CA LEU D 599 -34.74 -21.17 21.18
C LEU D 599 -36.16 -20.78 21.49
N ALA D 600 -36.92 -20.55 20.43
CA ALA D 600 -38.28 -20.01 20.58
C ALA D 600 -39.30 -21.05 21.00
N LYS D 601 -39.05 -22.32 20.74
CA LYS D 601 -40.00 -23.38 21.12
C LYS D 601 -40.26 -23.32 22.63
N ASN D 602 -39.21 -23.10 23.43
CA ASN D 602 -39.35 -22.80 24.85
C ASN D 602 -38.35 -21.75 25.33
N PRO D 603 -38.75 -20.45 25.25
CA PRO D 603 -37.88 -19.29 25.53
C PRO D 603 -37.81 -18.86 27.01
N THR D 604 -37.19 -19.68 27.86
CA THR D 604 -37.02 -19.32 29.26
C THR D 604 -35.52 -19.32 29.53
N ILE D 605 -35.07 -18.66 30.59
CA ILE D 605 -33.65 -18.69 30.92
C ILE D 605 -33.20 -20.10 31.33
N ASP D 606 -34.08 -20.80 32.05
CA ASP D 606 -33.85 -22.19 32.44
C ASP D 606 -33.59 -23.06 31.21
N ALA D 607 -34.50 -22.97 30.23
CA ALA D 607 -34.44 -23.77 29.01
C ALA D 607 -33.14 -23.54 28.24
N TRP D 608 -32.73 -22.27 28.19
CA TRP D 608 -31.56 -21.89 27.42
C TRP D 608 -30.28 -22.23 28.14
N TRP D 609 -30.37 -22.35 29.46
CA TRP D 609 -29.22 -22.79 30.24
C TRP D 609 -28.98 -24.29 30.09
N LYS D 610 -30.05 -25.07 30.18
CA LYS D 610 -29.96 -26.50 29.93
C LYS D 610 -29.31 -26.77 28.56
N LEU D 611 -29.51 -25.86 27.62
CA LEU D 611 -28.96 -25.99 26.27
C LEU D 611 -27.48 -25.63 26.15
N LEU D 612 -27.03 -24.69 26.98
CA LEU D 612 -25.64 -24.25 26.91
C LEU D 612 -24.76 -25.10 27.83
N SER D 613 -25.35 -26.14 28.42
CA SER D 613 -24.66 -27.06 29.33
C SER D 613 -24.18 -28.40 28.70
N SER E 4 -70.67 -11.43 -8.38
CA SER E 4 -71.24 -12.31 -7.34
C SER E 4 -70.66 -11.95 -5.99
N ILE E 5 -69.36 -11.67 -5.94
CA ILE E 5 -68.80 -11.08 -4.74
C ILE E 5 -68.73 -9.56 -4.85
N PRO E 6 -69.20 -8.88 -3.80
CA PRO E 6 -69.41 -7.44 -3.64
C PRO E 6 -68.16 -6.60 -3.41
N PHE E 7 -67.48 -6.19 -4.49
CA PHE E 7 -66.39 -5.22 -4.33
C PHE E 7 -66.65 -3.91 -5.06
N THR E 8 -65.94 -2.86 -4.66
CA THR E 8 -66.01 -1.58 -5.35
C THR E 8 -65.32 -1.68 -6.71
N ARG E 9 -66.05 -1.37 -7.78
CA ARG E 9 -65.47 -1.50 -9.09
C ARG E 9 -64.76 -0.22 -9.51
N TRP E 10 -64.10 -0.26 -10.66
CA TRP E 10 -63.45 0.91 -11.22
C TRP E 10 -64.43 1.63 -12.10
N PRO E 11 -64.32 2.96 -12.12
CA PRO E 11 -65.17 3.76 -13.02
C PRO E 11 -65.07 3.23 -14.44
N GLU E 12 -66.20 3.18 -15.15
CA GLU E 12 -66.25 2.59 -16.48
C GLU E 12 -65.09 3.14 -17.32
N GLU E 13 -64.82 4.43 -17.18
CA GLU E 13 -63.80 5.09 -18.02
C GLU E 13 -62.38 4.59 -17.80
N PHE E 14 -62.09 4.16 -16.58
CA PHE E 14 -60.79 3.62 -16.22
C PHE E 14 -60.63 2.16 -16.68
N ALA E 15 -61.68 1.36 -16.52
CA ALA E 15 -61.66 -0.02 -16.98
C ALA E 15 -61.37 -0.08 -18.48
N ARG E 16 -61.76 0.96 -19.20
CA ARG E 16 -61.50 1.06 -20.63
C ARG E 16 -60.04 1.40 -20.91
N ARG E 17 -59.53 2.44 -20.24
CA ARG E 17 -58.15 2.90 -20.45
C ARG E 17 -57.16 1.84 -20.01
N TYR E 18 -57.53 1.05 -19.00
CA TYR E 18 -56.63 0.04 -18.46
C TYR E 18 -56.59 -1.21 -19.33
N ARG E 19 -57.68 -1.51 -20.05
CA ARG E 19 -57.65 -2.58 -21.05
C ARG E 19 -57.01 -2.10 -22.34
N GLU E 20 -57.36 -0.89 -22.76
CA GLU E 20 -56.79 -0.32 -23.99
C GLU E 20 -55.28 -0.11 -23.88
N LYS E 21 -54.80 0.22 -22.68
CA LYS E 21 -53.35 0.45 -22.46
C LYS E 21 -52.57 -0.86 -22.20
N GLY E 22 -53.27 -1.99 -22.18
CA GLY E 22 -52.62 -3.29 -22.07
C GLY E 22 -52.44 -3.84 -20.67
N TYR E 23 -52.79 -3.04 -19.68
CA TYR E 23 -52.66 -3.42 -18.26
C TYR E 23 -53.51 -4.64 -17.86
N TRP E 24 -54.82 -4.57 -18.12
CA TRP E 24 -55.71 -5.67 -17.83
C TRP E 24 -55.79 -6.61 -19.03
N GLN E 25 -55.27 -7.82 -18.87
CA GLN E 25 -55.30 -8.79 -19.96
C GLN E 25 -56.49 -9.74 -19.94
N ASP E 26 -57.40 -9.49 -19.00
CA ASP E 26 -58.59 -10.34 -18.84
C ASP E 26 -58.25 -11.85 -18.82
N LEU E 27 -57.16 -12.17 -18.15
CA LEU E 27 -56.78 -13.57 -17.97
C LEU E 27 -56.87 -13.93 -16.49
N PRO E 28 -57.23 -15.19 -16.20
CA PRO E 28 -57.31 -15.66 -14.81
C PRO E 28 -55.92 -15.67 -14.19
N LEU E 29 -55.84 -15.57 -12.87
CA LEU E 29 -54.55 -15.65 -12.21
C LEU E 29 -54.00 -17.07 -12.33
N THR E 30 -54.89 -18.02 -12.64
CA THR E 30 -54.48 -19.40 -12.80
C THR E 30 -53.53 -19.53 -13.97
N ASP E 31 -53.69 -18.65 -14.96
CA ASP E 31 -52.84 -18.65 -16.15
C ASP E 31 -51.35 -18.66 -15.77
N ILE E 32 -51.02 -18.12 -14.59
CA ILE E 32 -49.63 -18.09 -14.12
C ILE E 32 -49.06 -19.48 -13.97
N LEU E 33 -49.83 -20.37 -13.36
CA LEU E 33 -49.44 -21.76 -13.16
C LEU E 33 -49.69 -22.64 -14.40
N THR E 34 -50.74 -22.31 -15.12
CA THR E 34 -51.17 -23.00 -16.33
C THR E 34 -50.15 -22.99 -17.47
N ARG E 35 -49.51 -21.85 -17.70
CA ARG E 35 -48.46 -21.71 -18.70
C ARG E 35 -47.44 -22.81 -18.61
N HIS E 36 -47.10 -23.15 -17.36
CA HIS E 36 -46.03 -24.11 -17.07
C HIS E 36 -46.52 -25.56 -16.80
N ALA E 37 -47.81 -25.81 -17.02
CA ALA E 37 -48.44 -27.08 -16.67
C ALA E 37 -47.69 -28.28 -17.23
N ALA E 38 -47.02 -28.08 -18.36
CA ALA E 38 -46.27 -29.16 -19.00
C ALA E 38 -44.78 -29.18 -18.64
N SER E 39 -44.31 -28.21 -17.85
CA SER E 39 -42.90 -28.12 -17.54
C SER E 39 -42.47 -29.01 -16.38
N ASP E 40 -41.33 -29.65 -16.52
CA ASP E 40 -40.78 -30.52 -15.47
C ASP E 40 -39.71 -29.85 -14.62
N SER E 41 -39.45 -28.55 -14.83
CA SER E 41 -38.53 -27.82 -13.97
C SER E 41 -39.13 -27.46 -12.60
N ILE E 42 -38.26 -27.19 -11.64
CA ILE E 42 -38.66 -27.10 -10.25
C ILE E 42 -39.30 -25.76 -9.93
N ALA E 43 -40.58 -25.80 -9.55
CA ALA E 43 -41.28 -24.59 -9.08
C ALA E 43 -41.04 -24.25 -7.59
N VAL E 44 -41.07 -25.25 -6.73
CA VAL E 44 -41.02 -25.02 -5.29
C VAL E 44 -40.08 -26.00 -4.58
N ILE E 45 -39.18 -25.46 -3.77
CA ILE E 45 -38.39 -26.31 -2.89
C ILE E 45 -38.78 -26.03 -1.46
N ASP E 46 -39.45 -27.00 -0.84
CA ASP E 46 -39.82 -26.87 0.56
C ASP E 46 -39.09 -27.92 1.39
N GLY E 47 -38.06 -27.51 2.12
CA GLY E 47 -37.21 -28.45 2.83
C GLY E 47 -36.56 -29.42 1.86
N GLU E 48 -36.75 -30.71 2.09
CA GLU E 48 -36.19 -31.74 1.21
C GLU E 48 -37.04 -31.99 -0.05
N ARG E 49 -38.28 -31.58 -0.03
CA ARG E 49 -39.20 -31.81 -1.15
C ARG E 49 -38.98 -30.82 -2.29
N GLN E 50 -39.11 -31.27 -3.52
CA GLN E 50 -39.07 -30.38 -4.69
C GLN E 50 -40.23 -30.69 -5.65
N LEU E 51 -40.98 -29.66 -6.04
CA LEU E 51 -42.11 -29.86 -6.92
C LEU E 51 -41.92 -29.20 -8.26
N SER E 52 -42.18 -29.96 -9.34
CA SER E 52 -42.16 -29.43 -10.69
C SER E 52 -43.38 -28.58 -10.92
N TYR E 53 -43.34 -27.71 -11.92
CA TYR E 53 -44.53 -26.96 -12.27
C TYR E 53 -45.67 -27.89 -12.62
N ARG E 54 -45.34 -28.99 -13.29
CA ARG E 54 -46.35 -29.98 -13.65
C ARG E 54 -47.01 -30.52 -12.39
N GLU E 55 -46.18 -30.92 -11.43
CA GLU E 55 -46.66 -31.45 -10.16
C GLU E 55 -47.45 -30.43 -9.37
N LEU E 56 -46.96 -29.19 -9.33
CA LEU E 56 -47.62 -28.12 -8.59
C LEU E 56 -49.00 -27.83 -9.14
N ASN E 57 -49.05 -27.62 -10.44
CA ASN E 57 -50.31 -27.44 -11.12
C ASN E 57 -51.23 -28.66 -10.92
N GLN E 58 -50.66 -29.85 -11.04
CA GLN E 58 -51.43 -31.08 -10.81
C GLN E 58 -52.03 -31.18 -9.40
N ALA E 59 -51.21 -30.95 -8.38
CA ALA E 59 -51.66 -30.93 -7.00
C ALA E 59 -52.84 -29.99 -6.84
N ALA E 60 -52.77 -28.84 -7.49
CA ALA E 60 -53.81 -27.82 -7.40
C ALA E 60 -55.13 -28.34 -7.98
N ASP E 61 -55.02 -28.97 -9.15
CA ASP E 61 -56.19 -29.56 -9.80
C ASP E 61 -56.84 -30.61 -8.89
N ASN E 62 -56.01 -31.47 -8.32
CA ASN E 62 -56.48 -32.50 -7.38
C ASN E 62 -57.23 -31.92 -6.18
N LEU E 63 -56.60 -30.95 -5.50
CA LEU E 63 -57.16 -30.37 -4.28
C LEU E 63 -58.43 -29.59 -4.58
N ALA E 64 -58.48 -29.01 -5.78
CA ALA E 64 -59.66 -28.28 -6.22
C ALA E 64 -60.78 -29.25 -6.55
N CYS E 65 -60.42 -30.32 -7.28
CA CYS E 65 -61.37 -31.39 -7.66
C CYS E 65 -61.97 -32.07 -6.41
N SER E 66 -61.09 -32.39 -5.46
CA SER E 66 -61.48 -33.01 -4.21
C SER E 66 -62.38 -32.08 -3.41
N LEU E 67 -62.16 -30.78 -3.53
CA LEU E 67 -62.97 -29.81 -2.81
C LEU E 67 -64.32 -29.67 -3.47
N ARG E 68 -64.35 -29.77 -4.80
CA ARG E 68 -65.60 -29.66 -5.54
C ARG E 68 -66.48 -30.82 -5.15
N ARG E 69 -65.85 -31.98 -5.00
CA ARG E 69 -66.53 -33.20 -4.59
C ARG E 69 -67.13 -33.06 -3.18
N GLN E 70 -66.52 -32.23 -2.36
CA GLN E 70 -67.00 -32.03 -1.00
C GLN E 70 -68.12 -30.98 -0.96
N GLY E 71 -68.48 -30.48 -2.14
CA GLY E 71 -69.62 -29.58 -2.29
C GLY E 71 -69.33 -28.09 -2.16
N ILE E 72 -68.12 -27.69 -2.52
CA ILE E 72 -67.77 -26.27 -2.51
C ILE E 72 -68.13 -25.67 -3.87
N LYS E 73 -69.08 -24.74 -3.86
CA LYS E 73 -69.52 -24.10 -5.10
C LYS E 73 -68.73 -22.81 -5.39
N PRO E 74 -68.46 -22.54 -6.68
CA PRO E 74 -67.88 -21.26 -7.11
C PRO E 74 -68.67 -20.08 -6.54
N GLY E 75 -67.98 -18.99 -6.22
CA GLY E 75 -68.59 -17.81 -5.65
C GLY E 75 -68.45 -17.72 -4.14
N GLU E 76 -68.16 -18.85 -3.50
CA GLU E 76 -67.99 -18.87 -2.06
C GLU E 76 -66.60 -18.39 -1.63
N THR E 77 -66.41 -18.24 -0.32
CA THR E 77 -65.15 -17.72 0.21
C THR E 77 -64.51 -18.73 1.12
N ALA E 78 -63.22 -18.56 1.36
CA ALA E 78 -62.51 -19.45 2.25
C ALA E 78 -61.63 -18.68 3.24
N LEU E 79 -61.22 -19.38 4.29
CA LEU E 79 -60.23 -18.88 5.24
C LEU E 79 -59.05 -19.86 5.27
N VAL E 80 -57.89 -19.41 4.81
CA VAL E 80 -56.74 -20.29 4.76
C VAL E 80 -55.68 -19.77 5.72
N GLN E 81 -55.22 -20.63 6.61
CA GLN E 81 -54.08 -20.28 7.42
C GLN E 81 -53.00 -21.31 7.19
N LEU E 82 -51.98 -20.93 6.43
CA LEU E 82 -50.86 -21.82 6.17
C LEU E 82 -49.59 -20.99 6.21
N GLY E 83 -48.50 -21.61 6.63
CA GLY E 83 -47.25 -20.92 6.80
C GLY E 83 -46.45 -20.85 5.52
N ASN E 84 -45.14 -20.89 5.68
CA ASN E 84 -44.22 -20.81 4.57
C ASN E 84 -43.99 -22.12 3.86
N VAL E 85 -45.03 -22.90 3.72
CA VAL E 85 -44.94 -24.24 3.16
C VAL E 85 -45.61 -24.35 1.77
N ALA E 86 -45.19 -25.33 0.97
CA ALA E 86 -45.68 -25.46 -0.42
C ALA E 86 -47.19 -25.59 -0.51
N GLU E 87 -47.81 -26.25 0.47
CA GLU E 87 -49.26 -26.39 0.47
C GLU E 87 -50.02 -25.04 0.45
N LEU E 88 -49.35 -23.96 0.81
CA LEU E 88 -49.94 -22.64 0.70
C LEU E 88 -50.14 -22.29 -0.75
N TYR E 89 -49.07 -22.40 -1.54
CA TYR E 89 -49.16 -22.11 -2.99
C TYR E 89 -50.12 -23.07 -3.71
N ILE E 90 -50.12 -24.35 -3.31
CA ILE E 90 -51.07 -25.31 -3.86
C ILE E 90 -52.52 -24.93 -3.55
N THR E 91 -52.80 -24.60 -2.30
CA THR E 91 -54.16 -24.22 -1.87
C THR E 91 -54.64 -22.96 -2.56
N PHE E 92 -53.71 -22.03 -2.76
CA PHE E 92 -54.05 -20.77 -3.38
C PHE E 92 -54.55 -21.05 -4.78
N PHE E 93 -53.77 -21.77 -5.57
CA PHE E 93 -54.14 -22.06 -6.94
C PHE E 93 -55.34 -23.00 -7.02
N ALA E 94 -55.44 -23.92 -6.07
CA ALA E 94 -56.58 -24.82 -6.01
C ALA E 94 -57.85 -23.99 -5.89
N LEU E 95 -57.80 -23.00 -5.02
CA LEU E 95 -58.98 -22.17 -4.78
C LEU E 95 -59.26 -21.21 -5.93
N LEU E 96 -58.22 -20.86 -6.69
CA LEU E 96 -58.37 -19.99 -7.85
C LEU E 96 -59.03 -20.75 -8.99
N LYS E 97 -58.67 -22.02 -9.12
CA LYS E 97 -59.21 -22.91 -10.13
C LYS E 97 -60.70 -23.21 -9.88
N LEU E 98 -61.13 -23.18 -8.62
CA LEU E 98 -62.52 -23.46 -8.27
C LEU E 98 -63.47 -22.29 -8.45
N GLY E 99 -62.94 -21.08 -8.29
CA GLY E 99 -63.77 -19.88 -8.35
C GLY E 99 -64.01 -19.31 -6.98
N VAL E 100 -63.26 -19.81 -6.01
CA VAL E 100 -63.39 -19.39 -4.61
C VAL E 100 -62.39 -18.28 -4.28
N ALA E 101 -62.78 -17.36 -3.38
CA ALA E 101 -61.89 -16.29 -2.93
C ALA E 101 -61.49 -16.45 -1.48
N PRO E 102 -60.25 -16.88 -1.24
CA PRO E 102 -59.75 -17.06 0.13
C PRO E 102 -59.24 -15.79 0.80
N VAL E 103 -59.05 -15.86 2.11
CA VAL E 103 -58.22 -14.91 2.81
C VAL E 103 -56.97 -15.64 3.26
N LEU E 104 -55.79 -15.16 2.89
CA LEU E 104 -54.61 -15.87 3.37
C LEU E 104 -54.21 -15.21 4.66
N ALA E 105 -54.51 -15.93 5.73
CA ALA E 105 -54.21 -15.49 7.08
C ALA E 105 -52.76 -15.80 7.45
N LEU E 106 -52.18 -14.89 8.23
CA LEU E 106 -50.85 -15.10 8.75
C LEU E 106 -50.87 -16.30 9.64
N PHE E 107 -49.77 -17.04 9.64
CA PHE E 107 -49.65 -18.16 10.55
C PHE E 107 -49.56 -17.67 12.00
N SER E 108 -49.06 -16.45 12.18
CA SER E 108 -48.91 -15.88 13.53
C SER E 108 -50.24 -15.49 14.17
N HIS E 109 -51.30 -15.41 13.36
CA HIS E 109 -52.61 -14.97 13.83
C HIS E 109 -53.14 -15.98 14.78
N GLN E 110 -54.13 -15.55 15.56
CA GLN E 110 -54.64 -16.33 16.66
C GLN E 110 -56.16 -16.25 16.73
N ARG E 111 -56.72 -16.68 17.85
CA ARG E 111 -58.17 -16.74 18.04
C ARG E 111 -58.96 -15.50 17.58
N SER E 112 -58.56 -14.30 18.02
CA SER E 112 -59.39 -13.13 17.69
C SER E 112 -59.30 -12.72 16.23
N GLU E 113 -58.11 -12.83 15.66
CA GLU E 113 -57.90 -12.50 14.26
C GLU E 113 -58.70 -13.41 13.32
N LEU E 114 -58.64 -14.72 13.58
CA LEU E 114 -59.33 -15.69 12.76
C LEU E 114 -60.85 -15.55 12.86
N ASN E 115 -61.35 -15.34 14.09
CA ASN E 115 -62.76 -15.01 14.28
C ASN E 115 -63.18 -13.77 13.47
N ALA E 116 -62.44 -12.68 13.65
CA ALA E 116 -62.66 -11.49 12.85
C ALA E 116 -62.80 -11.80 11.35
N TYR E 117 -61.85 -12.54 10.78
CA TYR E 117 -61.86 -12.78 9.33
C TYR E 117 -63.10 -13.56 8.91
N ALA E 118 -63.38 -14.63 9.65
CA ALA E 118 -64.47 -15.54 9.28
C ALA E 118 -65.82 -14.84 9.35
N SER E 119 -65.95 -13.89 10.25
CA SER E 119 -67.18 -13.12 10.38
C SER E 119 -67.45 -12.23 9.16
N GLN E 120 -66.41 -11.54 8.69
CA GLN E 120 -66.51 -10.62 7.55
C GLN E 120 -66.53 -11.37 6.19
N ILE E 121 -65.95 -12.57 6.15
CA ILE E 121 -65.92 -13.45 4.97
C ILE E 121 -67.13 -14.36 4.78
N GLU E 122 -67.59 -14.95 5.88
CA GLU E 122 -68.60 -16.03 5.85
C GLU E 122 -68.10 -17.18 4.97
N PRO E 123 -67.01 -17.81 5.41
CA PRO E 123 -66.26 -18.81 4.66
C PRO E 123 -67.03 -20.11 4.59
N ALA E 124 -67.01 -20.74 3.42
CA ALA E 124 -67.59 -22.06 3.28
C ALA E 124 -66.51 -23.11 3.53
N LEU E 125 -65.27 -22.66 3.64
CA LEU E 125 -64.14 -23.57 3.72
C LEU E 125 -63.09 -23.08 4.69
N LEU E 126 -62.58 -23.99 5.52
CA LEU E 126 -61.47 -23.69 6.42
C LEU E 126 -60.26 -24.59 6.16
N ILE E 127 -59.09 -23.98 5.96
CA ILE E 127 -57.87 -24.74 5.79
C ILE E 127 -56.83 -24.20 6.77
N ALA E 128 -56.36 -25.06 7.65
CA ALA E 128 -55.40 -24.67 8.69
C ALA E 128 -54.40 -25.79 8.91
N ASP E 129 -53.49 -25.63 9.88
CA ASP E 129 -52.38 -26.57 10.09
C ASP E 129 -52.40 -27.07 11.53
N ARG E 130 -52.30 -28.38 11.72
CA ARG E 130 -52.33 -28.95 13.08
C ARG E 130 -51.07 -28.66 13.90
N GLN E 131 -50.04 -28.16 13.26
CA GLN E 131 -48.85 -27.71 13.97
C GLN E 131 -49.03 -26.31 14.56
N HIS E 132 -50.12 -25.67 14.20
CA HIS E 132 -50.47 -24.38 14.79
C HIS E 132 -51.18 -24.65 16.12
N ALA E 133 -50.85 -23.89 17.15
CA ALA E 133 -51.39 -24.14 18.48
C ALA E 133 -52.93 -24.35 18.57
N LEU E 134 -53.72 -23.56 17.85
CA LEU E 134 -55.18 -23.66 17.93
C LEU E 134 -55.67 -24.98 17.35
N PHE E 135 -54.91 -25.52 16.42
CA PHE E 135 -55.26 -26.79 15.79
C PHE E 135 -54.51 -28.05 16.24
N SER E 136 -53.60 -27.95 17.21
CA SER E 136 -52.99 -29.16 17.80
C SER E 136 -54.05 -29.93 18.54
N GLY E 137 -54.83 -29.21 19.35
CA GLY E 137 -56.02 -29.76 19.95
C GLY E 137 -57.25 -29.58 19.07
N ASP E 138 -58.14 -30.56 19.11
CA ASP E 138 -59.42 -30.43 18.43
C ASP E 138 -60.39 -29.52 19.20
N ASP E 139 -59.97 -29.12 20.41
CA ASP E 139 -60.72 -28.23 21.29
C ASP E 139 -61.22 -27.04 20.50
N PHE E 140 -60.27 -26.26 19.99
CA PHE E 140 -60.58 -25.04 19.26
C PHE E 140 -61.36 -25.26 17.95
N LEU E 141 -61.03 -26.31 17.20
CA LEU E 141 -61.61 -26.48 15.87
C LEU E 141 -63.12 -26.75 15.88
N ASN E 142 -63.65 -27.25 16.99
CA ASN E 142 -65.09 -27.48 17.14
C ASN E 142 -65.89 -26.20 17.50
N THR E 143 -65.39 -25.48 18.50
CA THR E 143 -65.98 -24.22 18.92
C THR E 143 -66.09 -23.28 17.74
N PHE E 144 -65.05 -23.31 16.90
CA PHE E 144 -64.94 -22.38 15.80
C PHE E 144 -66.01 -22.63 14.73
N VAL E 145 -66.16 -23.87 14.30
CA VAL E 145 -67.11 -24.21 13.24
C VAL E 145 -68.56 -23.96 13.64
N THR E 146 -68.88 -24.17 14.91
CA THR E 146 -70.23 -23.95 15.38
C THR E 146 -70.51 -22.44 15.36
N GLU E 147 -69.60 -21.71 15.98
CA GLU E 147 -69.65 -20.26 15.97
C GLU E 147 -69.98 -19.77 14.55
N HIS E 148 -69.11 -20.06 13.59
CA HIS E 148 -69.31 -19.53 12.26
C HIS E 148 -69.96 -20.62 11.43
N SER E 149 -71.26 -20.49 11.22
CA SER E 149 -72.01 -21.65 10.76
C SER E 149 -71.81 -21.93 9.29
N SER E 150 -71.40 -20.89 8.55
CA SER E 150 -71.26 -20.97 7.09
C SER E 150 -70.28 -22.07 6.65
N ILE E 151 -69.26 -22.29 7.49
CA ILE E 151 -68.23 -23.30 7.24
C ILE E 151 -68.81 -24.70 7.11
N ARG E 152 -68.50 -25.37 6.00
CA ARG E 152 -68.99 -26.72 5.69
C ARG E 152 -67.86 -27.75 5.66
N VAL E 153 -66.90 -27.54 4.77
CA VAL E 153 -65.71 -28.38 4.67
C VAL E 153 -64.55 -27.87 5.53
N VAL E 154 -63.78 -28.80 6.08
CA VAL E 154 -62.52 -28.46 6.78
C VAL E 154 -61.38 -29.42 6.43
N GLN E 155 -60.25 -28.86 5.98
CA GLN E 155 -59.05 -29.65 5.65
C GLN E 155 -57.89 -29.12 6.49
N LEU E 156 -57.11 -30.04 7.06
CA LEU E 156 -55.96 -29.67 7.88
C LEU E 156 -54.64 -30.24 7.34
N LEU E 157 -53.59 -29.43 7.39
CA LEU E 157 -52.26 -29.88 7.05
C LEU E 157 -51.70 -30.64 8.23
N ASN E 158 -50.90 -31.68 7.96
CA ASN E 158 -50.21 -32.37 9.04
C ASN E 158 -51.18 -33.09 10.00
N ASP E 159 -52.14 -33.81 9.45
CA ASP E 159 -53.13 -34.56 10.25
C ASP E 159 -53.32 -35.89 9.56
N SER E 160 -53.41 -36.98 10.33
CA SER E 160 -53.70 -38.28 9.71
C SER E 160 -55.16 -38.82 9.77
N GLY E 161 -56.10 -37.99 10.25
CA GLY E 161 -57.52 -38.34 10.27
C GLY E 161 -58.28 -38.09 8.97
N GLU E 162 -59.60 -38.00 9.03
CA GLU E 162 -60.39 -37.75 7.82
C GLU E 162 -60.15 -36.36 7.20
N HIS E 163 -60.00 -35.34 8.05
CA HIS E 163 -59.82 -33.96 7.56
C HIS E 163 -58.49 -33.74 6.85
N ASN E 164 -57.68 -34.81 6.72
CA ASN E 164 -56.36 -34.71 6.11
C ASN E 164 -56.36 -33.99 4.76
N LEU E 165 -55.52 -32.97 4.66
CA LEU E 165 -55.42 -32.14 3.46
C LEU E 165 -54.60 -32.85 2.38
N GLN E 166 -53.58 -33.59 2.79
CA GLN E 166 -52.73 -34.34 1.87
C GLN E 166 -53.55 -35.38 1.12
N ASP E 167 -54.57 -35.93 1.78
CA ASP E 167 -55.40 -36.94 1.14
C ASP E 167 -56.10 -36.35 -0.08
N ALA E 168 -56.67 -35.16 0.11
CA ALA E 168 -57.35 -34.49 -0.99
C ALA E 168 -56.36 -34.01 -2.07
N ILE E 169 -55.17 -33.63 -1.67
CA ILE E 169 -54.18 -33.16 -2.61
C ILE E 169 -53.70 -34.27 -3.50
N ASN E 170 -53.61 -35.49 -2.96
CA ASN E 170 -53.09 -36.63 -3.71
C ASN E 170 -54.15 -37.46 -4.43
N HIS E 171 -55.42 -37.23 -4.08
CA HIS E 171 -56.50 -37.91 -4.76
C HIS E 171 -56.68 -37.29 -6.13
N PRO E 172 -56.41 -38.06 -7.19
CA PRO E 172 -56.33 -37.50 -8.54
C PRO E 172 -57.62 -36.88 -9.03
N ALA E 173 -57.59 -36.47 -10.29
CA ALA E 173 -58.63 -35.62 -10.81
C ALA E 173 -59.77 -36.43 -11.46
N GLU E 174 -61.02 -36.16 -11.06
CA GLU E 174 -62.18 -36.79 -11.69
C GLU E 174 -62.38 -36.17 -13.07
N ASP E 175 -63.53 -36.35 -13.68
CA ASP E 175 -63.76 -35.59 -14.89
C ASP E 175 -64.29 -34.26 -14.36
N PHE E 176 -63.45 -33.23 -14.47
CA PHE E 176 -63.77 -31.91 -13.93
C PHE E 176 -63.04 -30.78 -14.68
N THR E 177 -63.72 -29.65 -14.80
CA THR E 177 -63.15 -28.56 -15.57
C THR E 177 -63.09 -27.30 -14.70
N ALA E 178 -62.01 -26.53 -14.87
CA ALA E 178 -61.71 -25.39 -14.01
C ALA E 178 -62.63 -24.19 -14.25
N THR E 179 -62.98 -23.55 -13.14
CA THR E 179 -64.03 -22.54 -13.11
C THR E 179 -63.55 -21.24 -12.43
N PRO E 180 -62.46 -20.65 -12.95
CA PRO E 180 -62.03 -19.45 -12.22
C PRO E 180 -63.09 -18.37 -12.39
N SER E 181 -63.18 -17.44 -11.44
CA SER E 181 -64.10 -16.31 -11.59
C SER E 181 -63.62 -15.39 -12.71
N PRO E 182 -64.55 -14.61 -13.30
CA PRO E 182 -64.20 -13.76 -14.45
C PRO E 182 -63.09 -12.78 -14.08
N ALA E 183 -62.27 -12.40 -15.06
CA ALA E 183 -61.10 -11.55 -14.81
C ALA E 183 -61.38 -10.24 -14.04
N ASP E 184 -62.54 -9.62 -14.28
CA ASP E 184 -62.91 -8.39 -13.57
C ASP E 184 -63.71 -8.63 -12.29
N GLU E 185 -63.82 -9.91 -11.88
CA GLU E 185 -64.49 -10.30 -10.64
C GLU E 185 -63.43 -10.63 -9.59
N VAL E 186 -63.77 -10.54 -8.30
CA VAL E 186 -62.80 -10.80 -7.22
C VAL E 186 -62.06 -12.15 -7.28
N ALA E 187 -60.74 -12.07 -7.14
CA ALA E 187 -59.88 -13.26 -7.13
C ALA E 187 -59.62 -13.80 -5.73
N TYR E 188 -59.02 -12.97 -4.88
CA TYR E 188 -58.99 -13.23 -3.44
C TYR E 188 -58.93 -11.93 -2.60
N PHE E 189 -58.78 -12.09 -1.30
CA PHE E 189 -58.65 -10.95 -0.38
C PHE E 189 -57.23 -10.83 0.21
N GLN E 190 -56.75 -9.59 0.29
CA GLN E 190 -55.47 -9.32 0.93
C GLN E 190 -55.75 -8.58 2.22
N LEU E 191 -54.82 -8.66 3.15
CA LEU E 191 -55.00 -8.01 4.43
C LEU E 191 -54.31 -6.64 4.54
N SER E 192 -55.05 -5.69 5.13
CA SER E 192 -54.58 -4.33 5.45
C SER E 192 -53.56 -4.27 6.60
N THR E 195 -55.63 0.68 10.38
CA THR E 195 -56.12 1.89 11.03
C THR E 195 -57.40 1.66 11.82
N THR E 196 -58.07 0.52 11.58
CA THR E 196 -59.37 0.23 12.19
C THR E 196 -59.36 -1.03 13.07
N GLY E 197 -60.25 -1.06 14.09
CA GLY E 197 -60.36 -2.12 15.09
C GLY E 197 -60.95 -3.48 14.66
N THR E 198 -62.04 -3.46 13.89
CA THR E 198 -62.57 -4.67 13.23
C THR E 198 -62.05 -4.85 11.79
N PRO E 199 -62.11 -6.08 11.26
CA PRO E 199 -61.48 -6.51 9.99
C PRO E 199 -61.98 -5.90 8.69
N LYS E 200 -61.08 -5.22 7.97
CA LYS E 200 -61.36 -4.54 6.71
C LYS E 200 -60.47 -5.13 5.60
N LEU E 201 -61.09 -5.87 4.70
CA LEU E 201 -60.39 -6.70 3.73
C LEU E 201 -60.17 -6.04 2.37
N ILE E 202 -59.07 -6.34 1.69
CA ILE E 202 -58.82 -5.77 0.36
C ILE E 202 -59.10 -6.75 -0.77
N PRO E 203 -60.20 -6.54 -1.50
CA PRO E 203 -60.48 -7.42 -2.64
C PRO E 203 -59.51 -7.11 -3.78
N ARG E 204 -59.02 -8.16 -4.44
CA ARG E 204 -58.16 -7.99 -5.63
C ARG E 204 -58.72 -8.81 -6.79
N THR E 205 -59.09 -8.14 -7.88
CA THR E 205 -59.62 -8.84 -9.05
C THR E 205 -58.49 -9.53 -9.82
N HIS E 206 -58.82 -10.56 -10.58
CA HIS E 206 -57.80 -11.26 -11.37
C HIS E 206 -56.99 -10.26 -12.19
N ASN E 207 -57.72 -9.34 -12.84
CA ASN E 207 -57.16 -8.31 -13.73
C ASN E 207 -56.10 -7.45 -13.05
N ASP E 208 -56.50 -6.73 -12.02
CA ASP E 208 -55.57 -5.82 -11.37
C ASP E 208 -54.38 -6.55 -10.75
N TYR E 209 -54.63 -7.70 -10.14
CA TYR E 209 -53.58 -8.41 -9.40
C TYR E 209 -52.55 -8.99 -10.36
N TYR E 210 -53.04 -9.53 -11.48
CA TYR E 210 -52.16 -10.12 -12.48
C TYR E 210 -51.18 -9.08 -13.01
N TYR E 211 -51.69 -7.87 -13.29
CA TYR E 211 -50.83 -6.77 -13.75
C TYR E 211 -49.74 -6.50 -12.72
N SER E 212 -50.13 -6.42 -11.45
CA SER E 212 -49.19 -6.21 -10.35
C SER E 212 -48.03 -7.16 -10.51
N VAL E 213 -48.33 -8.42 -10.78
CA VAL E 213 -47.29 -9.42 -10.87
C VAL E 213 -46.47 -9.35 -12.15
N ARG E 214 -47.10 -9.22 -13.31
CA ARG E 214 -46.39 -9.10 -14.58
C ARG E 214 -45.38 -7.96 -14.57
N ARG E 215 -45.87 -6.77 -14.24
CA ARG E 215 -45.07 -5.55 -14.28
C ARG E 215 -43.95 -5.55 -13.25
N SER E 216 -44.15 -6.31 -12.17
CA SER E 216 -43.13 -6.46 -11.17
C SER E 216 -42.01 -7.36 -11.68
N VAL E 217 -42.37 -8.41 -12.41
CA VAL E 217 -41.39 -9.28 -13.05
C VAL E 217 -40.55 -8.51 -14.07
N GLU E 218 -41.20 -7.68 -14.89
CA GLU E 218 -40.47 -6.89 -15.87
C GLU E 218 -39.42 -6.02 -15.18
N ILE E 219 -39.85 -5.29 -14.15
CA ILE E 219 -38.98 -4.31 -13.48
C ILE E 219 -37.82 -4.97 -12.74
N CYS E 220 -38.07 -6.15 -12.16
CA CYS E 220 -37.03 -6.85 -11.42
C CYS E 220 -36.28 -7.88 -12.27
N GLN E 221 -36.66 -8.01 -13.53
CA GLN E 221 -36.04 -9.03 -14.39
C GLN E 221 -35.98 -10.43 -13.77
N PHE E 222 -37.15 -11.06 -13.65
CA PHE E 222 -37.21 -12.49 -13.33
C PHE E 222 -37.24 -13.31 -14.63
N THR E 223 -36.23 -14.15 -14.80
CA THR E 223 -36.16 -15.03 -15.95
C THR E 223 -36.38 -16.43 -15.42
N GLN E 224 -36.41 -17.39 -16.34
CA GLN E 224 -36.51 -18.78 -16.01
C GLN E 224 -35.33 -19.21 -15.11
N GLN E 225 -34.34 -18.34 -15.02
CA GLN E 225 -33.11 -18.63 -14.27
C GLN E 225 -33.11 -18.10 -12.80
N THR E 226 -34.26 -17.61 -12.33
CA THR E 226 -34.37 -16.98 -10.99
C THR E 226 -34.58 -17.93 -9.82
N ARG E 227 -33.62 -17.96 -8.89
CA ARG E 227 -33.80 -18.71 -7.66
C ARG E 227 -34.11 -17.76 -6.51
N TYR E 228 -35.37 -17.79 -6.04
CA TYR E 228 -35.95 -16.86 -5.06
C TYR E 228 -36.15 -17.49 -3.68
N LEU E 229 -35.50 -16.94 -2.66
CA LEU E 229 -35.70 -17.41 -1.29
C LEU E 229 -36.83 -16.62 -0.67
N CYS E 230 -37.91 -17.29 -0.31
CA CYS E 230 -39.00 -16.59 0.36
C CYS E 230 -38.93 -16.94 1.84
N ALA E 231 -38.30 -16.06 2.62
CA ALA E 231 -38.16 -16.27 4.06
C ALA E 231 -39.07 -15.46 4.97
N ILE E 232 -39.66 -14.36 4.45
CA ILE E 232 -40.60 -13.56 5.23
C ILE E 232 -41.96 -14.20 5.04
N PRO E 233 -42.96 -13.82 5.85
CA PRO E 233 -44.24 -14.51 5.74
C PRO E 233 -44.76 -14.56 4.33
N ALA E 234 -45.09 -15.76 3.85
CA ALA E 234 -45.31 -16.01 2.42
C ALA E 234 -46.64 -15.46 1.98
N ALA E 235 -47.52 -15.24 2.95
CA ALA E 235 -48.90 -14.84 2.67
C ALA E 235 -49.07 -13.32 2.52
N HIS E 236 -48.03 -12.54 2.81
CA HIS E 236 -48.12 -11.09 2.70
C HIS E 236 -47.97 -10.66 1.25
N ASN E 237 -48.54 -9.51 0.92
CA ASN E 237 -48.52 -9.03 -0.45
C ASN E 237 -47.12 -8.89 -1.06
N TYR E 238 -46.15 -8.59 -0.22
CA TYR E 238 -44.75 -8.41 -0.60
C TYR E 238 -44.13 -9.70 -1.11
N ALA E 239 -44.17 -10.75 -0.29
CA ALA E 239 -43.57 -12.03 -0.63
C ALA E 239 -44.48 -12.84 -1.55
N MET E 240 -45.62 -12.25 -1.89
CA MET E 240 -46.58 -12.89 -2.78
C MET E 240 -46.51 -12.31 -4.19
N SER E 241 -46.84 -11.03 -4.32
CA SER E 241 -46.91 -10.36 -5.62
C SER E 241 -45.76 -9.42 -6.06
N SER E 242 -44.75 -9.17 -5.24
CA SER E 242 -43.93 -7.98 -5.53
C SER E 242 -42.40 -8.12 -5.73
N PRO E 243 -41.98 -8.88 -6.75
CA PRO E 243 -42.79 -9.81 -7.54
C PRO E 243 -43.12 -11.01 -6.69
N GLY E 244 -42.26 -11.32 -5.71
CA GLY E 244 -42.53 -12.39 -4.76
C GLY E 244 -42.73 -13.71 -5.46
N SER E 245 -43.25 -14.70 -4.75
CA SER E 245 -43.36 -16.06 -5.29
C SER E 245 -44.22 -16.20 -6.55
N LEU E 246 -45.33 -15.46 -6.63
CA LEU E 246 -46.17 -15.50 -7.83
C LEU E 246 -45.44 -14.95 -9.06
N GLY E 247 -44.61 -13.94 -8.82
CA GLY E 247 -43.80 -13.37 -9.88
C GLY E 247 -42.79 -14.38 -10.39
N VAL E 248 -42.26 -15.18 -9.47
CA VAL E 248 -41.34 -16.25 -9.82
C VAL E 248 -42.03 -17.35 -10.62
N PHE E 249 -43.26 -17.68 -10.25
CA PHE E 249 -44.05 -18.69 -10.95
C PHE E 249 -44.40 -18.28 -12.36
N LEU E 250 -44.77 -17.01 -12.55
CA LEU E 250 -45.03 -16.51 -13.90
C LEU E 250 -43.83 -16.70 -14.81
N ALA E 251 -42.64 -16.53 -14.24
CA ALA E 251 -41.41 -16.49 -15.04
C ALA E 251 -40.73 -17.84 -15.19
N GLY E 252 -41.25 -18.85 -14.51
CA GLY E 252 -40.70 -20.19 -14.57
C GLY E 252 -39.51 -20.43 -13.65
N GLY E 253 -39.26 -19.50 -12.73
CA GLY E 253 -38.20 -19.63 -11.77
C GLY E 253 -38.43 -20.68 -10.68
N THR E 254 -37.58 -20.63 -9.66
CA THR E 254 -37.69 -21.56 -8.55
C THR E 254 -37.87 -20.79 -7.23
N VAL E 255 -38.89 -21.17 -6.46
CA VAL E 255 -39.12 -20.58 -5.14
C VAL E 255 -38.58 -21.50 -4.06
N VAL E 256 -37.73 -20.95 -3.20
CA VAL E 256 -37.17 -21.70 -2.09
C VAL E 256 -37.83 -21.19 -0.79
N LEU E 257 -38.67 -22.02 -0.19
CA LEU E 257 -39.35 -21.61 1.03
C LEU E 257 -38.49 -21.86 2.26
N ALA E 258 -38.57 -20.94 3.21
CA ALA E 258 -37.91 -21.09 4.52
C ALA E 258 -38.87 -20.62 5.59
N ALA E 259 -38.84 -21.28 6.75
CA ALA E 259 -39.78 -21.00 7.81
C ALA E 259 -39.66 -19.59 8.41
N ASP E 260 -38.45 -19.08 8.51
CA ASP E 260 -38.25 -17.74 9.06
C ASP E 260 -37.04 -17.13 8.37
N PRO E 261 -36.77 -15.83 8.61
CA PRO E 261 -35.59 -15.28 7.94
C PRO E 261 -34.32 -15.23 8.78
N SER E 262 -33.97 -16.31 9.47
CA SER E 262 -32.81 -16.23 10.35
C SER E 262 -31.58 -16.54 9.54
N ALA E 263 -30.49 -15.85 9.82
CA ALA E 263 -29.26 -16.07 9.07
C ALA E 263 -28.82 -17.53 9.20
N THR E 264 -29.15 -18.13 10.32
CA THR E 264 -28.81 -19.52 10.59
C THR E 264 -29.51 -20.48 9.62
N LEU E 265 -30.79 -20.20 9.33
CA LEU E 265 -31.60 -21.03 8.43
C LEU E 265 -31.37 -20.72 6.96
N CYS E 266 -31.25 -19.43 6.66
CA CYS E 266 -31.23 -18.95 5.29
C CYS E 266 -29.89 -19.07 4.57
N PHE E 267 -28.81 -18.73 5.26
CA PHE E 267 -27.48 -18.80 4.67
C PHE E 267 -27.22 -20.15 3.97
N PRO E 268 -27.36 -21.27 4.73
CA PRO E 268 -27.28 -22.61 4.13
C PRO E 268 -28.14 -22.80 2.88
N LEU E 269 -29.36 -22.27 2.89
CA LEU E 269 -30.29 -22.46 1.77
C LEU E 269 -29.88 -21.68 0.53
N ILE E 270 -29.33 -20.48 0.75
CA ILE E 270 -28.93 -19.64 -0.38
C ILE E 270 -27.80 -20.29 -1.16
N GLU E 271 -26.82 -20.80 -0.42
CA GLU E 271 -25.70 -21.52 -1.05
C GLU E 271 -26.14 -22.84 -1.69
N LYS E 272 -26.77 -23.71 -0.88
CA LYS E 272 -27.25 -25.03 -1.35
C LYS E 272 -28.10 -24.94 -2.61
N HIS E 273 -29.04 -24.00 -2.65
CA HIS E 273 -29.92 -23.86 -3.80
C HIS E 273 -29.51 -22.78 -4.79
N GLN E 274 -28.36 -22.14 -4.53
CA GLN E 274 -27.79 -21.14 -5.44
C GLN E 274 -28.78 -20.02 -5.71
N VAL E 275 -29.28 -19.43 -4.63
CA VAL E 275 -30.30 -18.40 -4.69
C VAL E 275 -29.72 -17.08 -5.19
N ASN E 276 -30.32 -16.51 -6.23
CA ASN E 276 -29.88 -15.20 -6.74
C ASN E 276 -30.69 -13.98 -6.30
N VAL E 277 -31.81 -14.19 -5.62
CA VAL E 277 -32.64 -13.06 -5.18
C VAL E 277 -33.45 -13.39 -3.93
N THR E 278 -33.66 -12.40 -3.08
CA THR E 278 -34.51 -12.58 -1.92
C THR E 278 -35.10 -11.26 -1.41
N ALA E 279 -36.20 -11.34 -0.69
CA ALA E 279 -36.81 -10.13 -0.14
C ALA E 279 -36.79 -10.15 1.39
N LEU E 280 -36.38 -9.03 1.97
CA LEU E 280 -36.28 -8.88 3.42
C LEU E 280 -36.90 -7.59 3.94
N VAL E 281 -37.03 -7.51 5.26
CA VAL E 281 -37.44 -6.29 5.94
C VAL E 281 -36.24 -5.82 6.73
N PRO E 282 -36.17 -4.50 6.97
CA PRO E 282 -34.97 -3.90 7.55
C PRO E 282 -34.38 -4.65 8.75
N PRO E 283 -35.20 -5.08 9.72
CA PRO E 283 -34.66 -5.84 10.86
C PRO E 283 -33.91 -7.13 10.48
N ALA E 284 -34.32 -7.82 9.41
CA ALA E 284 -33.62 -9.04 9.02
C ALA E 284 -32.27 -8.69 8.38
N VAL E 285 -32.25 -7.62 7.60
CA VAL E 285 -31.01 -7.15 7.02
C VAL E 285 -29.97 -6.88 8.12
N SER E 286 -30.36 -6.18 9.17
CA SER E 286 -29.47 -5.95 10.31
C SER E 286 -28.96 -7.29 10.84
N LEU E 287 -29.88 -8.24 11.03
CA LEU E 287 -29.53 -9.53 11.59
C LEU E 287 -28.51 -10.25 10.71
N TRP E 288 -28.65 -10.12 9.39
CA TRP E 288 -27.75 -10.79 8.43
C TRP E 288 -26.38 -10.13 8.34
N LEU E 289 -26.36 -8.81 8.35
CA LEU E 289 -25.11 -8.08 8.27
C LEU E 289 -24.23 -8.36 9.48
N GLN E 290 -24.87 -8.47 10.64
CA GLN E 290 -24.18 -8.79 11.89
C GLN E 290 -23.74 -10.25 11.98
N ALA E 291 -24.58 -11.17 11.51
CA ALA E 291 -24.22 -12.59 11.46
C ALA E 291 -22.95 -12.83 10.63
N LEU E 292 -22.72 -11.98 9.62
CA LEU E 292 -21.52 -12.03 8.78
C LEU E 292 -20.28 -11.58 9.55
N ILE E 293 -20.40 -10.46 10.23
CA ILE E 293 -19.36 -9.96 11.11
C ILE E 293 -19.04 -10.92 12.27
N GLU E 294 -20.02 -11.69 12.70
CA GLU E 294 -19.85 -12.59 13.84
C GLU E 294 -19.29 -13.93 13.37
N GLY E 295 -18.86 -13.96 12.12
CA GLY E 295 -18.10 -15.07 11.58
C GLY E 295 -18.74 -16.00 10.57
N GLU E 296 -19.92 -15.67 10.08
CA GLU E 296 -20.47 -16.41 8.94
C GLU E 296 -19.70 -16.05 7.67
N SER E 297 -19.50 -17.02 6.79
CA SER E 297 -18.71 -16.81 5.57
C SER E 297 -19.49 -16.07 4.49
N ARG E 298 -19.02 -14.88 4.11
CA ARG E 298 -19.72 -14.03 3.15
C ARG E 298 -19.83 -14.75 1.79
N ALA E 299 -19.22 -15.92 1.72
CA ALA E 299 -19.18 -16.72 0.50
C ALA E 299 -20.41 -17.63 0.23
N GLN E 300 -21.20 -17.96 1.26
CA GLN E 300 -22.39 -18.77 1.04
C GLN E 300 -23.44 -17.94 0.30
N LEU E 301 -23.34 -16.64 0.50
CA LEU E 301 -24.26 -15.66 -0.06
C LEU E 301 -23.78 -15.14 -1.44
N ALA E 302 -22.72 -15.77 -1.96
CA ALA E 302 -22.09 -15.30 -3.19
C ALA E 302 -22.96 -15.40 -4.45
N SER E 303 -23.92 -16.31 -4.46
CA SER E 303 -24.80 -16.47 -5.63
C SER E 303 -25.88 -15.40 -5.70
N LEU E 304 -26.06 -14.68 -4.58
CA LEU E 304 -27.17 -13.75 -4.46
C LEU E 304 -26.81 -12.46 -5.17
N LYS E 305 -27.52 -12.18 -6.27
CA LYS E 305 -27.29 -10.97 -7.02
C LYS E 305 -28.26 -9.81 -6.72
N LEU E 306 -29.34 -10.08 -6.00
CA LEU E 306 -30.33 -9.04 -5.70
C LEU E 306 -30.95 -9.19 -4.31
N LEU E 307 -31.04 -8.09 -3.55
CA LEU E 307 -31.70 -8.09 -2.25
C LEU E 307 -32.78 -7.03 -2.18
N GLN E 308 -34.03 -7.47 -2.11
CA GLN E 308 -35.13 -6.53 -1.96
C GLN E 308 -35.30 -6.21 -0.49
N VAL E 309 -35.53 -4.95 -0.18
CA VAL E 309 -35.75 -4.55 1.18
C VAL E 309 -36.92 -3.58 1.19
N GLY E 310 -37.93 -3.87 2.01
CA GLY E 310 -39.11 -3.02 2.11
C GLY E 310 -39.98 -3.30 3.33
N GLY E 311 -41.15 -2.68 3.36
CA GLY E 311 -42.10 -2.90 4.46
C GLY E 311 -41.93 -1.92 5.61
N ALA E 312 -40.76 -1.31 5.69
CA ALA E 312 -40.46 -0.39 6.78
C ALA E 312 -39.31 0.55 6.40
N ARG E 313 -39.17 1.67 7.14
CA ARG E 313 -38.12 2.62 6.86
C ARG E 313 -36.75 1.94 6.86
N LEU E 314 -36.01 2.11 5.78
CA LEU E 314 -34.65 1.59 5.69
C LEU E 314 -33.66 2.77 5.64
N SER E 315 -32.87 2.92 6.70
CA SER E 315 -31.93 4.03 6.81
C SER E 315 -30.84 3.96 5.75
N ALA E 316 -30.35 5.14 5.35
CA ALA E 316 -29.32 5.22 4.31
C ALA E 316 -28.04 4.55 4.77
N THR E 317 -27.80 4.60 6.08
CA THR E 317 -26.66 3.92 6.69
C THR E 317 -26.71 2.40 6.48
N LEU E 318 -27.90 1.83 6.67
CA LEU E 318 -28.10 0.39 6.51
C LEU E 318 -28.13 -0.03 5.04
N ALA E 319 -28.81 0.75 4.20
CA ALA E 319 -28.90 0.50 2.77
C ALA E 319 -27.51 0.41 2.13
N ALA E 320 -26.64 1.33 2.51
CA ALA E 320 -25.26 1.39 2.00
C ALA E 320 -24.42 0.18 2.38
N ARG E 321 -24.67 -0.37 3.57
CA ARG E 321 -23.93 -1.53 4.05
C ARG E 321 -24.18 -2.79 3.23
N ILE E 322 -25.28 -2.82 2.48
CA ILE E 322 -25.67 -4.03 1.75
C ILE E 322 -24.70 -4.45 0.64
N PRO E 323 -24.45 -3.54 -0.32
CA PRO E 323 -23.50 -3.89 -1.38
C PRO E 323 -22.09 -3.92 -0.84
N ALA E 324 -21.83 -3.13 0.20
CA ALA E 324 -20.51 -3.10 0.83
C ALA E 324 -20.13 -4.41 1.53
N GLU E 325 -20.94 -4.83 2.51
CA GLU E 325 -20.67 -6.06 3.25
C GLU E 325 -21.15 -7.38 2.62
N ILE E 326 -22.37 -7.37 2.08
CA ILE E 326 -22.93 -8.54 1.39
C ILE E 326 -22.51 -8.67 -0.09
N GLY E 327 -22.37 -7.54 -0.77
CA GLY E 327 -21.89 -7.56 -2.15
C GLY E 327 -22.90 -7.98 -3.23
N CYS E 328 -24.09 -7.41 -3.15
CA CYS E 328 -25.07 -7.59 -4.20
C CYS E 328 -25.85 -6.30 -4.32
N GLN E 329 -26.79 -6.26 -5.26
CA GLN E 329 -27.53 -5.03 -5.52
C GLN E 329 -28.74 -4.88 -4.62
N LEU E 330 -29.00 -3.65 -4.19
CA LEU E 330 -30.15 -3.35 -3.33
C LEU E 330 -31.28 -2.77 -4.17
N GLN E 331 -32.51 -3.20 -3.87
CA GLN E 331 -33.67 -2.56 -4.44
C GLN E 331 -34.63 -2.28 -3.30
N GLN E 332 -34.91 -1.00 -3.07
CA GLN E 332 -35.88 -0.64 -2.05
C GLN E 332 -37.30 -0.88 -2.58
N VAL E 333 -38.15 -1.48 -1.78
CA VAL E 333 -39.52 -1.69 -2.20
C VAL E 333 -40.47 -1.03 -1.23
N PHE E 334 -41.26 -0.07 -1.73
CA PHE E 334 -42.25 0.61 -0.91
C PHE E 334 -43.61 0.41 -1.54
N GLY E 335 -44.42 -0.41 -0.91
CA GLY E 335 -45.74 -0.74 -1.43
C GLY E 335 -46.71 -1.01 -0.31
N MET E 336 -47.98 -1.12 -0.67
CA MET E 336 -49.03 -1.44 0.27
C MET E 336 -49.91 -2.57 -0.28
N ALA E 337 -50.60 -3.29 0.61
CA ALA E 337 -51.41 -4.43 0.19
C ALA E 337 -52.58 -3.95 -0.65
N GLU E 338 -52.80 -2.64 -0.63
CA GLU E 338 -53.91 -2.00 -1.32
C GLU E 338 -53.63 -1.65 -2.80
N GLY E 339 -52.37 -1.68 -3.20
CA GLY E 339 -52.00 -1.29 -4.55
C GLY E 339 -50.57 -0.80 -4.64
N LEU E 340 -50.29 0.04 -5.63
CA LEU E 340 -49.15 0.95 -5.55
C LEU E 340 -47.86 0.41 -4.96
N VAL E 341 -47.11 -0.37 -5.73
CA VAL E 341 -45.75 -0.66 -5.30
C VAL E 341 -44.74 0.26 -6.00
N ASN E 342 -43.83 0.84 -5.22
CA ASN E 342 -42.75 1.66 -5.77
C ASN E 342 -41.45 0.89 -5.68
N TYR E 343 -40.70 0.85 -6.78
CA TYR E 343 -39.40 0.22 -6.76
C TYR E 343 -38.36 1.27 -7.06
N THR E 344 -37.14 1.05 -6.59
CA THR E 344 -36.01 1.67 -7.24
C THR E 344 -35.65 0.68 -8.34
N ARG E 345 -35.26 1.19 -9.49
CA ARG E 345 -34.91 0.35 -10.63
C ARG E 345 -33.54 -0.30 -10.43
N LEU E 346 -33.26 -1.35 -11.22
CA LEU E 346 -31.96 -2.02 -11.15
C LEU E 346 -30.83 -1.23 -11.82
N ASP E 347 -31.17 -0.43 -12.82
CA ASP E 347 -30.20 0.43 -13.50
C ASP E 347 -30.12 1.86 -12.90
N ASP E 348 -30.81 2.06 -11.79
CA ASP E 348 -30.80 3.35 -11.09
C ASP E 348 -29.44 3.66 -10.47
N SER E 349 -29.20 4.93 -10.20
CA SER E 349 -27.94 5.37 -9.61
C SER E 349 -27.86 4.91 -8.17
N ALA E 350 -26.64 4.80 -7.66
CA ALA E 350 -26.47 4.44 -6.27
C ALA E 350 -27.01 5.54 -5.36
N GLU E 351 -27.07 6.77 -5.86
CA GLU E 351 -27.63 7.87 -5.07
C GLU E 351 -29.12 7.64 -4.79
N LYS E 352 -29.88 7.29 -5.83
CA LYS E 352 -31.31 7.07 -5.71
C LYS E 352 -31.67 5.77 -4.98
N ILE E 353 -30.82 4.77 -5.10
CA ILE E 353 -31.07 3.47 -4.51
C ILE E 353 -30.88 3.47 -2.99
N ILE E 354 -29.90 4.22 -2.52
CA ILE E 354 -29.64 4.30 -1.08
C ILE E 354 -30.58 5.26 -0.36
N HIS E 355 -30.76 6.45 -0.94
CA HIS E 355 -31.57 7.52 -0.34
C HIS E 355 -33.09 7.52 -0.57
N THR E 356 -33.54 7.12 -1.76
CA THR E 356 -34.98 7.17 -2.03
C THR E 356 -35.64 5.80 -1.95
N GLN E 357 -36.97 5.80 -2.02
CA GLN E 357 -37.76 4.57 -2.03
C GLN E 357 -38.17 4.20 -3.46
N GLY E 358 -37.63 4.91 -4.45
CA GLY E 358 -37.93 4.59 -5.83
C GLY E 358 -39.19 5.27 -6.32
N TYR E 359 -39.75 4.78 -7.41
CA TYR E 359 -40.97 5.35 -8.00
C TYR E 359 -41.89 4.22 -8.48
N PRO E 360 -43.17 4.54 -8.75
CA PRO E 360 -44.18 3.53 -9.08
C PRO E 360 -43.80 2.59 -10.24
N MET E 361 -44.26 1.34 -10.16
CA MET E 361 -43.95 0.34 -11.16
C MET E 361 -44.72 0.61 -12.43
N CYS E 362 -45.68 1.53 -12.37
CA CYS E 362 -46.55 1.81 -13.50
C CYS E 362 -46.51 3.28 -13.86
N PRO E 363 -46.50 3.58 -15.18
CA PRO E 363 -46.49 4.96 -15.69
C PRO E 363 -47.83 5.60 -15.43
N ASP E 364 -48.87 4.76 -15.39
CA ASP E 364 -50.22 5.19 -15.11
C ASP E 364 -50.58 5.13 -13.63
N ASP E 365 -49.58 4.88 -12.79
CA ASP E 365 -49.74 5.12 -11.35
C ASP E 365 -49.68 6.63 -11.12
N GLU E 366 -50.73 7.17 -10.54
CA GLU E 366 -50.80 8.60 -10.24
C GLU E 366 -50.49 8.86 -8.78
N VAL E 367 -49.53 9.73 -8.50
CA VAL E 367 -49.19 10.06 -7.12
C VAL E 367 -49.05 11.57 -6.98
N TRP E 368 -49.67 12.17 -5.97
CA TRP E 368 -49.37 13.57 -5.71
C TRP E 368 -49.12 13.72 -4.22
N VAL E 369 -48.35 14.73 -3.81
CA VAL E 369 -48.26 15.00 -2.39
C VAL E 369 -49.38 15.99 -2.01
N ALA E 370 -50.12 15.69 -0.95
CA ALA E 370 -51.25 16.51 -0.49
C ALA E 370 -51.08 17.12 0.94
N ASP E 371 -51.77 18.24 1.18
CA ASP E 371 -51.73 18.91 2.48
C ASP E 371 -52.92 18.49 3.38
N ALA E 372 -52.95 18.96 4.63
CA ALA E 372 -53.96 18.49 5.61
C ALA E 372 -55.41 18.68 5.13
N GLU E 373 -55.63 19.70 4.31
CA GLU E 373 -56.94 19.96 3.73
C GLU E 373 -57.07 19.29 2.35
N GLY E 374 -56.00 18.60 1.93
CA GLY E 374 -56.04 17.72 0.76
C GLY E 374 -55.90 18.32 -0.63
N ASN E 375 -55.11 19.39 -0.76
CA ASN E 375 -54.83 20.00 -2.06
C ASN E 375 -53.33 19.94 -2.37
N PRO E 376 -52.95 19.77 -3.64
CA PRO E 376 -51.55 19.43 -3.99
C PRO E 376 -50.43 20.40 -3.50
N LEU E 377 -49.32 19.83 -3.01
CA LEU E 377 -48.10 20.58 -2.63
C LEU E 377 -47.08 20.69 -3.77
N PRO E 378 -46.18 21.70 -3.73
CA PRO E 378 -45.22 21.83 -4.84
C PRO E 378 -44.30 20.62 -4.84
N GLN E 379 -43.35 20.54 -5.77
CA GLN E 379 -42.50 19.36 -6.01
C GLN E 379 -41.26 19.19 -5.11
N GLY E 380 -41.12 20.01 -4.07
CA GLY E 380 -40.20 19.68 -2.99
C GLY E 380 -40.75 19.30 -1.60
N GLU E 381 -42.04 19.52 -1.35
CA GLU E 381 -42.55 19.53 0.04
C GLU E 381 -43.12 18.19 0.56
N VAL E 382 -43.50 18.17 1.84
CA VAL E 382 -43.95 16.93 2.51
C VAL E 382 -45.43 16.95 2.89
N GLY E 383 -46.13 15.87 2.54
CA GLY E 383 -47.55 15.73 2.84
C GLY E 383 -48.04 14.31 2.69
N ARG E 384 -49.36 14.14 2.82
CA ARG E 384 -49.97 12.82 2.76
C ARG E 384 -49.99 12.24 1.33
N LEU E 385 -49.63 10.96 1.19
CA LEU E 385 -49.56 10.28 -0.10
C LEU E 385 -50.94 9.88 -0.64
N MET E 386 -51.23 10.29 -1.88
CA MET E 386 -52.49 9.97 -2.53
C MET E 386 -52.21 9.22 -3.83
N THR E 387 -52.95 8.15 -4.09
CA THR E 387 -52.76 7.37 -5.33
C THR E 387 -54.02 6.65 -5.82
N ARG E 388 -54.19 6.63 -7.14
CA ARG E 388 -55.12 5.68 -7.77
C ARG E 388 -54.37 5.03 -8.93
N GLY E 389 -54.88 3.92 -9.46
CA GLY E 389 -54.15 3.27 -10.52
C GLY E 389 -54.75 1.95 -10.95
N PRO E 390 -54.07 1.27 -11.88
CA PRO E 390 -54.53 0.01 -12.49
C PRO E 390 -54.55 -1.16 -11.52
N TYR E 391 -53.57 -1.24 -10.63
CA TYR E 391 -53.58 -2.26 -9.59
C TYR E 391 -53.93 -1.78 -8.17
N THR E 392 -54.28 -0.49 -8.02
CA THR E 392 -54.72 0.02 -6.71
C THR E 392 -56.25 -0.02 -6.56
N PHE E 393 -56.74 -0.71 -5.53
CA PHE E 393 -58.17 -1.01 -5.38
C PHE E 393 -59.02 0.20 -5.13
N ARG E 394 -60.32 0.07 -5.38
CA ARG E 394 -61.23 1.18 -5.20
C ARG E 394 -62.02 1.22 -3.90
N GLY E 395 -61.87 0.19 -3.07
CA GLY E 395 -62.42 0.25 -1.73
C GLY E 395 -62.35 -1.08 -0.99
N TYR E 396 -62.45 -1.01 0.33
CA TYR E 396 -62.43 -2.21 1.17
C TYR E 396 -63.72 -3.01 1.03
N TYR E 397 -63.65 -4.29 1.41
CA TYR E 397 -64.76 -5.21 1.29
C TYR E 397 -65.75 -5.00 2.42
N LYS E 398 -67.01 -4.73 2.02
CA LYS E 398 -68.08 -4.55 2.97
C LYS E 398 -67.68 -3.66 4.16
N SER E 399 -67.05 -2.52 3.87
CA SER E 399 -66.67 -1.59 4.91
C SER E 399 -66.95 -0.15 4.49
N PRO E 400 -68.23 0.16 4.24
CA PRO E 400 -68.63 1.48 3.74
C PRO E 400 -68.19 2.62 4.66
N GLN E 401 -68.25 2.35 5.97
CA GLN E 401 -67.92 3.35 6.97
C GLN E 401 -66.48 3.82 6.79
N HIS E 402 -65.55 2.86 6.70
CA HIS E 402 -64.13 3.20 6.58
C HIS E 402 -63.84 3.77 5.18
N ASN E 403 -64.46 3.17 4.16
CA ASN E 403 -64.25 3.57 2.77
C ASN E 403 -64.42 5.06 2.56
N ALA E 404 -65.40 5.61 3.26
CA ALA E 404 -65.69 7.04 3.21
C ALA E 404 -64.46 7.89 3.59
N SER E 405 -63.74 7.46 4.60
CA SER E 405 -62.58 8.21 5.08
C SER E 405 -61.28 7.88 4.35
N ALA E 406 -61.22 6.75 3.66
CA ALA E 406 -59.96 6.31 3.03
C ALA E 406 -59.79 6.75 1.58
N PHE E 407 -60.86 7.27 0.99
CA PHE E 407 -60.82 7.76 -0.39
C PHE E 407 -61.39 9.17 -0.51
N ASP E 408 -60.70 10.04 -1.23
CA ASP E 408 -61.28 11.35 -1.49
C ASP E 408 -62.37 11.16 -2.54
N ALA E 409 -63.04 12.26 -2.90
CA ALA E 409 -64.18 12.18 -3.82
C ALA E 409 -63.78 11.73 -5.24
N ASN E 410 -62.49 11.75 -5.53
CA ASN E 410 -62.00 11.38 -6.86
C ASN E 410 -61.51 9.96 -7.04
N GLY E 411 -61.53 9.18 -5.96
CA GLY E 411 -61.10 7.79 -6.03
C GLY E 411 -59.64 7.56 -5.72
N PHE E 412 -58.98 8.62 -5.23
CA PHE E 412 -57.59 8.51 -4.80
C PHE E 412 -57.56 7.92 -3.41
N TYR E 413 -56.82 6.83 -3.25
CA TYR E 413 -56.64 6.22 -1.95
C TYR E 413 -55.58 7.00 -1.18
N CYS E 414 -55.72 7.01 0.14
CA CYS E 414 -54.72 7.63 0.99
C CYS E 414 -54.10 6.59 1.91
N SER E 415 -52.79 6.43 1.82
CA SER E 415 -52.11 5.37 2.55
C SER E 415 -51.83 5.75 4.00
N GLY E 416 -51.91 7.05 4.29
CA GLY E 416 -51.61 7.55 5.62
C GLY E 416 -50.12 7.74 5.80
N ASP E 417 -49.40 7.71 4.69
CA ASP E 417 -47.97 7.90 4.72
C ASP E 417 -47.63 9.33 4.41
N LEU E 418 -46.60 9.85 5.08
CA LEU E 418 -46.06 11.16 4.73
C LEU E 418 -44.87 10.97 3.83
N ILE E 419 -44.92 11.55 2.63
CA ILE E 419 -43.83 11.38 1.69
C ILE E 419 -43.41 12.72 1.14
N SER E 420 -42.36 12.71 0.31
CA SER E 420 -41.92 13.89 -0.42
C SER E 420 -41.41 13.39 -1.76
N ILE E 421 -41.51 14.21 -2.80
CA ILE E 421 -41.05 13.79 -4.13
C ILE E 421 -39.85 14.56 -4.67
N ASP E 422 -38.88 13.81 -5.19
CA ASP E 422 -37.70 14.37 -5.84
C ASP E 422 -38.10 15.22 -7.02
N PRO E 423 -37.20 16.13 -7.40
CA PRO E 423 -37.25 16.71 -8.75
C PRO E 423 -37.16 15.62 -9.83
N GLU E 424 -36.54 14.47 -9.50
CA GLU E 424 -36.46 13.35 -10.45
C GLU E 424 -37.71 12.48 -10.45
N GLY E 425 -38.61 12.75 -9.50
CA GLY E 425 -39.88 12.02 -9.41
C GLY E 425 -39.83 10.79 -8.53
N TYR E 426 -38.78 10.68 -7.73
CA TYR E 426 -38.58 9.57 -6.79
C TYR E 426 -39.20 9.87 -5.44
N ILE E 427 -39.83 8.86 -4.83
CA ILE E 427 -40.50 9.06 -3.55
C ILE E 427 -39.62 8.73 -2.34
N THR E 428 -39.73 9.55 -1.29
CA THR E 428 -39.05 9.27 -0.01
C THR E 428 -40.04 9.30 1.18
N VAL E 429 -39.98 8.27 2.03
CA VAL E 429 -40.97 8.13 3.11
C VAL E 429 -40.58 8.95 4.35
N GLN E 430 -41.44 9.90 4.73
CA GLN E 430 -41.19 10.82 5.85
C GLN E 430 -41.93 10.68 7.21
N GLY E 431 -42.90 9.78 7.35
CA GLY E 431 -43.89 9.94 8.41
C GLY E 431 -45.18 9.11 8.28
N ARG E 432 -46.28 9.58 8.87
CA ARG E 432 -47.56 8.82 8.87
C ARG E 432 -48.81 9.50 9.51
N GLU E 433 -49.99 8.92 9.23
CA GLU E 433 -51.29 9.39 9.75
C GLU E 433 -52.12 8.27 10.40
N LYS E 434 -52.42 7.21 9.65
CA LYS E 434 -53.33 6.13 10.11
C LYS E 434 -52.91 5.78 11.55
N ASP E 435 -53.84 5.35 12.41
CA ASP E 435 -53.39 4.92 13.73
C ASP E 435 -53.04 3.47 13.45
N GLN E 436 -51.77 3.27 13.13
CA GLN E 436 -51.28 1.97 12.74
C GLN E 436 -49.81 1.96 13.11
N ILE E 437 -49.34 0.85 13.65
CA ILE E 437 -47.96 0.73 14.05
C ILE E 437 -47.30 -0.29 13.13
N ASN E 438 -46.12 0.05 12.62
CA ASN E 438 -45.47 -0.81 11.66
C ASN E 438 -44.25 -1.44 12.28
N ARG E 439 -44.39 -2.70 12.68
CA ARG E 439 -43.40 -3.35 13.52
C ARG E 439 -42.68 -4.47 12.80
N GLY E 440 -41.46 -4.20 12.39
CA GLY E 440 -40.74 -5.11 11.53
C GLY E 440 -41.51 -5.35 10.23
N GLY E 441 -42.42 -4.42 9.91
CA GLY E 441 -43.24 -4.49 8.71
C GLY E 441 -44.49 -5.32 8.86
N GLU E 442 -44.83 -5.63 10.10
CA GLU E 442 -46.13 -6.22 10.40
C GLU E 442 -47.03 -5.10 10.91
N LYS E 443 -48.14 -4.85 10.23
CA LYS E 443 -49.02 -3.76 10.66
C LYS E 443 -49.81 -4.17 11.94
N ILE E 444 -49.98 -3.23 12.87
CA ILE E 444 -50.72 -3.44 14.11
C ILE E 444 -51.72 -2.33 14.29
N ALA E 445 -53.01 -2.65 14.38
CA ALA E 445 -54.03 -1.61 14.45
C ALA E 445 -54.16 -1.09 15.88
N ALA E 446 -53.98 0.21 16.06
CA ALA E 446 -53.87 0.76 17.39
C ALA E 446 -55.15 0.55 18.14
N GLU E 447 -56.27 0.80 17.46
CA GLU E 447 -57.56 0.73 18.10
C GLU E 447 -57.91 -0.71 18.48
N GLU E 448 -57.49 -1.66 17.66
CA GLU E 448 -57.76 -3.06 17.95
C GLU E 448 -57.18 -3.46 19.29
N ILE E 449 -55.99 -2.93 19.57
CA ILE E 449 -55.29 -3.26 20.79
C ILE E 449 -55.78 -2.44 21.98
N GLU E 450 -56.08 -1.17 21.74
CA GLU E 450 -56.65 -0.34 22.80
C GLU E 450 -57.91 -1.00 23.33
N ASN E 451 -58.74 -1.51 22.44
CA ASN E 451 -60.03 -2.11 22.83
C ASN E 451 -59.85 -3.36 23.66
N LEU E 452 -58.75 -4.05 23.46
CA LEU E 452 -58.41 -5.21 24.29
C LEU E 452 -57.92 -4.76 25.67
N LEU E 453 -57.08 -3.72 25.69
CA LEU E 453 -56.59 -3.17 26.93
C LEU E 453 -57.72 -2.70 27.84
N LEU E 454 -58.76 -2.14 27.24
CA LEU E 454 -59.93 -1.65 27.98
C LEU E 454 -60.77 -2.78 28.56
N ARG E 455 -60.45 -4.00 28.14
CA ARG E 455 -61.12 -5.20 28.65
C ARG E 455 -60.57 -5.52 30.04
N HIS E 456 -59.45 -4.91 30.37
CA HIS E 456 -58.83 -5.09 31.68
C HIS E 456 -59.49 -4.19 32.71
N PRO E 457 -59.70 -4.71 33.93
CA PRO E 457 -60.45 -4.04 34.99
C PRO E 457 -59.80 -2.73 35.46
N ALA E 458 -58.47 -2.70 35.52
CA ALA E 458 -57.74 -1.55 36.05
C ALA E 458 -57.40 -0.51 35.00
N VAL E 459 -57.80 -0.74 33.76
CA VAL E 459 -57.47 0.21 32.72
C VAL E 459 -58.66 1.12 32.48
N ILE E 460 -58.42 2.43 32.62
CA ILE E 460 -59.46 3.44 32.36
C ILE E 460 -59.38 3.96 30.92
N TYR E 461 -58.23 4.52 30.55
CA TYR E 461 -58.00 5.04 29.21
C TYR E 461 -56.75 4.39 28.62
N ALA E 462 -56.77 4.11 27.32
CA ALA E 462 -55.67 3.39 26.69
C ALA E 462 -55.31 3.99 25.36
N ALA E 463 -54.02 4.02 25.08
CA ALA E 463 -53.56 4.55 23.80
C ALA E 463 -52.34 3.77 23.35
N LEU E 464 -52.29 3.42 22.08
CA LEU E 464 -51.13 2.72 21.57
C LEU E 464 -50.50 3.61 20.51
N VAL E 465 -49.21 3.86 20.67
CA VAL E 465 -48.46 4.67 19.72
C VAL E 465 -47.18 3.96 19.31
N SER E 466 -46.64 4.30 18.14
CA SER E 466 -45.37 3.73 17.74
C SER E 466 -44.23 4.40 18.52
N MET E 467 -43.06 3.77 18.53
CA MET E 467 -41.85 4.38 19.06
C MET E 467 -40.64 3.85 18.32
N GLU E 468 -39.58 4.66 18.23
CA GLU E 468 -38.38 4.31 17.46
C GLU E 468 -37.66 3.09 18.05
N ASP E 469 -37.16 2.22 17.18
CA ASP E 469 -36.22 1.17 17.60
C ASP E 469 -35.18 1.00 16.49
N GLU E 470 -33.91 0.94 16.85
CA GLU E 470 -32.85 0.87 15.86
C GLU E 470 -33.05 -0.37 15.00
N LEU E 471 -33.42 -1.46 15.65
CA LEU E 471 -33.53 -2.76 14.98
C LEU E 471 -34.89 -3.04 14.31
N MET E 472 -35.96 -3.11 15.11
CA MET E 472 -37.33 -3.33 14.62
C MET E 472 -37.82 -2.23 13.68
N GLY E 473 -37.30 -1.04 13.89
CA GLY E 473 -37.60 0.18 13.16
C GLY E 473 -38.74 0.94 13.81
N GLU E 474 -39.65 0.21 14.45
CA GLU E 474 -40.74 0.77 15.25
C GLU E 474 -41.11 -0.28 16.26
N LYS E 475 -41.55 0.15 17.43
CA LYS E 475 -42.10 -0.79 18.41
C LYS E 475 -43.36 -0.21 19.02
N SER E 476 -44.25 -1.06 19.52
CA SER E 476 -45.46 -0.58 20.15
C SER E 476 -45.22 -0.16 21.58
N CYS E 477 -45.78 0.99 21.95
CA CYS E 477 -45.76 1.42 23.34
C CYS E 477 -47.17 1.78 23.78
N ALA E 478 -47.63 1.17 24.86
CA ALA E 478 -48.97 1.42 25.36
C ALA E 478 -48.99 2.38 26.55
N TYR E 479 -49.72 3.49 26.42
CA TYR E 479 -49.85 4.43 27.54
C TYR E 479 -51.20 4.20 28.19
N LEU E 480 -51.18 3.97 29.51
CA LEU E 480 -52.39 3.64 30.24
C LEU E 480 -52.66 4.59 31.40
N VAL E 481 -53.93 4.85 31.66
CA VAL E 481 -54.33 5.49 32.92
C VAL E 481 -55.06 4.45 33.76
N VAL E 482 -54.61 4.31 35.01
CA VAL E 482 -54.93 3.13 35.78
C VAL E 482 -55.54 3.35 37.16
N LYS E 483 -56.46 2.45 37.55
CA LYS E 483 -56.99 2.40 38.92
C LYS E 483 -55.90 1.92 39.90
N GLU E 484 -55.51 0.64 39.80
CA GLU E 484 -54.43 0.06 40.59
C GLU E 484 -53.22 -0.24 39.70
N PRO E 485 -52.00 0.20 40.11
CA PRO E 485 -50.88 0.30 39.16
C PRO E 485 -50.44 -1.04 38.56
N LEU E 486 -50.24 -1.04 37.24
CA LEU E 486 -49.97 -2.26 36.45
C LEU E 486 -48.51 -2.28 35.93
N ARG E 487 -47.95 -3.48 35.82
CA ARG E 487 -46.58 -3.65 35.36
C ARG E 487 -46.60 -4.25 33.95
N ALA E 488 -45.65 -3.87 33.11
CA ALA E 488 -45.67 -4.27 31.70
C ALA E 488 -45.94 -5.78 31.50
N VAL E 489 -45.22 -6.58 32.26
CA VAL E 489 -45.39 -8.02 32.22
C VAL E 489 -46.85 -8.46 32.33
N GLN E 490 -47.57 -7.91 33.31
CA GLN E 490 -48.96 -8.27 33.51
C GLN E 490 -49.81 -7.91 32.29
N VAL E 491 -49.45 -6.79 31.63
CA VAL E 491 -50.22 -6.33 30.49
C VAL E 491 -49.99 -7.27 29.34
N ARG E 492 -48.73 -7.47 29.02
CA ARG E 492 -48.38 -8.39 27.94
C ARG E 492 -49.05 -9.74 28.18
N ARG E 493 -48.93 -10.24 29.40
CA ARG E 493 -49.55 -11.49 29.81
C ARG E 493 -51.08 -11.45 29.64
N PHE E 494 -51.71 -10.35 30.07
CA PHE E 494 -53.17 -10.23 29.99
C PHE E 494 -53.63 -10.27 28.56
N LEU E 495 -52.94 -9.50 27.73
CA LEU E 495 -53.22 -9.45 26.31
C LEU E 495 -52.98 -10.80 25.65
N ARG E 496 -51.89 -11.47 26.02
CA ARG E 496 -51.65 -12.80 25.48
C ARG E 496 -52.84 -13.73 25.69
N GLU E 497 -53.37 -13.76 26.91
CA GLU E 497 -54.54 -14.58 27.25
C GLU E 497 -55.76 -14.23 26.37
N GLN E 498 -55.74 -13.05 25.76
CA GLN E 498 -56.85 -12.62 24.90
C GLN E 498 -56.83 -13.29 23.54
N GLY E 499 -55.78 -14.09 23.32
CA GLY E 499 -55.64 -14.83 22.08
C GLY E 499 -55.36 -13.94 20.88
N ILE E 500 -54.26 -13.22 20.93
CA ILE E 500 -53.82 -12.43 19.79
C ILE E 500 -52.40 -12.78 19.38
N ALA E 501 -52.04 -12.38 18.17
CA ALA E 501 -50.74 -12.67 17.61
C ALA E 501 -49.68 -12.09 18.52
N GLU E 502 -48.62 -12.86 18.73
CA GLU E 502 -47.58 -12.50 19.69
C GLU E 502 -46.94 -11.09 19.51
N PHE E 503 -46.90 -10.59 18.26
CA PHE E 503 -46.19 -9.33 17.98
C PHE E 503 -47.05 -8.12 18.28
N LYS E 504 -48.30 -8.37 18.62
CA LYS E 504 -49.20 -7.32 19.06
C LYS E 504 -48.99 -6.92 20.54
N LEU E 505 -48.47 -7.86 21.35
CA LEU E 505 -48.08 -7.55 22.71
C LEU E 505 -47.08 -6.41 22.72
N PRO E 506 -47.41 -5.33 23.44
CA PRO E 506 -46.70 -4.05 23.46
C PRO E 506 -45.27 -4.22 23.98
N ASP E 507 -44.31 -3.50 23.40
CA ASP E 507 -42.92 -3.70 23.81
C ASP E 507 -42.59 -2.87 25.04
N ARG E 508 -43.42 -1.88 25.31
CA ARG E 508 -43.21 -1.03 26.46
C ARG E 508 -44.57 -0.59 26.96
N VAL E 509 -44.70 -0.51 28.27
CA VAL E 509 -45.93 0.02 28.86
C VAL E 509 -45.59 1.11 29.86
N GLU E 510 -46.31 2.23 29.74
CA GLU E 510 -46.10 3.38 30.61
C GLU E 510 -47.42 3.81 31.25
N CYS E 511 -47.51 3.66 32.56
CA CYS E 511 -48.67 4.17 33.27
C CYS E 511 -48.48 5.66 33.53
N VAL E 512 -49.50 6.45 33.22
CA VAL E 512 -49.44 7.92 33.33
C VAL E 512 -50.66 8.48 34.07
N ASP E 513 -50.59 9.75 34.44
CA ASP E 513 -51.62 10.33 35.33
C ASP E 513 -52.85 10.68 34.56
N SER E 514 -52.65 10.99 33.29
CA SER E 514 -53.73 11.48 32.45
C SER E 514 -53.45 11.31 30.96
N LEU E 515 -54.52 11.27 30.17
CA LEU E 515 -54.38 11.21 28.72
C LEU E 515 -55.40 12.13 28.07
N PRO E 516 -55.03 12.71 26.93
CA PRO E 516 -55.91 13.64 26.21
C PRO E 516 -57.16 12.94 25.76
N LEU E 517 -58.34 13.45 26.12
CA LEU E 517 -59.59 12.81 25.69
C LEU E 517 -60.49 13.67 24.87
N THR E 518 -61.20 12.92 24.02
CA THR E 518 -61.95 13.45 22.89
C THR E 518 -63.41 13.09 23.02
N ALA E 519 -64.19 13.55 22.04
CA ALA E 519 -65.66 13.56 22.12
C ALA E 519 -66.31 12.21 22.44
N VAL E 520 -65.86 11.16 21.78
CA VAL E 520 -66.51 9.87 21.93
C VAL E 520 -66.09 9.13 23.22
N GLY E 521 -65.17 9.72 23.98
CA GLY E 521 -64.63 9.05 25.15
C GLY E 521 -63.30 8.38 24.82
N LYS E 522 -62.91 8.44 23.54
CA LYS E 522 -61.68 7.80 23.07
C LYS E 522 -60.48 8.72 23.27
N VAL E 523 -59.35 8.36 22.69
CA VAL E 523 -58.11 9.05 23.00
C VAL E 523 -57.59 9.76 21.77
N ASP E 524 -57.34 11.06 21.87
CA ASP E 524 -57.16 11.79 20.64
C ASP E 524 -55.70 11.58 20.30
N LYS E 525 -55.50 10.67 19.36
CA LYS E 525 -54.16 10.13 19.17
C LYS E 525 -53.34 11.14 18.37
N LYS E 526 -54.00 11.89 17.51
CA LYS E 526 -53.29 12.86 16.71
C LYS E 526 -52.56 13.81 17.67
N GLN E 527 -53.31 14.29 18.66
CA GLN E 527 -52.79 15.18 19.68
C GLN E 527 -51.71 14.48 20.48
N LEU E 528 -52.06 13.37 21.10
CA LEU E 528 -51.09 12.58 21.86
C LEU E 528 -49.80 12.30 21.11
N ARG E 529 -49.89 11.94 19.82
CA ARG E 529 -48.71 11.60 19.05
C ARG E 529 -47.84 12.87 18.95
N GLN E 530 -48.53 14.01 18.93
CA GLN E 530 -47.93 15.31 18.74
C GLN E 530 -47.25 15.89 20.01
N TRP E 531 -47.83 15.59 21.17
CA TRP E 531 -47.30 16.06 22.46
C TRP E 531 -46.01 15.33 22.76
N LEU E 532 -46.00 14.04 22.42
CA LEU E 532 -44.82 13.19 22.51
C LEU E 532 -43.76 13.78 21.62
N ALA E 533 -44.16 14.07 20.39
CA ALA E 533 -43.31 14.68 19.41
C ALA E 533 -42.63 15.89 19.98
N SER E 534 -43.39 16.77 20.63
CA SER E 534 -42.78 17.94 21.23
C SER E 534 -41.82 17.59 22.38
N ARG E 535 -42.26 16.69 23.26
CA ARG E 535 -41.46 16.34 24.43
C ARG E 535 -40.09 15.90 23.96
N ALA E 536 -40.10 14.97 23.00
CA ALA E 536 -38.88 14.35 22.48
C ALA E 536 -38.09 15.24 21.49
N SER E 537 -38.74 16.26 20.97
CA SER E 537 -38.05 17.26 20.15
C SER E 537 -37.34 18.20 21.09
N ALA E 538 -37.92 18.35 22.28
CA ALA E 538 -37.38 19.27 23.26
C ALA E 538 -36.21 18.62 23.96
N GLY E 539 -36.22 17.29 23.96
CA GLY E 539 -35.14 16.51 24.55
C GLY E 539 -33.90 16.53 23.67
N ARG E 540 -34.10 16.27 22.38
CA ARG E 540 -33.02 16.35 21.41
C ARG E 540 -32.37 17.75 21.42
N ALA E 541 -33.13 18.75 21.87
CA ALA E 541 -32.62 20.12 22.07
C ALA E 541 -32.25 20.48 23.53
N SER E 542 -32.35 19.53 24.45
CA SER E 542 -32.14 19.81 25.86
C SER E 542 -30.70 20.19 26.16
N ILE E 543 -30.48 20.88 27.26
CA ILE E 543 -29.13 20.95 27.79
C ILE E 543 -29.13 20.58 29.24
N PRO E 544 -28.10 19.85 29.65
CA PRO E 544 -28.03 19.21 30.97
C PRO E 544 -28.45 20.18 32.05
N ALA E 545 -29.36 19.72 32.90
CA ALA E 545 -29.97 20.57 33.92
C ALA E 545 -29.17 20.56 35.21
N SER E 546 -28.26 19.60 35.32
CA SER E 546 -27.44 19.47 36.53
C SER E 546 -25.96 19.24 36.21
N LYS E 547 -25.13 19.46 37.21
CA LYS E 547 -23.71 19.25 37.05
C LYS E 547 -23.41 17.77 37.00
N ALA E 548 -24.17 16.99 37.75
CA ALA E 548 -24.05 15.54 37.75
C ALA E 548 -24.64 14.91 36.47
N ALA E 549 -25.56 15.62 35.83
CA ALA E 549 -26.13 15.16 34.57
C ALA E 549 -25.15 15.45 33.44
N LEU E 550 -24.33 16.48 33.64
CA LEU E 550 -23.29 16.86 32.69
C LEU E 550 -22.13 15.87 32.75
N ARG E 551 -21.80 15.41 33.96
CA ARG E 551 -20.79 14.36 34.13
C ARG E 551 -21.23 13.12 33.38
N GLU E 552 -22.51 12.79 33.48
CA GLU E 552 -23.02 11.59 32.86
C GLU E 552 -22.81 11.64 31.34
N VAL E 553 -22.87 12.84 30.77
CA VAL E 553 -22.73 13.03 29.32
C VAL E 553 -21.28 13.01 28.85
N ILE E 554 -20.38 13.48 29.70
CA ILE E 554 -18.97 13.57 29.38
C ILE E 554 -18.23 12.21 29.51
N LEU E 555 -18.51 11.46 30.57
CA LEU E 555 -17.75 10.24 30.90
C LEU E 555 -17.52 9.27 29.75
N PRO E 556 -18.58 8.98 28.98
CA PRO E 556 -18.45 8.10 27.79
C PRO E 556 -17.52 8.65 26.73
N LEU E 557 -17.12 9.91 26.80
CA LEU E 557 -16.22 10.49 25.81
C LEU E 557 -14.75 10.39 26.20
N LEU E 558 -14.49 9.96 27.43
CA LEU E 558 -13.13 9.90 27.95
C LEU E 558 -12.67 8.47 28.00
N ASP E 559 -11.46 8.28 28.52
CA ASP E 559 -10.93 6.94 28.75
C ASP E 559 -11.81 6.33 29.79
N GLU E 560 -12.29 5.12 29.51
CA GLU E 560 -13.04 4.35 30.50
C GLU E 560 -12.20 4.09 31.77
N SER E 561 -10.87 4.16 31.61
CA SER E 561 -9.93 3.85 32.70
C SER E 561 -10.08 4.66 34.01
N ASP E 562 -10.28 5.96 33.92
CA ASP E 562 -10.26 6.81 35.12
C ASP E 562 -11.49 7.72 35.18
N GLU E 563 -11.73 8.33 36.33
CA GLU E 563 -12.74 9.37 36.38
C GLU E 563 -12.10 10.65 36.90
N PRO E 564 -12.43 11.77 36.27
CA PRO E 564 -11.87 13.07 36.57
C PRO E 564 -12.54 13.80 37.74
N PHE E 565 -11.77 14.61 38.46
CA PHE E 565 -12.35 15.53 39.43
C PHE E 565 -12.94 16.69 38.64
N ASP E 566 -13.99 17.30 39.19
CA ASP E 566 -14.70 18.33 38.46
C ASP E 566 -13.76 19.41 37.89
N ASP E 567 -12.63 19.67 38.55
CA ASP E 567 -11.70 20.72 38.09
C ASP E 567 -10.50 20.24 37.24
N ASP E 568 -10.44 18.93 36.98
CA ASP E 568 -9.39 18.34 36.15
C ASP E 568 -9.53 18.76 34.70
N ASN E 569 -8.41 18.85 33.97
CA ASN E 569 -8.47 19.11 32.53
C ASN E 569 -8.88 17.84 31.78
N LEU E 570 -10.00 17.92 31.07
CA LEU E 570 -10.61 16.76 30.42
C LEU E 570 -9.83 16.16 29.24
N ILE E 571 -8.88 16.92 28.70
CA ILE E 571 -7.98 16.40 27.67
C ILE E 571 -7.03 15.33 28.24
N ASP E 572 -6.61 15.52 29.48
CA ASP E 572 -5.74 14.56 30.15
C ASP E 572 -6.48 13.25 30.36
N TYR E 573 -7.81 13.33 30.28
CA TYR E 573 -8.66 12.15 30.38
C TYR E 573 -9.12 11.57 29.03
N GLY E 574 -8.60 12.13 27.94
CA GLY E 574 -8.71 11.51 26.62
C GLY E 574 -9.85 12.01 25.77
N LEU E 575 -10.45 13.13 26.17
CA LEU E 575 -11.48 13.78 25.38
C LEU E 575 -10.85 14.51 24.19
N ASP E 576 -11.23 14.10 22.99
CA ASP E 576 -10.63 14.62 21.76
C ASP E 576 -11.33 15.87 21.19
N SER E 577 -10.57 16.76 20.60
CA SER E 577 -11.11 18.02 20.10
C SER E 577 -12.37 17.89 19.25
N VAL E 578 -12.51 16.82 18.46
CA VAL E 578 -13.69 16.72 17.61
C VAL E 578 -14.98 16.51 18.41
N ARG E 579 -14.98 15.55 19.34
CA ARG E 579 -16.15 15.36 20.23
C ARG E 579 -16.48 16.65 20.98
N MET E 580 -15.45 17.44 21.25
CA MET E 580 -15.63 18.69 21.96
C MET E 580 -16.38 19.68 21.10
N MET E 581 -15.94 19.83 19.86
CA MET E 581 -16.61 20.71 18.91
C MET E 581 -18.10 20.42 18.85
N ALA E 582 -18.41 19.14 18.81
CA ALA E 582 -19.78 18.66 18.74
C ALA E 582 -20.57 19.06 19.98
N LEU E 583 -20.01 18.85 21.16
CA LEU E 583 -20.67 19.26 22.40
C LEU E 583 -20.95 20.76 22.35
N ALA E 584 -19.98 21.53 21.89
CA ALA E 584 -20.15 22.97 21.73
C ALA E 584 -21.35 23.28 20.87
N ALA E 585 -21.43 22.61 19.73
CA ALA E 585 -22.55 22.77 18.81
C ALA E 585 -23.90 22.47 19.46
N ARG E 586 -23.99 21.36 20.18
CA ARG E 586 -25.23 20.99 20.86
C ARG E 586 -25.63 21.98 21.95
N TRP E 587 -24.65 22.56 22.62
CA TRP E 587 -24.92 23.54 23.66
C TRP E 587 -25.17 24.97 23.15
N ARG E 588 -24.73 25.26 21.94
CA ARG E 588 -24.87 26.60 21.38
C ARG E 588 -26.35 26.89 21.12
N LYS E 589 -27.10 25.82 20.88
CA LYS E 589 -28.51 25.92 20.58
C LYS E 589 -29.29 26.41 21.80
N VAL E 590 -28.62 26.50 22.94
CA VAL E 590 -29.22 27.05 24.16
C VAL E 590 -28.55 28.36 24.60
N HIS E 591 -27.25 28.31 24.89
CA HIS E 591 -26.47 29.55 25.07
C HIS E 591 -25.69 29.75 23.80
N GLY E 592 -26.09 30.73 23.00
CA GLY E 592 -25.56 30.91 21.67
C GLY E 592 -24.22 31.62 21.59
N ASP E 593 -23.60 31.88 22.75
CA ASP E 593 -22.27 32.49 22.78
C ASP E 593 -21.18 31.40 22.85
N ILE E 594 -21.61 30.16 23.06
CA ILE E 594 -20.71 29.01 23.19
C ILE E 594 -20.29 28.51 21.82
N ASP E 595 -18.98 28.46 21.59
CA ASP E 595 -18.38 27.90 20.38
C ASP E 595 -17.34 26.85 20.80
N PHE E 596 -16.61 26.31 19.83
CA PHE E 596 -15.54 25.38 20.17
C PHE E 596 -14.44 26.04 21.01
N VAL E 597 -13.95 27.18 20.55
CA VAL E 597 -12.86 27.88 21.20
C VAL E 597 -13.10 28.13 22.69
N MET E 598 -14.33 28.47 23.05
CA MET E 598 -14.62 28.84 24.43
C MET E 598 -14.51 27.64 25.33
N LEU E 599 -15.09 26.53 24.88
CA LEU E 599 -15.05 25.27 25.64
C LEU E 599 -13.62 24.85 25.92
N ALA E 600 -12.78 24.94 24.89
CA ALA E 600 -11.40 24.46 24.98
C ALA E 600 -10.46 25.40 25.74
N LYS E 601 -10.80 26.69 25.82
CA LYS E 601 -9.96 27.62 26.55
C LYS E 601 -9.77 27.11 27.97
N ASN E 602 -10.84 26.65 28.60
CA ASN E 602 -10.73 25.98 29.91
C ASN E 602 -11.67 24.77 30.05
N PRO E 603 -11.20 23.60 29.62
CA PRO E 603 -12.01 22.38 29.50
C PRO E 603 -12.14 21.55 30.78
N THR E 604 -12.83 22.09 31.78
CA THR E 604 -13.08 21.33 33.00
C THR E 604 -14.59 21.19 33.15
N ILE E 605 -15.06 20.21 33.93
CA ILE E 605 -16.50 20.09 34.18
C ILE E 605 -17.05 21.28 34.94
N ASP E 606 -16.25 21.81 35.87
CA ASP E 606 -16.59 23.03 36.59
C ASP E 606 -16.84 24.19 35.64
N ALA E 607 -15.87 24.44 34.78
CA ALA E 607 -15.95 25.54 33.81
C ALA E 607 -17.18 25.47 32.92
N TRP E 608 -17.50 24.25 32.45
CA TRP E 608 -18.61 24.03 31.54
C TRP E 608 -19.95 24.06 32.24
N TRP E 609 -19.94 23.82 33.55
CA TRP E 609 -21.15 23.95 34.33
C TRP E 609 -21.45 25.41 34.61
N LYS E 610 -20.43 26.19 34.93
CA LYS E 610 -20.62 27.61 35.11
C LYS E 610 -21.21 28.24 33.84
N LEU E 611 -20.92 27.64 32.69
CA LEU E 611 -21.43 28.13 31.41
C LEU E 611 -22.85 27.74 31.08
N LEU E 612 -23.30 26.58 31.56
CA LEU E 612 -24.65 26.11 31.27
C LEU E 612 -25.61 26.54 32.36
N SER E 613 -25.06 27.28 33.33
CA SER E 613 -25.79 27.73 34.52
C SER E 613 -26.39 29.12 34.37
N ARG E 614 -26.02 29.80 33.30
CA ARG E 614 -26.45 31.19 33.10
C ARG E 614 -27.91 31.14 32.59
N GLU E 615 -28.45 32.24 32.09
CA GLU E 615 -29.88 32.20 31.71
C GLU E 615 -30.23 32.20 30.20
N SER F 4 -6.27 83.12 11.71
CA SER F 4 -7.52 83.38 12.42
C SER F 4 -8.81 83.61 11.56
N ILE F 5 -9.82 82.81 11.91
CA ILE F 5 -11.14 82.66 11.29
C ILE F 5 -12.21 83.60 11.89
N PRO F 6 -13.12 84.09 11.03
CA PRO F 6 -14.15 85.12 11.23
C PRO F 6 -15.40 84.68 12.01
N PHE F 7 -15.35 84.76 13.34
CA PHE F 7 -16.57 84.53 14.12
C PHE F 7 -16.94 85.76 14.94
N THR F 8 -18.20 85.80 15.38
CA THR F 8 -18.66 86.88 16.24
C THR F 8 -18.12 86.65 17.63
N ARG F 9 -17.41 87.64 18.15
CA ARG F 9 -16.77 87.49 19.45
C ARG F 9 -17.73 87.92 20.54
N TRP F 10 -17.29 87.74 21.79
CA TRP F 10 -18.07 88.15 22.94
C TRP F 10 -17.70 89.58 23.29
N PRO F 11 -18.68 90.38 23.75
CA PRO F 11 -18.38 91.72 24.23
C PRO F 11 -17.23 91.67 25.22
N GLU F 12 -16.31 92.64 25.13
CA GLU F 12 -15.11 92.66 25.98
C GLU F 12 -15.47 92.43 27.45
N GLU F 13 -16.57 93.06 27.88
CA GLU F 13 -17.02 92.96 29.27
C GLU F 13 -17.33 91.52 29.71
N PHE F 14 -17.87 90.72 28.80
CA PHE F 14 -18.23 89.34 29.11
C PHE F 14 -16.99 88.44 29.12
N ALA F 15 -16.10 88.63 28.14
CA ALA F 15 -14.84 87.89 28.10
C ALA F 15 -14.04 88.06 29.40
N ARG F 16 -14.21 89.20 30.05
CA ARG F 16 -13.58 89.43 31.34
C ARG F 16 -14.26 88.68 32.49
N ARG F 17 -15.58 88.79 32.57
CA ARG F 17 -16.33 88.12 33.63
C ARG F 17 -16.24 86.62 33.50
N TYR F 18 -16.12 86.12 32.27
CA TYR F 18 -16.06 84.67 32.07
C TYR F 18 -14.69 84.10 32.38
N ARG F 19 -13.63 84.90 32.22
CA ARG F 19 -12.30 84.48 32.69
C ARG F 19 -12.17 84.65 34.20
N GLU F 20 -12.64 85.80 34.71
CA GLU F 20 -12.57 86.09 36.13
C GLU F 20 -13.39 85.10 36.95
N LYS F 21 -14.49 84.60 36.39
CA LYS F 21 -15.35 83.67 37.14
C LYS F 21 -14.90 82.21 37.00
N GLY F 22 -13.83 81.97 36.24
CA GLY F 22 -13.25 80.64 36.09
C GLY F 22 -13.77 79.75 34.96
N TYR F 23 -14.75 80.27 34.23
CA TYR F 23 -15.35 79.58 33.12
C TYR F 23 -14.35 79.31 31.97
N TRP F 24 -13.74 80.36 31.42
CA TRP F 24 -12.74 80.19 30.36
C TRP F 24 -11.34 80.03 30.96
N GLN F 25 -10.75 78.85 30.77
CA GLN F 25 -9.43 78.55 31.32
C GLN F 25 -8.31 78.78 30.32
N ASP F 26 -8.65 79.32 29.15
CA ASP F 26 -7.68 79.60 28.09
C ASP F 26 -6.76 78.42 27.80
N LEU F 27 -7.36 77.22 27.80
CA LEU F 27 -6.63 76.01 27.46
C LEU F 27 -7.18 75.48 26.17
N PRO F 28 -6.33 74.80 25.37
CA PRO F 28 -6.75 74.17 24.12
C PRO F 28 -7.67 72.97 24.40
N LEU F 29 -8.56 72.64 23.47
CA LEU F 29 -9.39 71.46 23.64
C LEU F 29 -8.52 70.20 23.62
N THR F 30 -7.33 70.30 23.05
CA THR F 30 -6.43 69.16 22.98
C THR F 30 -6.04 68.75 24.38
N ASP F 31 -6.05 69.70 25.30
CA ASP F 31 -5.70 69.43 26.69
C ASP F 31 -6.52 68.26 27.24
N ILE F 32 -7.71 68.03 26.68
CA ILE F 32 -8.57 66.91 27.09
C ILE F 32 -7.94 65.54 26.87
N LEU F 33 -7.35 65.38 25.69
CA LEU F 33 -6.62 64.17 25.35
C LEU F 33 -5.18 64.15 25.90
N THR F 34 -4.57 65.33 25.97
CA THR F 34 -3.20 65.53 26.44
C THR F 34 -2.97 65.09 27.87
N ARG F 35 -3.89 65.42 28.77
CA ARG F 35 -3.81 65.02 30.18
C ARG F 35 -3.48 63.54 30.35
N HIS F 36 -4.11 62.73 29.49
CA HIS F 36 -4.04 61.28 29.56
C HIS F 36 -3.00 60.66 28.63
N ALA F 37 -2.18 61.51 27.99
CA ALA F 37 -1.24 61.05 26.98
C ALA F 37 -0.35 59.90 27.46
N ALA F 38 -0.09 59.84 28.76
CA ALA F 38 0.74 58.81 29.36
C ALA F 38 -0.03 57.62 29.95
N SER F 39 -1.36 57.68 29.92
CA SER F 39 -2.19 56.59 30.49
C SER F 39 -2.41 55.41 29.54
N ASP F 40 -2.35 54.20 30.11
CA ASP F 40 -2.57 52.99 29.32
C ASP F 40 -3.97 52.40 29.46
N SER F 41 -4.84 53.09 30.19
CA SER F 41 -6.23 52.65 30.27
C SER F 41 -7.00 52.90 28.97
N ILE F 42 -8.12 52.18 28.82
CA ILE F 42 -8.87 52.20 27.56
C ILE F 42 -9.76 53.41 27.35
N ALA F 43 -9.45 54.20 26.32
CA ALA F 43 -10.28 55.35 25.94
C ALA F 43 -11.47 54.98 25.05
N VAL F 44 -11.24 54.13 24.06
CA VAL F 44 -12.25 53.84 23.06
C VAL F 44 -12.35 52.37 22.75
N ILE F 45 -13.56 51.83 22.77
CA ILE F 45 -13.78 50.48 22.29
C ILE F 45 -14.66 50.53 21.08
N ASP F 46 -14.08 50.22 19.91
CA ASP F 46 -14.83 50.21 18.65
C ASP F 46 -14.83 48.80 18.10
N GLY F 47 -15.98 48.11 18.22
CA GLY F 47 -16.05 46.71 17.87
C GLY F 47 -15.09 45.87 18.70
N GLU F 48 -14.21 45.13 18.03
CA GLU F 48 -13.18 44.32 18.69
C GLU F 48 -11.94 45.12 19.13
N ARG F 49 -11.74 46.29 18.55
CA ARG F 49 -10.57 47.12 18.82
C ARG F 49 -10.72 47.91 20.13
N GLN F 50 -9.63 48.05 20.86
CA GLN F 50 -9.60 48.91 22.05
C GLN F 50 -8.34 49.79 22.03
N LEU F 51 -8.52 51.09 22.22
CA LEU F 51 -7.40 52.02 22.19
C LEU F 51 -7.17 52.68 23.55
N SER F 52 -5.93 52.66 24.00
CA SER F 52 -5.55 53.32 25.24
C SER F 52 -5.54 54.82 24.99
N TYR F 53 -5.58 55.63 26.04
CA TYR F 53 -5.41 57.06 25.85
C TYR F 53 -4.10 57.40 25.19
N ARG F 54 -3.04 56.67 25.56
CA ARG F 54 -1.74 56.86 24.96
C ARG F 54 -1.79 56.62 23.47
N GLU F 55 -2.43 55.51 23.08
CA GLU F 55 -2.59 55.16 21.66
C GLU F 55 -3.44 56.16 20.88
N LEU F 56 -4.54 56.58 21.51
CA LEU F 56 -5.48 57.53 20.91
C LEU F 56 -4.77 58.85 20.65
N ASN F 57 -4.14 59.39 21.70
CA ASN F 57 -3.35 60.61 21.57
C ASN F 57 -2.23 60.47 20.54
N GLN F 58 -1.56 59.31 20.56
CA GLN F 58 -0.52 59.03 19.58
C GLN F 58 -1.04 59.02 18.15
N ALA F 59 -2.14 58.30 17.92
CA ALA F 59 -2.76 58.25 16.60
C ALA F 59 -3.05 59.65 16.07
N ALA F 60 -3.51 60.53 16.95
CA ALA F 60 -3.85 61.90 16.60
C ALA F 60 -2.62 62.67 16.17
N ASP F 61 -1.54 62.53 16.95
CA ASP F 61 -0.26 63.15 16.62
C ASP F 61 0.19 62.68 15.25
N ASN F 62 0.12 61.38 15.01
CA ASN F 62 0.49 60.82 13.71
C ASN F 62 -0.29 61.40 12.52
N LEU F 63 -1.62 61.38 12.65
CA LEU F 63 -2.51 61.86 11.59
C LEU F 63 -2.37 63.34 11.35
N ALA F 64 -2.05 64.07 12.41
CA ALA F 64 -1.83 65.50 12.31
C ALA F 64 -0.49 65.80 11.65
N CYS F 65 0.54 65.04 12.06
CA CYS F 65 1.87 65.17 11.49
C CYS F 65 1.85 64.81 10.00
N SER F 66 1.20 63.69 9.69
CA SER F 66 1.06 63.24 8.32
C SER F 66 0.32 64.24 7.45
N LEU F 67 -0.62 64.97 8.06
CA LEU F 67 -1.39 66.00 7.35
C LEU F 67 -0.57 67.25 7.14
N ARG F 68 0.28 67.57 8.10
CA ARG F 68 1.16 68.74 8.00
C ARG F 68 2.13 68.52 6.84
N ARG F 69 2.62 67.29 6.74
CA ARG F 69 3.50 66.86 5.66
C ARG F 69 2.83 67.01 4.29
N GLN F 70 1.51 66.88 4.26
CA GLN F 70 0.79 66.99 3.00
C GLN F 70 0.44 68.46 2.71
N GLY F 71 0.92 69.36 3.55
CA GLY F 71 0.83 70.78 3.27
C GLY F 71 -0.40 71.49 3.81
N ILE F 72 -0.97 70.97 4.89
CA ILE F 72 -2.12 71.62 5.52
C ILE F 72 -1.62 72.63 6.55
N LYS F 73 -1.90 73.91 6.29
CA LYS F 73 -1.48 74.97 7.20
C LYS F 73 -2.54 75.30 8.25
N PRO F 74 -2.10 75.65 9.47
CA PRO F 74 -2.99 76.16 10.51
C PRO F 74 -3.83 77.31 9.99
N GLY F 75 -5.07 77.41 10.48
CA GLY F 75 -5.99 78.46 10.07
C GLY F 75 -6.98 77.99 9.02
N GLU F 76 -6.65 76.89 8.34
CA GLU F 76 -7.51 76.28 7.33
C GLU F 76 -8.67 75.48 7.92
N THR F 77 -9.66 75.17 7.08
CA THR F 77 -10.83 74.44 7.52
C THR F 77 -10.90 73.08 6.86
N ALA F 78 -11.64 72.16 7.48
CA ALA F 78 -11.82 70.84 6.89
C ALA F 78 -13.28 70.42 6.87
N LEU F 79 -13.57 69.39 6.08
CA LEU F 79 -14.87 68.76 6.08
C LEU F 79 -14.67 67.29 6.42
N VAL F 80 -15.22 66.87 7.54
CA VAL F 80 -15.04 65.48 7.96
C VAL F 80 -16.39 64.78 7.96
N GLN F 81 -16.47 63.63 7.32
CA GLN F 81 -17.67 62.83 7.43
C GLN F 81 -17.27 61.45 7.88
N LEU F 82 -17.51 61.16 9.15
CA LEU F 82 -17.17 59.87 9.73
C LEU F 82 -18.30 59.45 10.65
N GLY F 83 -18.50 58.14 10.75
CA GLY F 83 -19.60 57.59 11.50
C GLY F 83 -19.29 57.43 12.98
N ASN F 84 -19.87 56.43 13.62
CA ASN F 84 -19.52 56.28 15.01
C ASN F 84 -18.42 55.26 15.05
N VAL F 85 -17.23 55.72 14.72
CA VAL F 85 -16.06 54.87 14.67
C VAL F 85 -14.93 55.64 15.33
N ALA F 86 -13.94 54.93 15.85
CA ALA F 86 -12.85 55.59 16.55
C ALA F 86 -12.09 56.65 15.76
N GLU F 87 -11.95 56.43 14.45
CA GLU F 87 -11.26 57.36 13.56
C GLU F 87 -11.86 58.78 13.58
N LEU F 88 -13.14 58.88 13.97
CA LEU F 88 -13.76 60.18 14.15
C LEU F 88 -13.07 60.95 15.29
N TYR F 89 -12.97 60.31 16.45
CA TYR F 89 -12.34 60.95 17.58
C TYR F 89 -10.86 61.23 17.30
N ILE F 90 -10.19 60.33 16.61
CA ILE F 90 -8.79 60.56 16.23
C ILE F 90 -8.65 61.76 15.32
N THR F 91 -9.48 61.81 14.29
CA THR F 91 -9.47 62.89 13.31
C THR F 91 -9.74 64.23 13.97
N PHE F 92 -10.65 64.18 14.93
CA PHE F 92 -11.08 65.39 15.60
C PHE F 92 -9.89 65.99 16.31
N PHE F 93 -9.21 65.18 17.13
CA PHE F 93 -8.05 65.65 17.86
C PHE F 93 -6.84 65.90 16.96
N ALA F 94 -6.71 65.13 15.90
CA ALA F 94 -5.67 65.39 14.92
C ALA F 94 -5.80 66.80 14.36
N LEU F 95 -7.02 67.17 13.96
CA LEU F 95 -7.27 68.49 13.41
C LEU F 95 -7.18 69.62 14.46
N LEU F 96 -7.42 69.29 15.72
CA LEU F 96 -7.32 70.27 16.79
C LEU F 96 -5.85 70.58 17.06
N LYS F 97 -5.03 69.54 16.97
CA LYS F 97 -3.58 69.62 17.16
C LYS F 97 -2.91 70.45 16.04
N LEU F 98 -3.48 70.42 14.85
CA LEU F 98 -2.93 71.17 13.71
C LEU F 98 -3.26 72.67 13.68
N GLY F 99 -4.41 73.03 14.24
CA GLY F 99 -4.91 74.40 14.21
C GLY F 99 -6.02 74.56 13.20
N VAL F 100 -6.46 73.44 12.66
CA VAL F 100 -7.54 73.39 11.69
C VAL F 100 -8.93 73.31 12.37
N ALA F 101 -9.94 73.90 11.71
CA ALA F 101 -11.31 73.84 12.18
C ALA F 101 -12.18 73.02 11.22
N PRO F 102 -12.59 71.82 11.65
CA PRO F 102 -13.41 70.99 10.78
C PRO F 102 -14.91 71.22 10.98
N VAL F 103 -15.71 70.61 10.12
CA VAL F 103 -17.14 70.47 10.32
C VAL F 103 -17.34 68.98 10.43
N LEU F 104 -17.98 68.52 11.50
CA LEU F 104 -18.23 67.11 11.58
C LEU F 104 -19.61 66.88 11.02
N ALA F 105 -19.62 66.34 9.79
CA ALA F 105 -20.83 66.06 9.06
C ALA F 105 -21.40 64.74 9.50
N LEU F 106 -22.72 64.66 9.48
CA LEU F 106 -23.39 63.42 9.79
C LEU F 106 -23.09 62.43 8.71
N PHE F 107 -22.99 61.16 9.08
CA PHE F 107 -22.77 60.13 8.11
C PHE F 107 -23.98 59.95 7.19
N SER F 108 -25.15 60.38 7.68
CA SER F 108 -26.41 60.22 6.94
C SER F 108 -26.54 61.26 5.87
N HIS F 109 -25.69 62.29 5.95
CA HIS F 109 -25.72 63.38 4.96
C HIS F 109 -25.33 62.90 3.57
N GLN F 110 -25.70 63.68 2.58
CA GLN F 110 -25.59 63.26 1.20
C GLN F 110 -25.11 64.38 0.29
N ARG F 111 -25.21 64.18 -1.01
CA ARG F 111 -24.65 65.11 -1.98
C ARG F 111 -24.93 66.59 -1.66
N SER F 112 -26.19 66.95 -1.42
CA SER F 112 -26.53 68.36 -1.28
C SER F 112 -26.03 68.98 0.03
N GLU F 113 -26.06 68.20 1.11
CA GLU F 113 -25.58 68.69 2.41
C GLU F 113 -24.07 68.91 2.40
N LEU F 114 -23.33 67.98 1.82
CA LEU F 114 -21.87 68.07 1.76
C LEU F 114 -21.44 69.23 0.87
N ASN F 115 -22.12 69.39 -0.26
CA ASN F 115 -21.86 70.55 -1.12
C ASN F 115 -22.06 71.84 -0.31
N ALA F 116 -23.21 71.94 0.33
CA ALA F 116 -23.55 73.10 1.17
C ALA F 116 -22.43 73.46 2.16
N TYR F 117 -21.94 72.47 2.89
CA TYR F 117 -20.91 72.73 3.90
C TYR F 117 -19.61 73.21 3.27
N ALA F 118 -19.16 72.51 2.24
CA ALA F 118 -17.90 72.82 1.60
C ALA F 118 -17.89 74.22 1.00
N SER F 119 -19.05 74.67 0.52
CA SER F 119 -19.18 76.03 -0.01
C SER F 119 -18.95 77.16 1.01
N GLN F 120 -19.52 77.02 2.21
CA GLN F 120 -19.32 78.02 3.27
C GLN F 120 -17.94 77.91 3.92
N ILE F 121 -17.48 76.68 4.08
CA ILE F 121 -16.23 76.42 4.76
C ILE F 121 -15.02 76.79 3.92
N GLU F 122 -15.06 76.42 2.63
CA GLU F 122 -13.90 76.46 1.74
C GLU F 122 -12.77 75.63 2.34
N PRO F 123 -13.01 74.32 2.44
CA PRO F 123 -12.15 73.33 3.11
C PRO F 123 -10.86 73.08 2.35
N ALA F 124 -9.75 73.01 3.07
CA ALA F 124 -8.50 72.60 2.47
C ALA F 124 -8.36 71.08 2.56
N LEU F 125 -9.25 70.45 3.31
CA LEU F 125 -9.13 69.03 3.62
C LEU F 125 -10.50 68.32 3.60
N LEU F 126 -10.52 67.14 2.99
CA LEU F 126 -11.71 66.30 3.02
C LEU F 126 -11.38 64.94 3.60
N ILE F 127 -12.16 64.52 4.60
CA ILE F 127 -12.02 63.19 5.17
C ILE F 127 -13.38 62.51 5.16
N ALA F 128 -13.48 61.40 4.44
CA ALA F 128 -14.72 60.64 4.33
C ALA F 128 -14.46 59.13 4.42
N ASP F 129 -15.51 58.33 4.22
CA ASP F 129 -15.42 56.88 4.39
C ASP F 129 -15.89 56.19 3.09
N ARG F 130 -15.11 55.23 2.58
CA ARG F 130 -15.49 54.54 1.35
C ARG F 130 -16.67 53.59 1.51
N GLN F 131 -17.10 53.35 2.75
CA GLN F 131 -18.27 52.52 3.01
C GLN F 131 -19.53 53.37 2.88
N HIS F 132 -19.35 54.68 2.75
CA HIS F 132 -20.45 55.61 2.48
C HIS F 132 -20.74 55.63 0.98
N ALA F 133 -22.02 55.64 0.62
CA ALA F 133 -22.42 55.47 -0.77
C ALA F 133 -21.72 56.40 -1.76
N LEU F 134 -21.50 57.65 -1.39
CA LEU F 134 -20.88 58.62 -2.29
C LEU F 134 -19.42 58.29 -2.57
N PHE F 135 -18.79 57.65 -1.58
CA PHE F 135 -17.38 57.29 -1.67
C PHE F 135 -17.06 55.85 -2.03
N SER F 136 -18.11 55.09 -2.37
CA SER F 136 -17.97 53.76 -2.96
C SER F 136 -16.94 53.87 -4.08
N GLY F 137 -17.02 54.96 -4.84
CA GLY F 137 -16.06 55.18 -5.90
C GLY F 137 -15.79 56.65 -6.17
N ASP F 138 -14.92 56.86 -7.16
CA ASP F 138 -14.36 58.18 -7.42
C ASP F 138 -15.29 59.03 -8.30
N ASP F 139 -16.48 58.49 -8.63
CA ASP F 139 -17.45 59.20 -9.50
C ASP F 139 -17.95 60.52 -8.91
N PHE F 140 -18.40 60.48 -7.66
CA PHE F 140 -18.75 61.72 -6.94
C PHE F 140 -17.51 62.44 -6.42
N LEU F 141 -16.55 61.67 -5.88
CA LEU F 141 -15.33 62.24 -5.31
C LEU F 141 -14.64 63.18 -6.30
N ASN F 142 -14.37 62.71 -7.51
CA ASN F 142 -13.72 63.57 -8.49
C ASN F 142 -14.52 64.83 -8.81
N THR F 143 -15.80 64.66 -9.10
CA THR F 143 -16.71 65.78 -9.35
C THR F 143 -16.67 66.78 -8.20
N PHE F 144 -16.57 66.26 -6.99
CA PHE F 144 -16.65 67.07 -5.79
C PHE F 144 -15.42 67.96 -5.63
N VAL F 145 -14.22 67.41 -5.80
CA VAL F 145 -12.99 68.17 -5.60
C VAL F 145 -12.80 69.27 -6.65
N THR F 146 -13.26 69.00 -7.87
CA THR F 146 -13.17 70.01 -8.91
C THR F 146 -14.10 71.17 -8.59
N GLU F 147 -15.34 70.86 -8.19
CA GLU F 147 -16.38 71.86 -7.90
C GLU F 147 -16.08 72.84 -6.75
N HIS F 148 -15.50 72.33 -5.66
CA HIS F 148 -14.96 73.18 -4.61
C HIS F 148 -13.44 73.05 -4.70
N SER F 149 -12.79 74.09 -5.22
CA SER F 149 -11.40 73.98 -5.66
C SER F 149 -10.42 74.13 -4.49
N SER F 150 -10.89 74.65 -3.37
CA SER F 150 -10.04 74.90 -2.21
C SER F 150 -9.41 73.62 -1.68
N ILE F 151 -10.14 72.50 -1.82
CA ILE F 151 -9.70 71.18 -1.35
C ILE F 151 -8.39 70.73 -2.00
N ARG F 152 -7.40 70.40 -1.16
CA ARG F 152 -6.06 69.99 -1.61
C ARG F 152 -5.75 68.52 -1.29
N VAL F 153 -5.81 68.20 0.00
CA VAL F 153 -5.62 66.84 0.48
C VAL F 153 -6.94 66.10 0.65
N VAL F 154 -6.92 64.78 0.40
CA VAL F 154 -8.08 63.92 0.66
C VAL F 154 -7.67 62.58 1.28
N GLN F 155 -8.25 62.25 2.44
CA GLN F 155 -8.02 60.97 3.11
C GLN F 155 -9.33 60.23 3.29
N LEU F 156 -9.34 58.92 3.01
CA LEU F 156 -10.55 58.12 3.15
C LEU F 156 -10.35 56.93 4.08
N LEU F 157 -11.39 56.64 4.87
CA LEU F 157 -11.43 55.48 5.75
C LEU F 157 -11.83 54.28 4.91
N ASN F 158 -11.36 53.08 5.24
CA ASN F 158 -11.70 51.91 4.43
C ASN F 158 -11.20 52.06 3.00
N ASP F 159 -10.00 52.61 2.83
CA ASP F 159 -9.40 52.85 1.52
C ASP F 159 -7.95 52.32 1.47
N SER F 160 -7.60 51.57 0.43
CA SER F 160 -6.22 51.08 0.28
C SER F 160 -5.24 51.88 -0.58
N GLY F 161 -5.75 52.80 -1.39
CA GLY F 161 -4.95 53.43 -2.44
C GLY F 161 -4.21 54.70 -2.06
N GLU F 162 -4.13 55.63 -3.01
CA GLU F 162 -3.43 56.90 -2.83
C GLU F 162 -3.82 57.55 -1.51
N HIS F 163 -5.09 57.40 -1.16
CA HIS F 163 -5.75 58.22 -0.15
C HIS F 163 -5.99 57.61 1.24
N ASN F 164 -5.49 56.40 1.46
CA ASN F 164 -5.76 55.67 2.70
C ASN F 164 -5.49 56.50 3.95
N LEU F 165 -6.50 56.57 4.82
CA LEU F 165 -6.43 57.34 6.05
C LEU F 165 -5.61 56.59 7.10
N GLN F 166 -5.75 55.26 7.11
CA GLN F 166 -5.02 54.42 8.06
C GLN F 166 -3.52 54.54 7.89
N ASP F 167 -3.09 54.74 6.65
CA ASP F 167 -1.67 54.90 6.37
C ASP F 167 -1.11 56.12 7.10
N ALA F 168 -1.84 57.23 7.01
CA ALA F 168 -1.43 58.46 7.67
C ALA F 168 -1.57 58.40 9.19
N ILE F 169 -2.49 57.57 9.68
CA ILE F 169 -2.69 57.41 11.10
C ILE F 169 -1.59 56.56 11.74
N ASN F 170 -1.08 55.59 10.97
CA ASN F 170 -0.02 54.71 11.44
C ASN F 170 1.41 55.14 11.16
N HIS F 171 1.56 56.12 10.27
CA HIS F 171 2.88 56.69 9.99
C HIS F 171 3.28 57.60 11.15
N PRO F 172 4.32 57.21 11.90
CA PRO F 172 4.65 57.86 13.17
C PRO F 172 5.03 59.33 13.08
N ALA F 173 5.44 59.86 14.25
CA ALA F 173 5.71 61.28 14.46
C ALA F 173 7.08 61.74 13.95
N GLU F 174 7.06 62.70 13.04
CA GLU F 174 8.26 63.42 12.59
C GLU F 174 8.59 64.50 13.62
N ASP F 175 9.39 65.48 13.23
CA ASP F 175 9.57 66.57 14.16
C ASP F 175 8.21 67.26 14.07
N PHE F 176 7.46 67.14 15.16
CA PHE F 176 6.07 67.56 15.21
C PHE F 176 5.82 68.22 16.55
N THR F 177 5.49 69.51 16.53
CA THR F 177 5.05 70.19 17.73
C THR F 177 3.66 70.75 17.48
N ALA F 178 2.71 70.21 18.24
CA ALA F 178 1.30 70.58 18.09
C ALA F 178 1.14 72.09 18.13
N THR F 179 0.27 72.61 17.27
CA THR F 179 -0.01 74.04 17.21
C THR F 179 -1.51 74.39 17.15
N PRO F 180 -2.23 74.21 18.27
CA PRO F 180 -3.68 74.46 18.29
C PRO F 180 -3.94 75.95 18.12
N SER F 181 -5.12 76.33 17.67
CA SER F 181 -5.44 77.76 17.60
C SER F 181 -5.61 78.33 19.01
N PRO F 182 -5.45 79.65 19.17
CA PRO F 182 -5.57 80.26 20.50
C PRO F 182 -6.92 79.96 21.16
N ALA F 183 -6.94 79.85 22.48
CA ALA F 183 -8.16 79.52 23.20
C ALA F 183 -9.39 80.34 22.80
N ASP F 184 -9.21 81.64 22.54
CA ASP F 184 -10.33 82.51 22.17
C ASP F 184 -10.57 82.59 20.67
N GLU F 185 -9.90 81.73 19.91
CA GLU F 185 -10.07 81.64 18.47
C GLU F 185 -10.86 80.35 18.15
N VAL F 186 -11.54 80.32 17.00
CA VAL F 186 -12.38 79.17 16.63
C VAL F 186 -11.70 77.81 16.68
N ALA F 187 -12.37 76.84 17.32
CA ALA F 187 -11.85 75.48 17.46
C ALA F 187 -12.37 74.57 16.36
N TYR F 188 -13.71 74.43 16.31
CA TYR F 188 -14.40 73.82 15.16
C TYR F 188 -15.81 74.36 14.97
N PHE F 189 -16.53 73.79 14.01
CA PHE F 189 -17.91 74.20 13.71
C PHE F 189 -18.88 73.09 14.10
N GLN F 190 -20.03 73.49 14.65
CA GLN F 190 -21.12 72.54 14.93
C GLN F 190 -22.26 72.88 14.00
N LEU F 191 -23.12 71.90 13.77
CA LEU F 191 -24.27 72.11 12.90
C LEU F 191 -25.56 72.39 13.66
N SER F 192 -26.36 73.29 13.11
CA SER F 192 -27.71 73.50 13.62
C SER F 192 -28.68 72.64 12.82
N GLY F 193 -29.58 71.92 13.49
CA GLY F 193 -30.76 71.43 12.78
C GLY F 193 -31.52 72.73 12.51
N GLY F 194 -31.75 73.06 11.25
CA GLY F 194 -32.01 74.45 10.90
C GLY F 194 -33.43 74.97 10.86
N THR F 195 -33.58 76.28 11.05
CA THR F 195 -34.80 76.96 10.65
C THR F 195 -34.62 77.27 9.18
N THR F 196 -33.40 77.72 8.87
CA THR F 196 -33.04 78.38 7.61
C THR F 196 -32.84 77.44 6.42
N GLY F 197 -32.96 78.01 5.22
CA GLY F 197 -32.75 77.29 3.97
C GLY F 197 -31.31 76.96 3.59
N THR F 198 -30.35 77.77 4.01
CA THR F 198 -28.93 77.45 3.86
C THR F 198 -28.38 77.12 5.25
N PRO F 199 -27.97 75.86 5.48
CA PRO F 199 -27.51 75.41 6.81
C PRO F 199 -26.50 76.36 7.43
N LYS F 200 -26.76 76.72 8.68
CA LYS F 200 -25.97 77.74 9.35
C LYS F 200 -25.02 77.03 10.28
N LEU F 201 -23.72 77.26 10.09
CA LEU F 201 -22.70 76.66 10.95
C LEU F 201 -22.43 77.48 12.21
N ILE F 202 -22.11 76.77 13.29
CA ILE F 202 -21.90 77.38 14.59
C ILE F 202 -20.45 77.31 15.01
N PRO F 203 -19.74 78.45 15.01
CA PRO F 203 -18.34 78.42 15.46
C PRO F 203 -18.26 78.20 16.96
N ARG F 204 -17.36 77.35 17.41
CA ARG F 204 -17.14 77.16 18.85
C ARG F 204 -15.67 77.38 19.15
N THR F 205 -15.36 78.35 20.02
CA THR F 205 -13.98 78.60 20.41
C THR F 205 -13.51 77.58 21.45
N HIS F 206 -12.20 77.34 21.52
CA HIS F 206 -11.67 76.41 22.51
C HIS F 206 -12.23 76.72 23.88
N ASN F 207 -12.23 77.99 24.25
CA ASN F 207 -12.65 78.43 25.57
C ASN F 207 -14.07 78.05 25.94
N ASP F 208 -15.02 78.49 25.12
CA ASP F 208 -16.44 78.24 25.41
C ASP F 208 -16.78 76.74 25.35
N TYR F 209 -16.21 76.03 24.39
CA TYR F 209 -16.54 74.61 24.21
C TYR F 209 -15.99 73.76 25.35
N TYR F 210 -14.76 74.06 25.75
CA TYR F 210 -14.11 73.35 26.85
C TYR F 210 -14.96 73.48 28.13
N TYR F 211 -15.44 74.68 28.43
CA TYR F 211 -16.32 74.90 29.60
C TYR F 211 -17.56 74.00 29.51
N SER F 212 -18.22 73.99 28.35
CA SER F 212 -19.37 73.14 28.08
C SER F 212 -19.10 71.72 28.56
N VAL F 213 -17.94 71.18 28.17
CA VAL F 213 -17.54 69.82 28.54
C VAL F 213 -17.22 69.63 30.04
N ARG F 214 -16.40 70.53 30.62
CA ARG F 214 -16.02 70.43 32.03
C ARG F 214 -17.24 70.41 32.93
N ARG F 215 -18.05 71.45 32.78
CA ARG F 215 -19.22 71.67 33.61
C ARG F 215 -20.25 70.56 33.46
N SER F 216 -20.25 69.91 32.32
CA SER F 216 -21.12 68.79 32.06
C SER F 216 -20.64 67.58 32.82
N VAL F 217 -19.33 67.38 32.84
CA VAL F 217 -18.75 66.31 33.62
C VAL F 217 -19.07 66.47 35.10
N GLU F 218 -18.93 67.69 35.61
CA GLU F 218 -19.20 67.97 37.02
C GLU F 218 -20.62 67.57 37.40
N ILE F 219 -21.55 68.01 36.58
CA ILE F 219 -22.97 67.81 36.83
C ILE F 219 -23.42 66.36 36.70
N CYS F 220 -22.82 65.62 35.76
CA CYS F 220 -23.19 64.24 35.52
C CYS F 220 -22.30 63.29 36.30
N GLN F 221 -21.39 63.87 37.08
CA GLN F 221 -20.53 63.12 37.96
C GLN F 221 -19.78 62.01 37.17
N PHE F 222 -19.36 62.38 35.95
CA PHE F 222 -18.44 61.59 35.12
C PHE F 222 -17.02 61.46 35.73
N THR F 223 -16.57 60.21 35.89
CA THR F 223 -15.29 59.92 36.54
C THR F 223 -14.51 59.07 35.58
N GLN F 224 -13.30 58.67 35.99
CA GLN F 224 -12.52 57.66 35.28
C GLN F 224 -13.28 56.36 35.40
N GLN F 225 -14.29 56.40 36.26
CA GLN F 225 -15.14 55.26 36.53
C GLN F 225 -16.25 55.13 35.49
N THR F 226 -16.54 56.23 34.79
CA THR F 226 -17.63 56.25 33.83
C THR F 226 -17.24 55.47 32.57
N ARG F 227 -18.11 54.56 32.15
CA ARG F 227 -17.91 53.79 30.91
C ARG F 227 -19.20 53.95 30.10
N TYR F 228 -19.10 54.66 28.97
CA TYR F 228 -20.20 55.32 28.24
C TYR F 228 -20.47 54.71 26.87
N LEU F 229 -21.72 54.31 26.62
CA LEU F 229 -22.11 53.79 25.29
C LEU F 229 -22.56 54.91 24.38
N CYS F 230 -21.87 55.11 23.28
CA CYS F 230 -22.29 56.17 22.41
C CYS F 230 -22.91 55.54 21.19
N ALA F 231 -24.24 55.44 21.21
CA ALA F 231 -24.99 54.81 20.11
C ALA F 231 -25.75 55.73 19.16
N ILE F 232 -25.98 56.96 19.56
CA ILE F 232 -26.62 57.95 18.68
C ILE F 232 -25.50 58.56 17.84
N PRO F 233 -25.85 59.29 16.78
CA PRO F 233 -24.77 59.81 15.93
C PRO F 233 -23.70 60.55 16.74
N ALA F 234 -22.45 60.14 16.55
CA ALA F 234 -21.36 60.55 17.43
C ALA F 234 -20.98 61.99 17.23
N ALA F 235 -21.29 62.50 16.05
CA ALA F 235 -20.86 63.83 15.64
C ALA F 235 -21.76 64.97 16.13
N HIS F 236 -22.93 64.65 16.68
CA HIS F 236 -23.86 65.68 17.16
C HIS F 236 -23.39 66.25 18.50
N ASN F 237 -23.85 67.44 18.81
CA ASN F 237 -23.37 68.11 19.99
C ASN F 237 -23.65 67.31 21.27
N TYR F 238 -24.73 66.54 21.23
CA TYR F 238 -25.21 65.78 22.38
C TYR F 238 -24.27 64.65 22.71
N ALA F 239 -23.96 63.82 21.75
CA ALA F 239 -23.08 62.68 21.99
C ALA F 239 -21.61 63.08 21.93
N MET F 240 -21.38 64.37 21.75
CA MET F 240 -20.03 64.89 21.69
C MET F 240 -19.66 65.59 23.02
N SER F 241 -20.36 66.68 23.31
CA SER F 241 -20.06 67.51 24.47
C SER F 241 -20.95 67.40 25.73
N SER F 242 -21.99 66.59 25.74
CA SER F 242 -23.01 66.82 26.78
C SER F 242 -23.42 65.70 27.77
N PRO F 243 -22.48 65.19 28.57
CA PRO F 243 -21.02 65.39 28.43
C PRO F 243 -20.51 64.62 27.22
N GLY F 244 -21.23 63.58 26.81
CA GLY F 244 -20.87 62.88 25.59
C GLY F 244 -19.43 62.40 25.64
N SER F 245 -18.92 61.94 24.50
CA SER F 245 -17.63 61.25 24.47
C SER F 245 -16.46 62.12 24.92
N LEU F 246 -16.51 63.41 24.64
CA LEU F 246 -15.43 64.31 25.02
C LEU F 246 -15.42 64.45 26.52
N GLY F 247 -16.60 64.43 27.12
CA GLY F 247 -16.73 64.52 28.56
C GLY F 247 -16.14 63.29 29.24
N VAL F 248 -16.33 62.14 28.61
CA VAL F 248 -15.72 60.90 29.06
C VAL F 248 -14.19 60.95 28.93
N PHE F 249 -13.69 61.51 27.84
CA PHE F 249 -12.27 61.62 27.63
C PHE F 249 -11.60 62.50 28.66
N LEU F 250 -12.23 63.63 28.99
CA LEU F 250 -11.67 64.54 30.00
C LEU F 250 -11.54 63.83 31.34
N ALA F 251 -12.48 62.95 31.63
CA ALA F 251 -12.53 62.29 32.93
C ALA F 251 -11.74 60.98 33.00
N GLY F 252 -11.22 60.52 31.86
CA GLY F 252 -10.47 59.27 31.77
C GLY F 252 -11.30 57.98 31.73
N GLY F 253 -12.59 58.14 31.43
CA GLY F 253 -13.51 57.03 31.28
C GLY F 253 -13.33 56.24 29.99
N THR F 254 -14.29 55.40 29.68
CA THR F 254 -14.19 54.56 28.49
C THR F 254 -15.39 54.81 27.60
N VAL F 255 -15.15 55.07 26.32
CA VAL F 255 -16.23 55.28 25.38
C VAL F 255 -16.46 54.01 24.57
N VAL F 256 -17.70 53.54 24.53
CA VAL F 256 -18.03 52.35 23.77
C VAL F 256 -18.85 52.75 22.56
N LEU F 257 -18.27 52.64 21.37
CA LEU F 257 -18.94 53.05 20.16
C LEU F 257 -19.83 51.95 19.63
N ALA F 258 -21.00 52.35 19.12
CA ALA F 258 -21.93 51.44 18.44
C ALA F 258 -22.52 52.11 17.21
N ALA F 259 -22.77 51.34 16.16
CA ALA F 259 -23.19 51.92 14.88
C ALA F 259 -24.54 52.58 14.95
N ASP F 260 -25.47 51.98 15.68
CA ASP F 260 -26.82 52.53 15.81
C ASP F 260 -27.35 52.25 17.21
N PRO F 261 -28.50 52.83 17.57
CA PRO F 261 -28.98 52.51 18.92
C PRO F 261 -30.02 51.39 18.98
N SER F 262 -29.81 50.28 18.31
CA SER F 262 -30.85 49.25 18.29
C SER F 262 -30.64 48.36 19.50
N ALA F 263 -31.72 47.94 20.14
CA ALA F 263 -31.61 47.11 21.34
C ALA F 263 -30.81 45.85 21.04
N THR F 264 -30.91 45.39 19.80
CA THR F 264 -30.21 44.18 19.38
C THR F 264 -28.70 44.38 19.43
N LEU F 265 -28.24 45.55 19.00
CA LEU F 265 -26.82 45.83 18.98
C LEU F 265 -26.29 46.25 20.34
N CYS F 266 -27.06 47.08 21.04
CA CYS F 266 -26.60 47.73 22.25
C CYS F 266 -26.64 46.87 23.51
N PHE F 267 -27.72 46.12 23.70
CA PHE F 267 -27.86 45.30 24.90
C PHE F 267 -26.61 44.44 25.16
N PRO F 268 -26.19 43.64 24.17
CA PRO F 268 -24.93 42.89 24.23
C PRO F 268 -23.72 43.73 24.64
N LEU F 269 -23.60 44.94 24.11
CA LEU F 269 -22.46 45.81 24.40
C LEU F 269 -22.48 46.38 25.82
N ILE F 270 -23.65 46.68 26.34
CA ILE F 270 -23.77 47.21 27.69
C ILE F 270 -23.35 46.19 28.74
N GLU F 271 -23.81 44.96 28.57
CA GLU F 271 -23.37 43.88 29.45
C GLU F 271 -21.89 43.54 29.28
N LYS F 272 -21.48 43.20 28.06
CA LYS F 272 -20.09 42.84 27.74
C LYS F 272 -19.05 43.85 28.24
N HIS F 273 -19.30 45.13 28.05
CA HIS F 273 -18.37 46.15 28.50
C HIS F 273 -18.73 46.82 29.84
N GLN F 274 -19.80 46.34 30.47
CA GLN F 274 -20.23 46.83 31.79
C GLN F 274 -20.48 48.33 31.81
N VAL F 275 -21.31 48.78 30.87
CA VAL F 275 -21.57 50.18 30.64
C VAL F 275 -22.47 50.72 31.75
N ASN F 276 -22.06 51.82 32.38
CA ASN F 276 -22.86 52.46 33.42
C ASN F 276 -23.65 53.71 33.01
N VAL F 277 -23.46 54.20 31.79
CA VAL F 277 -24.18 55.40 31.34
C VAL F 277 -24.33 55.44 29.81
N THR F 278 -25.44 55.99 29.34
CA THR F 278 -25.63 56.14 27.89
C THR F 278 -26.61 57.26 27.56
N ALA F 279 -26.54 57.78 26.34
CA ALA F 279 -27.47 58.84 25.97
C ALA F 279 -28.35 58.41 24.80
N LEU F 280 -29.63 58.72 24.90
CA LEU F 280 -30.61 58.32 23.90
C LEU F 280 -31.59 59.42 23.56
N VAL F 281 -32.35 59.20 22.49
CA VAL F 281 -33.44 60.11 22.14
C VAL F 281 -34.72 59.33 22.32
N PRO F 282 -35.84 60.03 22.61
CA PRO F 282 -37.08 59.37 23.03
C PRO F 282 -37.52 58.16 22.20
N PRO F 283 -37.44 58.22 20.87
CA PRO F 283 -37.77 57.02 20.08
C PRO F 283 -36.94 55.77 20.44
N ALA F 284 -35.65 55.91 20.77
CA ALA F 284 -34.84 54.72 21.09
C ALA F 284 -35.26 54.16 22.42
N VAL F 285 -35.51 55.03 23.38
CA VAL F 285 -36.03 54.57 24.66
C VAL F 285 -37.29 53.71 24.47
N SER F 286 -38.22 54.14 23.62
CA SER F 286 -39.42 53.35 23.34
C SER F 286 -39.01 51.99 22.81
N LEU F 287 -38.07 51.97 21.89
CA LEU F 287 -37.60 50.75 21.27
C LEU F 287 -37.00 49.78 22.30
N TRP F 288 -36.23 50.33 23.24
CA TRP F 288 -35.61 49.53 24.28
C TRP F 288 -36.60 48.98 25.30
N LEU F 289 -37.51 49.81 25.78
CA LEU F 289 -38.47 49.36 26.77
C LEU F 289 -39.31 48.22 26.22
N GLN F 290 -39.63 48.30 24.92
CA GLN F 290 -40.45 47.29 24.26
C GLN F 290 -39.65 46.03 23.97
N ALA F 291 -38.38 46.21 23.59
CA ALA F 291 -37.48 45.06 23.42
C ALA F 291 -37.36 44.21 24.68
N LEU F 292 -37.41 44.86 25.84
CA LEU F 292 -37.43 44.16 27.14
C LEU F 292 -38.71 43.35 27.35
N ILE F 293 -39.85 43.99 27.10
CA ILE F 293 -41.13 43.34 27.20
C ILE F 293 -41.23 42.17 26.24
N GLU F 294 -40.53 42.27 25.11
CA GLU F 294 -40.62 41.27 24.03
C GLU F 294 -39.65 40.12 24.27
N GLY F 295 -39.08 40.10 25.47
CA GLY F 295 -38.27 38.99 25.94
C GLY F 295 -36.77 39.15 26.15
N GLU F 296 -36.24 40.34 25.94
CA GLU F 296 -34.83 40.60 26.27
C GLU F 296 -34.67 40.63 27.79
N SER F 297 -33.54 40.14 28.27
CA SER F 297 -33.33 40.02 29.71
C SER F 297 -32.88 41.32 30.35
N ARG F 298 -33.71 41.84 31.27
CA ARG F 298 -33.48 43.16 31.88
C ARG F 298 -32.15 43.17 32.63
N ALA F 299 -31.51 41.99 32.67
CA ALA F 299 -30.26 41.76 33.39
C ALA F 299 -28.98 42.15 32.65
N GLN F 300 -29.03 42.25 31.31
CA GLN F 300 -27.83 42.65 30.55
C GLN F 300 -27.57 44.13 30.78
N LEU F 301 -28.65 44.84 31.11
CA LEU F 301 -28.68 46.28 31.29
C LEU F 301 -28.44 46.64 32.77
N ALA F 302 -28.09 45.63 33.57
CA ALA F 302 -27.95 45.79 35.03
C ALA F 302 -26.80 46.69 35.50
N SER F 303 -25.78 46.86 34.67
CA SER F 303 -24.65 47.69 35.05
C SER F 303 -24.93 49.15 34.85
N LEU F 304 -26.00 49.45 34.10
CA LEU F 304 -26.28 50.81 33.66
C LEU F 304 -26.95 51.56 34.78
N LYS F 305 -26.23 52.56 35.31
CA LYS F 305 -26.73 53.37 36.41
C LYS F 305 -27.34 54.72 36.00
N LEU F 306 -27.13 55.13 34.75
CA LEU F 306 -27.64 56.42 34.25
C LEU F 306 -28.09 56.39 32.78
N LEU F 307 -29.28 56.91 32.53
CA LEU F 307 -29.78 57.06 31.16
C LEU F 307 -30.12 58.52 30.81
N GLN F 308 -29.36 59.09 29.90
CA GLN F 308 -29.62 60.44 29.42
C GLN F 308 -30.61 60.39 28.29
N VAL F 309 -31.61 61.26 28.34
CA VAL F 309 -32.61 61.31 27.28
C VAL F 309 -32.86 62.77 26.90
N GLY F 310 -32.76 63.07 25.60
CA GLY F 310 -32.95 64.43 25.14
C GLY F 310 -33.06 64.54 23.63
N GLY F 311 -33.06 65.78 23.14
CA GLY F 311 -33.13 66.03 21.70
C GLY F 311 -34.56 66.21 21.23
N ALA F 312 -35.51 65.74 22.03
CA ALA F 312 -36.92 65.76 21.66
C ALA F 312 -37.80 65.65 22.88
N ARG F 313 -39.06 66.04 22.73
CA ARG F 313 -40.02 65.98 23.82
C ARG F 313 -40.09 64.54 24.33
N LEU F 314 -39.86 64.40 25.64
CA LEU F 314 -39.99 63.12 26.31
C LEU F 314 -41.16 63.13 27.27
N SER F 315 -42.18 62.32 26.96
CA SER F 315 -43.44 62.35 27.72
C SER F 315 -43.26 61.87 29.16
N ALA F 316 -44.05 62.40 30.09
CA ALA F 316 -43.94 62.01 31.48
C ALA F 316 -44.25 60.53 31.65
N THR F 317 -45.14 60.03 30.80
CA THR F 317 -45.46 58.59 30.76
C THR F 317 -44.24 57.71 30.44
N LEU F 318 -43.49 58.14 29.45
CA LEU F 318 -42.30 57.41 29.02
C LEU F 318 -41.15 57.58 30.02
N ALA F 319 -40.96 58.80 30.52
CA ALA F 319 -39.90 59.11 31.49
C ALA F 319 -40.00 58.22 32.71
N ALA F 320 -41.23 58.06 33.19
CA ALA F 320 -41.54 57.27 34.40
C ALA F 320 -41.25 55.80 34.21
N ARG F 321 -41.43 55.30 32.99
CA ARG F 321 -41.18 53.88 32.69
C ARG F 321 -39.70 53.50 32.78
N ILE F 322 -38.81 54.46 32.72
CA ILE F 322 -37.38 54.16 32.67
C ILE F 322 -36.84 53.51 33.93
N PRO F 323 -36.99 54.17 35.09
CA PRO F 323 -36.51 53.54 36.33
C PRO F 323 -37.38 52.34 36.69
N ALA F 324 -38.64 52.37 36.29
CA ALA F 324 -39.55 51.27 36.59
C ALA F 324 -39.16 49.98 35.86
N GLU F 325 -39.11 50.04 34.53
CA GLU F 325 -38.81 48.87 33.71
C GLU F 325 -37.30 48.57 33.52
N ILE F 326 -36.51 49.60 33.26
CA ILE F 326 -35.06 49.44 33.10
C ILE F 326 -34.28 49.45 34.42
N GLY F 327 -34.76 50.24 35.38
CA GLY F 327 -34.15 50.28 36.70
C GLY F 327 -32.85 51.05 36.85
N CYS F 328 -32.83 52.25 36.28
CA CYS F 328 -31.69 53.15 36.47
C CYS F 328 -32.24 54.57 36.53
N GLN F 329 -31.35 55.53 36.76
CA GLN F 329 -31.75 56.93 36.93
C GLN F 329 -31.88 57.62 35.60
N LEU F 330 -32.88 58.48 35.50
CA LEU F 330 -33.11 59.26 34.30
C LEU F 330 -32.59 60.68 34.47
N GLN F 331 -31.95 61.18 33.43
CA GLN F 331 -31.60 62.59 33.40
C GLN F 331 -32.08 63.15 32.06
N GLN F 332 -32.99 64.12 32.12
CA GLN F 332 -33.44 64.76 30.89
C GLN F 332 -32.40 65.78 30.46
N VAL F 333 -32.09 65.79 29.16
CA VAL F 333 -31.14 66.76 28.64
C VAL F 333 -31.81 67.62 27.57
N PHE F 334 -31.89 68.92 27.84
CA PHE F 334 -32.43 69.84 26.86
C PHE F 334 -31.34 70.85 26.53
N GLY F 335 -30.78 70.72 25.32
CA GLY F 335 -29.70 71.57 24.88
C GLY F 335 -29.76 71.78 23.38
N MET F 336 -28.95 72.72 22.90
CA MET F 336 -28.89 73.06 21.49
C MET F 336 -27.44 73.18 21.07
N ALA F 337 -27.16 73.01 19.78
CA ALA F 337 -25.77 72.95 19.30
C ALA F 337 -25.15 74.31 19.44
N GLU F 338 -25.99 75.30 19.71
CA GLU F 338 -25.58 76.69 19.79
C GLU F 338 -25.05 77.09 21.19
N GLY F 339 -25.32 76.27 22.21
CA GLY F 339 -24.98 76.63 23.58
C GLY F 339 -25.89 75.95 24.59
N LEU F 340 -26.04 76.58 25.75
CA LEU F 340 -27.20 76.30 26.62
C LEU F 340 -27.66 74.85 26.73
N VAL F 341 -26.99 74.03 27.52
CA VAL F 341 -27.57 72.73 27.86
C VAL F 341 -28.26 72.81 29.22
N ASN F 342 -29.48 72.31 29.31
CA ASN F 342 -30.19 72.21 30.60
C ASN F 342 -30.25 70.79 31.06
N TYR F 343 -29.84 70.52 32.28
CA TYR F 343 -29.94 69.16 32.78
C TYR F 343 -30.91 69.13 33.93
N THR F 344 -31.52 67.99 34.19
CA THR F 344 -32.04 67.74 35.53
C THR F 344 -30.86 67.17 36.28
N ARG F 345 -30.77 67.51 37.57
CA ARG F 345 -29.66 67.05 38.40
C ARG F 345 -29.84 65.59 38.83
N LEU F 346 -28.75 64.95 39.22
CA LEU F 346 -28.82 63.56 39.65
C LEU F 346 -29.48 63.42 41.03
N ASP F 347 -29.34 64.46 41.86
CA ASP F 347 -29.93 64.47 43.20
C ASP F 347 -31.30 65.13 43.22
N ASP F 348 -31.83 65.40 42.04
CA ASP F 348 -33.13 66.05 41.92
C ASP F 348 -34.24 65.10 42.29
N SER F 349 -35.38 65.68 42.64
CA SER F 349 -36.55 64.91 43.02
C SER F 349 -37.09 64.18 41.82
N ALA F 350 -37.83 63.11 42.08
CA ALA F 350 -38.46 62.35 41.01
C ALA F 350 -39.55 63.17 40.35
N GLU F 351 -40.08 64.15 41.06
CA GLU F 351 -41.08 65.04 40.46
C GLU F 351 -40.48 65.89 39.34
N LYS F 352 -39.33 66.51 39.61
CA LYS F 352 -38.69 67.39 38.65
C LYS F 352 -38.06 66.60 37.50
N ILE F 353 -37.62 65.37 37.79
CA ILE F 353 -36.93 64.57 36.79
C ILE F 353 -37.87 64.02 35.72
N ILE F 354 -39.07 63.66 36.13
CA ILE F 354 -40.07 63.13 35.21
C ILE F 354 -40.80 64.24 34.40
N HIS F 355 -41.21 65.28 35.10
CA HIS F 355 -41.98 66.36 34.50
C HIS F 355 -41.23 67.53 33.82
N THR F 356 -40.08 67.93 34.35
CA THR F 356 -39.39 69.10 33.79
C THR F 356 -38.21 68.68 32.90
N GLN F 357 -37.60 69.65 32.22
CA GLN F 357 -36.38 69.44 31.45
C GLN F 357 -35.15 69.91 32.17
N GLY F 358 -35.29 70.23 33.45
CA GLY F 358 -34.15 70.62 34.27
C GLY F 358 -33.85 72.10 34.15
N TYR F 359 -32.64 72.51 34.54
CA TYR F 359 -32.23 73.91 34.49
C TYR F 359 -30.77 73.97 34.00
N PRO F 360 -30.29 75.16 33.58
CA PRO F 360 -28.98 75.32 32.92
C PRO F 360 -27.79 74.78 33.73
N MET F 361 -26.76 74.33 33.04
CA MET F 361 -25.62 73.70 33.69
C MET F 361 -24.76 74.77 34.33
N CYS F 362 -25.08 76.03 34.02
CA CYS F 362 -24.27 77.15 34.48
C CYS F 362 -25.12 78.17 35.23
N PRO F 363 -24.59 78.72 36.33
CA PRO F 363 -25.27 79.72 37.14
C PRO F 363 -25.33 81.03 36.40
N ASP F 364 -24.36 81.22 35.51
CA ASP F 364 -24.27 82.40 34.67
C ASP F 364 -24.96 82.23 33.32
N ASP F 365 -25.64 81.11 33.15
CA ASP F 365 -26.56 80.99 32.03
C ASP F 365 -27.78 81.83 32.34
N GLU F 366 -28.11 82.75 31.45
CA GLU F 366 -29.26 83.63 31.63
C GLU F 366 -30.41 83.16 30.75
N VAL F 367 -31.57 83.00 31.36
CA VAL F 367 -32.73 82.59 30.59
C VAL F 367 -33.93 83.44 30.95
N TRP F 368 -34.55 84.01 29.92
CA TRP F 368 -35.83 84.72 30.07
C TRP F 368 -36.85 84.29 29.01
N VAL F 369 -38.12 84.64 29.22
CA VAL F 369 -39.21 84.17 28.35
C VAL F 369 -39.95 85.37 27.73
N ALA F 370 -39.79 85.53 26.41
CA ALA F 370 -40.24 86.75 25.71
C ALA F 370 -41.50 86.59 24.85
N ASP F 371 -42.44 87.52 25.03
CA ASP F 371 -43.70 87.47 24.28
C ASP F 371 -43.37 87.76 22.84
N ALA F 372 -44.39 87.72 21.97
CA ALA F 372 -44.14 87.81 20.53
C ALA F 372 -43.36 89.07 20.13
N GLU F 373 -43.37 90.07 21.02
CA GLU F 373 -42.58 91.29 20.85
C GLU F 373 -41.27 91.31 21.64
N GLY F 374 -40.94 90.24 22.34
CA GLY F 374 -39.65 90.15 23.02
C GLY F 374 -39.53 90.91 24.34
N ASN F 375 -40.67 91.31 24.90
CA ASN F 375 -40.73 91.88 26.25
C ASN F 375 -40.73 90.73 27.25
N PRO F 376 -39.89 90.81 28.29
CA PRO F 376 -39.85 89.67 29.21
C PRO F 376 -41.25 89.34 29.75
N LEU F 377 -41.65 88.06 29.73
CA LEU F 377 -42.90 87.61 30.40
C LEU F 377 -42.66 87.15 31.85
N PRO F 378 -43.72 87.12 32.68
CA PRO F 378 -43.63 86.70 34.10
C PRO F 378 -43.39 85.19 34.28
N GLN F 379 -42.96 84.76 35.47
CA GLN F 379 -42.44 83.40 35.60
C GLN F 379 -43.54 82.34 35.65
N GLY F 380 -43.55 81.45 34.66
CA GLY F 380 -44.65 80.52 34.52
C GLY F 380 -45.60 80.95 33.41
N GLU F 381 -45.22 81.97 32.67
CA GLU F 381 -45.97 82.29 31.46
C GLU F 381 -45.22 81.66 30.30
N VAL F 382 -45.95 81.14 29.33
CA VAL F 382 -45.31 80.47 28.20
C VAL F 382 -44.92 81.45 27.11
N GLY F 383 -43.67 81.38 26.67
CA GLY F 383 -43.19 82.23 25.59
C GLY F 383 -41.89 81.74 24.99
N ARG F 384 -41.28 82.55 24.13
CA ARG F 384 -40.06 82.18 23.42
C ARG F 384 -38.81 82.21 24.31
N LEU F 385 -37.97 81.19 24.19
CA LEU F 385 -36.76 81.04 25.01
C LEU F 385 -35.61 81.92 24.55
N MET F 386 -35.08 82.73 25.46
CA MET F 386 -33.96 83.61 25.17
C MET F 386 -32.81 83.31 26.11
N THR F 387 -31.59 83.25 25.58
CA THR F 387 -30.41 82.95 26.40
C THR F 387 -29.07 83.52 25.88
N ARG F 388 -28.21 83.96 26.78
CA ARG F 388 -26.82 84.19 26.41
C ARG F 388 -26.02 83.56 27.52
N GLY F 389 -24.72 83.40 27.33
CA GLY F 389 -23.93 82.75 28.36
C GLY F 389 -22.51 82.46 27.95
N PRO F 390 -21.75 81.80 28.83
CA PRO F 390 -20.33 81.52 28.65
C PRO F 390 -20.07 80.49 27.56
N TYR F 391 -20.92 79.49 27.41
CA TYR F 391 -20.78 78.59 26.28
C TYR F 391 -21.77 78.76 25.12
N THR F 392 -22.66 79.75 25.19
CA THR F 392 -23.59 80.02 24.09
C THR F 392 -23.04 81.07 23.10
N PHE F 393 -22.97 80.70 21.83
CA PHE F 393 -22.27 81.51 20.82
C PHE F 393 -22.92 82.85 20.52
N ARG F 394 -22.15 83.77 19.96
CA ARG F 394 -22.67 85.09 19.68
C ARG F 394 -23.12 85.33 18.24
N GLY F 395 -22.92 84.35 17.36
CA GLY F 395 -23.51 84.39 16.03
C GLY F 395 -23.04 83.31 15.08
N TYR F 396 -23.83 83.06 14.04
CA TYR F 396 -23.47 82.07 13.02
C TYR F 396 -22.28 82.52 12.17
N TYR F 397 -21.65 81.55 11.54
CA TYR F 397 -20.47 81.80 10.73
C TYR F 397 -20.88 82.35 9.39
N LYS F 398 -20.35 83.53 9.08
CA LYS F 398 -20.59 84.18 7.78
C LYS F 398 -22.05 84.13 7.38
N SER F 399 -22.94 84.47 8.30
CA SER F 399 -24.36 84.50 7.99
C SER F 399 -25.02 85.72 8.60
N PRO F 400 -24.61 86.92 8.16
CA PRO F 400 -25.06 88.20 8.72
C PRO F 400 -26.56 88.38 8.56
N GLN F 401 -27.10 87.85 7.47
CA GLN F 401 -28.53 87.96 7.18
C GLN F 401 -29.36 87.28 8.28
N HIS F 402 -29.03 86.02 8.57
CA HIS F 402 -29.76 85.27 9.59
C HIS F 402 -29.45 85.77 11.00
N ASN F 403 -28.19 86.12 11.25
CA ASN F 403 -27.76 86.59 12.57
C ASN F 403 -28.60 87.72 13.08
N ALA F 404 -29.04 88.57 12.15
CA ALA F 404 -29.89 89.71 12.47
C ALA F 404 -31.22 89.29 13.12
N SER F 405 -31.82 88.21 12.61
CA SER F 405 -33.07 87.71 13.15
C SER F 405 -32.93 86.75 14.35
N ALA F 406 -31.75 86.18 14.56
CA ALA F 406 -31.60 85.17 15.59
C ALA F 406 -31.15 85.74 16.93
N PHE F 407 -30.75 87.01 16.95
CA PHE F 407 -30.26 87.68 18.16
C PHE F 407 -30.98 89.01 18.37
N ASP F 408 -31.44 89.26 19.59
CA ASP F 408 -31.98 90.59 19.89
C ASP F 408 -30.79 91.52 20.03
N ALA F 409 -31.08 92.80 20.27
CA ALA F 409 -30.04 93.83 20.30
C ALA F 409 -29.06 93.64 21.47
N ASN F 410 -29.45 92.82 22.44
CA ASN F 410 -28.63 92.58 23.62
C ASN F 410 -27.73 91.36 23.59
N GLY F 411 -27.78 90.60 22.50
CA GLY F 411 -26.92 89.45 22.35
C GLY F 411 -27.54 88.16 22.85
N PHE F 412 -28.83 88.20 23.19
CA PHE F 412 -29.58 87.02 23.60
C PHE F 412 -30.00 86.23 22.39
N TYR F 413 -29.60 84.97 22.34
CA TYR F 413 -30.00 84.11 21.25
C TYR F 413 -31.41 83.61 21.49
N CYS F 414 -32.12 83.34 20.41
CA CYS F 414 -33.46 82.79 20.50
C CYS F 414 -33.52 81.43 19.81
N SER F 415 -33.90 80.40 20.57
CA SER F 415 -33.81 79.02 20.08
C SER F 415 -35.03 78.62 19.25
N GLY F 416 -36.08 79.43 19.32
CA GLY F 416 -37.32 79.15 18.63
C GLY F 416 -38.17 78.16 19.41
N ASP F 417 -37.79 77.96 20.67
CA ASP F 417 -38.51 77.07 21.54
C ASP F 417 -39.49 77.83 22.40
N LEU F 418 -40.66 77.24 22.62
CA LEU F 418 -41.60 77.76 23.59
C LEU F 418 -41.42 77.00 24.88
N ILE F 419 -41.10 77.72 25.94
CA ILE F 419 -40.90 77.12 27.24
C ILE F 419 -41.73 77.82 28.31
N SER F 420 -41.67 77.30 29.54
CA SER F 420 -42.26 77.93 30.71
C SER F 420 -41.34 77.64 31.88
N ILE F 421 -41.30 78.51 32.88
CA ILE F 421 -40.42 78.28 34.03
C ILE F 421 -41.14 78.02 35.36
N ASP F 422 -40.69 76.98 36.05
CA ASP F 422 -41.16 76.65 37.39
C ASP F 422 -40.92 77.79 38.34
N PRO F 423 -41.71 77.84 39.42
CA PRO F 423 -41.33 78.61 40.60
C PRO F 423 -39.97 78.16 41.14
N GLU F 424 -39.57 76.92 40.88
CA GLU F 424 -38.27 76.40 41.33
C GLU F 424 -37.17 76.74 40.35
N GLY F 425 -37.56 77.29 39.21
CA GLY F 425 -36.61 77.75 38.21
C GLY F 425 -36.26 76.70 37.18
N TYR F 426 -37.07 75.64 37.12
CA TYR F 426 -36.88 74.55 36.17
C TYR F 426 -37.63 74.79 34.86
N ILE F 427 -37.01 74.43 33.74
CA ILE F 427 -37.59 74.67 32.42
C ILE F 427 -38.39 73.50 31.83
N THR F 428 -39.54 73.81 31.24
CA THR F 428 -40.35 72.80 30.58
C THR F 428 -40.63 73.21 29.13
N VAL F 429 -40.40 72.30 28.19
CA VAL F 429 -40.59 72.63 26.80
C VAL F 429 -42.04 72.48 26.38
N GLN F 430 -42.61 73.60 25.91
CA GLN F 430 -44.04 73.74 25.62
C GLN F 430 -44.43 73.51 24.14
N GLY F 431 -43.78 74.25 23.24
CA GLY F 431 -44.12 74.25 21.82
C GLY F 431 -42.96 74.63 20.92
N ARG F 432 -43.23 74.86 19.63
CA ARG F 432 -42.20 75.41 18.74
C ARG F 432 -42.66 76.53 17.79
N GLU F 433 -42.02 77.70 17.93
CA GLU F 433 -42.24 78.86 17.05
C GLU F 433 -41.47 78.79 15.74
N LYS F 434 -40.28 78.20 15.77
CA LYS F 434 -39.49 77.95 14.56
C LYS F 434 -40.07 76.89 13.57
N ASP F 435 -39.55 76.91 12.35
CA ASP F 435 -40.08 76.24 11.16
C ASP F 435 -39.59 74.82 10.98
N GLN F 436 -39.18 74.24 12.09
CA GLN F 436 -38.29 73.12 12.12
C GLN F 436 -39.06 71.88 12.56
N ILE F 437 -38.75 70.74 11.95
CA ILE F 437 -39.38 69.48 12.33
C ILE F 437 -38.39 68.60 13.11
N ASN F 438 -38.83 68.05 14.24
CA ASN F 438 -37.93 67.31 15.09
C ASN F 438 -38.29 65.83 15.02
N ARG F 439 -37.49 65.10 14.24
CA ARG F 439 -37.88 63.75 13.87
C ARG F 439 -36.92 62.73 14.47
N GLY F 440 -37.39 62.04 15.52
CA GLY F 440 -36.55 61.19 16.32
C GLY F 440 -35.38 61.98 16.89
N GLY F 441 -35.57 63.28 17.04
CA GLY F 441 -34.51 64.16 17.53
C GLY F 441 -33.46 64.57 16.50
N GLU F 442 -33.75 64.31 15.22
CA GLU F 442 -33.00 64.92 14.12
C GLU F 442 -33.77 66.16 13.62
N LYS F 443 -33.14 67.33 13.64
CA LYS F 443 -33.83 68.52 13.18
C LYS F 443 -33.88 68.53 11.63
N ILE F 444 -35.01 69.01 11.09
CA ILE F 444 -35.23 69.11 9.64
C ILE F 444 -35.76 70.51 9.34
N ALA F 445 -35.04 71.28 8.52
CA ALA F 445 -35.46 72.66 8.22
C ALA F 445 -36.56 72.67 7.19
N ALA F 446 -37.70 73.28 7.52
CA ALA F 446 -38.87 73.18 6.63
C ALA F 446 -38.60 73.81 5.30
N GLU F 447 -38.00 74.99 5.35
CA GLU F 447 -37.75 75.74 4.13
C GLU F 447 -36.74 75.06 3.22
N GLU F 448 -35.77 74.35 3.81
CA GLU F 448 -34.74 73.66 3.04
C GLU F 448 -35.39 72.63 2.12
N ILE F 449 -36.40 71.95 2.65
CA ILE F 449 -37.10 70.90 1.94
C ILE F 449 -38.18 71.44 0.98
N GLU F 450 -38.90 72.47 1.41
CA GLU F 450 -39.80 73.17 0.53
C GLU F 450 -39.09 73.62 -0.75
N ASN F 451 -37.92 74.22 -0.60
CA ASN F 451 -37.15 74.70 -1.75
C ASN F 451 -36.74 73.59 -2.72
N LEU F 452 -36.59 72.38 -2.20
CA LEU F 452 -36.28 71.22 -3.04
C LEU F 452 -37.53 70.74 -3.76
N LEU F 453 -38.65 70.72 -3.03
CA LEU F 453 -39.94 70.38 -3.62
C LEU F 453 -40.34 71.32 -4.78
N LEU F 454 -40.00 72.60 -4.67
CA LEU F 454 -40.30 73.56 -5.72
C LEU F 454 -39.41 73.36 -6.93
N ARG F 455 -38.43 72.49 -6.80
CA ARG F 455 -37.54 72.19 -7.91
C ARG F 455 -38.26 71.23 -8.87
N HIS F 456 -39.34 70.63 -8.37
CA HIS F 456 -40.15 69.71 -9.16
C HIS F 456 -41.08 70.49 -10.07
N PRO F 457 -41.24 70.03 -11.33
CA PRO F 457 -42.03 70.72 -12.36
C PRO F 457 -43.52 70.86 -12.01
N ALA F 458 -44.10 69.85 -11.36
CA ALA F 458 -45.53 69.82 -11.06
C ALA F 458 -45.92 70.49 -9.73
N VAL F 459 -44.91 70.93 -9.00
CA VAL F 459 -45.17 71.56 -7.71
C VAL F 459 -45.23 73.08 -7.83
N ILE F 460 -46.39 73.64 -7.46
CA ILE F 460 -46.58 75.07 -7.46
C ILE F 460 -46.26 75.70 -6.10
N TYR F 461 -46.96 75.27 -5.07
CA TYR F 461 -46.70 75.75 -3.71
C TYR F 461 -46.41 74.56 -2.80
N ALA F 462 -45.49 74.75 -1.87
CA ALA F 462 -45.06 73.65 -0.99
C ALA F 462 -44.95 74.07 0.45
N ALA F 463 -45.36 73.18 1.35
CA ALA F 463 -45.28 73.44 2.77
C ALA F 463 -44.92 72.15 3.50
N LEU F 464 -43.95 72.24 4.41
CA LEU F 464 -43.61 71.11 5.26
C LEU F 464 -43.94 71.42 6.71
N VAL F 465 -44.78 70.59 7.31
CA VAL F 465 -45.18 70.74 8.70
C VAL F 465 -44.93 69.46 9.50
N SER F 466 -44.81 69.57 10.81
CA SER F 466 -44.68 68.38 11.62
C SER F 466 -46.04 67.69 11.80
N MET F 467 -46.01 66.42 12.20
CA MET F 467 -47.22 65.70 12.57
C MET F 467 -46.90 64.66 13.64
N GLU F 468 -47.88 64.38 14.49
CA GLU F 468 -47.70 63.46 15.60
C GLU F 468 -47.40 62.04 15.11
N ASP F 469 -46.48 61.36 15.81
CA ASP F 469 -46.29 59.92 15.65
C ASP F 469 -46.00 59.32 17.02
N GLU F 470 -46.68 58.23 17.37
CA GLU F 470 -46.49 57.64 18.70
C GLU F 470 -45.03 57.27 18.90
N LEU F 471 -44.41 56.74 17.85
CA LEU F 471 -43.04 56.23 17.94
C LEU F 471 -41.95 57.28 17.68
N MET F 472 -41.91 57.83 16.47
CA MET F 472 -40.92 58.85 16.10
C MET F 472 -41.00 60.15 16.90
N GLY F 473 -42.19 60.39 17.42
CA GLY F 473 -42.54 61.56 18.21
C GLY F 473 -43.03 62.67 17.33
N GLU F 474 -42.49 62.76 16.12
CA GLU F 474 -42.93 63.70 15.11
C GLU F 474 -42.55 63.13 13.79
N LYS F 475 -43.35 63.37 12.76
CA LYS F 475 -42.96 62.99 11.42
C LYS F 475 -43.19 64.14 10.47
N SER F 476 -42.46 64.16 9.35
CA SER F 476 -42.67 65.21 8.33
C SER F 476 -43.86 64.88 7.41
N CYS F 477 -44.67 65.90 7.16
CA CYS F 477 -45.76 65.79 6.20
C CYS F 477 -45.68 66.96 5.23
N ALA F 478 -45.61 66.67 3.94
CA ALA F 478 -45.55 67.74 2.93
C ALA F 478 -46.89 67.99 2.28
N TYR F 479 -47.38 69.22 2.34
CA TYR F 479 -48.60 69.59 1.62
C TYR F 479 -48.24 70.32 0.35
N LEU F 480 -48.74 69.81 -0.78
CA LEU F 480 -48.43 70.37 -2.10
C LEU F 480 -49.64 70.84 -2.90
N VAL F 481 -49.46 71.89 -3.69
CA VAL F 481 -50.46 72.23 -4.70
C VAL F 481 -49.85 71.93 -6.06
N VAL F 482 -50.59 71.18 -6.86
CA VAL F 482 -49.99 70.53 -8.00
C VAL F 482 -50.66 70.78 -9.36
N LYS F 483 -49.84 70.80 -10.41
CA LYS F 483 -50.30 70.82 -11.81
C LYS F 483 -50.91 69.46 -12.18
N GLU F 484 -50.05 68.45 -12.27
CA GLU F 484 -50.50 67.09 -12.52
C GLU F 484 -50.27 66.26 -11.26
N PRO F 485 -51.33 65.62 -10.74
CA PRO F 485 -51.30 64.93 -9.44
C PRO F 485 -50.11 64.00 -9.21
N LEU F 486 -49.52 64.12 -8.02
CA LEU F 486 -48.30 63.41 -7.61
C LEU F 486 -48.58 62.44 -6.45
N ARG F 487 -47.87 61.30 -6.45
CA ARG F 487 -48.04 60.27 -5.42
C ARG F 487 -46.83 60.30 -4.47
N ALA F 488 -47.05 60.01 -3.19
CA ALA F 488 -46.00 60.17 -2.18
C ALA F 488 -44.67 59.52 -2.59
N VAL F 489 -44.77 58.31 -3.11
CA VAL F 489 -43.60 57.59 -3.58
C VAL F 489 -42.73 58.42 -4.54
N GLN F 490 -43.39 59.06 -5.52
CA GLN F 490 -42.69 59.84 -6.54
C GLN F 490 -41.96 61.00 -5.89
N VAL F 491 -42.62 61.64 -4.91
CA VAL F 491 -42.03 62.76 -4.19
C VAL F 491 -40.80 62.30 -3.43
N ARG F 492 -40.96 61.29 -2.58
CA ARG F 492 -39.85 60.80 -1.79
C ARG F 492 -38.72 60.41 -2.74
N ARG F 493 -39.08 59.76 -3.85
CA ARG F 493 -38.09 59.33 -4.83
C ARG F 493 -37.42 60.54 -5.45
N PHE F 494 -38.20 61.54 -5.84
CA PHE F 494 -37.68 62.75 -6.47
C PHE F 494 -36.68 63.46 -5.57
N LEU F 495 -37.09 63.62 -4.32
CA LEU F 495 -36.27 64.28 -3.32
C LEU F 495 -35.00 63.44 -3.06
N ARG F 496 -35.12 62.12 -3.05
CA ARG F 496 -33.94 61.29 -2.82
C ARG F 496 -32.87 61.55 -3.86
N GLU F 497 -33.29 61.64 -5.12
CA GLU F 497 -32.42 61.96 -6.26
C GLU F 497 -31.73 63.32 -6.10
N GLN F 498 -32.27 64.16 -5.23
CA GLN F 498 -31.69 65.47 -5.01
C GLN F 498 -30.46 65.39 -4.13
N GLY F 499 -30.19 64.19 -3.63
CA GLY F 499 -29.05 63.96 -2.76
C GLY F 499 -29.14 64.58 -1.37
N ILE F 500 -30.16 64.19 -0.63
CA ILE F 500 -30.32 64.64 0.75
C ILE F 500 -30.40 63.46 1.70
N ALA F 501 -30.19 63.74 2.98
CA ALA F 501 -30.23 62.72 4.04
C ALA F 501 -31.58 62.01 4.02
N GLU F 502 -31.54 60.70 4.24
CA GLU F 502 -32.71 59.85 4.05
C GLU F 502 -33.91 60.20 4.96
N PHE F 503 -33.65 60.81 6.11
CA PHE F 503 -34.73 61.12 7.06
C PHE F 503 -35.45 62.41 6.70
N LYS F 504 -34.93 63.13 5.72
CA LYS F 504 -35.57 64.34 5.25
C LYS F 504 -36.72 64.04 4.28
N LEU F 505 -36.66 62.89 3.61
CA LEU F 505 -37.78 62.40 2.82
C LEU F 505 -39.05 62.34 3.66
N PRO F 506 -40.11 63.03 3.19
CA PRO F 506 -41.34 63.21 3.96
C PRO F 506 -42.05 61.87 4.23
N ASP F 507 -42.65 61.72 5.40
CA ASP F 507 -43.31 60.45 5.74
C ASP F 507 -44.71 60.37 5.19
N ARG F 508 -45.27 61.54 4.90
CA ARG F 508 -46.60 61.62 4.32
C ARG F 508 -46.66 62.80 3.33
N VAL F 509 -47.33 62.58 2.21
CA VAL F 509 -47.57 63.66 1.25
C VAL F 509 -49.05 63.79 0.94
N GLU F 510 -49.55 65.02 1.02
CA GLU F 510 -50.95 65.31 0.74
C GLU F 510 -51.06 66.37 -0.32
N CYS F 511 -51.62 66.02 -1.47
CA CYS F 511 -51.94 67.03 -2.47
C CYS F 511 -53.29 67.69 -2.17
N VAL F 512 -53.29 69.03 -2.22
CA VAL F 512 -54.45 69.81 -1.84
C VAL F 512 -54.76 70.86 -2.92
N ASP F 513 -55.96 71.45 -2.89
CA ASP F 513 -56.38 72.40 -3.92
C ASP F 513 -55.65 73.73 -3.79
N SER F 514 -55.44 74.14 -2.55
CA SER F 514 -54.92 75.47 -2.27
C SER F 514 -54.12 75.51 -0.97
N LEU F 515 -53.22 76.48 -0.90
CA LEU F 515 -52.49 76.76 0.34
C LEU F 515 -52.44 78.26 0.63
N PRO F 516 -52.50 78.63 1.91
CA PRO F 516 -52.45 80.04 2.29
C PRO F 516 -51.16 80.67 1.81
N LEU F 517 -51.22 81.78 1.07
CA LEU F 517 -50.00 82.48 0.68
C LEU F 517 -49.97 83.87 1.29
N THR F 518 -48.83 84.23 1.87
CA THR F 518 -48.72 85.49 2.60
C THR F 518 -48.16 86.54 1.67
N ALA F 519 -48.07 87.76 2.19
CA ALA F 519 -47.75 88.90 1.34
C ALA F 519 -46.45 88.73 0.51
N VAL F 520 -45.58 87.85 0.97
CA VAL F 520 -44.26 87.71 0.36
C VAL F 520 -44.10 86.54 -0.62
N GLY F 521 -45.16 85.81 -0.91
CA GLY F 521 -45.08 84.84 -1.98
C GLY F 521 -44.89 83.44 -1.47
N LYS F 522 -44.56 83.34 -0.18
CA LYS F 522 -44.32 82.08 0.53
C LYS F 522 -45.63 81.64 1.22
N VAL F 523 -45.59 80.50 1.90
CA VAL F 523 -46.82 79.85 2.42
C VAL F 523 -47.11 80.16 3.91
N ASP F 524 -48.34 80.47 4.26
CA ASP F 524 -48.56 80.77 5.66
C ASP F 524 -48.56 79.45 6.41
N LYS F 525 -47.49 79.25 7.18
CA LYS F 525 -47.28 78.07 7.99
C LYS F 525 -48.19 78.16 9.20
N LYS F 526 -48.10 79.30 9.89
CA LYS F 526 -48.98 79.58 11.02
C LYS F 526 -50.46 79.30 10.66
N GLN F 527 -50.85 79.66 9.44
CA GLN F 527 -52.25 79.54 9.05
C GLN F 527 -52.68 78.12 8.68
N LEU F 528 -51.75 77.32 8.18
CA LEU F 528 -52.02 75.89 7.91
C LEU F 528 -52.31 75.13 9.22
N ARG F 529 -51.47 75.36 10.22
CA ARG F 529 -51.61 74.75 11.53
C ARG F 529 -52.88 75.21 12.26
N GLN F 530 -53.32 76.44 12.00
CA GLN F 530 -54.54 76.95 12.66
C GLN F 530 -55.79 76.44 11.93
N TRP F 531 -55.58 75.58 10.96
CA TRP F 531 -56.64 74.90 10.20
C TRP F 531 -56.56 73.40 10.43
N LEU F 532 -55.42 72.80 10.12
CA LEU F 532 -55.27 71.36 10.29
C LEU F 532 -55.86 70.95 11.63
N ALA F 533 -55.55 71.72 12.67
CA ALA F 533 -56.01 71.41 14.03
C ALA F 533 -57.54 71.38 14.21
N SER F 534 -58.27 72.08 13.36
CA SER F 534 -59.74 71.99 13.32
C SER F 534 -60.21 70.73 12.60
N ARG F 535 -59.62 70.46 11.42
CA ARG F 535 -59.89 69.24 10.66
C ARG F 535 -59.36 68.02 11.42
N ALA F 536 -58.61 68.28 12.50
CA ALA F 536 -58.05 67.23 13.35
C ALA F 536 -59.07 66.80 14.40
N SER F 537 -59.36 67.72 15.31
CA SER F 537 -60.38 67.48 16.33
C SER F 537 -61.70 67.08 15.69
N ALA F 538 -62.36 68.01 14.99
CA ALA F 538 -63.62 67.71 14.32
C ALA F 538 -63.41 66.73 13.18
N PRO F 544 -67.74 58.25 16.81
CA PRO F 544 -67.40 58.24 15.37
C PRO F 544 -68.58 58.56 14.43
N ALA F 545 -68.47 58.14 13.17
CA ALA F 545 -69.39 58.63 12.13
C ALA F 545 -70.78 57.94 12.05
N SER F 546 -70.86 56.72 11.50
CA SER F 546 -72.17 56.06 11.41
C SER F 546 -72.25 54.73 12.19
N LYS F 547 -73.42 54.12 12.19
CA LYS F 547 -73.68 52.91 12.97
C LYS F 547 -72.72 51.77 12.61
N ALA F 548 -72.34 51.70 11.34
CA ALA F 548 -71.38 50.70 10.87
C ALA F 548 -69.96 51.04 11.32
N ALA F 549 -69.73 52.32 11.60
CA ALA F 549 -68.44 52.79 12.10
C ALA F 549 -68.32 52.48 13.59
N LEU F 550 -69.47 52.41 14.25
CA LEU F 550 -69.56 52.06 15.67
C LEU F 550 -69.35 50.57 15.86
N ARG F 551 -69.92 49.77 14.96
CA ARG F 551 -69.66 48.34 14.96
C ARG F 551 -68.17 48.07 14.86
N GLU F 552 -67.49 48.84 14.01
CA GLU F 552 -66.06 48.66 13.77
C GLU F 552 -65.26 48.87 15.05
N VAL F 553 -65.74 49.78 15.89
CA VAL F 553 -65.05 50.11 17.14
C VAL F 553 -65.30 49.07 18.23
N ILE F 554 -66.50 48.50 18.22
CA ILE F 554 -66.94 47.52 19.23
C ILE F 554 -66.37 46.10 19.03
N LEU F 555 -66.39 45.63 17.80
CA LEU F 555 -65.99 44.25 17.50
C LEU F 555 -64.68 43.75 18.14
N PRO F 556 -63.60 44.56 18.09
CA PRO F 556 -62.33 44.18 18.73
C PRO F 556 -62.42 44.01 20.25
N LEU F 557 -63.49 44.49 20.87
CA LEU F 557 -63.67 44.39 22.32
C LEU F 557 -64.40 43.12 22.75
N LEU F 558 -64.89 42.35 21.78
CA LEU F 558 -65.72 41.19 22.07
C LEU F 558 -64.95 39.94 21.73
N ASP F 559 -65.59 38.80 21.92
CA ASP F 559 -65.02 37.53 21.52
C ASP F 559 -64.87 37.59 20.00
N GLU F 560 -63.67 37.30 19.52
CA GLU F 560 -63.43 37.19 18.09
C GLU F 560 -64.35 36.13 17.48
N SER F 561 -64.82 35.20 18.31
CA SER F 561 -65.58 34.01 17.90
C SER F 561 -66.88 34.29 17.11
N ASP F 562 -67.67 35.26 17.57
CA ASP F 562 -68.98 35.52 16.97
C ASP F 562 -69.18 36.99 16.60
N GLU F 563 -70.21 37.28 15.81
CA GLU F 563 -70.61 38.67 15.61
C GLU F 563 -72.08 38.85 16.04
N PRO F 564 -72.36 39.92 16.77
CA PRO F 564 -73.68 40.23 17.31
C PRO F 564 -74.62 40.93 16.32
N PHE F 565 -75.92 40.69 16.49
CA PHE F 565 -76.91 41.45 15.75
C PHE F 565 -77.03 42.77 16.48
N ASP F 566 -77.39 43.81 15.75
CA ASP F 566 -77.38 45.15 16.31
C ASP F 566 -78.14 45.24 17.65
N ASP F 567 -79.14 44.40 17.83
CA ASP F 567 -79.96 44.44 19.06
C ASP F 567 -79.57 43.44 20.17
N ASP F 568 -78.54 42.63 19.91
CA ASP F 568 -78.00 41.66 20.89
C ASP F 568 -77.34 42.35 22.09
N ASN F 569 -77.40 41.72 23.26
CA ASN F 569 -76.72 42.26 24.43
C ASN F 569 -75.22 41.97 24.32
N LEU F 570 -74.43 43.02 24.28
CA LEU F 570 -72.99 42.88 24.01
C LEU F 570 -72.18 42.21 25.12
N ILE F 571 -72.74 42.10 26.32
CA ILE F 571 -72.09 41.35 27.40
C ILE F 571 -72.02 39.84 27.10
N ASP F 572 -73.07 39.34 26.43
CA ASP F 572 -73.14 37.95 26.01
C ASP F 572 -72.07 37.67 24.97
N TYR F 573 -71.57 38.73 24.35
CA TYR F 573 -70.48 38.63 23.39
C TYR F 573 -69.09 38.91 23.97
N GLY F 574 -69.02 39.11 25.28
CA GLY F 574 -67.77 39.13 26.01
C GLY F 574 -67.15 40.49 26.26
N LEU F 575 -67.97 41.53 26.08
CA LEU F 575 -67.54 42.89 26.35
C LEU F 575 -67.57 43.14 27.85
N ASP F 576 -66.41 43.43 28.43
CA ASP F 576 -66.28 43.56 29.88
C ASP F 576 -66.55 44.98 30.38
N SER F 577 -67.10 45.08 31.58
CA SER F 577 -67.47 46.37 32.18
C SER F 577 -66.39 47.45 32.14
N VAL F 578 -65.12 47.09 32.26
CA VAL F 578 -64.06 48.11 32.21
C VAL F 578 -63.90 48.79 30.84
N ARG F 579 -63.79 48.01 29.77
CA ARG F 579 -63.74 48.56 28.41
C ARG F 579 -64.95 49.44 28.14
N MET F 580 -66.06 49.09 28.78
CA MET F 580 -67.31 49.81 28.58
C MET F 580 -67.22 51.20 29.23
N MET F 581 -66.72 51.23 30.46
CA MET F 581 -66.51 52.49 31.16
C MET F 581 -65.68 53.44 30.34
N ALA F 582 -64.61 52.90 29.76
CA ALA F 582 -63.75 53.66 28.88
C ALA F 582 -64.50 54.21 27.68
N LEU F 583 -65.27 53.36 27.00
CA LEU F 583 -66.07 53.83 25.86
C LEU F 583 -66.96 54.99 26.29
N ALA F 584 -67.58 54.86 27.47
CA ALA F 584 -68.43 55.91 28.00
C ALA F 584 -67.66 57.21 28.16
N ALA F 585 -66.48 57.11 28.74
CA ALA F 585 -65.61 58.28 28.93
C ALA F 585 -65.26 58.98 27.60
N ARG F 586 -64.86 58.20 26.61
CA ARG F 586 -64.53 58.75 25.29
C ARG F 586 -65.75 59.41 24.59
N TRP F 587 -66.96 58.88 24.82
CA TRP F 587 -68.16 59.45 24.22
C TRP F 587 -68.78 60.59 25.01
N ARG F 588 -68.41 60.72 26.28
CA ARG F 588 -68.94 61.78 27.13
C ARG F 588 -68.41 63.14 26.66
N LYS F 589 -67.22 63.12 26.07
CA LYS F 589 -66.57 64.33 25.55
C LYS F 589 -67.35 64.94 24.38
N VAL F 590 -68.38 64.24 23.90
CA VAL F 590 -69.27 64.76 22.84
C VAL F 590 -70.71 64.93 23.34
N HIS F 591 -71.36 63.84 23.75
CA HIS F 591 -72.60 63.95 24.50
C HIS F 591 -72.30 63.78 26.00
N GLY F 592 -72.38 64.87 26.76
CA GLY F 592 -71.90 64.89 28.13
C GLY F 592 -72.86 64.31 29.16
N ASP F 593 -73.97 63.74 28.69
CA ASP F 593 -74.92 63.08 29.59
C ASP F 593 -74.63 61.59 29.70
N ILE F 594 -73.74 61.09 28.84
CA ILE F 594 -73.37 59.68 28.83
C ILE F 594 -72.34 59.36 29.91
N ASP F 595 -72.69 58.40 30.77
CA ASP F 595 -71.77 57.88 31.78
C ASP F 595 -71.69 56.37 31.63
N PHE F 596 -71.00 55.71 32.56
CA PHE F 596 -70.98 54.26 32.51
C PHE F 596 -72.36 53.64 32.66
N VAL F 597 -73.08 54.07 33.68
CA VAL F 597 -74.37 53.47 34.03
C VAL F 597 -75.36 53.48 32.88
N MET F 598 -75.35 54.54 32.09
CA MET F 598 -76.30 54.68 31.00
C MET F 598 -76.02 53.65 29.91
N LEU F 599 -74.74 53.53 29.54
CA LEU F 599 -74.33 52.55 28.54
C LEU F 599 -74.77 51.14 28.91
N ALA F 600 -74.57 50.79 30.18
CA ALA F 600 -74.83 49.44 30.69
C ALA F 600 -76.29 49.13 30.95
N LYS F 601 -77.11 50.16 31.16
CA LYS F 601 -78.53 49.93 31.39
C LYS F 601 -79.15 49.16 30.22
N ASN F 602 -78.80 49.55 28.98
CA ASN F 602 -79.13 48.78 27.79
C ASN F 602 -77.99 48.71 26.75
N PRO F 603 -77.11 47.71 26.87
CA PRO F 603 -75.86 47.61 26.10
C PRO F 603 -75.98 46.93 24.74
N THR F 604 -76.68 47.55 23.81
CA THR F 604 -76.80 47.00 22.46
C THR F 604 -76.19 48.00 21.48
N ILE F 605 -75.79 47.58 20.29
CA ILE F 605 -75.30 48.56 19.32
C ILE F 605 -76.39 49.56 18.91
N ASP F 606 -77.62 49.08 18.81
CA ASP F 606 -78.78 49.92 18.50
C ASP F 606 -78.91 51.03 19.52
N ALA F 607 -78.91 50.64 20.80
CA ALA F 607 -79.12 51.57 21.90
C ALA F 607 -78.05 52.65 21.92
N TRP F 608 -76.81 52.25 21.62
CA TRP F 608 -75.68 53.16 21.66
C TRP F 608 -75.61 54.05 20.43
N TRP F 609 -76.22 53.59 19.35
CA TRP F 609 -76.31 54.43 18.17
C TRP F 609 -77.38 55.51 18.34
N LYS F 610 -78.54 55.14 18.87
CA LYS F 610 -79.58 56.10 19.20
C LYS F 610 -79.02 57.23 20.10
N LEU F 611 -78.02 56.90 20.92
CA LEU F 611 -77.38 57.83 21.84
C LEU F 611 -76.35 58.75 21.21
N LEU F 612 -75.67 58.27 20.17
CA LEU F 612 -74.66 59.07 19.48
C LEU F 612 -75.23 59.78 18.24
N SER G 4 -13.59 -35.63 -28.11
CA SER G 4 -13.22 -34.70 -29.19
C SER G 4 -12.91 -33.28 -28.70
N ILE G 5 -12.32 -32.48 -29.60
CA ILE G 5 -12.19 -31.03 -29.51
C ILE G 5 -12.84 -30.41 -30.75
N PRO G 6 -13.56 -29.30 -30.55
CA PRO G 6 -14.45 -28.58 -31.47
C PRO G 6 -13.77 -27.71 -32.54
N PHE G 7 -13.40 -28.29 -33.67
CA PHE G 7 -12.90 -27.47 -34.78
C PHE G 7 -13.77 -27.61 -36.02
N THR G 8 -13.63 -26.65 -36.93
CA THR G 8 -14.33 -26.68 -38.20
C THR G 8 -13.67 -27.71 -39.08
N ARG G 9 -14.44 -28.70 -39.53
CA ARG G 9 -13.88 -29.76 -40.34
C ARG G 9 -13.87 -29.38 -41.81
N TRP G 10 -13.28 -30.26 -42.63
CA TRP G 10 -13.27 -30.05 -44.07
C TRP G 10 -14.51 -30.71 -44.65
N PRO G 11 -15.08 -30.11 -45.68
CA PRO G 11 -16.20 -30.74 -46.41
C PRO G 11 -15.85 -32.18 -46.77
N GLU G 12 -16.80 -33.10 -46.60
CA GLU G 12 -16.53 -34.53 -46.82
C GLU G 12 -15.81 -34.77 -48.16
N GLU G 13 -16.23 -34.03 -49.19
CA GLU G 13 -15.67 -34.19 -50.53
C GLU G 13 -14.17 -33.90 -50.59
N PHE G 14 -13.71 -32.94 -49.78
CA PHE G 14 -12.30 -32.56 -49.74
C PHE G 14 -11.46 -33.57 -48.94
N ALA G 15 -12.01 -34.03 -47.82
CA ALA G 15 -11.35 -35.06 -47.01
C ALA G 15 -11.07 -36.32 -47.83
N ARG G 16 -11.93 -36.58 -48.82
CA ARG G 16 -11.74 -37.71 -49.73
C ARG G 16 -10.63 -37.46 -50.76
N ARG G 17 -10.68 -36.29 -51.42
CA ARG G 17 -9.68 -35.96 -52.44
C ARG G 17 -8.29 -35.81 -51.83
N TYR G 18 -8.24 -35.35 -50.58
CA TYR G 18 -6.98 -35.13 -49.88
C TYR G 18 -6.34 -36.43 -49.38
N ARG G 19 -7.15 -37.43 -49.06
CA ARG G 19 -6.62 -38.76 -48.76
C ARG G 19 -6.29 -39.51 -50.05
N GLU G 20 -7.18 -39.41 -51.04
CA GLU G 20 -6.97 -40.10 -52.32
C GLU G 20 -5.75 -39.55 -53.05
N LYS G 21 -5.45 -38.27 -52.86
CA LYS G 21 -4.31 -37.65 -53.54
C LYS G 21 -2.98 -37.83 -52.77
N GLY G 22 -3.07 -38.46 -51.61
CA GLY G 22 -1.88 -38.82 -50.82
C GLY G 22 -1.44 -37.80 -49.79
N TYR G 23 -2.13 -36.67 -49.76
CA TYR G 23 -1.81 -35.57 -48.85
C TYR G 23 -1.97 -35.96 -47.37
N TRP G 24 -3.15 -36.44 -46.98
CA TRP G 24 -3.36 -36.89 -45.61
C TRP G 24 -3.04 -38.37 -45.49
N GLN G 25 -1.99 -38.69 -44.74
CA GLN G 25 -1.58 -40.08 -44.57
C GLN G 25 -2.20 -40.75 -43.33
N ASP G 26 -3.07 -40.02 -42.64
CA ASP G 26 -3.69 -40.53 -41.41
C ASP G 26 -2.68 -41.11 -40.43
N LEU G 27 -1.55 -40.41 -40.26
CA LEU G 27 -0.54 -40.77 -39.27
C LEU G 27 -0.45 -39.68 -38.23
N PRO G 28 -0.12 -40.06 -36.99
CA PRO G 28 0.04 -39.09 -35.91
C PRO G 28 1.27 -38.21 -36.16
N LEU G 29 1.29 -37.00 -35.63
CA LEU G 29 2.48 -36.16 -35.74
C LEU G 29 3.63 -36.78 -34.96
N THR G 30 3.31 -37.65 -33.99
CA THR G 30 4.36 -38.32 -33.22
C THR G 30 5.21 -39.21 -34.12
N ASP G 31 4.64 -39.69 -35.22
CA ASP G 31 5.38 -40.51 -36.17
C ASP G 31 6.70 -39.85 -36.62
N ILE G 32 6.74 -38.53 -36.60
CA ILE G 32 7.94 -37.76 -36.92
C ILE G 32 9.12 -38.12 -36.02
N LEU G 33 8.87 -38.13 -34.72
CA LEU G 33 9.90 -38.49 -33.74
C LEU G 33 10.06 -40.00 -33.59
N THR G 34 8.97 -40.72 -33.79
CA THR G 34 8.91 -42.17 -33.68
C THR G 34 9.80 -42.92 -34.67
N ARG G 35 9.81 -42.47 -35.91
CA ARG G 35 10.65 -43.06 -36.96
C ARG G 35 12.08 -43.22 -36.50
N HIS G 36 12.56 -42.22 -35.76
CA HIS G 36 13.96 -42.14 -35.34
C HIS G 36 14.21 -42.65 -33.90
N ALA G 37 13.19 -43.23 -33.28
CA ALA G 37 13.28 -43.64 -31.88
C ALA G 37 14.51 -44.49 -31.57
N ALA G 38 15.00 -45.21 -32.57
CA ALA G 38 16.14 -46.09 -32.39
C ALA G 38 17.48 -45.46 -32.81
N SER G 39 17.44 -44.25 -33.36
CA SER G 39 18.66 -43.61 -33.85
C SER G 39 19.44 -42.89 -32.76
N ASP G 40 20.77 -43.01 -32.84
CA ASP G 40 21.64 -42.35 -31.87
C ASP G 40 22.25 -41.04 -32.39
N SER G 41 21.87 -40.63 -33.60
CA SER G 41 22.36 -39.35 -34.13
C SER G 41 21.71 -38.16 -33.41
N ILE G 42 22.34 -37.00 -33.53
CA ILE G 42 21.94 -35.82 -32.76
C ILE G 42 20.72 -35.09 -33.34
N ALA G 43 19.64 -35.03 -32.58
CA ALA G 43 18.46 -34.29 -33.00
C ALA G 43 18.52 -32.79 -32.62
N VAL G 44 18.98 -32.49 -31.41
CA VAL G 44 18.90 -31.14 -30.89
C VAL G 44 20.20 -30.75 -30.20
N ILE G 45 20.73 -29.59 -30.56
CA ILE G 45 21.85 -29.02 -29.80
C ILE G 45 21.41 -27.73 -29.13
N ASP G 46 21.28 -27.76 -27.81
CA ASP G 46 20.89 -26.58 -27.05
C ASP G 46 22.03 -26.19 -26.14
N GLY G 47 22.75 -25.12 -26.51
CA GLY G 47 23.94 -24.73 -25.78
C GLY G 47 24.97 -25.83 -25.81
N GLU G 48 25.41 -26.27 -24.64
CA GLU G 48 26.39 -27.36 -24.52
C GLU G 48 25.77 -28.76 -24.63
N ARG G 49 24.47 -28.85 -24.40
CA ARG G 49 23.75 -30.13 -24.42
C ARG G 49 23.45 -30.64 -25.83
N GLN G 50 23.61 -31.94 -26.06
CA GLN G 50 23.19 -32.55 -27.32
C GLN G 50 22.32 -33.79 -27.06
N LEU G 51 21.18 -33.87 -27.74
CA LEU G 51 20.29 -34.99 -27.54
C LEU G 51 20.12 -35.81 -28.82
N SER G 52 20.24 -37.13 -28.66
CA SER G 52 20.00 -38.07 -29.76
C SER G 52 18.49 -38.17 -30.00
N TYR G 53 18.10 -38.67 -31.17
CA TYR G 53 16.68 -38.92 -31.43
C TYR G 53 16.12 -39.88 -30.42
N ARG G 54 16.91 -40.89 -30.07
CA ARG G 54 16.50 -41.85 -29.06
C ARG G 54 16.20 -41.17 -27.73
N GLU G 55 17.13 -40.30 -27.31
CA GLU G 55 16.98 -39.55 -26.06
C GLU G 55 15.79 -38.60 -26.12
N LEU G 56 15.67 -37.87 -27.23
CA LEU G 56 14.60 -36.92 -27.41
C LEU G 56 13.24 -37.63 -27.33
N ASN G 57 13.08 -38.68 -28.12
CA ASN G 57 11.87 -39.47 -28.05
C ASN G 57 11.64 -40.07 -26.65
N GLN G 58 12.72 -40.55 -26.03
CA GLN G 58 12.63 -41.07 -24.67
C GLN G 58 12.15 -40.02 -23.66
N ALA G 59 12.76 -38.83 -23.70
CA ALA G 59 12.37 -37.75 -22.79
C ALA G 59 10.89 -37.47 -22.92
N ALA G 60 10.39 -37.52 -24.16
CA ALA G 60 8.99 -37.23 -24.44
C ALA G 60 8.09 -38.27 -23.79
N ASP G 61 8.47 -39.54 -23.94
CA ASP G 61 7.72 -40.63 -23.31
C ASP G 61 7.67 -40.44 -21.80
N ASN G 62 8.81 -40.13 -21.21
CA ASN G 62 8.89 -39.88 -19.78
C ASN G 62 7.97 -38.76 -19.29
N LEU G 63 8.09 -37.59 -19.91
CA LEU G 63 7.31 -36.43 -19.52
C LEU G 63 5.82 -36.66 -19.75
N ALA G 64 5.50 -37.50 -20.73
CA ALA G 64 4.12 -37.79 -21.03
C ALA G 64 3.59 -38.77 -20.01
N CYS G 65 4.42 -39.76 -19.69
CA CYS G 65 4.09 -40.77 -18.70
C CYS G 65 3.89 -40.12 -17.34
N SER G 66 4.84 -39.27 -16.98
CA SER G 66 4.81 -38.52 -15.72
C SER G 66 3.57 -37.60 -15.63
N LEU G 67 3.12 -37.11 -16.77
CA LEU G 67 1.94 -36.24 -16.80
C LEU G 67 0.67 -37.05 -16.71
N ARG G 68 0.69 -38.27 -17.27
CA ARG G 68 -0.46 -39.16 -17.17
C ARG G 68 -0.66 -39.53 -15.71
N ARG G 69 0.45 -39.82 -15.05
CA ARG G 69 0.46 -40.13 -13.62
C ARG G 69 -0.13 -38.97 -12.78
N GLN G 70 0.01 -37.74 -13.25
CA GLN G 70 -0.53 -36.60 -12.50
C GLN G 70 -1.97 -36.35 -12.89
N ILE G 72 -3.56 -36.25 -16.08
CA ILE G 72 -3.94 -35.56 -17.30
C ILE G 72 -4.56 -36.54 -18.30
N LYS G 73 -5.84 -36.35 -18.60
CA LYS G 73 -6.54 -37.23 -19.54
C LYS G 73 -6.47 -36.72 -20.98
N PRO G 74 -6.36 -37.66 -21.95
CA PRO G 74 -6.50 -37.35 -23.38
C PRO G 74 -7.75 -36.51 -23.69
N GLY G 75 -7.64 -35.59 -24.65
CA GLY G 75 -8.74 -34.70 -25.00
C GLY G 75 -8.65 -33.31 -24.37
N GLU G 76 -7.87 -33.21 -23.29
CA GLU G 76 -7.63 -31.93 -22.61
C GLU G 76 -6.63 -31.03 -23.33
N THR G 77 -6.61 -29.76 -22.94
CA THR G 77 -5.73 -28.79 -23.56
C THR G 77 -4.69 -28.29 -22.59
N ALA G 78 -3.60 -27.76 -23.16
CA ALA G 78 -2.54 -27.21 -22.35
C ALA G 78 -2.15 -25.80 -22.79
N LEU G 79 -1.43 -25.10 -21.92
CA LEU G 79 -0.81 -23.82 -22.25
C LEU G 79 0.67 -23.96 -22.02
N VAL G 80 1.46 -23.91 -23.09
CA VAL G 80 2.90 -24.04 -22.94
C VAL G 80 3.62 -22.74 -23.28
N GLN G 81 4.42 -22.22 -22.35
CA GLN G 81 5.28 -21.10 -22.69
C GLN G 81 6.75 -21.45 -22.46
N LEU G 82 7.44 -21.73 -23.56
CA LEU G 82 8.82 -22.14 -23.50
C LEU G 82 9.54 -21.44 -24.62
N GLY G 83 10.80 -21.09 -24.39
CA GLY G 83 11.56 -20.33 -25.35
C GLY G 83 12.22 -21.19 -26.41
N ASN G 84 13.38 -20.77 -26.86
CA ASN G 84 14.18 -21.50 -27.81
C ASN G 84 15.01 -22.62 -27.22
N VAL G 85 14.47 -23.33 -26.26
CA VAL G 85 15.17 -24.39 -25.58
C VAL G 85 14.61 -25.78 -25.92
N ALA G 86 15.41 -26.83 -25.72
CA ALA G 86 15.04 -28.18 -26.12
C ALA G 86 13.76 -28.68 -25.45
N GLU G 87 13.55 -28.25 -24.22
CA GLU G 87 12.38 -28.69 -23.49
C GLU G 87 11.08 -28.34 -24.22
N LEU G 88 11.16 -27.36 -25.14
CA LEU G 88 10.00 -27.02 -25.94
C LEU G 88 9.65 -28.18 -26.85
N TYR G 89 10.62 -28.65 -27.61
CA TYR G 89 10.38 -29.77 -28.51
C TYR G 89 9.98 -31.05 -27.73
N ILE G 90 10.60 -31.26 -26.57
CA ILE G 90 10.23 -32.39 -25.74
C ILE G 90 8.78 -32.30 -25.30
N THR G 91 8.40 -31.13 -24.76
CA THR G 91 7.04 -30.91 -24.27
C THR G 91 6.03 -31.10 -25.39
N PHE G 92 6.39 -30.64 -26.57
CA PHE G 92 5.48 -30.67 -27.69
C PHE G 92 5.14 -32.10 -27.99
N PHE G 93 6.17 -32.93 -28.14
CA PHE G 93 5.94 -34.33 -28.46
C PHE G 93 5.34 -35.09 -27.27
N ALA G 94 5.71 -34.70 -26.06
CA ALA G 94 5.13 -35.33 -24.88
C ALA G 94 3.64 -35.14 -24.90
N LEU G 95 3.22 -33.93 -25.20
CA LEU G 95 1.79 -33.63 -25.25
C LEU G 95 1.09 -34.26 -26.45
N LEU G 96 1.84 -34.55 -27.51
CA LEU G 96 1.29 -35.22 -28.69
C LEU G 96 1.07 -36.69 -28.42
N LYS G 97 1.98 -37.24 -27.63
CA LYS G 97 1.90 -38.64 -27.23
C LYS G 97 0.73 -38.89 -26.26
N LEU G 98 0.35 -37.89 -25.47
CA LEU G 98 -0.75 -38.05 -24.52
C LEU G 98 -2.14 -37.92 -25.12
N GLY G 99 -2.25 -37.14 -26.19
CA GLY G 99 -3.54 -36.86 -26.80
C GLY G 99 -4.04 -35.47 -26.43
N VAL G 100 -3.16 -34.68 -25.81
CA VAL G 100 -3.42 -33.30 -25.42
C VAL G 100 -3.07 -32.26 -26.51
N ALA G 101 -3.84 -31.18 -26.57
CA ALA G 101 -3.57 -30.13 -27.56
C ALA G 101 -3.13 -28.84 -26.88
N PRO G 102 -1.84 -28.51 -26.95
CA PRO G 102 -1.28 -27.30 -26.35
C PRO G 102 -1.41 -26.07 -27.24
N VAL G 103 -1.21 -24.91 -26.61
CA VAL G 103 -0.97 -23.68 -27.32
C VAL G 103 0.48 -23.35 -27.06
N LEU G 104 1.27 -23.15 -28.10
CA LEU G 104 2.64 -22.77 -27.85
C LEU G 104 2.72 -21.25 -27.85
N ALA G 105 2.82 -20.71 -26.64
CA ALA G 105 2.84 -19.29 -26.42
C ALA G 105 4.27 -18.78 -26.63
N LEU G 106 4.37 -17.57 -27.15
CA LEU G 106 5.66 -16.93 -27.26
C LEU G 106 6.20 -16.65 -25.89
N PHE G 107 7.51 -16.70 -25.77
CA PHE G 107 8.15 -16.38 -24.51
C PHE G 107 8.04 -14.87 -24.22
N SER G 108 7.84 -14.08 -25.26
CA SER G 108 7.75 -12.64 -25.10
C SER G 108 6.40 -12.20 -24.57
N HIS G 109 5.43 -13.12 -24.61
CA HIS G 109 4.08 -12.84 -24.12
C HIS G 109 4.09 -12.60 -22.63
N GLN G 110 3.02 -11.98 -22.15
CA GLN G 110 2.96 -11.49 -20.79
C GLN G 110 1.58 -11.73 -20.18
N ARG G 111 1.32 -11.08 -19.05
CA ARG G 111 0.09 -11.29 -18.29
C ARG G 111 -1.18 -11.34 -19.15
N SER G 112 -1.42 -10.33 -20.00
CA SER G 112 -2.70 -10.27 -20.70
C SER G 112 -2.84 -11.35 -21.77
N GLU G 113 -1.75 -11.62 -22.47
CA GLU G 113 -1.76 -12.62 -23.53
C GLU G 113 -2.03 -14.01 -22.98
N LEU G 114 -1.34 -14.37 -21.92
CA LEU G 114 -1.50 -15.69 -21.31
C LEU G 114 -2.90 -15.85 -20.73
N ASN G 115 -3.42 -14.78 -20.14
CA ASN G 115 -4.78 -14.83 -19.64
C ASN G 115 -5.72 -15.14 -20.80
N ALA G 116 -5.60 -14.34 -21.85
CA ALA G 116 -6.43 -14.51 -23.05
C ALA G 116 -6.43 -15.97 -23.54
N TYR G 117 -5.27 -16.58 -23.59
CA TYR G 117 -5.19 -17.93 -24.13
C TYR G 117 -5.87 -18.91 -23.19
N ALA G 118 -5.56 -18.82 -21.91
CA ALA G 118 -6.08 -19.79 -20.96
C ALA G 118 -7.60 -19.75 -20.89
N SER G 119 -8.17 -18.58 -21.17
CA SER G 119 -9.62 -18.40 -21.16
C SER G 119 -10.34 -19.14 -22.28
N GLN G 120 -9.79 -19.09 -23.51
CA GLN G 120 -10.39 -19.81 -24.63
C GLN G 120 -10.08 -21.32 -24.60
N ILE G 121 -8.89 -21.64 -24.13
CA ILE G 121 -8.43 -23.03 -24.08
C ILE G 121 -9.07 -23.85 -22.97
N GLU G 122 -9.20 -23.24 -21.79
CA GLU G 122 -9.55 -23.97 -20.56
C GLU G 122 -8.57 -25.12 -20.32
N PRO G 123 -7.30 -24.77 -20.09
CA PRO G 123 -6.16 -25.69 -19.99
C PRO G 123 -6.22 -26.50 -18.72
N ALA G 124 -5.92 -27.78 -18.84
CA ALA G 124 -5.78 -28.63 -17.67
C ALA G 124 -4.32 -28.62 -17.20
N LEU G 125 -3.45 -28.05 -18.05
CA LEU G 125 -2.01 -28.12 -17.83
C LEU G 125 -1.30 -26.81 -18.15
N LEU G 126 -0.40 -26.39 -17.27
CA LEU G 126 0.41 -25.20 -17.52
C LEU G 126 1.89 -25.57 -17.46
N ILE G 127 2.63 -25.19 -18.50
CA ILE G 127 4.07 -25.39 -18.50
C ILE G 127 4.75 -24.07 -18.87
N ALA G 128 5.59 -23.57 -17.97
CA ALA G 128 6.24 -22.27 -18.11
C ALA G 128 7.66 -22.34 -17.61
N ASP G 129 8.37 -21.22 -17.63
CA ASP G 129 9.78 -21.17 -17.28
C ASP G 129 10.02 -20.16 -16.17
N ARG G 130 10.74 -20.55 -15.11
CA ARG G 130 10.98 -19.64 -13.98
C ARG G 130 11.91 -18.48 -14.32
N GLN G 131 12.59 -18.59 -15.46
CA GLN G 131 13.46 -17.51 -15.94
C GLN G 131 12.65 -16.43 -16.63
N HIS G 132 11.38 -16.72 -16.86
CA HIS G 132 10.43 -15.73 -17.37
C HIS G 132 9.91 -14.85 -16.22
N ALA G 133 9.79 -13.55 -16.44
CA ALA G 133 9.49 -12.61 -15.35
C ALA G 133 8.28 -12.95 -14.50
N LEU G 134 7.24 -13.47 -15.13
CA LEU G 134 6.00 -13.79 -14.42
C LEU G 134 6.18 -14.96 -13.46
N PHE G 135 7.10 -15.85 -13.83
CA PHE G 135 7.38 -17.04 -13.04
C PHE G 135 8.62 -17.01 -12.16
N SER G 136 9.28 -15.85 -12.10
CA SER G 136 10.37 -15.61 -11.15
C SER G 136 9.88 -15.96 -9.74
N GLY G 137 8.79 -15.31 -9.32
CA GLY G 137 8.14 -15.64 -8.07
C GLY G 137 6.80 -16.34 -8.19
N ASP G 138 6.28 -16.78 -7.05
CA ASP G 138 5.02 -17.53 -7.07
C ASP G 138 3.79 -16.66 -7.08
N ASP G 139 3.90 -15.41 -6.65
CA ASP G 139 2.68 -14.60 -6.50
C ASP G 139 1.84 -14.68 -7.78
N PHE G 140 2.44 -14.43 -8.94
CA PHE G 140 1.67 -14.51 -10.19
C PHE G 140 1.18 -15.92 -10.50
N LEU G 141 2.05 -16.89 -10.28
CA LEU G 141 1.71 -18.29 -10.53
C LEU G 141 0.39 -18.62 -9.86
N ASN G 142 0.26 -18.17 -8.60
CA ASN G 142 -0.91 -18.45 -7.75
C ASN G 142 -2.18 -17.75 -8.21
N THR G 143 -2.10 -16.44 -8.40
CA THR G 143 -3.22 -15.65 -8.91
C THR G 143 -3.76 -16.29 -10.19
N PHE G 144 -2.85 -16.77 -11.02
CA PHE G 144 -3.19 -17.31 -12.33
C PHE G 144 -4.01 -18.60 -12.24
N VAL G 145 -3.55 -19.54 -11.42
CA VAL G 145 -4.24 -20.82 -11.33
C VAL G 145 -5.62 -20.68 -10.72
N THR G 146 -5.77 -19.76 -9.79
CA THR G 146 -7.07 -19.58 -9.17
C THR G 146 -8.03 -19.02 -10.23
N GLU G 147 -7.56 -18.13 -11.09
CA GLU G 147 -8.45 -17.46 -12.07
C GLU G 147 -8.90 -18.34 -13.24
N HIS G 148 -8.02 -19.22 -13.70
CA HIS G 148 -8.47 -20.24 -14.63
C HIS G 148 -8.44 -21.54 -13.86
N SER G 149 -9.64 -21.93 -13.43
CA SER G 149 -9.77 -22.97 -12.42
C SER G 149 -9.52 -24.33 -13.04
N SER G 150 -9.65 -24.42 -14.37
CA SER G 150 -9.49 -25.68 -15.09
C SER G 150 -8.11 -26.30 -14.88
N ILE G 151 -7.11 -25.43 -14.69
CA ILE G 151 -5.73 -25.86 -14.50
C ILE G 151 -5.56 -26.75 -13.26
N ARG G 152 -4.97 -27.93 -13.46
CA ARG G 152 -4.77 -28.90 -12.38
C ARG G 152 -3.30 -29.14 -12.09
N VAL G 153 -2.55 -29.58 -13.10
CA VAL G 153 -1.10 -29.78 -13.02
C VAL G 153 -0.32 -28.55 -13.48
N VAL G 154 0.83 -28.30 -12.84
CA VAL G 154 1.77 -27.24 -13.28
C VAL G 154 3.22 -27.69 -13.21
N GLN G 155 3.94 -27.57 -14.32
CA GLN G 155 5.37 -27.91 -14.37
C GLN G 155 6.18 -26.70 -14.86
N LEU G 156 7.30 -26.43 -14.21
CA LEU G 156 8.14 -25.28 -14.56
C LEU G 156 9.57 -25.66 -14.92
N LEU G 157 10.09 -25.02 -15.94
CA LEU G 157 11.48 -25.19 -16.33
C LEU G 157 12.38 -24.36 -15.44
N ASN G 158 13.64 -24.79 -15.34
CA ASN G 158 14.63 -24.09 -14.52
C ASN G 158 14.05 -23.87 -13.13
N ASP G 159 13.82 -24.98 -12.43
CA ASP G 159 13.29 -24.98 -11.06
C ASP G 159 13.77 -26.22 -10.30
N SER G 160 14.04 -26.08 -8.99
CA SER G 160 14.28 -27.25 -8.12
C SER G 160 12.99 -27.92 -7.56
N GLY G 161 11.93 -27.14 -7.35
CA GLY G 161 10.80 -27.50 -6.48
C GLY G 161 9.70 -28.51 -6.88
N GLU G 162 8.56 -28.39 -6.18
CA GLU G 162 7.47 -29.38 -6.28
C GLU G 162 7.04 -29.49 -7.73
N HIS G 163 7.26 -28.41 -8.45
CA HIS G 163 6.80 -28.30 -9.81
C HIS G 163 7.86 -28.56 -10.88
N ASN G 164 9.06 -28.96 -10.48
CA ASN G 164 10.18 -29.10 -11.40
C ASN G 164 9.84 -29.94 -12.62
N LEU G 165 10.09 -29.38 -13.80
CA LEU G 165 9.78 -30.04 -15.06
C LEU G 165 10.82 -31.11 -15.40
N GLN G 166 12.08 -30.84 -15.08
CA GLN G 166 13.16 -31.79 -15.33
C GLN G 166 12.92 -33.11 -14.57
N ASP G 167 12.32 -33.03 -13.38
CA ASP G 167 12.05 -34.23 -12.59
C ASP G 167 11.15 -35.19 -13.35
N ALA G 168 10.10 -34.64 -13.94
CA ALA G 168 9.13 -35.42 -14.72
C ALA G 168 9.69 -35.90 -16.05
N ILE G 169 10.66 -35.16 -16.57
CA ILE G 169 11.31 -35.50 -17.83
C ILE G 169 12.30 -36.65 -17.65
N ASN G 170 12.95 -36.69 -16.49
CA ASN G 170 13.93 -37.75 -16.22
C ASN G 170 13.38 -38.98 -15.50
N HIS G 171 12.18 -38.88 -14.95
CA HIS G 171 11.52 -40.02 -14.33
C HIS G 171 11.03 -40.96 -15.45
N PRO G 172 11.61 -42.17 -15.54
CA PRO G 172 11.40 -43.06 -16.69
C PRO G 172 9.94 -43.46 -16.90
N ALA G 173 9.62 -44.24 -17.94
CA ALA G 173 8.20 -44.43 -18.29
C ALA G 173 7.77 -45.90 -18.24
N GLU G 174 6.88 -46.24 -17.30
CA GLU G 174 6.75 -47.63 -16.91
C GLU G 174 5.88 -48.47 -17.84
N ASP G 175 4.57 -48.41 -17.69
CA ASP G 175 3.67 -49.21 -18.52
C ASP G 175 3.09 -48.36 -19.64
N PHE G 176 3.49 -47.10 -19.62
CA PHE G 176 2.95 -46.08 -20.51
C PHE G 176 3.13 -46.35 -22.00
N THR G 177 2.02 -46.32 -22.74
CA THR G 177 2.08 -46.40 -24.20
C THR G 177 1.28 -45.25 -24.81
N ALA G 178 1.81 -44.65 -25.87
CA ALA G 178 1.22 -43.44 -26.45
C ALA G 178 -0.25 -43.61 -26.84
N THR G 179 -1.02 -42.52 -26.73
CA THR G 179 -2.41 -42.47 -27.18
C THR G 179 -2.75 -41.16 -27.93
N PRO G 180 -2.07 -40.90 -29.05
CA PRO G 180 -2.28 -39.62 -29.76
C PRO G 180 -3.73 -39.51 -30.19
N SER G 181 -4.22 -38.30 -30.40
CA SER G 181 -5.57 -38.15 -30.93
C SER G 181 -5.62 -38.62 -32.39
N PRO G 182 -6.82 -39.00 -32.88
CA PRO G 182 -6.93 -39.50 -34.26
C PRO G 182 -6.42 -38.50 -35.29
N ALA G 183 -5.89 -38.99 -36.40
CA ALA G 183 -5.28 -38.14 -37.42
C ALA G 183 -6.16 -36.97 -37.88
N ASP G 184 -7.47 -37.17 -37.96
CA ASP G 184 -8.37 -36.09 -38.39
C ASP G 184 -8.96 -35.28 -37.23
N GLU G 185 -8.54 -35.59 -36.01
CA GLU G 185 -8.81 -34.79 -34.82
C GLU G 185 -7.71 -33.73 -34.53
N VAL G 186 -8.04 -32.67 -33.80
CA VAL G 186 -7.08 -31.62 -33.48
C VAL G 186 -5.78 -32.09 -32.82
N ALA G 187 -4.64 -31.63 -33.35
CA ALA G 187 -3.31 -31.95 -32.82
C ALA G 187 -2.80 -30.91 -31.82
N TYR G 188 -2.68 -29.66 -32.28
CA TYR G 188 -2.51 -28.53 -31.37
C TYR G 188 -3.06 -27.23 -31.94
N PHE G 189 -2.83 -26.12 -31.23
CA PHE G 189 -3.26 -24.80 -31.68
C PHE G 189 -2.09 -23.91 -32.09
N GLN G 190 -2.26 -23.16 -33.17
CA GLN G 190 -1.26 -22.20 -33.59
C GLN G 190 -1.83 -20.81 -33.39
N LEU G 191 -0.96 -19.83 -33.28
CA LEU G 191 -1.43 -18.47 -33.05
C LEU G 191 -1.43 -17.68 -34.34
N SER G 192 -2.54 -17.01 -34.61
CA SER G 192 -2.71 -16.26 -35.84
C SER G 192 -2.26 -14.82 -35.67
N GLY G 193 -1.99 -14.45 -34.41
CA GLY G 193 -2.10 -13.06 -34.01
C GLY G 193 -3.58 -12.89 -34.30
N GLY G 194 -4.10 -11.69 -34.28
CA GLY G 194 -5.39 -11.50 -34.91
C GLY G 194 -5.76 -10.05 -34.95
N THR G 195 -6.53 -9.67 -35.96
CA THR G 195 -6.94 -8.28 -36.11
C THR G 195 -8.03 -7.92 -35.11
N THR G 196 -8.63 -8.94 -34.50
CA THR G 196 -9.80 -8.80 -33.61
C THR G 196 -9.54 -8.41 -32.14
N GLY G 197 -8.49 -8.94 -31.53
CA GLY G 197 -8.21 -8.58 -30.14
C GLY G 197 -8.76 -9.58 -29.14
N THR G 198 -9.23 -10.71 -29.65
CA THR G 198 -9.58 -11.85 -28.79
C THR G 198 -9.03 -13.16 -29.39
N LYS G 200 -7.93 -15.48 -31.41
CA LYS G 200 -7.82 -16.06 -32.76
C LYS G 200 -6.87 -17.25 -32.78
N LEU G 201 -7.36 -18.34 -32.22
CA LEU G 201 -6.61 -19.59 -32.22
C LEU G 201 -6.82 -20.37 -33.52
N ILE G 202 -5.80 -21.08 -33.97
CA ILE G 202 -5.89 -21.90 -35.17
C ILE G 202 -5.69 -23.39 -34.89
N PRO G 203 -6.77 -24.17 -34.95
CA PRO G 203 -6.63 -25.62 -34.74
C PRO G 203 -5.92 -26.26 -35.92
N ARG G 204 -4.99 -27.18 -35.65
CA ARG G 204 -4.34 -27.93 -36.71
C ARG G 204 -4.47 -29.42 -36.40
N THR G 205 -5.07 -30.17 -37.33
CA THR G 205 -5.22 -31.62 -37.15
C THR G 205 -3.94 -32.31 -37.55
N HIS G 206 -3.68 -33.49 -36.98
CA HIS G 206 -2.47 -34.25 -37.30
C HIS G 206 -2.29 -34.36 -38.80
N ASN G 207 -3.39 -34.64 -39.50
CA ASN G 207 -3.35 -34.86 -40.94
C ASN G 207 -2.83 -33.66 -41.71
N ASP G 208 -3.49 -32.52 -41.56
CA ASP G 208 -3.13 -31.33 -42.34
C ASP G 208 -1.74 -30.83 -41.98
N TYR G 209 -1.40 -30.85 -40.70
CA TYR G 209 -0.13 -30.30 -40.24
C TYR G 209 1.03 -31.16 -40.72
N TYR G 210 0.87 -32.48 -40.64
CA TYR G 210 1.89 -33.41 -41.08
C TYR G 210 2.22 -33.18 -42.55
N TYR G 211 1.19 -33.00 -43.39
CA TYR G 211 1.42 -32.71 -44.80
C TYR G 211 2.27 -31.44 -44.97
N SER G 212 1.88 -30.38 -44.25
CA SER G 212 2.62 -29.12 -44.23
C SER G 212 4.11 -29.40 -44.08
N VAL G 213 4.45 -30.29 -43.14
CA VAL G 213 5.85 -30.58 -42.84
C VAL G 213 6.52 -31.43 -43.92
N ARG G 214 5.86 -32.51 -44.35
CA ARG G 214 6.43 -33.41 -45.35
C ARG G 214 6.76 -32.66 -46.61
N ARG G 215 5.76 -31.98 -47.15
CA ARG G 215 5.88 -31.29 -48.43
C ARG G 215 6.89 -30.15 -48.35
N SER G 216 7.10 -29.60 -47.16
CA SER G 216 8.10 -28.57 -46.96
C SER G 216 9.50 -29.14 -47.01
N VAL G 217 9.67 -30.32 -46.42
CA VAL G 217 10.93 -31.02 -46.52
C VAL G 217 11.30 -31.35 -47.97
N GLU G 218 10.33 -31.84 -48.74
CA GLU G 218 10.57 -32.17 -50.14
C GLU G 218 11.10 -30.95 -50.88
N ILE G 219 10.36 -29.85 -50.76
CA ILE G 219 10.70 -28.64 -51.49
C ILE G 219 12.04 -28.05 -51.11
N CYS G 220 12.38 -28.12 -49.83
CA CYS G 220 13.63 -27.54 -49.36
C CYS G 220 14.76 -28.55 -49.33
N GLN G 221 14.45 -29.76 -49.75
CA GLN G 221 15.46 -30.81 -49.84
C GLN G 221 16.28 -30.99 -48.57
N PHE G 222 15.60 -31.19 -47.46
CA PHE G 222 16.28 -31.56 -46.23
C PHE G 222 16.62 -33.04 -46.28
N THR G 223 17.69 -33.40 -45.60
CA THR G 223 18.25 -34.72 -45.72
C THR G 223 18.69 -35.14 -44.33
N GLN G 224 19.35 -36.28 -44.22
CA GLN G 224 19.93 -36.70 -42.95
C GLN G 224 20.99 -35.69 -42.55
N GLN G 225 21.65 -35.12 -43.57
CA GLN G 225 22.83 -34.29 -43.35
C GLN G 225 22.49 -32.80 -43.16
N THR G 226 21.19 -32.48 -43.10
CA THR G 226 20.76 -31.08 -42.94
C THR G 226 20.78 -30.62 -41.48
N ARG G 227 21.61 -29.59 -41.22
CA ARG G 227 21.86 -29.01 -39.89
C ARG G 227 21.33 -27.58 -39.83
N TYR G 228 20.33 -27.36 -38.98
CA TYR G 228 19.44 -26.18 -39.04
C TYR G 228 19.55 -25.31 -37.80
N LEU G 229 19.88 -24.04 -37.99
CA LEU G 229 19.92 -23.09 -36.88
C LEU G 229 18.54 -22.48 -36.69
N CYS G 230 17.94 -22.69 -35.52
CA CYS G 230 16.67 -22.06 -35.28
C CYS G 230 16.88 -20.89 -34.32
N ALA G 231 17.00 -19.69 -34.86
CA ALA G 231 17.26 -18.52 -34.02
C ALA G 231 16.10 -17.57 -33.83
N ILE G 232 15.09 -17.68 -34.68
CA ILE G 232 13.88 -16.90 -34.50
C ILE G 232 12.98 -17.65 -33.53
N PRO G 233 11.92 -17.01 -33.02
CA PRO G 233 11.12 -17.71 -31.99
C PRO G 233 10.68 -19.08 -32.48
N ALA G 234 11.01 -20.10 -31.69
CA ALA G 234 10.87 -21.50 -32.10
C ALA G 234 9.42 -21.91 -32.22
N ALA G 235 8.56 -21.22 -31.47
CA ALA G 235 7.17 -21.61 -31.33
C ALA G 235 6.30 -21.15 -32.50
N HIS G 236 6.84 -20.26 -33.35
CA HIS G 236 6.04 -19.73 -34.46
C HIS G 236 5.95 -20.75 -35.56
N ASN G 237 4.92 -20.64 -36.37
CA ASN G 237 4.69 -21.65 -37.40
C ASN G 237 5.88 -21.81 -38.37
N TYR G 238 6.62 -20.73 -38.57
CA TYR G 238 7.71 -20.66 -39.54
C TYR G 238 8.87 -21.53 -39.07
N ALA G 239 9.32 -21.31 -37.84
CA ALA G 239 10.49 -22.02 -37.31
C ALA G 239 10.05 -23.36 -36.77
N MET G 240 8.78 -23.68 -36.96
CA MET G 240 8.24 -24.93 -36.50
C MET G 240 7.99 -25.88 -37.68
N SER G 241 7.08 -25.49 -38.56
CA SER G 241 6.69 -26.33 -39.69
C SER G 241 7.23 -26.02 -41.11
N SER G 242 8.03 -24.99 -41.30
CA SER G 242 8.18 -24.50 -42.68
C SER G 242 9.59 -24.38 -43.31
N PRO G 243 10.31 -25.50 -43.42
CA PRO G 243 9.99 -26.78 -42.78
C PRO G 243 10.29 -26.66 -41.29
N GLY G 244 11.16 -25.73 -40.92
CA GLY G 244 11.42 -25.45 -39.51
C GLY G 244 11.88 -26.70 -38.78
N SER G 245 11.91 -26.64 -37.44
CA SER G 245 12.52 -27.72 -36.67
C SER G 245 11.84 -29.07 -36.85
N LEU G 246 10.52 -29.07 -37.01
CA LEU G 246 9.79 -30.32 -37.19
C LEU G 246 10.17 -30.96 -38.52
N GLY G 247 10.40 -30.13 -39.53
CA GLY G 247 10.83 -30.63 -40.82
C GLY G 247 12.19 -31.30 -40.70
N VAL G 248 13.05 -30.72 -39.87
CA VAL G 248 14.37 -31.27 -39.63
C VAL G 248 14.27 -32.61 -38.91
N PHE G 249 13.36 -32.69 -37.94
CA PHE G 249 13.16 -33.94 -37.21
C PHE G 249 12.68 -35.08 -38.12
N LEU G 250 11.77 -34.77 -39.03
CA LEU G 250 11.25 -35.77 -39.94
C LEU G 250 12.35 -36.36 -40.77
N ALA G 251 13.29 -35.51 -41.16
CA ALA G 251 14.37 -35.88 -42.06
C ALA G 251 15.62 -36.46 -41.38
N GLY G 252 15.64 -36.46 -40.04
CA GLY G 252 16.79 -36.97 -39.29
C GLY G 252 17.97 -36.01 -39.16
N GLY G 253 17.75 -34.75 -39.52
CA GLY G 253 18.78 -33.73 -39.42
C GLY G 253 19.08 -33.28 -37.99
N THR G 254 19.78 -32.17 -37.86
CA THR G 254 20.11 -31.65 -36.54
C THR G 254 19.60 -30.23 -36.39
N VAL G 255 18.90 -29.97 -35.30
CA VAL G 255 18.44 -28.63 -34.99
C VAL G 255 19.36 -27.99 -33.96
N VAL G 256 19.84 -26.80 -34.29
CA VAL G 256 20.69 -26.01 -33.39
C VAL G 256 19.90 -24.81 -32.85
N LEU G 257 19.57 -24.85 -31.57
CA LEU G 257 18.79 -23.78 -30.97
C LEU G 257 19.67 -22.63 -30.53
N ALA G 258 19.16 -21.42 -30.70
CA ALA G 258 19.82 -20.21 -30.24
C ALA G 258 18.76 -19.28 -29.67
N ALA G 259 19.14 -18.51 -28.65
CA ALA G 259 18.17 -17.70 -27.91
C ALA G 259 17.59 -16.55 -28.72
N ASP G 260 18.42 -15.93 -29.55
CA ASP G 260 17.96 -14.84 -30.37
C ASP G 260 18.70 -14.90 -31.69
N PRO G 261 18.33 -14.07 -32.66
CA PRO G 261 19.09 -14.13 -33.92
C PRO G 261 20.18 -13.04 -34.06
N SER G 262 20.99 -12.80 -33.04
CA SER G 262 22.01 -11.77 -33.15
C SER G 262 23.26 -12.36 -33.83
N ALA G 263 23.88 -11.58 -34.70
CA ALA G 263 25.07 -12.04 -35.39
C ALA G 263 26.14 -12.49 -34.41
N THR G 264 26.17 -11.85 -33.25
CA THR G 264 27.13 -12.15 -32.20
C THR G 264 26.95 -13.56 -31.62
N LEU G 265 25.69 -13.97 -31.45
CA LEU G 265 25.37 -15.30 -30.96
C LEU G 265 25.42 -16.37 -32.03
N CYS G 266 24.87 -16.06 -33.21
CA CYS G 266 24.66 -17.03 -34.27
C CYS G 266 25.91 -17.40 -35.05
N PHE G 267 26.69 -16.40 -35.43
CA PHE G 267 27.88 -16.62 -36.25
C PHE G 267 28.75 -17.77 -35.68
N PRO G 268 29.16 -17.65 -34.41
CA PRO G 268 29.86 -18.73 -33.71
C PRO G 268 29.18 -20.11 -33.80
N LEU G 269 27.85 -20.16 -33.68
CA LEU G 269 27.12 -21.42 -33.74
C LEU G 269 27.10 -22.04 -35.15
N ILE G 270 26.97 -21.21 -36.18
CA ILE G 270 26.96 -21.70 -37.55
C ILE G 270 28.27 -22.39 -37.92
N GLU G 271 29.38 -21.77 -37.55
CA GLU G 271 30.68 -22.36 -37.80
C GLU G 271 30.88 -23.59 -36.91
N LYS G 272 30.70 -23.44 -35.59
CA LYS G 272 30.94 -24.57 -34.62
C LYS G 272 30.17 -25.81 -34.95
N HIS G 273 28.91 -25.64 -35.33
CA HIS G 273 28.06 -26.78 -35.64
C HIS G 273 27.90 -27.07 -37.14
N GLN G 274 28.61 -26.31 -37.97
CA GLN G 274 28.62 -26.53 -39.41
C GLN G 274 27.21 -26.50 -40.00
N VAL G 275 26.50 -25.42 -39.72
CA VAL G 275 25.12 -25.23 -40.11
C VAL G 275 25.00 -24.95 -41.59
N ASN G 276 24.18 -25.73 -42.28
CA ASN G 276 23.95 -25.49 -43.70
C ASN G 276 22.65 -24.78 -44.07
N VAL G 277 21.77 -24.53 -43.10
CA VAL G 277 20.51 -23.82 -43.38
C VAL G 277 19.95 -23.08 -42.17
N THR G 278 19.29 -21.95 -42.41
CA THR G 278 18.69 -21.20 -41.31
C THR G 278 17.56 -20.32 -41.81
N ALA G 279 16.65 -19.95 -40.93
CA ALA G 279 15.54 -19.13 -41.35
C ALA G 279 15.58 -17.81 -40.58
N LEU G 280 15.34 -16.71 -41.31
CA LEU G 280 15.38 -15.37 -40.73
C LEU G 280 14.23 -14.49 -41.21
N VAL G 281 14.08 -13.35 -40.55
CA VAL G 281 13.14 -12.32 -40.97
C VAL G 281 13.98 -11.14 -41.41
N PRO G 282 13.45 -10.33 -42.31
CA PRO G 282 14.23 -9.30 -42.99
C PRO G 282 15.11 -8.46 -42.06
N PRO G 283 14.58 -8.02 -40.90
CA PRO G 283 15.42 -7.22 -40.01
C PRO G 283 16.68 -7.94 -39.51
N ALA G 284 16.65 -9.26 -39.39
CA ALA G 284 17.84 -9.97 -38.93
C ALA G 284 18.87 -10.07 -40.06
N VAL G 285 18.37 -10.25 -41.29
CA VAL G 285 19.23 -10.27 -42.45
C VAL G 285 20.02 -8.97 -42.54
N SER G 286 19.33 -7.84 -42.39
CA SER G 286 20.00 -6.54 -42.35
C SER G 286 21.12 -6.55 -41.30
N LEU G 287 20.80 -7.08 -40.12
CA LEU G 287 21.72 -7.06 -38.99
C LEU G 287 22.95 -7.88 -39.31
N TRP G 288 22.75 -9.01 -39.98
CA TRP G 288 23.84 -9.92 -40.33
C TRP G 288 24.74 -9.36 -41.44
N LEU G 289 24.14 -8.81 -42.50
CA LEU G 289 24.90 -8.25 -43.62
C LEU G 289 25.82 -7.12 -43.14
N GLN G 290 25.31 -6.31 -42.22
CA GLN G 290 26.05 -5.19 -41.65
C GLN G 290 27.14 -5.66 -40.70
N ALA G 291 26.85 -6.69 -39.91
CA ALA G 291 27.83 -7.25 -38.98
C ALA G 291 29.06 -7.78 -39.72
N LEU G 292 28.85 -8.23 -40.95
CA LEU G 292 29.94 -8.71 -41.82
C LEU G 292 30.80 -7.54 -42.29
N ILE G 293 30.15 -6.51 -42.81
CA ILE G 293 30.80 -5.27 -43.19
C ILE G 293 31.59 -4.64 -42.00
N GLU G 294 31.08 -4.81 -40.79
CA GLU G 294 31.67 -4.20 -39.60
C GLU G 294 32.82 -5.04 -39.05
N GLY G 295 33.20 -6.04 -39.84
CA GLY G 295 34.39 -6.83 -39.56
C GLY G 295 34.26 -8.27 -39.07
N GLU G 296 33.06 -8.83 -39.10
CA GLU G 296 32.91 -10.27 -38.88
C GLU G 296 33.39 -11.04 -40.11
N SER G 297 34.00 -12.20 -39.88
CA SER G 297 34.62 -12.95 -40.96
C SER G 297 33.58 -13.75 -41.76
N ARG G 298 33.43 -13.42 -43.05
CA ARG G 298 32.43 -14.06 -43.93
C ARG G 298 32.67 -15.59 -43.97
N ALA G 299 33.77 -16.01 -43.36
CA ALA G 299 34.17 -17.39 -43.36
C ALA G 299 33.52 -18.31 -42.31
N GLN G 300 33.00 -17.76 -41.21
CA GLN G 300 32.34 -18.63 -40.21
C GLN G 300 31.01 -19.14 -40.79
N LEU G 301 30.47 -18.34 -41.72
CA LEU G 301 29.19 -18.60 -42.38
C LEU G 301 29.35 -19.44 -43.67
N ALA G 302 30.56 -19.95 -43.89
CA ALA G 302 30.88 -20.67 -45.12
C ALA G 302 30.15 -22.01 -45.31
N SER G 303 29.75 -22.65 -44.22
CA SER G 303 29.03 -23.92 -44.31
C SER G 303 27.56 -23.75 -44.69
N LEU G 304 27.08 -22.51 -44.65
CA LEU G 304 25.67 -22.27 -44.79
C LEU G 304 25.35 -22.23 -46.28
N LYS G 305 24.58 -23.21 -46.74
CA LYS G 305 24.19 -23.27 -48.13
C LYS G 305 22.79 -22.70 -48.45
N LEU G 306 21.97 -22.46 -47.43
CA LEU G 306 20.60 -21.97 -47.64
C LEU G 306 20.12 -20.98 -46.57
N LEU G 307 19.58 -19.85 -46.99
CA LEU G 307 18.98 -18.87 -46.05
C LEU G 307 17.51 -18.59 -46.38
N GLN G 308 16.63 -19.03 -45.50
CA GLN G 308 15.21 -18.74 -45.65
C GLN G 308 14.90 -17.37 -45.09
N VAL G 309 14.11 -16.60 -45.82
CA VAL G 309 13.74 -15.27 -45.34
C VAL G 309 12.27 -15.08 -45.60
N GLY G 310 11.53 -14.68 -44.56
CA GLY G 310 10.10 -14.48 -44.68
C GLY G 310 9.49 -13.79 -43.48
N GLY G 311 8.15 -13.78 -43.44
CA GLY G 311 7.40 -13.17 -42.35
C GLY G 311 7.10 -11.69 -42.59
N ALA G 312 7.88 -11.09 -43.47
CA ALA G 312 7.72 -9.67 -43.76
C ALA G 312 8.27 -9.33 -45.13
N ARG G 313 7.86 -8.19 -45.66
CA ARG G 313 8.31 -7.75 -46.98
C ARG G 313 9.83 -7.73 -47.00
N LEU G 314 10.40 -8.43 -48.00
CA LEU G 314 11.85 -8.44 -48.20
C LEU G 314 12.18 -7.73 -49.52
N SER G 315 12.87 -6.60 -49.43
CA SER G 315 13.12 -5.76 -50.62
C SER G 315 14.06 -6.44 -51.57
N ALA G 316 13.90 -6.15 -52.86
CA ALA G 316 14.75 -6.76 -53.87
C ALA G 316 16.21 -6.37 -53.68
N THR G 317 16.41 -5.14 -53.18
CA THR G 317 17.74 -4.64 -52.85
C THR G 317 18.41 -5.50 -51.76
N LEU G 318 17.63 -5.89 -50.76
CA LEU G 318 18.16 -6.69 -49.66
C LEU G 318 18.32 -8.16 -50.09
N ALA G 319 17.33 -8.67 -50.81
CA ALA G 319 17.36 -10.06 -51.26
C ALA G 319 18.63 -10.34 -52.07
N ALA G 320 18.96 -9.40 -52.95
CA ALA G 320 20.11 -9.51 -53.84
C ALA G 320 21.44 -9.52 -53.07
N ARG G 321 21.49 -8.80 -51.94
CA ARG G 321 22.72 -8.72 -51.16
C ARG G 321 23.11 -10.06 -50.52
N ILE G 322 22.15 -10.97 -50.40
CA ILE G 322 22.38 -12.20 -49.64
C ILE G 322 23.42 -13.11 -50.30
N PRO G 323 23.20 -13.51 -51.57
CA PRO G 323 24.18 -14.37 -52.24
C PRO G 323 25.47 -13.60 -52.54
N ALA G 324 25.32 -12.29 -52.74
CA ALA G 324 26.46 -11.44 -53.02
C ALA G 324 27.41 -11.32 -51.83
N GLU G 325 26.90 -10.85 -50.70
CA GLU G 325 27.73 -10.64 -49.49
C GLU G 325 27.92 -11.88 -48.60
N ILE G 326 26.85 -12.64 -48.38
CA ILE G 326 26.92 -13.89 -47.59
C ILE G 326 27.36 -15.12 -48.39
N GLY G 327 26.95 -15.20 -49.65
CA GLY G 327 27.35 -16.29 -50.53
C GLY G 327 26.65 -17.62 -50.33
N CYS G 328 25.32 -17.58 -50.24
CA CYS G 328 24.52 -18.79 -50.22
C CYS G 328 23.21 -18.49 -50.92
N GLN G 329 22.36 -19.51 -51.06
CA GLN G 329 21.13 -19.38 -51.84
C GLN G 329 20.01 -18.81 -50.97
N LEU G 330 19.20 -17.96 -51.57
CA LEU G 330 18.06 -17.37 -50.88
C LEU G 330 16.77 -18.08 -51.25
N GLN G 331 15.92 -18.31 -50.26
CA GLN G 331 14.58 -18.79 -50.53
C GLN G 331 13.61 -17.90 -49.77
N GLN G 332 12.74 -17.22 -50.51
CA GLN G 332 11.73 -16.38 -49.88
C GLN G 332 10.62 -17.28 -49.39
N VAL G 333 10.17 -17.08 -48.16
CA VAL G 333 9.05 -17.86 -47.65
C VAL G 333 7.90 -16.92 -47.30
N PHE G 334 6.76 -17.11 -47.94
CA PHE G 334 5.58 -16.34 -47.62
C PHE G 334 4.49 -17.32 -47.20
N GLY G 335 4.19 -17.33 -45.90
CA GLY G 335 3.21 -18.24 -45.33
C GLY G 335 2.48 -17.59 -44.18
N MET G 336 1.42 -18.27 -43.72
CA MET G 336 0.63 -17.80 -42.60
C MET G 336 0.34 -18.97 -41.65
N ALA G 337 0.10 -18.67 -40.37
CA ALA G 337 -0.07 -19.74 -39.38
C ALA G 337 -1.31 -20.54 -39.68
N GLU G 338 -2.13 -19.99 -40.57
CA GLU G 338 -3.42 -20.57 -40.90
C GLU G 338 -3.35 -21.66 -41.99
N GLY G 339 -2.23 -21.71 -42.73
CA GLY G 339 -2.11 -22.61 -43.86
C GLY G 339 -1.12 -22.12 -44.89
N LEU G 340 -1.30 -22.53 -46.14
CA LEU G 340 -0.73 -21.78 -47.28
C LEU G 340 0.68 -21.21 -47.11
N VAL G 341 1.71 -22.04 -47.22
CA VAL G 341 3.06 -21.48 -47.36
C VAL G 341 3.47 -21.42 -48.84
N ASN G 342 4.02 -20.29 -49.26
CA ASN G 342 4.56 -20.14 -50.60
C ASN G 342 6.08 -20.11 -50.54
N TYR G 343 6.73 -20.94 -51.33
CA TYR G 343 8.19 -20.90 -51.41
C TYR G 343 8.62 -20.48 -52.79
N THR G 344 9.80 -19.90 -52.89
CA THR G 344 10.50 -19.90 -54.17
C THR G 344 11.27 -21.20 -54.14
N ARG G 345 11.37 -21.87 -55.28
CA ARG G 345 12.04 -23.15 -55.38
C ARG G 345 13.56 -22.96 -55.37
N LEU G 346 14.29 -24.02 -55.05
CA LEU G 346 15.76 -23.93 -55.02
C LEU G 346 16.36 -23.90 -56.44
N ASP G 347 15.67 -24.50 -57.40
CA ASP G 347 16.14 -24.51 -58.79
C ASP G 347 15.55 -23.35 -59.60
N ASP G 348 14.85 -22.46 -58.91
CA ASP G 348 14.26 -21.27 -59.54
C ASP G 348 15.31 -20.29 -60.06
N SER G 349 14.90 -19.44 -60.99
CA SER G 349 15.79 -18.45 -61.55
C SER G 349 16.10 -17.41 -60.51
N ALA G 350 17.22 -16.73 -60.67
CA ALA G 350 17.55 -15.62 -59.78
C ALA G 350 16.55 -14.44 -59.93
N GLU G 351 15.87 -14.37 -61.08
CA GLU G 351 14.87 -13.32 -61.30
C GLU G 351 13.69 -13.54 -60.36
N LYS G 352 13.17 -14.75 -60.33
CA LYS G 352 12.01 -15.09 -59.50
C LYS G 352 12.35 -15.08 -58.01
N ILE G 353 13.58 -15.47 -57.66
CA ILE G 353 13.99 -15.57 -56.26
C ILE G 353 14.21 -14.22 -55.59
N ILE G 354 14.71 -13.26 -56.35
CA ILE G 354 14.90 -11.93 -55.81
C ILE G 354 13.60 -11.08 -55.78
N HIS G 355 12.86 -11.11 -56.87
CA HIS G 355 11.63 -10.30 -57.03
C HIS G 355 10.30 -10.85 -56.52
N THR G 356 10.09 -12.16 -56.62
CA THR G 356 8.79 -12.70 -56.19
C THR G 356 8.87 -13.39 -54.83
N GLN G 357 7.70 -13.78 -54.31
CA GLN G 357 7.60 -14.51 -53.06
C GLN G 357 7.41 -16.01 -53.30
N GLY G 358 7.53 -16.43 -54.56
CA GLY G 358 7.39 -17.82 -54.91
C GLY G 358 5.95 -18.24 -55.13
N TYR G 359 5.68 -19.54 -55.08
CA TYR G 359 4.33 -20.08 -55.28
C TYR G 359 4.06 -21.20 -54.26
N PRO G 360 2.78 -21.58 -54.09
CA PRO G 360 2.38 -22.56 -53.06
C PRO G 360 3.13 -23.89 -53.10
N MET G 361 3.32 -24.49 -51.93
CA MET G 361 4.09 -25.72 -51.80
C MET G 361 3.28 -26.90 -52.30
N CYS G 362 2.00 -26.66 -52.56
CA CYS G 362 1.09 -27.72 -52.98
C CYS G 362 0.42 -27.37 -54.32
N PRO G 363 0.28 -28.37 -55.21
CA PRO G 363 -0.37 -28.19 -56.51
C PRO G 363 -1.87 -28.00 -56.30
N ASP G 364 -2.37 -28.57 -55.21
CA ASP G 364 -3.78 -28.46 -54.85
C ASP G 364 -4.05 -27.26 -53.93
N ASP G 365 -3.03 -26.43 -53.69
CA ASP G 365 -3.28 -25.14 -53.08
C ASP G 365 -3.95 -24.25 -54.13
N GLU G 366 -5.11 -23.73 -53.80
CA GLU G 366 -5.86 -22.86 -54.70
C GLU G 366 -5.69 -21.41 -54.31
N VAL G 367 -5.26 -20.58 -55.25
CA VAL G 367 -5.12 -19.16 -54.96
C VAL G 367 -5.77 -18.34 -56.07
N TRP G 368 -6.71 -17.47 -55.71
CA TRP G 368 -7.27 -16.53 -56.70
C TRP G 368 -7.24 -15.10 -56.17
N VAL G 369 -7.11 -14.12 -57.06
CA VAL G 369 -7.06 -12.72 -56.62
C VAL G 369 -8.47 -12.15 -56.37
N ALA G 372 -12.53 -6.43 -55.39
CA ALA G 372 -12.86 -6.01 -54.02
C ALA G 372 -14.22 -6.56 -53.58
N GLU G 373 -15.03 -6.99 -54.56
CA GLU G 373 -16.39 -7.49 -54.30
C GLU G 373 -16.41 -8.94 -53.84
N GLY G 374 -15.32 -9.65 -54.17
CA GLY G 374 -15.28 -11.10 -54.07
C GLY G 374 -15.30 -11.70 -55.45
N ASN G 375 -15.37 -10.82 -56.46
CA ASN G 375 -15.31 -11.23 -57.86
C ASN G 375 -13.85 -11.39 -58.29
N PRO G 376 -13.48 -12.58 -58.81
CA PRO G 376 -12.10 -12.93 -59.20
C PRO G 376 -11.42 -12.00 -60.25
N LEU G 377 -10.22 -11.51 -59.93
CA LEU G 377 -9.44 -10.61 -60.81
C LEU G 377 -8.41 -11.29 -61.76
N PRO G 378 -8.01 -10.57 -62.85
CA PRO G 378 -7.06 -10.97 -63.92
C PRO G 378 -5.66 -11.32 -63.43
N GLN G 379 -4.85 -11.98 -64.25
CA GLN G 379 -3.49 -12.43 -63.84
C GLN G 379 -2.40 -11.39 -64.14
N GLY G 380 -1.93 -10.76 -63.07
CA GLY G 380 -1.29 -9.45 -63.11
C GLY G 380 -2.07 -8.35 -62.39
N GLU G 381 -3.32 -8.62 -62.00
CA GLU G 381 -4.11 -7.65 -61.22
C GLU G 381 -3.86 -7.73 -59.68
N VAL G 382 -3.87 -6.58 -58.99
CA VAL G 382 -3.67 -6.54 -57.52
C VAL G 382 -4.98 -6.53 -56.71
N GLY G 383 -5.08 -7.45 -55.75
CA GLY G 383 -6.28 -7.61 -54.95
C GLY G 383 -6.04 -8.51 -53.74
N ARG G 384 -7.11 -8.80 -53.02
CA ARG G 384 -7.03 -9.57 -51.79
C ARG G 384 -6.77 -11.05 -52.05
N LEU G 385 -5.86 -11.65 -51.29
CA LEU G 385 -5.48 -13.06 -51.47
C LEU G 385 -6.50 -14.02 -50.87
N MET G 386 -6.95 -14.99 -51.67
CA MET G 386 -7.91 -15.97 -51.17
C MET G 386 -7.33 -17.37 -51.38
N THR G 387 -7.49 -18.25 -50.40
CA THR G 387 -6.96 -19.62 -50.51
C THR G 387 -7.72 -20.65 -49.68
N ARG G 388 -7.84 -21.86 -50.22
CA ARG G 388 -8.21 -23.04 -49.45
C ARG G 388 -7.23 -24.13 -49.85
N GLY G 389 -7.18 -25.22 -49.10
CA GLY G 389 -6.21 -26.24 -49.42
C GLY G 389 -6.12 -27.32 -48.39
N PRO G 390 -5.21 -28.28 -48.61
CA PRO G 390 -5.04 -29.48 -47.77
C PRO G 390 -4.50 -29.16 -46.39
N TYR G 391 -3.57 -28.21 -46.28
CA TYR G 391 -3.09 -27.77 -44.97
C TYR G 391 -3.64 -26.41 -44.47
N THR G 392 -4.54 -25.78 -45.23
CA THR G 392 -5.13 -24.52 -44.77
C THR G 392 -6.45 -24.77 -44.05
N PHE G 393 -6.56 -24.28 -42.81
CA PHE G 393 -7.66 -24.62 -41.91
C PHE G 393 -9.01 -24.08 -42.37
N ARG G 394 -10.09 -24.67 -41.85
CA ARG G 394 -11.44 -24.26 -42.22
C ARG G 394 -12.13 -23.25 -41.26
N GLY G 395 -11.50 -22.99 -40.12
CA GLY G 395 -11.98 -21.92 -39.25
C GLY G 395 -11.28 -21.85 -37.92
N TYR G 396 -11.38 -20.68 -37.27
CA TYR G 396 -10.79 -20.47 -35.95
C TYR G 396 -11.54 -21.24 -34.86
N TYR G 397 -10.86 -21.44 -33.74
CA TYR G 397 -11.39 -22.22 -32.63
C TYR G 397 -12.35 -21.39 -31.84
N LYS G 398 -13.57 -21.89 -31.71
CA LYS G 398 -14.60 -21.23 -30.92
C LYS G 398 -14.68 -19.72 -31.18
N SER G 399 -14.66 -19.34 -32.45
CA SER G 399 -14.75 -17.93 -32.79
C SER G 399 -15.70 -17.72 -33.97
N PRO G 400 -16.99 -18.08 -33.79
CA PRO G 400 -17.98 -18.04 -34.87
C PRO G 400 -18.14 -16.64 -35.43
N GLN G 401 -18.03 -15.64 -34.55
CA GLN G 401 -18.19 -14.26 -34.96
C GLN G 401 -17.16 -13.86 -36.00
N HIS G 402 -15.88 -14.12 -35.73
CA HIS G 402 -14.82 -13.77 -36.66
C HIS G 402 -14.81 -14.68 -37.90
N ASN G 403 -15.06 -15.97 -37.69
CA ASN G 403 -15.10 -16.94 -38.77
C ASN G 403 -15.98 -16.50 -39.92
N ALA G 404 -17.09 -15.85 -39.57
CA ALA G 404 -18.04 -15.36 -40.57
C ALA G 404 -17.38 -14.38 -41.53
N SER G 405 -16.51 -13.52 -41.01
CA SER G 405 -15.85 -12.50 -41.83
C SER G 405 -14.55 -12.96 -42.50
N ALA G 406 -13.97 -14.05 -42.01
CA ALA G 406 -12.67 -14.50 -42.52
C ALA G 406 -12.76 -15.52 -43.67
N PHE G 407 -13.95 -16.03 -43.91
CA PHE G 407 -14.15 -17.02 -44.97
C PHE G 407 -15.33 -16.62 -45.85
N ASP G 408 -15.15 -16.69 -47.16
CA ASP G 408 -16.29 -16.51 -48.04
C ASP G 408 -17.16 -17.77 -47.98
N ALA G 409 -18.27 -17.77 -48.71
CA ALA G 409 -19.24 -18.84 -48.61
C ALA G 409 -18.68 -20.18 -49.13
N ASN G 410 -17.58 -20.12 -49.86
CA ASN G 410 -17.00 -21.31 -50.48
C ASN G 410 -15.86 -21.97 -49.68
N GLY G 411 -15.52 -21.40 -48.52
CA GLY G 411 -14.49 -21.96 -47.67
C GLY G 411 -13.11 -21.44 -47.95
N PHE G 412 -13.01 -20.45 -48.84
CA PHE G 412 -11.74 -19.78 -49.11
C PHE G 412 -11.38 -18.81 -47.97
N TYR G 413 -10.22 -19.00 -47.37
CA TYR G 413 -9.77 -18.11 -46.32
C TYR G 413 -9.22 -16.84 -46.95
N CYS G 414 -9.31 -15.72 -46.24
CA CYS G 414 -8.72 -14.48 -46.71
C CYS G 414 -7.66 -14.00 -45.73
N SER G 415 -6.44 -13.85 -46.21
CA SER G 415 -5.33 -13.54 -45.33
C SER G 415 -5.26 -12.05 -45.00
N GLY G 416 -5.93 -11.23 -45.80
CA GLY G 416 -5.86 -9.79 -45.61
C GLY G 416 -4.65 -9.21 -46.32
N ASP G 417 -4.04 -10.01 -47.17
CA ASP G 417 -2.88 -9.57 -47.94
C ASP G 417 -3.30 -9.11 -49.32
N LEU G 418 -2.66 -8.05 -49.79
CA LEU G 418 -2.79 -7.65 -51.18
C LEU G 418 -1.63 -8.25 -51.98
N ILE G 419 -1.95 -9.06 -52.99
CA ILE G 419 -0.94 -9.69 -53.81
C ILE G 419 -1.23 -9.45 -55.28
N SER G 420 -0.32 -9.94 -56.11
CA SER G 420 -0.50 -9.96 -57.55
C SER G 420 0.18 -11.23 -58.07
N ILE G 421 -0.32 -11.78 -59.18
CA ILE G 421 0.27 -13.02 -59.70
C ILE G 421 0.95 -12.88 -61.06
N ASP G 422 2.15 -13.44 -61.14
CA ASP G 422 2.92 -13.48 -62.37
C ASP G 422 2.16 -14.21 -63.46
N PRO G 423 2.51 -13.94 -64.71
CA PRO G 423 2.18 -14.84 -65.81
C PRO G 423 2.76 -16.24 -65.56
N GLU G 424 3.84 -16.32 -64.80
CA GLU G 424 4.45 -17.62 -64.47
C GLU G 424 3.74 -18.30 -63.30
N GLY G 425 2.86 -17.56 -62.62
CA GLY G 425 2.09 -18.08 -61.52
C GLY G 425 2.72 -17.83 -60.15
N TYR G 426 3.71 -16.96 -60.11
CA TYR G 426 4.42 -16.63 -58.88
C TYR G 426 3.75 -15.45 -58.15
N ILE G 427 3.72 -15.51 -56.82
CA ILE G 427 3.04 -14.47 -56.05
C ILE G 427 3.98 -13.38 -55.56
N THR G 428 3.49 -12.13 -55.58
CA THR G 428 4.24 -10.99 -55.05
C THR G 428 3.37 -10.21 -54.07
N VAL G 429 3.91 -9.94 -52.89
CA VAL G 429 3.14 -9.30 -51.83
C VAL G 429 3.09 -7.78 -52.04
N GLN G 430 1.86 -7.29 -52.17
CA GLN G 430 1.61 -5.89 -52.49
C GLN G 430 1.18 -5.04 -51.26
N GLY G 431 -0.07 -5.20 -50.80
CA GLY G 431 -0.61 -4.44 -49.66
C GLY G 431 -0.95 -5.18 -48.36
N ARG G 432 -1.67 -4.50 -47.46
CA ARG G 432 -2.30 -5.15 -46.29
C ARG G 432 -3.74 -4.65 -46.00
N GLU G 433 -4.73 -5.54 -46.15
CA GLU G 433 -6.16 -5.23 -45.96
C GLU G 433 -6.84 -5.56 -44.58
N LYS G 434 -6.18 -6.34 -43.74
CA LYS G 434 -6.61 -6.57 -42.35
C LYS G 434 -6.07 -5.42 -41.52
N ASP G 435 -6.67 -5.08 -40.38
CA ASP G 435 -6.02 -4.02 -39.61
C ASP G 435 -5.17 -4.68 -38.54
N GLN G 436 -3.90 -4.78 -38.91
CA GLN G 436 -2.91 -5.58 -38.22
C GLN G 436 -1.58 -4.94 -38.59
N ILE G 437 -0.66 -4.87 -37.66
CA ILE G 437 0.62 -4.25 -37.94
C ILE G 437 1.66 -5.35 -37.95
N ASN G 438 2.56 -5.34 -38.92
CA ASN G 438 3.51 -6.44 -39.03
C ASN G 438 4.90 -5.93 -38.71
N ARG G 439 5.37 -6.23 -37.51
CA ARG G 439 6.54 -5.56 -36.98
C ARG G 439 7.70 -6.54 -36.78
N GLY G 440 8.68 -6.46 -37.66
CA GLY G 440 9.73 -7.45 -37.72
C GLY G 440 9.16 -8.84 -37.96
N GLY G 441 7.94 -8.89 -38.49
CA GLY G 441 7.28 -10.17 -38.70
C GLY G 441 6.54 -10.72 -37.49
N GLU G 442 6.33 -9.87 -36.49
CA GLU G 442 5.44 -10.18 -35.36
C GLU G 442 4.12 -9.47 -35.59
N LYS G 443 3.01 -10.20 -35.68
CA LYS G 443 1.72 -9.54 -35.88
C LYS G 443 1.27 -8.80 -34.59
N ILE G 444 0.66 -7.62 -34.76
CA ILE G 444 0.13 -6.80 -33.67
C ILE G 444 -1.30 -6.38 -34.03
N ALA G 445 -2.28 -6.78 -33.22
CA ALA G 445 -3.68 -6.46 -33.50
C ALA G 445 -3.99 -5.02 -33.11
N ALA G 446 -4.40 -4.21 -34.08
CA ALA G 446 -4.55 -2.79 -33.81
C ALA G 446 -5.61 -2.57 -32.74
N GLU G 447 -6.72 -3.28 -32.84
CA GLU G 447 -7.82 -3.08 -31.93
C GLU G 447 -7.43 -3.49 -30.53
N GLU G 448 -6.59 -4.51 -30.42
CA GLU G 448 -6.20 -5.04 -29.11
C GLU G 448 -5.51 -3.97 -28.33
N ILE G 449 -4.71 -3.18 -29.05
CA ILE G 449 -3.91 -2.10 -28.46
C ILE G 449 -4.71 -0.81 -28.22
N GLU G 450 -5.55 -0.47 -29.18
CA GLU G 450 -6.46 0.65 -29.02
C GLU G 450 -7.26 0.48 -27.72
N ASN G 451 -7.79 -0.72 -27.50
CA ASN G 451 -8.62 -0.99 -26.32
C ASN G 451 -7.87 -0.82 -25.01
N LEU G 452 -6.57 -1.02 -25.06
CA LEU G 452 -5.73 -0.78 -23.89
C LEU G 452 -5.52 0.69 -23.70
N LEU G 453 -5.26 1.39 -24.81
CA LEU G 453 -5.08 2.85 -24.78
C LEU G 453 -6.32 3.56 -24.21
N LEU G 454 -7.51 3.08 -24.56
CA LEU G 454 -8.73 3.66 -24.03
C LEU G 454 -8.91 3.43 -22.54
N ARG G 455 -8.02 2.61 -21.97
CA ARG G 455 -8.06 2.32 -20.54
C ARG G 455 -7.40 3.46 -19.78
N HIS G 456 -6.69 4.30 -20.52
CA HIS G 456 -6.06 5.47 -19.94
C HIS G 456 -7.05 6.63 -19.81
N PRO G 457 -6.97 7.35 -18.68
CA PRO G 457 -7.93 8.41 -18.33
C PRO G 457 -7.98 9.57 -19.34
N ALA G 458 -6.82 9.94 -19.89
CA ALA G 458 -6.75 11.12 -20.76
C ALA G 458 -6.98 10.80 -22.23
N VAL G 459 -7.20 9.54 -22.54
CA VAL G 459 -7.36 9.17 -23.93
C VAL G 459 -8.84 9.08 -24.26
N ILE G 460 -9.26 9.88 -25.24
CA ILE G 460 -10.63 9.86 -25.70
C ILE G 460 -10.81 8.90 -26.90
N TYR G 461 -10.06 9.15 -27.97
CA TYR G 461 -10.14 8.29 -29.15
C TYR G 461 -8.75 7.77 -29.46
N ALA G 462 -8.67 6.52 -29.89
CA ALA G 462 -7.37 5.93 -30.19
C ALA G 462 -7.35 5.18 -31.50
N ALA G 463 -6.23 5.30 -32.21
CA ALA G 463 -6.03 4.59 -33.45
C ALA G 463 -4.57 4.12 -33.59
N LEU G 464 -4.39 2.86 -33.97
CA LEU G 464 -3.06 2.35 -34.20
C LEU G 464 -2.93 2.01 -35.69
N VAL G 465 -1.92 2.60 -36.33
CA VAL G 465 -1.64 2.30 -37.74
C VAL G 465 -0.20 1.90 -37.93
N SER G 466 0.11 1.22 -39.01
CA SER G 466 1.50 0.93 -39.32
C SER G 466 2.20 2.17 -39.86
N MET G 467 3.53 2.14 -39.87
CA MET G 467 4.33 3.16 -40.53
C MET G 467 5.64 2.56 -41.03
N GLU G 468 6.20 3.12 -42.10
CA GLU G 468 7.42 2.59 -42.72
C GLU G 468 8.64 2.70 -41.80
N ASP G 469 9.46 1.65 -41.78
CA ASP G 469 10.78 1.74 -41.15
C ASP G 469 11.78 0.95 -41.99
N GLU G 470 12.94 1.55 -42.29
CA GLU G 470 13.90 0.91 -43.20
C GLU G 470 14.31 -0.44 -42.64
N LEU G 471 14.51 -0.48 -41.34
CA LEU G 471 14.99 -1.69 -40.67
C LEU G 471 13.90 -2.70 -40.26
N MET G 472 13.00 -2.31 -39.37
CA MET G 472 11.90 -3.17 -38.89
C MET G 472 10.94 -3.57 -40.01
N GLY G 473 10.86 -2.68 -41.00
CA GLY G 473 10.00 -2.81 -42.17
C GLY G 473 8.64 -2.18 -41.95
N GLU G 474 8.18 -2.22 -40.70
CA GLU G 474 6.97 -1.52 -40.27
C GLU G 474 7.12 -1.25 -38.78
N LYS G 475 6.59 -0.12 -38.31
CA LYS G 475 6.56 0.15 -36.88
C LYS G 475 5.17 0.62 -36.51
N SER G 476 4.79 0.46 -35.24
CA SER G 476 3.48 0.93 -34.76
C SER G 476 3.50 2.42 -34.41
N CYS G 477 2.48 3.14 -34.86
CA CYS G 477 2.31 4.53 -34.48
C CYS G 477 0.87 4.72 -33.98
N ALA G 478 0.75 5.28 -32.78
CA ALA G 478 -0.55 5.46 -32.15
C ALA G 478 -0.97 6.91 -32.21
N TYR G 479 -2.16 7.16 -32.77
CA TYR G 479 -2.70 8.51 -32.86
C TYR G 479 -3.77 8.68 -31.83
N LEU G 480 -3.58 9.66 -30.95
CA LEU G 480 -4.51 9.83 -29.84
C LEU G 480 -5.17 11.19 -29.83
N VAL G 481 -6.39 11.23 -29.32
CA VAL G 481 -7.08 12.48 -29.01
C VAL G 481 -7.22 12.58 -27.50
N VAL G 482 -6.74 13.67 -26.93
CA VAL G 482 -6.45 13.71 -25.51
C VAL G 482 -7.11 14.86 -24.73
N LYS G 483 -7.58 14.55 -23.51
CA LYS G 483 -7.92 15.56 -22.50
C LYS G 483 -6.72 16.44 -22.08
N GLU G 484 -5.77 15.84 -21.35
CA GLU G 484 -4.54 16.54 -20.94
C GLU G 484 -3.32 15.91 -21.59
N PRO G 485 -2.33 16.74 -21.94
CA PRO G 485 -1.33 16.30 -22.91
C PRO G 485 -0.65 14.99 -22.47
N LEU G 486 -0.29 14.15 -23.44
CA LEU G 486 0.46 12.94 -23.13
C LEU G 486 1.71 12.86 -23.97
N ARG G 487 2.77 12.35 -23.37
CA ARG G 487 4.04 12.17 -24.07
C ARG G 487 4.29 10.68 -24.36
N ALA G 488 4.96 10.38 -25.47
CA ALA G 488 5.14 8.98 -25.90
C ALA G 488 5.63 8.06 -24.77
N VAL G 489 6.61 8.52 -24.00
CA VAL G 489 7.16 7.75 -22.89
C VAL G 489 6.08 7.28 -21.92
N GLN G 490 5.19 8.21 -21.54
CA GLN G 490 4.11 7.92 -20.60
C GLN G 490 3.18 6.84 -21.17
N VAL G 491 2.96 6.88 -22.49
CA VAL G 491 2.07 5.93 -23.14
C VAL G 491 2.70 4.56 -23.12
N ARG G 492 3.93 4.47 -23.63
CA ARG G 492 4.65 3.20 -23.65
C ARG G 492 4.74 2.65 -22.23
N ARG G 493 5.09 3.50 -21.28
CA ARG G 493 5.11 3.09 -19.88
C ARG G 493 3.73 2.62 -19.40
N PHE G 494 2.66 3.36 -19.72
CA PHE G 494 1.31 3.00 -19.27
C PHE G 494 0.91 1.63 -19.80
N LEU G 495 1.14 1.44 -21.09
CA LEU G 495 0.84 0.19 -21.75
C LEU G 495 1.68 -0.92 -21.18
N ARG G 496 2.93 -0.64 -20.85
CA ARG G 496 3.79 -1.71 -20.34
C ARG G 496 3.22 -2.26 -19.06
N GLU G 497 2.72 -1.35 -18.20
CA GLU G 497 2.09 -1.69 -16.94
C GLU G 497 0.82 -2.51 -17.10
N GLN G 498 0.26 -2.51 -18.31
CA GLN G 498 -0.92 -3.30 -18.62
C GLN G 498 -0.57 -4.78 -18.81
N GLY G 499 0.73 -5.09 -18.80
CA GLY G 499 1.20 -6.46 -18.95
C GLY G 499 1.06 -7.03 -20.34
N ILE G 500 1.68 -6.37 -21.32
CA ILE G 500 1.65 -6.89 -22.68
C ILE G 500 3.06 -7.09 -23.21
N ALA G 501 3.16 -7.84 -24.30
CA ALA G 501 4.45 -8.12 -24.93
C ALA G 501 5.15 -6.81 -25.30
N GLU G 502 6.45 -6.76 -25.03
CA GLU G 502 7.19 -5.52 -25.22
C GLU G 502 7.11 -4.90 -26.63
N PHE G 503 6.91 -5.71 -27.67
CA PHE G 503 6.93 -5.17 -29.04
C PHE G 503 5.58 -4.53 -29.42
N LYS G 504 4.60 -4.66 -28.54
CA LYS G 504 3.33 -4.03 -28.80
C LYS G 504 3.33 -2.57 -28.36
N LEU G 505 4.27 -2.21 -27.48
CA LEU G 505 4.50 -0.79 -27.14
C LEU G 505 4.81 0.02 -28.40
N PRO G 506 4.00 1.04 -28.69
CA PRO G 506 4.06 1.83 -29.92
C PRO G 506 5.41 2.53 -30.10
N ASP G 507 5.96 2.56 -31.31
CA ASP G 507 7.26 3.17 -31.51
C ASP G 507 7.17 4.67 -31.64
N ARG G 508 5.98 5.16 -31.92
CA ARG G 508 5.77 6.59 -32.03
C ARG G 508 4.36 6.92 -31.54
N VAL G 509 4.20 8.06 -30.88
CA VAL G 509 2.87 8.50 -30.46
C VAL G 509 2.69 9.93 -30.89
N GLU G 510 1.54 10.22 -31.52
CA GLU G 510 1.19 11.56 -31.98
C GLU G 510 -0.15 11.93 -31.41
N CYS G 511 -0.19 13.00 -30.62
CA CYS G 511 -1.44 13.55 -30.12
C CYS G 511 -1.96 14.53 -31.15
N VAL G 512 -3.25 14.39 -31.50
CA VAL G 512 -3.84 15.16 -32.58
C VAL G 512 -5.15 15.77 -32.09
N ASP G 513 -5.69 16.76 -32.82
CA ASP G 513 -6.87 17.47 -32.33
C ASP G 513 -8.15 16.65 -32.49
N SER G 514 -8.18 15.82 -33.53
CA SER G 514 -9.38 15.07 -33.92
C SER G 514 -9.04 13.79 -34.68
N LEU G 515 -9.98 12.86 -34.70
CA LEU G 515 -9.86 11.65 -35.50
C LEU G 515 -11.20 11.29 -36.12
N PRO G 516 -11.17 10.72 -37.34
CA PRO G 516 -12.40 10.35 -38.06
C PRO G 516 -13.17 9.30 -37.29
N LEU G 517 -14.45 9.53 -37.01
CA LEU G 517 -15.27 8.52 -36.31
C LEU G 517 -16.44 8.13 -37.23
N THR G 518 -16.66 6.84 -37.51
CA THR G 518 -17.77 6.46 -38.41
C THR G 518 -19.12 6.39 -37.75
N ALA G 519 -20.08 5.78 -38.46
CA ALA G 519 -21.47 5.74 -38.02
C ALA G 519 -21.70 4.86 -36.75
N VAL G 520 -20.88 3.84 -36.60
CA VAL G 520 -20.69 3.20 -35.29
C VAL G 520 -19.48 3.89 -34.70
N GLY G 521 -19.40 3.99 -33.38
CA GLY G 521 -18.41 4.86 -32.77
C GLY G 521 -16.99 4.73 -33.34
N LYS G 522 -16.66 3.59 -33.95
CA LYS G 522 -15.27 3.30 -34.38
C LYS G 522 -14.64 4.26 -35.41
N VAL G 523 -13.40 4.64 -35.12
CA VAL G 523 -12.53 5.40 -36.01
C VAL G 523 -12.41 4.81 -37.42
N ASP G 524 -12.60 5.65 -38.45
CA ASP G 524 -12.44 5.22 -39.84
C ASP G 524 -10.96 5.21 -40.18
N LYS G 525 -10.47 4.02 -40.53
CA LYS G 525 -9.04 3.86 -40.75
C LYS G 525 -8.58 4.35 -42.12
N LYS G 526 -9.41 4.16 -43.15
CA LYS G 526 -9.02 4.52 -44.53
C LYS G 526 -8.88 6.04 -44.73
N GLN G 527 -9.84 6.80 -44.20
CA GLN G 527 -9.77 8.27 -44.20
C GLN G 527 -8.57 8.73 -43.37
N LEU G 528 -8.35 8.07 -42.24
CA LEU G 528 -7.17 8.32 -41.41
C LEU G 528 -5.85 7.94 -42.09
N ARG G 529 -5.77 6.72 -42.62
CA ARG G 529 -4.55 6.34 -43.33
C ARG G 529 -4.34 7.32 -44.51
N GLN G 530 -5.43 7.73 -45.18
CA GLN G 530 -5.37 8.77 -46.23
C GLN G 530 -4.75 10.08 -45.77
N TRP G 531 -5.41 10.75 -44.81
CA TRP G 531 -5.04 12.11 -44.37
C TRP G 531 -3.56 12.24 -44.11
N LEU G 532 -2.96 11.15 -43.65
CA LEU G 532 -1.54 11.14 -43.32
C LEU G 532 -0.69 11.25 -44.58
N ALA G 533 -1.00 10.42 -45.59
CA ALA G 533 -0.23 10.40 -46.84
C ALA G 533 -0.22 11.76 -47.53
N SER G 534 -1.33 12.48 -47.38
CA SER G 534 -1.48 13.82 -47.93
C SER G 534 -0.36 14.73 -47.42
N ARG G 535 -0.25 14.84 -46.10
CA ARG G 535 0.70 15.75 -45.48
C ARG G 535 2.16 15.41 -45.82
N ALA G 536 2.46 14.12 -45.97
CA ALA G 536 3.81 13.67 -46.33
C ALA G 536 4.17 14.11 -47.75
N SER G 537 3.16 14.14 -48.63
CA SER G 537 3.34 14.62 -50.00
C SER G 537 3.89 16.05 -50.00
N ALA G 538 3.22 16.94 -49.26
CA ALA G 538 3.65 18.34 -49.20
C ALA G 538 5.09 18.47 -48.67
N GLY G 539 5.51 17.52 -47.84
CA GLY G 539 6.87 17.50 -47.31
C GLY G 539 7.58 16.17 -47.53
N ILE G 543 7.13 20.96 -50.11
CA ILE G 543 7.85 22.24 -50.28
C ILE G 543 8.07 22.97 -48.95
N PRO G 544 9.31 23.45 -48.72
CA PRO G 544 9.79 24.08 -47.47
C PRO G 544 9.26 25.50 -47.25
N ALA G 545 9.11 25.90 -45.98
CA ALA G 545 8.27 27.08 -45.70
C ALA G 545 8.97 28.42 -45.81
N SER G 546 9.68 28.84 -44.78
CA SER G 546 10.21 30.19 -44.75
C SER G 546 11.62 30.17 -45.25
N LYS G 547 12.23 31.34 -45.36
CA LYS G 547 13.61 31.43 -45.85
C LYS G 547 14.56 30.73 -44.89
N ALA G 548 14.23 30.76 -43.60
CA ALA G 548 15.01 30.08 -42.59
C ALA G 548 14.79 28.56 -42.60
N ALA G 549 13.65 28.13 -43.13
CA ALA G 549 13.34 26.72 -43.29
C ALA G 549 14.07 26.15 -44.51
N LEU G 550 14.35 27.03 -45.48
CA LEU G 550 15.11 26.66 -46.67
C LEU G 550 16.60 26.53 -46.35
N ARG G 551 17.11 27.42 -45.50
CA ARG G 551 18.46 27.30 -45.00
C ARG G 551 18.64 25.94 -44.32
N GLU G 552 17.63 25.54 -43.54
CA GLU G 552 17.71 24.29 -42.79
C GLU G 552 17.86 23.11 -43.75
N VAL G 553 17.25 23.22 -44.92
CA VAL G 553 17.28 22.15 -45.90
C VAL G 553 18.59 22.10 -46.70
N ILE G 554 19.18 23.28 -46.94
CA ILE G 554 20.42 23.42 -47.70
C ILE G 554 21.69 23.03 -46.93
N LEU G 555 21.80 23.51 -45.68
CA LEU G 555 23.01 23.34 -44.87
C LEU G 555 23.65 21.93 -44.88
N PRO G 556 22.84 20.87 -44.73
CA PRO G 556 23.35 19.49 -44.75
C PRO G 556 23.98 19.09 -46.08
N LEU G 557 23.73 19.86 -47.14
CA LEU G 557 24.24 19.57 -48.47
C LEU G 557 25.60 20.23 -48.76
N LEU G 558 26.02 21.11 -47.86
CA LEU G 558 27.26 21.85 -48.04
C LEU G 558 28.35 21.31 -47.13
N ASP G 559 29.52 21.93 -47.20
CA ASP G 559 30.58 21.62 -46.27
C ASP G 559 30.10 21.98 -44.87
N GLU G 560 30.21 21.04 -43.94
CA GLU G 560 29.89 21.27 -42.53
C GLU G 560 30.75 22.44 -41.99
N SER G 561 31.90 22.65 -42.63
CA SER G 561 32.91 23.61 -42.17
C SER G 561 32.43 25.06 -41.99
N ASP G 562 31.63 25.57 -42.93
CA ASP G 562 31.26 26.99 -42.92
C ASP G 562 29.76 27.18 -43.07
N GLU G 563 29.29 28.40 -42.80
CA GLU G 563 27.90 28.74 -43.13
C GLU G 563 27.90 29.96 -44.06
N PRO G 564 27.07 29.90 -45.10
CA PRO G 564 26.97 30.95 -46.14
C PRO G 564 26.06 32.12 -45.76
N PHE G 565 26.38 33.30 -46.28
CA PHE G 565 25.47 34.41 -46.18
C PHE G 565 24.40 34.19 -47.24
N ASP G 566 23.18 34.69 -47.00
CA ASP G 566 22.08 34.38 -47.88
C ASP G 566 22.39 34.65 -49.37
N ASP G 567 23.29 35.60 -49.64
CA ASP G 567 23.62 35.95 -51.03
C ASP G 567 24.90 35.31 -51.62
N ASP G 568 25.57 34.47 -50.81
CA ASP G 568 26.77 33.76 -51.25
C ASP G 568 26.44 32.70 -52.31
N ASN G 569 27.39 32.41 -53.18
CA ASN G 569 27.24 31.31 -54.14
C ASN G 569 27.44 29.95 -53.45
N LEU G 570 26.41 29.13 -53.45
CA LEU G 570 26.41 27.89 -52.68
C LEU G 570 27.39 26.82 -53.19
N ILE G 571 27.89 26.97 -54.42
CA ILE G 571 28.86 26.03 -54.98
C ILE G 571 30.19 26.21 -54.24
N ASP G 572 30.48 27.45 -53.86
CA ASP G 572 31.69 27.79 -53.12
C ASP G 572 31.63 27.14 -51.74
N TYR G 573 30.43 26.75 -51.34
CA TYR G 573 30.22 26.05 -50.07
C TYR G 573 30.12 24.53 -50.19
N GLY G 574 30.31 24.02 -51.41
CA GLY G 574 30.45 22.59 -51.63
C GLY G 574 29.20 21.84 -52.08
N LEU G 575 28.17 22.58 -52.47
CA LEU G 575 26.95 21.95 -52.96
C LEU G 575 27.17 21.50 -54.39
N ASP G 576 27.04 20.19 -54.60
CA ASP G 576 27.34 19.59 -55.91
C ASP G 576 26.14 19.55 -56.86
N SER G 577 26.40 19.68 -58.15
CA SER G 577 25.33 19.75 -59.16
C SER G 577 24.25 18.66 -59.06
N VAL G 578 24.61 17.45 -58.64
CA VAL G 578 23.59 16.38 -58.55
C VAL G 578 22.54 16.62 -57.46
N ARG G 579 22.98 16.91 -56.23
CA ARG G 579 22.06 17.29 -55.16
C ARG G 579 21.17 18.45 -55.58
N MET G 580 21.73 19.33 -56.43
CA MET G 580 21.00 20.51 -56.89
C MET G 580 19.87 20.09 -57.81
N MET G 581 20.18 19.21 -58.77
CA MET G 581 19.19 18.70 -59.68
C MET G 581 18.00 18.11 -58.92
N ALA G 582 18.32 17.35 -57.88
CA ALA G 582 17.30 16.75 -57.01
C ALA G 582 16.43 17.78 -56.31
N LEU G 583 17.05 18.78 -55.70
CA LEU G 583 16.30 19.90 -55.10
C LEU G 583 15.34 20.52 -56.12
N ALA G 584 15.84 20.75 -57.34
CA ALA G 584 15.03 21.29 -58.44
C ALA G 584 13.81 20.41 -58.70
N ALA G 585 14.02 19.11 -58.79
CA ALA G 585 12.94 18.14 -59.00
C ALA G 585 11.88 18.18 -57.89
N ARG G 586 12.32 18.20 -56.64
CA ARG G 586 11.39 18.29 -55.50
C ARG G 586 10.60 19.60 -55.49
N TRP G 587 11.21 20.70 -55.92
CA TRP G 587 10.53 22.01 -55.95
C TRP G 587 9.67 22.24 -57.21
N ARG G 588 9.92 21.46 -58.26
CA ARG G 588 9.16 21.59 -59.52
C ARG G 588 7.71 21.15 -59.30
N LYS G 589 7.54 20.20 -58.38
CA LYS G 589 6.23 19.67 -58.02
C LYS G 589 5.30 20.74 -57.41
N VAL G 590 5.85 21.92 -57.12
CA VAL G 590 5.06 23.06 -56.62
C VAL G 590 5.07 24.22 -57.62
N HIS G 591 6.24 24.77 -57.90
CA HIS G 591 6.37 25.71 -59.03
C HIS G 591 6.98 24.93 -60.19
N GLY G 592 6.18 24.66 -61.20
CA GLY G 592 6.56 23.77 -62.29
C GLY G 592 7.43 24.38 -63.37
N ASP G 593 7.86 25.62 -63.16
CA ASP G 593 8.79 26.29 -64.07
C ASP G 593 10.25 26.11 -63.65
N ILE G 594 10.44 25.58 -62.44
CA ILE G 594 11.76 25.35 -61.90
C ILE G 594 12.35 24.05 -62.44
N ASP G 595 13.54 24.18 -63.05
CA ASP G 595 14.33 23.03 -63.51
C ASP G 595 15.73 23.12 -62.93
N PHE G 596 16.63 22.23 -63.36
CA PHE G 596 18.02 22.30 -62.90
C PHE G 596 18.67 23.60 -63.32
N VAL G 597 18.57 23.91 -64.61
CA VAL G 597 19.24 25.08 -65.19
C VAL G 597 18.92 26.40 -64.47
N MET G 598 17.66 26.56 -64.06
CA MET G 598 17.24 27.79 -63.44
C MET G 598 17.93 27.96 -62.09
N LEU G 599 17.89 26.89 -61.28
CA LEU G 599 18.52 26.91 -59.97
C LEU G 599 19.99 27.32 -60.08
N ALA G 600 20.67 26.73 -61.04
CA ALA G 600 22.12 26.88 -61.18
C ALA G 600 22.52 28.20 -61.81
N LYS G 601 21.62 28.82 -62.57
CA LYS G 601 21.93 30.11 -63.18
C LYS G 601 22.36 31.13 -62.10
N ASN G 602 21.62 31.16 -60.99
CA ASN G 602 22.01 31.93 -59.80
C ASN G 602 21.71 31.18 -58.50
N PRO G 603 22.69 30.38 -58.04
CA PRO G 603 22.55 29.48 -56.89
C PRO G 603 22.82 30.13 -55.51
N THR G 604 21.98 31.05 -55.09
CA THR G 604 22.11 31.67 -53.77
C THR G 604 20.84 31.34 -52.98
N ILE G 605 20.88 31.42 -51.65
CA ILE G 605 19.67 31.18 -50.86
C ILE G 605 18.61 32.26 -51.12
N ASP G 606 19.06 33.49 -51.33
CA ASP G 606 18.19 34.62 -51.69
C ASP G 606 17.43 34.33 -52.97
N ALA G 607 18.18 33.96 -54.01
CA ALA G 607 17.61 33.69 -55.32
C ALA G 607 16.54 32.59 -55.28
N TRP G 608 16.82 31.54 -54.51
CA TRP G 608 15.93 30.38 -54.43
C TRP G 608 14.73 30.65 -53.56
N TRP G 609 14.86 31.63 -52.65
CA TRP G 609 13.73 32.05 -51.85
C TRP G 609 12.76 32.90 -52.67
N LYS G 610 13.31 33.84 -53.44
CA LYS G 610 12.50 34.64 -54.36
C LYS G 610 11.68 33.73 -55.28
N LEU G 611 12.22 32.55 -55.59
CA LEU G 611 11.57 31.58 -56.48
C LEU G 611 10.47 30.77 -55.80
N LEU G 612 10.63 30.48 -54.51
CA LEU G 612 9.64 29.69 -53.77
C LEU G 612 8.62 30.59 -53.06
N SER H 4 74.76 42.97 -9.83
CA SER H 4 74.01 41.89 -9.18
C SER H 4 73.35 40.89 -10.16
N ILE H 5 73.17 39.61 -9.78
CA ILE H 5 72.77 38.60 -10.78
C ILE H 5 71.26 38.59 -11.09
N PRO H 6 70.92 38.67 -12.39
CA PRO H 6 69.60 38.81 -13.01
C PRO H 6 68.71 37.56 -13.02
N PHE H 7 67.97 37.32 -11.94
CA PHE H 7 66.98 36.25 -11.97
C PHE H 7 65.56 36.78 -11.76
N THR H 8 64.58 35.97 -12.14
CA THR H 8 63.18 36.32 -11.92
C THR H 8 62.87 36.14 -10.45
N ARG H 9 62.41 37.20 -9.82
CA ARG H 9 62.14 37.16 -8.40
C ARG H 9 60.71 36.67 -8.14
N TRP H 10 60.37 36.48 -6.88
CA TRP H 10 59.03 36.06 -6.50
C TRP H 10 58.21 37.31 -6.29
N PRO H 11 56.91 37.26 -6.63
CA PRO H 11 55.99 38.35 -6.31
C PRO H 11 56.10 38.75 -4.83
N GLU H 12 56.14 40.06 -4.56
CA GLU H 12 56.35 40.56 -3.20
C GLU H 12 55.47 39.82 -2.20
N GLU H 13 54.22 39.55 -2.60
CA GLU H 13 53.24 38.88 -1.73
C GLU H 13 53.67 37.49 -1.27
N PHE H 14 54.35 36.77 -2.15
CA PHE H 14 54.82 35.42 -1.85
C PHE H 14 56.08 35.42 -0.97
N ALA H 15 57.01 36.34 -1.25
CA ALA H 15 58.22 36.47 -0.44
C ALA H 15 57.87 36.75 1.02
N ARG H 16 56.72 37.38 1.23
CA ARG H 16 56.20 37.67 2.57
C ARG H 16 55.64 36.42 3.22
N ARG H 17 54.75 35.72 2.52
CA ARG H 17 54.15 34.51 3.07
C ARG H 17 55.20 33.44 3.33
N TYR H 18 56.23 33.41 2.48
CA TYR H 18 57.24 32.36 2.60
C TYR H 18 58.20 32.63 3.77
N ARG H 19 58.43 33.89 4.10
CA ARG H 19 59.20 34.22 5.30
C ARG H 19 58.32 34.07 6.54
N GLU H 20 57.09 34.55 6.46
CA GLU H 20 56.16 34.51 7.59
C GLU H 20 55.89 33.07 7.97
N LYS H 21 55.85 32.18 6.98
CA LYS H 21 55.49 30.79 7.23
C LYS H 21 56.71 29.94 7.63
N GLY H 22 57.88 30.59 7.70
CA GLY H 22 59.10 29.96 8.18
C GLY H 22 59.96 29.26 7.14
N TYR H 23 59.50 29.25 5.89
CA TYR H 23 60.18 28.57 4.79
C TYR H 23 61.55 29.20 4.48
N TRP H 24 61.57 30.51 4.24
CA TRP H 24 62.82 31.21 3.97
C TRP H 24 63.40 31.75 5.26
N GLN H 25 64.54 31.20 5.68
CA GLN H 25 65.16 31.63 6.93
C GLN H 25 66.20 32.74 6.75
N ASP H 26 66.32 33.24 5.52
CA ASP H 26 67.32 34.26 5.19
C ASP H 26 68.72 33.94 5.69
N LEU H 27 69.12 32.67 5.54
CA LEU H 27 70.46 32.22 5.91
C LEU H 27 71.19 31.79 4.65
N PRO H 28 72.52 31.97 4.63
CA PRO H 28 73.33 31.53 3.49
C PRO H 28 73.37 30.00 3.42
N LEU H 29 73.59 29.46 2.24
CA LEU H 29 73.73 28.01 2.11
C LEU H 29 75.00 27.54 2.81
N THR H 30 75.94 28.47 3.03
CA THR H 30 77.16 28.12 3.73
C THR H 30 76.87 27.69 5.16
N ASP H 31 75.79 28.22 5.73
CA ASP H 31 75.40 27.86 7.09
C ASP H 31 75.30 26.33 7.28
N ILE H 32 75.06 25.59 6.19
CA ILE H 32 75.02 24.13 6.23
C ILE H 32 76.34 23.54 6.71
N LEU H 33 77.43 24.00 6.11
CA LEU H 33 78.77 23.54 6.45
C LEU H 33 79.32 24.23 7.70
N THR H 34 78.90 25.47 7.90
CA THR H 34 79.30 26.31 9.02
C THR H 34 78.92 25.77 10.40
N ARG H 35 77.68 25.28 10.53
CA ARG H 35 77.19 24.69 11.77
C ARG H 35 78.17 23.67 12.32
N HIS H 36 78.76 22.90 11.41
CA HIS H 36 79.64 21.80 11.77
C HIS H 36 81.13 22.15 11.75
N ALA H 37 81.45 23.43 11.56
CA ALA H 37 82.84 23.88 11.42
C ALA H 37 83.78 23.33 12.51
N ALA H 38 83.25 23.14 13.72
CA ALA H 38 84.03 22.69 14.87
C ALA H 38 84.00 21.17 15.10
N SER H 39 83.22 20.44 14.30
CA SER H 39 83.06 19.00 14.52
C SER H 39 84.16 18.20 13.85
N ASP H 40 84.62 17.16 14.53
CA ASP H 40 85.64 16.28 14.00
C ASP H 40 85.10 14.97 13.40
N SER H 41 83.78 14.81 13.35
CA SER H 41 83.20 13.64 12.71
C SER H 41 83.31 13.69 11.18
N ILE H 42 83.18 12.54 10.54
CA ILE H 42 83.46 12.42 9.11
C ILE H 42 82.34 12.90 8.20
N ALA H 43 82.62 13.92 7.40
CA ALA H 43 81.66 14.44 6.43
C ALA H 43 81.69 13.65 5.12
N VAL H 44 82.88 13.38 4.61
CA VAL H 44 83.01 12.79 3.29
C VAL H 44 84.02 11.64 3.23
N ILE H 45 83.61 10.51 2.70
CA ILE H 45 84.56 9.43 2.43
C ILE H 45 84.69 9.28 0.92
N ASP H 46 85.85 9.67 0.37
CA ASP H 46 86.15 9.52 -1.05
C ASP H 46 87.32 8.55 -1.23
N GLY H 47 87.01 7.34 -1.68
CA GLY H 47 88.01 6.29 -1.73
C GLY H 47 88.60 6.00 -0.35
N GLU H 48 89.92 6.10 -0.24
CA GLU H 48 90.63 5.89 1.04
C GLU H 48 90.61 7.13 1.96
N ARG H 49 90.35 8.30 1.36
CA ARG H 49 90.37 9.57 2.08
C ARG H 49 89.09 9.80 2.90
N GLN H 50 89.24 10.37 4.10
CA GLN H 50 88.10 10.74 4.93
C GLN H 50 88.30 12.16 5.46
N LEU H 51 87.31 13.03 5.26
CA LEU H 51 87.39 14.42 5.70
C LEU H 51 86.38 14.72 6.81
N SER H 52 86.86 15.32 7.89
CA SER H 52 85.99 15.79 8.96
C SER H 52 85.25 17.02 8.48
N TYR H 53 84.16 17.36 9.14
CA TYR H 53 83.47 18.61 8.82
C TYR H 53 84.41 19.79 9.00
N ARG H 54 85.24 19.73 10.04
CA ARG H 54 86.19 20.80 10.30
C ARG H 54 87.11 20.96 9.09
N GLU H 55 87.63 19.83 8.60
CA GLU H 55 88.54 19.79 7.45
C GLU H 55 87.86 20.26 6.17
N LEU H 56 86.63 19.80 5.97
CA LEU H 56 85.86 20.13 4.77
C LEU H 56 85.61 21.62 4.72
N ASN H 57 85.06 22.15 5.80
CA ASN H 57 84.86 23.59 5.92
C ASN H 57 86.17 24.38 5.77
N GLN H 58 87.24 23.85 6.37
CA GLN H 58 88.56 24.47 6.25
C GLN H 58 89.05 24.51 4.81
N ALA H 59 89.01 23.36 4.15
CA ALA H 59 89.40 23.29 2.75
C ALA H 59 88.67 24.33 1.92
N ALA H 60 87.39 24.54 2.22
CA ALA H 60 86.55 25.49 1.48
C ALA H 60 87.04 26.92 1.70
N ASP H 61 87.32 27.26 2.96
CA ASP H 61 87.85 28.57 3.30
C ASP H 61 89.16 28.82 2.55
N ASN H 62 90.04 27.82 2.54
CA ASN H 62 91.31 27.90 1.82
C ASN H 62 91.16 28.15 0.32
N LEU H 63 90.36 27.33 -0.34
CA LEU H 63 90.14 27.43 -1.78
C LEU H 63 89.44 28.74 -2.16
N ALA H 64 88.61 29.24 -1.26
CA ALA H 64 87.91 30.50 -1.48
C ALA H 64 88.88 31.67 -1.27
N CYS H 65 89.69 31.57 -0.23
CA CYS H 65 90.71 32.57 0.08
C CYS H 65 91.74 32.66 -1.06
N SER H 66 92.23 31.50 -1.47
CA SER H 66 93.18 31.40 -2.57
C SER H 66 92.60 31.96 -3.88
N LEU H 67 91.29 31.83 -4.07
CA LEU H 67 90.62 32.32 -5.27
C LEU H 67 90.43 33.83 -5.20
N ARG H 68 90.20 34.35 -4.00
CA ARG H 68 90.06 35.78 -3.80
C ARG H 68 91.38 36.45 -4.13
N ARG H 69 92.47 35.81 -3.71
CA ARG H 69 93.83 36.27 -3.97
C ARG H 69 94.13 36.32 -5.46
N GLN H 70 93.49 35.45 -6.23
CA GLN H 70 93.68 35.41 -7.69
C GLN H 70 92.77 36.43 -8.41
N GLY H 71 92.02 37.20 -7.62
CA GLY H 71 91.25 38.32 -8.14
C GLY H 71 89.82 38.03 -8.56
N ILE H 72 89.21 37.03 -7.93
CA ILE H 72 87.82 36.72 -8.22
C ILE H 72 86.93 37.54 -7.29
N LYS H 73 86.15 38.43 -7.88
CA LYS H 73 85.26 39.29 -7.11
C LYS H 73 83.88 38.66 -6.92
N PRO H 74 83.24 38.90 -5.76
CA PRO H 74 81.84 38.54 -5.53
C PRO H 74 80.94 39.06 -6.65
N GLY H 75 79.91 38.29 -6.99
CA GLY H 75 79.00 38.68 -8.04
C GLY H 75 79.28 38.00 -9.37
N GLU H 76 80.49 37.46 -9.50
CA GLU H 76 80.87 36.79 -10.74
C GLU H 76 80.36 35.35 -10.77
N THR H 77 80.53 34.69 -11.92
CA THR H 77 80.01 33.33 -12.10
C THR H 77 81.15 32.39 -12.41
N ALA H 78 80.91 31.10 -12.22
CA ALA H 78 81.93 30.12 -12.52
C ALA H 78 81.35 28.95 -13.30
N LEU H 79 82.25 28.18 -13.89
CA LEU H 79 81.90 26.92 -14.54
C LEU H 79 82.70 25.81 -13.85
N VAL H 80 82.03 24.90 -13.19
CA VAL H 80 82.72 23.82 -12.51
C VAL H 80 82.38 22.49 -13.15
N GLN H 81 83.40 21.74 -13.56
CA GLN H 81 83.15 20.38 -13.98
C GLN H 81 83.94 19.42 -13.11
N LEU H 82 83.26 18.76 -12.19
CA LEU H 82 83.91 17.81 -11.29
C LEU H 82 83.01 16.61 -11.12
N GLY H 83 83.63 15.44 -10.93
CA GLY H 83 82.91 14.17 -10.91
C GLY H 83 82.39 13.87 -9.52
N ASN H 84 82.29 12.59 -9.18
CA ASN H 84 81.84 12.32 -7.82
C ASN H 84 83.07 12.16 -6.94
N VAL H 85 83.62 13.31 -6.56
CA VAL H 85 84.87 13.37 -5.80
C VAL H 85 84.70 14.50 -4.82
N ALA H 86 85.42 14.44 -3.71
CA ALA H 86 85.20 15.39 -2.61
C ALA H 86 85.44 16.84 -3.01
N GLU H 87 86.37 17.06 -3.93
CA GLU H 87 86.70 18.40 -4.37
C GLU H 87 85.49 19.14 -4.96
N LEU H 88 84.49 18.38 -5.39
CA LEU H 88 83.25 18.98 -5.87
C LEU H 88 82.57 19.71 -4.73
N TYR H 89 82.37 19.01 -3.62
CA TYR H 89 81.72 19.58 -2.44
C TYR H 89 82.55 20.74 -1.85
N ILE H 90 83.87 20.59 -1.87
CA ILE H 90 84.75 21.67 -1.43
C ILE H 90 84.59 22.89 -2.31
N THR H 91 84.65 22.67 -3.62
CA THR H 91 84.53 23.76 -4.61
C THR H 91 83.20 24.49 -4.48
N PHE H 92 82.16 23.71 -4.23
CA PHE H 92 80.83 24.25 -4.14
C PHE H 92 80.76 25.24 -2.99
N PHE H 93 81.19 24.81 -1.81
CA PHE H 93 81.16 25.66 -0.64
C PHE H 93 82.19 26.78 -0.71
N ALA H 94 83.32 26.52 -1.35
CA ALA H 94 84.33 27.57 -1.54
C ALA H 94 83.72 28.72 -2.32
N LEU H 95 83.01 28.38 -3.40
CA LEU H 95 82.38 29.39 -4.24
C LEU H 95 81.17 30.07 -3.57
N LEU H 96 80.54 29.36 -2.63
CA LEU H 96 79.42 29.92 -1.89
C LEU H 96 79.92 30.94 -0.90
N LYS H 97 81.08 30.64 -0.32
CA LYS H 97 81.71 31.53 0.64
C LYS H 97 82.25 32.82 -0.01
N LEU H 98 82.62 32.76 -1.29
CA LEU H 98 83.13 33.94 -2.00
C LEU H 98 82.02 34.91 -2.50
N GLY H 99 80.84 34.39 -2.80
CA GLY H 99 79.77 35.19 -3.36
C GLY H 99 79.57 34.91 -4.84
N VAL H 100 80.23 33.86 -5.31
CA VAL H 100 80.20 33.44 -6.71
C VAL H 100 79.13 32.38 -6.98
N ALA H 101 78.51 32.44 -8.15
CA ALA H 101 77.50 31.47 -8.54
C ALA H 101 78.00 30.56 -9.66
N PRO H 102 78.28 29.29 -9.34
CA PRO H 102 78.80 28.37 -10.37
C PRO H 102 77.70 27.64 -11.10
N VAL H 103 78.09 26.90 -12.13
CA VAL H 103 77.24 25.93 -12.76
C VAL H 103 77.95 24.60 -12.52
N LEU H 104 77.27 23.63 -11.91
CA LEU H 104 77.96 22.37 -11.74
C LEU H 104 77.63 21.52 -12.94
N ALA H 105 78.62 21.39 -13.82
CA ALA H 105 78.47 20.66 -15.06
C ALA H 105 78.69 19.18 -14.80
N LEU H 106 77.96 18.36 -15.54
CA LEU H 106 78.16 16.93 -15.47
C LEU H 106 79.54 16.60 -15.99
N PHE H 107 80.16 15.60 -15.39
CA PHE H 107 81.45 15.17 -15.86
C PHE H 107 81.34 14.53 -17.27
N SER H 108 80.15 14.05 -17.61
CA SER H 108 79.95 13.36 -18.87
C SER H 108 79.85 14.35 -20.01
N HIS H 109 79.66 15.63 -19.65
CA HIS H 109 79.52 16.68 -20.65
C HIS H 109 80.82 16.86 -21.42
N GLN H 110 80.70 17.49 -22.58
CA GLN H 110 81.80 17.58 -23.54
C GLN H 110 81.88 18.97 -24.17
N ARG H 111 82.64 19.07 -25.24
CA ARG H 111 82.90 20.35 -25.90
C ARG H 111 81.68 21.27 -26.14
N SER H 112 80.61 20.74 -26.71
CA SER H 112 79.50 21.62 -27.05
C SER H 112 78.71 22.08 -25.84
N GLU H 113 78.54 21.19 -24.85
CA GLU H 113 77.82 21.51 -23.62
C GLU H 113 78.55 22.58 -22.79
N LEU H 114 79.86 22.38 -22.61
CA LEU H 114 80.66 23.33 -21.83
C LEU H 114 80.69 24.71 -22.52
N ASN H 115 80.86 24.72 -23.84
CA ASN H 115 80.76 25.96 -24.61
C ASN H 115 79.43 26.66 -24.34
N ALA H 116 78.33 25.94 -24.53
CA ALA H 116 76.99 26.46 -24.28
C ALA H 116 76.88 27.14 -22.93
N TYR H 117 77.38 26.48 -21.87
CA TYR H 117 77.24 27.01 -20.52
C TYR H 117 78.04 28.28 -20.37
N ALA H 118 79.30 28.26 -20.81
CA ALA H 118 80.19 29.40 -20.62
C ALA H 118 79.67 30.63 -21.34
N SER H 119 78.96 30.42 -22.44
CA SER H 119 78.40 31.53 -23.21
C SER H 119 77.28 32.28 -22.50
N GLN H 120 76.39 31.54 -21.82
CA GLN H 120 75.32 32.19 -21.04
C GLN H 120 75.83 32.74 -19.70
N ILE H 121 76.77 32.02 -19.09
CA ILE H 121 77.23 32.37 -17.76
C ILE H 121 78.18 33.58 -17.81
N GLU H 122 79.06 33.60 -18.81
CA GLU H 122 80.20 34.51 -18.83
C GLU H 122 81.03 34.40 -17.53
N PRO H 123 81.64 33.21 -17.36
CA PRO H 123 82.36 32.78 -16.17
C PRO H 123 83.67 33.54 -16.03
N ALA H 124 83.97 33.95 -14.81
CA ALA H 124 85.27 34.49 -14.48
C ALA H 124 86.22 33.38 -14.04
N LEU H 125 85.67 32.18 -13.84
CA LEU H 125 86.44 31.08 -13.28
C LEU H 125 86.09 29.75 -13.93
N LEU H 126 87.13 28.95 -14.20
CA LEU H 126 86.94 27.59 -14.69
C LEU H 126 87.62 26.58 -13.77
N ILE H 127 86.88 25.55 -13.37
CA ILE H 127 87.45 24.47 -12.58
C ILE H 127 87.08 23.14 -13.25
N ALA H 128 88.09 22.40 -13.70
CA ALA H 128 87.88 21.12 -14.36
C ALA H 128 88.87 20.08 -13.88
N ASP H 129 88.84 18.89 -14.48
CA ASP H 129 89.67 17.77 -14.03
C ASP H 129 90.53 17.31 -15.21
N ARG H 130 91.83 17.12 -14.99
CA ARG H 130 92.71 16.65 -16.06
C ARG H 130 92.52 15.17 -16.44
N GLN H 131 91.78 14.44 -15.61
CA GLN H 131 91.41 13.06 -15.93
C GLN H 131 90.24 13.02 -16.94
N HIS H 132 89.65 14.19 -17.18
CA HIS H 132 88.59 14.34 -18.18
C HIS H 132 89.27 14.51 -19.54
N ALA H 133 88.74 13.86 -20.57
CA ALA H 133 89.37 13.84 -21.89
C ALA H 133 89.76 15.22 -22.46
N LEU H 134 88.90 16.21 -22.29
CA LEU H 134 89.18 17.55 -22.81
C LEU H 134 90.38 18.20 -22.12
N PHE H 135 90.58 17.83 -20.86
CA PHE H 135 91.66 18.38 -20.06
C PHE H 135 92.93 17.55 -19.86
N SER H 136 93.04 16.39 -20.50
CA SER H 136 94.34 15.70 -20.44
C SER H 136 95.38 16.70 -20.95
N GLY H 137 95.32 17.04 -22.23
CA GLY H 137 96.23 18.04 -22.76
C GLY H 137 95.75 19.48 -22.53
N ASP H 138 96.71 20.36 -22.23
CA ASP H 138 96.43 21.79 -22.03
C ASP H 138 95.89 22.42 -23.32
N ASP H 139 95.92 21.64 -24.40
CA ASP H 139 95.55 22.10 -25.76
C ASP H 139 94.23 22.89 -25.84
N PHE H 140 93.10 22.22 -25.60
CA PHE H 140 91.78 22.84 -25.71
C PHE H 140 91.50 23.77 -24.55
N LEU H 141 92.20 23.54 -23.44
CA LEU H 141 92.09 24.46 -22.32
C LEU H 141 92.40 25.81 -22.94
N ASN H 142 93.34 25.81 -23.89
CA ASN H 142 93.76 27.06 -24.51
C ASN H 142 92.72 27.67 -25.48
N THR H 143 92.22 26.83 -26.40
CA THR H 143 91.18 27.24 -27.34
C THR H 143 89.97 27.76 -26.58
N PHE H 144 89.67 27.11 -25.47
CA PHE H 144 88.48 27.40 -24.69
C PHE H 144 88.56 28.79 -24.05
N VAL H 145 89.66 29.08 -23.38
CA VAL H 145 89.79 30.35 -22.65
C VAL H 145 89.83 31.55 -23.58
N THR H 146 90.40 31.37 -24.76
CA THR H 146 90.42 32.46 -25.74
C THR H 146 89.01 32.81 -26.26
N GLU H 147 88.23 31.82 -26.71
CA GLU H 147 86.89 32.11 -27.26
C GLU H 147 86.00 32.87 -26.25
N HIS H 148 85.75 32.28 -25.08
CA HIS H 148 85.01 32.97 -24.05
C HIS H 148 86.05 33.69 -23.22
N SER H 149 86.08 35.02 -23.35
CA SER H 149 87.21 35.82 -22.86
C SER H 149 87.06 36.23 -21.40
N SER H 150 85.84 36.12 -20.87
CA SER H 150 85.56 36.51 -19.49
C SER H 150 86.40 35.74 -18.48
N ILE H 151 86.73 34.49 -18.80
CA ILE H 151 87.52 33.61 -17.93
C ILE H 151 88.91 34.20 -17.61
N ARG H 152 89.21 34.29 -16.33
CA ARG H 152 90.48 34.86 -15.84
C ARG H 152 91.34 33.82 -15.14
N VAL H 153 90.79 33.24 -14.07
CA VAL H 153 91.46 32.17 -13.33
C VAL H 153 91.06 30.75 -13.82
N VAL H 154 92.01 29.82 -13.78
CA VAL H 154 91.72 28.41 -14.06
C VAL H 154 92.43 27.45 -13.07
N GLN H 155 91.64 26.61 -12.41
CA GLN H 155 92.20 25.59 -11.52
C GLN H 155 91.78 24.19 -11.98
N LEU H 156 92.73 23.25 -11.97
CA LEU H 156 92.46 21.88 -12.42
C LEU H 156 92.74 20.83 -11.35
N LEU H 157 91.85 19.85 -11.26
CA LEU H 157 92.06 18.71 -10.38
C LEU H 157 93.03 17.78 -11.06
N ASN H 158 93.94 17.18 -10.29
CA ASN H 158 94.91 16.25 -10.85
C ASN H 158 95.71 16.91 -11.98
N ASP H 159 96.44 17.96 -11.62
CA ASP H 159 97.43 18.60 -12.48
C ASP H 159 98.57 18.99 -11.54
N SER H 160 99.80 18.61 -11.89
CA SER H 160 100.93 19.03 -11.07
C SER H 160 101.43 20.40 -11.53
N GLY H 161 100.73 20.98 -12.51
CA GLY H 161 101.16 22.22 -13.11
C GLY H 161 100.95 23.49 -12.29
N GLU H 162 100.95 24.61 -13.02
CA GLU H 162 100.73 25.94 -12.46
C GLU H 162 99.32 26.03 -11.86
N HIS H 163 98.38 25.42 -12.56
CA HIS H 163 96.95 25.57 -12.32
C HIS H 163 96.40 24.60 -11.26
N ASN H 164 97.31 23.89 -10.58
CA ASN H 164 96.91 22.87 -9.61
C ASN H 164 95.87 23.35 -8.60
N LEU H 165 94.78 22.59 -8.49
CA LEU H 165 93.67 22.93 -7.61
C LEU H 165 93.99 22.58 -6.15
N GLN H 166 94.67 21.45 -5.95
CA GLN H 166 95.07 21.02 -4.61
C GLN H 166 95.98 22.05 -3.93
N ASP H 167 96.80 22.75 -4.72
CA ASP H 167 97.69 23.76 -4.16
C ASP H 167 96.88 24.86 -3.49
N ALA H 168 95.84 25.32 -4.16
CA ALA H 168 94.98 26.37 -3.64
C ALA H 168 94.10 25.88 -2.49
N ILE H 169 93.80 24.59 -2.48
CA ILE H 169 92.96 24.00 -1.44
C ILE H 169 93.75 23.84 -0.14
N ASN H 170 95.04 23.54 -0.27
CA ASN H 170 95.91 23.36 0.91
C ASN H 170 96.64 24.61 1.43
N HIS H 171 96.67 25.67 0.61
CA HIS H 171 97.24 26.95 1.03
C HIS H 171 96.27 27.60 2.00
N PRO H 172 96.68 27.73 3.27
CA PRO H 172 95.78 28.16 4.35
C PRO H 172 95.16 29.55 4.17
N ALA H 173 94.36 29.99 5.14
CA ALA H 173 93.52 31.18 4.98
C ALA H 173 94.10 32.52 5.50
N GLU H 174 93.33 33.59 5.32
CA GLU H 174 93.80 34.95 5.57
C GLU H 174 92.75 35.86 6.19
N ASP H 175 93.22 37.01 6.67
CA ASP H 175 92.36 38.12 7.07
C ASP H 175 91.18 38.27 6.09
N THR H 177 87.72 36.09 6.15
CA THR H 177 86.29 36.36 6.11
C THR H 177 85.74 36.03 4.72
N ALA H 178 84.49 35.58 4.69
CA ALA H 178 83.82 35.28 3.42
C ALA H 178 82.45 35.94 3.30
N THR H 179 82.12 36.37 2.09
CA THR H 179 80.95 37.20 1.82
C THR H 179 79.98 36.50 0.89
N PRO H 180 79.13 35.61 1.44
CA PRO H 180 78.16 34.95 0.60
C PRO H 180 77.20 36.00 0.06
N SER H 181 76.55 35.73 -1.07
CA SER H 181 75.54 36.66 -1.57
C SER H 181 74.30 36.64 -0.65
N PRO H 182 73.52 37.73 -0.66
CA PRO H 182 72.34 37.83 0.22
C PRO H 182 71.38 36.67 0.02
N ALA H 183 70.67 36.26 1.07
CA ALA H 183 69.80 35.09 1.03
C ALA H 183 68.79 35.09 -0.14
N ASP H 184 68.27 36.27 -0.49
CA ASP H 184 67.31 36.37 -1.59
C ASP H 184 67.97 36.66 -2.96
N GLU H 185 69.30 36.61 -3.02
CA GLU H 185 70.07 36.75 -4.25
C GLU H 185 70.56 35.37 -4.72
N VAL H 186 70.81 35.20 -6.02
CA VAL H 186 71.22 33.91 -6.57
C VAL H 186 72.40 33.22 -5.88
N ALA H 187 72.24 31.94 -5.58
CA ALA H 187 73.27 31.13 -4.94
C ALA H 187 74.12 30.36 -5.95
N TYR H 188 73.46 29.50 -6.73
CA TYR H 188 74.08 28.96 -7.94
C TYR H 188 73.07 28.60 -9.01
N PHE H 189 73.55 27.99 -10.10
CA PHE H 189 72.69 27.55 -11.20
C PHE H 189 72.58 26.03 -11.26
N GLN H 190 71.37 25.54 -11.49
CA GLN H 190 71.14 24.12 -11.71
C GLN H 190 70.78 23.92 -13.18
N LEU H 191 71.03 22.72 -13.68
CA LEU H 191 70.72 22.41 -15.07
C LEU H 191 69.34 21.79 -15.25
N SER H 192 68.55 22.40 -16.14
CA SER H 192 67.18 22.01 -16.44
C SER H 192 67.11 20.65 -17.07
N GLY H 193 68.26 20.22 -17.58
CA GLY H 193 68.26 19.25 -18.66
C GLY H 193 67.72 20.05 -19.84
N GLY H 194 67.63 19.41 -20.99
CA GLY H 194 66.93 20.03 -22.10
C GLY H 194 65.41 20.07 -21.95
N THR H 195 64.84 21.27 -21.97
CA THR H 195 63.49 21.45 -22.49
C THR H 195 63.56 22.06 -23.90
N THR H 196 64.76 22.48 -24.31
CA THR H 196 65.00 23.19 -25.59
C THR H 196 66.41 22.97 -26.14
N GLY H 197 66.54 23.12 -27.45
CA GLY H 197 67.80 22.97 -28.16
C GLY H 197 68.93 23.87 -27.70
N THR H 198 68.59 24.95 -27.01
CA THR H 198 69.61 25.77 -26.35
C THR H 198 69.47 25.55 -24.84
N PRO H 199 70.46 24.88 -24.23
CA PRO H 199 70.34 24.47 -22.82
C PRO H 199 69.91 25.64 -21.92
N LYS H 200 68.88 25.40 -21.11
CA LYS H 200 68.33 26.42 -20.22
C LYS H 200 68.83 26.19 -18.81
N LEU H 201 69.20 27.28 -18.14
CA LEU H 201 69.83 27.23 -16.81
C LEU H 201 68.88 27.76 -15.70
N ILE H 202 68.93 27.19 -14.49
CA ILE H 202 67.98 27.46 -13.39
C ILE H 202 68.61 28.14 -12.18
N PRO H 203 68.33 29.43 -11.98
CA PRO H 203 68.88 30.13 -10.81
C PRO H 203 68.22 29.66 -9.51
N ARG H 204 69.01 29.42 -8.48
CA ARG H 204 68.46 29.05 -7.17
C ARG H 204 69.03 30.02 -6.13
N THR H 205 68.14 30.74 -5.44
CA THR H 205 68.56 31.65 -4.39
C THR H 205 68.89 30.88 -3.11
N HIS H 206 69.73 31.45 -2.25
CA HIS H 206 70.05 30.79 -0.97
C HIS H 206 68.78 30.36 -0.25
N ASN H 207 67.82 31.27 -0.18
CA ASN H 207 66.57 31.05 0.54
C ASN H 207 65.81 29.84 0.08
N ASP H 208 65.45 29.81 -1.20
CA ASP H 208 64.61 28.74 -1.72
C ASP H 208 65.34 27.40 -1.68
N TYR H 209 66.63 27.39 -1.99
CA TYR H 209 67.37 26.14 -2.06
C TYR H 209 67.58 25.53 -0.69
N TYR H 210 67.87 26.40 0.28
CA TYR H 210 68.07 25.96 1.66
C TYR H 210 66.81 25.27 2.18
N TYR H 211 65.63 25.84 1.88
CA TYR H 211 64.39 25.20 2.28
C TYR H 211 64.28 23.78 1.68
N SER H 212 64.58 23.68 0.38
CA SER H 212 64.55 22.41 -0.33
C SER H 212 65.28 21.38 0.51
N VAL H 213 66.46 21.73 0.97
CA VAL H 213 67.31 20.80 1.70
C VAL H 213 66.78 20.49 3.11
N ARG H 214 66.43 21.52 3.89
CA ARG H 214 65.92 21.33 5.25
C ARG H 214 64.71 20.40 5.26
N ARG H 215 63.70 20.76 4.48
CA ARG H 215 62.44 20.05 4.46
C ARG H 215 62.60 18.62 3.93
N SER H 216 63.65 18.41 3.13
CA SER H 216 63.95 17.08 2.62
C SER H 216 64.54 16.25 3.73
N VAL H 217 65.40 16.85 4.53
CA VAL H 217 65.94 16.14 5.68
C VAL H 217 64.84 15.72 6.67
N GLU H 218 63.88 16.61 6.92
CA GLU H 218 62.80 16.32 7.86
C GLU H 218 62.03 15.10 7.38
N ILE H 219 61.66 15.13 6.10
CA ILE H 219 60.82 14.07 5.52
C ILE H 219 61.52 12.73 5.47
N CYS H 220 62.82 12.73 5.17
CA CYS H 220 63.57 11.50 5.07
C CYS H 220 64.24 11.11 6.38
N GLN H 221 63.97 11.89 7.42
CA GLN H 221 64.62 11.74 8.72
C GLN H 221 66.11 11.52 8.57
N PHE H 222 66.81 12.59 8.17
CA PHE H 222 68.26 12.56 8.11
C PHE H 222 68.85 13.05 9.45
N THR H 223 69.86 12.33 9.93
CA THR H 223 70.52 12.61 11.22
C THR H 223 72.05 12.38 11.08
N GLN H 224 72.82 12.75 12.10
CA GLN H 224 74.29 12.54 12.03
C GLN H 224 74.67 11.07 11.85
N GLN H 225 73.74 10.19 12.19
CA GLN H 225 73.95 8.75 12.15
C GLN H 225 73.50 8.19 10.79
N THR H 226 73.10 9.11 9.92
CA THR H 226 72.71 8.80 8.54
C THR H 226 73.94 8.62 7.62
N ARG H 227 74.08 7.41 7.06
CA ARG H 227 75.21 7.03 6.19
C ARG H 227 74.78 6.92 4.69
N TYR H 228 75.22 7.89 3.89
CA TYR H 228 74.67 8.08 2.54
C TYR H 228 75.66 7.76 1.42
N LEU H 229 75.32 6.80 0.57
CA LEU H 229 76.14 6.47 -0.59
C LEU H 229 75.69 7.30 -1.74
N CYS H 230 76.55 8.15 -2.27
CA CYS H 230 76.17 8.92 -3.44
C CYS H 230 76.88 8.32 -4.63
N ALA H 231 76.16 7.46 -5.36
CA ALA H 231 76.72 6.81 -6.55
C ALA H 231 76.26 7.34 -7.93
N ILE H 232 75.13 8.05 -7.94
CA ILE H 232 74.68 8.67 -9.18
C ILE H 232 75.39 10.01 -9.32
N PRO H 233 75.34 10.63 -10.51
CA PRO H 233 76.14 11.85 -10.67
C PRO H 233 75.86 12.86 -9.55
N ALA H 234 76.94 13.30 -8.90
CA ALA H 234 76.86 14.07 -7.66
C ALA H 234 76.31 15.48 -7.89
N ALA H 235 76.44 15.94 -9.12
CA ALA H 235 76.13 17.33 -9.45
C ALA H 235 74.67 17.55 -9.79
N HIS H 236 73.90 16.46 -9.94
CA HIS H 236 72.47 16.59 -10.25
C HIS H 236 71.68 17.00 -9.01
N ASN H 237 70.56 17.66 -9.25
CA ASN H 237 69.76 18.16 -8.14
C ASN H 237 69.32 17.05 -7.15
N TYR H 238 69.18 15.84 -7.66
CA TYR H 238 68.73 14.68 -6.89
C TYR H 238 69.76 14.27 -5.84
N ALA H 239 70.98 14.01 -6.30
CA ALA H 239 72.05 13.57 -5.41
C ALA H 239 72.68 14.76 -4.69
N MET H 240 72.13 15.94 -4.92
CA MET H 240 72.64 17.14 -4.30
C MET H 240 71.70 17.60 -3.18
N SER H 241 70.47 17.96 -3.54
CA SER H 241 69.48 18.49 -2.60
C SER H 241 68.33 17.62 -2.08
N SER H 242 68.19 16.37 -2.52
CA SER H 242 66.91 15.71 -2.30
C SER H 242 66.84 14.37 -1.54
N PRO H 243 67.25 14.35 -0.28
CA PRO H 243 68.03 15.39 0.40
C PRO H 243 69.44 15.37 -0.13
N GLY H 244 69.89 14.23 -0.65
CA GLY H 244 71.18 14.14 -1.31
C GLY H 244 72.29 14.59 -0.37
N SER H 245 73.49 14.79 -0.91
CA SER H 245 74.67 15.06 -0.08
C SER H 245 74.57 16.30 0.81
N LEU H 246 73.95 17.37 0.31
CA LEU H 246 73.80 18.60 1.09
C LEU H 246 72.88 18.38 2.28
N GLY H 247 71.87 17.53 2.08
CA GLY H 247 70.95 17.17 3.15
C GLY H 247 71.68 16.42 4.24
N VAL H 248 72.63 15.59 3.82
CA VAL H 248 73.46 14.83 4.76
C VAL H 248 74.38 15.76 5.55
N PHE H 249 74.94 16.77 4.87
CA PHE H 249 75.84 17.73 5.51
C PHE H 249 75.10 18.55 6.56
N LEU H 250 73.87 18.95 6.25
CA LEU H 250 73.08 19.74 7.17
C LEU H 250 72.85 18.99 8.47
N ALA H 251 72.68 17.68 8.34
CA ALA H 251 72.32 16.83 9.47
C ALA H 251 73.52 16.23 10.21
N GLY H 252 74.73 16.43 9.67
CA GLY H 252 75.95 15.95 10.30
C GLY H 252 76.29 14.51 9.97
N GLY H 253 75.62 13.94 8.97
CA GLY H 253 75.84 12.57 8.55
C GLY H 253 77.13 12.39 7.78
N THR H 254 77.25 11.25 7.12
CA THR H 254 78.47 10.95 6.36
C THR H 254 78.11 10.64 4.92
N VAL H 255 78.80 11.29 3.98
CA VAL H 255 78.59 11.03 2.56
C VAL H 255 79.70 10.14 2.03
N VAL H 256 79.30 9.05 1.39
CA VAL H 256 80.25 8.11 0.82
C VAL H 256 80.16 8.23 -0.69
N LEU H 257 81.22 8.76 -1.31
CA LEU H 257 81.25 8.96 -2.76
C LEU H 257 81.70 7.70 -3.48
N ALA H 258 81.08 7.46 -4.63
CA ALA H 258 81.44 6.36 -5.51
C ALA H 258 81.36 6.85 -6.95
N ALA H 259 82.27 6.36 -7.79
CA ALA H 259 82.38 6.87 -9.16
C ALA H 259 81.16 6.58 -10.01
N ASP H 260 80.59 5.40 -9.85
CA ASP H 260 79.42 5.04 -10.63
C ASP H 260 78.51 4.19 -9.76
N PRO H 261 77.30 3.87 -10.25
CA PRO H 261 76.45 3.02 -9.40
C PRO H 261 76.50 1.52 -9.75
N SER H 262 77.68 0.94 -9.93
CA SER H 262 77.73 -0.46 -10.33
C SER H 262 77.68 -1.31 -9.07
N ALA H 263 76.92 -2.40 -9.12
CA ALA H 263 76.84 -3.28 -7.96
C ALA H 263 78.24 -3.75 -7.50
N THR H 264 79.16 -3.82 -8.46
CA THR H 264 80.52 -4.28 -8.22
C THR H 264 81.26 -3.29 -7.35
N LEU H 265 81.06 -2.00 -7.62
CA LEU H 265 81.71 -0.94 -6.86
C LEU H 265 81.01 -0.61 -5.55
N CYS H 266 79.68 -0.57 -5.61
CA CYS H 266 78.86 -0.11 -4.48
C CYS H 266 78.70 -1.12 -3.34
N PHE H 267 78.41 -2.37 -3.69
CA PHE H 267 78.16 -3.41 -2.69
C PHE H 267 79.25 -3.42 -1.59
N PRO H 268 80.53 -3.53 -1.98
CA PRO H 268 81.66 -3.39 -1.05
C PRO H 268 81.61 -2.13 -0.19
N LEU H 269 81.26 -0.99 -0.77
CA LEU H 269 81.23 0.26 -0.04
C LEU H 269 80.10 0.34 1.01
N ILE H 270 78.93 -0.19 0.68
CA ILE H 270 77.79 -0.16 1.59
C ILE H 270 78.06 -0.98 2.86
N GLU H 271 78.67 -2.14 2.70
CA GLU H 271 79.06 -2.97 3.85
C GLU H 271 80.22 -2.33 4.63
N LYS H 272 81.32 -2.04 3.92
CA LYS H 272 82.53 -1.44 4.52
C LYS H 272 82.24 -0.18 5.33
N HIS H 273 81.43 0.71 4.78
CA HIS H 273 81.09 1.93 5.49
C HIS H 273 79.74 1.93 6.24
N GLN H 274 79.07 0.79 6.24
CA GLN H 274 77.80 0.60 6.95
C GLN H 274 76.76 1.64 6.54
N VAL H 275 76.54 1.72 5.23
CA VAL H 275 75.63 2.69 4.63
C VAL H 275 74.19 2.33 4.91
N ASN H 276 73.44 3.27 5.48
CA ASN H 276 72.01 3.07 5.72
C ASN H 276 71.03 3.68 4.70
N VAL H 277 71.53 4.47 3.75
CA VAL H 277 70.65 5.08 2.76
C VAL H 277 71.39 5.40 1.46
N THR H 278 70.68 5.30 0.34
CA THR H 278 71.27 5.65 -0.95
C THR H 278 70.18 5.99 -1.96
N ALA H 279 70.55 6.72 -3.01
CA ALA H 279 69.60 7.11 -4.05
C ALA H 279 70.01 6.55 -5.40
N LEU H 280 69.03 6.01 -6.11
CA LEU H 280 69.26 5.36 -7.39
C LEU H 280 68.22 5.76 -8.43
N VAL H 281 68.49 5.39 -9.67
CA VAL H 281 67.54 5.51 -10.74
C VAL H 281 67.17 4.11 -11.18
N PRO H 282 65.95 3.95 -11.72
CA PRO H 282 65.41 2.62 -11.99
C PRO H 282 66.38 1.63 -12.66
N PRO H 283 67.15 2.07 -13.67
CA PRO H 283 68.06 1.11 -14.31
C PRO H 283 69.14 0.57 -13.37
N ALA H 284 69.58 1.33 -12.38
CA ALA H 284 70.58 0.82 -11.44
C ALA H 284 69.95 -0.19 -10.47
N VAL H 285 68.71 0.07 -10.05
CA VAL H 285 67.96 -0.89 -9.24
C VAL H 285 67.85 -2.24 -9.95
N SER H 286 67.48 -2.24 -11.22
CA SER H 286 67.47 -3.48 -12.01
C SER H 286 68.82 -4.17 -11.95
N LEU H 287 69.89 -3.40 -12.11
CA LEU H 287 71.25 -3.94 -12.12
C LEU H 287 71.57 -4.57 -10.78
N TRP H 288 71.15 -3.91 -9.69
CA TRP H 288 71.43 -4.41 -8.34
C TRP H 288 70.65 -5.67 -7.97
N LEU H 289 69.37 -5.70 -8.32
CA LEU H 289 68.51 -6.86 -8.03
C LEU H 289 69.00 -8.12 -8.74
N GLN H 290 69.47 -7.95 -9.97
CA GLN H 290 70.02 -9.02 -10.77
C GLN H 290 71.39 -9.47 -10.25
N ALA H 291 72.24 -8.52 -9.88
CA ALA H 291 73.56 -8.84 -9.32
C ALA H 291 73.44 -9.73 -8.10
N LEU H 292 72.35 -9.55 -7.34
CA LEU H 292 72.07 -10.36 -6.15
C LEU H 292 71.70 -11.79 -6.53
N ILE H 293 70.79 -11.90 -7.50
CA ILE H 293 70.41 -13.19 -8.09
C ILE H 293 71.59 -13.93 -8.72
N GLU H 294 72.56 -13.18 -9.25
CA GLU H 294 73.72 -13.75 -9.92
C GLU H 294 74.84 -14.08 -8.94
N GLY H 295 74.49 -14.04 -7.65
CA GLY H 295 75.32 -14.57 -6.59
C GLY H 295 76.01 -13.62 -5.64
N GLU H 296 75.69 -12.34 -5.71
CA GLU H 296 76.18 -11.41 -4.70
C GLU H 296 75.43 -11.68 -3.41
N SER H 297 76.11 -11.53 -2.29
CA SER H 297 75.51 -11.84 -0.98
C SER H 297 74.61 -10.72 -0.49
N ARG H 298 73.34 -11.02 -0.29
CA ARG H 298 72.33 -10.04 0.12
C ARG H 298 72.69 -9.43 1.47
N ALA H 299 73.73 -9.98 2.07
CA ALA H 299 74.18 -9.58 3.40
C ALA H 299 75.11 -8.35 3.46
N GLN H 300 75.77 -7.99 2.36
CA GLN H 300 76.62 -6.80 2.37
C GLN H 300 75.75 -5.53 2.43
N LEU H 301 74.53 -5.68 1.91
CA LEU H 301 73.53 -4.61 1.82
C LEU H 301 72.62 -4.55 3.06
N ALA H 302 72.96 -5.33 4.09
CA ALA H 302 72.14 -5.47 5.30
C ALA H 302 72.02 -4.22 6.19
N SER H 303 72.98 -3.30 6.09
CA SER H 303 72.94 -2.07 6.86
C SER H 303 72.02 -1.02 6.23
N LEU H 304 71.63 -1.27 4.99
CA LEU H 304 70.89 -0.29 4.23
C LEU H 304 69.44 -0.36 4.64
N LYS H 305 68.96 0.69 5.29
CA LYS H 305 67.56 0.78 5.72
C LYS H 305 66.63 1.58 4.76
N LEU H 306 67.20 2.33 3.82
CA LEU H 306 66.39 3.12 2.89
C LEU H 306 66.97 3.20 1.47
N LEU H 307 66.11 3.00 0.48
CA LEU H 307 66.51 3.16 -0.92
C LEU H 307 65.62 4.15 -1.64
N GLN H 308 66.19 5.28 -2.03
CA GLN H 308 65.48 6.26 -2.81
C GLN H 308 65.57 5.89 -4.28
N VAL H 309 64.46 6.00 -5.00
CA VAL H 309 64.46 5.72 -6.40
C VAL H 309 63.65 6.77 -7.11
N GLY H 310 64.25 7.42 -8.11
CA GLY H 310 63.57 8.47 -8.85
C GLY H 310 64.28 8.83 -10.13
N GLY H 311 63.83 9.89 -10.79
CA GLY H 311 64.43 10.37 -12.01
C GLY H 311 63.74 9.83 -13.25
N ALA H 312 63.07 8.70 -13.09
CA ALA H 312 62.40 8.03 -14.20
C ALA H 312 61.29 7.12 -13.71
N ARG H 313 60.40 6.73 -14.63
CA ARG H 313 59.28 5.86 -14.32
C ARG H 313 59.81 4.58 -13.66
N LEU H 314 59.29 4.29 -12.47
CA LEU H 314 59.63 3.05 -11.79
C LEU H 314 58.38 2.17 -11.71
N SER H 315 58.42 1.04 -12.42
CA SER H 315 57.27 0.15 -12.51
C SER H 315 56.92 -0.47 -11.15
N ALA H 316 55.65 -0.75 -10.95
CA ALA H 316 55.19 -1.34 -9.69
C ALA H 316 55.81 -2.73 -9.46
N THR H 317 56.03 -3.46 -10.54
CA THR H 317 56.75 -4.73 -10.48
C THR H 317 58.15 -4.58 -9.87
N LEU H 318 58.86 -3.54 -10.29
CA LEU H 318 60.24 -3.33 -9.85
C LEU H 318 60.29 -2.75 -8.44
N ALA H 319 59.35 -1.84 -8.15
CA ALA H 319 59.25 -1.23 -6.83
C ALA H 319 59.02 -2.26 -5.75
N ALA H 320 58.14 -3.22 -6.05
CA ALA H 320 57.81 -4.31 -5.13
C ALA H 320 58.99 -5.25 -4.84
N ARG H 321 59.84 -5.47 -5.83
CA ARG H 321 61.00 -6.34 -5.67
C ARG H 321 62.05 -5.80 -4.66
N ILE H 322 62.00 -4.50 -4.37
CA ILE H 322 63.03 -3.87 -3.56
C ILE H 322 63.05 -4.37 -2.12
N PRO H 323 61.92 -4.23 -1.39
CA PRO H 323 61.85 -4.75 -0.01
C PRO H 323 61.87 -6.28 0.01
N ALA H 324 61.35 -6.90 -1.05
CA ALA H 324 61.34 -8.35 -1.15
C ALA H 324 62.75 -8.94 -1.28
N GLU H 325 63.47 -8.55 -2.33
CA GLU H 325 64.80 -9.10 -2.57
C GLU H 325 65.97 -8.42 -1.80
N ILE H 326 65.95 -7.09 -1.73
CA ILE H 326 66.96 -6.32 -0.99
C ILE H 326 66.71 -6.18 0.51
N GLY H 327 65.44 -6.07 0.87
CA GLY H 327 65.02 -6.01 2.26
C GLY H 327 65.23 -4.69 2.97
N CYS H 328 64.83 -3.60 2.31
CA CYS H 328 64.83 -2.30 2.95
C CYS H 328 63.64 -1.51 2.43
N GLN H 329 63.46 -0.30 2.93
CA GLN H 329 62.27 0.49 2.59
C GLN H 329 62.51 1.29 1.32
N LEU H 330 61.46 1.40 0.51
CA LEU H 330 61.56 2.16 -0.72
C LEU H 330 60.90 3.52 -0.52
N GLN H 331 61.50 4.54 -1.09
CA GLN H 331 60.87 5.85 -1.18
C GLN H 331 61.02 6.31 -2.63
N GLN H 332 59.88 6.51 -3.29
CA GLN H 332 59.89 7.05 -4.65
C GLN H 332 60.09 8.57 -4.57
N VAL H 333 60.98 9.06 -5.41
CA VAL H 333 61.23 10.50 -5.46
C VAL H 333 60.93 10.98 -6.85
N PHE H 334 59.96 11.90 -6.96
CA PHE H 334 59.64 12.54 -8.22
C PHE H 334 59.84 14.04 -8.07
N GLY H 335 60.92 14.56 -8.65
CA GLY H 335 61.30 15.96 -8.53
C GLY H 335 61.97 16.47 -9.79
N MET H 336 62.10 17.78 -9.90
CA MET H 336 62.72 18.41 -11.05
C MET H 336 63.72 19.45 -10.58
N ALA H 337 64.70 19.76 -11.43
CA ALA H 337 65.77 20.66 -11.01
C ALA H 337 65.22 22.04 -10.79
N GLU H 338 63.99 22.23 -11.24
CA GLU H 338 63.34 23.53 -11.21
C GLU H 338 62.62 23.83 -9.87
N GLY H 339 62.42 22.80 -9.05
CA GLY H 339 61.65 22.96 -7.82
C GLY H 339 60.98 21.66 -7.39
N LEU H 340 59.87 21.77 -6.65
CA LEU H 340 58.89 20.68 -6.57
C LEU H 340 59.43 19.26 -6.48
N VAL H 341 59.91 18.84 -5.31
CA VAL H 341 60.14 17.40 -5.13
C VAL H 341 58.94 16.73 -4.44
N ASN H 342 58.47 15.62 -5.01
CA ASN H 342 57.45 14.80 -4.38
C ASN H 342 58.06 13.54 -3.79
N TYR H 343 57.76 13.26 -2.53
CA TYR H 343 58.23 12.04 -1.91
C TYR H 343 57.03 11.18 -1.57
N THR H 344 57.22 9.88 -1.50
CA THR H 344 56.35 9.07 -0.68
C THR H 344 56.98 9.17 0.70
N ARG H 345 56.14 9.21 1.73
CA ARG H 345 56.61 9.28 3.11
C ARG H 345 57.11 7.93 3.60
N LEU H 346 57.91 7.94 4.67
CA LEU H 346 58.43 6.70 5.24
C LEU H 346 57.37 5.89 6.01
N ASP H 347 56.38 6.57 6.54
CA ASP H 347 55.30 5.92 7.28
C ASP H 347 54.11 5.62 6.38
N ASP H 348 54.27 5.85 5.08
CA ASP H 348 53.20 5.61 4.12
C ASP H 348 52.91 4.12 3.96
N SER H 349 51.71 3.82 3.46
CA SER H 349 51.30 2.44 3.22
C SER H 349 52.09 1.84 2.08
N ALA H 350 52.21 0.53 2.08
CA ALA H 350 52.89 -0.15 1.00
C ALA H 350 52.12 0.03 -0.31
N GLU H 351 50.82 0.29 -0.22
CA GLU H 351 50.03 0.52 -1.43
C GLU H 351 50.47 1.79 -2.13
N LYS H 352 50.63 2.88 -1.35
CA LYS H 352 51.03 4.17 -1.91
C LYS H 352 52.50 4.22 -2.33
N ILE H 353 53.34 3.47 -1.63
CA ILE H 353 54.77 3.46 -1.91
C ILE H 353 55.14 2.73 -3.20
N ILE H 354 54.44 1.66 -3.48
CA ILE H 354 54.68 0.88 -4.69
C ILE H 354 54.04 1.52 -5.93
N HIS H 355 52.78 1.92 -5.81
CA HIS H 355 52.01 2.46 -6.94
C HIS H 355 52.10 3.96 -7.27
N THR H 356 52.24 4.80 -6.26
CA THR H 356 52.26 6.23 -6.53
C THR H 356 53.67 6.81 -6.46
N GLN H 357 53.79 8.09 -6.85
CA GLN H 357 55.03 8.83 -6.75
C GLN H 357 55.08 9.72 -5.53
N GLY H 358 54.08 9.59 -4.66
CA GLY H 358 54.07 10.34 -3.42
C GLY H 358 53.46 11.71 -3.65
N TYR H 359 53.71 12.64 -2.72
CA TYR H 359 53.16 13.99 -2.77
C TYR H 359 54.22 15.01 -2.34
N PRO H 360 53.99 16.31 -2.64
CA PRO H 360 54.99 17.38 -2.42
C PRO H 360 55.53 17.45 -1.00
N MET H 361 56.79 17.84 -0.87
CA MET H 361 57.47 17.89 0.41
C MET H 361 56.97 19.07 1.21
N CYS H 362 56.21 19.95 0.56
CA CYS H 362 55.74 21.17 1.20
C CYS H 362 54.22 21.27 1.12
N PRO H 363 53.58 21.73 2.21
CA PRO H 363 52.13 21.90 2.28
C PRO H 363 51.73 23.08 1.40
N ASP H 364 52.66 24.02 1.25
CA ASP H 364 52.44 25.19 0.41
C ASP H 364 52.89 24.97 -1.03
N ASP H 365 53.27 23.73 -1.37
CA ASP H 365 53.44 23.37 -2.76
C ASP H 365 52.06 23.22 -3.37
N GLU H 366 51.83 23.97 -4.44
CA GLU H 366 50.54 23.96 -5.10
C GLU H 366 50.63 23.13 -6.36
N VAL H 367 49.75 22.15 -6.49
CA VAL H 367 49.74 21.32 -7.70
C VAL H 367 48.34 21.14 -8.28
N TRP H 368 48.23 21.24 -9.60
CA TRP H 368 46.97 20.90 -10.24
C TRP H 368 47.18 20.24 -11.59
N VAL H 369 46.25 19.36 -11.95
CA VAL H 369 46.26 18.67 -13.23
C VAL H 369 45.54 19.53 -14.26
N ALA H 370 46.23 19.90 -15.34
CA ALA H 370 45.68 20.82 -16.36
C ALA H 370 45.23 20.10 -17.63
N ASP H 371 44.16 20.60 -18.27
CA ASP H 371 43.77 20.04 -19.57
C ASP H 371 44.50 20.75 -20.72
N ALA H 372 44.27 20.27 -21.94
CA ALA H 372 44.99 20.78 -23.11
C ALA H 372 45.02 22.32 -23.17
N GLU H 373 43.86 22.93 -22.89
CA GLU H 373 43.69 24.36 -23.02
C GLU H 373 44.17 25.16 -21.80
N GLY H 374 44.61 24.46 -20.74
CA GLY H 374 45.12 25.14 -19.57
C GLY H 374 44.21 25.19 -18.35
N ASN H 375 43.17 24.36 -18.35
CA ASN H 375 42.15 24.35 -17.29
C ASN H 375 42.28 23.23 -16.24
N PRO H 376 42.25 23.61 -14.95
CA PRO H 376 42.38 22.57 -13.92
C PRO H 376 41.38 21.44 -14.15
N LEU H 377 41.89 20.22 -14.23
CA LEU H 377 41.09 19.01 -14.36
C LEU H 377 40.80 18.35 -13.01
N PRO H 378 39.75 17.51 -12.95
CA PRO H 378 39.22 16.73 -11.82
C PRO H 378 40.20 15.71 -11.22
N GLN H 379 39.90 15.19 -10.04
CA GLN H 379 40.84 14.33 -9.31
C GLN H 379 40.74 12.85 -9.68
N GLY H 380 41.81 12.33 -10.27
CA GLY H 380 41.81 11.02 -10.89
C GLY H 380 41.94 11.07 -12.41
N GLU H 381 41.74 12.25 -12.99
CA GLU H 381 41.89 12.44 -14.43
C GLU H 381 43.36 12.68 -14.75
N VAL H 382 43.69 12.81 -16.03
CA VAL H 382 45.10 12.95 -16.44
C VAL H 382 45.34 14.19 -17.30
N GLY H 383 46.38 14.95 -16.95
CA GLY H 383 46.70 16.17 -17.66
C GLY H 383 48.09 16.69 -17.31
N ARG H 384 48.42 17.87 -17.81
CA ARG H 384 49.75 18.46 -17.62
C ARG H 384 49.92 19.01 -16.18
N LEU H 385 51.08 18.71 -15.58
CA LEU H 385 51.39 19.12 -14.21
C LEU H 385 51.76 20.61 -14.09
N MET H 386 51.09 21.32 -13.20
CA MET H 386 51.40 22.73 -12.97
C MET H 386 51.75 22.95 -11.50
N THR H 387 52.77 23.73 -11.22
CA THR H 387 53.17 24.00 -9.83
C THR H 387 53.89 25.35 -9.62
N ARG H 388 53.62 25.97 -8.49
CA ARG H 388 54.47 27.06 -8.01
C ARG H 388 54.70 26.76 -6.53
N GLY H 389 55.65 27.44 -5.91
CA GLY H 389 55.91 27.17 -4.51
C GLY H 389 57.15 27.86 -3.98
N PRO H 390 57.49 27.59 -2.71
CA PRO H 390 58.59 28.22 -1.98
C PRO H 390 59.98 27.87 -2.52
N TYR H 391 60.17 26.63 -2.95
CA TYR H 391 61.42 26.26 -3.61
C TYR H 391 61.33 26.07 -5.13
N THR H 392 60.18 26.33 -5.75
CA THR H 392 60.10 26.26 -7.21
C THR H 392 60.32 27.62 -7.91
N PHE H 393 61.30 27.69 -8.80
CA PHE H 393 61.78 28.95 -9.35
C PHE H 393 60.76 29.69 -10.22
N ARG H 394 60.97 30.99 -10.41
CA ARG H 394 60.04 31.79 -11.19
C ARG H 394 60.44 32.05 -12.64
N GLY H 395 61.62 31.61 -13.04
CA GLY H 395 61.98 31.63 -14.45
C GLY H 395 63.44 31.29 -14.72
N TYR H 396 63.72 30.92 -15.95
CA TYR H 396 65.08 30.58 -16.37
C TYR H 396 65.96 31.82 -16.49
N TYR H 397 67.27 31.60 -16.45
CA TYR H 397 68.24 32.67 -16.46
C TYR H 397 68.42 33.19 -17.86
N LYS H 398 68.17 34.48 -18.01
CA LYS H 398 68.38 35.16 -19.28
C LYS H 398 67.80 34.33 -20.44
N SER H 399 66.58 33.85 -20.26
CA SER H 399 65.89 33.13 -21.33
C SER H 399 64.43 33.56 -21.43
N PRO H 400 64.20 34.84 -21.76
CA PRO H 400 62.85 35.42 -21.81
C PRO H 400 61.97 34.71 -22.85
N GLN H 401 62.58 34.28 -23.95
CA GLN H 401 61.83 33.60 -25.01
C GLN H 401 61.19 32.33 -24.48
N HIS H 402 61.97 31.47 -23.82
CA HIS H 402 61.44 30.22 -23.30
C HIS H 402 60.55 30.44 -22.08
N ASN H 403 60.94 31.36 -21.21
CA ASN H 403 60.17 31.67 -20.00
C ASN H 403 58.71 31.94 -20.32
N ALA H 404 58.46 32.55 -21.46
CA ALA H 404 57.11 32.88 -21.89
C ALA H 404 56.26 31.64 -22.04
N SER H 405 56.85 30.57 -22.56
CA SER H 405 56.12 29.33 -22.79
C SER H 405 56.09 28.38 -21.59
N ALA H 406 56.98 28.59 -20.63
CA ALA H 406 57.11 27.63 -19.53
C ALA H 406 56.27 27.99 -18.31
N PHE H 407 55.73 29.20 -18.32
CA PHE H 407 54.93 29.68 -17.19
C PHE H 407 53.62 30.26 -17.69
N ASP H 408 52.52 29.91 -17.04
CA ASP H 408 51.26 30.56 -17.36
C ASP H 408 51.28 31.96 -16.74
N ALA H 409 50.22 32.72 -16.96
CA ALA H 409 50.19 34.11 -16.53
C ALA H 409 50.21 34.25 -15.00
N ASN H 410 49.93 33.15 -14.29
CA ASN H 410 49.90 33.16 -12.81
C ASN H 410 51.19 32.71 -12.10
N GLY H 411 52.22 32.38 -12.87
CA GLY H 411 53.50 32.03 -12.28
C GLY H 411 53.63 30.56 -11.98
N PHE H 412 52.65 29.77 -12.43
CA PHE H 412 52.71 28.32 -12.34
C PHE H 412 53.64 27.74 -13.41
N TYR H 413 54.65 27.00 -12.98
CA TYR H 413 55.56 26.36 -13.90
C TYR H 413 54.92 25.11 -14.43
N CYS H 414 55.26 24.75 -15.66
CA CYS H 414 54.76 23.50 -16.22
C CYS H 414 55.92 22.59 -16.56
N SER H 415 55.91 21.39 -15.97
CA SER H 415 57.05 20.49 -16.09
C SER H 415 57.05 19.72 -17.41
N GLY H 416 55.89 19.68 -18.06
CA GLY H 416 55.75 18.91 -19.28
C GLY H 416 55.47 17.45 -18.98
N ASP H 417 55.10 17.18 -17.73
CA ASP H 417 54.73 15.84 -17.31
C ASP H 417 53.22 15.67 -17.32
N LEU H 418 52.77 14.49 -17.71
CA LEU H 418 51.38 14.11 -17.53
C LEU H 418 51.24 13.32 -16.25
N ILE H 419 50.37 13.81 -15.37
CA ILE H 419 50.15 13.14 -14.10
C ILE H 419 48.67 12.93 -13.87
N SER H 420 48.36 12.30 -12.75
CA SER H 420 46.99 12.17 -12.27
C SER H 420 47.05 12.16 -10.75
N ILE H 421 46.00 12.65 -10.10
CA ILE H 421 46.01 12.73 -8.64
C ILE H 421 45.00 11.80 -7.93
N ASP H 422 45.51 11.08 -6.93
CA ASP H 422 44.69 10.21 -6.07
C ASP H 422 43.62 11.01 -5.40
N PRO H 423 42.54 10.34 -5.02
CA PRO H 423 41.65 10.88 -4.00
C PRO H 423 42.41 11.17 -2.68
N GLU H 424 43.52 10.48 -2.44
CA GLU H 424 44.33 10.74 -1.24
C GLU H 424 45.30 11.91 -1.43
N GLY H 425 45.37 12.39 -2.67
CA GLY H 425 46.22 13.52 -2.98
C GLY H 425 47.62 13.15 -3.41
N TYR H 426 47.83 11.87 -3.74
CA TYR H 426 49.13 11.36 -4.20
C TYR H 426 49.28 11.44 -5.72
N ILE H 427 50.48 11.81 -6.18
CA ILE H 427 50.72 11.98 -7.62
C ILE H 427 51.28 10.71 -8.32
N THR H 428 50.75 10.42 -9.50
CA THR H 428 51.24 9.30 -10.33
C THR H 428 51.61 9.79 -11.73
N VAL H 429 52.79 9.43 -12.20
CA VAL H 429 53.27 9.97 -13.47
C VAL H 429 52.73 9.07 -14.55
N GLN H 430 51.79 9.63 -15.30
CA GLN H 430 51.01 8.90 -16.29
C GLN H 430 51.60 9.04 -17.69
N GLY H 431 52.59 9.93 -17.83
CA GLY H 431 53.21 10.17 -19.13
C GLY H 431 54.15 11.35 -19.23
N ARG H 432 54.35 11.82 -20.45
CA ARG H 432 55.12 13.05 -20.68
C ARG H 432 54.68 13.83 -21.93
N GLU H 433 54.56 15.16 -21.80
CA GLU H 433 54.34 16.07 -22.95
C GLU H 433 55.56 16.89 -23.43
N LYS H 434 56.69 16.79 -22.73
CA LYS H 434 57.89 17.51 -23.16
C LYS H 434 58.51 16.73 -24.31
N ASP H 435 59.15 17.40 -25.27
CA ASP H 435 59.91 16.60 -26.21
C ASP H 435 61.28 16.53 -25.59
N GLN H 436 61.45 15.46 -24.82
CA GLN H 436 62.62 15.20 -24.00
C GLN H 436 62.69 13.69 -23.82
N ILE H 437 63.89 13.14 -23.84
CA ILE H 437 64.05 11.71 -23.68
C ILE H 437 64.71 11.43 -22.33
N ASN H 438 64.17 10.51 -21.56
CA ASN H 438 64.70 10.26 -20.23
C ASN H 438 65.44 8.93 -20.20
N ARG H 439 66.76 8.99 -20.23
CA ARG H 439 67.56 7.80 -20.50
C ARG H 439 68.40 7.47 -19.29
N GLY H 440 67.99 6.42 -18.57
CA GLY H 440 68.60 6.08 -17.30
C GLY H 440 68.49 7.23 -16.31
N GLY H 441 67.50 8.10 -16.55
CA GLY H 441 67.31 9.28 -15.71
C GLY H 441 68.22 10.44 -16.07
N GLU H 442 68.87 10.38 -17.24
CA GLU H 442 69.56 11.54 -17.80
C GLU H 442 68.66 12.18 -18.86
N LYS H 443 68.31 13.44 -18.71
CA LYS H 443 67.47 14.06 -19.72
C LYS H 443 68.26 14.36 -21.04
N ILE H 444 67.61 14.19 -22.19
CA ILE H 444 68.20 14.47 -23.50
C ILE H 444 67.23 15.32 -24.32
N ALA H 445 67.62 16.53 -24.69
CA ALA H 445 66.71 17.42 -25.42
C ALA H 445 66.60 17.01 -26.87
N ALA H 446 65.38 16.72 -27.34
CA ALA H 446 65.24 16.13 -28.68
C ALA H 446 65.73 17.09 -29.76
N GLU H 447 65.31 18.34 -29.64
CA GLU H 447 65.67 19.35 -30.63
C GLU H 447 67.18 19.57 -30.64
N GLU H 448 67.83 19.52 -29.49
CA GLU H 448 69.28 19.76 -29.42
C GLU H 448 70.00 18.78 -30.34
N ILE H 449 69.52 17.56 -30.34
CA ILE H 449 70.14 16.49 -31.09
C ILE H 449 69.72 16.51 -32.54
N GLU H 450 68.44 16.81 -32.78
CA GLU H 450 67.97 16.96 -34.16
C GLU H 450 68.83 18.01 -34.88
N ASN H 451 69.07 19.14 -34.23
CA ASN H 451 69.83 20.22 -34.85
C ASN H 451 71.28 19.83 -35.18
N LEU H 452 71.81 18.88 -34.42
CA LEU H 452 73.14 18.36 -34.71
C LEU H 452 73.06 17.44 -35.92
N LEU H 453 72.01 16.60 -35.97
CA LEU H 453 71.82 15.67 -37.06
C LEU H 453 71.65 16.40 -38.40
N LEU H 454 71.01 17.56 -38.37
CA LEU H 454 70.82 18.37 -39.58
C LEU H 454 72.13 19.01 -40.03
N ARG H 455 73.15 18.93 -39.19
CA ARG H 455 74.48 19.42 -39.54
C ARG H 455 75.16 18.45 -40.52
N HIS H 456 74.61 17.25 -40.63
CA HIS H 456 75.12 16.24 -41.53
C HIS H 456 74.59 16.47 -42.94
N PRO H 457 75.45 16.28 -43.95
CA PRO H 457 75.13 16.58 -45.35
C PRO H 457 73.97 15.76 -45.92
N ALA H 458 73.87 14.49 -45.51
CA ALA H 458 72.90 13.56 -46.10
C ALA H 458 71.57 13.56 -45.36
N VAL H 459 71.48 14.36 -44.31
CA VAL H 459 70.26 14.37 -43.51
C VAL H 459 69.40 15.54 -43.95
N ILE H 460 68.18 15.21 -44.38
CA ILE H 460 67.20 16.22 -44.77
C ILE H 460 66.29 16.58 -43.59
N TYR H 461 65.55 15.60 -43.07
CA TYR H 461 64.67 15.81 -41.92
C TYR H 461 65.09 14.86 -40.79
N ALA H 462 65.02 15.33 -39.55
CA ALA H 462 65.45 14.53 -38.41
C ALA H 462 64.45 14.59 -37.27
N ALA H 463 64.28 13.47 -36.59
CA ALA H 463 63.40 13.41 -35.42
C ALA H 463 63.99 12.49 -34.39
N LEU H 464 63.98 12.94 -33.14
CA LEU H 464 64.40 12.07 -32.05
C LEU H 464 63.22 11.80 -31.14
N VAL H 465 62.92 10.51 -30.93
CA VAL H 465 61.84 10.07 -30.04
C VAL H 465 62.36 9.04 -29.05
N SER H 466 61.69 8.91 -27.91
CA SER H 466 62.06 7.87 -26.99
C SER H 466 61.56 6.51 -27.49
N MET H 467 62.11 5.45 -26.92
CA MET H 467 61.61 4.10 -27.15
C MET H 467 61.84 3.23 -25.91
N GLU H 468 60.97 2.25 -25.70
CA GLU H 468 61.05 1.37 -24.51
C GLU H 468 62.35 0.56 -24.45
N ASP H 469 62.90 0.42 -23.25
CA ASP H 469 63.97 -0.55 -23.01
C ASP H 469 63.75 -1.14 -21.63
N GLU H 470 63.83 -2.47 -21.52
CA GLU H 470 63.63 -3.13 -20.22
C GLU H 470 64.59 -2.58 -19.17
N LEU H 471 65.84 -2.39 -19.57
CA LEU H 471 66.88 -1.98 -18.63
C LEU H 471 67.02 -0.47 -18.43
N MET H 472 67.37 0.25 -19.49
CA MET H 472 67.52 1.72 -19.45
C MET H 472 66.21 2.44 -19.13
N GLY H 473 65.12 1.78 -19.45
CA GLY H 473 63.77 2.26 -19.24
C GLY H 473 63.28 3.09 -20.40
N GLU H 474 64.21 3.77 -21.06
CA GLU H 474 63.95 4.49 -22.30
C GLU H 474 65.26 4.58 -23.03
N LYS H 475 65.21 4.52 -24.36
CA LYS H 475 66.41 4.78 -25.17
C LYS H 475 66.07 5.76 -26.29
N SER H 476 67.09 6.42 -26.83
CA SER H 476 66.88 7.35 -27.93
C SER H 476 66.88 6.62 -29.26
N CYS H 477 65.92 6.97 -30.11
CA CYS H 477 65.86 6.45 -31.47
C CYS H 477 65.70 7.60 -32.43
N ALA H 478 66.61 7.72 -33.39
CA ALA H 478 66.56 8.80 -34.36
C ALA H 478 65.99 8.34 -35.69
N TYR H 479 64.94 9.01 -36.16
CA TYR H 479 64.38 8.72 -37.49
C TYR H 479 64.82 9.78 -38.47
N LEU H 480 65.43 9.36 -39.57
CA LEU H 480 66.00 10.28 -40.53
C LEU H 480 65.44 10.09 -41.92
N VAL H 481 65.37 11.18 -42.69
CA VAL H 481 65.13 11.08 -44.13
C VAL H 481 66.38 11.50 -44.84
N VAL H 482 66.83 10.67 -45.78
CA VAL H 482 68.21 10.77 -46.23
C VAL H 482 68.41 10.90 -47.76
N LYS H 483 69.39 11.72 -48.16
CA LYS H 483 69.93 11.72 -49.51
C LYS H 483 70.58 10.38 -49.90
N GLU H 484 71.72 10.07 -49.28
CA GLU H 484 72.44 8.83 -49.52
C GLU H 484 72.47 8.02 -48.24
N PRO H 485 72.34 6.69 -48.37
CA PRO H 485 72.11 5.75 -47.25
C PRO H 485 73.02 5.99 -46.03
N LEU H 486 72.46 6.03 -44.82
CA LEU H 486 73.30 6.19 -43.61
C LEU H 486 73.10 5.03 -42.65
N ARG H 487 74.20 4.56 -42.06
CA ARG H 487 74.15 3.44 -41.12
C ARG H 487 74.32 3.98 -39.68
N ALA H 488 73.67 3.34 -38.71
CA ALA H 488 73.68 3.83 -37.32
C ALA H 488 75.07 4.21 -36.80
N VAL H 489 76.03 3.32 -37.03
CA VAL H 489 77.41 3.58 -36.64
C VAL H 489 77.92 4.94 -37.14
N GLN H 490 77.65 5.27 -38.40
CA GLN H 490 78.14 6.51 -38.97
C GLN H 490 77.51 7.72 -38.28
N VAL H 491 76.25 7.57 -37.89
CA VAL H 491 75.51 8.64 -37.22
C VAL H 491 76.08 8.86 -35.82
N ARG H 492 76.13 7.79 -35.04
CA ARG H 492 76.68 7.89 -33.70
C ARG H 492 78.11 8.42 -33.75
N ARG H 493 78.89 7.95 -34.71
CA ARG H 493 80.24 8.45 -34.91
C ARG H 493 80.25 9.92 -35.31
N PHE H 494 79.37 10.31 -36.23
CA PHE H 494 79.29 11.71 -36.68
C PHE H 494 78.95 12.64 -35.52
N LEU H 495 77.94 12.26 -34.77
CA LEU H 495 77.50 13.02 -33.61
C LEU H 495 78.59 13.09 -32.55
N ARG H 496 79.30 11.98 -32.32
CA ARG H 496 80.37 12.00 -31.32
C ARG H 496 81.41 13.08 -31.67
N GLU H 497 81.78 13.15 -32.95
CA GLU H 497 82.74 14.15 -33.44
C GLU H 497 82.25 15.59 -33.18
N GLN H 498 80.94 15.74 -32.94
CA GLN H 498 80.34 17.04 -32.69
C GLN H 498 80.62 17.51 -31.27
N GLY H 499 81.25 16.63 -30.48
CA GLY H 499 81.60 16.95 -29.11
C GLY H 499 80.42 17.06 -28.16
N ILE H 500 79.64 15.99 -28.04
CA ILE H 500 78.54 15.95 -27.08
C ILE H 500 78.70 14.75 -26.16
N ALA H 501 77.97 14.80 -25.05
CA ALA H 501 77.99 13.75 -24.04
C ALA H 501 77.61 12.41 -24.64
N GLU H 502 78.35 11.37 -24.25
CA GLU H 502 78.25 10.07 -24.86
C GLU H 502 76.84 9.46 -24.86
N PHE H 503 76.03 9.81 -23.88
CA PHE H 503 74.71 9.19 -23.76
C PHE H 503 73.70 9.82 -24.70
N LYS H 504 74.12 10.90 -25.36
CA LYS H 504 73.25 11.57 -26.32
C LYS H 504 73.27 10.86 -27.69
N LEU H 505 74.35 10.13 -27.95
CA LEU H 505 74.42 9.30 -29.13
C LEU H 505 73.24 8.31 -29.14
N PRO H 506 72.46 8.31 -30.23
CA PRO H 506 71.21 7.55 -30.35
C PRO H 506 71.45 6.05 -30.31
N ASP H 507 70.59 5.30 -29.63
CA ASP H 507 70.80 3.87 -29.48
C ASP H 507 70.33 3.10 -30.72
N ARG H 508 69.46 3.73 -31.50
CA ARG H 508 68.95 3.12 -32.71
C ARG H 508 68.76 4.20 -33.73
N VAL H 509 69.06 3.88 -34.99
CA VAL H 509 68.79 4.80 -36.08
C VAL H 509 68.00 4.10 -37.19
N GLU H 510 66.93 4.75 -37.62
CA GLU H 510 66.07 4.21 -38.66
C GLU H 510 65.91 5.22 -39.79
N CYS H 511 66.42 4.89 -40.98
CA CYS H 511 66.20 5.73 -42.14
C CYS H 511 64.86 5.35 -42.77
N VAL H 512 64.07 6.37 -43.09
CA VAL H 512 62.70 6.18 -43.56
C VAL H 512 62.42 6.97 -44.83
N ASP H 513 61.32 6.60 -45.51
CA ASP H 513 60.88 7.19 -46.78
C ASP H 513 60.32 8.62 -46.70
N SER H 514 59.93 9.04 -45.49
CA SER H 514 59.27 10.34 -45.26
C SER H 514 59.01 10.59 -43.77
N LEU H 515 58.83 11.86 -43.40
CA LEU H 515 58.45 12.23 -42.04
C LEU H 515 57.42 13.35 -42.10
N PRO H 516 56.46 13.33 -41.17
CA PRO H 516 55.45 14.38 -41.07
C PRO H 516 56.10 15.74 -40.84
N LEU H 517 55.77 16.74 -41.67
CA LEU H 517 56.29 18.09 -41.47
C LEU H 517 55.19 19.12 -41.31
N THR H 518 55.55 20.21 -40.62
CA THR H 518 54.64 21.32 -40.29
C THR H 518 55.03 22.63 -40.99
N ALA H 519 54.22 23.67 -40.80
CA ALA H 519 54.33 24.92 -41.56
C ALA H 519 55.60 25.69 -41.21
N VAL H 520 56.26 25.22 -40.16
CA VAL H 520 57.60 25.69 -39.79
C VAL H 520 58.74 24.79 -40.34
N GLY H 521 58.39 23.59 -40.80
CA GLY H 521 59.37 22.64 -41.32
C GLY H 521 60.01 21.67 -40.32
N LYS H 522 59.77 21.87 -39.03
CA LYS H 522 60.15 20.88 -38.03
C LYS H 522 59.29 19.64 -38.27
N VAL H 523 59.74 18.48 -37.81
CA VAL H 523 58.89 17.29 -37.86
C VAL H 523 57.82 17.39 -36.77
N ASP H 524 56.67 16.78 -37.01
CA ASP H 524 55.63 16.79 -35.99
C ASP H 524 55.94 15.58 -35.16
N LYS H 525 56.43 15.81 -33.95
CA LYS H 525 56.96 14.69 -33.18
C LYS H 525 55.85 14.02 -32.36
N LYS H 526 54.65 14.60 -32.43
CA LYS H 526 53.44 13.96 -31.90
C LYS H 526 52.82 12.94 -32.88
N GLN H 527 52.75 13.30 -34.16
CA GLN H 527 52.10 12.45 -35.16
C GLN H 527 52.97 11.28 -35.54
N LEU H 528 54.28 11.52 -35.64
CA LEU H 528 55.22 10.41 -35.85
C LEU H 528 55.12 9.40 -34.71
N ARG H 529 54.79 9.89 -33.51
CA ARG H 529 54.62 9.02 -32.35
C ARG H 529 53.25 8.29 -32.37
N GLN H 530 52.20 9.02 -32.74
CA GLN H 530 50.89 8.41 -32.95
C GLN H 530 50.93 7.30 -34.01
N TRP H 531 51.81 7.44 -35.00
CA TRP H 531 51.95 6.41 -36.04
C TRP H 531 52.75 5.23 -35.53
N LEU H 532 53.88 5.54 -34.89
CA LEU H 532 54.77 4.53 -34.34
C LEU H 532 54.03 3.69 -33.31
N ALA H 533 53.40 4.38 -32.36
CA ALA H 533 52.53 3.76 -31.38
C ALA H 533 51.43 2.86 -31.99
N SER H 534 50.94 3.24 -33.18
CA SER H 534 49.97 2.43 -33.92
C SER H 534 50.53 1.11 -34.50
N ARG H 535 51.63 1.17 -35.25
CA ARG H 535 52.31 -0.05 -35.72
C ARG H 535 52.79 -0.88 -34.51
N ALA H 536 52.69 -0.28 -33.33
CA ALA H 536 52.96 -0.98 -32.08
C ALA H 536 51.84 -1.98 -31.78
N SER H 537 50.64 -1.48 -31.54
CA SER H 537 49.49 -2.33 -31.28
C SER H 537 49.37 -3.49 -32.26
N ALA H 538 49.64 -3.24 -33.54
CA ALA H 538 49.52 -4.29 -34.56
C ALA H 538 50.71 -5.26 -34.59
N GLY H 539 51.73 -4.95 -33.80
CA GLY H 539 52.81 -5.89 -33.55
C GLY H 539 52.40 -6.86 -32.44
N ARG H 540 51.20 -6.67 -31.92
CA ARG H 540 50.71 -7.44 -30.78
C ARG H 540 49.73 -8.56 -31.18
N ALA H 541 48.50 -8.20 -31.50
CA ALA H 541 47.47 -9.22 -31.80
C ALA H 541 47.76 -9.94 -33.12
N SER H 542 48.84 -9.52 -33.80
CA SER H 542 49.34 -10.23 -34.96
C SER H 542 49.60 -11.71 -34.67
N ILE H 543 49.27 -12.56 -35.64
CA ILE H 543 49.45 -14.00 -35.53
C ILE H 543 50.39 -14.49 -36.64
N PRO H 544 50.99 -15.69 -36.47
CA PRO H 544 51.86 -16.22 -37.52
C PRO H 544 51.16 -16.23 -38.90
N ALA H 545 51.92 -15.94 -39.95
CA ALA H 545 51.30 -15.89 -41.27
C ALA H 545 51.44 -17.17 -42.12
N SER H 546 52.65 -17.62 -42.44
CA SER H 546 52.79 -18.88 -43.17
C SER H 546 52.67 -20.09 -42.22
N LYS H 547 52.59 -21.29 -42.79
CA LYS H 547 52.69 -22.51 -42.00
C LYS H 547 54.13 -22.67 -41.53
N ALA H 548 55.06 -22.19 -42.35
CA ALA H 548 56.48 -22.21 -42.01
C ALA H 548 56.83 -21.14 -40.98
N ALA H 549 55.98 -20.12 -40.89
CA ALA H 549 56.14 -19.06 -39.90
C ALA H 549 55.62 -19.52 -38.55
N LEU H 550 54.67 -20.44 -38.59
CA LEU H 550 54.12 -21.07 -37.39
C LEU H 550 55.10 -22.07 -36.81
N ARG H 551 55.79 -22.82 -37.68
CA ARG H 551 56.84 -23.73 -37.23
C ARG H 551 57.90 -22.94 -36.50
N GLU H 552 58.25 -21.78 -37.03
CA GLU H 552 59.29 -20.94 -36.42
C GLU H 552 58.91 -20.55 -34.98
N VAL H 553 57.62 -20.38 -34.73
CA VAL H 553 57.15 -19.96 -33.42
C VAL H 553 57.08 -21.11 -32.43
N ILE H 554 56.79 -22.32 -32.93
CA ILE H 554 56.65 -23.52 -32.11
C ILE H 554 57.98 -24.15 -31.68
N LEU H 555 58.94 -24.23 -32.59
CA LEU H 555 60.20 -24.94 -32.33
C LEU H 555 60.90 -24.59 -31.01
N PRO H 556 61.00 -23.30 -30.67
CA PRO H 556 61.61 -22.88 -29.39
C PRO H 556 60.87 -23.39 -28.17
N LEU H 557 59.66 -23.90 -28.34
CA LEU H 557 58.88 -24.39 -27.22
C LEU H 557 59.08 -25.87 -26.98
N LEU H 558 59.76 -26.53 -27.90
CA LEU H 558 59.95 -27.98 -27.83
C LEU H 558 61.36 -28.33 -27.39
N ASP H 559 61.64 -29.62 -27.32
CA ASP H 559 62.99 -30.09 -27.09
C ASP H 559 63.84 -29.63 -28.27
N GLU H 560 64.96 -28.96 -27.96
CA GLU H 560 65.93 -28.59 -28.98
C GLU H 560 66.40 -29.84 -29.76
N SER H 561 66.31 -30.99 -29.12
CA SER H 561 66.84 -32.25 -29.63
C SER H 561 66.35 -32.72 -31.02
N ASP H 562 65.07 -32.54 -31.33
CA ASP H 562 64.50 -33.13 -32.55
C ASP H 562 63.64 -32.12 -33.25
N GLU H 563 63.27 -32.42 -34.50
CA GLU H 563 62.27 -31.60 -35.19
C GLU H 563 61.11 -32.48 -35.63
N PRO H 564 59.87 -32.00 -35.42
CA PRO H 564 58.66 -32.75 -35.72
C PRO H 564 58.21 -32.67 -37.17
N PHE H 565 57.54 -33.70 -37.65
CA PHE H 565 56.85 -33.62 -38.92
C PHE H 565 55.55 -32.89 -38.67
N ASP H 566 55.07 -32.19 -39.69
CA ASP H 566 53.91 -31.33 -39.51
C ASP H 566 52.73 -32.06 -38.84
N ASP H 567 52.65 -33.37 -39.03
CA ASP H 567 51.53 -34.13 -38.47
C ASP H 567 51.80 -34.85 -37.11
N ASP H 568 53.03 -34.74 -36.61
CA ASP H 568 53.43 -35.32 -35.32
C ASP H 568 52.72 -34.66 -34.14
N ASN H 569 52.50 -35.42 -33.07
CA ASN H 569 51.96 -34.84 -31.85
C ASN H 569 53.03 -34.06 -31.07
N LEU H 570 52.82 -32.76 -30.92
CA LEU H 570 53.84 -31.86 -30.36
C LEU H 570 54.17 -32.10 -28.89
N ILE H 571 53.32 -32.84 -28.18
CA ILE H 571 53.59 -33.14 -26.78
C ILE H 571 54.74 -34.14 -26.70
N ASP H 572 54.83 -35.01 -27.71
CA ASP H 572 55.90 -36.00 -27.80
C ASP H 572 57.23 -35.32 -28.02
N TYR H 573 57.15 -34.06 -28.45
CA TYR H 573 58.31 -33.21 -28.65
C TYR H 573 58.59 -32.23 -27.50
N GLY H 574 57.79 -32.31 -26.44
CA GLY H 574 58.12 -31.63 -25.21
C GLY H 574 57.44 -30.31 -24.93
N LEU H 575 56.43 -30.02 -25.75
CA LEU H 575 55.63 -28.82 -25.58
C LEU H 575 54.67 -29.01 -24.42
N ASP H 576 54.78 -28.15 -23.42
CA ASP H 576 54.02 -28.32 -22.19
C ASP H 576 52.70 -27.56 -22.19
N SER H 577 51.70 -28.11 -21.52
CA SER H 577 50.37 -27.51 -21.52
C SER H 577 50.30 -26.02 -21.19
N VAL H 578 51.18 -25.50 -20.35
CA VAL H 578 51.10 -24.07 -20.05
C VAL H 578 51.48 -23.17 -21.24
N ARG H 579 52.59 -23.46 -21.90
CA ARG H 579 52.97 -22.72 -23.12
C ARG H 579 51.88 -22.80 -24.16
N MET H 580 51.16 -23.91 -24.17
CA MET H 580 50.11 -24.12 -25.13
C MET H 580 48.91 -23.21 -24.83
N MET H 581 48.55 -23.11 -23.55
CA MET H 581 47.47 -22.23 -23.12
C MET H 581 47.72 -20.83 -23.59
N ALA H 582 48.97 -20.40 -23.42
CA ALA H 582 49.42 -19.07 -23.83
C ALA H 582 49.30 -18.86 -25.34
N LEU H 583 49.78 -19.81 -26.14
CA LEU H 583 49.62 -19.75 -27.58
C LEU H 583 48.14 -19.61 -27.94
N ALA H 584 47.29 -20.39 -27.29
CA ALA H 584 45.85 -20.29 -27.49
C ALA H 584 45.34 -18.86 -27.25
N ALA H 585 45.74 -18.29 -26.13
CA ALA H 585 45.37 -16.92 -25.77
C ALA H 585 45.81 -15.90 -26.84
N ARG H 586 47.06 -15.98 -27.28
CA ARG H 586 47.56 -15.08 -28.32
C ARG H 586 46.82 -15.22 -29.66
N TRP H 587 46.40 -16.44 -29.99
CA TRP H 587 45.67 -16.68 -31.24
C TRP H 587 44.19 -16.36 -31.15
N ARG H 588 43.63 -16.35 -29.94
CA ARG H 588 42.20 -16.11 -29.74
C ARG H 588 41.87 -14.67 -30.13
N LYS H 589 42.87 -13.81 -30.02
CA LYS H 589 42.71 -12.40 -30.33
C LYS H 589 42.45 -12.20 -31.84
N VAL H 590 42.58 -13.26 -32.63
CA VAL H 590 42.30 -13.19 -34.07
C VAL H 590 41.13 -14.10 -34.43
N HIS H 591 41.26 -15.40 -34.18
CA HIS H 591 40.09 -16.29 -34.26
C HIS H 591 39.63 -16.57 -32.84
N GLY H 592 38.49 -16.00 -32.47
CA GLY H 592 38.06 -15.97 -31.08
C GLY H 592 37.35 -17.21 -30.60
N ASP H 593 37.34 -18.25 -31.44
CA ASP H 593 36.78 -19.55 -31.07
C ASP H 593 37.85 -20.49 -30.51
N ILE H 594 39.11 -20.07 -30.64
CA ILE H 594 40.25 -20.85 -30.17
C ILE H 594 40.46 -20.66 -28.68
N ASP H 595 40.44 -21.78 -27.97
CA ASP H 595 40.74 -21.81 -26.53
C ASP H 595 41.86 -22.83 -26.29
N PHE H 596 42.19 -23.07 -25.03
CA PHE H 596 43.17 -24.10 -24.73
C PHE H 596 42.70 -25.47 -25.20
N VAL H 597 41.46 -25.82 -24.85
CA VAL H 597 40.93 -27.16 -25.12
C VAL H 597 40.98 -27.56 -26.58
N MET H 598 40.74 -26.59 -27.47
CA MET H 598 40.69 -26.87 -28.89
C MET H 598 42.08 -27.20 -29.41
N LEU H 599 43.06 -26.40 -29.02
CA LEU H 599 44.43 -26.64 -29.42
C LEU H 599 44.87 -28.05 -29.03
N ALA H 600 44.54 -28.44 -27.81
CA ALA H 600 45.06 -29.67 -27.24
C ALA H 600 44.31 -30.92 -27.72
N LYS H 601 43.08 -30.74 -28.19
CA LYS H 601 42.33 -31.89 -28.73
C LYS H 601 43.12 -32.61 -29.82
N ASN H 602 43.74 -31.82 -30.71
CA ASN H 602 44.66 -32.33 -31.73
C ASN H 602 45.86 -31.41 -31.99
N PRO H 603 46.92 -31.56 -31.19
CA PRO H 603 48.07 -30.65 -31.14
C PRO H 603 49.13 -30.97 -32.18
N THR H 604 48.83 -30.77 -33.46
CA THR H 604 49.81 -30.95 -34.53
C THR H 604 50.00 -29.60 -35.21
N ILE H 605 51.10 -29.40 -35.94
CA ILE H 605 51.29 -28.15 -36.67
C ILE H 605 50.27 -28.02 -37.81
N ASP H 606 49.95 -29.16 -38.44
CA ASP H 606 48.92 -29.24 -39.46
C ASP H 606 47.59 -28.72 -38.94
N ALA H 607 47.17 -29.30 -37.81
CA ALA H 607 45.91 -28.98 -37.17
C ALA H 607 45.78 -27.49 -36.84
N TRP H 608 46.87 -26.93 -36.32
CA TRP H 608 46.87 -25.53 -35.88
C TRP H 608 47.00 -24.58 -37.05
N TRP H 609 47.54 -25.06 -38.17
CA TRP H 609 47.55 -24.27 -39.38
C TRP H 609 46.15 -24.20 -40.02
N LYS H 610 45.47 -25.34 -40.10
CA LYS H 610 44.10 -25.38 -40.61
C LYS H 610 43.25 -24.37 -39.83
N LEU H 611 43.59 -24.16 -38.56
CA LEU H 611 42.84 -23.25 -37.68
C LEU H 611 43.15 -21.78 -37.87
N LEU H 612 44.38 -21.49 -38.25
CA LEU H 612 44.79 -20.10 -38.47
C LEU H 612 44.66 -19.67 -39.92
N SER H 613 44.39 -20.62 -40.82
CA SER H 613 44.18 -20.32 -42.24
C SER H 613 42.98 -19.39 -42.46
N ARG H 614 41.94 -19.65 -41.69
CA ARG H 614 40.61 -19.08 -41.87
C ARG H 614 40.60 -17.55 -42.00
N GLU H 615 39.68 -17.06 -42.83
CA GLU H 615 39.48 -15.63 -43.11
C GLU H 615 38.82 -14.83 -41.96
N ILE I 5 -72.16 31.31 68.54
CA ILE I 5 -71.87 30.88 67.17
C ILE I 5 -70.53 30.16 67.09
N PRO I 6 -70.51 29.05 66.34
CA PRO I 6 -69.44 28.04 66.16
C PRO I 6 -68.26 28.44 65.26
N PHE I 7 -67.26 29.11 65.81
CA PHE I 7 -66.03 29.36 65.04
C PHE I 7 -64.82 28.73 65.71
N THR I 8 -63.76 28.52 64.93
CA THR I 8 -62.51 28.02 65.48
C THR I 8 -61.85 29.11 66.30
N ARG I 9 -61.56 28.82 67.57
CA ARG I 9 -60.99 29.84 68.43
C ARG I 9 -59.47 29.83 68.32
N TRP I 10 -58.81 30.79 68.98
CA TRP I 10 -57.36 30.85 69.02
C TRP I 10 -56.87 30.04 70.21
N PRO I 11 -55.71 29.38 70.05
CA PRO I 11 -55.09 28.67 71.17
C PRO I 11 -55.01 29.58 72.40
N GLU I 12 -55.33 29.06 73.57
CA GLU I 12 -55.37 29.87 74.78
C GLU I 12 -54.12 30.73 74.90
N GLU I 13 -52.97 30.16 74.56
CA GLU I 13 -51.68 30.86 74.68
C GLU I 13 -51.60 32.14 73.84
N PHE I 14 -52.24 32.12 72.67
CA PHE I 14 -52.23 33.26 71.77
C PHE I 14 -53.20 34.34 72.23
N ALA I 15 -54.38 33.93 72.68
CA ALA I 15 -55.38 34.87 73.19
C ALA I 15 -54.81 35.69 74.35
N ARG I 16 -53.86 35.10 75.07
CA ARG I 16 -53.18 35.79 76.16
C ARG I 16 -52.15 36.80 75.63
N ARG I 17 -51.29 36.36 74.70
CA ARG I 17 -50.26 37.24 74.14
C ARG I 17 -50.86 38.38 73.37
N TYR I 18 -52.01 38.13 72.74
CA TYR I 18 -52.66 39.17 71.93
C TYR I 18 -53.39 40.20 72.79
N ARG I 19 -53.86 39.81 73.97
CA ARG I 19 -54.42 40.78 74.91
C ARG I 19 -53.30 41.51 75.66
N GLU I 20 -52.27 40.76 76.06
CA GLU I 20 -51.16 41.35 76.79
C GLU I 20 -50.37 42.32 75.92
N LYS I 21 -50.30 42.04 74.62
CA LYS I 21 -49.55 42.92 73.72
C LYS I 21 -50.38 44.11 73.23
N GLY I 22 -51.64 44.19 73.64
CA GLY I 22 -52.48 45.35 73.35
C GLY I 22 -53.34 45.26 72.10
N TYR I 23 -53.19 44.16 71.35
CA TYR I 23 -53.88 43.94 70.09
C TYR I 23 -55.41 43.81 70.26
N TRP I 24 -55.84 42.92 71.14
CA TRP I 24 -57.28 42.75 71.41
C TRP I 24 -57.69 43.63 72.59
N GLN I 25 -58.51 44.63 72.32
CA GLN I 25 -58.94 45.55 73.37
C GLN I 25 -60.27 45.16 74.01
N ASP I 26 -60.77 44.00 73.63
CA ASP I 26 -62.05 43.50 74.16
C ASP I 26 -63.17 44.57 74.11
N LEU I 27 -63.21 45.30 73.00
CA LEU I 27 -64.25 46.29 72.77
C LEU I 27 -65.08 45.84 71.58
N PRO I 28 -66.38 46.16 71.59
CA PRO I 28 -67.29 45.83 70.48
C PRO I 28 -66.92 46.64 69.25
N LEU I 29 -67.22 46.13 68.06
CA LEU I 29 -66.99 46.90 66.85
C LEU I 29 -67.89 48.13 66.80
N THR I 30 -68.98 48.08 67.57
CA THR I 30 -69.89 49.22 67.65
C THR I 30 -69.17 50.43 68.22
N ASP I 31 -68.16 50.20 69.06
CA ASP I 31 -67.41 51.29 69.67
C ASP I 31 -66.88 52.26 68.60
N ILE I 32 -66.68 51.77 67.37
CA ILE I 32 -66.24 52.61 66.24
C ILE I 32 -67.20 53.76 65.96
N LEU I 33 -68.49 53.42 65.85
CA LEU I 33 -69.54 54.41 65.61
C LEU I 33 -69.96 55.14 66.89
N THR I 34 -69.85 54.43 68.02
CA THR I 34 -70.22 54.96 69.34
C THR I 34 -69.40 56.17 69.81
N ARG I 35 -68.09 56.12 69.59
CA ARG I 35 -67.19 57.21 69.95
C ARG I 35 -67.71 58.53 69.44
N HIS I 36 -68.26 58.49 68.23
CA HIS I 36 -68.68 59.69 67.54
C HIS I 36 -70.17 60.01 67.68
N ALA I 37 -70.87 59.25 68.53
CA ALA I 37 -72.32 59.34 68.65
C ALA I 37 -72.83 60.79 68.84
N ALA I 38 -72.00 61.62 69.46
CA ALA I 38 -72.38 63.00 69.73
C ALA I 38 -71.87 64.02 68.69
N SER I 39 -71.10 63.55 67.70
CA SER I 39 -70.51 64.46 66.71
C SER I 39 -71.46 64.80 65.59
N ASP I 40 -71.45 66.06 65.18
CA ASP I 40 -72.29 66.50 64.06
C ASP I 40 -71.58 66.60 62.72
N SER I 41 -70.30 66.21 62.68
CA SER I 41 -69.56 66.21 61.42
C SER I 41 -70.01 65.07 60.51
N ILE I 42 -69.73 65.19 59.22
CA ILE I 42 -70.27 64.26 58.21
C ILE I 42 -69.53 62.93 58.14
N ALA I 43 -70.25 61.85 58.41
CA ALA I 43 -69.69 60.50 58.28
C ALA I 43 -69.79 59.91 56.86
N VAL I 44 -70.92 60.13 56.21
CA VAL I 44 -71.21 59.49 54.92
C VAL I 44 -71.85 60.45 53.92
N ILE I 45 -71.27 60.54 52.73
CA ILE I 45 -71.94 61.26 51.67
C ILE I 45 -72.36 60.28 50.59
N ASP I 46 -73.66 60.05 50.46
CA ASP I 46 -74.20 59.17 49.42
C ASP I 46 -75.05 59.97 48.44
N GLY I 47 -74.52 60.22 47.25
CA GLY I 47 -75.18 61.10 46.30
C GLY I 47 -75.35 62.48 46.88
N GLU I 48 -76.59 62.95 46.92
CA GLU I 48 -76.90 64.27 47.49
C GLU I 48 -77.01 64.26 49.01
N ARG I 49 -77.22 63.08 49.59
CA ARG I 49 -77.46 62.93 51.03
C ARG I 49 -76.16 63.00 51.83
N GLN I 50 -76.20 63.63 53.00
CA GLN I 50 -75.04 63.63 53.91
C GLN I 50 -75.49 63.31 55.33
N LEU I 51 -74.83 62.35 55.96
CA LEU I 51 -75.21 61.92 57.31
C LEU I 51 -74.11 62.22 58.31
N SER I 52 -74.49 62.84 59.43
CA SER I 52 -73.59 63.10 60.55
C SER I 52 -73.32 61.80 61.29
N TYR I 53 -72.25 61.75 62.07
CA TYR I 53 -72.03 60.57 62.87
C TYR I 53 -73.19 60.36 63.82
N ARG I 54 -73.74 61.45 64.35
CA ARG I 54 -74.89 61.38 65.25
C ARG I 54 -76.06 60.71 64.53
N GLU I 55 -76.35 61.17 63.32
CA GLU I 55 -77.43 60.59 62.51
C GLU I 55 -77.18 59.13 62.12
N LEU I 56 -75.96 58.83 61.72
CA LEU I 56 -75.58 57.48 61.32
C LEU I 56 -75.76 56.50 62.47
N ASN I 57 -75.16 56.82 63.61
CA ASN I 57 -75.34 56.04 64.81
C ASN I 57 -76.81 55.95 65.22
N GLN I 58 -77.54 57.06 65.08
CA GLN I 58 -78.98 57.08 65.40
C GLN I 58 -79.77 56.16 64.49
N ALA I 59 -79.55 56.27 63.18
CA ALA I 59 -80.21 55.38 62.22
C ALA I 59 -79.98 53.92 62.57
N ALA I 60 -78.78 53.60 63.02
CA ALA I 60 -78.44 52.23 63.38
C ALA I 60 -79.23 51.74 64.59
N ASP I 61 -79.31 52.59 65.62
CA ASP I 61 -80.09 52.30 66.81
C ASP I 61 -81.56 52.04 66.44
N ASN I 62 -82.11 52.90 65.58
CA ASN I 62 -83.48 52.75 65.10
C ASN I 62 -83.73 51.43 64.39
N LEU I 63 -82.89 51.12 63.40
CA LEU I 63 -83.04 49.91 62.58
C LEU I 63 -82.85 48.67 63.42
N ALA I 64 -82.01 48.78 64.45
CA ALA I 64 -81.77 47.65 65.33
C ALA I 64 -82.94 47.48 66.28
N CYS I 65 -83.44 48.60 66.80
CA CYS I 65 -84.59 48.59 67.69
C CYS I 65 -85.81 48.03 66.97
N SER I 66 -86.05 48.54 65.76
CA SER I 66 -87.15 48.11 64.90
C SER I 66 -87.05 46.62 64.57
N LEU I 67 -85.83 46.11 64.47
CA LEU I 67 -85.60 44.70 64.19
C LEU I 67 -85.84 43.85 65.42
N ARG I 68 -85.49 44.39 66.59
CA ARG I 68 -85.71 43.69 67.85
C ARG I 68 -87.21 43.51 68.04
N ARG I 69 -87.96 44.57 67.72
CA ARG I 69 -89.41 44.56 67.81
C ARG I 69 -90.03 43.51 66.88
N GLN I 70 -89.34 43.19 65.78
CA GLN I 70 -89.83 42.19 64.83
C GLN I 70 -89.42 40.77 65.26
N GLY I 71 -88.78 40.68 66.41
CA GLY I 71 -88.49 39.39 67.02
C GLY I 71 -87.16 38.75 66.68
N ILE I 72 -86.17 39.58 66.33
CA ILE I 72 -84.84 39.08 66.03
C ILE I 72 -84.04 39.00 67.33
N LYS I 73 -83.68 37.79 67.72
CA LYS I 73 -82.91 37.56 68.95
C LYS I 73 -81.38 37.56 68.69
N PRO I 74 -80.61 38.09 69.66
CA PRO I 74 -79.14 38.00 69.64
C PRO I 74 -78.67 36.57 69.43
N GLY I 75 -77.57 36.40 68.69
CA GLY I 75 -77.04 35.07 68.39
C GLY I 75 -77.43 34.54 67.01
N GLU I 76 -78.46 35.13 66.41
CA GLU I 76 -78.90 34.70 65.10
C GLU I 76 -78.05 35.32 64.00
N THR I 77 -78.27 34.88 62.76
CA THR I 77 -77.48 35.33 61.61
C THR I 77 -78.34 36.02 60.59
N ALA I 78 -77.73 36.82 59.75
CA ALA I 78 -78.48 37.49 58.70
C ALA I 78 -77.77 37.37 57.36
N LEU I 79 -78.49 37.71 56.30
CA LEU I 79 -77.95 37.79 54.96
C LEU I 79 -78.26 39.17 54.43
N VAL I 80 -77.22 39.97 54.21
CA VAL I 80 -77.43 41.33 53.73
C VAL I 80 -76.84 41.49 52.31
N GLN I 81 -77.67 41.95 51.38
CA GLN I 81 -77.15 42.31 50.09
C GLN I 81 -77.47 43.76 49.82
N LEU I 82 -76.45 44.60 49.95
CA LEU I 82 -76.61 46.02 49.72
C LEU I 82 -75.40 46.51 48.97
N GLY I 83 -75.61 47.50 48.11
CA GLY I 83 -74.56 48.00 47.26
C GLY I 83 -73.72 49.05 47.96
N ASN I 84 -73.24 50.00 47.19
CA ASN I 84 -72.39 51.09 47.66
C ASN I 84 -73.15 52.23 48.26
N VAL I 85 -74.20 51.92 48.99
CA VAL I 85 -75.11 52.92 49.55
C VAL I 85 -75.01 52.99 51.09
N ALA I 86 -75.41 54.13 51.66
CA ALA I 86 -75.24 54.37 53.09
C ALA I 86 -75.95 53.32 53.95
N GLU I 87 -77.09 52.84 53.45
CA GLU I 87 -77.89 51.87 54.20
C GLU I 87 -77.08 50.60 54.50
N LEU I 88 -76.01 50.38 53.76
CA LEU I 88 -75.13 49.26 54.03
C LEU I 88 -74.44 49.46 55.38
N TYR I 89 -73.83 50.63 55.54
CA TYR I 89 -73.12 50.96 56.79
C TYR I 89 -74.08 51.03 57.97
N ILE I 90 -75.27 51.57 57.75
CA ILE I 90 -76.32 51.57 58.78
C ILE I 90 -76.70 50.15 59.21
N THR I 91 -77.02 49.30 58.23
CA THR I 91 -77.42 47.92 58.49
C THR I 91 -76.33 47.17 59.21
N PHE I 92 -75.09 47.45 58.84
CA PHE I 92 -73.96 46.75 59.42
C PHE I 92 -73.92 47.03 60.91
N PHE I 93 -73.95 48.31 61.26
CA PHE I 93 -73.90 48.70 62.67
C PHE I 93 -75.18 48.34 63.42
N ALA I 94 -76.33 48.46 62.75
CA ALA I 94 -77.59 48.04 63.34
C ALA I 94 -77.50 46.57 63.80
N LEU I 95 -76.97 45.71 62.94
CA LEU I 95 -76.85 44.28 63.24
C LEU I 95 -75.74 44.00 64.26
N LEU I 96 -74.76 44.88 64.36
CA LEU I 96 -73.71 44.74 65.36
C LEU I 96 -74.24 45.08 66.74
N LYS I 97 -75.10 46.10 66.79
CA LYS I 97 -75.73 46.53 68.02
C LYS I 97 -76.73 45.49 68.56
N LEU I 98 -77.32 44.69 67.67
CA LEU I 98 -78.29 43.65 68.09
C LEU I 98 -77.66 42.37 68.62
N GLY I 99 -76.46 42.05 68.15
CA GLY I 99 -75.80 40.81 68.50
C GLY I 99 -75.88 39.80 67.38
N VAL I 100 -76.33 40.26 66.23
CA VAL I 100 -76.49 39.42 65.05
C VAL I 100 -75.25 39.44 64.15
N ALA I 101 -74.96 38.32 63.51
CA ALA I 101 -73.82 38.24 62.61
C ALA I 101 -74.27 38.07 61.17
N PRO I 102 -74.10 39.12 60.35
CA PRO I 102 -74.55 39.04 58.95
C PRO I 102 -73.46 38.52 58.00
N VAL I 103 -73.86 38.28 56.76
CA VAL I 103 -72.93 38.06 55.67
C VAL I 103 -73.17 39.24 54.76
N LEU I 104 -72.12 39.96 54.37
CA LEU I 104 -72.37 41.06 53.48
C LEU I 104 -72.08 40.56 52.10
N ALA I 105 -73.17 40.33 51.37
CA ALA I 105 -73.10 39.76 50.05
C ALA I 105 -72.85 40.86 49.04
N LEU I 106 -72.12 40.52 47.99
CA LEU I 106 -71.91 41.44 46.90
C LEU I 106 -73.22 41.73 46.22
N PHE I 107 -73.36 42.93 45.73
CA PHE I 107 -74.56 43.27 45.00
C PHE I 107 -74.59 42.53 43.66
N SER I 108 -73.42 42.10 43.19
CA SER I 108 -73.32 41.47 41.88
C SER I 108 -73.74 40.01 41.94
N HIS I 109 -73.84 39.48 43.16
CA HIS I 109 -74.23 38.10 43.36
C HIS I 109 -75.64 37.87 42.90
N GLN I 110 -75.97 36.60 42.68
CA GLN I 110 -77.23 36.21 42.07
C GLN I 110 -77.83 35.00 42.74
N ARG I 111 -78.81 34.41 42.09
CA ARG I 111 -79.58 33.33 42.67
C ARG I 111 -78.72 32.23 43.36
N SER I 112 -77.69 31.72 42.70
CA SER I 112 -76.98 30.57 43.25
C SER I 112 -76.11 30.95 44.43
N GLU I 113 -75.48 32.13 44.35
CA GLU I 113 -74.64 32.63 45.44
C GLU I 113 -75.44 32.90 46.71
N LEU I 114 -76.54 33.63 46.60
CA LEU I 114 -77.39 33.90 47.75
C LEU I 114 -77.96 32.64 48.39
N ASN I 115 -78.44 31.68 47.57
CA ASN I 115 -78.87 30.38 48.06
C ASN I 115 -77.76 29.70 48.87
N ALA I 116 -76.58 29.58 48.28
CA ALA I 116 -75.42 29.03 48.96
C ALA I 116 -75.19 29.64 50.36
N TYR I 117 -75.22 30.96 50.46
CA TYR I 117 -74.93 31.63 51.72
C TYR I 117 -76.01 31.31 52.76
N ALA I 118 -77.27 31.43 52.36
CA ALA I 118 -78.38 31.24 53.26
C ALA I 118 -78.41 29.84 53.82
N SER I 119 -77.95 28.86 53.04
CA SER I 119 -77.88 27.48 53.48
C SER I 119 -76.85 27.21 54.60
N GLN I 120 -75.68 27.82 54.52
CA GLN I 120 -74.69 27.68 55.60
C GLN I 120 -75.00 28.54 56.81
N ILE I 121 -75.54 29.73 56.55
CA ILE I 121 -75.84 30.69 57.61
C ILE I 121 -77.07 30.34 58.44
N GLU I 122 -78.11 29.88 57.77
CA GLU I 122 -79.44 29.71 58.36
C GLU I 122 -79.90 31.03 58.97
N PRO I 123 -80.08 32.03 58.10
CA PRO I 123 -80.37 33.41 58.45
C PRO I 123 -81.76 33.56 59.03
N ALA I 124 -81.90 34.33 60.10
CA ALA I 124 -83.21 34.71 60.61
C ALA I 124 -83.69 35.98 59.93
N LEU I 125 -82.79 36.63 59.18
CA LEU I 125 -83.07 37.94 58.60
C LEU I 125 -82.52 38.11 57.19
N LEU I 126 -83.33 38.70 56.30
CA LEU I 126 -82.89 39.00 54.93
C LEU I 126 -83.07 40.48 54.65
N ILE I 127 -82.00 41.11 54.20
CA ILE I 127 -82.05 42.50 53.79
C ILE I 127 -81.48 42.62 52.39
N ALA I 128 -82.29 43.11 51.47
CA ALA I 128 -81.90 43.23 50.07
C ALA I 128 -82.43 44.54 49.48
N ASP I 129 -82.20 44.75 48.18
CA ASP I 129 -82.59 45.98 47.51
C ASP I 129 -83.52 45.68 46.32
N ARG I 130 -84.63 46.41 46.21
CA ARG I 130 -85.58 46.16 45.11
C ARG I 130 -85.08 46.66 43.75
N GLN I 131 -83.99 47.41 43.76
CA GLN I 131 -83.33 47.80 42.51
C GLN I 131 -82.45 46.67 41.94
N HIS I 132 -82.25 45.63 42.75
CA HIS I 132 -81.55 44.44 42.32
C HIS I 132 -82.52 43.54 41.55
N ALA I 133 -82.06 42.97 40.44
CA ALA I 133 -82.95 42.20 39.56
C ALA I 133 -83.82 41.14 40.26
N LEU I 134 -83.25 40.43 41.23
CA LEU I 134 -83.98 39.35 41.92
C LEU I 134 -85.14 39.90 42.77
N PHE I 135 -84.96 41.11 43.26
CA PHE I 135 -85.97 41.77 44.08
C PHE I 135 -86.83 42.88 43.42
N SER I 136 -86.59 43.16 42.14
CA SER I 136 -87.49 44.05 41.41
C SER I 136 -88.85 43.42 41.59
N GLY I 137 -88.98 42.16 41.22
CA GLY I 137 -90.19 41.39 41.49
C GLY I 137 -90.25 40.90 42.92
N ASP I 138 -91.44 40.59 43.40
CA ASP I 138 -91.61 39.97 44.70
C ASP I 138 -91.73 38.46 44.52
N ASP I 139 -91.59 38.03 43.27
CA ASP I 139 -91.62 36.60 42.89
C ASP I 139 -90.55 35.78 43.59
N PHE I 140 -89.29 36.06 43.27
CA PHE I 140 -88.14 35.35 43.83
C PHE I 140 -88.08 35.48 45.35
N LEU I 141 -88.41 36.67 45.87
CA LEU I 141 -88.45 36.83 47.32
C LEU I 141 -89.36 35.79 47.99
N ASN I 142 -90.40 35.29 47.30
CA ASN I 142 -91.26 34.28 47.90
C ASN I 142 -90.67 32.86 47.84
N THR I 143 -90.19 32.47 46.66
CA THR I 143 -89.54 31.17 46.47
C THR I 143 -88.40 31.03 47.45
N PHE I 144 -87.71 32.14 47.66
CA PHE I 144 -86.50 32.16 48.49
C PHE I 144 -86.78 31.92 49.99
N VAL I 145 -87.77 32.61 50.52
CA VAL I 145 -88.07 32.47 51.94
C VAL I 145 -88.64 31.09 52.29
N THR I 146 -89.42 30.51 51.37
CA THR I 146 -89.94 29.17 51.62
C THR I 146 -88.77 28.19 51.65
N GLU I 147 -87.72 28.47 50.86
CA GLU I 147 -86.57 27.57 50.68
C GLU I 147 -85.62 27.46 51.90
N HIS I 148 -85.19 28.59 52.45
CA HIS I 148 -84.47 28.50 53.71
C HIS I 148 -85.46 29.00 54.73
N SER I 149 -86.04 28.05 55.47
CA SER I 149 -87.22 28.32 56.27
C SER I 149 -86.88 29.14 57.51
N SER I 150 -85.59 29.18 57.84
CA SER I 150 -85.13 29.90 59.02
C SER I 150 -85.48 31.40 58.99
N ILE I 151 -85.50 31.97 57.78
CA ILE I 151 -85.81 33.39 57.59
C ILE I 151 -87.20 33.78 58.12
N ARG I 152 -87.23 34.79 58.99
CA ARG I 152 -88.48 35.28 59.62
C ARG I 152 -88.84 36.68 59.18
N VAL I 153 -87.94 37.62 59.42
CA VAL I 153 -88.11 39.01 59.00
C VAL I 153 -87.46 39.29 57.65
N VAL I 154 -88.06 40.17 56.87
CA VAL I 154 -87.46 40.66 55.63
C VAL I 154 -87.62 42.17 55.43
N GLN I 155 -86.52 42.88 55.22
CA GLN I 155 -86.54 44.31 54.93
C GLN I 155 -85.87 44.63 53.58
N LEU I 156 -86.50 45.47 52.78
CA LEU I 156 -85.96 45.82 51.47
C LEU I 156 -85.70 47.32 51.30
N LEU I 157 -84.59 47.64 50.66
CA LEU I 157 -84.27 49.02 50.32
C LEU I 157 -85.07 49.42 49.10
N ASN I 158 -85.43 50.70 49.03
CA ASN I 158 -86.31 51.17 47.97
C ASN I 158 -87.63 50.41 47.99
N ASP I 159 -88.38 50.53 49.08
CA ASP I 159 -89.66 49.85 49.19
C ASP I 159 -90.64 50.69 49.99
N SER I 160 -91.87 50.82 49.54
CA SER I 160 -92.92 51.36 50.40
C SER I 160 -93.88 50.33 51.00
N GLY I 161 -93.71 49.06 50.64
CA GLY I 161 -94.61 48.00 51.09
C GLY I 161 -94.43 47.65 52.55
N GLU I 162 -95.00 46.52 52.96
CA GLU I 162 -94.92 46.08 54.36
C GLU I 162 -93.46 45.96 54.79
N HIS I 163 -92.60 45.73 53.79
CA HIS I 163 -91.19 45.37 54.04
C HIS I 163 -90.19 46.53 53.96
N ASN I 164 -90.68 47.76 53.77
CA ASN I 164 -89.82 48.92 53.60
C ASN I 164 -88.75 49.06 54.70
N LEU I 165 -87.51 49.19 54.26
CA LEU I 165 -86.38 49.27 55.18
C LEU I 165 -86.26 50.66 55.78
N GLN I 166 -86.56 51.67 54.97
CA GLN I 166 -86.51 53.06 55.42
C GLN I 166 -87.48 53.32 56.57
N ASP I 167 -88.61 52.61 56.56
CA ASP I 167 -89.59 52.77 57.62
C ASP I 167 -89.00 52.37 58.96
N ALA I 168 -88.32 51.23 59.00
CA ALA I 168 -87.68 50.75 60.22
C ALA I 168 -86.47 51.60 60.61
N ILE I 169 -85.83 52.24 59.63
CA ILE I 169 -84.67 53.08 59.88
C ILE I 169 -85.07 54.41 60.49
N ASN I 170 -86.23 54.92 60.08
CA ASN I 170 -86.74 56.19 60.60
C ASN I 170 -87.65 56.12 61.82
N HIS I 171 -88.13 54.92 62.14
CA HIS I 171 -88.92 54.71 63.34
C HIS I 171 -87.97 54.74 64.54
N PRO I 172 -88.09 55.78 65.39
CA PRO I 172 -87.13 56.04 66.48
C PRO I 172 -87.02 54.90 67.49
N ALA I 173 -86.23 55.06 68.54
CA ALA I 173 -86.02 53.94 69.46
C ALA I 173 -86.43 54.23 70.91
N GLU I 174 -87.08 53.26 71.54
CA GLU I 174 -87.54 53.43 72.93
C GLU I 174 -86.59 52.76 73.94
N ASP I 175 -86.60 51.42 73.97
CA ASP I 175 -85.79 50.67 74.93
C ASP I 175 -84.42 50.17 74.41
N PHE I 176 -84.04 50.57 73.19
CA PHE I 176 -82.73 50.18 72.65
C PHE I 176 -81.61 50.92 73.38
N THR I 179 -76.50 45.91 72.88
CA THR I 179 -76.40 44.48 73.22
C THR I 179 -75.57 43.59 72.25
N PRO I 180 -74.32 44.02 71.92
CA PRO I 180 -73.40 43.37 70.96
C PRO I 180 -72.89 42.04 71.51
N SER I 181 -72.43 41.13 70.66
CA SER I 181 -71.87 39.87 71.15
C SER I 181 -70.52 40.15 71.80
N PRO I 182 -70.09 39.27 72.72
CA PRO I 182 -68.84 39.48 73.44
C PRO I 182 -67.67 39.66 72.48
N ALA I 183 -66.66 40.43 72.88
CA ALA I 183 -65.51 40.73 72.02
C ALA I 183 -64.79 39.51 71.40
N ASP I 184 -64.72 38.40 72.13
CA ASP I 184 -64.11 37.18 71.59
C ASP I 184 -65.11 36.23 70.92
N GLU I 185 -66.33 36.68 70.74
CA GLU I 185 -67.37 35.93 70.02
C GLU I 185 -67.56 36.53 68.60
N VAL I 186 -68.03 35.73 67.65
CA VAL I 186 -68.18 36.17 66.26
C VAL I 186 -68.95 37.48 66.08
N ALA I 187 -68.39 38.38 65.27
CA ALA I 187 -68.99 39.68 64.94
C ALA I 187 -69.77 39.62 63.63
N TYR I 188 -69.09 39.29 62.54
CA TYR I 188 -69.78 38.93 61.30
C TYR I 188 -68.96 37.98 60.45
N PHE I 189 -69.46 37.68 59.26
CA PHE I 189 -68.77 36.80 58.32
C PHE I 189 -68.26 37.57 57.10
N GLN I 190 -67.05 37.23 56.67
CA GLN I 190 -66.50 37.78 55.45
C GLN I 190 -66.43 36.67 54.41
N LEU I 191 -66.44 37.04 53.14
CA LEU I 191 -66.34 36.07 52.05
C LEU I 191 -64.90 35.91 51.48
N SER I 192 -64.49 34.69 51.17
CA SER I 192 -63.27 34.46 50.36
C SER I 192 -63.65 34.12 48.93
N GLY I 193 -63.21 34.92 47.96
CA GLY I 193 -63.56 34.62 46.59
C GLY I 193 -63.27 33.15 46.29
N GLY I 194 -64.25 32.45 45.73
CA GLY I 194 -64.14 31.02 45.40
C GLY I 194 -62.83 30.33 45.75
N THR I 196 -63.45 27.10 46.17
CA THR I 196 -64.13 26.00 45.51
C THR I 196 -65.63 26.32 45.43
N GLY I 197 -66.43 25.31 45.09
CA GLY I 197 -67.85 25.45 44.76
C GLY I 197 -68.88 25.45 45.89
N THR I 198 -68.59 24.78 47.00
CA THR I 198 -69.38 25.00 48.22
C THR I 198 -68.61 26.03 49.00
N PRO I 199 -69.08 27.29 48.93
CA PRO I 199 -68.34 28.40 49.54
C PRO I 199 -68.41 28.45 51.07
N LYS I 200 -67.24 28.59 51.71
CA LYS I 200 -67.17 28.68 53.16
C LYS I 200 -66.80 30.09 53.61
N LEU I 201 -67.64 30.62 54.49
CA LEU I 201 -67.51 31.99 54.99
C LEU I 201 -66.46 32.09 56.12
N ILE I 202 -65.91 33.29 56.29
CA ILE I 202 -64.85 33.58 57.26
C ILE I 202 -65.38 34.31 58.49
N PRO I 203 -65.44 33.64 59.66
CA PRO I 203 -65.87 34.32 60.87
C PRO I 203 -64.83 35.33 61.35
N ARG I 204 -65.28 36.52 61.74
CA ARG I 204 -64.38 37.50 62.34
C ARG I 204 -64.95 37.95 63.67
N THR I 205 -64.18 37.76 64.74
CA THR I 205 -64.59 38.19 66.08
C THR I 205 -64.40 39.70 66.24
N HIS I 206 -65.16 40.32 67.13
CA HIS I 206 -65.00 41.75 67.37
C HIS I 206 -63.52 42.08 67.62
N ASN I 207 -62.87 41.28 68.46
CA ASN I 207 -61.48 41.53 68.84
C ASN I 207 -60.50 41.61 67.67
N ASP I 208 -60.45 40.55 66.87
CA ASP I 208 -59.49 40.49 65.79
C ASP I 208 -59.80 41.52 64.71
N TYR I 209 -61.08 41.70 64.41
CA TYR I 209 -61.45 42.62 63.34
C TYR I 209 -61.16 44.06 63.71
N TYR I 210 -61.46 44.41 64.94
CA TYR I 210 -61.22 45.77 65.42
C TYR I 210 -59.73 46.12 65.33
N TYR I 211 -58.86 45.19 65.71
CA TYR I 211 -57.41 45.41 65.56
C TYR I 211 -57.05 45.69 64.09
N SER I 212 -57.55 44.84 63.19
CA SER I 212 -57.36 45.03 61.77
C SER I 212 -57.59 46.51 61.40
N VAL I 213 -58.69 47.06 61.89
CA VAL I 213 -59.07 48.43 61.53
C VAL I 213 -58.20 49.50 62.20
N ARG I 214 -57.96 49.37 63.49
CA ARG I 214 -57.13 50.32 64.24
C ARG I 214 -55.74 50.44 63.64
N ARG I 215 -55.06 49.32 63.53
CA ARG I 215 -53.68 49.26 63.04
C ARG I 215 -53.57 49.73 61.60
N SER I 216 -54.66 49.58 60.84
CA SER I 216 -54.69 50.08 59.47
C SER I 216 -54.78 51.59 59.43
N VAL I 217 -55.55 52.15 60.35
CA VAL I 217 -55.64 53.60 60.49
C VAL I 217 -54.27 54.19 60.86
N GLU I 218 -53.57 53.56 61.80
CA GLU I 218 -52.26 54.05 62.23
C GLU I 218 -51.32 54.13 61.02
N ILE I 219 -51.23 53.03 60.28
CA ILE I 219 -50.29 52.90 59.18
C ILE I 219 -50.59 53.87 58.06
N CYS I 220 -51.87 54.08 57.80
CA CYS I 220 -52.28 54.94 56.70
C CYS I 220 -52.52 56.38 57.14
N GLN I 221 -52.30 56.66 58.41
CA GLN I 221 -52.42 58.02 58.95
C GLN I 221 -53.82 58.61 58.84
N PHE I 222 -54.85 57.79 59.08
CA PHE I 222 -56.24 58.26 59.03
C PHE I 222 -56.57 59.18 60.22
N THR I 223 -57.52 60.10 59.99
CA THR I 223 -57.74 61.21 60.90
C THR I 223 -59.13 61.78 60.68
N GLN I 224 -59.63 62.56 61.64
CA GLN I 224 -60.91 63.23 61.47
C GLN I 224 -60.88 64.05 60.17
N GLN I 225 -59.66 64.31 59.69
CA GLN I 225 -59.38 65.10 58.50
C GLN I 225 -59.48 64.34 57.19
N THR I 226 -59.64 63.02 57.25
CA THR I 226 -59.61 62.19 56.05
C THR I 226 -60.98 62.04 55.36
N ARG I 227 -61.07 62.44 54.09
CA ARG I 227 -62.30 62.27 53.30
C ARG I 227 -62.11 61.27 52.10
N TYR I 228 -62.66 60.06 52.27
CA TYR I 228 -62.33 58.81 51.54
C TYR I 228 -63.38 58.44 50.49
N LEU I 229 -62.95 58.24 49.25
CA LEU I 229 -63.86 57.81 48.17
C LEU I 229 -63.92 56.29 48.10
N CYS I 230 -65.08 55.72 48.38
CA CYS I 230 -65.17 54.27 48.33
C CYS I 230 -65.92 53.95 47.07
N ALA I 231 -65.18 53.63 46.00
CA ALA I 231 -65.81 53.30 44.70
C ALA I 231 -65.84 51.84 44.29
N ILE I 232 -65.00 51.02 44.94
CA ILE I 232 -64.99 49.58 44.67
C ILE I 232 -66.06 48.99 45.56
N PRO I 233 -66.43 47.73 45.33
CA PRO I 233 -67.54 47.19 46.13
C PRO I 233 -67.31 47.37 47.63
N ALA I 234 -68.30 47.97 48.28
CA ALA I 234 -68.15 48.45 49.65
C ALA I 234 -68.10 47.31 50.64
N ALA I 235 -68.61 46.16 50.23
CA ALA I 235 -68.79 45.02 51.13
C ALA I 235 -67.56 44.16 51.25
N HIS I 236 -66.57 44.38 50.37
CA HIS I 236 -65.36 43.58 50.39
C HIS I 236 -64.46 44.00 51.53
N ASN I 237 -63.63 43.08 51.99
CA ASN I 237 -62.79 43.37 53.13
C ASN I 237 -61.88 44.59 52.94
N TYR I 238 -61.48 44.83 51.69
CA TYR I 238 -60.57 45.90 51.33
C TYR I 238 -61.20 47.27 51.56
N ALA I 239 -62.37 47.50 50.97
CA ALA I 239 -63.05 48.78 51.08
C ALA I 239 -63.81 48.87 52.40
N MET I 240 -63.68 47.84 53.21
CA MET I 240 -64.35 47.80 54.50
C MET I 240 -63.37 48.05 55.65
N SER I 241 -62.41 47.15 55.79
CA SER I 241 -61.43 47.24 56.88
C SER I 241 -59.99 47.75 56.60
N SER I 242 -59.63 48.06 55.35
CA SER I 242 -58.18 48.15 55.07
C SER I 242 -57.57 49.46 54.51
N PRO I 243 -57.67 50.57 55.26
CA PRO I 243 -58.54 50.74 56.43
C PRO I 243 -60.00 50.83 55.98
N GLY I 244 -60.21 51.21 54.72
CA GLY I 244 -61.54 51.22 54.16
C GLY I 244 -62.46 52.11 54.99
N SER I 245 -63.76 52.00 54.73
CA SER I 245 -64.75 52.90 55.34
C SER I 245 -64.81 52.82 56.86
N LEU I 246 -64.65 51.62 57.41
CA LEU I 246 -64.67 51.45 58.87
C LEU I 246 -63.48 52.16 59.50
N GLY I 247 -62.34 52.14 58.80
CA GLY I 247 -61.14 52.82 59.27
C GLY I 247 -61.38 54.31 59.30
N VAL I 248 -62.15 54.79 58.33
CA VAL I 248 -62.52 56.19 58.24
C VAL I 248 -63.48 56.58 59.36
N PHE I 249 -64.40 55.68 59.67
CA PHE I 249 -65.36 55.93 60.76
C PHE I 249 -64.67 56.01 62.14
N LEU I 250 -63.71 55.13 62.37
CA LEU I 250 -62.99 55.11 63.61
C LEU I 250 -62.29 56.45 63.81
N ALA I 251 -61.81 57.03 62.71
CA ALA I 251 -60.98 58.23 62.79
C ALA I 251 -61.77 59.54 62.69
N GLY I 252 -63.07 59.44 62.44
CA GLY I 252 -63.94 60.60 62.34
C GLY I 252 -63.94 61.29 60.98
N GLY I 253 -63.38 60.62 59.98
CA GLY I 253 -63.29 61.18 58.65
C GLY I 253 -64.63 61.15 57.92
N THR I 254 -64.57 61.33 56.60
CA THR I 254 -65.77 61.32 55.79
C THR I 254 -65.66 60.28 54.68
N VAL I 255 -66.68 59.44 54.56
CA VAL I 255 -66.74 58.44 53.50
C VAL I 255 -67.63 58.95 52.36
N VAL I 256 -67.09 58.93 51.15
CA VAL I 256 -67.84 59.33 49.97
C VAL I 256 -68.14 58.09 49.10
N LEU I 257 -69.42 57.71 49.06
CA LEU I 257 -69.80 56.50 48.34
C LEU I 257 -70.04 56.82 46.88
N ALA I 258 -69.63 55.89 46.03
CA ALA I 258 -69.89 55.98 44.60
C ALA I 258 -70.27 54.58 44.12
N ALA I 259 -71.16 54.52 43.12
CA ALA I 259 -71.72 53.25 42.66
C ALA I 259 -70.71 52.32 41.95
N ASP I 260 -69.78 52.90 41.20
CA ASP I 260 -68.74 52.14 40.51
C ASP I 260 -67.48 52.98 40.43
N PRO I 261 -66.38 52.38 39.98
CA PRO I 261 -65.18 53.22 39.95
C PRO I 261 -64.86 53.79 38.57
N SER I 262 -65.84 54.37 37.89
CA SER I 262 -65.55 54.88 36.57
C SER I 262 -64.99 56.30 36.69
N ALA I 263 -64.03 56.64 35.84
CA ALA I 263 -63.45 57.98 35.89
C ALA I 263 -64.52 59.05 35.71
N THR I 264 -65.54 58.73 34.93
CA THR I 264 -66.66 59.63 34.66
C THR I 264 -67.44 59.98 35.94
N LEU I 265 -67.65 58.98 36.79
CA LEU I 265 -68.39 59.17 38.05
C LEU I 265 -67.52 59.72 39.17
N CYS I 266 -66.30 59.22 39.26
CA CYS I 266 -65.43 59.49 40.39
C CYS I 266 -64.72 60.84 40.35
N PHE I 267 -64.18 61.19 39.19
CA PHE I 267 -63.47 62.47 39.05
C PHE I 267 -64.26 63.64 39.65
N PRO I 268 -65.51 63.86 39.17
CA PRO I 268 -66.39 64.87 39.75
C PRO I 268 -66.53 64.81 41.28
N LEU I 269 -66.66 63.61 41.83
CA LEU I 269 -66.84 63.45 43.27
C LEU I 269 -65.57 63.81 44.05
N ILE I 270 -64.39 63.47 43.52
CA ILE I 270 -63.12 63.74 44.20
C ILE I 270 -62.90 65.24 44.34
N GLU I 271 -63.18 65.99 43.28
CA GLU I 271 -63.06 67.44 43.32
C GLU I 271 -64.16 68.04 44.20
N LYS I 272 -65.42 67.72 43.92
CA LYS I 272 -66.55 68.28 44.66
C LYS I 272 -66.45 68.09 46.17
N HIS I 273 -66.04 66.90 46.58
CA HIS I 273 -65.92 66.63 48.00
C HIS I 273 -64.50 66.76 48.58
N GLN I 274 -63.56 67.16 47.73
CA GLN I 274 -62.16 67.36 48.16
C GLN I 274 -61.57 66.11 48.79
N VAL I 275 -61.65 65.00 48.05
CA VAL I 275 -61.22 63.70 48.53
C VAL I 275 -59.70 63.61 48.53
N ASN I 276 -59.14 63.24 49.69
CA ASN I 276 -57.70 63.06 49.79
C ASN I 276 -57.18 61.61 49.71
N VAL I 277 -58.07 60.63 49.70
CA VAL I 277 -57.64 59.23 49.64
C VAL I 277 -58.70 58.32 48.98
N THR I 278 -58.25 57.28 48.28
CA THR I 278 -59.19 56.33 47.71
C THR I 278 -58.51 55.01 47.46
N ALA I 279 -59.30 53.93 47.36
CA ALA I 279 -58.74 52.62 47.10
C ALA I 279 -59.26 52.06 45.78
N LEU I 280 -58.33 51.49 45.00
CA LEU I 280 -58.65 50.97 43.68
C LEU I 280 -58.02 49.60 43.42
N VAL I 281 -58.46 48.97 42.34
CA VAL I 281 -57.83 47.75 41.85
C VAL I 281 -57.17 48.08 40.51
N PRO I 282 -56.10 47.35 40.16
CA PRO I 282 -55.28 47.71 38.99
C PRO I 282 -56.04 48.08 37.71
N PRO I 283 -57.11 47.34 37.37
CA PRO I 283 -57.85 47.73 36.16
C PRO I 283 -58.46 49.14 36.23
N ALA I 284 -58.87 49.60 37.41
CA ALA I 284 -59.47 50.93 37.50
C ALA I 284 -58.41 52.01 37.37
N VAL I 285 -57.23 51.74 37.92
CA VAL I 285 -56.08 52.63 37.77
C VAL I 285 -55.74 52.83 36.30
N SER I 286 -55.73 51.74 35.53
CA SER I 286 -55.53 51.82 34.08
C SER I 286 -56.60 52.73 33.45
N LEU I 287 -57.85 52.49 33.82
CA LEU I 287 -58.97 53.28 33.33
C LEU I 287 -58.82 54.78 33.65
N TRP I 288 -58.38 55.11 34.87
CA TRP I 288 -58.17 56.49 35.27
C TRP I 288 -57.02 57.20 34.58
N LEU I 289 -55.86 56.53 34.47
CA LEU I 289 -54.69 57.11 33.81
C LEU I 289 -54.95 57.42 32.36
N GLN I 290 -55.73 56.57 31.70
CA GLN I 290 -56.11 56.77 30.31
C GLN I 290 -57.16 57.86 30.14
N ALA I 291 -58.11 57.91 31.06
CA ALA I 291 -59.13 58.97 31.04
C ALA I 291 -58.49 60.35 31.12
N LEU I 292 -57.38 60.44 31.84
CA LEU I 292 -56.64 61.68 31.96
C LEU I 292 -56.00 62.08 30.64
N ILE I 293 -55.31 61.12 30.01
CA ILE I 293 -54.72 61.29 28.69
C ILE I 293 -55.76 61.61 27.60
N GLU I 294 -56.99 61.14 27.79
CA GLU I 294 -58.04 61.33 26.81
C GLU I 294 -58.76 62.64 27.05
N GLY I 295 -58.16 63.43 27.94
CA GLY I 295 -58.54 64.83 28.15
C GLY I 295 -59.26 65.26 29.41
N GLU I 296 -59.36 64.37 30.40
CA GLU I 296 -59.86 64.81 31.68
C GLU I 296 -58.81 65.66 32.35
N SER I 297 -59.23 66.66 33.12
CA SER I 297 -58.30 67.62 33.73
C SER I 297 -57.65 67.09 35.00
N ARG I 298 -56.33 66.95 34.98
CA ARG I 298 -55.58 66.33 36.09
C ARG I 298 -55.79 67.11 37.36
N ALA I 299 -56.50 68.24 37.21
CA ALA I 299 -56.74 69.17 38.31
C ALA I 299 -57.94 68.85 39.23
N GLN I 300 -58.89 68.04 38.78
CA GLN I 300 -60.01 67.66 39.66
C GLN I 300 -59.53 66.70 40.74
N LEU I 301 -58.48 65.96 40.40
CA LEU I 301 -57.88 64.95 41.26
C LEU I 301 -56.77 65.57 42.17
N ALA I 302 -56.65 66.89 42.15
CA ALA I 302 -55.57 67.58 42.85
C ALA I 302 -55.59 67.47 44.39
N SER I 303 -56.78 67.24 44.96
CA SER I 303 -56.90 67.12 46.40
C SER I 303 -56.46 65.76 46.90
N LEU I 304 -56.33 64.81 45.98
CA LEU I 304 -56.07 63.44 46.36
C LEU I 304 -54.58 63.26 46.67
N LYS I 305 -54.28 63.00 47.94
CA LYS I 305 -52.91 62.80 48.37
C LYS I 305 -52.47 61.32 48.52
N LEU I 306 -53.43 60.40 48.46
CA LEU I 306 -53.12 58.96 48.60
C LEU I 306 -53.98 58.03 47.74
N LEU I 307 -53.33 57.12 47.02
CA LEU I 307 -54.05 56.14 46.20
C LEU I 307 -53.64 54.72 46.60
N GLN I 308 -54.58 53.99 47.17
CA GLN I 308 -54.38 52.61 47.52
C GLN I 308 -54.69 51.73 46.31
N VAL I 309 -53.82 50.77 46.05
CA VAL I 309 -54.04 49.85 44.95
C VAL I 309 -53.74 48.43 45.40
N GLY I 310 -54.69 47.54 45.23
CA GLY I 310 -54.49 46.17 45.67
C GLY I 310 -55.54 45.22 45.11
N GLY I 311 -55.53 43.99 45.59
CA GLY I 311 -56.50 43.00 45.14
C GLY I 311 -56.02 42.15 43.97
N ALA I 312 -55.01 42.66 43.26
CA ALA I 312 -54.45 41.98 42.08
C ALA I 312 -53.05 42.47 41.75
N ARG I 313 -52.34 41.69 40.93
CA ARG I 313 -50.98 42.04 40.59
C ARG I 313 -50.98 43.43 39.98
N LEU I 314 -50.15 44.31 40.54
CA LEU I 314 -49.95 45.63 39.97
C LEU I 314 -48.53 45.78 39.42
N SER I 315 -48.41 45.90 38.10
CA SER I 315 -47.10 45.97 37.44
C SER I 315 -46.28 47.17 37.84
N ALA I 316 -44.97 47.04 37.85
CA ALA I 316 -44.10 48.16 38.21
C ALA I 316 -44.29 49.35 37.24
N THR I 317 -44.55 49.02 35.98
CA THR I 317 -44.85 50.02 34.96
C THR I 317 -46.05 50.85 35.32
N LEU I 318 -47.10 50.20 35.81
CA LEU I 318 -48.33 50.87 36.13
C LEU I 318 -48.22 51.62 37.46
N ALA I 319 -47.55 51.00 38.42
CA ALA I 319 -47.32 51.63 39.73
C ALA I 319 -46.59 52.96 39.60
N ALA I 320 -45.55 52.97 38.75
CA ALA I 320 -44.74 54.16 38.49
C ALA I 320 -45.52 55.32 37.84
N ARG I 321 -46.49 54.99 37.00
CA ARG I 321 -47.30 55.99 36.35
C ARG I 321 -48.19 56.80 37.31
N ILE I 322 -48.45 56.26 38.50
CA ILE I 322 -49.41 56.90 39.39
C ILE I 322 -48.96 58.28 39.90
N PRO I 323 -47.79 58.36 40.56
CA PRO I 323 -47.31 59.66 41.02
C PRO I 323 -46.91 60.55 39.83
N ALA I 324 -46.50 59.92 38.73
CA ALA I 324 -46.07 60.63 37.55
C ALA I 324 -47.24 61.34 36.89
N GLU I 325 -48.26 60.58 36.50
CA GLU I 325 -49.41 61.18 35.81
C GLU I 325 -50.52 61.77 36.70
N ILE I 326 -50.86 61.06 37.79
CA ILE I 326 -51.86 61.54 38.75
C ILE I 326 -51.32 62.51 39.82
N GLY I 327 -50.09 62.28 40.25
CA GLY I 327 -49.43 63.15 41.20
C GLY I 327 -49.84 63.01 42.65
N CYS I 328 -49.87 61.77 43.12
CA CYS I 328 -50.09 61.54 44.54
C CYS I 328 -49.34 60.28 44.91
N GLN I 329 -49.41 59.90 46.17
CA GLN I 329 -48.59 58.81 46.66
C GLN I 329 -49.29 57.48 46.49
N LEU I 330 -48.52 56.45 46.15
CA LEU I 330 -49.07 55.12 45.97
C LEU I 330 -48.76 54.27 47.20
N GLN I 331 -49.74 53.47 47.59
CA GLN I 331 -49.53 52.46 48.61
C GLN I 331 -50.10 51.18 48.06
N GLN I 332 -49.25 50.17 47.91
CA GLN I 332 -49.70 48.85 47.48
C GLN I 332 -50.32 48.11 48.68
N VAL I 333 -51.47 47.47 48.47
CA VAL I 333 -52.11 46.75 49.54
C VAL I 333 -52.29 45.31 49.10
N PHE I 334 -51.66 44.40 49.83
CA PHE I 334 -51.80 42.99 49.57
C PHE I 334 -52.36 42.32 50.82
N GLY I 335 -53.63 41.94 50.73
CA GLY I 335 -54.35 41.38 51.86
C GLY I 335 -55.38 40.37 51.41
N MET I 336 -55.87 39.59 52.37
CA MET I 336 -56.90 38.59 52.12
C MET I 336 -58.03 38.73 53.13
N ALA I 337 -59.23 38.27 52.77
CA ALA I 337 -60.39 38.46 53.65
C ALA I 337 -60.22 37.64 54.91
N GLU I 338 -59.23 36.76 54.87
CA GLU I 338 -58.97 35.84 55.96
C GLU I 338 -58.10 36.43 57.08
N GLY I 339 -57.44 37.56 56.80
CA GLY I 339 -56.48 38.14 57.73
C GLY I 339 -55.39 38.96 57.04
N LEU I 340 -54.23 39.07 57.68
CA LEU I 340 -52.99 39.40 56.98
C LEU I 340 -53.10 40.44 55.88
N VAL I 341 -53.15 41.71 56.23
CA VAL I 341 -52.94 42.74 55.23
C VAL I 341 -51.49 43.23 55.24
N ASN I 342 -50.86 43.26 54.07
CA ASN I 342 -49.53 43.86 53.91
C ASN I 342 -49.66 45.23 53.26
N TYR I 343 -49.02 46.23 53.85
CA TYR I 343 -48.94 47.56 53.24
C TYR I 343 -47.51 47.88 52.90
N THR I 344 -47.32 48.74 51.89
CA THR I 344 -46.10 49.49 51.82
C THR I 344 -46.40 50.69 52.70
N ARG I 345 -45.41 51.14 53.46
CA ARG I 345 -45.58 52.31 54.32
C ARG I 345 -45.55 53.62 53.52
N LEU I 346 -46.06 54.69 54.11
CA LEU I 346 -46.10 56.00 53.46
C LEU I 346 -44.73 56.66 53.41
N ASP I 347 -43.87 56.34 54.37
CA ASP I 347 -42.51 56.88 54.41
C ASP I 347 -41.49 55.97 53.72
N ASP I 348 -41.98 54.93 53.07
CA ASP I 348 -41.13 53.97 52.36
C ASP I 348 -40.47 54.61 51.15
N SER I 349 -39.39 53.99 50.70
CA SER I 349 -38.67 54.44 49.53
C SER I 349 -39.50 54.22 48.28
N ALA I 350 -39.26 55.00 47.24
CA ALA I 350 -39.94 54.77 45.98
C ALA I 350 -39.58 53.40 45.36
N GLU I 351 -38.40 52.88 45.71
CA GLU I 351 -38.00 51.55 45.22
C GLU I 351 -38.93 50.46 45.73
N LYS I 352 -39.19 50.48 47.04
CA LYS I 352 -40.04 49.49 47.68
C LYS I 352 -41.53 49.65 47.33
N ILE I 353 -41.95 50.88 47.10
CA ILE I 353 -43.36 51.16 46.85
C ILE I 353 -43.77 50.75 45.44
N ILE I 354 -42.87 50.90 44.48
CA ILE I 354 -43.15 50.50 43.10
C ILE I 354 -43.00 48.99 42.86
N HIS I 355 -41.90 48.42 43.36
CA HIS I 355 -41.57 47.01 43.15
C HIS I 355 -42.15 45.94 44.10
N THR I 356 -42.29 46.26 45.38
CA THR I 356 -42.79 45.26 46.32
C THR I 356 -44.25 45.49 46.71
N GLN I 357 -44.79 44.52 47.45
CA GLN I 357 -46.14 44.61 47.98
C GLN I 357 -46.17 45.07 49.44
N GLY I 358 -45.03 45.46 49.96
CA GLY I 358 -44.95 45.93 51.33
C GLY I 358 -44.76 44.80 52.31
N TYR I 359 -45.04 45.07 53.58
CA TYR I 359 -44.92 44.08 54.62
C TYR I 359 -46.10 44.19 55.62
N PRO I 360 -46.33 43.14 56.43
CA PRO I 360 -47.50 43.06 57.32
C PRO I 360 -47.72 44.28 58.21
N MET I 361 -48.98 44.55 58.53
CA MET I 361 -49.34 45.73 59.28
C MET I 361 -49.04 45.50 60.75
N CYS I 362 -48.72 44.25 61.09
CA CYS I 362 -48.46 43.88 62.47
C CYS I 362 -47.09 43.25 62.63
N PRO I 363 -46.38 43.59 63.72
CA PRO I 363 -45.05 43.04 64.02
C PRO I 363 -45.18 41.59 64.42
N ASP I 364 -46.34 41.25 64.98
CA ASP I 364 -46.66 39.89 65.38
C ASP I 364 -47.34 39.10 64.27
N ASP I 365 -47.42 39.68 63.07
CA ASP I 365 -47.80 38.90 61.91
C ASP I 365 -46.59 38.05 61.55
N GLU I 366 -46.79 36.74 61.53
CA GLU I 366 -45.74 35.79 61.20
C GLU I 366 -45.87 35.34 59.76
N VAL I 367 -44.82 35.50 58.97
CA VAL I 367 -44.87 35.04 57.59
C VAL I 367 -43.65 34.24 57.23
N TRP I 368 -43.88 33.12 56.55
CA TRP I 368 -42.78 32.36 56.00
C TRP I 368 -43.09 31.80 54.61
N VAL I 369 -42.08 31.74 53.76
CA VAL I 369 -42.25 31.08 52.47
C VAL I 369 -42.15 29.58 52.72
N ALA I 370 -42.71 28.77 51.81
CA ALA I 370 -42.66 27.30 51.97
C ALA I 370 -42.70 26.56 50.64
N ASP I 371 -42.10 25.37 50.60
CA ASP I 371 -41.97 24.60 49.35
C ASP I 371 -43.10 23.59 49.18
N ALA I 372 -43.04 22.81 48.10
CA ALA I 372 -44.13 21.90 47.73
C ALA I 372 -44.66 21.01 48.87
N GLU I 373 -43.76 20.41 49.63
CA GLU I 373 -44.09 19.46 50.70
C GLU I 373 -44.18 20.04 52.13
N GLY I 374 -44.12 21.37 52.24
CA GLY I 374 -44.34 22.05 53.52
C GLY I 374 -43.10 22.60 54.20
N ASN I 375 -41.96 22.38 53.56
CA ASN I 375 -40.67 22.74 54.12
C ASN I 375 -40.35 24.21 53.87
N PRO I 376 -40.18 25.00 54.95
CA PRO I 376 -39.82 26.42 54.82
C PRO I 376 -38.61 26.64 53.89
N LEU I 377 -38.73 27.57 52.94
CA LEU I 377 -37.60 27.99 52.09
C LEU I 377 -36.92 29.24 52.67
N PRO I 378 -35.63 29.48 52.31
CA PRO I 378 -34.81 30.63 52.77
C PRO I 378 -35.14 31.98 52.10
N GLN I 379 -34.96 33.07 52.86
CA GLN I 379 -35.56 34.35 52.47
C GLN I 379 -34.94 34.92 51.20
N GLY I 380 -35.80 35.11 50.19
CA GLY I 380 -35.40 35.38 48.82
C GLY I 380 -35.72 34.26 47.85
N GLU I 381 -36.01 33.07 48.37
CA GLU I 381 -36.56 31.97 47.56
C GLU I 381 -38.10 32.05 47.38
N VAL I 382 -38.63 31.50 46.29
CA VAL I 382 -40.08 31.57 46.01
C VAL I 382 -40.85 30.32 46.42
N GLY I 383 -41.94 30.51 47.15
CA GLY I 383 -42.77 29.40 47.62
C GLY I 383 -44.13 29.85 48.14
N ARG I 384 -44.86 28.91 48.74
CA ARG I 384 -46.22 29.17 49.23
C ARG I 384 -46.22 30.02 50.53
N LEU I 385 -47.08 31.04 50.55
CA LEU I 385 -47.20 31.96 51.70
C LEU I 385 -47.93 31.33 52.87
N MET I 386 -47.32 31.39 54.05
CA MET I 386 -47.96 30.88 55.25
C MET I 386 -48.02 31.97 56.30
N THR I 387 -49.14 32.09 57.00
CA THR I 387 -49.27 33.11 58.04
C THR I 387 -50.26 32.75 59.15
N ARG I 388 -49.94 33.17 60.37
CA ARG I 388 -50.91 33.21 61.46
C ARG I 388 -50.74 34.58 62.09
N GLY I 389 -51.66 34.99 62.94
CA GLY I 389 -51.54 36.29 63.56
C GLY I 389 -52.76 36.71 64.34
N PRO I 390 -52.73 37.93 64.88
CA PRO I 390 -53.78 38.48 65.75
C PRO I 390 -55.09 38.74 65.02
N TYR I 391 -55.04 39.19 63.77
CA TYR I 391 -56.25 39.34 62.98
C TYR I 391 -56.49 38.26 61.90
N THR I 392 -55.62 37.26 61.81
CA THR I 392 -55.83 36.18 60.84
C THR I 392 -56.55 34.99 61.47
N PHE I 393 -57.69 34.61 60.87
CA PHE I 393 -58.61 33.64 61.48
C PHE I 393 -58.04 32.22 61.60
N ARG I 394 -58.62 31.42 62.49
CA ARG I 394 -58.13 30.06 62.71
C ARG I 394 -58.90 28.96 61.97
N GLY I 395 -59.97 29.33 61.28
CA GLY I 395 -60.64 28.39 60.38
C GLY I 395 -61.97 28.87 59.81
N TYR I 396 -62.38 28.27 58.71
CA TYR I 396 -63.67 28.62 58.09
C TYR I 396 -64.86 28.13 58.91
N TYR I 397 -66.03 28.73 58.65
CA TYR I 397 -67.24 28.44 59.40
C TYR I 397 -67.86 27.16 58.92
N LYS I 398 -68.04 26.23 59.85
CA LYS I 398 -68.66 24.95 59.56
C LYS I 398 -68.14 24.34 58.27
N SER I 399 -66.83 24.33 58.08
CA SER I 399 -66.23 23.70 56.91
C SER I 399 -65.00 22.85 57.30
N PRO I 400 -65.23 21.82 58.14
CA PRO I 400 -64.12 21.00 58.66
C PRO I 400 -63.32 20.34 57.54
N GLN I 401 -64.01 19.97 56.47
CA GLN I 401 -63.37 19.27 55.35
C GLN I 401 -62.29 20.16 54.75
N HIS I 402 -62.64 21.41 54.43
CA HIS I 402 -61.69 22.31 53.82
C HIS I 402 -60.65 22.81 54.82
N ASN I 403 -61.09 23.09 56.04
CA ASN I 403 -60.19 23.55 57.09
C ASN I 403 -58.96 22.65 57.24
N ALA I 404 -59.15 21.36 57.01
CA ALA I 404 -58.07 20.38 57.11
C ALA I 404 -56.95 20.67 56.12
N SER I 405 -57.32 21.08 54.90
CA SER I 405 -56.35 21.37 53.85
C SER I 405 -55.79 22.81 53.84
N ALA I 406 -56.48 23.73 54.52
CA ALA I 406 -56.09 25.15 54.49
C ALA I 406 -55.16 25.59 55.63
N PHE I 407 -54.96 24.71 56.60
CA PHE I 407 -54.09 25.00 57.74
C PHE I 407 -53.12 23.84 57.99
N ASP I 408 -51.84 24.16 58.19
CA ASP I 408 -50.93 23.11 58.63
C ASP I 408 -51.19 22.80 60.11
N ALA I 409 -50.46 21.84 60.66
CA ALA I 409 -50.74 21.38 62.02
C ALA I 409 -50.48 22.46 63.08
N ASN I 410 -49.77 23.52 62.69
CA ASN I 410 -49.42 24.59 63.64
C ASN I 410 -50.34 25.81 63.66
N GLY I 411 -51.37 25.81 62.82
CA GLY I 411 -52.33 26.90 62.79
C GLY I 411 -51.99 28.00 61.79
N PHE I 412 -50.96 27.75 60.96
CA PHE I 412 -50.58 28.66 59.90
C PHE I 412 -51.52 28.50 58.71
N TYR I 413 -52.17 29.58 58.32
CA TYR I 413 -53.06 29.56 57.15
C TYR I 413 -52.23 29.62 55.89
N CYS I 414 -52.71 29.01 54.82
CA CYS I 414 -52.04 29.11 53.54
C CYS I 414 -52.96 29.79 52.54
N SER I 415 -52.48 30.89 51.96
CA SER I 415 -53.31 31.70 51.08
C SER I 415 -53.36 31.17 49.66
N GLY I 416 -52.41 30.29 49.31
CA GLY I 416 -52.33 29.74 47.98
C GLY I 416 -51.57 30.69 47.07
N ASP I 417 -50.90 31.66 47.67
CA ASP I 417 -50.12 32.61 46.92
C ASP I 417 -48.66 32.19 46.89
N LEU I 418 -48.01 32.41 45.76
CA LEU I 418 -46.56 32.26 45.70
C LEU I 418 -45.91 33.62 45.91
N ILE I 419 -45.07 33.71 46.94
CA ILE I 419 -44.41 34.96 47.23
C ILE I 419 -42.90 34.75 47.33
N SER I 420 -42.18 35.85 47.54
CA SER I 420 -40.75 35.84 47.85
C SER I 420 -40.48 37.00 48.80
N ILE I 421 -39.49 36.87 49.67
CA ILE I 421 -39.22 37.94 50.62
C ILE I 421 -37.87 38.64 50.42
N ASP I 422 -37.90 39.98 50.44
CA ASP I 422 -36.70 40.81 50.37
C ASP I 422 -35.77 40.51 51.51
N PRO I 423 -34.50 40.81 51.29
CA PRO I 423 -33.58 40.95 52.42
C PRO I 423 -34.10 42.02 53.40
N GLU I 424 -34.91 42.97 52.92
CA GLU I 424 -35.46 44.01 53.80
C GLU I 424 -36.73 43.54 54.50
N GLY I 425 -37.21 42.36 54.11
CA GLY I 425 -38.37 41.78 54.74
C GLY I 425 -39.68 42.15 54.06
N TYR I 426 -39.59 42.68 52.84
CA TYR I 426 -40.76 43.08 52.06
C TYR I 426 -41.24 41.95 51.15
N ILE I 427 -42.55 41.83 51.01
CA ILE I 427 -43.13 40.72 50.23
C ILE I 427 -43.44 41.08 48.78
N THR I 428 -43.15 40.17 47.87
CA THR I 428 -43.49 40.35 46.46
C THR I 428 -44.29 39.13 45.93
N VAL I 429 -45.43 39.40 45.31
CA VAL I 429 -46.29 38.31 44.86
C VAL I 429 -45.79 37.76 43.53
N GLN I 430 -45.37 36.49 43.52
CA GLN I 430 -44.82 35.86 42.31
C GLN I 430 -45.73 35.00 41.40
N GLY I 431 -46.93 34.62 41.87
CA GLY I 431 -47.81 33.74 41.11
C GLY I 431 -48.80 32.89 41.91
N ARG I 432 -49.55 32.03 41.23
CA ARG I 432 -50.58 31.23 41.93
C ARG I 432 -50.77 29.75 41.56
N GLU I 433 -50.62 28.89 42.57
CA GLU I 433 -50.82 27.46 42.40
C GLU I 433 -52.31 27.17 42.36
N LYS I 434 -53.06 27.75 43.28
CA LYS I 434 -54.49 27.47 43.39
C LYS I 434 -55.15 27.64 42.03
N ASP I 435 -56.13 26.80 41.70
CA ASP I 435 -56.76 26.98 40.41
C ASP I 435 -57.98 27.83 40.71
N GLN I 436 -57.75 29.12 40.53
CA GLN I 436 -58.63 30.19 40.91
C GLN I 436 -58.25 31.27 39.89
N ILE I 437 -59.24 32.01 39.40
CA ILE I 437 -58.97 33.05 38.42
C ILE I 437 -59.21 34.40 39.08
N ASN I 438 -58.29 35.34 38.89
CA ASN I 438 -58.40 36.61 39.58
C ASN I 438 -58.71 37.68 38.60
N ARG I 439 -59.97 38.09 38.59
CA ARG I 439 -60.47 38.91 37.50
C ARG I 439 -60.86 40.30 37.99
N GLY I 440 -60.03 41.29 37.68
CA GLY I 440 -60.18 42.61 38.26
C GLY I 440 -60.11 42.58 39.78
N GLY I 441 -59.54 41.51 40.30
CA GLY I 441 -59.48 41.33 41.74
C GLY I 441 -60.73 40.70 42.34
N GLU I 442 -61.59 40.15 41.50
CA GLU I 442 -62.67 39.29 41.98
C GLU I 442 -62.24 37.83 41.80
N LYS I 443 -62.18 37.04 42.87
CA LYS I 443 -61.79 35.63 42.72
C LYS I 443 -62.92 34.80 42.06
N ILE I 444 -62.55 33.87 41.19
CA ILE I 444 -63.51 32.99 40.50
C ILE I 444 -63.01 31.56 40.63
N ALA I 445 -63.81 30.68 41.24
CA ALA I 445 -63.38 29.31 41.47
C ALA I 445 -63.53 28.50 40.19
N ALA I 446 -62.44 27.94 39.69
CA ALA I 446 -62.48 27.26 38.39
C ALA I 446 -63.44 26.06 38.40
N GLU I 447 -63.38 25.26 39.47
CA GLU I 447 -64.21 24.08 39.57
C GLU I 447 -65.69 24.44 39.67
N GLU I 448 -66.00 25.55 40.33
CA GLU I 448 -67.39 25.97 40.51
C GLU I 448 -68.03 26.18 39.16
N ILE I 449 -67.24 26.72 38.26
CA ILE I 449 -67.71 27.07 36.92
C ILE I 449 -67.69 25.88 35.98
N GLU I 450 -66.66 25.06 36.09
CA GLU I 450 -66.60 23.83 35.34
C GLU I 450 -67.84 22.97 35.61
N ASN I 451 -68.21 22.84 36.90
CA ASN I 451 -69.37 22.03 37.28
C ASN I 451 -70.69 22.55 36.72
N LEU I 452 -70.76 23.85 36.48
CA LEU I 452 -71.92 24.42 35.83
C LEU I 452 -71.89 24.11 34.35
N LEU I 453 -70.71 24.21 33.75
CA LEU I 453 -70.53 23.90 32.32
C LEU I 453 -70.91 22.47 32.00
N LEU I 454 -70.66 21.56 32.93
CA LEU I 454 -70.98 20.15 32.73
C LEU I 454 -72.47 19.89 32.84
N ARG I 455 -73.20 20.92 33.28
CA ARG I 455 -74.65 20.83 33.38
C ARG I 455 -75.27 20.95 31.99
N HIS I 456 -74.47 21.42 31.04
CA HIS I 456 -74.89 21.56 29.67
C HIS I 456 -74.80 20.22 28.94
N PRO I 457 -75.81 19.93 28.10
CA PRO I 457 -75.94 18.64 27.40
C PRO I 457 -74.78 18.35 26.47
N ALA I 458 -74.27 19.38 25.80
CA ALA I 458 -73.27 19.21 24.75
C ALA I 458 -71.85 19.24 25.28
N VAL I 459 -71.70 19.47 26.58
CA VAL I 459 -70.36 19.59 27.12
C VAL I 459 -69.97 18.26 27.73
N ILE I 460 -68.86 17.71 27.26
CA ILE I 460 -68.31 16.48 27.80
C ILE I 460 -67.26 16.74 28.88
N TYR I 461 -66.20 17.46 28.52
CA TYR I 461 -65.15 17.82 29.46
C TYR I 461 -65.01 19.32 29.49
N ALA I 462 -64.75 19.88 30.68
CA ALA I 462 -64.65 21.33 30.82
C ALA I 462 -63.45 21.77 31.65
N ALA I 463 -62.82 22.85 31.24
CA ALA I 463 -61.72 23.40 32.00
C ALA I 463 -61.73 24.93 31.96
N LEU I 464 -61.58 25.57 33.11
CA LEU I 464 -61.48 27.01 33.14
C LEU I 464 -60.08 27.40 33.60
N VAL I 465 -59.41 28.21 32.79
CA VAL I 465 -58.08 28.70 33.11
C VAL I 465 -58.03 30.22 32.96
N SER I 466 -57.09 30.86 33.63
CA SER I 466 -56.91 32.29 33.45
C SER I 466 -56.23 32.60 32.11
N MET I 467 -56.33 33.86 31.68
CA MET I 467 -55.56 34.33 30.53
C MET I 467 -55.25 35.81 30.72
N GLU I 468 -54.14 36.27 30.13
CA GLU I 468 -53.70 37.68 30.27
C GLU I 468 -54.67 38.66 29.63
N ASP I 469 -54.88 39.79 30.28
CA ASP I 469 -55.56 40.91 29.63
C ASP I 469 -54.88 42.19 30.11
N GLU I 470 -54.58 43.10 29.19
CA GLU I 470 -53.86 44.33 29.56
C GLU I 470 -54.62 45.09 30.64
N LEU I 471 -55.94 45.19 30.46
CA LEU I 471 -56.80 45.97 31.36
C LEU I 471 -57.30 45.24 32.63
N MET I 472 -58.09 44.17 32.47
CA MET I 472 -58.57 43.35 33.59
C MET I 472 -57.48 42.68 34.44
N GLY I 473 -56.35 42.43 33.79
CA GLY I 473 -55.18 41.82 34.36
C GLY I 473 -55.22 40.32 34.21
N GLU I 474 -56.44 39.77 34.24
CA GLU I 474 -56.70 38.36 33.96
C GLU I 474 -58.11 38.25 33.45
N LYS I 475 -58.37 37.34 32.53
CA LYS I 475 -59.74 37.03 32.14
C LYS I 475 -59.95 35.51 32.14
N SER I 476 -61.20 35.07 32.28
CA SER I 476 -61.50 33.64 32.28
C SER I 476 -61.61 33.14 30.84
N CYS I 477 -61.02 32.00 30.58
CA CYS I 477 -61.19 31.31 29.30
C CYS I 477 -61.60 29.86 29.53
N ALA I 478 -62.73 29.47 28.93
CA ALA I 478 -63.22 28.10 29.09
C ALA I 478 -62.90 27.23 27.89
N TYR I 479 -62.19 26.14 28.12
CA TYR I 479 -61.91 25.19 27.06
C TYR I 479 -62.86 24.02 27.21
N LEU I 480 -63.61 23.74 26.14
CA LEU I 480 -64.62 22.68 26.15
C LEU I 480 -64.38 21.58 25.13
N VAL I 481 -64.79 20.36 25.48
CA VAL I 481 -64.88 19.30 24.49
C VAL I 481 -66.34 18.98 24.27
N VAL I 482 -66.78 19.00 23.02
CA VAL I 482 -68.21 19.14 22.71
C VAL I 482 -68.80 18.05 21.77
N LYS I 483 -70.03 17.59 22.09
CA LYS I 483 -70.85 16.78 21.18
C LYS I 483 -71.20 17.53 19.91
N GLU I 484 -72.03 18.57 20.06
CA GLU I 484 -72.47 19.44 18.97
C GLU I 484 -71.99 20.87 19.19
N PRO I 485 -71.84 21.63 18.09
CA PRO I 485 -71.12 22.91 18.08
C PRO I 485 -71.59 23.86 19.19
N LEU I 486 -70.67 24.49 19.94
CA LEU I 486 -71.10 25.55 20.85
C LEU I 486 -70.36 26.84 20.61
N ARG I 487 -71.10 27.94 20.61
CA ARG I 487 -70.54 29.25 20.39
C ARG I 487 -70.50 30.02 21.72
N ALA I 488 -69.47 30.85 21.91
CA ALA I 488 -69.25 31.52 23.19
C ALA I 488 -70.52 32.17 23.75
N VAL I 489 -71.26 32.85 22.88
CA VAL I 489 -72.49 33.50 23.27
C VAL I 489 -73.45 32.55 23.99
N GLN I 490 -73.60 31.35 23.41
CA GLN I 490 -74.54 30.36 23.94
C GLN I 490 -74.10 29.91 25.31
N VAL I 491 -72.79 29.76 25.49
CA VAL I 491 -72.24 29.37 26.78
C VAL I 491 -72.48 30.45 27.82
N ARG I 492 -72.05 31.67 27.52
CA ARG I 492 -72.24 32.75 28.46
C ARG I 492 -73.72 32.85 28.81
N ARG I 493 -74.57 32.73 27.79
CA ARG I 493 -76.01 32.80 27.99
C ARG I 493 -76.51 31.64 28.83
N PHE I 494 -76.00 30.45 28.56
CA PHE I 494 -76.41 29.26 29.32
C PHE I 494 -76.04 29.42 30.77
N LEU I 495 -74.81 29.84 31.00
CA LEU I 495 -74.32 30.05 32.35
C LEU I 495 -75.12 31.13 33.06
N ARG I 496 -75.41 32.21 32.34
CA ARG I 496 -76.18 33.28 32.95
C ARG I 496 -77.49 32.74 33.52
N GLU I 497 -78.20 31.94 32.73
CA GLU I 497 -79.44 31.29 33.13
C GLU I 497 -79.27 30.40 34.39
N GLN I 498 -78.03 30.08 34.72
CA GLN I 498 -77.78 29.25 35.89
C GLN I 498 -77.80 30.08 37.16
N GLY I 499 -78.00 31.39 37.01
CA GLY I 499 -78.06 32.32 38.14
C GLY I 499 -76.75 32.51 38.89
N ILE I 500 -75.72 32.94 38.17
CA ILE I 500 -74.45 33.24 38.82
C ILE I 500 -74.07 34.68 38.54
N ALA I 501 -73.13 35.18 39.35
CA ALA I 501 -72.62 36.54 39.20
C ALA I 501 -72.08 36.79 37.81
N GLU I 502 -72.39 37.97 37.26
CA GLU I 502 -72.09 38.28 35.87
C GLU I 502 -70.61 38.18 35.45
N PHE I 503 -69.69 38.29 36.41
CA PHE I 503 -68.27 38.31 36.06
C PHE I 503 -67.71 36.90 35.99
N LYS I 504 -68.55 35.94 36.35
CA LYS I 504 -68.18 34.53 36.25
C LYS I 504 -68.35 33.99 34.82
N LEU I 505 -69.27 34.59 34.05
CA LEU I 505 -69.36 34.29 32.63
C LEU I 505 -68.01 34.50 31.96
N PRO I 506 -67.53 33.44 31.28
CA PRO I 506 -66.20 33.37 30.66
C PRO I 506 -66.02 34.40 29.55
N ASP I 507 -64.85 35.02 29.46
CA ASP I 507 -64.63 36.06 28.47
C ASP I 507 -64.29 35.47 27.12
N ARG I 508 -63.83 34.23 27.12
CA ARG I 508 -63.49 33.56 25.88
C ARG I 508 -63.84 32.09 26.00
N VAL I 509 -64.37 31.50 24.94
CA VAL I 509 -64.62 30.06 24.94
C VAL I 509 -63.99 29.44 23.72
N GLU I 510 -63.27 28.35 23.92
CA GLU I 510 -62.59 27.65 22.83
C GLU I 510 -62.99 26.19 22.88
N CYS I 511 -63.67 25.73 21.82
CA CYS I 511 -63.96 24.32 21.67
C CYS I 511 -62.76 23.63 21.06
N VAL I 512 -62.34 22.54 21.67
CA VAL I 512 -61.14 21.82 21.27
C VAL I 512 -61.45 20.32 21.06
N ASP I 513 -60.62 19.61 20.30
CA ASP I 513 -60.83 18.17 20.03
C ASP I 513 -60.72 17.29 21.30
N SER I 514 -59.82 17.65 22.22
CA SER I 514 -59.50 16.81 23.38
C SER I 514 -58.97 17.62 24.57
N LEU I 515 -59.06 17.05 25.77
CA LEU I 515 -58.45 17.63 26.96
C LEU I 515 -57.78 16.56 27.82
N PRO I 516 -56.66 16.90 28.46
CA PRO I 516 -55.97 15.96 29.32
C PRO I 516 -56.88 15.54 30.45
N LEU I 517 -57.07 14.24 30.63
CA LEU I 517 -57.87 13.73 31.76
C LEU I 517 -57.11 12.87 32.75
N THR I 518 -57.44 13.12 34.02
CA THR I 518 -56.96 12.35 35.15
C THR I 518 -57.79 11.10 35.14
N ALA I 519 -57.47 10.19 36.07
CA ALA I 519 -58.20 8.94 36.18
C ALA I 519 -59.61 9.11 36.77
N VAL I 520 -59.78 10.13 37.61
CA VAL I 520 -61.06 10.38 38.23
C VAL I 520 -61.97 11.11 37.25
N GLY I 521 -61.41 11.46 36.10
CA GLY I 521 -62.23 11.97 35.02
C GLY I 521 -62.45 13.46 35.18
N LYS I 522 -61.61 14.08 36.01
CA LYS I 522 -61.44 15.53 35.97
C LYS I 522 -60.43 15.88 34.88
N VAL I 523 -60.53 17.08 34.32
CA VAL I 523 -59.57 17.59 33.35
C VAL I 523 -58.31 17.89 34.14
N ASP I 524 -57.13 17.52 33.65
CA ASP I 524 -55.94 17.65 34.48
C ASP I 524 -55.32 19.00 34.23
N LYS I 525 -55.45 19.90 35.20
CA LYS I 525 -55.15 21.28 34.85
C LYS I 525 -53.63 21.54 34.70
N LYS I 526 -52.78 20.95 35.54
CA LYS I 526 -51.33 21.16 35.40
C LYS I 526 -50.97 20.98 33.94
N GLN I 527 -51.43 19.87 33.37
CA GLN I 527 -51.07 19.44 32.03
C GLN I 527 -51.51 20.39 30.92
N LEU I 528 -52.72 20.95 31.06
CA LEU I 528 -53.26 21.85 30.04
C LEU I 528 -52.57 23.21 30.12
N ARG I 529 -52.37 23.67 31.36
CA ARG I 529 -51.53 24.86 31.61
C ARG I 529 -50.11 24.72 31.04
N GLN I 530 -49.67 23.49 30.75
CA GLN I 530 -48.42 23.29 30.02
C GLN I 530 -48.66 23.45 28.49
N TRP I 531 -49.45 22.56 27.89
CA TRP I 531 -49.59 22.59 26.42
C TRP I 531 -49.92 24.00 25.92
N LEU I 532 -50.66 24.74 26.73
CA LEU I 532 -51.01 26.10 26.39
C LEU I 532 -49.83 27.05 26.39
N ALA I 533 -49.10 27.03 27.49
CA ALA I 533 -47.82 27.74 27.58
C ALA I 533 -46.88 27.38 26.42
N SER I 534 -46.60 26.09 26.24
CA SER I 534 -45.84 25.72 25.04
C SER I 534 -46.49 26.34 23.79
N ARG I 535 -47.79 26.11 23.54
CA ARG I 535 -48.44 26.71 22.36
C ARG I 535 -48.14 28.21 22.26
N ALA I 536 -48.19 28.88 23.41
CA ALA I 536 -48.12 30.35 23.55
C ALA I 536 -46.79 30.99 23.14
N SER I 537 -45.71 30.45 23.70
CA SER I 537 -44.36 30.91 23.44
C SER I 537 -43.90 30.68 22.00
N ALA I 538 -44.67 29.88 21.27
CA ALA I 538 -44.42 29.69 19.84
C ALA I 538 -45.00 30.87 19.09
N GLY I 539 -45.84 31.63 19.79
CA GLY I 539 -46.39 32.87 19.26
C GLY I 539 -45.32 33.94 19.21
N ARG I 540 -44.60 34.10 20.31
CA ARG I 540 -43.54 35.10 20.39
C ARG I 540 -42.26 34.73 19.59
N ALA I 541 -42.21 33.50 19.10
CA ALA I 541 -41.14 33.06 18.18
C ALA I 541 -41.52 33.00 16.68
N SER I 542 -42.78 33.29 16.34
CA SER I 542 -43.23 33.07 14.95
C SER I 542 -43.02 34.25 13.99
N ILE I 543 -42.27 34.01 12.92
CA ILE I 543 -42.04 35.02 11.91
C ILE I 543 -43.11 34.85 10.85
N PRO I 544 -43.09 35.70 9.81
CA PRO I 544 -44.06 35.51 8.72
C PRO I 544 -43.88 34.18 7.95
N ALA I 545 -44.95 33.42 7.89
CA ALA I 545 -45.00 32.16 7.14
C ALA I 545 -44.73 32.35 5.65
N SER I 546 -45.68 32.96 4.94
CA SER I 546 -45.53 33.14 3.50
C SER I 546 -44.81 34.46 3.20
N LYS I 547 -44.56 34.71 1.92
CA LYS I 547 -44.11 36.02 1.46
C LYS I 547 -45.30 36.98 1.47
N ALA I 548 -46.49 36.45 1.22
CA ALA I 548 -47.72 37.23 1.28
C ALA I 548 -48.14 37.50 2.73
N ALA I 549 -47.66 36.68 3.66
CA ALA I 549 -47.88 36.88 5.09
C ALA I 549 -46.94 37.95 5.65
N LEU I 550 -45.80 38.12 4.97
CA LEU I 550 -44.82 39.14 5.32
C LEU I 550 -45.25 40.50 4.80
N ARG I 551 -45.87 40.52 3.63
CA ARG I 551 -46.48 41.74 3.10
C ARG I 551 -47.52 42.27 4.07
N GLU I 552 -48.32 41.35 4.61
CA GLU I 552 -49.40 41.72 5.54
C GLU I 552 -48.87 42.41 6.80
N VAL I 553 -47.66 42.03 7.19
CA VAL I 553 -47.03 42.59 8.39
C VAL I 553 -46.35 43.93 8.13
N ILE I 554 -45.85 44.10 6.91
CA ILE I 554 -45.16 45.34 6.51
C ILE I 554 -46.09 46.51 6.18
N LEU I 555 -47.17 46.24 5.44
CA LEU I 555 -48.06 47.29 4.94
C LEU I 555 -48.48 48.34 5.96
N PRO I 556 -48.89 47.91 7.16
CA PRO I 556 -49.30 48.85 8.22
C PRO I 556 -48.19 49.77 8.67
N LEU I 557 -46.94 49.48 8.31
CA LEU I 557 -45.79 50.29 8.70
C LEU I 557 -45.44 51.37 7.69
N LEU I 558 -46.11 51.36 6.54
CA LEU I 558 -45.80 52.27 5.46
C LEU I 558 -46.92 53.29 5.32
N ASP I 559 -46.76 54.17 4.33
CA ASP I 559 -47.81 55.10 3.98
C ASP I 559 -49.00 54.28 3.53
N GLU I 560 -50.16 54.54 4.11
CA GLU I 560 -51.40 53.93 3.66
C GLU I 560 -51.64 54.22 2.18
N SER I 561 -51.06 55.33 1.71
CA SER I 561 -51.29 55.87 0.35
C SER I 561 -51.00 54.89 -0.83
N ASP I 562 -49.91 54.15 -0.77
CA ASP I 562 -49.48 53.34 -1.90
C ASP I 562 -49.16 51.89 -1.49
N GLU I 563 -49.04 51.00 -2.47
CA GLU I 563 -48.54 49.66 -2.17
C GLU I 563 -47.31 49.41 -3.04
N PRO I 564 -46.25 48.87 -2.42
CA PRO I 564 -44.97 48.61 -3.08
C PRO I 564 -44.91 47.30 -3.82
N PHE I 565 -44.11 47.27 -4.88
CA PHE I 565 -43.84 46.02 -5.56
C PHE I 565 -42.80 45.30 -4.71
N ASP I 566 -42.79 43.97 -4.78
CA ASP I 566 -41.95 43.19 -3.90
C ASP I 566 -40.47 43.66 -3.91
N ASP I 567 -40.01 44.22 -5.03
CA ASP I 567 -38.62 44.64 -5.14
C ASP I 567 -38.35 46.13 -4.89
N ASP I 568 -39.40 46.89 -4.57
CA ASP I 568 -39.29 48.32 -4.26
C ASP I 568 -38.57 48.58 -2.93
N ASN I 569 -37.85 49.69 -2.83
CA ASN I 569 -37.23 50.06 -1.56
C ASN I 569 -38.30 50.60 -0.60
N LEU I 570 -38.47 49.93 0.54
CA LEU I 570 -39.56 50.23 1.47
C LEU I 570 -39.45 51.58 2.22
N ILE I 571 -38.27 52.19 2.21
CA ILE I 571 -38.10 53.51 2.79
C ILE I 571 -38.85 54.57 1.95
N ASP I 572 -38.88 54.36 0.63
CA ASP I 572 -39.59 55.25 -0.31
C ASP I 572 -41.08 55.17 -0.04
N TYR I 573 -41.49 54.11 0.64
CA TYR I 573 -42.88 53.94 1.05
C TYR I 573 -43.18 54.37 2.49
N GLY I 574 -42.19 54.95 3.17
CA GLY I 574 -42.41 55.56 4.47
C GLY I 574 -42.09 54.72 5.70
N LEU I 575 -41.45 53.58 5.51
CA LEU I 575 -41.02 52.76 6.65
C LEU I 575 -39.80 53.40 7.31
N ASP I 576 -39.95 53.75 8.58
CA ASP I 576 -38.90 54.46 9.33
C ASP I 576 -37.94 53.52 10.03
N SER I 577 -36.68 53.93 10.14
CA SER I 577 -35.64 53.08 10.73
C SER I 577 -35.96 52.45 12.09
N VAL I 578 -36.72 53.12 12.95
CA VAL I 578 -37.04 52.52 14.25
C VAL I 578 -37.93 51.27 14.15
N ARG I 579 -39.05 51.36 13.43
CA ARG I 579 -39.90 50.19 13.17
C ARG I 579 -39.12 49.04 12.54
N MET I 580 -38.11 49.39 11.75
CA MET I 580 -37.29 48.40 11.08
C MET I 580 -36.40 47.68 12.10
N MET I 581 -35.77 48.43 13.00
CA MET I 581 -34.97 47.84 14.05
C MET I 581 -35.77 46.80 14.81
N ALA I 582 -37.02 47.17 15.11
CA ALA I 582 -37.93 46.30 15.85
C ALA I 582 -38.24 45.01 15.12
N LEU I 583 -38.55 45.12 13.82
CA LEU I 583 -38.77 43.95 12.98
C LEU I 583 -37.53 43.05 12.99
N ALA I 584 -36.35 43.65 12.90
CA ALA I 584 -35.10 42.89 12.97
C ALA I 584 -35.04 42.10 14.26
N ALA I 585 -35.31 42.77 15.38
CA ALA I 585 -35.31 42.15 16.71
C ALA I 585 -36.27 40.96 16.80
N ARG I 586 -37.49 41.12 16.30
CA ARG I 586 -38.47 40.04 16.31
C ARG I 586 -38.07 38.84 15.43
N TRP I 587 -37.37 39.11 14.33
CA TRP I 587 -36.91 38.07 13.41
C TRP I 587 -35.61 37.42 13.84
N ARG I 588 -34.84 38.09 14.68
CA ARG I 588 -33.57 37.55 15.16
C ARG I 588 -33.81 36.32 16.02
N LYS I 589 -34.94 36.31 16.71
CA LYS I 589 -35.31 35.22 17.60
C LYS I 589 -35.51 33.90 16.83
N VAL I 590 -35.47 33.97 15.51
CA VAL I 590 -35.58 32.78 14.67
C VAL I 590 -34.31 32.56 13.85
N HIS I 591 -33.95 33.51 13.00
CA HIS I 591 -32.64 33.52 12.37
C HIS I 591 -31.77 34.53 13.12
N GLY I 592 -30.83 34.03 13.89
CA GLY I 592 -30.10 34.87 14.82
C GLY I 592 -28.98 35.66 14.21
N ASP I 593 -28.85 35.62 12.88
CA ASP I 593 -27.85 36.42 12.18
C ASP I 593 -28.40 37.77 11.72
N ILE I 594 -29.71 37.91 11.85
CA ILE I 594 -30.42 39.11 11.44
C ILE I 594 -30.29 40.20 12.49
N ASP I 595 -29.77 41.36 12.08
CA ASP I 595 -29.73 42.54 12.93
C ASP I 595 -30.38 43.71 12.19
N PHE I 596 -30.30 44.90 12.77
CA PHE I 596 -30.81 46.08 12.07
C PHE I 596 -30.06 46.32 10.76
N VAL I 597 -28.73 46.37 10.83
CA VAL I 597 -27.91 46.69 9.66
C VAL I 597 -28.19 45.83 8.44
N MET I 598 -28.46 44.55 8.67
CA MET I 598 -28.64 43.64 7.56
C MET I 598 -29.93 43.95 6.84
N LEU I 599 -31.00 44.18 7.60
CA LEU I 599 -32.29 44.50 7.01
C LEU I 599 -32.22 45.76 6.13
N ALA I 600 -31.50 46.75 6.63
CA ALA I 600 -31.44 48.05 5.99
C ALA I 600 -30.47 48.09 4.81
N LYS I 601 -29.49 47.19 4.76
CA LYS I 601 -28.56 47.19 3.64
C LYS I 601 -29.32 47.04 2.33
N ASN I 602 -30.35 46.19 2.32
CA ASN I 602 -31.28 46.05 1.19
C ASN I 602 -32.72 45.79 1.63
N PRO I 603 -33.47 46.86 1.88
CA PRO I 603 -34.81 46.83 2.46
C PRO I 603 -35.95 46.64 1.45
N THR I 604 -36.02 45.47 0.82
CA THR I 604 -37.13 45.15 -0.08
C THR I 604 -37.85 43.95 0.50
N ILE I 605 -39.11 43.74 0.10
CA ILE I 605 -39.84 42.55 0.58
C ILE I 605 -39.21 41.26 0.07
N ASP I 606 -38.71 41.31 -1.17
CA ASP I 606 -37.97 40.19 -1.77
C ASP I 606 -36.77 39.80 -0.92
N ALA I 607 -35.94 40.80 -0.63
CA ALA I 607 -34.72 40.61 0.16
C ALA I 607 -35.00 39.98 1.53
N TRP I 608 -36.06 40.47 2.19
CA TRP I 608 -36.41 40.01 3.53
C TRP I 608 -37.09 38.67 3.51
N TRP I 609 -37.68 38.31 2.38
CA TRP I 609 -38.22 36.96 2.24
C TRP I 609 -37.11 35.92 2.02
N LYS I 610 -36.14 36.25 1.17
CA LYS I 610 -34.98 35.37 0.98
C LYS I 610 -34.32 35.08 2.32
N LEU I 611 -34.40 36.02 3.26
CA LEU I 611 -33.80 35.90 4.58
C LEU I 611 -34.58 35.05 5.57
N LEU I 612 -35.91 35.07 5.45
CA LEU I 612 -36.76 34.28 6.35
C LEU I 612 -37.14 32.92 5.77
N SER I 613 -36.94 32.76 4.47
CA SER I 613 -37.38 31.54 3.78
C SER I 613 -36.43 30.39 4.07
N ARG I 614 -35.15 30.68 3.99
CA ARG I 614 -34.08 29.72 4.14
C ARG I 614 -34.27 28.90 5.43
N GLU I 615 -34.02 27.59 5.33
CA GLU I 615 -34.22 26.65 6.43
C GLU I 615 -33.88 27.23 7.82
N SER J 4 51.25 17.68 -92.92
CA SER J 4 50.89 16.47 -92.20
C SER J 4 51.02 16.66 -90.68
N ILE J 5 49.98 16.29 -89.92
CA ILE J 5 49.98 16.40 -88.45
C ILE J 5 50.69 15.23 -87.79
N PRO J 6 51.55 15.54 -86.81
CA PRO J 6 52.51 14.70 -86.07
C PRO J 6 51.91 13.78 -85.00
N PHE J 7 51.48 12.59 -85.40
CA PHE J 7 51.07 11.58 -84.43
C PHE J 7 51.92 10.31 -84.52
N THR J 8 51.93 9.54 -83.45
CA THR J 8 52.60 8.24 -83.44
C THR J 8 51.81 7.26 -84.30
N ARG J 9 52.47 6.69 -85.30
CA ARG J 9 51.79 5.78 -86.21
C ARG J 9 51.83 4.36 -85.66
N TRP J 10 51.13 3.46 -86.35
CA TRP J 10 51.12 2.06 -85.99
C TRP J 10 52.28 1.37 -86.71
N PRO J 11 52.93 0.38 -86.05
CA PRO J 11 53.97 -0.41 -86.72
C PRO J 11 53.47 -0.94 -88.07
N GLU J 12 54.31 -0.88 -89.10
CA GLU J 12 53.87 -1.22 -90.45
C GLU J 12 53.08 -2.55 -90.43
N GLU J 13 53.59 -3.50 -89.64
CA GLU J 13 53.03 -4.86 -89.54
C GLU J 13 51.57 -4.88 -89.10
N PHE J 14 51.23 -3.95 -88.20
CA PHE J 14 49.87 -3.85 -87.69
C PHE J 14 48.94 -3.17 -88.69
N ALA J 15 49.41 -2.09 -89.32
CA ALA J 15 48.63 -1.41 -90.35
C ALA J 15 48.18 -2.35 -91.48
N ARG J 16 49.00 -3.38 -91.72
CA ARG J 16 48.68 -4.42 -92.70
C ARG J 16 47.59 -5.38 -92.19
N ARG J 17 47.78 -5.90 -90.96
CA ARG J 17 46.83 -6.86 -90.38
C ARG J 17 45.49 -6.20 -90.16
N TYR J 18 45.50 -4.91 -89.85
CA TYR J 18 44.25 -4.21 -89.58
C TYR J 18 43.49 -3.86 -90.86
N ARG J 19 44.18 -3.66 -91.97
CA ARG J 19 43.50 -3.48 -93.26
C ARG J 19 43.07 -4.83 -93.83
N GLU J 20 43.95 -5.82 -93.71
CA GLU J 20 43.66 -7.16 -94.22
C GLU J 20 42.52 -7.82 -93.44
N LYS J 21 42.40 -7.51 -92.15
CA LYS J 21 41.34 -8.09 -91.35
C LYS J 21 40.01 -7.31 -91.46
N GLY J 22 40.01 -6.22 -92.22
CA GLY J 22 38.79 -5.47 -92.51
C GLY J 22 38.46 -4.32 -91.57
N TYR J 23 39.30 -4.14 -90.54
CA TYR J 23 39.11 -3.12 -89.51
C TYR J 23 39.21 -1.69 -90.07
N TRP J 24 40.32 -1.37 -90.75
CA TRP J 24 40.49 -0.07 -91.37
C TRP J 24 39.99 -0.10 -92.81
N GLN J 25 38.90 0.62 -93.08
CA GLN J 25 38.32 0.63 -94.43
C GLN J 25 38.84 1.78 -95.29
N ASP J 26 39.82 2.52 -94.77
CA ASP J 26 40.40 3.67 -95.48
C ASP J 26 39.32 4.61 -96.05
N LEU J 27 38.29 4.86 -95.25
CA LEU J 27 37.24 5.82 -95.60
C LEU J 27 37.29 6.97 -94.62
N PRO J 28 36.94 8.18 -95.09
CA PRO J 28 36.89 9.37 -94.23
C PRO J 28 35.76 9.23 -93.21
N LEU J 29 35.88 9.88 -92.07
CA LEU J 29 34.80 9.89 -91.10
C LEU J 29 33.58 10.60 -91.67
N THR J 30 33.80 11.46 -92.66
CA THR J 30 32.70 12.19 -93.30
C THR J 30 31.72 11.21 -93.94
N ASP J 31 32.24 10.06 -94.36
CA ASP J 31 31.43 9.04 -94.99
C ASP J 31 30.21 8.67 -94.11
N ILE J 32 30.34 8.86 -92.80
CA ILE J 32 29.22 8.64 -91.89
C ILE J 32 28.01 9.51 -92.20
N LEU J 33 28.25 10.80 -92.40
CA LEU J 33 27.18 11.76 -92.74
C LEU J 33 26.84 11.75 -94.23
N THR J 34 27.84 11.43 -95.04
CA THR J 34 27.71 11.38 -96.49
C THR J 34 26.72 10.32 -97.00
N ARG J 35 26.75 9.14 -96.39
CA ARG J 35 25.86 8.04 -96.76
C ARG J 35 24.42 8.51 -96.81
N HIS J 36 24.08 9.37 -95.87
CA HIS J 36 22.71 9.81 -95.68
C HIS J 36 22.41 11.16 -96.32
N ALA J 37 23.37 11.69 -97.09
CA ALA J 37 23.23 13.03 -97.66
C ALA J 37 21.90 13.28 -98.39
N ALA J 38 21.31 12.23 -98.93
CA ALA J 38 20.05 12.35 -99.67
C ALA J 38 18.79 12.01 -98.85
N SER J 39 18.99 11.59 -97.60
CA SER J 39 17.87 11.18 -96.74
C SER J 39 17.16 12.37 -96.06
N ASP J 40 15.83 12.30 -96.04
CA ASP J 40 15.06 13.33 -95.38
C ASP J 40 14.58 12.97 -93.97
N SER J 41 14.98 11.81 -93.45
CA SER J 41 14.64 11.46 -92.07
C SER J 41 15.46 12.27 -91.06
N ILE J 42 14.97 12.32 -89.82
CA ILE J 42 15.54 13.20 -88.80
C ILE J 42 16.82 12.69 -88.15
N ALA J 43 17.91 13.43 -88.35
CA ALA J 43 19.18 13.11 -87.70
C ALA J 43 19.32 13.65 -86.26
N VAL J 44 18.88 14.89 -86.05
CA VAL J 44 19.10 15.56 -84.77
C VAL J 44 17.85 16.31 -84.29
N ILE J 45 17.44 16.07 -83.05
CA ILE J 45 16.39 16.90 -82.45
C ILE J 45 16.99 17.69 -81.30
N ASP J 46 17.13 19.00 -81.50
CA ASP J 46 17.67 19.89 -80.45
C ASP J 46 16.59 20.86 -80.02
N GLY J 47 16.02 20.62 -78.84
CA GLY J 47 14.86 21.38 -78.40
C GLY J 47 13.70 21.23 -79.37
N GLU J 48 13.21 22.37 -79.89
CA GLU J 48 12.11 22.39 -80.87
C GLU J 48 12.56 22.12 -82.32
N ARG J 49 13.86 22.32 -82.59
CA ARG J 49 14.42 22.15 -83.93
C ARG J 49 14.65 20.68 -84.29
N GLN J 50 14.39 20.33 -85.54
CA GLN J 50 14.69 18.99 -86.06
C GLN J 50 15.41 19.10 -87.40
N LEU J 51 16.55 18.42 -87.53
CA LEU J 51 17.33 18.49 -88.76
C LEU J 51 17.39 17.13 -89.44
N SER J 52 17.09 17.13 -90.74
CA SER J 52 17.20 15.94 -91.57
C SER J 52 18.68 15.67 -91.82
N TYR J 53 19.01 14.45 -92.20
CA TYR J 53 20.39 14.14 -92.60
C TYR J 53 20.83 15.01 -93.77
N ARG J 54 19.91 15.26 -94.69
CA ARG J 54 20.18 16.13 -95.81
C ARG J 54 20.58 17.51 -95.29
N GLU J 55 19.78 18.05 -94.37
CA GLU J 55 20.02 19.36 -93.78
C GLU J 55 21.31 19.41 -92.97
N LEU J 56 21.54 18.38 -92.18
CA LEU J 56 22.72 18.30 -91.34
C LEU J 56 23.98 18.33 -92.20
N ASN J 57 24.03 17.40 -93.15
CA ASN J 57 25.13 17.34 -94.10
C ASN J 57 25.27 18.65 -94.86
N GLN J 58 24.15 19.24 -95.28
CA GLN J 58 24.19 20.53 -95.98
C GLN J 58 24.80 21.65 -95.10
N ALA J 59 24.32 21.75 -93.86
CA ALA J 59 24.83 22.76 -92.93
C ALA J 59 26.34 22.63 -92.80
N ALA J 60 26.80 21.38 -92.76
CA ALA J 60 28.22 21.11 -92.64
C ALA J 60 28.99 21.63 -93.84
N ASP J 61 28.49 21.34 -95.04
CA ASP J 61 29.10 21.82 -96.27
C ASP J 61 29.17 23.35 -96.27
N ASN J 62 28.07 23.98 -95.88
CA ASN J 62 28.03 25.44 -95.79
C ASN J 62 29.09 26.03 -94.84
N LEU J 63 29.11 25.53 -93.61
CA LEU J 63 30.03 26.02 -92.59
C LEU J 63 31.48 25.79 -92.97
N ALA J 64 31.72 24.68 -93.67
CA ALA J 64 33.06 24.35 -94.12
C ALA J 64 33.45 25.27 -95.28
N CYS J 65 32.51 25.48 -96.19
CA CYS J 65 32.72 26.34 -97.35
C CYS J 65 33.00 27.76 -96.88
N SER J 66 32.17 28.23 -95.94
CA SER J 66 32.27 29.57 -95.38
C SER J 66 33.60 29.73 -94.64
N LEU J 67 34.10 28.65 -94.08
CA LEU J 67 35.38 28.68 -93.37
C LEU J 67 36.56 28.69 -94.34
N ARG J 68 36.40 27.98 -95.46
CA ARG J 68 37.44 27.97 -96.49
C ARG J 68 37.59 29.36 -97.06
N ARG J 69 36.45 30.03 -97.27
CA ARG J 69 36.43 31.39 -97.75
C ARG J 69 37.14 32.35 -96.78
N GLN J 70 37.12 32.03 -95.49
CA GLN J 70 37.78 32.88 -94.50
C GLN J 70 39.27 32.54 -94.36
N GLY J 71 39.74 31.63 -95.22
CA GLY J 71 41.15 31.35 -95.36
C GLY J 71 41.71 30.23 -94.50
N ILE J 72 40.85 29.29 -94.11
CA ILE J 72 41.31 28.17 -93.32
C ILE J 72 41.81 27.07 -94.23
N LYS J 73 43.10 26.77 -94.16
CA LYS J 73 43.69 25.74 -95.03
C LYS J 73 43.68 24.36 -94.37
N PRO J 74 43.49 23.28 -95.17
CA PRO J 74 43.61 21.89 -94.70
C PRO J 74 44.92 21.65 -93.99
N GLY J 75 44.90 20.81 -92.96
CA GLY J 75 46.11 20.54 -92.18
C GLY J 75 46.21 21.31 -90.87
N GLU J 76 45.48 22.42 -90.79
CA GLU J 76 45.41 23.26 -89.59
C GLU J 76 44.54 22.64 -88.50
N THR J 77 44.65 23.17 -87.29
CA THR J 77 43.90 22.68 -86.15
C THR J 77 42.92 23.71 -85.62
N ALA J 78 41.92 23.25 -84.89
CA ALA J 78 40.93 24.16 -84.32
C ALA J 78 40.67 23.86 -82.86
N LEU J 79 40.02 24.79 -82.18
CA LEU J 79 39.58 24.59 -80.82
C LEU J 79 38.09 24.89 -80.78
N VAL J 80 37.31 23.86 -80.49
CA VAL J 80 35.87 24.01 -80.50
C VAL J 80 35.34 23.84 -79.09
N GLN J 81 34.57 24.82 -78.62
CA GLN J 81 33.85 24.63 -77.38
C GLN J 81 32.35 24.81 -77.61
N LEU J 82 31.63 23.70 -77.63
CA LEU J 82 30.19 23.73 -77.87
C LEU J 82 29.58 22.72 -76.95
N GLY J 83 28.36 23.02 -76.48
CA GLY J 83 27.68 22.17 -75.52
C GLY J 83 26.91 21.03 -76.18
N ASN J 84 25.78 20.63 -75.58
CA ASN J 84 25.05 19.58 -76.26
C ASN J 84 24.02 20.24 -77.10
N VAL J 85 24.46 20.70 -78.26
CA VAL J 85 23.61 21.44 -79.19
C VAL J 85 24.01 20.97 -80.58
N ALA J 86 23.09 21.07 -81.52
CA ALA J 86 23.30 20.50 -82.84
C ALA J 86 24.51 21.11 -83.55
N GLU J 87 24.80 22.39 -83.28
CA GLU J 87 25.90 23.06 -83.95
C GLU J 87 27.23 22.35 -83.65
N LEU J 88 27.28 21.58 -82.57
CA LEU J 88 28.47 20.80 -82.26
C LEU J 88 28.69 19.79 -83.37
N TYR J 89 27.66 18.99 -83.66
CA TYR J 89 27.74 17.95 -84.67
C TYR J 89 27.98 18.55 -86.06
N ILE J 90 27.33 19.68 -86.35
CA ILE J 90 27.59 20.38 -87.60
C ILE J 90 29.06 20.81 -87.72
N THR J 91 29.58 21.45 -86.68
CA THR J 91 30.95 21.95 -86.66
C THR J 91 31.92 20.80 -86.81
N PHE J 92 31.60 19.70 -86.18
CA PHE J 92 32.47 18.56 -86.21
C PHE J 92 32.66 18.12 -87.65
N PHE J 93 31.54 17.86 -88.33
CA PHE J 93 31.61 17.39 -89.70
C PHE J 93 32.10 18.46 -90.67
N ALA J 94 31.78 19.72 -90.39
CA ALA J 94 32.28 20.82 -91.20
C ALA J 94 33.81 20.80 -91.18
N LEU J 95 34.38 20.57 -90.00
CA LEU J 95 35.83 20.59 -89.87
C LEU J 95 36.45 19.32 -90.45
N LEU J 96 35.68 18.24 -90.50
CA LEU J 96 36.16 16.99 -91.08
C LEU J 96 36.22 17.08 -92.58
N LYS J 97 35.23 17.79 -93.14
CA LYS J 97 35.16 18.03 -94.58
C LYS J 97 36.26 18.97 -95.08
N LEU J 98 36.74 19.86 -94.22
CA LEU J 98 37.80 20.81 -94.58
C LEU J 98 39.22 20.20 -94.56
N GLY J 99 39.42 19.21 -93.70
CA GLY J 99 40.74 18.63 -93.49
C GLY J 99 41.41 19.13 -92.22
N VAL J 100 40.62 19.80 -91.39
CA VAL J 100 41.05 20.39 -90.13
C VAL J 100 40.80 19.43 -88.95
N ALA J 101 41.69 19.46 -87.97
CA ALA J 101 41.56 18.60 -86.80
C ALA J 101 41.28 19.43 -85.56
N PRO J 102 40.05 19.34 -85.04
CA PRO J 102 39.69 20.14 -83.86
C PRO J 102 39.95 19.42 -82.56
N VAL J 103 39.79 20.15 -81.47
CA VAL J 103 39.71 19.57 -80.13
C VAL J 103 38.32 19.91 -79.66
N LEU J 104 37.55 18.93 -79.26
CA LEU J 104 36.23 19.25 -78.76
C LEU J 104 36.35 19.43 -77.27
N ALA J 105 36.32 20.69 -76.84
CA ALA J 105 36.47 21.05 -75.45
C ALA J 105 35.11 20.94 -74.76
N LEU J 106 35.17 20.57 -73.49
CA LEU J 106 33.98 20.51 -72.68
C LEU J 106 33.45 21.91 -72.48
N PHE J 107 32.14 22.02 -72.39
CA PHE J 107 31.53 23.32 -72.16
C PHE J 107 31.84 23.81 -70.75
N SER J 108 32.13 22.86 -69.86
CA SER J 108 32.40 23.17 -68.46
C SER J 108 33.81 23.73 -68.26
N HIS J 109 34.65 23.57 -69.27
CA HIS J 109 36.01 24.05 -69.20
C HIS J 109 36.04 25.57 -69.13
N GLN J 110 37.18 26.09 -68.67
CA GLN J 110 37.31 27.51 -68.36
C GLN J 110 38.65 28.05 -68.82
N ARG J 111 38.99 29.24 -68.34
CA ARG J 111 40.18 29.94 -68.79
C ARG J 111 41.48 29.07 -68.87
N SER J 112 41.82 28.35 -67.81
CA SER J 112 43.09 27.65 -67.82
C SER J 112 43.10 26.45 -68.77
N GLU J 113 41.99 25.73 -68.83
CA GLU J 113 41.88 24.59 -69.72
C GLU J 113 41.96 24.99 -71.19
N LEU J 114 41.19 26.02 -71.57
CA LEU J 114 41.19 26.46 -72.96
C LEU J 114 42.57 27.00 -73.38
N ASN J 115 43.24 27.74 -72.47
CA ASN J 115 44.61 28.19 -72.72
C ASN J 115 45.56 27.03 -72.95
N ALA J 116 45.52 26.05 -72.04
CA ALA J 116 46.27 24.82 -72.20
C ALA J 116 46.11 24.19 -73.60
N TYR J 117 44.87 24.06 -74.06
CA TYR J 117 44.60 23.36 -75.32
C TYR J 117 45.16 24.12 -76.49
N ALA J 118 44.84 25.41 -76.53
CA ALA J 118 45.27 26.27 -77.63
C ALA J 118 46.80 26.27 -77.76
N SER J 119 47.51 26.14 -76.64
CA SER J 119 48.96 26.18 -76.65
C SER J 119 49.58 24.95 -77.33
N GLN J 120 49.01 23.76 -77.09
CA GLN J 120 49.52 22.54 -77.74
C GLN J 120 49.05 22.43 -79.18
N ILE J 121 47.83 22.89 -79.43
CA ILE J 121 47.20 22.77 -80.74
C ILE J 121 47.74 23.76 -81.75
N GLU J 122 47.94 25.00 -81.31
CA GLU J 122 48.22 26.12 -82.21
C GLU J 122 47.11 26.24 -83.26
N PRO J 123 45.89 26.53 -82.78
CA PRO J 123 44.67 26.51 -83.56
C PRO J 123 44.64 27.70 -84.52
N ALA J 124 44.18 27.45 -85.74
CA ALA J 124 43.94 28.51 -86.69
C ALA J 124 42.50 29.01 -86.55
N LEU J 125 41.71 28.26 -85.79
CA LEU J 125 40.27 28.52 -85.69
C LEU J 125 39.70 28.34 -84.29
N LEU J 126 38.88 29.30 -83.88
CA LEU J 126 38.20 29.21 -82.59
C LEU J 126 36.70 29.27 -82.79
N ILE J 127 36.00 28.30 -82.22
CA ILE J 127 34.54 28.27 -82.23
C ILE J 127 34.04 28.08 -80.81
N ALA J 128 33.31 29.07 -80.30
CA ALA J 128 32.79 29.05 -78.93
C ALA J 128 31.34 29.56 -78.90
N ASP J 129 30.77 29.66 -77.71
CA ASP J 129 29.36 30.04 -77.52
C ASP J 129 29.25 31.26 -76.62
N ARG J 130 28.49 32.28 -77.03
CA ARG J 130 28.38 33.50 -76.23
C ARG J 130 27.54 33.32 -74.96
N GLN J 131 26.90 32.16 -74.83
CA GLN J 131 26.15 31.85 -73.62
C GLN J 131 27.09 31.27 -72.57
N HIS J 132 28.31 30.98 -72.98
CA HIS J 132 29.35 30.57 -72.05
C HIS J 132 29.96 31.81 -71.38
N ALA J 133 30.24 31.72 -70.09
CA ALA J 133 30.67 32.90 -69.31
C ALA J 133 31.83 33.71 -69.90
N LEU J 134 32.82 33.00 -70.44
CA LEU J 134 34.01 33.66 -71.00
C LEU J 134 33.66 34.48 -72.24
N PHE J 135 32.66 34.01 -72.96
CA PHE J 135 32.22 34.65 -74.20
C PHE J 135 30.95 35.52 -74.13
N SER J 136 30.35 35.63 -72.95
CA SER J 136 29.22 36.51 -72.78
C SER J 136 29.67 37.88 -73.25
N GLY J 137 30.88 38.28 -72.85
CA GLY J 137 31.46 39.54 -73.29
C GLY J 137 32.42 39.34 -74.46
N ASP J 138 32.86 40.44 -75.07
CA ASP J 138 33.92 40.36 -76.07
C ASP J 138 35.29 40.71 -75.42
N ASP J 139 35.27 40.94 -74.10
CA ASP J 139 36.47 41.36 -73.36
C ASP J 139 37.48 40.23 -73.14
N PHE J 140 37.01 39.08 -72.72
CA PHE J 140 37.89 37.92 -72.63
C PHE J 140 38.34 37.34 -73.99
N LEU J 141 37.43 37.24 -74.97
CA LEU J 141 37.83 36.78 -76.31
C LEU J 141 38.97 37.58 -76.99
N ASN J 142 39.17 38.85 -76.63
CA ASN J 142 40.29 39.64 -77.16
C ASN J 142 41.66 39.23 -76.57
N THR J 143 41.71 39.12 -75.25
CA THR J 143 42.94 38.73 -74.55
C THR J 143 43.42 37.41 -75.08
N PHE J 144 42.46 36.54 -75.39
CA PHE J 144 42.71 35.17 -75.81
C PHE J 144 43.35 35.07 -77.19
N VAL J 145 42.80 35.78 -78.16
CA VAL J 145 43.35 35.74 -79.51
C VAL J 145 44.74 36.37 -79.61
N THR J 146 44.98 37.42 -78.82
CA THR J 146 46.29 38.04 -78.83
C THR J 146 47.30 37.04 -78.24
N GLU J 147 46.89 36.36 -77.15
CA GLU J 147 47.74 35.39 -76.42
C GLU J 147 48.21 34.24 -77.30
N HIS J 148 47.28 33.62 -78.00
CA HIS J 148 47.65 32.59 -78.96
C HIS J 148 47.53 33.14 -80.34
N SER J 149 48.66 33.48 -80.94
CA SER J 149 48.67 34.31 -82.13
C SER J 149 48.22 33.55 -83.38
N SER J 150 48.31 32.22 -83.35
CA SER J 150 48.00 31.37 -84.48
C SER J 150 46.56 31.51 -84.96
N ILE J 151 45.66 31.76 -84.01
CA ILE J 151 44.24 31.99 -84.30
C ILE J 151 43.96 33.15 -85.29
N ARG J 152 43.23 32.82 -86.36
CA ARG J 152 42.92 33.76 -87.45
C ARG J 152 41.43 34.07 -87.55
N VAL J 153 40.65 33.01 -87.75
CA VAL J 153 39.18 33.11 -87.77
C VAL J 153 38.55 32.79 -86.41
N VAL J 154 37.44 33.47 -86.10
CA VAL J 154 36.64 33.18 -84.92
C VAL J 154 35.14 33.23 -85.19
N GLN J 155 34.45 32.15 -84.88
CA GLN J 155 32.99 32.09 -85.03
C GLN J 155 32.35 31.78 -83.68
N LEU J 156 31.25 32.47 -83.35
CA LEU J 156 30.57 32.22 -82.08
C LEU J 156 29.09 31.86 -82.27
N LEU J 157 28.64 30.91 -81.45
CA LEU J 157 27.22 30.54 -81.36
C LEU J 157 26.44 31.50 -80.50
N ASN J 158 25.12 31.50 -80.67
CA ASN J 158 24.27 32.39 -79.89
C ASN J 158 24.86 33.79 -79.98
N ASP J 159 25.30 34.15 -81.18
CA ASP J 159 26.01 35.39 -81.40
C ASP J 159 25.45 36.07 -82.65
N SER J 160 25.03 37.33 -82.51
CA SER J 160 24.51 38.11 -83.64
C SER J 160 25.57 39.04 -84.27
N GLY J 161 26.78 39.05 -83.70
CA GLY J 161 27.88 39.84 -84.22
C GLY J 161 28.42 39.32 -85.54
N GLU J 162 29.38 40.01 -86.14
CA GLU J 162 29.95 39.61 -87.43
C GLU J 162 30.62 38.25 -87.30
N HIS J 163 31.01 37.93 -86.09
CA HIS J 163 31.54 36.60 -85.80
C HIS J 163 30.47 35.53 -85.79
N ASN J 164 29.22 35.91 -86.06
CA ASN J 164 28.09 34.98 -86.00
C ASN J 164 28.33 33.66 -86.75
N LEU J 165 28.12 32.56 -86.03
CA LEU J 165 28.35 31.22 -86.57
C LEU J 165 27.19 30.78 -87.45
N GLN J 166 25.98 31.15 -87.05
CA GLN J 166 24.81 30.82 -87.83
C GLN J 166 24.89 31.44 -89.23
N ASP J 167 25.47 32.62 -89.35
CA ASP J 167 25.59 33.28 -90.65
C ASP J 167 26.38 32.40 -91.61
N ALA J 168 27.50 31.85 -91.12
CA ALA J 168 28.35 30.99 -91.95
C ALA J 168 27.71 29.63 -92.18
N ILE J 169 26.85 29.18 -91.27
CA ILE J 169 26.17 27.90 -91.41
C ILE J 169 25.05 27.96 -92.46
N ASN J 170 24.39 29.11 -92.55
CA ASN J 170 23.31 29.28 -93.52
C ASN J 170 23.70 29.87 -94.88
N HIS J 171 24.91 30.41 -94.99
CA HIS J 171 25.41 30.90 -96.26
C HIS J 171 25.78 29.67 -97.10
N PRO J 172 25.04 29.44 -98.19
CA PRO J 172 25.13 28.20 -98.98
C PRO J 172 26.51 27.92 -99.58
N ALA J 173 26.58 26.84 -100.34
CA ALA J 173 27.85 26.27 -100.74
C ALA J 173 28.09 26.39 -102.25
N GLU J 174 29.04 27.24 -102.64
CA GLU J 174 29.40 27.44 -104.06
C GLU J 174 30.23 26.26 -104.57
N ASP J 175 30.84 26.39 -105.76
CA ASP J 175 31.48 25.20 -106.31
C ASP J 175 32.46 24.70 -105.24
N PHE J 176 32.19 23.50 -104.73
CA PHE J 176 32.83 23.00 -103.52
C PHE J 176 33.10 21.49 -103.55
N THR J 177 34.36 21.12 -103.37
CA THR J 177 34.69 19.71 -103.16
C THR J 177 34.75 19.45 -101.64
N ALA J 178 35.06 18.23 -101.25
CA ALA J 178 35.26 17.91 -99.85
C ALA J 178 36.66 17.33 -99.73
N THR J 179 37.52 18.00 -98.98
CA THR J 179 38.90 17.51 -98.88
C THR J 179 39.29 17.11 -97.46
N PRO J 180 38.78 15.95 -97.01
CA PRO J 180 39.12 15.40 -95.70
C PRO J 180 40.57 14.92 -95.72
N SER J 181 41.20 14.83 -94.56
CA SER J 181 42.57 14.32 -94.54
C SER J 181 42.56 12.82 -94.85
N PRO J 182 43.69 12.28 -95.32
CA PRO J 182 43.75 10.85 -95.65
C PRO J 182 43.36 9.94 -94.48
N ALA J 183 42.78 8.79 -94.79
CA ALA J 183 42.27 7.89 -93.75
C ALA J 183 43.28 7.52 -92.66
N ASP J 184 44.56 7.42 -93.01
CA ASP J 184 45.59 7.10 -92.01
C ASP J 184 46.28 8.34 -91.41
N GLU J 185 45.75 9.51 -91.72
CA GLU J 185 46.21 10.77 -91.14
C GLU J 185 45.22 11.24 -90.06
N VAL J 186 45.69 12.04 -89.11
CA VAL J 186 44.84 12.51 -87.98
C VAL J 186 43.49 13.14 -88.38
N ALA J 187 42.43 12.69 -87.72
CA ALA J 187 41.06 13.19 -87.96
C ALA J 187 40.67 14.28 -86.97
N TYR J 188 40.69 13.94 -85.68
CA TYR J 188 40.66 14.96 -84.63
C TYR J 188 41.36 14.52 -83.34
N PHE J 189 41.27 15.37 -82.32
CA PHE J 189 41.88 15.07 -81.02
C PHE J 189 40.81 14.81 -79.97
N GLN J 190 41.06 13.82 -79.12
CA GLN J 190 40.17 13.56 -78.00
C GLN J 190 40.93 13.87 -76.73
N LEU J 191 40.21 14.14 -75.64
CA LEU J 191 40.85 14.49 -74.37
C LEU J 191 40.89 13.30 -73.42
N SER J 192 41.99 13.10 -72.71
CA SER J 192 41.96 12.14 -71.59
C SER J 192 42.30 12.87 -70.30
N GLY J 193 41.29 13.12 -69.47
CA GLY J 193 41.35 14.09 -68.37
C GLY J 193 42.51 14.00 -67.38
N GLY J 194 43.00 15.18 -66.96
CA GLY J 194 44.13 15.32 -66.04
C GLY J 194 45.00 14.08 -65.83
N THR J 196 48.47 14.32 -65.76
CA THR J 196 49.40 15.34 -65.27
C THR J 196 48.73 16.69 -65.25
N GLY J 197 49.57 17.71 -64.99
CA GLY J 197 49.18 19.10 -65.09
C GLY J 197 49.15 19.56 -66.54
N THR J 198 50.15 19.15 -67.31
CA THR J 198 50.21 19.48 -68.74
C THR J 198 49.30 18.53 -69.52
N PRO J 199 48.59 19.08 -70.51
CA PRO J 199 47.49 18.41 -71.22
C PRO J 199 47.81 17.17 -72.08
N LYS J 200 47.02 16.13 -71.86
CA LYS J 200 47.19 14.90 -72.60
C LYS J 200 46.15 14.90 -73.71
N LEU J 201 46.59 15.13 -74.94
CA LEU J 201 45.64 15.11 -76.04
C LEU J 201 45.91 13.87 -76.92
N ILE J 202 44.82 13.23 -77.37
CA ILE J 202 44.85 11.93 -78.07
C ILE J 202 44.46 12.03 -79.53
N PRO J 203 45.43 11.85 -80.44
CA PRO J 203 45.11 11.89 -81.86
C PRO J 203 44.34 10.65 -82.28
N ARG J 204 43.31 10.82 -83.12
CA ARG J 204 42.57 9.70 -83.65
C ARG J 204 42.51 9.86 -85.16
N THR J 205 43.03 8.86 -85.88
CA THR J 205 42.98 8.86 -87.35
C THR J 205 41.60 8.42 -87.86
N HIS J 206 41.25 8.85 -89.07
CA HIS J 206 39.97 8.47 -89.64
C HIS J 206 39.79 6.98 -89.54
N ASN J 207 40.83 6.23 -89.88
CA ASN J 207 40.75 4.77 -89.91
C ASN J 207 40.37 4.13 -88.58
N ASP J 208 41.17 4.40 -87.55
CA ASP J 208 40.94 3.78 -86.25
C ASP J 208 39.62 4.24 -85.63
N TYR J 209 39.30 5.52 -85.77
CA TYR J 209 38.09 6.04 -85.13
C TYR J 209 36.82 5.48 -85.77
N TYR J 210 36.83 5.40 -87.10
CA TYR J 210 35.70 4.88 -87.87
C TYR J 210 35.37 3.45 -87.44
N TYR J 211 36.41 2.62 -87.28
CA TYR J 211 36.23 1.25 -86.79
C TYR J 211 35.56 1.26 -85.41
N SER J 212 36.06 2.11 -84.52
CA SER J 212 35.49 2.27 -83.20
C SER J 212 33.97 2.41 -83.32
N VAL J 213 33.54 3.27 -84.23
CA VAL J 213 32.12 3.55 -84.41
C VAL J 213 31.34 2.40 -85.05
N ARG J 214 31.86 1.84 -86.13
CA ARG J 214 31.19 0.72 -86.83
C ARG J 214 30.94 -0.46 -85.91
N ARG J 215 32.03 -0.96 -85.30
CA ARG J 215 31.97 -2.13 -84.43
C ARG J 215 31.11 -1.90 -83.20
N SER J 216 30.97 -0.66 -82.78
CA SER J 216 30.10 -0.34 -81.67
C SER J 216 28.63 -0.43 -82.07
N VAL J 217 28.32 0.02 -83.28
CA VAL J 217 26.97 -0.11 -83.81
C VAL J 217 26.58 -1.58 -83.94
N GLU J 218 27.49 -2.41 -84.44
CA GLU J 218 27.20 -3.85 -84.59
C GLU J 218 26.84 -4.45 -83.24
N ILE J 219 27.69 -4.21 -82.24
CA ILE J 219 27.50 -4.79 -80.91
C ILE J 219 26.24 -4.30 -80.20
N CYS J 220 25.92 -3.02 -80.38
CA CYS J 220 24.74 -2.45 -79.73
C CYS J 220 23.47 -2.49 -80.59
N GLN J 221 23.60 -3.00 -81.81
CA GLN J 221 22.45 -3.09 -82.73
C GLN J 221 21.69 -1.78 -82.94
N PHE J 222 22.42 -0.74 -83.33
CA PHE J 222 21.82 0.51 -83.75
C PHE J 222 21.34 0.37 -85.20
N THR J 223 20.05 0.56 -85.42
CA THR J 223 19.52 0.53 -86.78
C THR J 223 18.99 1.91 -87.15
N GLN J 224 18.35 2.02 -88.31
CA GLN J 224 17.67 3.26 -88.67
C GLN J 224 16.43 3.47 -87.78
N GLN J 225 16.05 2.43 -87.04
CA GLN J 225 14.94 2.50 -86.08
C GLN J 225 15.41 2.76 -84.63
N THR J 226 16.70 3.07 -84.44
CA THR J 226 17.26 3.41 -83.12
C THR J 226 17.44 4.95 -82.85
N ARG J 227 16.61 5.47 -81.95
CA ARG J 227 16.59 6.89 -81.57
C ARG J 227 17.15 7.09 -80.14
N TYR J 228 18.15 7.96 -80.03
CA TYR J 228 19.13 8.02 -78.92
C TYR J 228 19.09 9.36 -78.17
N LEU J 229 18.93 9.32 -76.84
CA LEU J 229 19.00 10.52 -76.02
C LEU J 229 20.44 10.77 -75.56
N CYS J 230 21.02 11.88 -75.99
CA CYS J 230 22.38 12.17 -75.55
C CYS J 230 22.28 13.27 -74.51
N ALA J 231 22.30 12.86 -73.24
CA ALA J 231 22.21 13.83 -72.14
C ALA J 231 23.50 14.10 -71.38
N ILE J 232 24.48 13.22 -71.50
CA ILE J 232 25.78 13.48 -70.88
C ILE J 232 26.60 14.36 -71.84
N PRO J 233 27.71 14.91 -71.37
CA PRO J 233 28.40 15.85 -72.28
C PRO J 233 28.68 15.22 -73.65
N ALA J 234 28.25 15.91 -74.71
CA ALA J 234 28.22 15.34 -76.05
C ALA J 234 29.61 15.15 -76.62
N ALA J 235 30.54 15.95 -76.11
CA ALA J 235 31.89 16.00 -76.65
C ALA J 235 32.81 14.88 -76.15
N HIS J 236 32.39 14.15 -75.13
CA HIS J 236 33.22 13.08 -74.60
C HIS J 236 33.18 11.89 -75.52
N ASN J 237 34.22 11.07 -75.44
CA ASN J 237 34.32 9.92 -76.32
C ASN J 237 33.15 8.92 -76.22
N TYR J 238 32.55 8.85 -75.04
CA TYR J 238 31.45 7.95 -74.72
C TYR J 238 30.19 8.34 -75.49
N ALA J 239 29.73 9.57 -75.33
CA ALA J 239 28.53 10.05 -75.98
C ALA J 239 28.80 10.44 -77.43
N MET J 240 30.03 10.24 -77.86
CA MET J 240 30.44 10.54 -79.23
C MET J 240 30.55 9.25 -80.06
N SER J 241 31.50 8.39 -79.68
CA SER J 241 31.78 7.16 -80.43
C SER J 241 31.29 5.79 -79.91
N SER J 242 30.62 5.72 -78.76
CA SER J 242 30.49 4.40 -78.12
C SER J 242 29.10 3.82 -77.77
N PRO J 243 28.25 3.60 -78.78
CA PRO J 243 28.38 4.09 -80.16
C PRO J 243 28.10 5.57 -80.19
N GLY J 244 27.35 6.07 -79.21
CA GLY J 244 27.13 7.49 -79.04
C GLY J 244 26.55 8.08 -80.30
N SER J 245 26.51 9.40 -80.40
CA SER J 245 25.80 10.06 -81.48
C SER J 245 26.32 9.71 -82.89
N LEU J 246 27.63 9.54 -83.02
CA LEU J 246 28.20 9.22 -84.32
C LEU J 246 27.77 7.84 -84.76
N GLY J 247 27.63 6.93 -83.79
CA GLY J 247 27.15 5.59 -84.07
C GLY J 247 25.72 5.63 -84.60
N VAL J 248 24.93 6.52 -84.04
CA VAL J 248 23.56 6.73 -84.44
C VAL J 248 23.50 7.32 -85.84
N PHE J 249 24.42 8.23 -86.15
CA PHE J 249 24.46 8.84 -87.47
C PHE J 249 24.81 7.82 -88.55
N LEU J 250 25.75 6.94 -88.25
CA LEU J 250 26.16 5.92 -89.21
C LEU J 250 24.97 5.04 -89.57
N ALA J 251 24.13 4.81 -88.57
CA ALA J 251 23.03 3.86 -88.72
C ALA J 251 21.73 4.48 -89.21
N GLY J 252 21.70 5.80 -89.36
CA GLY J 252 20.51 6.50 -89.81
C GLY J 252 19.45 6.76 -88.74
N GLY J 253 19.84 6.56 -87.48
CA GLY J 253 18.94 6.79 -86.35
C GLY J 253 18.68 8.25 -86.05
N THR J 254 18.11 8.53 -84.88
CA THR J 254 17.82 9.89 -84.50
C THR J 254 18.48 10.23 -83.16
N VAL J 255 19.21 11.34 -83.12
CA VAL J 255 19.85 11.80 -81.89
C VAL J 255 19.01 12.89 -81.24
N VAL J 256 18.67 12.69 -79.97
CA VAL J 256 17.91 13.67 -79.21
C VAL J 256 18.82 14.32 -78.18
N LEU J 257 19.12 15.60 -78.39
CA LEU J 257 20.04 16.32 -77.50
C LEU J 257 19.32 16.89 -76.29
N ALA J 258 19.99 16.83 -75.14
CA ALA J 258 19.48 17.41 -73.92
C ALA J 258 20.63 18.09 -73.20
N ALA J 259 20.37 19.24 -72.56
CA ALA J 259 21.42 20.04 -71.94
C ALA J 259 22.13 19.37 -70.76
N ASP J 260 21.39 18.62 -69.95
CA ASP J 260 21.97 17.88 -68.84
C ASP J 260 21.22 16.57 -68.66
N PRO J 261 21.71 15.70 -67.76
CA PRO J 261 20.95 14.46 -67.57
C PRO J 261 19.99 14.47 -66.37
N SER J 262 19.19 15.50 -66.19
CA SER J 262 18.32 15.53 -65.02
C SER J 262 17.04 14.81 -65.36
N ALA J 263 16.50 14.08 -64.40
CA ALA J 263 15.27 13.32 -64.65
C ALA J 263 14.17 14.26 -65.08
N THR J 264 14.24 15.49 -64.57
CA THR J 264 13.24 16.51 -64.87
C THR J 264 13.23 16.90 -66.36
N LEU J 265 14.42 17.05 -66.94
CA LEU J 265 14.59 17.37 -68.36
C LEU J 265 14.43 16.16 -69.31
N CYS J 266 15.00 15.03 -68.93
CA CYS J 266 15.09 13.87 -69.79
C CYS J 266 13.81 13.05 -69.91
N PHE J 267 13.13 12.79 -68.78
CA PHE J 267 11.92 11.98 -68.78
C PHE J 267 10.92 12.43 -69.84
N PRO J 268 10.52 13.72 -69.83
CA PRO J 268 9.69 14.29 -70.88
C PRO J 268 10.20 14.01 -72.31
N LEU J 269 11.51 14.13 -72.54
CA LEU J 269 12.07 13.91 -73.88
C LEU J 269 12.02 12.46 -74.34
N ILE J 270 12.25 11.53 -73.42
CA ILE J 270 12.22 10.10 -73.76
C ILE J 270 10.83 9.66 -74.24
N GLU J 271 9.80 10.11 -73.53
CA GLU J 271 8.43 9.82 -73.92
C GLU J 271 8.05 10.57 -75.20
N LYS J 272 8.25 11.89 -75.20
CA LYS J 272 7.89 12.74 -76.36
C LYS J 272 8.51 12.26 -77.67
N HIS J 273 9.79 11.91 -77.64
CA HIS J 273 10.48 11.45 -78.84
C HIS J 273 10.60 9.93 -78.98
N GLN J 274 10.01 9.20 -78.04
CA GLN J 274 9.97 7.73 -78.07
C GLN J 274 11.38 7.15 -78.15
N VAL J 275 12.21 7.55 -77.20
CA VAL J 275 13.60 7.17 -77.16
C VAL J 275 13.77 5.73 -76.71
N ASN J 276 14.47 4.94 -77.50
CA ASN J 276 14.74 3.54 -77.13
C ASN J 276 16.12 3.23 -76.53
N VAL J 277 17.01 4.21 -76.50
CA VAL J 277 18.35 3.98 -75.95
C VAL J 277 19.00 5.28 -75.43
N THR J 278 19.79 5.17 -74.37
CA THR J 278 20.49 6.33 -73.84
C THR J 278 21.70 5.90 -73.03
N ALA J 279 22.65 6.82 -72.88
CA ALA J 279 23.86 6.50 -72.12
C ALA J 279 24.01 7.41 -70.90
N LEU J 280 24.36 6.80 -69.77
CA LEU J 280 24.45 7.52 -68.51
C LEU J 280 25.69 7.13 -67.72
N VAL J 281 25.98 7.90 -66.68
CA VAL J 281 27.02 7.57 -65.73
C VAL J 281 26.35 7.26 -64.40
N PRO J 282 27.01 6.45 -63.56
CA PRO J 282 26.35 5.92 -62.36
C PRO J 282 25.56 6.95 -61.53
N PRO J 283 26.13 8.15 -61.31
CA PRO J 283 25.38 9.14 -60.52
C PRO J 283 24.01 9.54 -61.13
N ALA J 284 23.90 9.56 -62.45
CA ALA J 284 22.63 9.93 -63.09
C ALA J 284 21.63 8.80 -62.94
N VAL J 285 22.10 7.55 -63.06
CA VAL J 285 21.25 6.40 -62.81
C VAL J 285 20.63 6.47 -61.39
N SER J 286 21.44 6.76 -60.38
CA SER J 286 20.92 6.93 -59.03
C SER J 286 19.83 8.01 -59.01
N LEU J 287 20.12 9.14 -59.65
CA LEU J 287 19.17 10.25 -59.72
C LEU J 287 17.84 9.86 -60.37
N TRP J 288 17.92 9.08 -61.45
CA TRP J 288 16.72 8.63 -62.15
C TRP J 288 15.89 7.61 -61.36
N LEU J 289 16.57 6.61 -60.77
CA LEU J 289 15.89 5.57 -60.00
C LEU J 289 15.12 6.17 -58.82
N GLN J 290 15.71 7.19 -58.20
CA GLN J 290 15.08 7.89 -57.09
C GLN J 290 13.94 8.82 -57.52
N ALA J 291 14.12 9.49 -58.66
CA ALA J 291 13.07 10.34 -59.21
C ALA J 291 11.79 9.55 -59.49
N LEU J 292 11.95 8.27 -59.84
CA LEU J 292 10.83 7.36 -60.08
C LEU J 292 10.09 7.06 -58.78
N ILE J 293 10.87 6.70 -57.75
CA ILE J 293 10.36 6.46 -56.41
C ILE J 293 9.65 7.69 -55.81
N GLU J 294 10.12 8.88 -56.20
CA GLU J 294 9.62 10.15 -55.66
C GLU J 294 8.40 10.61 -56.44
N GLY J 295 7.88 9.72 -57.29
CA GLY J 295 6.60 9.90 -57.94
C GLY J 295 6.54 10.18 -59.43
N GLU J 296 7.67 10.10 -60.12
CA GLU J 296 7.64 10.17 -61.58
C GLU J 296 7.06 8.86 -62.13
N SER J 297 6.33 8.96 -63.24
CA SER J 297 5.65 7.79 -63.79
C SER J 297 6.59 6.90 -64.61
N ARG J 298 6.75 5.65 -64.18
CA ARG J 298 7.68 4.72 -64.81
C ARG J 298 7.27 4.48 -66.27
N ALA J 299 6.13 5.06 -66.64
CA ALA J 299 5.57 4.91 -67.97
C ALA J 299 6.09 5.86 -69.08
N GLN J 300 6.68 6.99 -68.72
CA GLN J 300 7.25 7.89 -69.74
C GLN J 300 8.51 7.27 -70.34
N LEU J 301 9.15 6.42 -69.53
CA LEU J 301 10.38 5.73 -69.88
C LEU J 301 10.11 4.36 -70.56
N ALA J 302 8.85 4.08 -70.88
CA ALA J 302 8.44 2.77 -71.39
C ALA J 302 9.00 2.42 -72.78
N SER J 303 9.35 3.43 -73.57
CA SER J 303 9.87 3.19 -74.91
C SER J 303 11.34 2.79 -74.86
N LEU J 304 11.98 3.02 -73.72
CA LEU J 304 13.41 2.83 -73.62
C LEU J 304 13.71 1.34 -73.45
N LYS J 305 14.35 0.76 -74.45
CA LYS J 305 14.74 -0.65 -74.40
C LYS J 305 16.21 -0.92 -73.99
N LEU J 306 17.06 0.11 -73.98
CA LEU J 306 18.49 -0.05 -73.63
C LEU J 306 19.06 1.12 -72.82
N LEU J 307 19.76 0.80 -71.72
CA LEU J 307 20.44 1.83 -70.93
C LEU J 307 21.92 1.50 -70.79
N GLN J 308 22.75 2.35 -71.40
CA GLN J 308 24.20 2.21 -71.29
C GLN J 308 24.66 2.92 -70.04
N VAL J 309 25.49 2.24 -69.25
CA VAL J 309 26.06 2.86 -68.06
C VAL J 309 27.57 2.61 -68.03
N GLY J 310 28.34 3.69 -67.89
CA GLY J 310 29.78 3.60 -67.86
C GLY J 310 30.48 4.86 -67.38
N GLY J 311 31.80 4.86 -67.47
CA GLY J 311 32.57 6.02 -67.07
C GLY J 311 33.06 5.95 -65.63
N ALA J 312 32.38 5.13 -64.83
CA ALA J 312 32.75 5.00 -63.43
C ALA J 312 32.24 3.68 -62.86
N ARG J 313 32.79 3.28 -61.71
CA ARG J 313 32.37 2.03 -61.08
C ARG J 313 30.85 2.02 -60.89
N LEU J 314 30.20 0.98 -61.44
CA LEU J 314 28.80 0.72 -61.17
C LEU J 314 28.78 -0.42 -60.16
N SER J 315 28.02 -0.24 -59.09
CA SER J 315 27.85 -1.31 -58.11
C SER J 315 26.82 -2.32 -58.59
N ALA J 316 27.00 -3.58 -58.22
CA ALA J 316 26.07 -4.64 -58.62
C ALA J 316 24.67 -4.35 -58.09
N THR J 317 24.61 -3.73 -56.90
CA THR J 317 23.35 -3.31 -56.28
C THR J 317 22.58 -2.34 -57.17
N LEU J 318 23.31 -1.36 -57.74
CA LEU J 318 22.71 -0.36 -58.61
C LEU J 318 22.36 -0.92 -59.99
N ALA J 319 23.27 -1.72 -60.55
CA ALA J 319 23.07 -2.36 -61.85
C ALA J 319 21.79 -3.19 -61.87
N ALA J 320 21.58 -3.97 -60.82
CA ALA J 320 20.40 -4.82 -60.69
C ALA J 320 19.08 -4.03 -60.61
N ARG J 321 19.15 -2.83 -60.03
CA ARG J 321 17.97 -1.99 -59.88
C ARG J 321 17.44 -1.49 -61.22
N ILE J 322 18.28 -1.48 -62.25
CA ILE J 322 17.89 -0.91 -63.55
C ILE J 322 16.73 -1.64 -64.27
N PRO J 323 16.90 -2.95 -64.54
CA PRO J 323 15.81 -3.70 -65.18
C PRO J 323 14.64 -3.87 -64.22
N ALA J 324 14.94 -3.89 -62.92
CA ALA J 324 13.94 -4.07 -61.89
C ALA J 324 12.98 -2.89 -61.82
N GLU J 325 13.54 -1.70 -61.55
CA GLU J 325 12.75 -0.49 -61.40
C GLU J 325 12.41 0.27 -62.69
N ILE J 326 13.38 0.40 -63.59
CA ILE J 326 13.16 1.02 -64.90
C ILE J 326 12.56 0.08 -65.97
N GLY J 327 12.98 -1.18 -65.96
CA GLY J 327 12.44 -2.18 -66.87
C GLY J 327 12.97 -2.15 -68.29
N CYS J 328 14.29 -2.07 -68.41
CA CYS J 328 14.95 -2.18 -69.72
C CYS J 328 16.29 -2.84 -69.50
N GLN J 329 17.02 -3.06 -70.60
CA GLN J 329 18.24 -3.82 -70.54
C GLN J 329 19.44 -2.95 -70.20
N LEU J 330 20.33 -3.49 -69.39
CA LEU J 330 21.53 -2.77 -69.01
C LEU J 330 22.71 -3.25 -69.84
N GLN J 331 23.54 -2.31 -70.27
CA GLN J 331 24.81 -2.66 -70.88
C GLN J 331 25.87 -1.84 -70.19
N GLN J 332 26.80 -2.51 -69.52
CA GLN J 332 27.91 -1.80 -68.90
C GLN J 332 28.93 -1.42 -69.97
N VAL J 333 29.42 -0.19 -69.93
CA VAL J 333 30.44 0.23 -70.89
C VAL J 333 31.68 0.68 -70.14
N PHE J 334 32.79 -0.01 -70.38
CA PHE J 334 34.08 0.36 -69.82
C PHE J 334 35.05 0.65 -70.95
N GLY J 335 35.34 1.94 -71.15
CA GLY J 335 36.20 2.38 -72.23
C GLY J 335 36.99 3.61 -71.82
N MET J 336 37.97 3.96 -72.65
CA MET J 336 38.80 5.12 -72.41
C MET J 336 38.95 5.91 -73.70
N ALA J 337 39.22 7.21 -73.60
CA ALA J 337 39.26 8.07 -74.78
C ALA J 337 40.41 7.65 -75.69
N GLU J 338 41.29 6.83 -75.13
CA GLU J 338 42.51 6.40 -75.82
C GLU J 338 42.29 5.20 -76.75
N GLY J 339 41.17 4.50 -76.61
CA GLY J 339 40.93 3.28 -77.38
C GLY J 339 40.00 2.33 -76.64
N LEU J 340 40.11 1.03 -76.92
CA LEU J 340 39.63 0.00 -76.00
C LEU J 340 38.31 0.26 -75.30
N VAL J 341 37.19 0.07 -75.99
CA VAL J 341 35.91 0.02 -75.29
C VAL J 341 35.50 -1.44 -75.01
N ASN J 342 35.16 -1.73 -73.75
CA ASN J 342 34.59 -3.02 -73.38
C ASN J 342 33.08 -2.92 -73.20
N TYR J 343 32.33 -3.81 -73.81
CA TYR J 343 30.90 -3.86 -73.59
C TYR J 343 30.53 -5.18 -72.96
N THR J 344 29.43 -5.20 -72.22
CA THR J 344 28.72 -6.44 -72.02
C THR J 344 27.81 -6.53 -73.23
N ARG J 345 27.65 -7.74 -73.77
CA ARG J 345 26.80 -7.95 -74.94
C ARG J 345 25.31 -7.90 -74.55
N LEU J 346 24.45 -7.71 -75.55
CA LEU J 346 23.01 -7.67 -75.33
C LEU J 346 22.40 -9.06 -75.07
N ASP J 347 23.03 -10.10 -75.59
CA ASP J 347 22.57 -11.47 -75.37
C ASP J 347 23.29 -12.15 -74.20
N ASP J 348 24.08 -11.38 -73.47
CA ASP J 348 24.81 -11.89 -72.32
C ASP J 348 23.90 -12.26 -71.16
N SER J 349 24.41 -13.10 -70.28
CA SER J 349 23.66 -13.54 -69.12
C SER J 349 23.48 -12.37 -68.16
N ALA J 350 22.42 -12.41 -67.38
CA ALA J 350 22.23 -11.40 -66.35
C ALA J 350 23.36 -11.48 -65.31
N GLU J 351 24.01 -12.65 -65.15
CA GLU J 351 25.11 -12.76 -64.21
C GLU J 351 26.27 -11.85 -64.66
N LYS J 352 26.64 -11.96 -65.94
CA LYS J 352 27.76 -11.21 -66.50
C LYS J 352 27.44 -9.71 -66.64
N ILE J 353 26.17 -9.40 -66.89
CA ILE J 353 25.76 -8.01 -67.10
C ILE J 353 25.75 -7.19 -65.82
N ILE J 354 25.37 -7.82 -64.71
CA ILE J 354 25.33 -7.13 -63.44
C ILE J 354 26.70 -7.04 -62.76
N HIS J 355 27.42 -8.16 -62.75
CA HIS J 355 28.72 -8.22 -62.09
C HIS J 355 30.00 -7.77 -62.84
N THR J 356 30.07 -8.02 -64.14
CA THR J 356 31.29 -7.69 -64.87
C THR J 356 31.15 -6.41 -65.70
N GLN J 357 32.26 -5.97 -66.27
CA GLN J 357 32.29 -4.83 -67.17
C GLN J 357 32.29 -5.23 -68.65
N GLY J 358 32.12 -6.52 -68.89
CA GLY J 358 32.06 -7.00 -70.26
C GLY J 358 33.45 -7.28 -70.80
N TYR J 359 33.56 -7.38 -72.12
CA TYR J 359 34.82 -7.67 -72.79
C TYR J 359 34.96 -6.82 -74.05
N PRO J 360 36.18 -6.70 -74.60
CA PRO J 360 36.47 -5.79 -75.72
C PRO J 360 35.55 -5.95 -76.93
N MET J 361 35.30 -4.84 -77.63
CA MET J 361 34.41 -4.82 -78.80
C MET J 361 35.08 -5.48 -80.00
N CYS J 362 36.37 -5.74 -79.87
CA CYS J 362 37.15 -6.31 -80.96
C CYS J 362 37.85 -7.60 -80.55
N PRO J 363 37.86 -8.60 -81.45
CA PRO J 363 38.52 -9.89 -81.19
C PRO J 363 40.03 -9.70 -81.21
N ASP J 364 40.47 -8.68 -81.95
CA ASP J 364 41.87 -8.33 -82.05
C ASP J 364 42.29 -7.28 -81.02
N ASP J 365 41.38 -6.96 -80.10
CA ASP J 365 41.76 -6.21 -78.92
C ASP J 365 42.53 -7.17 -78.00
N GLU J 366 43.76 -6.80 -77.68
CA GLU J 366 44.61 -7.60 -76.81
C GLU J 366 44.60 -7.02 -75.41
N VAL J 367 44.28 -7.85 -74.43
CA VAL J 367 44.32 -7.37 -73.06
C VAL J 367 45.08 -8.33 -72.16
N TRP J 368 46.00 -7.75 -71.38
CA TRP J 368 46.70 -8.45 -70.29
C TRP J 368 46.79 -7.63 -68.99
N VAL J 369 47.07 -8.29 -67.87
CA VAL J 369 47.23 -7.60 -66.59
C VAL J 369 48.70 -7.52 -66.22
N ALA J 370 49.02 -6.86 -65.11
CA ALA J 370 50.41 -6.65 -64.71
C ALA J 370 50.61 -6.63 -63.20
N ASP J 371 51.72 -7.19 -62.76
CA ASP J 371 52.18 -7.02 -61.38
C ASP J 371 52.85 -5.66 -61.32
N ALA J 372 53.57 -5.37 -60.25
CA ALA J 372 54.26 -4.08 -60.15
C ALA J 372 55.44 -3.93 -61.13
N GLU J 373 55.98 -5.03 -61.63
CA GLU J 373 57.10 -4.97 -62.58
C GLU J 373 56.71 -5.09 -64.05
N GLY J 374 55.43 -5.09 -64.32
CA GLY J 374 54.96 -5.07 -65.69
C GLY J 374 55.07 -6.44 -66.31
N ASN J 375 55.28 -7.44 -65.47
CA ASN J 375 55.25 -8.80 -65.93
C ASN J 375 53.80 -9.22 -66.09
N PRO J 376 53.50 -10.06 -67.09
CA PRO J 376 52.14 -10.63 -67.16
C PRO J 376 51.75 -11.34 -65.85
N LEU J 377 50.46 -11.33 -65.52
CA LEU J 377 49.92 -12.09 -64.38
C LEU J 377 48.84 -13.09 -64.83
N GLN J 379 45.59 -14.55 -64.11
CA GLN J 379 44.50 -14.85 -65.05
C GLN J 379 43.18 -15.02 -64.29
N GLY J 380 42.67 -13.91 -63.78
CA GLY J 380 41.65 -13.93 -62.75
C GLY J 380 42.21 -13.39 -61.44
N GLU J 381 43.52 -13.17 -61.44
CA GLU J 381 44.20 -12.41 -60.39
C GLU J 381 44.05 -10.90 -60.74
N VAL J 382 44.60 -9.99 -59.92
CA VAL J 382 44.40 -8.55 -60.13
C VAL J 382 45.67 -7.77 -60.40
N ARG J 384 47.48 -4.35 -63.25
CA ARG J 384 47.34 -3.20 -64.15
C ARG J 384 46.93 -3.64 -65.56
N LEU J 385 45.93 -2.94 -66.11
CA LEU J 385 45.41 -3.23 -67.45
C LEU J 385 46.33 -2.76 -68.59
N MET J 386 46.68 -3.66 -69.49
CA MET J 386 47.48 -3.32 -70.65
C MET J 386 46.71 -3.69 -71.93
N THR J 387 46.76 -2.82 -72.93
CA THR J 387 46.09 -3.10 -74.20
C THR J 387 46.73 -2.41 -75.43
N ARG J 388 46.73 -3.10 -76.56
CA ARG J 388 46.96 -2.45 -77.85
C ARG J 388 45.84 -2.95 -78.76
N GLY J 389 45.66 -2.31 -79.91
CA GLY J 389 44.58 -2.73 -80.77
C GLY J 389 44.37 -1.83 -81.96
N PRO J 390 43.36 -2.15 -82.78
CA PRO J 390 43.05 -1.44 -84.03
C PRO J 390 42.54 -0.01 -83.81
N TYR J 391 41.74 0.21 -82.78
CA TYR J 391 41.32 1.57 -82.42
C TYR J 391 42.01 2.20 -81.21
N THR J 392 42.97 1.50 -80.60
CA THR J 392 43.74 2.08 -79.48
C THR J 392 45.04 2.77 -79.96
N PHE J 393 45.17 4.05 -79.63
CA PHE J 393 46.23 4.90 -80.19
C PHE J 393 47.63 4.51 -79.75
N ARG J 394 48.63 4.94 -80.52
CA ARG J 394 50.02 4.57 -80.23
C ARG J 394 50.81 5.63 -79.46
N GLY J 395 50.20 6.79 -79.23
CA GLY J 395 50.81 7.76 -78.33
C GLY J 395 50.14 9.12 -78.31
N TYR J 396 50.41 9.89 -77.26
CA TYR J 396 49.85 11.22 -77.14
C TYR J 396 50.50 12.22 -78.11
N TYR J 397 49.77 13.31 -78.37
CA TYR J 397 50.21 14.33 -79.32
C TYR J 397 51.28 15.19 -78.71
N LYS J 398 52.43 15.23 -79.36
CA LYS J 398 53.55 16.06 -78.91
C LYS J 398 53.80 15.98 -77.41
N SER J 399 53.83 14.76 -76.87
CA SER J 399 54.11 14.59 -75.45
C SER J 399 55.08 13.44 -75.22
N PRO J 400 56.30 13.55 -75.75
CA PRO J 400 57.26 12.47 -75.73
C PRO J 400 57.60 12.05 -74.30
N GLN J 401 57.57 13.04 -73.39
CA GLN J 401 57.92 12.80 -72.00
C GLN J 401 56.95 11.83 -71.35
N HIS J 402 55.65 12.11 -71.51
CA HIS J 402 54.63 11.24 -70.93
C HIS J 402 54.49 9.91 -71.68
N ASN J 403 54.55 9.97 -73.00
CA ASN J 403 54.49 8.78 -73.84
C ASN J 403 55.43 7.66 -73.39
N ALA J 404 56.61 8.06 -72.91
CA ALA J 404 57.63 7.12 -72.43
C ALA J 404 57.09 6.28 -71.26
N SER J 405 56.36 6.92 -70.36
CA SER J 405 55.78 6.24 -69.20
C SER J 405 54.43 5.53 -69.45
N ALA J 406 53.74 5.89 -70.51
CA ALA J 406 52.40 5.35 -70.75
C ALA J 406 52.37 4.10 -71.65
N PHE J 407 53.50 3.78 -72.26
CA PHE J 407 53.58 2.61 -73.12
C PHE J 407 54.79 1.76 -72.75
N ASP J 408 54.61 0.45 -72.69
CA ASP J 408 55.76 -0.43 -72.52
C ASP J 408 56.46 -0.53 -73.87
N ALA J 409 57.57 -1.26 -73.91
CA ALA J 409 58.39 -1.31 -75.11
C ALA J 409 57.69 -1.97 -76.30
N ASN J 410 56.59 -2.66 -76.04
CA ASN J 410 55.87 -3.40 -77.09
C ASN J 410 54.67 -2.66 -77.68
N GLY J 411 54.39 -1.45 -77.19
CA GLY J 411 53.32 -0.64 -77.74
C GLY J 411 51.99 -0.81 -77.01
N PHE J 412 52.02 -1.55 -75.91
CA PHE J 412 50.84 -1.75 -75.08
C PHE J 412 50.61 -0.50 -74.22
N TYR J 413 49.43 0.09 -74.35
CA TYR J 413 49.08 1.23 -73.52
C TYR J 413 48.67 0.74 -72.14
N CYS J 414 48.92 1.56 -71.12
CA CYS J 414 48.49 1.23 -69.76
C CYS J 414 47.50 2.28 -69.26
N SER J 415 46.30 1.85 -68.90
CA SER J 415 45.23 2.78 -68.57
C SER J 415 45.33 3.27 -67.13
N GLY J 416 46.13 2.58 -66.33
CA GLY J 416 46.24 2.91 -64.93
C GLY J 416 45.09 2.32 -64.13
N ASP J 417 44.37 1.38 -64.76
CA ASP J 417 43.27 0.71 -64.10
C ASP J 417 43.72 -0.65 -63.56
N LEU J 418 43.20 -1.02 -62.37
CA LEU J 418 43.39 -2.36 -61.85
C LEU J 418 42.18 -3.21 -62.21
N ILE J 419 42.42 -4.28 -62.94
CA ILE J 419 41.33 -5.14 -63.35
C ILE J 419 41.65 -6.59 -62.98
N SER J 420 40.67 -7.45 -63.25
CA SER J 420 40.82 -8.90 -63.13
C SER J 420 39.99 -9.54 -64.23
N ILE J 421 40.43 -10.69 -64.75
CA ILE J 421 39.69 -11.34 -65.84
C ILE J 421 39.01 -12.67 -65.47
N ASP J 422 37.75 -12.79 -65.88
CA ASP J 422 36.97 -14.00 -65.66
C ASP J 422 37.63 -15.18 -66.35
N PRO J 423 37.34 -16.39 -65.86
CA PRO J 423 37.57 -17.58 -66.68
C PRO J 423 36.82 -17.48 -68.02
N GLU J 424 35.74 -16.69 -68.07
CA GLU J 424 34.97 -16.49 -69.31
C GLU J 424 35.58 -15.40 -70.19
N THR J 428 36.54 -7.11 -65.05
CA THR J 428 35.96 -6.43 -63.88
C THR J 428 36.95 -5.41 -63.32
N VAL J 429 36.47 -4.19 -63.08
CA VAL J 429 37.36 -3.12 -62.64
C VAL J 429 37.51 -3.17 -61.10
N GLN J 430 38.74 -3.46 -60.64
CA GLN J 430 39.06 -3.60 -59.21
C GLN J 430 39.76 -2.41 -58.51
N GLY J 431 40.08 -1.35 -59.25
CA GLY J 431 40.78 -0.21 -58.66
C GLY J 431 41.60 0.67 -59.60
N ARG J 432 42.18 1.75 -59.09
CA ARG J 432 43.03 2.65 -59.88
C ARG J 432 44.35 2.96 -59.17
N GLU J 433 45.46 2.78 -59.87
CA GLU J 433 46.80 2.84 -59.30
C GLU J 433 47.42 4.24 -59.34
N LYS J 434 46.61 5.22 -59.70
CA LYS J 434 47.10 6.57 -59.91
C LYS J 434 46.44 7.61 -58.99
N ASP J 435 47.06 8.79 -58.94
CA ASP J 435 46.71 9.87 -58.03
C ASP J 435 45.54 10.73 -58.53
N GLN J 436 44.84 10.16 -59.50
CA GLN J 436 43.72 10.76 -60.21
C GLN J 436 42.42 10.54 -59.44
N ILE J 437 41.53 11.52 -59.47
CA ILE J 437 40.25 11.42 -58.79
C ILE J 437 39.16 11.31 -59.83
N ASN J 438 38.23 10.38 -59.63
CA ASN J 438 37.20 10.14 -60.62
C ASN J 438 35.87 10.60 -60.08
N ARG J 439 35.42 11.75 -60.55
CA ARG J 439 34.30 12.44 -59.90
C ARG J 439 33.10 12.54 -60.84
N GLY J 440 32.06 11.75 -60.56
CA GLY J 440 30.98 11.59 -61.51
C GLY J 440 31.48 11.10 -62.87
N GLY J 441 32.65 10.50 -62.90
CA GLY J 441 33.22 10.05 -64.16
C GLY J 441 33.95 11.13 -64.93
N GLU J 442 34.25 12.25 -64.26
CA GLU J 442 35.17 13.26 -64.78
C GLU J 442 36.51 13.10 -64.08
N LYS J 443 37.58 12.85 -64.84
CA LYS J 443 38.89 12.68 -64.21
C LYS J 443 39.45 14.04 -63.71
N ILE J 444 40.13 14.01 -62.56
CA ILE J 444 40.76 15.19 -61.97
C ILE J 444 42.20 14.87 -61.57
N ALA J 445 43.18 15.55 -62.16
CA ALA J 445 44.58 15.25 -61.87
C ALA J 445 44.98 15.83 -60.52
N ALA J 446 45.43 14.98 -59.60
CA ALA J 446 45.71 15.45 -58.25
C ALA J 446 46.79 16.51 -58.25
N GLU J 447 47.86 16.24 -58.98
CA GLU J 447 49.00 17.14 -59.02
C GLU J 447 48.62 18.49 -59.62
N GLU J 448 47.72 18.48 -60.59
CA GLU J 448 47.33 19.71 -61.28
C GLU J 448 46.72 20.68 -60.30
N ILE J 449 45.95 20.12 -59.38
CA ILE J 449 45.24 20.90 -58.36
C ILE J 449 46.14 21.27 -57.17
N GLU J 450 46.97 20.35 -56.75
CA GLU J 450 47.93 20.65 -55.71
C GLU J 450 48.78 21.86 -56.12
N ASN J 451 49.24 21.87 -57.37
CA ASN J 451 50.10 22.95 -57.85
C ASN J 451 49.41 24.29 -57.82
N LEU J 452 48.09 24.26 -57.96
CA LEU J 452 47.30 25.49 -57.86
C LEU J 452 47.15 25.93 -56.41
N LEU J 453 46.92 24.97 -55.53
CA LEU J 453 46.83 25.23 -54.10
C LEU J 453 48.12 25.85 -53.56
N LEU J 454 49.26 25.41 -54.08
CA LEU J 454 50.56 25.94 -53.66
C LEU J 454 50.80 27.37 -54.12
N ARG J 455 49.92 27.85 -54.99
CA ARG J 455 49.99 29.23 -55.50
C ARG J 455 49.47 30.17 -54.42
N HIS J 456 48.76 29.60 -53.45
CA HIS J 456 48.19 30.36 -52.35
C HIS J 456 49.25 30.62 -51.28
N PRO J 457 49.26 31.84 -50.74
CA PRO J 457 50.28 32.30 -49.80
C PRO J 457 50.35 31.51 -48.49
N ALA J 458 49.20 31.07 -47.98
CA ALA J 458 49.15 30.41 -46.69
C ALA J 458 49.30 28.90 -46.79
N VAL J 459 49.43 28.39 -48.01
CA VAL J 459 49.53 26.95 -48.17
C VAL J 459 50.98 26.53 -48.28
N ILE J 460 51.40 25.64 -47.37
CA ILE J 460 52.76 25.14 -47.36
C ILE J 460 52.86 23.82 -48.12
N TYR J 461 52.10 22.83 -47.66
CA TYR J 461 52.05 21.52 -48.34
C TYR J 461 50.61 21.18 -48.73
N ALA J 462 50.43 20.56 -49.88
CA ALA J 462 49.09 20.28 -50.35
C ALA J 462 48.97 18.87 -50.89
N ALA J 463 47.82 18.25 -50.63
CA ALA J 463 47.54 16.92 -51.14
C ALA J 463 46.07 16.75 -51.51
N LEU J 464 45.82 16.18 -52.68
CA LEU J 464 44.45 15.93 -53.06
C LEU J 464 44.25 14.44 -53.17
N VAL J 465 43.25 13.93 -52.44
CA VAL J 465 42.90 12.52 -52.46
C VAL J 465 41.42 12.35 -52.72
N SER J 466 41.03 11.19 -53.24
CA SER J 466 39.62 10.90 -53.40
C SER J 466 38.96 10.55 -52.06
N MET J 467 37.63 10.61 -52.02
CA MET J 467 36.87 10.15 -50.86
C MET J 467 35.52 9.63 -51.33
N GLU J 468 34.97 8.68 -50.59
CA GLU J 468 33.70 8.05 -50.95
C GLU J 468 32.53 9.03 -50.90
N ASP J 469 31.62 8.91 -51.86
CA ASP J 469 30.33 9.62 -51.81
C ASP J 469 29.29 8.68 -52.39
N GLU J 470 28.16 8.52 -51.69
CA GLU J 470 27.13 7.59 -52.14
C GLU J 470 26.66 7.96 -53.55
N LEU J 471 26.53 9.26 -53.80
CA LEU J 471 25.98 9.76 -55.07
C LEU J 471 27.00 9.97 -56.20
N MET J 472 27.96 10.89 -55.99
CA MET J 472 29.01 11.18 -56.98
C MET J 472 29.93 9.97 -57.23
N GLY J 473 30.02 9.10 -56.23
CA GLY J 473 30.81 7.89 -56.25
C GLY J 473 32.20 8.13 -55.73
N GLU J 474 32.70 9.35 -55.96
CA GLU J 474 33.97 9.84 -55.40
C GLU J 474 33.88 11.35 -55.34
N LYS J 475 34.50 11.96 -54.35
CA LYS J 475 34.61 13.42 -54.32
C LYS J 475 36.04 13.79 -53.96
N SER J 476 36.45 15.00 -54.31
CA SER J 476 37.81 15.46 -54.01
C SER J 476 37.87 16.02 -52.60
N CYS J 477 38.91 15.64 -51.88
CA CYS J 477 39.20 16.23 -50.58
C CYS J 477 40.65 16.72 -50.52
N ALA J 478 40.85 17.99 -50.20
CA ALA J 478 42.18 18.56 -50.15
C ALA J 478 42.68 18.68 -48.71
N TYR J 479 43.82 18.07 -48.43
CA TYR J 479 44.48 18.21 -47.13
C TYR J 479 45.60 19.24 -47.21
N LEU J 480 45.53 20.26 -46.37
CA LEU J 480 46.49 21.36 -46.40
C LEU J 480 47.24 21.55 -45.08
N VAL J 481 48.49 21.98 -45.17
CA VAL J 481 49.22 22.48 -44.01
C VAL J 481 49.45 23.97 -44.18
N VAL J 482 49.06 24.71 -43.17
CA VAL J 482 48.83 26.14 -43.36
C VAL J 482 49.56 27.06 -42.37
N LYS J 483 50.04 28.19 -42.89
CA LYS J 483 50.50 29.33 -42.08
C LYS J 483 49.38 29.94 -41.24
N GLU J 484 48.41 30.57 -41.89
CA GLU J 484 47.25 31.17 -41.23
C GLU J 484 45.97 30.49 -41.67
N PRO J 485 45.00 30.37 -40.76
CA PRO J 485 43.83 29.49 -40.90
C PRO J 485 43.11 29.66 -42.24
N LEU J 486 42.80 28.55 -42.92
CA LEU J 486 41.99 28.64 -44.14
C LEU J 486 40.68 27.87 -44.04
N ARG J 487 39.62 28.43 -44.59
CA ARG J 487 38.31 27.80 -44.57
C ARG J 487 37.96 27.31 -45.98
N ALA J 488 37.23 26.20 -46.07
CA ALA J 488 36.96 25.57 -47.36
C ALA J 488 36.45 26.57 -48.40
N VAL J 489 35.52 27.41 -48.02
CA VAL J 489 34.99 28.40 -48.93
C VAL J 489 36.10 29.23 -49.59
N GLN J 490 37.05 29.69 -48.80
CA GLN J 490 38.12 30.54 -49.31
C GLN J 490 38.97 29.79 -50.32
N VAL J 491 39.17 28.50 -50.07
CA VAL J 491 39.98 27.69 -50.96
C VAL J 491 39.25 27.54 -52.27
N ARG J 492 38.00 27.10 -52.20
CA ARG J 492 37.22 26.88 -53.40
C ARG J 492 37.16 28.20 -54.17
N ARG J 493 36.93 29.29 -53.46
CA ARG J 493 36.89 30.62 -54.11
C ARG J 493 38.27 30.98 -54.72
N PHE J 494 39.35 30.70 -54.00
CA PHE J 494 40.68 31.02 -54.50
C PHE J 494 40.98 30.24 -55.77
N LEU J 495 40.67 28.96 -55.74
CA LEU J 495 40.87 28.10 -56.89
C LEU J 495 40.00 28.55 -58.06
N ARG J 496 38.76 28.95 -57.78
CA ARG J 496 37.87 29.37 -58.85
C ARG J 496 38.46 30.54 -59.62
N GLU J 497 39.03 31.49 -58.87
CA GLU J 497 39.70 32.65 -59.44
C GLU J 497 40.91 32.24 -60.30
N GLN J 498 41.36 31.00 -60.17
CA GLN J 498 42.50 30.52 -60.95
C GLN J 498 42.07 30.09 -62.34
N GLY J 499 40.77 30.17 -62.59
CA GLY J 499 40.21 29.86 -63.89
C GLY J 499 40.28 28.39 -64.24
N ILE J 500 39.69 27.55 -63.41
CA ILE J 500 39.61 26.13 -63.70
C ILE J 500 38.16 25.67 -63.72
N ALA J 501 37.94 24.51 -64.35
CA ALA J 501 36.62 23.91 -64.44
C ALA J 501 36.00 23.72 -63.06
N GLU J 502 34.72 24.02 -62.95
CA GLU J 502 34.03 24.06 -61.67
C GLU J 502 34.09 22.78 -60.81
N PHE J 503 34.20 21.62 -61.46
CA PHE J 503 34.19 20.35 -60.72
C PHE J 503 35.56 20.00 -60.13
N LYS J 504 36.57 20.80 -60.44
CA LYS J 504 37.88 20.61 -59.86
C LYS J 504 37.96 21.21 -58.45
N LEU J 505 37.12 22.22 -58.18
CA LEU J 505 37.00 22.77 -56.82
C LEU J 505 36.69 21.64 -55.83
N PRO J 506 37.53 21.49 -54.81
CA PRO J 506 37.47 20.40 -53.84
C PRO J 506 36.18 20.42 -53.04
N ASP J 507 35.59 19.25 -52.79
CA ASP J 507 34.31 19.19 -52.08
C ASP J 507 34.48 19.30 -50.58
N ARG J 508 35.69 19.05 -50.12
CA ARG J 508 35.97 19.16 -48.70
C ARG J 508 37.42 19.58 -48.53
N VAL J 509 37.67 20.42 -47.53
CA VAL J 509 39.03 20.84 -47.21
C VAL J 509 39.32 20.63 -45.74
N GLU J 510 40.44 20.01 -45.45
CA GLU J 510 40.83 19.76 -44.08
C GLU J 510 42.22 20.29 -43.85
N CYS J 511 42.34 21.28 -42.96
CA CYS J 511 43.65 21.75 -42.54
C CYS J 511 44.19 20.86 -41.43
N VAL J 512 45.46 20.47 -41.56
CA VAL J 512 46.08 19.51 -40.66
C VAL J 512 47.45 20.02 -40.21
N ASP J 513 48.02 19.40 -39.17
CA ASP J 513 49.34 19.80 -38.62
C ASP J 513 50.52 19.39 -39.50
N SER J 514 50.51 18.14 -39.93
CA SER J 514 51.64 17.54 -40.59
C SER J 514 51.20 17.03 -41.95
N LEU J 515 52.15 16.75 -42.82
CA LEU J 515 51.86 15.88 -43.96
C LEU J 515 53.11 15.05 -44.26
N PRO J 516 52.94 13.79 -44.71
CA PRO J 516 54.12 12.98 -45.02
C PRO J 516 54.84 13.59 -46.21
N LEU J 517 56.15 13.84 -46.09
CA LEU J 517 56.92 14.35 -47.22
C LEU J 517 58.09 13.45 -47.58
N THR J 518 58.39 13.28 -48.87
CA THR J 518 59.49 12.37 -49.24
C THR J 518 60.87 12.99 -49.11
N ALA J 519 61.87 12.19 -49.46
CA ALA J 519 63.23 12.66 -49.62
C ALA J 519 63.28 13.89 -50.53
N VAL J 520 62.49 13.87 -51.60
CA VAL J 520 62.54 14.88 -52.64
C VAL J 520 61.76 16.16 -52.28
N GLY J 521 60.99 16.11 -51.20
CA GLY J 521 60.25 17.28 -50.77
C GLY J 521 58.82 17.44 -51.27
N LYS J 522 58.20 16.34 -51.70
CA LYS J 522 56.77 16.31 -52.10
C LYS J 522 55.97 15.35 -51.19
N VAL J 523 54.66 15.55 -51.07
CA VAL J 523 53.85 14.67 -50.21
C VAL J 523 53.95 13.20 -50.62
N ASP J 524 53.81 12.32 -49.63
CA ASP J 524 53.81 10.89 -49.89
C ASP J 524 52.37 10.45 -49.86
N LYS J 525 51.83 10.21 -51.05
CA LYS J 525 50.39 10.10 -51.23
C LYS J 525 49.88 8.66 -51.04
N LYS J 526 50.78 7.78 -50.60
CA LYS J 526 50.45 6.43 -50.13
C LYS J 526 50.40 6.43 -48.60
N GLN J 527 51.52 6.81 -48.00
CA GLN J 527 51.64 6.96 -46.55
C GLN J 527 50.49 7.79 -46.04
N LEU J 528 50.30 8.97 -46.64
CA LEU J 528 49.11 9.77 -46.38
C LEU J 528 47.85 8.95 -46.56
N ARG J 529 47.61 8.52 -47.80
CA ARG J 529 46.36 7.85 -48.12
C ARG J 529 46.06 6.75 -47.08
N GLN J 530 47.09 6.00 -46.67
CA GLN J 530 46.94 4.89 -45.71
C GLN J 530 47.24 5.19 -44.24
N TRP J 531 47.56 6.43 -43.89
CA TRP J 531 47.45 6.85 -42.49
C TRP J 531 46.00 7.16 -42.25
N LEU J 532 45.39 7.70 -43.29
CA LEU J 532 44.00 8.07 -43.22
C LEU J 532 43.12 6.80 -43.35
N ALA J 533 43.69 5.74 -43.91
CA ALA J 533 43.03 4.43 -43.88
C ALA J 533 43.02 3.84 -42.46
N SER J 534 44.07 4.18 -41.70
CA SER J 534 44.23 3.73 -40.32
C SER J 534 43.34 4.50 -39.35
N ARG J 535 43.52 5.81 -39.29
CA ARG J 535 42.61 6.67 -38.52
C ARG J 535 41.16 6.33 -38.90
N ALA J 536 40.93 5.93 -40.14
CA ALA J 536 39.61 5.49 -40.63
C ALA J 536 39.08 4.15 -40.09
N SER J 537 39.91 3.12 -40.06
CA SER J 537 39.53 1.84 -39.47
C SER J 537 39.26 2.03 -37.97
N ALA J 538 40.00 2.96 -37.34
CA ALA J 538 39.79 3.37 -35.95
C ALA J 538 38.36 3.87 -35.70
N GLY J 539 37.77 4.49 -36.71
CA GLY J 539 36.36 4.85 -36.68
C GLY J 539 35.48 3.61 -36.69
N ARG J 540 35.80 2.62 -37.52
CA ARG J 540 35.05 1.37 -37.58
C ARG J 540 34.77 0.77 -36.19
N ALA J 541 35.78 0.87 -35.31
CA ALA J 541 35.69 0.32 -33.95
C ALA J 541 35.34 1.34 -32.85
N SER J 542 35.12 2.61 -33.23
CA SER J 542 35.05 3.68 -32.24
C SER J 542 33.83 3.50 -31.35
N ILE J 543 34.07 3.38 -30.04
CA ILE J 543 33.01 3.18 -29.05
C ILE J 543 33.07 4.23 -27.94
N PRO J 544 31.94 4.51 -27.31
CA PRO J 544 31.88 5.71 -26.48
C PRO J 544 33.00 5.82 -25.44
N ALA J 545 33.62 6.99 -25.45
CA ALA J 545 34.68 7.33 -24.52
C ALA J 545 34.13 8.03 -23.27
N SER J 546 32.87 8.45 -23.35
CA SER J 546 32.32 9.31 -22.33
C SER J 546 30.88 8.89 -22.06
N LYS J 547 30.38 9.12 -20.85
CA LYS J 547 28.97 8.86 -20.62
C LYS J 547 28.13 9.79 -21.48
N ALA J 548 28.60 11.02 -21.63
CA ALA J 548 27.91 12.01 -22.46
C ALA J 548 28.11 11.72 -23.94
N ALA J 549 29.19 11.01 -24.25
CA ALA J 549 29.47 10.60 -25.62
C ALA J 549 28.61 9.40 -25.98
N LEU J 550 28.23 8.62 -24.97
CA LEU J 550 27.35 7.48 -25.16
C LEU J 550 25.92 7.91 -25.33
N ARG J 551 25.52 8.97 -24.61
CA ARG J 551 24.21 9.58 -24.81
C ARG J 551 24.07 10.02 -26.26
N GLU J 552 25.14 10.61 -26.80
CA GLU J 552 25.13 11.16 -28.14
C GLU J 552 24.86 10.06 -29.17
N VAL J 553 25.33 8.87 -28.86
CA VAL J 553 25.18 7.74 -29.78
C VAL J 553 23.79 7.10 -29.69
N ILE J 554 23.21 7.11 -28.49
CA ILE J 554 21.92 6.50 -28.23
C ILE J 554 20.73 7.34 -28.74
N LEU J 555 20.77 8.64 -28.47
CA LEU J 555 19.64 9.52 -28.78
C LEU J 555 18.99 9.36 -30.16
N PRO J 556 19.80 9.28 -31.22
CA PRO J 556 19.27 9.08 -32.59
C PRO J 556 18.49 7.78 -32.75
N LEU J 557 18.63 6.85 -31.81
CA LEU J 557 17.98 5.54 -31.91
C LEU J 557 16.60 5.52 -31.25
N LEU J 558 16.29 6.58 -30.53
CA LEU J 558 15.06 6.64 -29.76
C LEU J 558 14.06 7.55 -30.46
N ASP J 559 12.90 7.71 -29.86
CA ASP J 559 11.93 8.70 -30.29
C ASP J 559 12.57 10.08 -30.15
N GLU J 560 12.55 10.86 -31.23
CA GLU J 560 13.04 12.23 -31.22
C GLU J 560 12.24 13.05 -30.19
N SER J 561 11.05 12.57 -29.86
CA SER J 561 10.11 13.29 -29.00
C SER J 561 10.60 13.67 -27.59
N ASP J 562 11.30 12.76 -26.89
CA ASP J 562 11.68 12.98 -25.48
C ASP J 562 13.16 12.69 -25.28
N GLU J 563 13.68 13.08 -24.12
CA GLU J 563 15.03 12.64 -23.76
C GLU J 563 14.99 11.93 -22.40
N PRO J 564 15.70 10.80 -22.29
CA PRO J 564 15.71 9.96 -21.09
C PRO J 564 16.66 10.43 -20.02
N PHE J 565 16.30 10.13 -18.77
CA PHE J 565 17.22 10.33 -17.67
C PHE J 565 18.15 9.14 -17.72
N ASP J 566 19.39 9.33 -17.25
CA ASP J 566 20.39 8.28 -17.38
C ASP J 566 19.91 6.92 -16.86
N ASP J 567 19.01 6.90 -15.87
CA ASP J 567 18.54 5.64 -15.30
C ASP J 567 17.21 5.10 -15.85
N ASP J 568 16.60 5.83 -16.81
CA ASP J 568 15.35 5.44 -17.47
C ASP J 568 15.55 4.21 -18.33
N ASN J 569 14.50 3.39 -18.46
CA ASN J 569 14.55 2.24 -19.38
C ASN J 569 14.39 2.69 -20.84
N LEU J 570 15.41 2.42 -21.65
CA LEU J 570 15.48 2.95 -23.00
C LEU J 570 14.44 2.41 -23.98
N ILE J 571 13.82 1.28 -23.64
CA ILE J 571 12.77 0.73 -24.49
C ILE J 571 11.52 1.64 -24.45
N ASP J 572 11.26 2.23 -23.28
CA ASP J 572 10.14 3.15 -23.09
C ASP J 572 10.34 4.38 -23.95
N TYR J 573 11.58 4.59 -24.39
CA TYR J 573 11.92 5.70 -25.28
C TYR J 573 12.01 5.28 -26.75
N GLY J 574 11.66 4.02 -27.03
CA GLY J 574 11.48 3.55 -28.40
C GLY J 574 12.67 2.91 -29.08
N LEU J 575 13.66 2.53 -28.29
CA LEU J 575 14.82 1.83 -28.80
C LEU J 575 14.43 0.40 -29.02
N ASP J 576 14.58 -0.09 -30.26
CA ASP J 576 14.12 -1.42 -30.67
C ASP J 576 15.22 -2.49 -30.57
N SER J 577 14.82 -3.71 -30.23
CA SER J 577 15.77 -4.78 -29.96
C SER J 577 16.83 -4.96 -31.04
N VAL J 578 16.50 -4.72 -32.32
CA VAL J 578 17.49 -4.94 -33.36
C VAL J 578 18.66 -3.96 -33.28
N ARG J 579 18.38 -2.66 -33.17
CA ARG J 579 19.43 -1.64 -33.02
C ARG J 579 20.28 -1.93 -31.79
N MET J 580 19.66 -2.53 -30.79
CA MET J 580 20.35 -2.88 -29.56
C MET J 580 21.36 -4.00 -29.81
N MET J 581 20.93 -5.03 -30.53
CA MET J 581 21.80 -6.14 -30.87
C MET J 581 23.07 -5.63 -31.53
N ALA J 582 22.87 -4.72 -32.46
CA ALA J 582 23.96 -4.08 -33.19
C ALA J 582 24.91 -3.28 -32.29
N LEU J 583 24.36 -2.45 -31.42
CA LEU J 583 25.19 -1.77 -30.41
C LEU J 583 26.04 -2.79 -29.61
N ALA J 584 25.42 -3.90 -29.21
CA ALA J 584 26.11 -4.96 -28.47
C ALA J 584 27.28 -5.48 -29.28
N ALA J 585 27.04 -5.81 -30.55
CA ALA J 585 28.09 -6.28 -31.46
C ALA J 585 29.26 -5.29 -31.58
N ARG J 586 28.94 -4.00 -31.78
CA ARG J 586 29.96 -2.96 -31.86
C ARG J 586 30.77 -2.85 -30.56
N TRP J 587 30.14 -3.03 -29.42
CA TRP J 587 30.85 -2.91 -28.14
C TRP J 587 31.59 -4.17 -27.72
N ARG J 588 31.21 -5.31 -28.29
CA ARG J 588 31.83 -6.60 -27.93
C ARG J 588 33.29 -6.61 -28.42
N LYS J 589 33.53 -5.88 -29.50
CA LYS J 589 34.88 -5.79 -30.06
C LYS J 589 35.86 -5.13 -29.09
N VAL J 590 35.37 -4.59 -27.97
CA VAL J 590 36.23 -3.98 -26.96
C VAL J 590 36.14 -4.74 -25.62
N HIS J 591 34.93 -4.80 -25.06
CA HIS J 591 34.67 -5.73 -23.96
C HIS J 591 33.92 -6.94 -24.51
N GLY J 592 34.61 -8.06 -24.59
CA GLY J 592 34.12 -9.21 -25.33
C GLY J 592 33.14 -10.08 -24.57
N ASP J 593 32.76 -9.64 -23.38
CA ASP J 593 31.74 -10.34 -22.58
C ASP J 593 30.33 -9.81 -22.85
N ILE J 594 30.27 -8.69 -23.57
CA ILE J 594 29.00 -8.04 -23.90
C ILE J 594 28.34 -8.73 -25.09
N ASP J 595 27.11 -9.18 -24.86
CA ASP J 595 26.26 -9.74 -25.92
C ASP J 595 24.92 -9.01 -25.92
N PHE J 596 23.99 -9.46 -26.75
CA PHE J 596 22.69 -8.83 -26.77
C PHE J 596 22.00 -8.96 -25.42
N VAL J 597 21.98 -10.18 -24.90
CA VAL J 597 21.25 -10.47 -23.68
C VAL J 597 21.67 -9.58 -22.50
N MET J 598 22.95 -9.28 -22.42
CA MET J 598 23.44 -8.55 -21.29
C MET J 598 22.93 -7.14 -21.34
N LEU J 599 22.97 -6.54 -22.52
CA LEU J 599 22.50 -5.17 -22.72
C LEU J 599 21.04 -5.03 -22.32
N ALA J 600 20.25 -5.99 -22.75
CA ALA J 600 18.82 -5.93 -22.58
C ALA J 600 18.36 -6.27 -21.17
N LYS J 601 19.17 -7.03 -20.42
CA LYS J 601 18.82 -7.38 -19.04
C LYS J 601 18.54 -6.13 -18.19
N ASN J 602 19.37 -5.11 -18.33
CA ASN J 602 19.11 -3.79 -17.78
C ASN J 602 19.54 -2.66 -18.75
N PRO J 603 18.60 -2.23 -19.63
CA PRO J 603 18.89 -1.27 -20.70
C PRO J 603 18.78 0.20 -20.30
N THR J 604 19.67 0.67 -19.44
CA THR J 604 19.71 2.09 -19.09
C THR J 604 21.06 2.68 -19.52
N ILE J 605 21.16 3.98 -19.72
CA ILE J 605 22.45 4.55 -20.06
C ILE J 605 23.46 4.36 -18.92
N ASP J 606 22.99 4.44 -17.67
CA ASP J 606 23.82 4.20 -16.50
C ASP J 606 24.44 2.81 -16.55
N ALA J 607 23.60 1.82 -16.80
CA ALA J 607 24.01 0.42 -16.84
C ALA J 607 25.04 0.18 -17.90
N TRP J 608 24.81 0.76 -19.06
CA TRP J 608 25.70 0.57 -20.19
C TRP J 608 27.02 1.33 -20.03
N TRP J 609 26.99 2.39 -19.23
CA TRP J 609 28.21 3.12 -18.97
C TRP J 609 29.08 2.33 -17.99
N LYS J 610 28.46 1.81 -16.93
CA LYS J 610 29.20 0.98 -15.97
C LYS J 610 29.90 -0.14 -16.73
N LEU J 611 29.31 -0.56 -17.85
CA LEU J 611 29.85 -1.65 -18.66
C LEU J 611 31.01 -1.28 -19.55
N LEU J 612 31.01 -0.05 -20.04
CA LEU J 612 32.06 0.43 -20.94
C LEU J 612 33.19 1.17 -20.22
N SER J 613 32.98 1.44 -18.93
CA SER J 613 33.85 2.32 -18.13
C SER J 613 34.95 1.57 -17.35
N ARG J 614 35.10 0.28 -17.66
CA ARG J 614 36.15 -0.57 -17.09
C ARG J 614 37.30 -0.77 -18.10
N GLU J 615 38.55 -0.81 -17.60
CA GLU J 615 39.75 -0.93 -18.47
C GLU J 615 39.70 -2.08 -19.49
S SVS K . -28.82 -63.58 6.75
N1 SVS K . -23.82 -63.25 15.53
C2 SVS K . -22.97 -63.81 14.68
N3 SVS K . -23.33 -64.12 13.43
C4 SVS K . -24.58 -63.88 12.96
C5 SVS K . -25.49 -63.30 13.83
C6 SVS K . -25.09 -62.99 15.13
N6 SVS K . -25.97 -62.41 16.00
N7 SVS K . -26.65 -63.17 13.15
C8 SVS K . -26.47 -63.67 11.90
N9 SVS K . -25.20 -64.10 11.79
C1' SVS K . -24.65 -64.69 10.53
C14 SVS K . -32.07 -62.34 10.06
O14 SVS K . -32.81 -62.90 9.08
C15 SVS K . -32.69 -62.19 11.32
C16 SVS K . -32.01 -61.62 12.38
C17 SVS K . -30.68 -61.21 12.18
C18 SVS K . -30.05 -61.35 10.94
C19 SVS K . -30.74 -61.92 9.87
O1P SVS K . -29.35 -64.73 6.04
C2' SVS K . -24.65 -66.21 10.45
O2' SVS K . -23.55 -66.52 9.60
C21 SVS K . -29.99 -61.96 8.53
C22 SVS K . -29.96 -63.36 7.94
O2P SVS K . -28.59 -62.45 5.88
C3' SVS K . -25.91 -66.56 9.71
O3' SVS K . -25.86 -67.79 8.98
C4' SVS K . -25.97 -65.41 8.73
O4' SVS K . -25.53 -64.28 9.49
C5' SVS K . -27.34 -65.17 8.14
N5' SVS K . -27.39 -63.93 7.37
O23 PNS L . 12.70 -41.44 33.70
P24 PNS L . 12.57 -42.93 33.37
O26 PNS L . 13.68 -43.92 33.59
O27 PNS L . 11.27 -43.50 34.16
C28 PNS L . 10.01 -42.78 34.12
C29 PNS L . 9.28 -43.06 35.42
C30 PNS L . 9.02 -44.56 35.60
C31 PNS L . 8.00 -42.26 35.54
C32 PNS L . 10.24 -42.52 36.45
O33 PNS L . 10.32 -41.11 36.30
C34 PNS L . 9.83 -42.83 37.86
O35 PNS L . 10.23 -43.85 38.40
N36 PNS L . 9.07 -41.90 38.41
C37 PNS L . 8.52 -41.93 39.76
C38 PNS L . 8.26 -40.48 40.17
C39 PNS L . 8.19 -40.45 41.69
O40 PNS L . 8.76 -41.30 42.35
N41 PNS L . 7.49 -39.51 42.29
C42 PNS L . 7.40 -39.46 43.73
C43 PNS L . 7.19 -37.98 44.01
S44 PNS L . 7.49 -37.65 45.77
I IOD M . 9.21 -53.85 17.99
I IOD N . -46.52 -77.16 3.41
I IOD O . -46.89 -66.59 20.57
I IOD P . -28.47 -55.32 29.29
S SVS Q . 6.69 -34.13 45.62
N1 SVS Q . -2.23 -35.78 41.67
C2 SVS Q . -1.73 -34.68 41.08
N3 SVS Q . -0.57 -34.12 41.45
C4 SVS Q . 0.11 -34.69 42.43
C5 SVS Q . -0.37 -35.82 43.06
C6 SVS Q . -1.57 -36.37 42.65
N6 SVS Q . -2.04 -37.49 43.26
N7 SVS Q . 0.50 -36.17 44.02
C8 SVS Q . 1.50 -35.26 43.97
N9 SVS Q . 1.27 -34.37 43.00
C1' SVS Q . 2.11 -33.21 42.65
C14 SVS Q . 4.83 -37.35 48.38
O14 SVS Q . 5.70 -36.59 49.09
C15 SVS Q . 3.86 -38.05 49.09
C16 SVS Q . 2.95 -38.84 48.41
C17 SVS Q . 3.03 -38.92 47.03
C18 SVS Q . 3.99 -38.22 46.31
C19 SVS Q . 4.91 -37.42 46.99
O1P SVS Q . 6.88 -32.92 46.38
C2' SVS Q . 1.55 -31.90 43.22
O2' SVS Q . 1.64 -30.90 42.21
C21 SVS Q . 5.98 -36.68 46.16
C22 SVS Q . 6.32 -35.31 46.74
O2P SVS Q . 7.89 -34.38 44.85
C3' SVS Q . 2.48 -31.62 44.40
O3' SVS Q . 2.64 -30.23 44.71
C4' SVS Q . 3.80 -32.27 43.98
O4' SVS Q . 3.43 -33.40 43.18
C5' SVS Q . 4.63 -32.75 45.15
N5' SVS Q . 5.44 -33.86 44.69
O23 PNS R . -22.22 -50.13 3.30
P24 PNS R . -22.34 -48.79 3.99
O26 PNS R . -23.21 -47.76 3.33
O27 PNS R . -22.89 -49.14 5.46
C28 PNS R . -22.25 -50.22 6.14
C29 PNS R . -23.29 -50.99 6.93
C30 PNS R . -23.95 -49.99 7.86
C31 PNS R . -22.61 -52.10 7.71
C32 PNS R . -24.30 -51.58 5.96
O33 PNS R . -23.75 -52.53 5.04
C34 PNS R . -25.48 -52.18 6.66
O35 PNS R . -26.45 -51.50 6.86
N36 PNS R . -25.45 -53.44 7.01
C37 PNS R . -26.58 -54.11 7.67
C38 PNS R . -26.53 -55.57 7.22
C39 PNS R . -27.87 -56.21 7.46
O40 PNS R . -28.85 -55.50 7.37
N41 PNS R . -27.93 -57.53 7.74
C42 PNS R . -29.12 -58.32 8.02
C43 PNS R . -29.04 -59.60 7.18
S44 PNS R . -30.56 -60.62 7.34
I IOD S . 15.41 -29.67 45.77
I IOD T . 9.03 -27.44 67.20
I IOD U . -11.12 -34.56 10.66
I IOD V . -6.21 -33.29 73.13
I IOD W . -11.45 -49.54 43.45
S SVS X . 50.76 -32.97 -2.66
N1 SVS X . 55.89 -24.57 -1.44
C2 SVS X . 56.79 -25.55 -1.71
N3 SVS X . 56.40 -26.81 -1.86
C4 SVS X . 55.09 -27.14 -1.73
C5 SVS X . 54.16 -26.16 -1.45
C6 SVS X . 54.58 -24.85 -1.30
N6 SVS X . 53.70 -23.84 -1.01
N7 SVS X . 52.95 -26.76 -1.36
C8 SVS X . 53.16 -28.08 -1.58
N9 SVS X . 54.45 -28.31 -1.80
C1' SVS X . 55.02 -29.63 -2.12
C14 SVS X . 47.60 -30.39 -0.49
O14 SVS X . 47.22 -31.66 -0.23
C15 SVS X . 47.10 -29.42 0.37
C16 SVS X . 47.44 -28.09 0.18
C17 SVS X . 48.26 -27.72 -0.86
C18 SVS X . 48.76 -28.68 -1.73
C19 SVS X . 48.44 -30.03 -1.56
O1P SVS X . 51.13 -34.16 -1.91
C2' SVS X . 55.88 -30.29 -1.04
O2' SVS X . 56.99 -30.81 -1.78
C21 SVS X . 49.05 -31.00 -2.58
C22 SVS X . 49.42 -32.32 -1.94
O2P SVS X . 50.50 -33.26 -4.06
C3' SVS X . 55.00 -31.38 -0.50
O3' SVS X . 55.69 -32.53 0.01
C4' SVS X . 54.23 -31.77 -1.73
O4' SVS X . 53.94 -30.52 -2.34
C5' SVS X . 52.92 -32.47 -1.45
N5' SVS X . 52.02 -32.04 -2.49
O23 PNS Y . 75.41 6.16 -18.79
P24 PNS Y . 75.99 5.00 -17.99
O26 PNS Y . 77.43 5.12 -17.55
O27 PNS Y . 75.06 4.93 -16.67
C28 PNS Y . 73.67 4.58 -16.77
C29 PNS Y . 72.96 5.30 -15.64
C30 PNS Y . 73.38 4.69 -14.32
C31 PNS Y . 71.45 5.21 -15.80
C32 PNS Y . 73.42 6.74 -15.71
O33 PNS Y . 72.68 7.45 -16.71
C34 PNS Y . 73.19 7.42 -14.42
O35 PNS Y . 74.06 7.44 -13.57
N36 PNS Y . 72.01 7.99 -14.28
C37 PNS Y . 71.60 8.72 -13.09
C38 PNS Y . 70.60 9.75 -13.60
C39 PNS Y . 70.45 10.80 -12.53
O40 PNS Y . 71.37 11.00 -11.72
N41 PNS Y . 69.30 11.48 -12.54
C42 PNS Y . 68.91 12.53 -11.61
C43 PNS Y . 68.21 13.60 -12.42
S44 PNS Y . 68.06 15.09 -11.40
I IOD Z . 41.20 -43.44 15.32
S SVS AA . 1.31 15.01 5.10
N1 SVS AA . -6.04 8.86 2.06
C2 SVS AA . -5.29 8.14 2.91
N3 SVS AA . -4.14 8.60 3.43
C4 SVS AA . -3.71 9.84 3.12
C5 SVS AA . -4.46 10.61 2.24
C6 SVS AA . -5.64 10.11 1.70
N6 SVS AA . -6.41 10.85 0.82
N7 SVS AA . -3.80 11.77 2.08
C8 SVS AA . -2.68 11.72 2.83
N9 SVS AA . -2.62 10.54 3.46
C1' SVS AA . -1.50 10.12 4.37
C14 SVS AA . -0.29 17.49 1.43
O14 SVS AA . 0.96 18.01 1.57
C15 SVS AA . -0.85 17.63 0.18
C16 SVS AA . -2.13 17.14 -0.04
C17 SVS AA . -2.83 16.51 0.97
C18 SVS AA . -2.28 16.35 2.21
C19 SVS AA . -1.01 16.85 2.46
O1P SVS AA . 2.72 14.86 4.88
C2' SVS AA . -0.40 9.26 3.72
O2' SVS AA . 0.02 8.25 4.67
C21 SVS AA . -0.52 16.61 3.88
C22 SVS AA . 0.84 15.92 3.80
O2P SVS AA . 1.11 15.65 6.36
C3' SVS AA . 0.74 10.23 3.46
O3' SVS AA . 2.06 9.67 3.41
C4' SVS AA . 0.63 11.18 4.64
O4' SVS AA . -0.79 11.32 4.82
C5' SVS AA . 1.28 12.54 4.38
N5' SVS AA . 0.65 13.58 5.17
O23 PNS BA . -41.53 -11.00 15.06
P24 PNS BA . -40.44 -12.04 14.85
O26 PNS BA . -40.84 -13.50 15.05
O27 PNS BA . -39.81 -11.69 13.41
C28 PNS BA . -39.76 -10.30 13.12
C29 PNS BA . -39.61 -10.07 11.64
C30 PNS BA . -38.49 -10.98 11.14
C31 PNS BA . -39.24 -8.61 11.46
C32 PNS BA . -40.97 -10.36 11.00
O33 PNS BA . -41.99 -9.86 11.87
C34 PNS BA . -41.04 -9.80 9.60
O35 PNS BA . -40.01 -9.63 8.99
N36 PNS BA . -42.22 -9.50 9.02
C37 PNS BA . -42.33 -8.95 7.68
C38 PNS BA . -43.79 -9.03 7.23
C39 PNS BA . -43.93 -8.53 5.81
O40 PNS BA . -43.41 -9.11 4.88
N41 PNS BA . -44.67 -7.44 5.63
C42 PNS BA . -44.95 -6.79 4.36
C43 PNS BA . -46.48 -6.79 4.31
S44 PNS BA . -47.23 -6.31 2.72
I IOD CA . 8.81 17.18 11.53
I IOD DA . 18.05 22.48 -8.36
I IOD EA . -24.23 -13.91 23.89
I IOD FA . -19.13 13.25 -6.89
S SVS GA . -48.57 -3.45 4.16
N1 SVS GA . -40.22 2.39 3.69
C2 SVS GA . -41.08 2.90 4.59
N3 SVS GA . -42.31 2.38 4.74
C4 SVS GA . -42.72 1.32 4.00
C5 SVS GA . -41.85 0.77 3.08
C6 SVS GA . -40.57 1.33 2.92
N6 SVS GA . -39.67 0.82 2.03
N7 SVS GA . -42.50 -0.26 2.50
C8 SVS GA . -43.73 -0.35 3.05
N9 SVS GA . -43.86 0.62 3.96
C1' SVS GA . -45.05 0.85 4.80
C14 SVS GA . -46.41 -4.55 -0.13
O14 SVS GA . -47.74 -4.64 -0.42
C15 SVS GA . -45.54 -4.51 -1.22
C16 SVS GA . -44.15 -4.42 -1.05
C17 SVS GA . -43.64 -4.36 0.23
C18 SVS GA . -44.49 -4.41 1.33
C19 SVS GA . -45.89 -4.48 1.19
O1P SVS GA . -50.01 -3.55 4.16
C2' SVS GA . -45.91 2.03 4.40
O2' SVS GA . -46.07 2.82 5.58
C21 SVS GA . -46.72 -4.56 2.49
C22 SVS GA . -47.89 -3.58 2.62
O2P SVS GA . -48.05 -4.45 5.05
C3' SVS GA . -47.26 1.46 4.04
O3' SVS GA . -48.32 2.24 4.60
C4' SVS GA . -47.23 0.12 4.71
O4' SVS GA . -45.88 -0.30 4.71
C5' SVS GA . -48.04 -0.90 3.93
N5' SVS GA . -48.18 -2.05 4.81
O23 PNS HA . -7.23 17.80 17.84
P24 PNS HA . -8.37 18.75 17.54
O26 PNS HA . -8.31 20.14 18.16
O27 PNS HA . -8.56 18.75 15.94
C28 PNS HA . -9.33 17.71 15.31
C29 PNS HA . -9.06 17.75 13.81
C30 PNS HA . -10.05 18.67 13.13
C31 PNS HA . -9.26 16.36 13.21
C32 PNS HA . -7.65 18.36 13.74
O33 PNS HA . -6.59 17.42 13.93
C34 PNS HA . -7.35 18.95 12.42
O35 PNS HA . -7.50 20.14 12.27
N36 PNS HA . -6.86 18.12 11.52
C37 PNS HA . -6.47 18.51 10.18
C38 PNS HA . -5.26 17.64 9.81
C39 PNS HA . -4.45 18.32 8.73
O40 PNS HA . -4.50 19.52 8.61
N41 PNS HA . -3.66 17.62 7.92
C42 PNS HA . -2.87 18.30 6.91
C43 PNS HA . -2.15 17.23 6.08
S44 PNS HA . -0.75 17.96 5.13
I IOD IA . -57.34 -6.89 8.05
I IOD JA . -25.50 17.22 25.38
I IOD KA . -63.73 -3.36 -12.77
S SVS LA . -29.74 70.39 18.01
N1 SVS LA . -36.97 68.54 24.87
C2 SVS LA . -37.60 69.14 23.84
N3 SVS LA . -36.91 69.57 22.76
C4 SVS LA . -35.55 69.42 22.69
C5 SVS LA . -34.89 68.80 23.75
C6 SVS LA . -35.62 68.36 24.85
N6 SVS LA . -34.95 67.77 25.86
N7 SVS LA . -33.56 68.77 23.45
C8 SVS LA . -33.41 69.35 22.25
N9 SVS LA . -34.61 69.74 21.78
C1' SVS LA . -34.81 70.41 20.47
C14 SVS LA . -27.39 69.13 21.97
O14 SVS LA . -26.47 69.86 21.31
C15 SVS LA . -27.23 68.97 23.35
C16 SVS LA . -28.14 68.23 24.08
C17 SVS LA . -29.22 67.63 23.44
C18 SVS LA . -29.38 67.78 22.07
C19 SVS LA . -28.48 68.53 21.32
O1P SVS LA . -29.27 71.55 17.30
C2' SVS LA . -35.09 71.88 20.68
O2' SVS LA . -36.02 72.30 19.68
C21 SVS LA . -28.71 68.63 19.81
C22 SVS LA . -28.66 70.06 19.26
O2P SVS LA . -29.85 69.30 17.06
C3' SVS LA . -33.74 72.54 20.50
O3' SVS LA . -33.88 73.83 19.94
C4' SVS LA . -33.07 71.63 19.49
O4' SVS LA . -33.59 70.31 19.72
C5' SVS LA . -31.56 71.60 19.56
N5' SVS LA . -31.22 70.63 18.54
O23 PNS MA . -67.24 43.61 35.76
P24 PNS MA . -67.23 45.13 35.89
O26 PNS MA . -68.53 45.75 36.37
O27 PNS MA . -66.13 45.55 37.02
C28 PNS MA . -64.73 45.62 36.80
C29 PNS MA . -64.00 45.88 38.12
C30 PNS MA . -63.77 47.37 38.32
C31 PNS MA . -62.65 45.18 38.09
C32 PNS MA . -64.92 45.33 39.22
O33 PNS MA . -65.14 43.92 39.02
C34 PNS MA . -64.46 45.68 40.62
O35 PNS MA . -65.01 46.62 41.16
N36 PNS MA . -63.49 45.00 41.25
C37 PNS MA . -62.96 45.29 42.60
C38 PNS MA . -63.38 44.25 43.64
C39 PNS MA . -62.54 44.32 44.91
O40 PNS MA . -62.76 45.18 45.77
N41 PNS MA . -61.59 43.41 45.06
C42 PNS MA . -60.65 43.32 46.18
C43 PNS MA . -60.46 41.86 46.59
S44 PNS MA . -60.85 41.72 48.36
I IOD NA . -13.74 86.27 22.65
S SVS OA . 2.20 -15.25 -39.49
N1 SVS OA . 6.55 -10.76 -47.14
C2 SVS OA . 5.77 -9.82 -46.58
N3 SVS OA . 4.84 -10.16 -45.67
C4 SVS OA . 4.66 -11.47 -45.31
C5 SVS OA . 5.45 -12.44 -45.89
C6 SVS OA . 6.41 -12.07 -46.82
N6 SVS OA . 7.17 -13.03 -47.37
N7 SVS OA . 5.10 -13.63 -45.37
C8 SVS OA . 4.10 -13.41 -44.50
N9 SVS OA . 3.84 -12.09 -44.46
C1' SVS OA . 2.80 -11.47 -43.60
C14 SVS OA . 4.55 -18.80 -41.52
O14 SVS OA . 3.50 -19.38 -40.87
C15 SVS OA . 5.15 -19.53 -42.53
C16 SVS OA . 6.25 -19.03 -43.24
C17 SVS OA . 6.72 -17.76 -42.91
C18 SVS OA . 6.12 -17.03 -41.89
C19 SVS OA . 5.02 -17.53 -41.16
O1P SVS OA . 0.82 -15.57 -39.20
C2' SVS OA . 1.43 -11.49 -44.24
O2' SVS OA . 0.75 -10.32 -43.77
C21 SVS OA . 4.43 -16.66 -40.04
C22 SVS OA . 2.90 -16.64 -40.10
O2P SVS OA . 2.88 -14.73 -38.33
C3' SVS OA . 0.73 -12.70 -43.67
O3' SVS OA . -0.69 -12.52 -43.56
C4' SVS OA . 1.39 -12.82 -42.32
O4' SVS OA . 2.71 -12.29 -42.44
C5' SVS OA . 1.52 -14.24 -41.81
N5' SVS OA . 2.30 -14.10 -40.59
O23 PNS PA . 28.94 18.39 -61.62
P24 PNS PA . 27.51 18.44 -62.11
O26 PNS PA . 27.15 19.51 -63.13
O27 PNS PA . 27.18 17.04 -62.83
C28 PNS PA . 27.89 15.82 -62.53
C29 PNS PA . 27.74 14.87 -63.72
C30 PNS PA . 26.25 14.74 -64.03
C31 PNS PA . 28.32 13.50 -63.34
C32 PNS PA . 28.48 15.49 -64.91
O33 PNS PA . 29.83 15.88 -64.54
C34 PNS PA . 28.44 14.67 -66.20
O35 PNS PA . 27.73 15.05 -67.12
N36 PNS PA . 29.22 13.57 -66.29
C37 PNS PA . 29.29 12.67 -67.45
C38 PNS PA . 30.73 12.14 -67.63
C39 PNS PA . 30.96 11.73 -69.08
O40 PNS PA . 30.14 12.00 -69.96
N41 PNS PA . 32.09 11.08 -69.38
C42 PNS PA . 32.47 10.59 -70.71
C43 PNS PA . 33.96 10.35 -70.59
S44 PNS PA . 34.73 9.57 -72.03
I IOD QA . -12.01 -33.15 -41.34
S SVS RA . 65.64 16.26 -13.63
N1 SVS RA . 58.87 9.06 -11.56
C2 SVS RA . 58.60 9.43 -12.81
N3 SVS RA . 59.29 10.39 -13.42
C4 SVS RA . 60.29 11.03 -12.80
C5 SVS RA . 60.59 10.68 -11.49
C6 SVS RA . 59.87 9.66 -10.86
N6 SVS RA . 60.12 9.26 -9.58
N7 SVS RA . 61.61 11.47 -11.10
C8 SVS RA . 61.93 12.28 -12.13
N9 SVS RA . 61.13 12.01 -13.17
C1' SVS RA . 61.21 12.72 -14.49
C14 SVS RA . 65.63 15.91 -8.81
O14 SVS RA . 66.02 17.20 -9.00
C15 SVS RA . 65.14 15.56 -7.55
C16 SVS RA . 64.72 14.27 -7.29
C17 SVS RA . 64.80 13.32 -8.29
C18 SVS RA . 65.29 13.68 -9.54
C19 SVS RA . 65.71 14.97 -9.84
O1P SVS RA . 65.33 17.51 -14.26
C2' SVS RA . 60.09 13.72 -14.69
O2' SVS RA . 59.72 13.67 -16.07
C21 SVS RA . 66.26 15.25 -11.24
C22 SVS RA . 65.73 16.48 -11.97
O2P SVS RA . 66.87 15.70 -14.15
C3' SVS RA . 60.73 15.06 -14.40
O3' SVS RA . 60.14 16.07 -15.22
C4' SVS RA . 62.19 14.86 -14.75
O4' SVS RA . 62.44 13.46 -14.52
C5' SVS RA . 63.10 15.69 -13.88
N5' SVS RA . 64.48 15.24 -14.01
O23 PNS SA . 49.77 -30.11 -17.62
P24 PNS SA . 49.04 -29.00 -18.32
O26 PNS SA . 47.86 -29.35 -19.22
O27 PNS SA . 48.67 -27.98 -17.12
C28 PNS SA . 49.78 -27.35 -16.49
C29 PNS SA . 49.46 -27.11 -15.03
C30 PNS SA . 48.42 -26.01 -14.90
C31 PNS SA . 50.71 -26.69 -14.25
C32 PNS SA . 48.95 -28.45 -14.54
O33 PNS SA . 50.04 -29.27 -14.12
C34 PNS SA . 48.01 -28.22 -13.40
O35 PNS SA . 46.85 -27.95 -13.67
N36 PNS SA . 48.52 -28.33 -12.17
C37 PNS SA . 47.80 -28.16 -10.91
C38 PNS SA . 48.55 -28.97 -9.85
C39 PNS SA . 47.74 -29.23 -8.59
O40 PNS SA . 46.52 -29.38 -8.56
N41 PNS SA . 48.44 -29.31 -7.47
C42 PNS SA . 47.94 -29.53 -6.14
C43 PNS SA . 49.07 -30.15 -5.31
S44 PNS SA . 48.20 -31.27 -4.15
I IOD TA . 51.98 -15.92 -31.99
S SVS UA . -59.59 38.56 48.68
N1 SVS UA . -51.19 41.86 44.29
C2 SVS UA . -51.46 40.63 43.78
N3 SVS UA . -52.44 39.86 44.26
C4 SVS UA . -53.21 40.33 45.29
C5 SVS UA . -52.95 41.58 45.83
C6 SVS UA . -51.92 42.35 45.31
N6 SVS UA . -51.64 43.56 45.84
N7 SVS UA . -53.83 41.79 46.83
C8 SVS UA . -54.63 40.70 46.91
N9 SVS UA . -54.24 39.81 45.97
C1' SVS UA . -54.89 38.49 45.73
C14 SVS UA . -58.47 42.22 51.40
O14 SVS UA . -59.20 41.35 52.15
C15 SVS UA . -57.73 43.16 52.11
C16 SVS UA . -56.96 44.08 51.44
C17 SVS UA . -56.93 44.05 50.05
C18 SVS UA . -57.67 43.11 49.34
C19 SVS UA . -58.46 42.18 49.98
O1P SVS UA . -59.82 37.34 49.41
C2' SVS UA . -54.11 37.31 46.26
O2' SVS UA . -53.85 36.46 45.13
C21 SVS UA . -59.25 41.17 49.11
C22 SVS UA . -59.35 39.79 49.77
O2P SVS UA . -60.73 38.82 47.85
C3' SVS UA . -55.06 36.60 47.20
O3' SVS UA . -55.08 35.18 46.94
C4' SVS UA . -56.42 37.22 46.89
O4' SVS UA . -56.15 38.52 46.39
C5' SVS UA . -57.31 37.43 48.10
N5' SVS UA . -58.32 38.39 47.72
O23 PNS VA . -34.13 57.17 11.20
P24 PNS VA . -33.38 55.96 11.72
O26 PNS VA . -32.20 55.43 10.90
O27 PNS VA . -32.93 56.31 13.22
C28 PNS VA . -33.94 56.59 14.21
C29 PNS VA . -33.40 57.46 15.36
C30 PNS VA . -32.83 56.59 16.46
C31 PNS VA . -34.55 58.14 16.08
C32 PNS VA . -32.33 58.42 14.76
O33 PNS VA . -32.84 59.52 13.98
C34 PNS VA . -31.38 58.94 15.78
O35 PNS VA . -30.35 58.33 15.91
N36 PNS VA . -31.69 60.05 16.47
C37 PNS VA . -30.84 60.70 17.50
C38 PNS VA . -30.55 62.14 17.07
C39 PNS VA . -29.56 62.91 17.92
O40 PNS VA . -28.42 62.49 18.13
N41 PNS VA . -30.03 64.09 18.37
C42 PNS VA . -29.36 65.08 19.21
C43 PNS VA . -29.14 66.28 18.28
S44 PNS VA . -27.76 67.33 18.87
I IOD WA . -67.14 32.20 49.33
I IOD XA . -42.99 39.50 12.93
I IOD YA . -37.38 52.50 41.16
S SVS ZA . 37.78 8.60 -69.99
N1 SVS ZA . 33.65 1.07 -64.64
C2 SVS ZA . 34.52 1.66 -63.80
N3 SVS ZA . 35.29 2.68 -64.19
C4 SVS ZA . 35.21 3.17 -65.46
C5 SVS ZA . 34.30 2.58 -66.34
C6 SVS ZA . 33.50 1.51 -65.92
N6 SVS ZA . 32.60 0.89 -66.74
N7 SVS ZA . 34.42 3.25 -67.52
C8 SVS ZA . 35.37 4.21 -67.36
N9 SVS ZA . 35.86 4.16 -66.11
C1' SVS ZA . 36.92 5.09 -65.56
C14 SVS ZA . 34.66 6.61 -73.13
O14 SVS ZA . 35.29 7.41 -74.03
C15 SVS ZA . 33.97 5.50 -73.59
C16 SVS ZA . 33.34 4.66 -72.68
C17 SVS ZA . 33.37 4.93 -71.31
C18 SVS ZA . 34.05 6.05 -70.85
C19 SVS ZA . 34.72 6.87 -71.76
O1P SVS ZA . 39.18 8.57 -70.31
C2' SVS ZA . 38.31 4.46 -65.44
O2' SVS ZA . 39.01 5.02 -64.30
C21 SVS ZA . 35.43 8.10 -71.22
C22 SVS ZA . 36.95 7.94 -71.28
O2P SVS ZA . 37.41 9.97 -69.79
C3' SVS ZA . 38.98 4.87 -66.74
O3' SVS ZA . 40.38 4.99 -66.53
C4' SVS ZA . 38.35 6.22 -67.04
O4' SVS ZA . 37.05 6.20 -66.45
C5' SVS ZA . 38.16 6.51 -68.51
N5' SVS ZA . 37.52 7.80 -68.62
O23 PNS AB . 11.90 -7.52 -30.92
P24 PNS AB . 13.42 -7.68 -30.84
O26 PNS AB . 14.07 -8.10 -29.54
O27 PNS AB . 13.90 -8.56 -32.13
C28 PNS AB . 13.54 -8.10 -33.44
C29 PNS AB . 13.20 -9.24 -34.39
C30 PNS AB . 14.48 -9.91 -34.84
C31 PNS AB . 12.49 -8.69 -35.62
C32 PNS AB . 12.23 -10.16 -33.68
O33 PNS AB . 10.93 -9.55 -33.53
C34 PNS AB . 12.05 -11.46 -34.40
O35 PNS AB . 12.84 -12.37 -34.21
N36 PNS AB . 10.98 -11.58 -35.20
C37 PNS AB . 10.71 -12.81 -35.93
C38 PNS AB . 9.23 -12.86 -36.19
C39 PNS AB . 8.89 -14.28 -36.59
O40 PNS AB . 9.63 -15.20 -36.29
N41 PNS AB . 7.77 -14.50 -37.28
C42 PNS AB . 7.29 -15.80 -37.73
C43 PNS AB . 5.76 -15.66 -37.73
S44 PNS AB . 4.97 -17.17 -38.38
I IOD BB . 43.65 16.72 -71.07
I IOD CB . 28.92 2.88 -31.04
#